data_3IYV
#
_entry.id   3IYV
#
_cell.length_a   1.0
_cell.length_b   1.0
_cell.length_c   1.0
_cell.angle_alpha   90.0
_cell.angle_beta   90.0
_cell.angle_gamma   90.0
#
_symmetry.space_group_name_H-M   'P 1'
#
loop_
_entity.id
_entity.type
_entity.pdbx_description
1 polymer 'Clathrin heavy chain'
2 polymer 'Clathrin light chain A'
#
loop_
_entity_poly.entity_id
_entity_poly.type
_entity_poly.pdbx_seq_one_letter_code
_entity_poly.pdbx_strand_id
1 'polypeptide(L)'
;MAQILPIRFQEHLQLQNLGINPANIGFSTLTMESDKFICIREKVGEQAQVVIIDMNDPSNPIRRPISADSAIMNPASKVI
ALKAGKTLQIFNIEMKSKMKAHTMTDDVTFWKWISLNTVALVTDNAVYHWSMEGESQPVKMFDRHSSLAGCQIINYRTDA
KQKWLLLTGISAQQNRVVGAMQLYSVDRKVSQPIEGHAASFAQFKMEGNAEESTLFCFAVRGQAGGKLHIIEVGTPPTGN
QPFPKKAVDVFFPPEAQNDFPVAMQISEKHDVVFLITKYGYIHLYDLETGTCIYMNRISGETIFVTAPHEATAGIIGVNR
KGQVLSVCVEEENIIPYITNVLQNPDLALRMAVRNNLAGAEELFARKFNALFAQGNYSEAAKVAANAPKGILRTPDTIRR
FQSVPAQPGQTSPLLQYFGILLDQGQLNKYESLELCRPVLQQGRKQLLEKWLKEDKLECSEELGDLVKSVDPTLALSVYL
RANVPNKVIQCFAETGQVQKIVLYAKKVGYTPDWIFLLRNVMRISPDQGQQFAQMLVQDEEPLADITQIVDVFMEYNLIQ
QCTAFLLDALKNNRPSEGPLQTRLLEMNLMHAPQVADAILGNQMFTHYDRAHIAQLCEKAGLLQRALEHFTDLYDIKRAV
VHTHLLNPEWLVNYFGSLSVEDSLECLRAMLSANIRQNLQICVQVASKYHEQLSTQSLIELFESFKSFEGLFYFLGSIVN
FSQDPDVHFKYIQAACKTGQIKEVERICRESNCYDPERVKNFLKEAKLTDQLPLIIVCDRFDFVHDLVLYLYRNNLQKYI
EIYVQKVNPSRLPVVIGGLLDVDCSEDVIKNLILVVRGQFSTDELVAEVEKRNRLKLLLPWLEARIHEGCEEPATHNALA
KIYIDSNNNPERFLRENPYYDSRVVGKYCEKRDPHLACVAYERGQCDLELINVCNENSLFKSLSRYLVRRKDPELWGSVL
LESNPYRRPLIDQVVQTALSETQDPEEVSVTVKAFMTADLPNELIELLEKIVLDNSVFSEHRNLQNLLILTAIKADRTRV
MEYINRLDNYDAPDIANIAISNELFEEAFAIFRKFDVNTSAVQVLIEHIGNLDRAYEFAERCNEPAVWSQLAKAQLQKGM
VKEAIDSYIKADDPSSYMEVVQAANTSGNWEELVKYLQMARKKARESYVETELIFALAKTNRLAELEEFINGPNNAHIQQ
VGDRCYDEKMYDAAKLLYNNVSNFGRLASTLVHLGEYQAAVDGARKANSTRTWKEVCFACVDGKEFRLAQMCGLHIVVHA
DELEELINYYQDRGYFEELITMLEAALGLERAHMGMFTELAILYSKFKPQKMREHLELFWSRVNIPKVLRAAEQAHLWAE
LVFLYDKYEEYDNAIITMMNHPTDAWKEGQFKDIITKVANVELYYRAIQFYLEFKPLLLNDLLMVLSPRLDHTRAVNYFS
KVKQLPLVKPYLRSVQNHNNKSVNESLNNLFITEEDYQALRTSIDAYDNFDNISLAQRLEKHELIEFRRIAAYLFKGNNR
WKQSVELCKKDSLYKDAMQYASESKDTELAEELLQWFLQEEKRECFGACLFTCYDLLRPDVVLETAWRHNIMDFAMPYFI
QVMKEYLTKVDKLDASESLRKEEEQATETQ
;
A,B,C,D,E,F,G,H,I
2 'polypeptide(L)' VDRLQSEPESIRKWREEQTERLEALDANSRKQEAEWKEKAIKELDEWYARQDEQLQKTKANNRVADEAFY J,K,L,M,N,O,P,Q,R
#
# COMPACT_ATOMS: atom_id res chain seq x y z
CA MET A 1 190.54 -50.15 -14.28
CA ALA A 2 187.18 -49.12 -12.74
CA GLN A 3 187.61 -48.94 -9.01
CA ILE A 4 184.33 -48.78 -7.13
CA LEU A 5 181.28 -50.80 -7.93
CA PRO A 6 178.53 -48.30 -8.97
CA ILE A 7 175.67 -50.86 -9.16
CA ARG A 8 174.44 -53.86 -7.14
CA PHE A 9 173.77 -57.08 -9.02
CA GLN A 10 171.44 -59.28 -6.90
CA GLU A 11 169.85 -62.68 -7.49
CA HIS A 12 166.49 -62.71 -5.74
CA LEU A 13 165.58 -66.30 -6.34
CA GLN A 14 166.56 -69.26 -8.49
CA LEU A 15 163.48 -70.72 -10.09
CA GLN A 16 164.58 -74.30 -10.44
CA ASN A 17 165.02 -74.32 -6.66
CA LEU A 18 161.24 -74.07 -6.69
CA GLY A 19 161.39 -77.11 -8.82
CA ILE A 20 160.15 -75.38 -11.96
CA ASN A 21 160.65 -77.19 -15.25
CA PRO A 22 163.26 -75.09 -17.11
CA ALA A 23 161.37 -75.83 -20.28
CA ASN A 24 158.82 -73.45 -18.86
CA ILE A 25 161.11 -70.53 -18.13
CA GLY A 26 160.51 -68.63 -21.32
CA PHE A 27 158.75 -65.74 -23.02
CA SER A 28 155.63 -67.69 -23.67
CA THR A 29 155.31 -69.55 -20.45
CA LEU A 30 156.78 -67.09 -17.98
CA THR A 31 155.53 -63.57 -17.37
CA MET A 32 156.62 -60.76 -15.10
CA GLU A 33 154.18 -57.75 -15.27
CA SER A 34 155.67 -56.19 -12.16
CA ASP A 35 158.24 -57.06 -9.49
CA LYS A 36 155.33 -58.39 -7.41
CA PHE A 37 154.62 -61.78 -9.00
CA ILE A 38 156.06 -64.17 -11.51
CA CYS A 39 153.65 -66.48 -13.23
CA ILE A 40 154.58 -69.74 -14.99
CA ARG A 41 152.25 -71.98 -16.99
CA GLU A 42 153.34 -75.67 -16.51
CA LYS A 43 151.89 -79.02 -17.67
CA VAL A 44 152.57 -81.14 -14.65
CA GLY A 45 152.20 -84.62 -16.00
CA GLU A 46 149.33 -84.46 -18.42
CA GLN A 47 147.79 -81.62 -16.39
CA ALA A 48 148.08 -77.91 -16.97
CA GLN A 49 148.58 -75.44 -14.16
CA VAL A 50 149.70 -71.96 -13.29
CA VAL A 51 152.36 -71.35 -10.74
CA ILE A 52 152.19 -67.91 -9.19
CA ILE A 53 155.24 -66.74 -7.36
CA ASP A 54 154.64 -63.80 -5.07
CA MET A 55 157.92 -62.09 -4.78
CA ASN A 56 157.11 -61.28 -1.23
CA ASP A 57 157.56 -64.87 -0.07
CA PRO A 58 158.92 -66.54 -3.17
CA SER A 59 159.64 -69.62 -1.15
CA ASN A 60 156.01 -70.52 -1.50
CA PRO A 61 154.44 -70.55 -4.98
CA ILE A 62 150.60 -70.80 -5.51
CA ARG A 63 149.66 -73.51 -8.03
CA ARG A 64 146.29 -73.91 -9.78
CA PRO A 65 145.17 -76.21 -12.59
CA ILE A 66 144.33 -73.76 -15.24
CA SER A 67 144.42 -74.38 -18.93
CA ALA A 68 145.14 -71.06 -20.58
CA ASP A 69 146.90 -70.00 -23.74
CA SER A 70 148.31 -67.31 -21.48
CA ALA A 71 148.21 -65.84 -18.00
CA ILE A 72 149.41 -62.51 -16.67
CA MET A 73 149.02 -61.30 -13.11
CA ASN A 74 147.94 -57.86 -11.93
CA PRO A 75 150.82 -55.54 -11.27
CA ALA A 76 149.66 -55.32 -7.72
CA SER A 77 146.77 -57.43 -6.68
CA LYS A 78 146.02 -61.13 -6.67
CA VAL A 79 143.96 -60.77 -9.84
CA ILE A 80 145.00 -62.79 -12.90
CA ALA A 81 144.04 -62.45 -16.54
CA LEU A 82 143.70 -65.78 -18.31
CA LYS A 83 143.25 -66.14 -22.02
CA ALA A 84 141.64 -69.19 -23.58
CA GLY A 85 142.17 -68.65 -27.26
CA LYS A 86 139.74 -65.76 -27.69
CA THR A 87 137.94 -65.78 -24.42
CA LEU A 88 139.67 -63.42 -22.04
CA GLN A 89 138.92 -63.85 -18.34
CA ILE A 90 139.99 -61.75 -15.31
CA PHE A 91 139.81 -63.94 -12.19
CA ASN A 92 140.46 -63.14 -8.56
CA ILE A 93 143.10 -65.68 -7.44
CA GLU A 94 142.76 -64.27 -3.91
CA MET A 95 139.13 -65.25 -3.38
CA LYS A 96 138.77 -67.58 -6.35
CA SER A 97 135.92 -65.51 -7.82
CA LYS A 98 135.58 -64.76 -11.54
CA MET A 99 135.77 -61.02 -12.00
CA LYS A 100 135.01 -60.56 -15.68
CA ALA A 101 135.39 -62.08 -19.15
CA HIS A 102 135.06 -61.29 -22.83
CA THR A 103 135.36 -63.21 -26.06
CA MET A 104 137.36 -61.11 -28.40
CA THR A 105 136.34 -61.14 -32.07
CA ASP A 106 139.88 -61.72 -33.21
CA ASP A 107 142.64 -63.40 -31.20
CA VAL A 108 144.64 -61.31 -28.79
CA THR A 109 148.10 -61.58 -30.10
CA PHE A 110 149.96 -60.07 -27.12
CA TRP A 111 148.50 -58.50 -23.99
CA LYS A 112 149.77 -56.96 -20.76
CA TRP A 113 148.70 -55.03 -17.72
CA ILE A 114 149.52 -51.37 -18.31
CA SER A 115 148.37 -50.42 -14.88
CA LEU A 116 146.82 -51.43 -11.64
CA ASN A 117 143.59 -52.16 -13.45
CA THR A 118 143.77 -52.10 -17.20
CA VAL A 119 144.93 -54.82 -19.58
CA ALA A 120 146.15 -54.02 -23.12
CA LEU A 121 145.01 -56.43 -25.84
CA VAL A 122 146.95 -56.42 -29.01
CA THR A 123 145.13 -57.82 -31.95
CA ASP A 124 146.48 -58.43 -35.33
CA ASN A 125 144.99 -55.08 -36.28
CA ALA A 126 144.36 -53.10 -33.14
CA VAL A 127 145.31 -52.37 -29.56
CA TYR A 128 142.45 -52.11 -27.00
CA HIS A 129 142.50 -51.37 -23.28
CA TRP A 130 140.26 -53.39 -20.94
CA SER A 131 139.59 -52.14 -17.44
CA MET A 132 139.21 -54.88 -14.85
CA GLU A 133 136.57 -52.58 -13.39
CA GLY A 134 132.83 -52.91 -13.94
CA GLU A 135 130.78 -54.32 -16.75
CA SER A 136 132.88 -52.33 -19.23
CA GLN A 137 134.24 -54.04 -22.32
CA PRO A 138 137.56 -53.68 -24.28
CA VAL A 139 137.99 -50.21 -25.86
CA LYS A 140 139.99 -49.80 -29.07
CA MET A 141 142.70 -47.12 -28.67
CA PHE A 142 144.14 -47.30 -32.10
CA ASP A 143 144.82 -49.42 -35.16
CA ARG A 144 148.11 -51.08 -35.77
CA HIS A 145 150.33 -49.10 -38.06
CA SER A 146 151.53 -50.96 -41.12
CA SER A 147 155.23 -50.89 -40.44
CA LEU A 148 154.44 -53.51 -37.83
CA ALA A 149 152.69 -55.93 -40.18
CA GLY A 150 153.81 -59.50 -39.64
CA CYS A 151 155.97 -58.45 -36.68
CA GLN A 152 156.49 -60.58 -33.60
CA ILE A 153 154.93 -58.22 -31.01
CA ILE A 154 157.27 -58.07 -28.02
CA ASN A 155 156.01 -55.17 -25.94
CA TYR A 156 153.49 -52.42 -25.34
CA ARG A 157 154.03 -49.39 -23.13
CA THR A 158 152.25 -46.23 -22.10
CA ASP A 159 153.25 -42.94 -20.53
CA ALA A 160 151.98 -42.33 -16.97
CA LYS A 161 149.01 -40.48 -18.29
CA GLN A 162 148.24 -43.08 -20.95
CA LYS A 163 148.14 -40.29 -23.46
CA TRP A 164 151.05 -41.75 -25.55
CA LEU A 165 151.11 -45.47 -26.33
CA LEU A 166 153.96 -47.42 -27.88
CA LEU A 167 153.81 -50.80 -29.63
CA THR A 168 156.95 -52.81 -30.52
CA GLY A 169 157.54 -55.78 -32.68
CA ILE A 170 160.64 -57.30 -34.24
CA SER A 171 161.39 -58.92 -37.57
CA ALA A 172 164.22 -61.02 -38.94
CA GLN A 173 164.68 -58.88 -41.91
CA GLN A 174 167.44 -59.80 -44.17
CA ASN A 175 169.52 -61.51 -41.47
CA ARG A 176 169.02 -58.93 -38.57
CA VAL A 177 166.39 -58.71 -35.86
CA VAL A 178 164.91 -55.42 -36.83
CA GLY A 179 162.54 -53.71 -34.33
CA ALA A 180 159.45 -51.74 -35.24
CA MET A 181 157.75 -49.31 -32.91
CA GLN A 182 154.47 -47.48 -33.34
CA LEU A 183 154.15 -44.37 -31.15
CA TYR A 184 150.45 -43.37 -31.03
CA SER A 185 149.23 -40.01 -29.71
CA VAL A 186 145.92 -40.31 -27.93
CA ASP A 187 145.06 -36.66 -27.57
CA ARG A 188 146.33 -35.68 -31.05
CA LYS A 189 144.94 -38.90 -32.58
CA VAL A 190 148.09 -39.27 -34.71
CA SER A 191 150.55 -42.15 -34.86
CA GLN A 192 154.12 -42.53 -36.09
CA PRO A 193 156.59 -45.30 -36.84
CA ILE A 194 160.07 -45.44 -35.24
CA GLU A 195 162.76 -48.10 -35.65
CA GLY A 196 163.41 -49.16 -32.12
CA HIS A 197 164.38 -52.12 -30.09
CA ALA A 198 163.53 -51.12 -26.55
CA ALA A 199 162.02 -48.05 -24.89
CA SER A 200 160.27 -46.62 -21.89
CA PHE A 201 158.65 -43.29 -20.92
CA ALA A 202 159.61 -41.20 -17.88
CA GLN A 203 158.35 -38.18 -15.97
CA PHE A 204 161.19 -35.77 -15.42
CA LYS A 205 160.99 -32.31 -13.92
CA MET A 206 163.78 -30.32 -15.58
CA GLU A 207 166.01 -27.94 -13.67
CA GLY A 208 164.04 -24.73 -13.43
CA ASN A 209 160.61 -25.94 -14.54
CA ALA A 210 157.63 -26.53 -12.30
CA GLU A 211 156.17 -29.34 -14.22
CA GLU A 212 157.48 -32.75 -15.11
CA SER A 213 158.20 -33.34 -18.69
CA THR A 214 157.09 -36.65 -20.15
CA LEU A 215 160.00 -38.24 -21.85
CA PHE A 216 160.11 -41.17 -24.24
CA CYS A 217 163.40 -42.97 -24.35
CA PHE A 218 164.19 -45.65 -26.84
CA ALA A 219 167.15 -47.58 -28.10
CA VAL A 220 168.00 -49.39 -31.27
CA ARG A 221 170.80 -50.92 -33.16
CA GLY A 222 170.51 -49.96 -36.83
CA GLN A 223 172.90 -49.76 -39.80
CA ALA A 224 174.51 -46.77 -38.14
CA GLY A 225 174.96 -48.73 -35.00
CA GLY A 226 173.04 -48.56 -31.80
CA LYS A 227 171.77 -45.32 -30.45
CA LEU A 228 169.66 -44.21 -27.57
CA HIS A 229 167.21 -41.32 -27.92
CA ILE A 230 165.56 -39.37 -25.12
CA ILE A 231 162.89 -36.94 -26.33
CA GLU A 232 160.05 -34.99 -24.70
CA VAL A 233 156.69 -36.12 -25.92
CA GLY A 234 153.83 -33.68 -26.55
CA THR A 235 153.52 -30.01 -25.45
CA PRO A 236 155.45 -28.80 -22.44
CA PRO A 237 153.31 -27.79 -19.51
CA THR A 238 152.62 -24.13 -20.01
CA GLY A 239 155.53 -22.21 -18.56
CA ASN A 240 158.03 -25.04 -18.96
CA GLN A 241 161.20 -24.69 -20.96
CA PRO A 242 161.24 -27.56 -23.36
CA PHE A 243 163.54 -30.55 -22.84
CA PRO A 244 166.25 -30.69 -25.49
CA LYS A 245 165.91 -33.98 -27.36
CA LYS A 246 169.01 -36.21 -26.83
CA ALA A 247 170.79 -38.94 -28.78
CA VAL A 248 173.70 -41.06 -27.62
CA ASP A 249 175.16 -44.16 -29.15
CA VAL A 250 175.02 -47.45 -27.29
CA PHE A 251 178.19 -49.43 -27.70
CA PHE A 252 178.46 -53.06 -28.66
CA PRO A 253 181.78 -54.83 -28.41
CA PRO A 254 183.04 -56.97 -31.28
CA GLU A 255 182.43 -60.05 -29.18
CA ALA A 256 178.86 -58.74 -28.94
CA GLN A 257 178.47 -59.80 -32.56
CA ASN A 258 174.82 -59.43 -33.27
CA ASP A 259 173.58 -58.19 -29.92
CA PHE A 260 170.76 -55.60 -29.81
CA PRO A 261 168.59 -53.86 -27.17
CA VAL A 262 165.96 -55.96 -25.55
CA ALA A 263 164.69 -54.23 -22.41
CA MET A 264 164.70 -50.82 -20.75
CA GLN A 265 163.51 -49.46 -17.44
CA ILE A 266 164.21 -46.07 -16.01
CA SER A 267 164.72 -45.20 -12.38
CA GLU A 268 162.59 -42.25 -11.52
CA LYS A 269 164.32 -42.18 -8.18
CA HIS A 270 167.78 -41.63 -9.80
CA ASP A 271 166.94 -40.57 -13.39
CA VAL A 272 169.03 -43.32 -14.81
CA VAL A 273 168.14 -45.41 -17.83
CA PHE A 274 168.77 -49.14 -17.56
CA LEU A 275 169.24 -50.94 -20.86
CA ILE A 276 169.62 -54.73 -21.24
CA THR A 277 170.82 -56.31 -24.50
CA LYS A 278 170.00 -59.68 -26.05
CA TYR A 279 173.30 -61.23 -24.88
CA GLY A 280 173.00 -60.27 -21.24
CA TYR A 281 174.73 -56.85 -21.16
CA ILE A 282 173.60 -53.93 -19.03
CA HIS A 283 174.14 -50.18 -19.48
CA LEU A 284 173.18 -47.26 -17.29
CA TYR A 285 172.66 -43.88 -18.92
CA ASP A 286 171.88 -40.54 -17.34
CA LEU A 287 168.24 -39.75 -18.27
CA GLU A 288 168.67 -36.01 -18.56
CA THR A 289 171.82 -35.98 -20.71
CA GLY A 290 172.07 -39.46 -22.09
CA THR A 291 175.58 -39.76 -20.76
CA CYS A 292 176.68 -43.39 -20.44
CA ILE A 293 177.52 -44.08 -16.82
CA TYR A 294 178.22 -47.80 -16.76
CA MET A 295 178.28 -50.96 -18.89
CA ASN A 296 179.01 -54.58 -18.10
CA ARG A 297 177.78 -58.04 -18.64
CA ILE A 298 175.69 -59.68 -16.00
CA SER A 299 174.19 -62.66 -17.79
CA GLY A 300 175.28 -64.95 -20.57
CA GLU A 301 171.79 -66.25 -21.00
CA THR A 302 169.11 -63.79 -22.17
CA ILE A 303 167.01 -61.84 -19.66
CA PHE A 304 163.72 -62.39 -21.51
CA VAL A 305 161.49 -60.35 -19.25
CA THR A 306 161.92 -57.42 -16.91
CA ALA A 307 160.21 -54.78 -14.84
CA PRO A 308 161.10 -51.92 -12.78
CA HIS A 309 162.28 -52.92 -9.29
CA GLU A 310 160.45 -50.65 -6.95
CA ALA A 311 162.42 -51.39 -3.82
CA THR A 312 165.65 -50.29 -5.35
CA ALA A 313 164.46 -48.16 -8.22
CA GLY A 314 166.34 -50.50 -10.52
CA ILE A 315 165.56 -53.25 -12.92
CA ILE A 316 164.62 -56.93 -12.21
CA GLY A 317 164.30 -59.67 -14.80
CA VAL A 318 164.48 -63.42 -15.34
CA ASN A 319 166.82 -65.26 -17.68
CA ARG A 320 166.82 -68.69 -19.26
CA LYS A 321 168.50 -70.44 -16.30
CA GLY A 322 165.70 -69.32 -14.02
CA GLN A 323 167.67 -66.63 -12.33
CA VAL A 324 165.56 -63.75 -11.13
CA LEU A 325 168.26 -61.00 -11.34
CA SER A 326 168.21 -57.36 -10.51
CA VAL A 327 170.51 -54.33 -11.00
CA CYS A 328 170.36 -50.90 -9.42
CA VAL A 329 172.46 -47.82 -8.57
CA GLU A 330 174.47 -48.21 -5.37
CA GLU A 331 173.48 -44.84 -3.91
CA GLU A 332 176.62 -44.66 -1.92
CA ASN A 333 179.08 -45.47 -4.73
CA ILE A 334 177.74 -43.72 -7.83
CA ILE A 335 178.67 -40.09 -7.19
CA PRO A 336 182.25 -41.26 -6.22
CA TYR A 337 182.32 -43.52 -9.28
CA ILE A 338 181.33 -40.69 -11.68
CA THR A 339 183.95 -38.44 -10.09
CA ASN A 340 186.86 -40.90 -9.90
CA VAL A 341 186.30 -43.60 -12.51
CA LEU A 342 184.29 -41.45 -15.01
CA GLN A 343 186.37 -38.48 -14.02
CA ASN A 344 183.32 -36.38 -14.63
CA PRO A 345 182.85 -34.23 -11.50
CA ASP A 346 180.40 -32.02 -13.21
CA LEU A 347 177.99 -34.89 -13.99
CA ALA A 348 178.76 -36.06 -10.46
CA LEU A 349 177.77 -32.84 -8.71
CA ARG A 350 174.67 -32.46 -10.84
CA MET A 351 173.51 -35.97 -10.36
CA ALA A 352 174.38 -35.58 -6.63
CA VAL A 353 172.35 -32.43 -5.99
CA ARG A 354 169.63 -33.43 -8.44
CA ASN A 355 169.17 -36.69 -6.61
CA ASN A 356 170.37 -35.90 -3.15
CA LEU A 357 173.00 -38.59 -3.35
CA ALA A 358 176.25 -38.55 -1.41
CA GLY A 359 179.91 -38.65 -2.26
CA ALA A 360 180.57 -35.17 -3.56
CA GLU A 361 181.07 -33.46 -0.21
CA GLU A 362 184.61 -32.25 -0.97
CA LEU A 363 183.59 -30.84 -4.32
CA PHE A 364 180.75 -28.95 -2.67
CA ALA A 365 182.82 -27.41 0.10
CA ARG A 366 185.38 -26.52 -2.58
CA LYS A 367 182.66 -24.94 -4.74
CA PHE A 368 181.21 -23.02 -1.78
CA ASN A 369 184.60 -21.84 -0.62
CA ALA A 370 185.39 -20.78 -4.16
CA LEU A 371 182.29 -18.67 -4.60
CA PHE A 372 182.94 -17.13 -1.15
CA ALA A 373 186.14 -15.46 -2.33
CA GLN A 374 184.61 -14.08 -5.46
CA GLY A 375 182.29 -12.91 -2.72
CA ASN A 376 179.23 -14.16 -4.56
CA TYR A 377 177.64 -14.87 -1.24
CA SER A 378 174.46 -15.45 -3.13
CA GLU A 379 175.79 -18.20 -5.34
CA ALA A 380 177.73 -19.56 -2.37
CA ALA A 381 174.49 -19.86 -0.35
CA LYS A 382 172.63 -21.53 -3.17
CA VAL A 383 175.31 -24.22 -3.04
CA ALA A 384 175.08 -24.70 0.73
CA ALA A 385 171.31 -24.71 0.58
CA ASN A 386 171.16 -27.38 -2.12
CA ALA A 387 174.22 -29.56 -1.60
CA PRO A 388 172.95 -33.06 -0.51
CA LYS A 389 172.51 -34.64 2.88
CA GLY A 390 172.78 -31.23 4.54
CA ILE A 391 176.49 -31.21 4.19
CA LEU A 392 176.78 -27.33 4.27
CA ARG A 393 173.61 -26.42 6.21
CA THR A 394 175.82 -26.04 9.20
CA PRO A 395 176.23 -23.62 12.15
CA ASP A 396 179.64 -23.03 10.87
CA THR A 397 178.13 -22.14 7.53
CA ILE A 398 175.93 -19.60 9.31
CA ARG A 399 179.03 -18.32 11.25
CA ARG A 400 180.72 -17.87 7.90
CA PHE A 401 177.98 -15.66 6.45
CA GLN A 402 177.55 -13.97 9.79
CA SER A 403 181.18 -12.81 9.61
CA VAL A 404 181.11 -10.73 6.46
CA PRO A 405 180.00 -7.15 6.97
CA ALA A 406 176.95 -5.60 5.40
CA GLN A 407 178.46 -2.83 3.23
CA PRO A 408 175.89 -0.01 2.90
CA GLY A 409 173.14 -0.80 0.40
CA GLN A 410 172.29 -4.44 -0.49
CA THR A 411 171.24 -7.23 1.88
CA SER A 412 173.57 -9.14 4.27
CA PRO A 413 175.09 -12.37 3.02
CA LEU A 414 173.47 -14.05 6.00
CA LEU A 415 170.07 -12.61 5.50
CA GLN A 416 170.65 -13.51 1.86
CA TYR A 417 171.39 -17.15 2.75
CA PHE A 418 168.42 -17.30 5.15
CA GLY A 419 166.42 -15.94 2.28
CA ILE A 420 167.36 -18.90 0.10
CA LEU A 421 166.60 -21.31 2.85
CA LEU A 422 163.21 -19.75 3.65
CA ASP A 423 162.39 -20.14 -0.02
CA GLN A 424 163.82 -23.60 -0.23
CA GLY A 425 161.67 -24.55 2.72
CA GLN A 426 161.61 -24.88 6.49
CA LEU A 427 164.57 -23.93 8.75
CA ASN A 428 165.91 -26.12 11.63
CA LYS A 429 166.21 -25.32 15.26
CA TYR A 430 169.58 -23.59 15.06
CA GLU A 431 168.73 -21.67 11.91
CA SER A 432 165.41 -20.51 13.25
CA LEU A 433 167.14 -19.31 16.40
CA GLU A 434 169.84 -17.45 14.44
CA LEU A 435 167.22 -15.96 12.14
CA CYS A 436 164.92 -14.88 14.94
CA ARG A 437 167.32 -13.60 17.56
CA PRO A 438 168.10 -10.25 15.83
CA VAL A 439 164.55 -9.67 14.42
CA LEU A 440 163.16 -10.16 17.92
CA GLN A 441 165.46 -7.41 19.16
CA GLN A 442 164.43 -5.16 16.26
CA GLY A 443 160.85 -5.22 17.64
CA ARG A 444 159.79 -7.04 14.53
CA LYS A 445 156.89 -9.16 15.85
CA GLN A 446 154.81 -9.21 12.75
CA LEU A 447 157.70 -10.75 10.77
CA LEU A 448 158.29 -13.69 13.04
CA GLU A 449 154.49 -14.01 13.18
CA LYS A 450 154.35 -14.60 9.44
CA TRP A 451 157.36 -16.89 9.43
CA LEU A 452 155.50 -18.87 12.12
CA LYS A 453 152.13 -19.00 10.36
CA GLU A 454 153.57 -19.83 6.99
CA ASP A 455 155.09 -22.58 9.11
CA LYS A 456 158.72 -21.77 8.22
CA LEU A 457 160.36 -22.05 11.70
CA GLU A 458 161.00 -25.22 13.63
CA CYS A 459 159.71 -23.93 16.97
CA SER A 460 161.64 -24.95 20.08
CA GLU A 461 161.48 -24.29 23.85
CA GLU A 462 164.56 -22.12 23.39
CA LEU A 463 163.31 -19.99 20.48
CA GLY A 464 160.36 -19.53 22.77
CA ASP A 465 162.45 -18.51 25.78
CA LEU A 466 164.08 -15.94 23.49
CA VAL A 467 160.72 -14.57 22.48
CA LYS A 468 159.49 -14.61 26.09
CA SER A 469 162.25 -12.04 26.64
CA VAL A 470 160.31 -9.75 24.33
CA ASP A 471 156.79 -11.09 24.12
CA PRO A 472 155.89 -13.55 26.85
CA THR A 473 152.56 -13.74 24.97
CA LEU A 474 154.22 -14.52 21.62
CA ALA A 475 156.10 -17.29 23.48
CA LEU A 476 153.07 -19.50 24.31
CA SER A 477 152.55 -19.56 20.60
CA VAL A 478 155.97 -21.16 19.87
CA TYR A 479 155.87 -23.31 22.96
CA LEU A 480 152.43 -24.57 22.12
CA ARG A 481 154.15 -25.56 18.84
CA ALA A 482 157.35 -26.55 20.46
CA ASN A 483 158.18 -28.73 23.68
CA VAL A 484 154.56 -28.32 24.69
CA PRO A 485 159.86 -25.54 26.63
CA ASN A 486 156.78 -24.70 28.60
CA LYS A 487 158.59 -23.82 31.76
CA VAL A 488 160.89 -21.49 29.96
CA ILE A 489 158.11 -19.68 28.16
CA GLN A 490 156.16 -19.02 31.31
CA CYS A 491 159.27 -17.89 33.01
CA PHE A 492 160.47 -14.77 31.34
CA ALA A 493 156.96 -14.30 30.19
CA GLU A 494 155.92 -12.52 33.26
CA THR A 495 154.74 -10.29 30.52
CA GLY A 496 152.89 -11.93 27.71
CA GLN A 497 149.42 -12.70 26.50
CA VAL A 498 147.05 -14.03 29.09
CA GLN A 499 145.47 -16.57 26.80
CA LYS A 500 148.76 -18.23 25.96
CA ILE A 501 149.78 -18.23 29.58
CA VAL A 502 146.67 -20.01 30.70
CA LEU A 503 147.27 -22.83 28.26
CA TYR A 504 151.02 -23.25 28.75
CA ALA A 505 151.17 -22.80 32.50
CA LYS A 506 149.44 -26.13 32.97
CA LYS A 507 152.07 -27.86 30.85
CA VAL A 508 154.88 -26.47 32.98
CA GLY A 509 155.29 -28.66 35.09
CA TYR A 510 156.95 -26.48 37.66
CA THR A 511 153.99 -25.88 39.89
CA PRO A 512 155.40 -22.93 41.81
CA ASP A 513 155.33 -20.99 38.58
CA TRP A 514 151.58 -21.08 38.90
CA ILE A 515 151.71 -19.43 42.28
CA PHE A 516 154.06 -16.88 40.83
CA LEU A 517 151.69 -16.38 37.93
CA LEU A 518 148.78 -15.77 40.22
CA ARG A 519 150.70 -13.08 41.98
CA ASN A 520 151.34 -11.37 38.69
CA VAL A 521 147.75 -11.57 37.68
CA MET A 522 146.80 -10.35 41.10
CA ARG A 523 147.36 -5.34 39.46
CA ILE A 524 148.60 -6.48 36.12
CA SER A 525 147.47 -6.38 32.54
CA PRO A 526 144.75 -8.68 33.64
CA ASP A 527 142.15 -7.05 35.80
CA GLN A 528 138.79 -7.80 37.29
CA GLY A 529 135.96 -8.62 34.97
CA GLN A 530 136.49 -11.20 32.33
CA GLN A 531 140.21 -11.25 31.82
CA PHE A 532 143.13 -13.50 32.39
CA ALA A 533 142.84 -12.81 36.07
CA GLN A 534 140.07 -15.23 36.95
CA MET A 535 140.23 -17.29 33.81
CA LEU A 536 143.84 -17.99 34.58
CA VAL A 537 142.82 -19.52 37.85
CA GLN A 538 140.53 -21.86 36.00
CA ASP A 539 143.18 -23.53 33.90
CA GLU A 540 145.38 -23.57 36.96
CA GLU A 541 142.69 -25.50 38.74
CA PRO A 542 144.63 -25.29 41.92
CA LEU A 543 148.24 -25.90 44.99
CA ALA A 544 151.10 -23.67 45.96
CA ASP A 545 151.04 -21.34 48.14
CA ILE A 546 147.41 -20.81 49.09
CA THR A 547 148.44 -17.97 51.34
CA GLN A 548 150.44 -16.55 48.47
CA ILE A 549 147.49 -16.46 46.14
CA VAL A 550 145.30 -14.74 48.69
CA ASP A 551 148.06 -12.38 49.73
CA VAL A 552 148.29 -11.18 46.18
CA PHE A 553 144.57 -10.65 45.94
CA MET A 554 144.38 -8.80 49.22
CA GLU A 555 147.03 -6.20 48.43
CA TYR A 556 145.28 -5.53 45.16
CA ASN A 557 142.08 -5.13 47.17
CA LEU A 558 140.70 -7.75 44.80
CA ILE A 559 139.07 -9.29 47.86
CA GLN A 560 135.64 -9.32 46.32
CA GLN A 561 136.98 -11.38 43.44
CA CYS A 562 139.09 -13.52 45.68
CA THR A 563 136.07 -14.56 47.65
CA ALA A 564 134.20 -15.25 44.42
CA PHE A 565 136.80 -17.64 43.10
CA LEU A 566 137.13 -19.42 46.40
CA LEU A 567 133.50 -20.33 46.01
CA ASP A 568 134.48 -22.11 42.81
CA ALA A 569 137.38 -23.81 44.56
CA LEU A 570 135.18 -25.64 47.03
CA LYS A 571 133.43 -27.31 44.16
CA ASN A 572 136.59 -28.92 42.91
CA ASN A 573 136.50 -31.86 45.23
CA ARG A 574 140.09 -32.86 44.77
CA PRO A 575 141.36 -29.37 44.58
CA SER A 576 139.60 -28.53 47.79
CA GLU A 577 141.80 -28.02 50.80
CA GLY A 578 139.77 -27.33 56.33
CA PRO A 579 142.69 -25.03 56.53
CA LEU A 580 141.72 -23.65 53.16
CA GLN A 581 138.41 -22.39 54.46
CA THR A 582 140.00 -21.11 57.59
CA ARG A 583 142.64 -19.16 55.74
CA LEU A 584 140.21 -17.78 53.21
CA LEU A 585 137.92 -16.26 55.76
CA GLU A 586 140.84 -14.83 57.66
CA MET A 587 142.17 -13.24 54.53
CA ASN A 588 138.73 -12.03 53.66
CA LEU A 589 138.38 -10.28 56.96
CA MET A 590 141.37 -8.05 56.45
CA HIS A 591 141.16 -8.13 52.66
CA ALA A 592 137.47 -7.62 52.07
CA PRO A 593 135.00 -7.83 54.83
CA GLN A 594 132.02 -7.82 52.51
CA VAL A 595 132.95 -11.30 51.37
CA ALA A 596 133.66 -12.41 54.90
CA ASP A 597 130.05 -12.80 55.92
CA ALA A 598 128.93 -14.59 52.79
CA ILE A 599 131.69 -17.11 53.17
CA LEU A 600 130.49 -17.70 56.69
CA GLY A 601 127.17 -18.63 55.30
CA ASN A 602 128.57 -20.71 52.50
CA GLN A 603 131.01 -22.90 54.31
CA MET A 604 132.74 -20.93 56.91
CA PHE A 605 130.48 -22.39 59.46
CA THR A 606 130.89 -26.08 58.90
CA HIS A 607 134.44 -26.47 57.78
CA TYR A 608 136.44 -23.76 59.39
CA ASP A 609 138.62 -23.43 62.45
CA ARG A 610 135.97 -21.41 64.24
CA ALA A 611 138.13 -20.28 67.09
CA HIS A 612 140.72 -18.86 64.74
CA ILE A 613 138.21 -17.02 62.63
CA ALA A 614 136.60 -15.39 65.58
CA GLN A 615 139.80 -13.90 66.84
CA LEU A 616 140.39 -12.54 63.40
CA CYS A 617 136.90 -11.04 63.24
CA GLU A 618 137.35 -9.45 66.62
CA LYS A 619 140.36 -7.58 65.38
CA ALA A 620 138.35 -7.02 62.23
CA GLY A 621 135.50 -5.20 63.94
CA LEU A 622 133.29 -7.66 62.08
CA LEU A 623 130.99 -7.92 65.10
CA GLN A 624 127.86 -8.42 63.03
CA ARG A 625 129.49 -11.60 61.69
CA ALA A 626 131.14 -12.34 65.03
CA LEU A 627 127.72 -12.79 66.51
CA GLU A 628 126.95 -15.21 63.73
CA HIS A 629 129.98 -17.33 64.54
CA PHE A 630 129.33 -17.15 68.22
CA THR A 631 125.78 -18.19 67.71
CA ASP A 632 126.75 -21.21 65.60
CA LEU A 633 129.65 -21.84 67.93
CA TYR A 634 126.89 -22.07 70.50
CA ASP A 635 128.80 -19.63 72.54
CA ILE A 636 125.63 -17.67 73.14
CA LYS A 637 126.87 -15.75 76.12
CA ARG A 638 129.55 -14.27 73.90
CA ALA A 639 127.13 -13.44 71.15
CA VAL A 640 124.99 -11.49 73.56
CA VAL A 641 127.89 -9.71 75.17
CA HIS A 642 129.10 -8.65 71.75
CA THR A 643 125.63 -7.58 70.74
CA HIS A 644 125.62 -5.43 73.82
CA LEU A 645 128.56 -3.38 72.69
CA LEU A 646 127.23 -2.96 69.19
CA ASN A 647 123.53 -3.34 68.73
CA PRO A 648 122.38 -6.68 67.63
CA GLU A 649 119.35 -7.50 65.57
CA TRP A 650 116.05 -7.44 67.40
CA LEU A 651 114.87 -10.93 66.55
CA VAL A 652 118.18 -12.58 67.33
CA ASN A 653 118.37 -10.96 70.72
CA TYR A 654 115.21 -12.65 71.86
CA PHE A 655 116.28 -16.10 70.74
CA GLY A 656 119.90 -15.99 71.84
CA SER A 657 119.40 -14.47 75.26
CA LEU A 658 117.37 -17.41 76.42
CA SER A 659 119.97 -19.71 75.00
CA VAL A 660 122.38 -18.08 77.38
CA GLU A 661 121.85 -20.73 80.00
CA ASP A 662 125.25 -20.01 81.35
CA SER A 663 124.79 -16.54 82.66
CA LEU A 664 121.59 -15.47 84.37
CA GLU A 665 123.21 -12.13 85.10
CA CYS A 666 123.29 -11.38 81.43
CA LEU A 667 119.55 -11.14 81.61
CA ARG A 668 119.71 -8.42 84.22
CA ALA A 669 122.47 -6.74 82.30
CA MET A 670 120.36 -6.89 79.19
CA LEU A 671 117.35 -5.34 80.82
CA SER A 672 119.41 -2.39 81.86
CA ALA A 673 120.70 -1.97 78.34
CA ASN A 674 117.24 -2.45 76.93
CA ILE A 675 115.77 0.12 79.21
CA ARG A 676 117.93 2.70 77.56
CA GLN A 677 118.04 1.93 73.89
CA ASN A 678 114.40 1.07 73.61
CA LEU A 679 111.45 0.97 75.98
CA GLN A 680 109.35 -1.08 73.64
CA ILE A 681 111.95 -3.76 73.23
CA CYS A 682 112.25 -4.12 76.95
CA VAL A 683 108.66 -5.07 77.50
CA GLN A 684 108.76 -7.79 74.90
CA VAL A 685 112.19 -8.93 76.01
CA ALA A 686 111.08 -8.98 79.61
CA SER A 687 108.54 -11.64 78.87
CA LYS A 688 111.08 -14.26 77.68
CA TYR A 689 111.82 -14.02 80.36
CA HIS A 690 113.13 -13.63 83.75
CA GLU A 691 115.64 -16.00 85.57
CA GLN A 692 115.13 -13.68 88.27
CA LEU A 693 115.06 -11.95 91.66
CA SER A 694 117.22 -9.09 90.63
CA THR A 695 114.57 -8.23 92.44
CA GLN A 696 115.45 -4.74 93.69
CA SER A 697 118.22 -4.30 91.18
CA LEU A 698 115.86 -5.38 88.47
CA ILE A 699 113.33 -2.73 89.39
CA GLU A 700 115.96 -0.10 89.99
CA LEU A 701 117.13 -0.69 86.45
CA PHE A 702 113.60 -0.29 85.14
CA GLU A 703 113.18 3.03 86.84
CA SER A 704 116.35 4.60 85.48
CA PHE A 705 115.26 3.61 82.00
CA LYS A 706 112.07 5.37 82.96
CA SER A 707 110.15 2.38 81.82
CA PHE A 708 107.76 2.62 84.72
CA GLU A 709 104.93 1.38 82.57
CA GLY A 710 106.78 -1.70 81.41
CA LEU A 711 108.08 -2.62 84.83
CA PHE A 712 104.54 -2.56 86.11
CA TYR A 713 103.32 -4.60 83.17
CA PHE A 714 106.04 -7.24 83.66
CA LEU A 715 105.25 -7.73 87.31
CA GLY A 716 101.67 -8.10 86.27
CA SER A 717 102.57 -11.20 84.29
CA ILE A 718 104.83 -12.66 86.95
CA VAL A 719 102.14 -12.50 89.59
CA ASN A 720 100.08 -14.95 87.57
CA PHE A 721 102.66 -17.60 88.20
CA SER A 722 103.92 -18.38 91.65
CA GLN A 723 105.79 -15.44 93.04
CA ASP A 724 105.35 -13.93 94.63
CA PRO A 725 103.95 -11.06 96.53
CA ASP A 726 106.84 -8.94 95.37
CA VAL A 727 105.39 -8.93 91.91
CA HIS A 728 101.89 -7.92 92.95
CA PHE A 729 103.50 -5.33 95.17
CA LYS A 730 105.52 -3.85 92.34
CA TYR A 731 102.63 -3.96 89.88
CA ILE A 732 100.34 -1.89 92.02
CA GLN A 733 103.06 0.64 92.72
CA ALA A 734 103.78 1.04 89.04
CA ALA A 735 100.11 1.14 88.27
CA CYS A 736 99.63 4.05 90.58
CA LYS A 737 102.03 6.33 88.76
CA THR A 738 101.68 4.61 85.38
CA GLY A 739 97.95 3.99 85.14
CA GLN A 740 95.68 4.99 87.98
CA ILE A 741 92.63 3.39 86.47
CA LYS A 742 94.27 -0.02 86.66
CA GLU A 743 95.28 0.60 90.25
CA VAL A 744 91.76 0.01 91.54
CA GLU A 745 90.91 -3.25 89.86
CA ARG A 746 94.20 -4.74 90.82
CA ILE A 747 93.83 -3.98 94.51
CA CYS A 748 90.39 -5.42 94.37
CA ARG A 749 91.68 -8.87 93.49
CA GLU A 750 95.34 -8.55 94.56
CA SER A 751 95.07 -6.73 97.88
CA ASN A 752 95.61 -9.96 99.76
CA CYS A 753 98.99 -10.76 98.30
CA TYR A 754 100.70 -7.39 98.45
CA ASP A 755 102.66 -5.66 101.21
CA PRO A 756 99.94 -3.19 102.09
CA GLU A 757 102.06 -0.63 103.85
CA ARG A 758 104.04 0.02 100.73
CA VAL A 759 100.95 0.08 98.55
CA LYS A 760 99.62 2.80 100.76
CA ASN A 761 102.68 4.99 100.62
CA PHE A 762 102.44 4.75 96.87
CA LEU A 763 98.75 5.66 96.91
CA LYS A 764 99.40 8.60 99.19
CA GLU A 765 101.81 10.10 96.74
CA ALA A 766 99.39 9.05 94.03
CA LYS A 767 96.44 10.98 95.42
CA LEU A 768 94.65 7.67 94.86
CA THR A 769 92.30 8.58 97.71
CA ASP A 770 89.42 6.47 96.54
CA GLN A 771 91.67 3.41 96.65
CA LEU A 772 93.56 4.38 99.79
CA PRO A 773 90.57 3.97 101.96
CA LEU A 774 89.85 0.69 100.31
CA ILE A 775 93.16 -0.60 101.53
CA ILE A 776 93.02 1.24 104.80
CA VAL A 777 89.58 -0.12 105.45
CA CYS A 778 90.48 -3.57 104.21
CA ASP A 779 93.89 -5.01 104.70
CA ARG A 780 94.91 -2.09 106.79
CA PHE A 781 93.06 -3.12 108.13
CA ASP A 782 93.94 0.42 109.00
CA PHE A 783 90.43 1.77 109.13
CA VAL A 784 91.58 5.00 110.68
CA HIS A 785 93.81 5.66 107.69
CA ASP A 786 91.11 4.91 105.18
CA LEU A 787 88.74 7.36 106.78
CA VAL A 788 91.21 10.19 106.84
CA LEU A 789 91.82 9.47 103.19
CA TYR A 790 88.09 9.39 102.58
CA LEU A 791 87.91 12.82 104.06
CA TYR A 792 90.18 13.82 101.25
CA ARG A 793 87.67 12.20 98.90
CA ASN A 794 85.65 8.96 98.80
CA ASN A 795 82.15 7.52 98.59
CA LEU A 796 79.48 7.88 101.23
CA GLN A 797 78.42 4.26 101.50
CA LYS A 798 81.79 2.78 102.30
CA TYR A 799 82.30 5.79 104.48
CA ILE A 800 79.35 4.94 106.64
CA GLU A 801 80.64 1.42 107.24
CA ILE A 802 84.34 2.10 107.82
CA TYR A 803 83.73 5.09 110.05
CA VAL A 804 82.32 2.89 112.77
CA GLN A 805 85.22 0.46 112.72
CA LYS A 806 87.67 3.26 113.24
CA VAL A 807 88.67 9.38 115.55
CA ASN A 808 89.20 12.83 119.05
CA PRO A 809 85.55 12.30 118.48
CA SER A 810 85.32 15.70 116.88
CA ARG A 811 86.20 13.77 113.76
CA LEU A 812 82.75 12.32 114.00
CA PRO A 813 81.24 15.72 113.49
CA VAL A 814 83.65 16.50 110.72
CA VAL A 815 82.68 13.24 109.12
CA ILE A 816 78.98 13.79 109.42
CA GLY A 817 79.34 17.06 107.63
CA GLY A 818 81.52 15.44 105.04
CA LEU A 819 78.99 12.78 104.24
CA LEU A 820 76.19 15.28 104.18
CA ASP A 821 78.04 17.95 102.26
CA VAL A 822 79.62 15.60 99.84
CA ASP A 823 77.18 13.71 97.78
CA CYS A 824 77.32 10.81 100.14
CA SER A 825 74.01 9.10 100.09
CA GLU A 826 71.64 10.07 102.81
CA ASP A 827 71.34 6.39 103.40
CA VAL A 828 75.10 6.29 103.54
CA ILE A 829 75.00 9.14 105.96
CA LYS A 830 72.38 7.34 108.00
CA ASN A 831 74.40 4.18 107.86
CA LEU A 832 77.38 6.11 109.06
CA ILE A 833 75.42 8.00 111.66
CA LEU A 834 75.01 8.75 115.69
CA VAL A 835 78.65 8.39 116.52
CA VAL A 836 79.28 11.64 114.72
CA ARG A 837 76.65 13.47 116.68
CA GLY A 838 78.11 12.22 119.90
CA GLN A 839 77.03 17.46 125.04
CA PHE A 840 75.08 20.44 123.90
CA SER A 841 74.41 21.93 120.54
CA THR A 842 73.32 21.10 117.60
CA ASP A 843 71.24 22.30 114.69
CA GLU A 844 74.26 22.06 112.44
CA LEU A 845 74.74 18.45 113.31
CA VAL A 846 71.10 17.75 112.65
CA ALA A 847 71.03 19.62 109.39
CA GLU A 848 74.02 17.71 108.13
CA VAL A 849 72.52 14.41 109.18
CA GLU A 850 69.16 15.12 107.61
CA LYS A 851 70.21 15.95 104.07
CA ARG A 852 72.54 13.02 104.19
CA ASN A 853 69.49 10.90 104.88
CA ARG A 854 71.64 10.04 107.88
CA LEU A 855 67.69 8.60 108.86
CA LYS A 856 68.09 5.23 110.50
CA LEU A 857 71.05 6.55 112.51
CA LEU A 858 69.71 10.06 112.87
CA LEU A 859 66.84 8.82 114.94
CA PRO A 860 69.19 7.29 117.46
CA TRP A 861 71.35 10.36 117.85
CA LEU A 862 68.33 12.46 118.63
CA GLU A 863 67.48 9.84 121.17
CA ALA A 864 70.59 10.82 123.09
CA ARG A 865 70.26 14.54 122.52
CA ILE A 866 66.98 14.67 124.40
CA HIS A 867 68.94 14.04 127.57
CA GLU A 868 70.97 17.18 127.01
CA GLY A 869 69.87 20.05 129.20
CA CYS A 870 70.33 22.25 126.16
CA GLU A 871 67.58 20.21 124.50
CA GLU A 872 64.82 22.06 121.12
CA PRO A 873 61.53 21.14 119.62
CA ALA A 874 63.11 21.37 116.21
CA THR A 875 65.05 18.27 117.03
CA HIS A 876 62.12 16.36 118.42
CA ASN A 877 59.99 17.12 115.44
CA ALA A 878 62.74 16.11 113.08
CA LEU A 879 63.39 12.85 114.86
CA ALA A 880 59.83 11.68 114.82
CA LYS A 881 59.40 12.37 111.15
CA ILE A 882 62.58 10.55 110.31
CA TYR A 883 61.42 7.88 112.69
CA ILE A 884 58.24 7.69 110.70
CA ASP A 885 60.44 5.88 108.24
CA SER A 886 61.36 3.38 110.96
CA ASN A 887 57.88 2.91 112.34
CA ASN A 888 58.48 1.02 115.55
CA ASN A 889 60.33 3.86 117.23
CA PRO A 890 57.82 6.57 116.57
CA GLU A 891 55.20 5.34 118.98
CA ARG A 892 57.48 5.55 121.99
CA PHE A 893 58.86 8.80 120.72
CA LEU A 894 55.56 10.62 120.70
CA ARG A 895 54.89 9.17 124.08
CA GLU A 896 58.26 10.39 125.27
CA ASN A 897 58.27 13.97 124.15
CA PRO A 898 55.42 16.32 124.05
CA TYR A 899 57.53 19.08 122.59
CA TYR A 900 57.03 18.51 118.91
CA ASP A 901 55.48 20.63 116.20
CA SER A 902 53.33 17.85 116.90
CA ARG A 903 52.11 18.92 113.51
CA VAL A 904 55.26 17.76 111.83
CA VAL A 905 55.34 14.45 113.64
CA GLY A 906 51.76 13.77 112.76
CA LYS A 907 52.27 14.10 109.06
CA TYR A 908 55.16 11.71 109.38
CA CYS A 909 53.03 9.36 111.44
CA GLU A 910 50.30 9.69 108.87
CA LYS A 911 52.48 7.88 106.43
CA ARG A 912 53.05 5.35 109.17
CA ASP A 913 50.55 3.54 111.37
CA PRO A 914 47.72 5.36 112.96
CA HIS A 915 48.08 3.89 116.43
CA LEU A 916 50.65 6.46 117.40
CA ALA A 917 48.66 9.12 115.61
CA CYS A 918 45.77 8.65 117.97
CA VAL A 919 48.10 9.19 120.88
CA ALA A 920 49.46 12.40 119.44
CA TYR A 921 46.08 13.66 118.37
CA GLU A 922 44.98 12.96 121.89
CA ARG A 923 47.80 14.93 123.45
CA GLY A 924 47.54 17.52 120.71
CA GLN A 925 44.05 17.88 122.02
CA CYS A 926 42.89 17.48 118.48
CA ASP A 927 40.13 15.20 119.70
CA LEU A 928 38.13 15.25 116.51
CA GLU A 929 41.10 13.78 114.70
CA LEU A 930 41.61 11.16 117.36
CA ILE A 931 38.06 9.96 117.00
CA ASN A 932 37.87 9.82 113.25
CA VAL A 933 41.16 8.01 113.06
CA CYS A 934 39.97 5.72 115.83
CA ASN A 935 36.92 4.97 113.74
CA GLU A 936 39.10 2.85 111.56
CA ASN A 937 40.59 1.24 114.64
CA SER A 938 40.67 2.17 118.29
CA LEU A 939 40.08 1.18 121.88
CA PHE A 940 36.62 1.45 123.33
CA LYS A 941 37.66 2.92 126.64
CA SER A 942 39.59 5.80 125.16
CA LEU A 943 36.76 6.39 122.76
CA SER A 944 34.34 7.01 125.56
CA ARG A 945 36.56 9.67 127.07
CA TYR A 946 37.62 11.49 123.92
CA LEU A 947 34.33 11.48 122.05
CA VAL A 948 32.90 13.90 124.54
CA ARG A 949 35.70 16.37 123.95
CA ARG A 950 34.99 16.38 120.23
CA LYS A 951 33.96 19.78 118.92
CA ASP A 952 31.88 18.59 116.00
CA PRO A 953 28.83 17.05 117.51
CA GLU A 954 28.13 15.44 114.15
CA LEU A 955 30.76 12.88 115.00
CA TRP A 956 28.44 11.63 117.69
CA GLY A 957 25.86 10.67 115.14
CA SER A 958 28.65 9.16 113.11
CA VAL A 959 29.91 7.17 116.05
CA LEU A 960 26.50 5.89 117.02
CA LEU A 961 26.15 4.51 113.53
CA GLU A 962 29.59 3.06 113.82
CA SER A 963 28.69 1.28 117.00
CA ASN A 964 25.35 -0.13 115.95
CA PRO A 965 26.36 -1.86 112.76
CA TYR A 966 29.44 -3.07 114.44
CA ARG A 967 28.57 -6.39 115.81
CA ARG A 968 29.37 -5.61 119.25
CA PRO A 969 28.33 -6.20 122.45
CA LEU A 970 26.93 -4.65 125.70
CA ILE A 971 27.90 -5.20 129.19
CA ASP A 972 30.25 -2.99 131.11
CA GLN A 973 30.52 0.61 130.14
CA VAL A 974 29.65 0.55 126.47
CA VAL A 975 26.52 1.59 124.68
CA GLN A 976 24.65 2.46 127.84
CA THR A 977 27.51 4.28 129.45
CA ALA A 978 28.44 5.87 126.17
CA LEU A 979 24.93 6.99 125.52
CA SER A 980 24.91 8.80 128.81
CA GLU A 981 27.90 10.87 127.85
CA THR A 982 26.65 11.59 124.38
CA GLN A 983 23.38 12.04 125.61
CA ASP A 984 23.01 14.72 122.85
CA PRO A 985 22.80 14.26 120.60
CA GLU A 986 21.43 12.27 117.26
CA GLU A 987 21.55 10.10 114.25
CA VAL A 988 19.57 8.54 116.88
CA SER A 989 17.91 6.13 114.52
CA VAL A 990 21.27 4.70 113.59
CA THR A 991 21.91 3.56 117.10
CA VAL A 992 18.36 2.27 117.37
CA LYS A 993 18.51 0.36 114.13
CA ALA A 994 21.61 -1.39 115.32
CA PHE A 995 19.99 -2.33 118.59
CA MET A 996 16.88 -3.72 116.96
CA THR A 997 18.65 -6.05 114.55
CA ALA A 998 20.70 -7.28 117.46
CA ASP A 999 17.37 -8.08 119.08
CA LEU A 1000 18.82 -5.92 121.80
CA PRO A 1001 15.68 -3.79 122.45
CA ASN A 1002 14.41 -6.05 126.29
CA GLU A 1003 16.93 -3.22 126.40
CA LEU A 1004 15.20 -1.14 123.77
CA ILE A 1005 12.23 -0.75 126.02
CA GLU A 1006 14.46 0.08 128.93
CA LEU A 1007 16.19 2.96 127.18
CA LEU A 1008 12.94 4.40 125.88
CA GLU A 1009 11.54 4.53 129.36
CA LYS A 1010 14.46 6.75 130.28
CA ILE A 1011 14.10 8.85 127.15
CA VAL A 1012 10.68 10.18 127.99
CA LEU A 1013 11.86 11.96 131.09
CA ASP A 1014 15.27 12.85 129.72
CA ASN A 1015 15.30 16.35 128.34
CA SER A 1016 18.99 15.78 127.93
CA VAL A 1017 18.09 13.00 125.57
CA PHE A 1018 15.49 13.66 122.88
CA SER A 1019 12.63 15.49 124.48
CA GLU A 1020 9.47 13.57 124.99
CA HIS A 1021 7.57 13.29 121.79
CA ARG A 1022 4.54 11.47 120.48
CA ASN A 1023 6.60 9.01 118.54
CA LEU A 1024 8.36 7.67 121.57
CA GLN A 1025 5.23 7.32 123.60
CA ASN A 1026 3.61 5.66 120.66
CA LEU A 1027 6.32 3.07 120.31
CA LEU A 1028 6.73 2.34 123.98
CA ILE A 1029 3.14 1.38 124.50
CA LEU A 1030 3.19 -0.84 121.46
CA THR A 1031 6.26 -2.62 122.64
CA ALA A 1032 4.82 -2.74 126.10
CA ILE A 1033 1.78 -4.65 125.02
CA LYS A 1034 3.71 -7.49 123.49
CA ALA A 1035 6.76 -7.11 125.71
CA ASP A 1036 5.28 -6.32 129.10
CA ARG A 1037 1.52 -6.27 129.39
CA THR A 1038 1.56 -5.24 133.02
CA ARG A 1039 3.29 -1.98 132.16
CA VAL A 1040 0.94 -1.33 129.27
CA MET A 1041 -1.82 -0.25 131.64
CA GLU A 1042 0.20 2.19 133.72
CA TYR A 1043 1.71 3.71 130.65
CA ILE A 1044 -1.61 4.47 129.00
CA ASN A 1045 -2.89 6.55 131.85
CA ARG A 1046 0.35 8.51 131.80
CA LEU A 1047 0.32 8.27 128.02
CA ASP A 1048 -1.79 11.30 127.15
CA ASN A 1049 -0.40 12.28 123.78
CA TYR A 1050 -0.27 9.05 121.91
CA ASP A 1051 -1.43 8.08 118.45
CA ALA A 1052 -4.36 6.19 119.85
CA PRO A 1053 -5.35 4.23 116.83
CA ASP A 1054 -1.92 2.68 116.93
CA ILE A 1055 -2.34 1.57 120.50
CA ALA A 1056 -5.73 0.14 119.91
CA ASN A 1057 -4.81 -2.26 117.18
CA ILE A 1058 -1.88 -3.19 119.35
CA ALA A 1059 -4.05 -3.94 122.39
CA ILE A 1060 -6.58 -5.77 120.29
CA SER A 1061 -3.83 -8.02 119.13
CA ASN A 1062 -2.77 -8.76 122.62
CA GLU A 1063 -6.09 -9.24 124.41
CA LEU A 1064 -5.69 -6.04 126.40
CA PHE A 1065 -9.49 -5.84 126.97
CA GLU A 1066 -9.56 -3.72 130.10
CA GLU A 1067 -6.98 -1.36 128.66
CA ALA A 1068 -8.75 -1.33 125.34
CA PHE A 1069 -11.87 -0.10 127.03
CA ALA A 1070 -9.89 2.68 128.62
CA ILE A 1071 -8.52 3.92 125.31
CA PHE A 1072 -11.81 3.51 123.53
CA ARG A 1073 -13.24 5.56 126.31
CA LYS A 1074 -10.75 8.38 125.93
CA PHE A 1075 -10.75 8.10 122.17
CA ASP A 1076 -14.43 8.70 122.63
CA VAL A 1077 -15.45 5.53 120.63
CA ASN A 1078 -18.82 4.26 122.45
CA THR A 1079 -19.73 1.66 119.85
CA SER A 1080 -16.34 0.10 120.38
CA ALA A 1081 -16.70 0.14 124.13
CA VAL A 1082 -19.92 -1.80 123.97
CA GLN A 1083 -18.70 -4.25 121.38
CA VAL A 1084 -15.62 -4.99 123.43
CA LEU A 1085 -17.86 -5.18 126.48
CA ILE A 1086 -19.87 -7.88 124.84
CA GLU A 1087 -16.91 -10.19 124.44
CA HIS A 1088 -15.56 -9.67 127.92
CA ILE A 1089 -18.20 -9.03 130.47
CA GLY A 1090 -17.35 -5.60 131.69
CA ASN A 1091 -19.79 -4.14 134.17
CA LEU A 1092 -23.55 -3.92 134.06
CA ASP A 1093 -23.76 -0.36 135.28
CA ARG A 1094 -21.42 1.11 132.71
CA ALA A 1095 -23.18 -0.87 130.05
CA TYR A 1096 -26.40 0.93 130.78
CA GLU A 1097 -24.79 4.32 130.41
CA PHE A 1098 -22.67 3.71 127.33
CA ALA A 1099 -25.18 1.77 125.29
CA GLU A 1100 -27.35 4.81 124.87
CA ARG A 1101 -24.47 6.84 123.52
CA CYS A 1102 -23.95 4.22 120.82
CA ASN A 1103 -24.51 5.63 117.36
CA GLU A 1104 -25.58 2.40 115.70
CA PRO A 1105 -28.98 1.40 116.87
CA ALA A 1106 -28.26 -2.10 115.64
CA VAL A 1107 -26.15 -2.54 118.71
CA TRP A 1108 -29.26 -2.44 120.81
CA SER A 1109 -30.77 -5.44 119.10
CA GLN A 1110 -27.47 -7.22 119.25
CA LEU A 1111 -27.19 -6.14 122.87
CA ALA A 1112 -30.63 -7.44 123.69
CA LYS A 1113 -29.64 -10.82 122.36
CA ALA A 1114 -26.46 -10.80 124.40
CA GLN A 1115 -28.32 -10.12 127.59
CA LEU A 1116 -30.92 -12.57 126.52
CA GLN A 1117 -28.40 -15.34 126.28
CA LYS A 1118 -26.31 -14.32 129.25
CA GLY A 1119 -29.22 -13.49 131.48
CA MET A 1120 -32.72 -12.51 130.51
CA VAL A 1121 -33.70 -11.59 134.01
CA LYS A 1122 -32.17 -9.02 136.29
CA GLU A 1123 -30.27 -7.71 133.34
CA ALA A 1124 -32.26 -7.60 130.16
CA ILE A 1125 -35.23 -6.10 131.91
CA ASP A 1126 -33.22 -3.24 133.33
CA SER A 1127 -31.39 -2.89 130.06
CA TYR A 1128 -34.59 -2.76 128.09
CA ILE A 1129 -35.84 0.23 130.00
CA LYS A 1130 -32.79 2.21 129.02
CA ALA A 1131 -33.10 0.98 125.46
CA ASP A 1132 -34.14 -0.11 122.86
CA ASP A 1133 -36.65 0.42 120.13
CA PRO A 1134 -37.49 -0.55 118.25
CA SER A 1135 -40.73 -2.60 117.59
CA SER A 1136 -40.04 -6.29 117.21
CA TYR A 1137 -42.70 -11.42 116.79
CA MET A 1138 -43.34 -15.10 117.24
CA GLU A 1139 -40.19 -15.76 119.18
CA VAL A 1140 -40.50 -12.69 121.31
CA VAL A 1141 -43.93 -13.71 122.46
CA GLN A 1142 -42.77 -17.28 122.78
CA ALA A 1143 -40.03 -16.18 125.11
CA ALA A 1144 -42.42 -14.14 127.19
CA ASN A 1145 -44.82 -17.00 127.70
CA THR A 1146 -42.17 -19.53 128.66
CA SER A 1147 -40.86 -17.14 131.25
CA GLY A 1148 -44.43 -17.21 132.38
CA ASN A 1149 -44.57 -13.48 132.48
CA TRP A 1150 -47.78 -13.10 130.56
CA GLU A 1151 -48.63 -10.07 132.58
CA GLU A 1152 -45.54 -8.28 131.38
CA LEU A 1153 -45.93 -9.26 127.78
CA VAL A 1154 -49.50 -8.05 127.59
CA LYS A 1155 -48.34 -4.86 129.25
CA TYR A 1156 -45.66 -4.11 126.65
CA LEU A 1157 -47.91 -4.87 123.74
CA GLN A 1158 -50.24 -2.29 125.08
CA MET A 1159 -47.50 0.30 124.73
CA ALA A 1160 -46.25 -1.17 121.47
CA ARG A 1161 -49.48 -0.58 119.65
CA LYS A 1162 -49.02 3.12 119.84
CA LYS A 1163 -45.42 3.12 118.65
CA ALA A 1164 -45.90 0.89 115.68
CA ARG A 1165 -49.04 -0.76 114.65
CA GLU A 1166 -48.91 -3.72 112.59
CA SER A 1167 -49.84 -6.92 112.80
CA TYR A 1168 -47.31 -9.21 114.27
CA VAL A 1169 -47.27 -7.32 117.53
CA GLU A 1170 -51.00 -6.89 117.79
CA THR A 1171 -51.54 -10.49 116.83
CA GLU A 1172 -49.17 -11.41 119.62
CA LEU A 1173 -50.89 -9.34 122.27
CA ILE A 1174 -54.23 -10.86 121.57
CA PHE A 1175 -52.88 -14.36 121.75
CA ALA A 1176 -51.23 -13.62 125.05
CA LEU A 1177 -54.34 -11.98 126.34
CA ALA A 1178 -56.40 -15.04 125.74
CA LYS A 1179 -53.79 -17.45 127.04
CA THR A 1180 -52.58 -15.60 130.06
CA ASN A 1181 -56.06 -15.92 131.42
CA ARG A 1182 -56.56 -12.30 130.77
CA LEU A 1183 -59.49 -12.95 128.53
CA ALA A 1184 -61.20 -9.78 129.57
CA GLU A 1185 -58.49 -7.79 127.89
CA LEU A 1186 -58.84 -9.94 124.80
CA GLU A 1187 -62.30 -8.64 124.00
CA GLU A 1188 -61.62 -4.92 123.98
CA PHE A 1189 -58.38 -5.39 122.16
CA ILE A 1190 -59.95 -7.25 119.31
CA ASN A 1191 -62.46 -4.54 118.80
CA GLY A 1192 -60.06 -1.74 118.21
CA PRO A 1193 -57.35 -3.37 116.25
CA ASN A 1194 -58.39 -4.63 112.85
CA ASN A 1195 -54.74 -5.10 112.04
CA ALA A 1196 -54.02 -8.60 113.17
CA HIS A 1197 -53.93 -11.98 111.60
CA ILE A 1198 -57.46 -13.17 112.10
CA GLN A 1199 -56.84 -16.82 111.48
CA GLN A 1200 -54.18 -17.07 114.11
CA VAL A 1201 -56.21 -15.05 116.55
CA GLY A 1202 -59.19 -17.31 116.03
CA ASP A 1203 -57.19 -20.46 116.63
CA ARG A 1204 -56.18 -18.78 119.84
CA CYS A 1205 -59.75 -18.08 120.94
CA TYR A 1206 -60.81 -21.52 119.80
CA ASP A 1207 -58.61 -23.15 122.38
CA GLU A 1208 -59.50 -20.38 124.81
CA LYS A 1209 -63.24 -20.96 124.60
CA MET A 1210 -63.94 -17.38 123.63
CA TYR A 1211 -67.44 -18.36 122.41
CA ASP A 1212 -68.91 -14.94 123.20
CA ALA A 1213 -66.04 -13.01 121.63
CA ALA A 1214 -65.73 -15.01 118.38
CA LYS A 1215 -69.52 -14.73 118.14
CA LEU A 1216 -68.92 -11.06 117.35
CA LEU A 1217 -65.73 -11.64 115.36
CA TYR A 1218 -67.31 -14.21 113.07
CA ASN A 1219 -70.29 -11.85 112.93
CA ASN A 1220 -68.55 -8.85 111.29
CA VAL A 1221 -66.32 -10.94 108.99
CA SER A 1222 -69.67 -12.64 108.42
CA ASN A 1223 -68.43 -16.25 108.37
CA PHE A 1224 -71.89 -17.56 109.21
CA GLY A 1225 -70.35 -21.01 108.90
CA ARG A 1226 -68.88 -20.56 112.38
CA LEU A 1227 -71.15 -17.71 113.52
CA ALA A 1228 -73.99 -20.24 113.58
CA SER A 1229 -71.71 -22.97 114.86
CA THR A 1230 -70.64 -20.93 117.91
CA LEU A 1231 -74.16 -19.54 118.51
CA VAL A 1232 -75.26 -23.16 119.07
CA HIS A 1233 -72.18 -23.93 121.16
CA LEU A 1234 -73.56 -20.94 123.15
CA GLY A 1235 -77.11 -22.25 123.56
CA GLU A 1236 -78.47 -19.35 121.48
CA TYR A 1237 -80.35 -21.80 119.26
CA GLN A 1238 -83.04 -19.73 117.55
CA ALA A 1239 -80.38 -17.27 116.32
CA ALA A 1240 -78.00 -20.08 115.33
CA VAL A 1241 -80.70 -21.19 112.89
CA ASP A 1242 -80.46 -17.72 111.38
CA GLY A 1243 -76.73 -18.01 110.89
CA ALA A 1244 -77.23 -21.39 109.25
CA ARG A 1245 -79.75 -19.72 106.92
CA LYS A 1246 -77.34 -16.98 105.88
CA ALA A 1247 -74.55 -19.58 105.77
CA ASN A 1248 -76.74 -21.53 103.31
CA SER A 1249 -74.71 -24.72 103.70
CA THR A 1250 -75.86 -28.34 104.06
CA ARG A 1251 -73.08 -29.72 106.29
CA THR A 1252 -73.88 -26.61 108.32
CA TRP A 1253 -77.62 -27.21 108.80
CA LYS A 1254 -76.61 -30.68 109.98
CA GLU A 1255 -74.48 -29.26 112.82
CA VAL A 1256 -77.26 -26.86 113.85
CA CYS A 1257 -80.17 -29.26 113.36
CA PHE A 1258 -78.47 -32.09 115.23
CA ALA A 1259 -77.44 -29.88 118.14
CA CYS A 1260 -80.83 -28.13 118.06
CA VAL A 1261 -82.13 -31.69 118.65
CA ASP A 1262 -79.71 -32.48 121.46
CA GLY A 1263 -81.02 -29.34 123.13
CA LYS A 1264 -84.51 -30.74 122.55
CA GLU A 1265 -85.54 -27.64 120.57
CA PHE A 1266 -87.90 -29.14 118.05
CA ARG A 1267 -90.04 -26.57 116.24
CA LEU A 1268 -86.60 -25.18 115.44
CA ALA A 1269 -84.83 -28.48 114.69
CA GLN A 1270 -87.76 -29.07 112.33
CA MET A 1271 -87.68 -25.97 110.10
CA CYS A 1272 -83.92 -26.42 110.50
CA GLY A 1273 -84.35 -29.99 109.29
CA LEU A 1274 -86.50 -29.34 106.24
CA HIS A 1275 -83.38 -27.99 104.56
CA ILE A 1276 -81.77 -31.43 104.85
CA VAL A 1277 -84.43 -34.05 103.99
CA VAL A 1278 -84.60 -32.77 100.42
CA HIS A 1279 -81.01 -33.97 100.05
CA ALA A 1280 -76.50 -39.30 101.52
CA ASP A 1281 -72.80 -38.84 102.27
CA GLU A 1282 -73.95 -37.53 105.66
CA LEU A 1283 -77.01 -39.64 106.58
CA GLU A 1284 -74.92 -42.33 108.30
CA GLU A 1285 -72.87 -40.24 110.74
CA LEU A 1286 -76.09 -38.42 111.70
CA ILE A 1287 -77.74 -41.75 112.54
CA ASN A 1288 -74.70 -43.40 114.16
CA TYR A 1289 -74.56 -40.31 116.38
CA TYR A 1290 -78.24 -40.36 117.49
CA GLN A 1291 -77.69 -44.10 118.08
CA ASP A 1292 -74.82 -44.19 120.59
CA ARG A 1293 -76.44 -41.30 122.49
CA GLY A 1294 -79.24 -43.85 122.68
CA TYR A 1295 -81.81 -41.45 121.30
CA PHE A 1296 -83.37 -43.99 118.96
CA GLU A 1297 -86.85 -42.68 119.76
CA GLU A 1298 -86.21 -39.19 118.41
CA LEU A 1299 -84.02 -40.34 115.52
CA ILE A 1300 -87.01 -42.23 114.13
CA THR A 1301 -89.32 -39.28 114.86
CA MET A 1302 -87.23 -37.04 112.63
CA LEU A 1303 -86.98 -39.49 109.76
CA GLU A 1304 -90.79 -39.66 110.13
CA ALA A 1305 -90.86 -36.07 108.80
CA ALA A 1306 -87.88 -36.24 106.44
CA LEU A 1307 -89.85 -38.66 104.28
CA GLY A 1308 -91.90 -35.64 103.27
CA LEU A 1309 -88.87 -33.62 102.16
CA GLU A 1310 -88.62 -32.99 98.42
CA ARG A 1311 -85.00 -34.20 98.56
CA ALA A 1312 -85.89 -37.46 100.39
CA HIS A 1313 -83.72 -40.37 99.22
CA MET A 1314 -83.31 -44.16 99.22
CA GLY A 1315 -80.87 -44.16 102.16
CA MET A 1316 -83.57 -42.57 104.31
CA PHE A 1317 -86.40 -45.01 103.59
CA THR A 1318 -83.96 -47.95 103.89
CA GLU A 1319 -82.82 -46.71 107.31
CA LEU A 1320 -86.26 -45.99 108.67
CA ALA A 1321 -87.42 -49.50 107.84
CA ILE A 1322 -84.36 -51.03 109.55
CA LEU A 1323 -84.91 -48.90 112.66
CA TYR A 1324 -88.64 -49.66 112.64
CA SER A 1325 -87.87 -53.38 112.61
CA LYS A 1326 -85.83 -53.35 115.81
CA PHE A 1327 -87.77 -50.50 117.54
CA LYS A 1328 -91.32 -50.34 116.16
CA PRO A 1329 -92.18 -53.58 114.34
CA GLN A 1330 -95.85 -52.71 114.07
CA LYS A 1331 -94.92 -49.78 111.79
CA MET A 1332 -92.37 -51.87 109.80
CA ARG A 1333 -95.25 -53.21 107.70
CA GLU A 1334 -97.31 -50.20 106.55
CA HIS A 1335 -93.91 -48.66 105.76
CA LEU A 1336 -92.87 -51.32 103.26
CA GLU A 1337 -96.49 -51.22 102.14
CA LEU A 1338 -95.83 -47.69 100.77
CA PHE A 1339 -92.08 -47.33 100.25
CA TRP A 1340 -90.85 -50.82 99.33
CA SER A 1341 -89.85 -49.47 95.94
CA ARG A 1342 -87.76 -46.61 97.34
CA VAL A 1343 -85.52 -48.82 99.51
CA ASN A 1344 -82.48 -51.15 99.29
CA ILE A 1345 -84.37 -54.44 99.57
CA PRO A 1346 -81.52 -56.83 100.37
CA LYS A 1347 -80.57 -54.76 103.41
CA VAL A 1348 -84.16 -54.43 104.65
CA LEU A 1349 -84.58 -58.20 104.32
CA ARG A 1350 -81.49 -59.13 106.36
CA ALA A 1351 -83.12 -56.71 108.84
CA ALA A 1352 -86.49 -58.52 109.14
CA GLU A 1353 -84.70 -61.86 109.01
CA GLN A 1354 -82.82 -60.73 112.09
CA ALA A 1355 -86.09 -59.33 113.54
CA HIS A 1356 -88.27 -62.41 112.83
CA LEU A 1357 -90.96 -60.31 111.05
CA TRP A 1358 -91.98 -63.24 108.87
CA ALA A 1359 -95.20 -61.65 107.56
CA GLU A 1360 -93.21 -58.72 106.11
CA LEU A 1361 -90.30 -60.90 104.99
CA VAL A 1362 -92.72 -62.70 102.66
CA PHE A 1363 -93.98 -59.36 101.39
CA LEU A 1364 -90.52 -58.27 100.26
CA TYR A 1365 -89.31 -61.72 99.19
CA ASP A 1366 -92.41 -61.48 97.05
CA LYS A 1367 -91.66 -58.04 95.57
CA TYR A 1368 -87.93 -58.77 95.20
CA GLU A 1369 -89.22 -61.70 93.15
CA GLU A 1370 -87.40 -64.18 95.38
CA TYR A 1371 -90.44 -66.51 95.31
CA ASP A 1372 -88.70 -69.71 96.47
CA ASN A 1373 -87.91 -67.80 99.68
CA ALA A 1374 -91.40 -66.37 100.17
CA ILE A 1375 -92.75 -69.93 100.04
CA ILE A 1376 -90.08 -71.52 102.23
CA THR A 1377 -90.86 -68.73 104.73
CA MET A 1378 -94.66 -69.04 104.65
CA MET A 1379 -94.02 -72.75 105.28
CA ASN A 1380 -91.84 -72.51 108.41
CA HIS A 1381 -93.78 -69.63 109.98
CA PRO A 1382 -97.37 -70.31 108.90
CA THR A 1383 -99.16 -68.59 111.75
CA ASP A 1384 -97.51 -65.25 110.79
CA ALA A 1385 -96.67 -65.40 107.08
CA TRP A 1386 -98.89 -68.07 105.49
CA LYS A 1387 -102.00 -66.88 103.65
CA GLU A 1388 -104.09 -69.34 101.59
CA GLY A 1389 -104.57 -67.09 98.59
CA GLN A 1390 -101.09 -65.76 98.05
CA PHE A 1391 -99.57 -69.19 98.61
CA LYS A 1392 -101.52 -70.34 95.54
CA ASP A 1393 -100.10 -67.40 93.58
CA ILE A 1394 -96.43 -67.50 94.58
CA ILE A 1395 -95.98 -71.29 94.61
CA THR A 1396 -96.32 -71.14 90.83
CA LYS A 1397 -93.48 -68.65 90.28
CA VAL A 1398 -91.25 -70.98 92.34
CA ALA A 1399 -88.11 -72.08 90.48
CA ASN A 1400 -87.07 -75.18 92.38
CA VAL A 1401 -90.03 -77.47 91.56
CA GLU A 1402 -89.14 -79.73 94.47
CA LEU A 1403 -90.90 -77.17 96.63
CA TYR A 1404 -94.17 -78.46 95.15
CA TYR A 1405 -93.71 -81.89 96.66
CA ARG A 1406 -92.51 -80.21 99.82
CA ALA A 1407 -95.63 -78.03 99.84
CA ILE A 1408 -97.98 -80.93 99.02
CA GLN A 1409 -96.65 -82.59 102.16
CA PHE A 1410 -97.08 -79.44 104.25
CA TYR A 1411 -100.67 -78.80 103.17
CA LEU A 1412 -101.47 -82.50 103.50
CA GLU A 1413 -100.28 -82.76 107.10
CA PHE A 1414 -101.66 -79.45 108.44
CA LYS A 1415 -104.23 -78.21 105.85
CA PRO A 1416 -106.20 -81.12 104.27
CA LEU A 1417 -109.14 -79.20 102.81
CA LEU A 1418 -106.86 -76.87 100.90
CA LEU A 1419 -104.72 -79.68 99.45
CA ASN A 1420 -106.93 -80.25 96.42
CA ASP A 1421 -107.28 -76.63 95.32
CA LEU A 1422 -103.51 -76.38 95.80
CA LEU A 1423 -102.92 -79.48 93.77
CA MET A 1424 -104.97 -77.97 90.95
CA VAL A 1425 -102.47 -75.09 90.63
CA LEU A 1426 -99.45 -77.39 90.88
CA SER A 1427 -100.76 -79.68 88.09
CA PRO A 1428 -98.86 -78.23 85.06
CA ARG A 1429 -95.42 -78.93 86.57
CA LEU A 1430 -96.36 -81.75 88.93
CA ASP A 1431 -95.02 -85.28 88.31
CA HIS A 1432 -98.42 -86.97 88.82
CA THR A 1433 -96.98 -90.47 89.03
CA ARG A 1434 -94.67 -89.20 91.75
CA ALA A 1435 -97.61 -87.41 93.36
CA VAL A 1436 -99.99 -90.31 93.31
CA ASN A 1437 -97.33 -92.68 94.64
CA TYR A 1438 -96.81 -90.45 97.70
CA PHE A 1439 -100.53 -90.08 98.47
CA SER A 1440 -100.84 -93.85 98.10
CA LYS A 1441 -97.95 -94.77 100.40
CA VAL A 1442 -99.43 -92.16 102.74
CA LYS A 1443 -102.83 -93.87 102.25
CA GLN A 1444 -104.57 -90.59 101.48
CA LEU A 1445 -105.89 -91.22 97.96
CA PRO A 1446 -109.55 -90.75 98.92
CA LEU A 1447 -108.79 -87.11 99.80
CA VAL A 1448 -107.13 -86.22 96.53
CA LYS A 1449 -109.90 -87.72 94.49
CA PRO A 1450 -110.96 -84.34 92.91
CA TYR A 1451 -107.39 -83.94 91.72
CA LEU A 1452 -107.16 -87.46 90.42
CA ARG A 1453 -110.19 -87.01 88.19
CA SER A 1454 -108.76 -83.63 87.09
CA VAL A 1455 -105.63 -85.47 85.90
CA GLN A 1456 -106.80 -88.94 84.89
CA ASN A 1457 -107.21 -87.63 81.34
CA HIS A 1458 -103.42 -88.12 81.01
CA ASN A 1459 -104.12 -91.87 80.88
CA ASN A 1460 -101.52 -92.15 83.59
CA LYS A 1461 -101.21 -95.65 85.08
CA SER A 1462 -100.77 -95.05 88.80
CA VAL A 1463 -103.61 -92.56 88.34
CA ASN A 1464 -106.13 -94.96 86.81
CA GLU A 1465 -105.19 -97.83 89.09
CA SER A 1466 -105.37 -95.47 92.02
CA LEU A 1467 -108.55 -93.85 90.82
CA ASN A 1468 -110.25 -97.18 90.08
CA ASN A 1469 -109.57 -98.55 93.55
CA LEU A 1470 -111.67 -95.64 94.78
CA PHE A 1471 -114.64 -96.27 92.53
CA ILE A 1472 -114.43 -99.81 93.79
CA THR A 1473 -114.28 -99.18 97.55
CA GLU A 1474 -117.11 -96.74 97.06
CA GLU A 1475 -119.08 -99.27 95.03
CA ASP A 1476 -119.29 -96.79 92.14
CA TYR A 1477 -119.43 -99.22 89.19
CA GLN A 1478 -120.77 -96.81 86.58
CA ALA A 1479 -117.76 -94.62 87.24
CA LEU A 1480 -115.45 -97.64 87.07
CA ARG A 1481 -116.94 -98.72 83.76
CA THR A 1482 -116.28 -95.34 82.14
CA SER A 1483 -112.77 -95.18 83.60
CA ILE A 1484 -111.75 -98.53 82.15
CA ASP A 1485 -113.45 -97.41 78.94
CA ALA A 1486 -111.98 -93.94 78.45
CA TYR A 1487 -108.49 -94.66 79.89
CA ASP A 1488 -106.73 -97.98 79.21
CA ASN A 1489 -103.41 -97.78 81.07
CA PHE A 1490 -104.00 -100.38 83.81
CA ASP A 1491 -103.71 -104.09 84.60
CA ASN A 1492 -107.10 -105.48 83.49
CA ILE A 1493 -106.34 -109.06 84.50
CA SER A 1494 -105.42 -107.97 88.01
CA LEU A 1495 -108.62 -105.92 88.15
CA ALA A 1496 -110.52 -108.70 86.44
CA GLN A 1497 -109.29 -111.18 89.01
CA ARG A 1498 -109.91 -108.82 91.89
CA LEU A 1499 -113.47 -108.14 90.67
CA GLU A 1500 -114.80 -111.60 89.35
CA LYS A 1501 -115.66 -113.11 92.64
CA HIS A 1502 -117.63 -110.00 93.60
CA GLU A 1503 -121.04 -110.51 95.17
CA LEU A 1504 -122.70 -107.69 93.25
CA ILE A 1505 -124.19 -108.63 89.89
CA GLU A 1506 -123.20 -105.38 88.25
CA PHE A 1507 -119.59 -106.25 88.93
CA ARG A 1508 -119.71 -109.94 88.08
CA ARG A 1509 -121.14 -108.79 84.76
CA ILE A 1510 -118.17 -106.46 84.33
CA ALA A 1511 -115.73 -109.26 85.02
CA ALA A 1512 -117.35 -111.24 82.23
CA TYR A 1513 -117.06 -108.19 79.99
CA LEU A 1514 -113.34 -107.85 80.89
CA PHE A 1515 -112.55 -111.50 80.09
CA LYS A 1516 -114.29 -110.74 76.68
CA GLY A 1517 -114.21 -106.84 76.02
CA ASN A 1518 -110.58 -107.48 76.38
CA ASN A 1519 -111.53 -110.06 73.82
CA ARG A 1520 -111.17 -112.90 76.24
CA TRP A 1521 -114.29 -114.53 74.85
CA LYS A 1522 -113.48 -117.95 76.28
CA GLN A 1523 -113.62 -116.52 79.77
CA SER A 1524 -116.69 -114.47 79.12
CA VAL A 1525 -118.51 -117.60 78.02
CA GLU A 1526 -117.33 -119.67 80.96
CA LEU A 1527 -118.33 -116.82 83.26
CA CYS A 1528 -121.68 -116.61 81.51
CA LYS A 1529 -122.09 -120.33 82.12
CA LYS A 1530 -122.61 -119.55 85.87
CA ASP A 1531 -124.78 -116.87 84.88
CA SER A 1532 -124.31 -117.67 81.36
CA LEU A 1533 -127.65 -116.15 80.36
CA TYR A 1534 -129.78 -116.49 77.29
CA LYS A 1535 -129.32 -112.86 76.35
CA ASP A 1536 -125.83 -111.53 75.52
CA ALA A 1537 -124.77 -115.08 74.93
CA MET A 1538 -126.62 -114.89 71.66
CA GLN A 1539 -125.09 -111.54 70.90
CA TYR A 1540 -121.45 -112.19 71.59
CA ALA A 1541 -121.32 -115.82 70.50
CA SER A 1542 -121.47 -114.49 66.99
CA GLU A 1543 -118.43 -112.33 67.69
CA SER A 1544 -116.77 -115.47 69.07
CA LYS A 1545 -113.97 -115.48 67.14
CA ASP A 1546 -114.06 -119.26 67.59
CA THR A 1547 -116.95 -120.60 65.65
CA GLU A 1548 -116.44 -124.10 66.94
CA LEU A 1549 -117.38 -122.84 69.96
CA ALA A 1550 -120.59 -122.79 67.93
CA GLU A 1551 -120.68 -126.56 67.79
CA GLU A 1552 -119.62 -126.77 71.39
CA LEU A 1553 -122.30 -124.32 72.41
CA LEU A 1554 -125.00 -126.01 70.42
CA GLN A 1555 -124.34 -129.25 72.19
CA TRP A 1556 -124.08 -127.52 75.53
CA PHE A 1557 -127.38 -125.69 75.23
CA LEU A 1558 -129.19 -128.75 74.07
CA GLN A 1559 -127.69 -130.97 76.74
CA GLU A 1560 -127.73 -128.46 79.57
CA GLU A 1561 -131.47 -127.98 79.31
CA LYS A 1562 -131.67 -125.57 76.31
CA ARG A 1563 -134.11 -124.87 76.00
CA GLU A 1564 -133.29 -125.81 72.60
CA CYS A 1565 -136.42 -126.16 70.51
CA PHE A 1566 -137.44 -122.55 70.93
CA GLY A 1567 -133.91 -121.22 70.75
CA ALA A 1568 -133.38 -123.33 67.66
CA CYS A 1569 -136.20 -121.56 65.93
CA LEU A 1570 -134.76 -118.21 66.77
CA PHE A 1571 -131.29 -119.51 66.07
CA THR A 1572 -132.34 -120.56 62.59
CA CYS A 1573 -133.45 -117.00 62.03
CA TYR A 1574 -130.09 -115.58 63.00
CA ASP A 1575 -128.36 -117.93 60.80
CA LEU A 1576 -126.27 -115.82 59.02
CA LEU A 1577 -123.21 -119.32 59.05
CA ARG A 1578 -122.40 -123.26 58.63
CA PRO A 1579 -124.03 -126.37 58.98
CA ASP A 1580 -126.24 -128.48 58.22
CA VAL A 1581 -124.43 -131.01 59.98
CA VAL A 1582 -126.25 -129.81 63.05
CA LEU A 1583 -129.55 -130.38 61.35
CA GLU A 1584 -128.55 -133.85 60.29
CA THR A 1585 -126.94 -134.63 63.61
CA ALA A 1586 -129.96 -133.35 65.47
CA TRP A 1587 -131.98 -136.07 63.82
CA ARG A 1588 -129.78 -138.58 65.57
CA HIS A 1589 -131.19 -137.15 68.75
CA ASN A 1590 -134.88 -136.62 69.04
CA ILE A 1591 -135.86 -134.17 66.30
CA MET A 1592 -138.86 -133.11 68.24
CA ASP A 1593 -136.35 -130.56 69.36
CA PHE A 1594 -135.32 -130.04 65.82
CA ALA A 1595 -138.21 -128.18 64.91
CA MET A 1596 -137.96 -124.97 64.89
CA PRO A 1597 -138.73 -124.09 61.54
CA TYR A 1598 -140.54 -121.40 61.18
CA PHE A 1599 -137.70 -119.15 60.79
CA ILE A 1600 -135.52 -121.65 59.27
CA GLN A 1601 -138.36 -120.78 56.83
CA VAL A 1602 -137.01 -117.25 56.54
CA MET A 1603 -133.61 -118.58 55.54
CA LYS A 1604 -135.17 -120.84 53.01
CA GLU A 1605 -137.08 -117.81 51.55
CA TYR A 1606 -133.66 -116.22 51.25
CA LEU A 1607 -132.20 -119.09 49.20
CA THR A 1608 -135.13 -119.17 46.89
CA LYS A 1609 -134.89 -115.46 46.27
CA VAL A 1610 -131.22 -115.95 45.33
CA ASP A 1611 -132.07 -118.67 42.80
CA LYS A 1612 -134.99 -116.83 41.34
CA LEU A 1613 -132.61 -113.93 41.06
CA ASP A 1614 -129.67 -115.71 39.43
CA ALA A 1615 -132.19 -117.23 37.08
CA SER A 1616 -133.37 -113.85 35.84
CA GLU A 1617 -129.70 -112.94 35.50
CA SER A 1618 -128.71 -115.93 33.32
CA LEU A 1619 -131.86 -115.46 31.24
CA ARG A 1620 -130.95 -111.78 30.75
CA LYS A 1621 -127.56 -113.04 29.42
CA GLU A 1622 -128.95 -115.73 27.17
CA GLU A 1623 -131.18 -113.08 25.70
CA GLU A 1624 -127.98 -111.08 25.03
CA GLN A 1625 -125.76 -113.71 23.41
CA ALA A 1626 -128.83 -114.75 21.49
CA THR A 1627 -129.52 -111.31 20.09
CA GLU A 1628 -125.86 -110.77 19.15
CA THR A 1629 -125.41 -114.07 17.27
CA GLN A 1630 -128.42 -113.11 15.34
CA VAL B 1 -73.02 -45.14 132.48
CA ASP B 2 -74.23 -44.60 128.93
CA ARG B 3 -72.54 -47.78 127.76
CA LEU B 4 -74.16 -49.79 130.54
CA GLN B 5 -77.59 -48.45 129.64
CA SER B 6 -77.12 -49.40 126.00
CA GLU B 7 -76.12 -52.93 126.94
CA PRO B 8 -79.19 -53.32 129.12
CA GLU B 9 -81.67 -51.95 126.52
CA SER B 10 -80.34 -54.31 123.88
CA ILE B 11 -80.66 -57.27 126.23
CA ARG B 12 -84.25 -56.38 127.02
CA LYS B 13 -85.12 -56.18 123.34
CA TRP B 14 -83.62 -59.59 122.68
CA ARG B 15 -85.61 -61.13 125.51
CA GLU B 16 -88.83 -59.67 124.17
CA GLU B 17 -88.15 -61.06 120.72
CA GLN B 18 -87.52 -64.52 122.11
CA THR B 19 -90.78 -64.46 124.04
CA GLU B 20 -92.71 -63.47 120.94
CA ARG B 21 -91.19 -66.31 118.96
CA LEU B 22 -92.13 -68.82 121.64
CA GLU B 23 -95.71 -67.60 121.68
CA ALA B 24 -95.97 -67.96 117.91
CA LEU B 25 -94.67 -71.51 118.04
CA ASP B 26 -97.20 -72.45 120.69
CA ALA B 27 -100.05 -71.04 118.62
CA ASN B 28 -98.95 -73.02 115.58
CA SER B 29 -98.84 -76.23 117.58
CA ARG B 30 -102.34 -75.66 118.89
CA LYS B 31 -103.67 -75.09 115.39
CA GLN B 32 -102.10 -78.31 114.15
CA GLU B 33 -103.65 -80.27 116.99
CA ALA B 34 -107.09 -78.87 116.22
CA GLU B 35 -106.77 -79.82 112.56
CA TRP B 36 -105.81 -83.36 113.47
CA LYS B 37 -108.51 -84.47 116.78
CA GLU B 38 -110.44 -83.01 113.87
CA LYS B 39 -108.50 -85.10 111.39
CA ALA B 40 -109.20 -88.26 113.35
CA ILE B 41 -112.92 -87.52 113.43
CA LYS B 42 -112.99 -86.99 109.69
CA GLU B 43 -111.25 -90.29 109.06
CA LEU B 44 -113.75 -92.12 111.26
CA ASP B 45 -116.67 -90.60 109.38
CA GLU B 46 -115.22 -91.65 106.05
CA TRP B 47 -114.78 -95.21 107.25
CA TYR B 48 -118.37 -95.38 108.43
CA ALA B 49 -119.64 -94.15 105.08
CA ARG B 50 -117.63 -96.77 103.24
CA GLN B 51 -119.03 -99.53 105.43
CA ASP B 52 -122.58 -98.38 104.80
CA GLU B 53 -122.01 -98.39 101.04
CA GLN B 54 -120.65 -101.92 101.16
CA LEU B 55 -123.66 -103.13 103.10
CA GLN B 56 -126.04 -101.59 100.59
CA LYS B 57 -124.25 -103.26 97.70
CA THR B 58 -124.45 -106.64 99.39
CA LYS B 59 -128.18 -106.25 99.96
CA ALA B 60 -128.75 -105.38 96.33
CA ASN B 61 -126.84 -108.44 95.18
CA ASN B 62 -128.89 -110.69 97.43
CA ARG B 63 -132.13 -109.27 96.07
CA VAL B 64 -131.02 -109.88 92.50
CA ALA B 65 -130.15 -113.47 93.28
CA ASP B 66 -133.55 -114.08 94.83
CA GLU B 67 -135.30 -112.67 91.79
CA ALA B 68 -133.32 -114.91 89.47
CA PHE B 69 -134.22 -117.98 91.50
CA TYR B 70 -137.90 -117.10 91.39
CA MET C 1 0.33 -183.49 -292.27
CA ALA C 2 -0.44 -183.72 -288.52
CA GLN C 3 -0.37 -187.32 -287.52
CA ILE C 4 -1.90 -187.97 -284.12
CA LEU C 5 -5.03 -186.38 -282.83
CA PRO C 6 -4.02 -184.24 -279.78
CA ILE C 7 -7.59 -183.35 -278.69
CA ARG C 8 -10.97 -185.11 -278.37
CA PHE C 9 -13.98 -183.43 -279.96
CA GLN C 10 -17.16 -184.84 -278.34
CA GLU C 11 -20.86 -184.06 -278.80
CA HIS C 12 -22.59 -184.58 -275.46
CA LEU C 13 -26.12 -184.06 -276.59
CA GLN C 14 -28.12 -182.66 -279.49
CA LEU C 15 -30.72 -180.26 -278.19
CA GLN C 16 -33.33 -180.64 -280.87
CA ASN C 17 -33.44 -184.33 -279.94
CA LEU C 18 -34.97 -183.01 -276.75
CA GLY C 19 -37.43 -181.35 -279.00
CA ILE C 20 -36.24 -177.83 -278.27
CA ASN C 21 -37.33 -175.09 -280.63
CA PRO C 22 -34.12 -174.04 -282.43
CA ALA C 23 -35.41 -170.49 -282.31
CA ASN C 24 -34.61 -170.73 -278.64
CA ILE C 25 -31.02 -171.92 -278.92
CA GLY C 26 -29.38 -168.54 -278.64
CA PHE C 27 -27.51 -166.07 -276.43
CA SER C 28 -30.64 -164.60 -275.01
CA THR C 29 -32.69 -167.69 -274.51
CA LEU C 30 -30.01 -170.26 -273.73
CA THR C 31 -27.54 -170.07 -270.88
CA MET C 32 -24.73 -172.29 -269.70
CA GLU C 33 -23.21 -171.04 -266.37
CA SER C 34 -21.36 -174.29 -265.79
CA ASP C 35 -21.15 -177.75 -267.39
CA LYS C 36 -23.84 -178.83 -264.92
CA PHE C 37 -27.04 -177.43 -266.43
CA ILE C 38 -28.27 -175.79 -269.58
CA CYS C 39 -31.31 -173.60 -269.27
CA ILE C 40 -33.61 -172.57 -272.14
CA ARG C 41 -36.51 -170.12 -271.95
CA GLU C 42 -39.30 -171.29 -274.38
CA LYS C 43 -42.83 -170.03 -275.13
CA VAL C 44 -44.63 -173.30 -275.63
CA GLY C 45 -47.75 -172.25 -277.41
CA GLU C 46 -48.77 -169.00 -275.81
CA GLN C 47 -47.13 -170.11 -272.56
CA ALA C 48 -43.67 -169.31 -271.26
CA GLN C 49 -41.50 -171.86 -269.57
CA VAL C 50 -37.96 -172.73 -268.58
CA VAL C 51 -36.40 -175.95 -269.60
CA ILE C 52 -33.56 -177.02 -267.35
CA ILE C 53 -31.24 -179.66 -268.68
CA ASP C 54 -29.11 -181.32 -266.05
CA MET C 55 -26.10 -182.53 -267.84
CA ASN C 56 -26.04 -185.50 -265.60
CA ASP C 57 -29.09 -187.08 -267.21
CA PRO C 58 -29.69 -184.80 -270.16
CA SER C 59 -32.23 -187.23 -271.48
CA ASN C 60 -34.68 -185.77 -269.04
CA PRO C 61 -35.16 -181.97 -268.96
CA ILE C 62 -37.13 -180.21 -266.14
CA ARG C 63 -39.76 -177.79 -267.47
CA ARG C 64 -41.55 -175.05 -265.49
CA PRO C 65 -43.87 -172.27 -266.60
CA ILE C 66 -41.91 -169.26 -265.68
CA SER C 67 -42.12 -165.90 -267.32
CA ALA C 68 -38.73 -164.27 -266.93
CA ASP C 69 -36.73 -161.81 -268.96
CA SER C 70 -33.88 -164.14 -268.10
CA ALA C 71 -32.91 -167.23 -266.15
CA ILE C 72 -29.51 -168.55 -265.14
CA MET C 73 -28.90 -171.64 -263.04
CA ASN C 74 -26.47 -172.05 -260.17
CA PRO C 75 -23.12 -173.43 -261.23
CA ALA C 76 -23.75 -176.34 -258.96
CA SER C 77 -27.04 -176.54 -257.22
CA LYS C 78 -30.65 -176.66 -258.31
CA VAL C 79 -31.04 -172.96 -257.54
CA ILE C 80 -32.10 -170.63 -260.37
CA ALA C 81 -31.96 -166.86 -260.67
CA LEU C 82 -34.92 -165.41 -262.53
CA LYS C 83 -35.16 -161.83 -263.60
CA ALA C 84 -38.47 -160.11 -264.23
CA GLY C 85 -37.47 -156.78 -265.67
CA LYS C 86 -36.02 -155.28 -262.49
CA THR C 87 -37.13 -157.74 -259.91
CA LEU C 88 -34.42 -160.33 -259.42
CA GLN C 89 -35.44 -163.58 -257.75
CA ILE C 90 -33.33 -166.59 -256.61
CA PHE C 91 -35.58 -169.65 -256.42
CA ASN C 92 -34.86 -173.19 -255.33
CA ILE C 93 -35.95 -175.38 -258.28
CA GLU C 94 -35.16 -178.43 -256.14
CA MET C 95 -37.74 -177.79 -253.44
CA LYS C 96 -39.73 -175.11 -255.24
CA SER C 97 -39.12 -172.58 -252.46
CA LYS C 98 -38.32 -168.91 -253.11
CA MET C 99 -34.90 -168.19 -251.68
CA LYS C 100 -34.55 -164.45 -252.11
CA ALA C 101 -35.45 -161.47 -254.32
CA HIS C 102 -34.63 -157.82 -254.94
CA THR C 103 -35.93 -155.10 -257.17
CA MET C 104 -32.97 -153.38 -258.64
CA THR C 105 -33.18 -149.59 -259.07
CA ASP C 106 -31.96 -149.78 -262.63
CA ASP C 107 -32.31 -152.76 -264.98
CA VAL C 108 -29.73 -155.49 -264.83
CA THR C 109 -28.25 -155.45 -268.24
CA PHE C 110 -26.29 -158.72 -268.03
CA TRP C 111 -25.83 -161.01 -265.05
CA LYS C 112 -24.13 -164.33 -264.27
CA TRP C 113 -23.15 -166.62 -261.47
CA ILE C 114 -19.50 -166.00 -260.65
CA SER C 115 -19.46 -168.74 -258.10
CA LEU C 116 -21.33 -171.34 -256.18
CA ASN C 117 -23.34 -168.62 -254.50
CA THR C 118 -22.91 -165.16 -255.89
CA VAL C 119 -24.58 -163.59 -258.92
CA ALA C 120 -23.04 -160.62 -260.75
CA LEU C 121 -25.48 -157.91 -261.87
CA VAL C 122 -24.32 -155.60 -264.54
CA THR C 123 -26.17 -152.36 -264.70
CA ASP C 124 -25.83 -149.71 -267.25
CA ASN C 125 -23.49 -148.00 -264.80
CA ALA C 126 -22.28 -150.53 -262.30
CA VAL C 127 -21.47 -154.13 -261.51
CA TYR C 128 -22.77 -155.55 -258.17
CA HIS C 129 -22.38 -158.97 -256.61
CA TRP C 130 -25.38 -160.60 -254.90
CA SER C 131 -24.87 -163.53 -252.58
CA MET C 132 -27.65 -166.09 -252.64
CA GLU C 133 -26.98 -166.35 -248.93
CA GLY C 134 -28.96 -164.61 -246.21
CA GLU C 135 -30.95 -161.41 -246.14
CA SER C 136 -28.02 -159.61 -247.78
CA GLN C 137 -28.65 -157.35 -250.74
CA PRO C 138 -26.64 -156.59 -253.97
CA VAL C 139 -23.26 -154.93 -253.26
CA LYS C 140 -21.72 -152.55 -255.81
CA MET C 141 -18.13 -153.60 -256.64
CA PHE C 142 -17.36 -150.86 -259.08
CA ASP C 143 -18.66 -148.45 -261.67
CA ARG C 144 -18.56 -149.15 -265.33
CA HIS C 145 -15.59 -147.57 -267.02
CA SER C 146 -16.44 -145.28 -269.91
CA SER C 147 -14.71 -147.15 -272.66
CA LEU C 148 -17.58 -149.58 -272.34
CA ALA C 149 -20.36 -147.03 -272.83
CA GLY C 150 -23.03 -148.24 -275.21
CA CYS C 151 -21.32 -151.66 -275.48
CA GLN C 152 -23.20 -154.91 -275.84
CA ILE C 153 -22.05 -156.59 -272.59
CA ILE C 154 -21.05 -160.16 -273.41
CA ASN C 155 -19.24 -161.41 -270.33
CA TYR C 156 -18.03 -160.85 -266.78
CA ARG C 157 -15.28 -162.82 -265.08
CA THR C 158 -13.41 -162.87 -261.80
CA ASP C 159 -10.18 -164.37 -260.56
CA ALA C 160 -10.50 -167.22 -258.04
CA LYS C 161 -10.13 -164.80 -255.19
CA GLN C 162 -12.58 -162.30 -256.67
CA LYS C 163 -9.98 -159.65 -256.16
CA TRP C 164 -9.75 -158.82 -259.93
CA LEU C 165 -12.94 -158.46 -261.96
CA LEU C 166 -13.22 -158.16 -265.73
CA LEU C 167 -16.13 -156.80 -267.76
CA THR C 168 -16.37 -157.21 -271.57
CA GLY C 169 -18.55 -155.67 -274.16
CA ILE C 170 -18.32 -155.41 -277.93
CA SER C 171 -19.15 -152.69 -280.44
CA ALA C 172 -19.58 -152.57 -284.20
CA GLN C 173 -17.25 -149.73 -284.59
CA GLN C 174 -16.60 -148.62 -288.06
CA ASN C 175 -17.34 -152.04 -289.62
CA ARG C 176 -15.53 -154.33 -287.04
CA VAL C 177 -16.77 -155.96 -283.85
CA VAL C 178 -14.49 -154.24 -281.45
CA GLY C 179 -14.27 -155.62 -277.87
CA ALA C 180 -13.90 -153.53 -274.75
CA MET C 181 -12.73 -154.90 -271.43
CA GLN C 182 -12.61 -153.22 -268.04
CA LEU C 183 -10.19 -154.86 -265.60
CA TYR C 184 -11.03 -153.63 -262.07
CA SER C 185 -8.74 -154.14 -259.07
CA VAL C 186 -10.68 -154.72 -255.88
CA ASP C 187 -7.89 -154.41 -253.38
CA ARG C 188 -6.17 -151.49 -255.14
CA LYS C 189 -9.53 -149.90 -256.02
CA VAL C 190 -8.24 -149.00 -259.51
CA SER C 191 -9.61 -149.96 -262.89
CA GLN C 192 -8.18 -150.05 -266.42
CA PRO C 193 -9.42 -150.44 -269.97
CA ILE C 194 -8.05 -153.13 -272.34
CA GLU C 195 -9.12 -153.92 -275.91
CA GLY C 196 -10.02 -157.54 -275.72
CA HIS C 197 -12.34 -160.05 -277.18
CA ALA C 198 -12.13 -162.99 -274.83
CA ALA C 199 -10.25 -163.74 -271.59
CA SER C 200 -10.04 -165.81 -268.47
CA PHE C 201 -7.94 -165.87 -265.28
CA ALA C 202 -5.88 -168.83 -264.07
CA GLN C 203 -3.95 -169.91 -260.98
CA PHE C 204 -0.54 -171.15 -262.02
CA LYS C 205 2.30 -172.15 -259.74
CA MET C 206 5.48 -171.36 -261.66
CA GLU C 207 8.46 -173.66 -261.75
CA GLY C 208 10.36 -172.93 -258.56
CA ASN C 209 7.78 -170.83 -256.69
CA ALA C 210 5.71 -171.98 -253.75
CA GLU C 211 2.69 -169.96 -254.52
CA GLU C 212 0.37 -169.90 -257.47
CA SER C 213 0.47 -166.84 -259.56
CA THR C 214 -2.86 -165.42 -260.67
CA LEU C 215 -2.78 -164.96 -264.38
CA PHE C 216 -5.12 -163.04 -266.63
CA CYS C 217 -5.18 -164.22 -270.19
CA PHE C 218 -6.98 -162.41 -272.93
CA ALA C 219 -7.20 -162.42 -276.68
CA VAL C 220 -8.17 -159.91 -279.29
CA ARG C 221 -8.06 -159.23 -282.94
CA GLY C 222 -7.05 -155.60 -283.50
CA GLN C 223 -5.54 -153.61 -286.39
CA ALA C 224 -2.29 -155.43 -285.77
CA GLY C 225 -4.05 -158.71 -285.96
CA GLY C 226 -5.04 -161.04 -283.21
CA LYS C 227 -2.88 -161.56 -280.22
CA LEU C 228 -3.11 -163.44 -276.99
CA HIS C 229 -1.67 -162.00 -273.78
CA ILE C 230 -0.93 -163.89 -270.57
CA ILE C 231 0.06 -161.62 -267.67
CA GLU C 232 0.33 -162.01 -263.89
CA VAL C 233 -2.13 -159.85 -262.08
CA GLY C 234 -1.25 -158.05 -258.83
CA THR C 235 1.75 -158.62 -256.50
CA PRO C 236 3.47 -161.97 -256.49
CA PRO C 237 3.15 -163.89 -253.27
CA THR C 238 6.10 -162.85 -251.18
CA GLY C 239 9.03 -165.01 -252.19
CA ASN C 240 7.72 -165.75 -255.67
CA GLN C 241 9.66 -164.91 -258.79
CA PRO C 242 7.34 -162.94 -260.98
CA PHE C 243 5.72 -164.50 -264.06
CA PRO C 244 7.07 -162.94 -267.25
CA LYS C 245 4.16 -161.39 -269.13
CA LYS C 246 3.59 -163.15 -272.51
CA ALA C 247 2.16 -162.18 -275.90
CA VAL C 248 1.56 -164.46 -278.86
CA ASP C 249 -0.37 -163.81 -282.01
CA VAL C 250 -3.49 -165.82 -282.78
CA PHE C 251 -3.74 -166.70 -286.43
CA PHE C 252 -6.74 -166.23 -288.66
CA PRO C 253 -6.77 -167.77 -292.10
CA PRO C 254 -7.85 -165.69 -295.11
CA GLU C 255 -11.01 -167.76 -295.30
CA ALA C 256 -11.54 -166.64 -291.70
CA GLN C 257 -12.38 -163.23 -293.11
CA ASN C 258 -13.69 -161.31 -290.19
CA ASP C 259 -13.43 -163.89 -287.46
CA PHE C 260 -12.47 -162.81 -283.92
CA PRO C 261 -12.14 -164.38 -280.43
CA VAL C 262 -15.34 -165.20 -278.70
CA ALA C 263 -14.65 -167.55 -275.79
CA MET C 264 -11.78 -168.78 -273.65
CA GLN C 265 -11.37 -171.35 -270.91
CA ILE C 266 -8.18 -172.60 -269.44
CA SER C 267 -7.46 -176.09 -268.20
CA GLU C 268 -5.92 -175.89 -264.81
CA LYS C 269 -5.30 -179.59 -265.05
CA HIS C 270 -3.09 -179.20 -268.18
CA ASP C 271 -2.26 -175.45 -268.23
CA VAL C 272 -3.60 -175.08 -271.70
CA VAL C 273 -5.63 -172.16 -272.98
CA PHE C 274 -8.64 -172.98 -275.11
CA LEU C 275 -9.75 -170.23 -277.46
CA ILE C 276 -12.90 -170.36 -279.65
CA THR C 277 -13.48 -167.87 -282.48
CA LYS C 278 -16.71 -166.45 -283.89
CA TYR C 279 -16.63 -168.81 -286.91
CA GLY C 280 -16.20 -172.04 -284.97
CA TYR C 281 -12.38 -172.35 -284.78
CA ILE C 282 -10.51 -173.69 -281.78
CA HIS C 283 -6.92 -173.09 -280.64
CA LEU C 284 -4.97 -174.55 -277.77
CA TYR C 285 -2.09 -172.51 -276.34
CA ASP C 286 0.36 -173.41 -273.61
CA LEU C 287 -0.56 -171.25 -270.59
CA GLU C 288 2.96 -170.76 -269.31
CA THR C 289 4.62 -169.81 -272.61
CA GLY C 290 1.78 -168.93 -274.90
CA THR C 291 3.04 -171.38 -277.45
CA CYS C 292 0.33 -172.41 -279.93
CA ILE C 293 -0.17 -176.14 -279.69
CA TYR C 294 -3.13 -176.80 -281.96
CA MET C 295 -5.73 -175.12 -284.19
CA ASN C 296 -8.63 -176.46 -286.19
CA ARG C 297 -12.22 -175.86 -286.97
CA ILE C 298 -14.84 -177.78 -285.11
CA SER C 299 -18.03 -175.88 -285.87
CA GLY C 300 -19.33 -173.88 -288.77
CA GLU C 301 -22.06 -172.42 -286.66
CA THR C 302 -21.04 -170.19 -283.73
CA ILE C 303 -20.51 -171.63 -280.26
CA PHE C 304 -22.37 -168.85 -278.45
CA VAL C 305 -21.79 -170.02 -274.90
CA THR C 306 -19.18 -172.07 -273.10
CA ALA C 307 -17.81 -173.18 -269.79
CA PRO C 308 -15.03 -175.15 -268.48
CA HIS C 309 -15.63 -178.90 -268.72
CA GLU C 310 -14.66 -180.25 -265.37
CA ALA C 311 -14.65 -183.92 -266.26
CA THR C 312 -12.06 -183.47 -268.91
CA ALA C 313 -10.50 -180.18 -267.95
CA GLY C 314 -11.52 -178.90 -271.35
CA ILE C 315 -14.12 -176.63 -272.80
CA ILE C 316 -17.86 -177.33 -273.48
CA GLY C 317 -20.23 -175.06 -275.38
CA VAL C 318 -23.40 -174.98 -277.43
CA ASN C 319 -23.76 -173.75 -281.00
CA ARG C 320 -26.67 -172.61 -283.13
CA LYS C 321 -27.65 -176.12 -284.29
CA GLY C 322 -28.15 -177.19 -280.72
CA GLN C 323 -24.98 -179.19 -280.49
CA VAL C 324 -23.51 -179.31 -277.04
CA LEU C 325 -19.82 -179.78 -278.04
CA SER C 326 -16.70 -180.18 -276.04
CA VAL C 327 -12.92 -180.21 -276.70
CA CYS C 328 -10.09 -181.31 -274.45
CA VAL C 329 -6.45 -182.52 -274.45
CA GLU C 330 -6.12 -186.23 -275.18
CA GLU C 331 -3.72 -186.94 -272.32
CA GLU C 332 -2.26 -189.85 -274.11
CA ASN C 333 -1.60 -188.13 -277.46
CA ILE C 334 -0.44 -184.61 -276.63
CA ILE C 335 3.14 -185.16 -275.49
CA PRO C 336 3.70 -187.40 -278.63
CA TYR C 337 1.97 -184.77 -280.77
CA ILE C 338 4.20 -181.92 -279.48
CA THR C 339 7.27 -184.09 -280.04
CA ASN C 340 6.44 -185.47 -283.50
CA VAL C 341 4.00 -183.10 -285.17
CA LEU C 342 5.16 -179.87 -283.40
CA GLN C 343 8.67 -181.22 -283.40
CA ASN C 344 9.15 -179.42 -280.14
CA PRO C 345 10.59 -181.99 -277.68
CA ASP C 346 11.52 -179.34 -275.24
CA LEU C 347 7.93 -178.07 -274.87
CA ALA C 348 6.98 -181.75 -274.82
CA LEU C 349 9.22 -182.75 -271.93
CA ARG C 350 8.29 -179.67 -269.95
CA MET C 351 4.62 -180.06 -270.45
CA ALA C 352 5.08 -183.82 -269.70
CA VAL C 353 6.86 -183.43 -266.38
CA ARG C 354 4.91 -180.31 -265.45
CA ASN C 355 1.67 -182.18 -265.95
CA ASN C 356 2.66 -185.75 -265.39
CA LEU C 357 1.53 -186.70 -268.84
CA ALA C 358 2.93 -189.62 -270.82
CA GLY C 359 4.61 -190.07 -274.15
CA ALA C 360 8.07 -188.74 -273.54
CA GLU C 361 9.55 -191.88 -272.01
CA GLU C 362 12.33 -192.25 -274.60
CA LEU C 363 13.36 -188.64 -274.26
CA PHE C 364 13.58 -189.04 -270.50
CA ALA C 365 15.68 -192.18 -270.53
CA ARG C 366 17.87 -190.45 -273.13
CA LYS C 367 18.17 -187.36 -270.92
CA PHE C 368 18.95 -189.46 -267.84
CA ASN C 369 21.48 -191.59 -269.66
CA ALA C 370 23.06 -188.43 -271.03
CA LEU C 371 23.51 -186.78 -267.68
CA PHE C 372 24.90 -190.08 -266.31
CA ALA C 373 27.95 -189.88 -268.57
CA GLN C 374 28.71 -186.31 -267.75
CA GLY C 375 28.44 -187.98 -264.37
CA ASN C 376 26.05 -185.34 -263.08
CA TYR C 377 24.43 -188.00 -260.97
CA SER C 378 22.59 -185.20 -259.27
CA GLU C 379 20.96 -183.84 -262.39
CA ALA C 380 20.44 -187.40 -263.60
CA ALA C 381 18.50 -188.23 -260.39
CA LYS C 382 16.39 -185.12 -260.60
CA VAL C 383 15.25 -186.41 -264.00
CA ALA C 384 14.43 -189.90 -262.74
CA ALA C 385 12.67 -188.50 -259.71
CA ASN C 386 10.46 -186.17 -261.74
CA ALA C 387 9.92 -187.89 -265.08
CA PRO C 388 6.16 -188.84 -265.28
CA LYS C 389 4.30 -192.00 -264.48
CA GLY C 390 7.30 -193.31 -262.57
CA ILE C 391 9.07 -194.24 -265.72
CA LEU C 392 12.62 -194.05 -264.13
CA ARG C 393 11.79 -194.70 -260.46
CA THR C 394 12.93 -198.21 -261.06
CA PRO C 395 15.03 -200.88 -259.27
CA ASP C 396 17.23 -200.78 -262.23
CA THR C 397 17.56 -197.06 -261.74
CA ILE C 398 18.65 -197.74 -258.14
CA ARG C 399 21.07 -200.46 -259.43
CA ARG C 400 22.52 -197.86 -261.75
CA PHE C 401 23.29 -195.37 -258.99
CA GLN C 402 24.33 -198.19 -256.70
CA SER C 403 27.06 -199.14 -259.21
CA VAL C 404 29.09 -195.96 -259.26
CA PRO C 405 31.70 -195.72 -256.52
CA ALA C 406 31.77 -193.07 -253.86
CA GLN C 407 35.09 -191.30 -254.55
CA PRO C 408 36.40 -189.85 -251.25
CA GLY C 409 34.63 -186.65 -250.23
CA GLN C 410 31.09 -185.89 -251.51
CA THR C 411 27.96 -188.01 -251.13
CA SER C 412 27.18 -191.22 -253.11
CA PRO C 413 25.13 -190.88 -256.28
CA LEU C 414 22.66 -193.27 -254.70
CA LEU C 415 22.39 -191.52 -251.42
CA GLN C 416 22.15 -188.40 -253.55
CA TYR C 417 19.21 -189.83 -255.54
CA PHE C 418 17.51 -191.09 -252.35
CA GLY C 419 18.00 -187.58 -251.07
CA ILE C 420 16.00 -186.15 -253.95
CA LEU C 421 13.30 -188.70 -253.50
CA LEU C 422 13.04 -188.15 -249.74
CA ASP C 423 12.60 -184.48 -250.51
CA GLN C 424 10.24 -185.10 -253.34
CA GLY C 425 8.16 -187.22 -251.01
CA GLN C 426 7.55 -190.76 -249.82
CA LEU C 427 9.59 -193.80 -251.03
CA ASN C 428 8.05 -197.15 -252.16
CA LYS C 429 8.63 -200.58 -250.78
CA TYR C 430 11.73 -201.36 -252.83
CA GLU C 431 13.28 -197.94 -252.31
CA SER C 432 12.65 -197.96 -248.61
CA LEU C 433 14.28 -201.38 -248.39
CA GLU C 434 17.32 -200.28 -250.40
CA LEU C 435 17.59 -197.09 -248.37
CA CYS C 436 17.27 -198.84 -245.03
CA ARG C 437 19.30 -202.00 -245.51
CA PRO C 438 22.76 -200.31 -245.18
CA VAL C 439 21.72 -197.73 -242.49
CA LEU C 440 20.38 -200.59 -240.39
CA GLN C 441 23.77 -202.26 -240.58
CA GLN C 442 25.49 -198.99 -239.69
CA GLY C 443 23.68 -199.07 -236.32
CA ARG C 444 21.81 -195.98 -237.35
CA LYS C 445 18.50 -196.44 -235.50
CA GLN C 446 17.73 -192.84 -234.88
CA LEU C 447 17.87 -192.10 -238.64
CA LEU C 448 15.36 -194.72 -239.70
CA GLU C 449 13.31 -193.60 -236.69
CA LYS C 450 13.02 -190.10 -238.14
CA TRP C 451 12.40 -191.32 -241.66
CA LEU C 452 9.58 -193.41 -240.13
CA LYS C 453 8.03 -190.64 -238.03
CA GLU C 454 8.24 -188.05 -240.74
CA ASP C 455 6.34 -190.80 -242.53
CA LYS C 456 8.81 -191.11 -245.43
CA LEU C 457 9.07 -194.96 -245.72
CA GLU C 458 6.41 -197.28 -247.04
CA CYS C 459 6.70 -199.85 -244.25
CA SER C 460 6.45 -203.51 -245.23
CA GLU C 461 6.66 -206.92 -243.51
CA GLU C 462 10.05 -207.33 -245.19
CA LEU C 463 11.58 -203.98 -244.17
CA GLY C 464 10.43 -205.09 -240.77
CA ASP C 465 12.06 -208.50 -240.97
CA LEU C 466 15.26 -206.66 -241.90
CA VAL C 467 14.99 -204.45 -238.86
CA LYS C 468 14.10 -207.43 -236.64
CA SER C 469 17.62 -208.64 -237.53
CA VAL C 470 18.91 -205.59 -235.67
CA ASP C 471 16.10 -204.33 -233.49
CA PRO C 472 13.31 -206.82 -232.95
CA THR C 473 11.74 -203.96 -230.96
CA LEU C 474 12.07 -201.45 -233.82
CA ALA C 475 10.36 -204.10 -236.01
CA LEU C 476 6.95 -204.06 -234.26
CA SER C 477 6.94 -200.41 -235.14
CA VAL C 478 7.17 -201.03 -238.93
CA TYR C 479 4.99 -204.11 -238.77
CA LEU C 480 2.34 -202.27 -236.81
CA ARG C 481 2.52 -199.88 -239.81
CA ALA C 482 3.01 -202.57 -242.33
CA ASN C 483 1.23 -206.08 -242.92
CA VAL C 484 -0.17 -205.76 -239.43
CA PRO C 485 4.59 -209.10 -241.81
CA ASN C 486 3.75 -209.83 -238.22
CA LYS C 487 5.12 -213.32 -238.21
CA VAL C 488 8.39 -212.18 -239.64
CA ILE C 489 8.83 -209.38 -237.14
CA GLN C 490 8.27 -211.61 -234.17
CA CYS C 491 10.56 -214.15 -235.62
CA PHE C 492 14.01 -212.69 -235.72
CA ALA C 493 12.88 -210.38 -233.02
CA GLU C 494 13.73 -212.73 -230.30
CA THR C 495 15.36 -209.56 -229.25
CA GLY C 496 13.27 -206.45 -229.45
CA GLN C 497 11.08 -204.22 -227.37
CA VAL C 498 8.60 -205.99 -225.17
CA GLN C 499 5.80 -203.55 -225.84
CA LYS C 500 5.93 -204.03 -229.58
CA ILE C 501 6.12 -207.76 -229.18
CA VAL C 502 3.02 -207.94 -227.07
CA LEU C 503 1.00 -206.13 -229.70
CA TYR C 504 2.33 -207.87 -232.79
CA ALA C 505 2.51 -211.41 -231.43
CA LYS C 506 -1.27 -211.58 -231.39
CA LYS C 507 -1.40 -210.65 -235.05
CA VAL C 508 0.97 -213.46 -235.99
CA GLY C 509 0.73 -213.96 -237.52
CA TYR C 510 3.08 -215.40 -237.58
CA THR C 511 2.48 -217.09 -234.29
CA PRO C 512 5.87 -218.74 -233.95
CA ASP C 513 7.37 -215.30 -233.68
CA TRP C 514 5.67 -215.10 -230.33
CA ILE C 515 7.45 -218.19 -229.13
CA PHE C 516 10.66 -216.72 -230.42
CA LEU C 517 9.88 -213.49 -228.65
CA LEU C 518 9.32 -215.24 -225.38
CA ARG C 519 12.69 -216.84 -225.64
CA ASN C 520 14.28 -213.47 -226.11
CA VAL C 521 12.46 -212.01 -223.20
CA MET C 522 13.39 -215.04 -221.19
CA ARG C 523 18.02 -212.80 -219.92
CA ILE C 524 17.30 -209.87 -222.11
CA SER C 525 16.65 -206.18 -221.74
CA PRO C 526 13.48 -207.21 -220.07
CA ASP C 527 13.96 -208.73 -216.67
CA GLN C 528 11.94 -209.83 -213.72
CA GLY C 529 9.80 -207.29 -211.98
CA GLN C 530 7.54 -205.14 -214.02
CA GLN C 531 9.07 -205.17 -217.44
CA PHE C 532 8.36 -206.45 -220.88
CA ALA C 533 9.11 -209.91 -219.63
CA GLN C 534 5.79 -210.74 -218.01
CA MET C 535 3.80 -207.98 -219.60
CA LEU C 536 4.78 -209.34 -222.96
CA VAL C 537 3.20 -212.62 -222.07
CA GLN C 538 -0.03 -210.82 -221.36
CA ASP C 539 -0.52 -209.38 -224.81
CA GLU C 540 0.61 -212.69 -226.21
CA GLU C 541 -2.17 -214.32 -224.29
CA PRO C 542 -2.25 -216.76 -228.05
CA LEU C 543 2.00 -219.29 -229.48
CA ALA C 544 5.12 -220.77 -230.99
CA ASP C 545 7.25 -222.60 -229.50
CA ILE C 546 6.43 -222.50 -225.81
CA THR C 547 9.43 -224.66 -225.11
CA GLN C 548 11.50 -222.30 -227.20
CA ILE C 549 10.53 -219.28 -225.19
CA VAL C 550 11.32 -220.97 -221.92
CA ASP C 551 14.51 -222.46 -223.27
CA VAL C 552 15.74 -219.00 -224.06
CA PHE C 553 14.88 -217.74 -220.61
CA MET C 554 16.53 -220.66 -218.87
CA GLU C 555 19.91 -220.34 -220.56
CA TYR C 556 19.91 -216.67 -219.68
CA ASN C 557 19.12 -217.72 -216.12
CA LEU C 558 16.20 -215.34 -216.47
CA ILE C 559 14.15 -218.00 -214.68
CA GLN C 560 12.88 -215.62 -212.06
CA GLN C 561 11.46 -213.41 -214.79
CA CYS C 562 10.22 -216.34 -216.79
CA THR C 563 8.14 -217.52 -213.89
CA ALA C 564 6.85 -214.00 -213.37
CA PHE C 565 5.57 -213.66 -216.92
CA LEU C 566 4.01 -217.08 -216.89
CA LEU C 567 1.84 -215.84 -214.08
CA ASP C 568 0.56 -213.21 -216.48
CA ALA C 569 0.01 -215.81 -219.16
CA LEU C 570 -2.49 -217.78 -217.14
CA LYS C 571 -4.68 -214.73 -216.97
CA ASN C 572 -5.02 -214.53 -220.70
CA ASN C 573 -7.80 -217.02 -221.00
CA ARG C 574 -7.44 -217.62 -224.69
CA PRO C 575 -3.72 -217.43 -224.66
CA SER C 576 -3.59 -219.98 -221.89
CA GLU C 577 -1.95 -223.79 -223.42
CA GLY C 578 -1.93 -227.47 -220.60
CA PRO C 579 1.28 -228.17 -222.37
CA LEU C 580 2.21 -224.55 -221.92
CA GLN C 581 2.19 -224.84 -218.16
CA THR C 582 3.96 -228.14 -218.29
CA ARG C 583 6.74 -226.82 -220.49
CA LEU C 584 7.13 -223.64 -218.49
CA LEU C 585 7.73 -225.38 -215.23
CA GLU C 586 10.12 -227.79 -216.85
CA MET C 587 12.08 -224.95 -218.33
CA ASN C 588 11.96 -223.13 -215.05
CA LEU C 589 13.46 -226.05 -213.24
CA MET C 590 16.63 -226.08 -215.28
CA HIS C 591 16.46 -222.39 -216.14
CA ALA C 592 15.60 -220.84 -212.81
CA PRO C 593 14.52 -222.91 -209.92
CA GLN C 594 13.45 -219.93 -207.87
CA VAL C 595 10.55 -219.41 -210.22
CA ALA C 596 9.76 -223.10 -210.29
CA ASP C 597 8.10 -223.22 -206.91
CA ALA C 598 6.01 -220.10 -207.38
CA ILE C 599 4.67 -221.41 -210.64
CA LEU C 600 3.70 -224.55 -208.82
CA GLY C 601 1.63 -222.49 -206.53
CA ASN C 602 0.18 -220.33 -209.26
CA GLN C 603 -0.97 -222.90 -211.73
CA MET C 604 1.51 -225.65 -211.90
CA PHE C 605 -0.67 -227.68 -209.69
CA THR C 606 -3.97 -227.61 -211.50
CA HIS C 607 -3.05 -227.45 -215.12
CA TYR C 608 0.21 -229.24 -215.55
CA ASP C 609 1.32 -232.69 -216.56
CA ARG C 610 2.23 -233.56 -213.00
CA ALA C 611 4.08 -236.73 -213.79
CA HIS C 612 6.34 -234.98 -216.24
CA ILE C 613 7.14 -232.13 -213.91
CA ALA C 614 8.08 -234.42 -211.11
CA GLN C 615 10.64 -236.29 -213.12
CA LEU C 616 12.10 -232.98 -214.10
CA CYS C 617 12.24 -231.79 -210.50
CA GLU C 618 13.89 -235.02 -209.43
CA LYS C 619 16.72 -234.39 -211.82
CA ALA C 620 16.51 -230.79 -210.66
CA GLY C 621 17.17 -231.55 -207.01
CA LEU C 622 14.08 -229.45 -206.39
CA LEU C 623 13.00 -231.82 -203.60
CA GLN C 624 11.40 -229.09 -201.51
CA ARG C 625 9.03 -228.51 -204.44
CA ALA C 626 8.94 -232.21 -205.29
CA LEU C 627 7.28 -232.83 -201.97
CA GLU C 628 4.75 -230.20 -202.87
CA HIS C 629 3.87 -231.95 -206.11
CA PHE C 630 3.80 -235.32 -204.49
CA THR C 631 1.55 -234.04 -201.80
CA ASP C 632 -0.92 -232.55 -204.29
CA LEU C 633 -0.45 -235.58 -206.49
CA TYR C 634 -1.65 -237.39 -203.40
CA ASP C 635 1.32 -239.60 -203.72
CA ILE C 636 1.99 -239.17 -200.02
CA LYS C 637 4.24 -242.17 -199.67
CA ARG C 638 6.59 -240.55 -202.15
CA ALA C 639 6.47 -237.23 -200.43
CA VAL C 640 7.52 -238.82 -197.18
CA VAL C 641 10.23 -240.91 -198.73
CA HIS C 642 11.65 -237.82 -200.37
CA THR C 643 11.39 -235.88 -197.15
CA HIS C 644 13.40 -238.62 -195.56
CA LEU C 645 16.37 -238.07 -197.80
CA LEU C 646 16.28 -234.33 -197.40
CA ASN C 647 14.58 -233.00 -194.32
CA PRO C 648 11.04 -231.97 -194.76
CA GLU C 649 9.18 -229.32 -192.87
CA TRP C 650 8.05 -230.26 -189.39
CA LEU C 651 4.37 -229.48 -189.78
CA VAL C 652 4.03 -231.23 -193.11
CA ASN C 653 5.61 -234.37 -191.80
CA TYR C 654 2.90 -234.84 -189.26
CA PHE C 655 0.07 -234.39 -191.73
CA GLY C 656 1.49 -236.34 -194.64
CA SER C 657 2.73 -239.35 -192.74
CA LEU C 658 -0.75 -240.26 -191.64
CA SER C 659 -1.95 -239.76 -195.16
CA VAL C 660 0.44 -242.49 -196.11
CA GLU C 661 -2.22 -245.16 -195.85
CA ASP C 662 -0.31 -247.23 -198.30
CA SER C 663 2.76 -248.04 -196.31
CA LEU C 664 2.60 -248.77 -192.61
CA GLU C 665 6.31 -249.54 -192.70
CA CYS C 666 7.02 -245.96 -193.51
CA LEU C 667 5.90 -245.18 -190.01
CA ARG C 668 8.50 -247.46 -188.52
CA ALA C 669 11.06 -246.13 -190.92
CA MET C 670 10.15 -242.63 -189.91
CA LEU C 671 10.49 -243.30 -186.23
CA SER C 672 14.00 -244.51 -186.76
CA ALA C 673 14.85 -241.41 -188.73
CA ASN C 674 13.15 -239.24 -186.17
CA ILE C 675 15.01 -240.80 -183.34
CA ARG C 676 18.19 -239.50 -184.82
CA GLN C 677 17.52 -236.07 -186.18
CA ASN C 678 15.38 -234.98 -183.28
CA LEU C 679 14.23 -236.54 -180.03
CA GLN C 680 11.55 -233.97 -179.49
CA ILE C 681 10.00 -234.47 -182.86
CA CYS C 682 9.78 -238.18 -182.26
CA VAL C 683 7.60 -237.90 -179.21
CA GLN C 684 5.10 -235.68 -180.97
CA VAL C 685 5.28 -237.72 -184.14
CA ALA C 686 4.83 -240.91 -182.18
CA SER C 687 1.42 -239.84 -181.04
CA LYS C 688 -0.10 -239.59 -184.55
CA TYR C 689 0.40 -242.34 -184.40
CA HIS C 690 1.25 -245.88 -184.54
CA GLU C 691 -0.06 -248.50 -187.12
CA GLN C 692 1.93 -250.74 -185.14
CA LEU C 693 3.54 -253.82 -183.56
CA SER C 694 6.97 -253.09 -184.78
CA THR C 695 6.82 -254.08 -181.62
CA GLN C 696 10.39 -255.16 -180.86
CA SER C 697 11.80 -253.39 -183.87
CA LEU C 698 9.94 -250.30 -182.85
CA ILE C 699 11.49 -250.30 -179.41
CA GLU C 700 14.89 -251.27 -180.70
CA LEU C 701 14.77 -248.21 -182.90
CA PHE C 702 13.86 -246.02 -179.94
CA GLU C 703 16.81 -247.24 -177.95
CA SER C 704 19.41 -246.54 -180.62
CA PHE C 705 18.09 -243.02 -180.90
CA LYS C 706 18.58 -242.98 -177.17
CA SER C 707 15.09 -241.70 -176.81
CA PHE C 708 14.46 -243.86 -173.79
CA GLU C 709 12.27 -241.22 -172.26
CA GLY C 710 10.06 -240.86 -175.31
CA LEU C 711 9.68 -244.58 -175.88
CA PHE C 712 8.47 -244.91 -172.33
CA TYR C 713 6.10 -241.99 -172.74
CA PHE C 714 4.64 -243.40 -175.97
CA LEU C 715 3.91 -246.76 -174.44
CA GLY C 716 2.25 -244.91 -171.65
CA SER C 717 -0.31 -243.53 -174.07
CA ILE C 718 -0.84 -246.80 -175.89
CA VAL C 719 -1.68 -248.65 -172.71
CA ASN C 720 -4.69 -246.44 -172.26
CA PHE C 721 -6.24 -247.95 -175.33
CA SER C 722 -6.50 -251.68 -175.80
CA GLN C 723 -3.07 -253.17 -176.09
CA ASP C 724 -1.83 -254.45 -174.73
CA PRO C 725 0.34 -255.65 -171.97
CA ASP C 726 3.35 -255.04 -174.14
CA VAL C 727 2.84 -251.35 -173.76
CA HIS C 728 2.52 -251.38 -169.98
CA PHE C 729 5.52 -253.66 -169.94
CA LYS C 730 7.61 -251.30 -171.99
CA TYR C 731 6.47 -248.21 -170.10
CA ILE C 732 7.58 -249.50 -166.75
CA GLN C 733 10.91 -250.61 -168.11
CA ALA C 734 11.55 -247.20 -169.62
CA ALA C 735 10.30 -245.53 -166.49
CA CYS C 736 12.85 -247.34 -164.42
CA LYS C 737 15.83 -245.97 -166.27
CA THR C 738 14.11 -242.80 -167.46
CA GLY C 739 12.18 -241.70 -164.40
CA GLN C 740 12.30 -243.76 -161.25
CA ILE C 741 9.69 -241.71 -159.47
CA LYS C 742 7.11 -242.64 -162.08
CA GLU C 743 8.05 -246.28 -161.80
CA VAL C 744 6.24 -246.71 -158.50
CA GLU C 745 2.87 -245.20 -159.32
CA ARG C 746 2.69 -247.09 -162.54
CA ILE C 747 3.27 -250.48 -160.96
CA CYS C 748 0.68 -249.62 -158.40
CA ARG C 749 -2.07 -249.44 -161.01
CA GLU C 750 -0.44 -251.36 -163.89
CA SER C 751 1.17 -254.31 -162.12
CA ASN C 752 -1.66 -256.58 -163.23
CA CYS C 753 -1.17 -256.08 -166.94
CA TYR C 754 2.59 -256.32 -167.25
CA ASP C 755 4.91 -259.30 -167.68
CA PRO C 756 6.22 -259.23 -164.13
CA GLU C 757 9.39 -261.19 -164.67
CA ARG C 758 10.71 -258.63 -167.06
CA VAL C 759 9.64 -255.75 -164.85
CA LYS C 760 11.70 -257.27 -162.11
CA ASN C 761 14.85 -257.68 -164.14
CA PHE C 762 14.52 -254.03 -165.01
CA LEU C 763 14.05 -253.06 -161.38
CA LYS C 764 17.02 -255.13 -160.32
CA GLU C 765 19.29 -253.22 -162.62
CA ALA C 766 17.43 -250.12 -161.54
CA LYS C 767 18.15 -250.53 -157.84
CA LEU C 768 14.43 -249.87 -157.54
CA THR C 769 14.43 -251.94 -154.35
CA ASP C 770 11.41 -250.31 -152.81
CA GLN C 771 9.37 -251.27 -155.87
CA LEU C 772 10.98 -254.67 -156.39
CA PRO C 773 9.51 -256.06 -153.25
CA LEU C 774 6.19 -254.61 -154.19
CA ILE C 775 6.19 -256.75 -157.29
CA ILE C 776 7.87 -259.67 -155.64
CA VAL C 777 5.35 -259.57 -152.86
CA CYS C 778 2.45 -258.95 -155.19
CA ASP C 779 2.35 -260.41 -158.63
CA ARG C 780 5.45 -262.39 -157.97
CA PHE C 781 3.82 -263.32 -156.31
CA ASP C 782 7.44 -264.04 -155.63
CA PHE C 783 7.43 -263.14 -151.98
CA VAL C 784 10.86 -264.60 -151.47
CA HIS C 785 12.27 -262.21 -154.04
CA ASP C 786 10.60 -259.20 -152.54
CA LEU C 787 12.02 -259.90 -149.14
CA VAL C 788 15.55 -260.30 -150.36
CA LEU C 789 15.09 -257.01 -152.13
CA TYR C 790 13.67 -255.50 -148.97
CA LEU C 791 16.81 -256.54 -147.21
CA TYR C 792 18.54 -254.31 -149.66
CA ARG C 793 16.12 -251.56 -148.62
CA ASN C 794 12.37 -251.28 -147.94
CA ASN C 795 9.77 -250.36 -145.36
CA LEU C 796 9.14 -252.20 -142.13
CA GLN C 797 5.38 -252.55 -142.37
CA LYS C 798 5.23 -254.31 -145.70
CA TYR C 799 8.22 -256.24 -144.52
CA ILE C 800 6.36 -257.66 -141.59
CA GLU C 801 3.55 -258.91 -143.80
CA ILE C 802 5.53 -260.33 -146.74
CA TYR C 803 8.10 -262.03 -144.56
CA VAL C 804 5.54 -264.51 -143.32
CA GLN C 805 4.31 -265.43 -146.79
CA LYS C 806 7.82 -266.26 -147.87
CA VAL C 807 13.89 -268.14 -146.02
CA ASN C 808 17.31 -271.30 -144.35
CA PRO C 809 15.48 -269.89 -141.42
CA SER C 810 18.58 -267.95 -140.45
CA ARG C 811 17.08 -265.36 -142.75
CA LEU C 812 14.49 -264.88 -140.09
CA PRO C 813 17.11 -263.68 -137.69
CA VAL C 814 18.71 -261.53 -140.32
CA VAL C 815 15.31 -260.06 -141.02
CA ILE C 816 14.49 -259.37 -137.43
CA GLY C 817 17.66 -257.42 -137.09
CA GLY C 818 16.93 -255.63 -140.30
CA LEU C 819 13.54 -254.49 -139.17
CA LEU C 820 14.84 -253.49 -135.81
CA ASP C 821 18.00 -251.83 -137.04
CA VAL C 822 16.38 -250.13 -139.94
CA ASP C 823 13.73 -247.73 -138.97
CA CYS C 824 11.08 -250.32 -139.46
CA SER C 825 8.29 -249.62 -137.10
CA GLU C 826 8.34 -251.55 -133.90
CA ASP C 827 4.80 -252.41 -134.76
CA VAL C 828 6.07 -253.48 -138.14
CA ILE C 829 8.69 -255.52 -136.39
CA LYS C 830 6.07 -256.99 -134.13
CA ASN C 831 3.86 -257.68 -137.08
CA LEU C 832 6.74 -259.40 -138.76
CA ILE C 833 7.80 -261.22 -135.64
CA LEU C 834 8.36 -264.92 -133.92
CA VAL C 835 9.34 -266.67 -137.10
CA VAL C 836 12.60 -264.76 -137.01
CA ARG C 837 13.35 -265.82 -133.49
CA GLY C 838 12.72 -269.40 -134.38
CA GLN C 839 14.73 -272.56 -131.16
CA PHE C 840 17.50 -270.96 -129.24
CA SER C 841 19.07 -267.56 -129.36
CA THR C 842 18.26 -264.43 -129.23
CA ASP C 843 19.34 -261.07 -127.90
CA GLU C 844 19.57 -259.76 -131.43
CA LEU C 845 16.00 -260.68 -132.10
CA VAL C 846 14.90 -259.01 -128.91
CA ALA C 847 16.91 -255.89 -129.51
CA GLU C 848 15.43 -255.49 -132.95
CA VAL C 849 11.93 -256.03 -131.65
CA GLU C 850 12.31 -253.60 -128.79
CA LYS C 851 13.43 -250.51 -130.66
CA ARG C 852 10.80 -251.24 -133.24
CA ASN C 853 8.30 -251.01 -130.41
CA ARG C 854 7.56 -254.48 -131.73
CA LEU C 855 5.61 -254.30 -127.87
CA LYS C 856 2.23 -255.94 -128.24
CA LEU C 857 3.80 -258.71 -130.33
CA LEU C 858 7.10 -258.73 -128.50
CA LEU C 859 5.43 -259.89 -125.35
CA PRO C 860 4.08 -262.95 -127.08
CA TRP C 861 7.36 -263.97 -128.64
CA LEU C 862 9.05 -263.90 -125.28
CA GLU C 863 6.22 -266.06 -124.11
CA ALA C 864 7.47 -268.80 -126.42
CA ARG C 865 11.15 -268.21 -125.78
CA ILE C 866 10.79 -269.09 -122.13
CA HIS C 867 10.25 -272.67 -123.19
CA GLU C 868 13.64 -272.74 -124.87
CA GLY C 869 16.25 -274.59 -122.86
CA CYS C 870 18.63 -271.83 -123.86
CA GLU C 871 16.36 -269.42 -121.96
CA GLU C 872 18.03 -265.44 -120.03
CA PRO C 873 16.80 -263.05 -117.43
CA ALA C 874 17.37 -260.23 -119.85
CA THR C 875 14.49 -261.52 -121.88
CA HIS C 876 12.20 -262.01 -118.94
CA ASN C 877 12.82 -258.56 -117.63
CA ALA C 878 12.26 -257.05 -121.03
CA LEU C 879 9.02 -258.90 -121.59
CA ALA C 880 7.44 -257.84 -118.35
CA LYS C 881 8.26 -254.21 -118.87
CA ILE C 882 6.87 -254.28 -122.37
CA TYR C 883 3.96 -256.21 -120.93
CA ILE C 884 3.49 -253.39 -118.47
CA ASP C 885 2.08 -251.63 -121.49
CA SER C 886 -0.42 -254.46 -121.94
CA ASN C 887 -1.37 -254.81 -118.29
CA ASN C 888 -3.32 -258.04 -118.22
CA ASN C 889 -0.37 -260.20 -119.17
CA PRO C 890 2.06 -258.89 -116.61
CA GLU C 891 0.40 -260.45 -113.60
CA ARG C 892 0.73 -263.98 -114.91
CA PHE C 893 4.19 -263.20 -116.16
CA LEU C 894 5.61 -262.28 -112.80
CA ARG C 895 3.92 -265.32 -111.40
CA GLU C 896 5.47 -267.43 -114.12
CA ASN C 897 9.08 -266.39 -113.99
CA PRO C 898 11.09 -265.53 -111.00
CA TYR C 899 14.15 -264.76 -113.06
CA TYR C 900 13.69 -261.09 -113.68
CA ASP C 901 15.74 -258.06 -112.68
CA SER C 902 12.69 -258.11 -110.80
CA ARG C 903 13.77 -254.52 -110.44
CA VAL C 904 13.08 -253.78 -114.05
CA VAL C 905 9.72 -255.49 -114.04
CA GLY C 906 8.66 -253.64 -110.97
CA LYS C 907 9.22 -250.23 -112.44
CA TYR C 908 7.19 -251.31 -115.39
CA CYS C 909 4.49 -252.66 -113.11
CA GLU C 910 4.63 -249.44 -111.17
CA LYS C 911 3.20 -247.68 -114.16
CA ARG C 912 0.63 -250.44 -114.25
CA ASP C 913 -1.57 -251.83 -111.51
CA PRO C 914 -0.18 -252.58 -108.14
CA HIS C 915 -1.76 -255.99 -107.70
CA LEU C 916 1.05 -257.69 -109.55
CA ALA C 917 3.53 -255.44 -107.82
CA CYS C 918 2.63 -256.89 -104.47
CA VAL C 919 3.29 -260.34 -105.82
CA ALA C 920 6.71 -259.37 -107.10
CA TYR C 921 7.59 -257.42 -104.02
CA GLU C 922 6.60 -260.47 -102.09
CA ARG C 923 8.83 -262.81 -104.09
CA GLY C 924 11.49 -260.13 -104.27
CA GLN C 925 11.38 -260.40 -100.54
CA CYS C 926 11.01 -256.68 -100.45
CA ASP C 927 8.37 -257.05 -97.79
CA LEU C 928 8.32 -253.42 -96.77
CA GLU C 929 7.31 -252.50 -100.28
CA LEU C 930 4.64 -255.15 -100.36
CA ILE C 931 3.04 -253.80 -97.24
CA ASN C 932 3.06 -250.16 -98.10
CA VAL C 933 1.67 -250.87 -101.52
CA CYS C 934 -0.87 -253.16 -99.92
CA ASN C 935 -1.88 -250.30 -97.69
CA GLU C 936 -3.62 -248.78 -100.63
CA ASN C 937 -5.19 -252.13 -101.40
CA SER C 938 -4.43 -255.67 -100.35
CA LEU C 939 -5.65 -258.94 -98.93
CA PHE C 940 -5.87 -259.37 -95.20
CA LYS C 941 -4.44 -262.85 -95.09
CA SER C 942 -1.28 -262.02 -96.96
CA LEU C 943 -0.93 -258.92 -94.86
CA SER C 944 -0.73 -260.93 -91.69
CA ARG C 945 2.09 -263.04 -93.05
CA TYR C 946 4.19 -260.34 -94.70
CA LEU C 947 3.87 -257.62 -92.08
CA VAL C 948 5.99 -259.65 -89.72
CA ARG C 949 8.80 -259.90 -92.24
CA ARG C 950 8.90 -256.12 -92.59
CA LYS C 951 12.21 -254.62 -91.55
CA ASP C 952 10.92 -251.22 -90.53
CA PRO C 953 8.96 -251.79 -87.40
CA GLU C 954 7.44 -248.35 -87.86
CA LEU C 955 5.17 -249.88 -90.45
CA TRP C 956 3.53 -251.79 -87.67
CA GLY C 957 2.39 -248.59 -86.05
CA SER C 958 1.33 -247.43 -89.45
CA VAL C 959 -0.65 -250.58 -90.08
CA LEU C 960 -2.36 -250.53 -86.73
CA LEU C 961 -3.61 -247.07 -87.54
CA GLU C 962 -4.65 -248.28 -90.93
CA SER C 963 -6.68 -251.07 -89.41
CA ASN C 964 -8.41 -249.09 -86.71
CA PRO C 965 -9.86 -246.29 -88.77
CA TYR C 966 -10.78 -248.76 -91.40
CA ARG C 967 -14.24 -249.79 -90.61
CA ARG C 968 -13.54 -253.32 -90.32
CA PRO C 969 -14.41 -256.09 -88.52
CA LEU C 970 -13.18 -258.84 -86.08
CA ILE C 971 -13.79 -262.46 -86.11
CA ASP C 972 -11.42 -264.99 -87.54
CA GLN C 973 -7.75 -264.17 -87.60
CA VAL C 974 -7.74 -260.42 -87.81
CA VAL C 975 -6.99 -257.83 -85.17
CA GLN C 976 -6.51 -260.35 -82.43
CA THR C 977 -4.44 -262.72 -84.46
CA ALA C 978 -2.59 -259.85 -86.06
CA LEU C 979 -1.87 -258.25 -82.74
CA SER C 980 -0.23 -261.43 -81.58
CA GLU C 981 2.23 -261.39 -84.44
CA THR C 982 2.95 -257.70 -84.12
CA GLN C 983 2.96 -257.97 -80.60
CA ASP C 984 5.70 -255.26 -80.67
CA PRO C 985 5.32 -253.04 -81.15
CA GLU C 986 3.35 -249.42 -81.03
CA GLU C 987 1.36 -246.53 -82.26
CA VAL C 988 -0.55 -248.48 -79.84
CA SER C 989 -3.03 -245.73 -79.21
CA VAL C 990 -4.00 -245.75 -82.86
CA THR C 991 -5.22 -249.28 -82.63
CA VAL C 992 -6.94 -248.52 -79.35
CA LYS C 993 -8.65 -245.44 -80.63
CA ALA C 994 -10.08 -247.43 -83.48
CA PHE C 995 -11.37 -250.10 -81.15
CA MET C 996 -13.03 -247.65 -78.81
CA THR C 997 -15.02 -245.80 -81.47
CA ALA C 998 -16.14 -249.15 -82.77
CA ASP C 999 -17.40 -249.76 -79.24
CA LEU C 1000 -15.23 -252.81 -79.60
CA PRO C 1001 -13.51 -252.58 -76.16
CA ASN C 1002 -16.09 -255.88 -74.18
CA GLU C 1003 -12.99 -256.72 -76.19
CA LEU C 1004 -11.01 -253.74 -75.00
CA ILE C 1005 -11.08 -255.07 -71.50
CA GLU C 1006 -10.13 -258.51 -72.72
CA LEU C 1007 -6.98 -257.34 -74.47
CA LEU C 1008 -5.88 -255.21 -71.57
CA GLU C 1009 -6.08 -258.15 -69.25
CA LYS C 1010 -3.57 -259.89 -71.49
CA ILE C 1011 -1.39 -256.80 -71.74
CA VAL C 1012 -0.52 -256.66 -68.09
CA LEU C 1013 1.24 -260.00 -68.12
CA ASP C 1014 2.59 -259.66 -71.63
CA ASN C 1015 6.13 -258.38 -71.60
CA SER C 1016 6.03 -259.01 -75.31
CA VAL C 1017 3.27 -256.46 -75.45
CA PHE C 1018 3.76 -253.15 -73.63
CA SER C 1019 5.15 -253.92 -70.24
CA GLU C 1020 2.85 -253.49 -67.33
CA HIS C 1021 2.49 -249.88 -66.44
CA ARG C 1022 0.40 -247.76 -64.15
CA ASN C 1023 -1.71 -246.44 -66.96
CA LEU C 1024 -2.97 -249.83 -67.98
CA GLN C 1025 -3.78 -250.88 -64.47
CA ASN C 1026 -5.49 -247.59 -63.96
CA LEU C 1027 -7.72 -247.98 -66.97
CA LEU C 1028 -8.57 -251.61 -66.42
CA ILE C 1029 -9.96 -251.09 -62.99
CA LEU C 1030 -12.03 -248.15 -64.16
CA THR C 1031 -13.48 -250.12 -66.99
CA ALA C 1032 -13.93 -253.04 -64.68
CA ILE C 1033 -16.14 -251.13 -62.32
CA LYS C 1034 -18.66 -250.16 -64.95
CA ALA C 1035 -18.03 -253.16 -67.19
CA ASP C 1036 -17.58 -256.00 -64.73
CA ARG C 1037 -17.99 -255.22 -61.07
CA THR C 1038 -17.13 -258.73 -59.97
CA ARG C 1039 -13.65 -258.43 -61.44
CA VAL C 1040 -13.15 -255.01 -59.91
CA MET C 1041 -12.52 -256.52 -56.50
CA GLU C 1042 -9.97 -259.12 -57.53
CA TYR C 1043 -8.12 -256.62 -59.63
CA ILE C 1044 -7.70 -254.12 -56.82
CA ASN C 1045 -5.92 -256.52 -54.56
CA ARG C 1046 -3.58 -257.41 -57.40
CA LEU C 1047 -3.64 -253.76 -58.46
CA ASP C 1048 -0.85 -252.38 -56.30
CA ASN C 1049 0.45 -249.56 -58.43
CA TYR C 1050 -2.65 -247.75 -59.48
CA ASP C 1051 -3.57 -244.09 -59.46
CA ALA C 1052 -5.88 -244.58 -56.51
CA PRO C 1053 -7.79 -241.38 -56.67
CA ASP C 1054 -8.92 -242.41 -60.11
CA ILE C 1055 -10.24 -245.71 -58.87
CA ALA C 1056 -12.04 -244.17 -55.98
CA ASN C 1057 -14.17 -241.79 -57.92
CA ILE C 1058 -14.86 -244.68 -60.22
CA ALA C 1059 -16.00 -246.97 -57.41
CA ILE C 1060 -18.02 -244.22 -55.81
CA SER C 1061 -19.86 -243.85 -59.04
CA ASN C 1062 -20.64 -247.50 -59.17
CA GLU C 1063 -21.61 -248.26 -55.58
CA LEU C 1064 -18.47 -250.33 -54.99
CA PHE C 1065 -18.75 -249.83 -51.21
CA GLU C 1066 -16.81 -252.83 -50.00
CA GLU C 1067 -14.09 -252.22 -52.55
CA ALA C 1068 -14.12 -248.52 -51.78
CA PHE C 1069 -13.34 -249.28 -48.19
CA ALA C 1070 -10.43 -251.41 -49.27
CA ILE C 1071 -8.89 -248.63 -51.33
CA PHE C 1072 -9.59 -245.98 -48.76
CA ARG C 1073 -7.87 -248.28 -46.35
CA LYS C 1074 -4.76 -248.66 -48.47
CA PHE C 1075 -4.85 -245.04 -49.54
CA ASP C 1076 -4.70 -244.46 -45.85
CA VAL C 1077 -7.88 -242.21 -45.83
CA ASN C 1078 -9.63 -242.99 -42.28
CA THR C 1079 -12.19 -240.21 -42.46
CA SER C 1080 -13.35 -241.65 -45.74
CA ALA C 1081 -13.55 -245.14 -44.35
CA VAL C 1082 -15.84 -244.06 -41.58
CA GLN C 1083 -18.00 -241.89 -43.77
CA VAL C 1084 -18.47 -244.71 -46.22
CA LEU C 1085 -19.08 -247.00 -43.28
CA ILE C 1086 -21.91 -244.83 -42.16
CA GLU C 1087 -23.83 -245.25 -45.40
CA HIS C 1088 -23.32 -248.97 -45.65
CA ILE C 1089 -23.12 -250.69 -42.33
CA GLY C 1090 -19.68 -252.14 -42.38
CA ASN C 1091 -18.64 -253.86 -39.18
CA LEU C 1092 -18.87 -252.70 -35.60
CA ASP C 1093 -15.42 -253.86 -34.61
CA ARG C 1094 -13.56 -252.08 -37.36
CA ALA C 1095 -15.60 -249.00 -36.67
CA TYR C 1096 -14.23 -248.81 -33.17
CA GLU C 1097 -10.66 -248.96 -34.38
CA PHE C 1098 -10.87 -246.59 -37.33
CA ALA C 1099 -12.99 -243.90 -35.75
CA GLU C 1100 -10.21 -242.92 -33.41
CA ARG C 1101 -7.80 -242.45 -36.28
CA CYS C 1102 -10.20 -239.99 -37.85
CA ASN C 1103 -8.69 -236.53 -38.09
CA GLU C 1104 -11.94 -234.59 -37.94
CA PRO C 1105 -13.40 -234.75 -34.52
CA ALA C 1106 -16.72 -233.73 -35.98
CA VAL C 1107 -17.06 -237.25 -37.20
CA TRP C 1108 -17.43 -238.40 -33.64
CA SER C 1109 -20.50 -236.29 -33.05
CA GLN C 1110 -21.89 -237.35 -36.39
CA LEU C 1111 -20.96 -240.90 -35.51
CA ALA C 1112 -22.70 -240.72 -32.18
CA LYS C 1113 -25.87 -239.68 -33.92
CA ALA C 1114 -25.56 -242.52 -36.39
CA GLN C 1115 -25.27 -245.07 -33.63
CA LEU C 1116 -27.95 -243.27 -31.76
CA GLN C 1117 -30.39 -243.72 -34.59
CA LYS C 1118 -29.27 -247.19 -35.63
CA GLY C 1119 -28.90 -248.50 -32.13
CA MET C 1120 -28.30 -246.61 -28.95
CA VAL C 1121 -27.67 -249.71 -26.93
CA LYS C 1122 -25.05 -252.35 -27.43
CA GLU C 1123 -23.38 -250.06 -29.89
CA ALA C 1124 -23.36 -246.45 -28.86
CA ILE C 1125 -22.31 -247.33 -25.35
CA ASP C 1126 -19.30 -249.30 -26.50
CA SER C 1127 -18.58 -246.68 -29.11
CA TYR C 1128 -18.72 -243.89 -26.59
CA ILE C 1129 -16.01 -245.41 -24.49
CA LYS C 1130 -13.64 -245.35 -27.41
CA ALA C 1131 -14.72 -241.84 -28.26
CA ASP C 1132 -15.81 -239.03 -28.14
CA ASP C 1133 -15.44 -235.70 -26.44
CA PRO C 1134 -15.85 -234.27 -27.26
CA SER C 1135 -18.37 -232.67 -24.77
CA SER C 1136 -21.89 -232.52 -26.16
CA TYR C 1137 -27.34 -231.33 -24.66
CA MET C 1138 -31.10 -231.57 -24.54
CA GLU C 1139 -31.33 -234.37 -27.04
CA VAL C 1140 -28.46 -236.30 -25.58
CA VAL C 1141 -30.08 -236.35 -22.19
CA GLN C 1142 -33.42 -237.03 -23.79
CA ALA C 1143 -32.01 -240.07 -25.48
CA ALA C 1144 -30.50 -241.32 -22.26
CA ASN C 1145 -33.72 -241.09 -20.35
CA THR C 1146 -35.84 -242.82 -22.97
CA SER C 1147 -33.39 -245.68 -23.03
CA GLY C 1148 -34.11 -245.66 -19.35
CA ASN C 1149 -30.46 -245.71 -18.55
CA TRP C 1150 -30.50 -242.90 -16.04
CA GLU C 1151 -27.75 -244.56 -14.13
CA GLU C 1152 -25.44 -244.35 -17.08
CA LEU C 1153 -26.28 -240.80 -17.96
CA VAL C 1154 -25.67 -239.55 -14.46
CA LYS C 1155 -22.41 -241.47 -14.51
CA TYR C 1156 -21.11 -239.80 -17.68
CA LEU C 1157 -22.09 -236.35 -16.58
CA GLN C 1158 -19.99 -236.91 -13.54
CA MET C 1159 -16.97 -237.40 -15.77
CA ALA C 1160 -18.05 -234.68 -18.19
CA ARG C 1161 -17.91 -231.96 -15.59
CA LYS C 1162 -14.19 -232.27 -15.34
CA LYS C 1163 -13.55 -232.23 -19.08
CA ALA C 1164 -15.69 -229.26 -19.89
CA ARG C 1165 -17.76 -227.33 -17.54
CA GLU C 1166 -20.57 -225.41 -18.77
CA SER C 1167 -23.88 -225.34 -18.39
CA TYR C 1168 -25.80 -227.52 -20.71
CA VAL C 1169 -24.09 -230.63 -19.46
CA GLU C 1170 -24.27 -229.74 -15.79
CA THR C 1171 -27.87 -228.68 -16.18
CA GLU C 1172 -28.52 -232.05 -17.74
CA LEU C 1173 -26.90 -234.05 -14.98
CA ILE C 1174 -28.90 -232.37 -12.31
CA PHE C 1175 -32.14 -232.97 -14.12
CA ALA C 1176 -31.32 -236.60 -14.55
CA LEU C 1177 -30.26 -236.89 -10.97
CA ALA C 1178 -33.59 -235.70 -9.73
CA LYS C 1179 -35.59 -237.73 -12.20
CA THR C 1180 -33.72 -240.97 -12.11
CA ASN C 1181 -34.68 -241.21 -8.50
CA ARG C 1182 -31.15 -240.44 -7.60
CA LEU C 1183 -32.16 -237.41 -5.64
CA ALA C 1184 -29.37 -237.88 -3.17
CA GLU C 1185 -26.89 -237.10 -5.89
CA LEU C 1186 -28.90 -234.06 -6.85
CA GLU C 1187 -28.15 -232.24 -3.62
CA GLU C 1188 -24.37 -232.41 -3.63
CA PHE C 1189 -24.21 -231.67 -7.31
CA ILE C 1190 -26.17 -228.48 -7.00
CA ASN C 1191 -23.89 -227.22 -4.33
CA GLY C 1192 -20.69 -227.38 -6.28
CA PRO C 1193 -21.77 -226.34 -9.70
CA ASN C 1194 -23.01 -222.79 -9.95
CA ASN C 1195 -22.84 -223.12 -13.70
CA ALA C 1196 -26.23 -224.42 -14.64
CA HIS C 1197 -29.47 -222.97 -15.76
CA ILE C 1198 -31.24 -222.38 -12.50
CA GLN C 1199 -34.70 -221.99 -13.89
CA GLN C 1200 -34.65 -225.30 -15.65
CA VAL C 1201 -33.10 -227.00 -12.66
CA GLY C 1202 -35.80 -225.61 -10.41
CA ASP C 1203 -38.61 -226.80 -12.64
CA ARG C 1204 -36.95 -230.16 -12.34
CA CYS C 1205 -36.89 -230.12 -8.54
CA TYR C 1206 -40.38 -228.73 -8.47
CA ASP C 1207 -41.77 -231.85 -10.05
CA GLU C 1208 -39.30 -233.88 -8.00
CA LYS C 1209 -40.48 -232.55 -4.65
CA MET C 1210 -37.01 -231.41 -3.68
CA TYR C 1211 -38.48 -229.19 -0.93
CA ASP C 1212 -35.39 -229.48 1.27
CA ALA C 1213 -32.94 -228.85 -1.57
CA ALA C 1214 -34.71 -225.86 -3.17
CA LYS C 1215 -35.04 -224.47 0.37
CA LEU C 1216 -31.28 -223.89 0.19
CA LEU C 1217 -31.23 -222.98 -3.50
CA TYR C 1218 -33.92 -220.31 -3.15
CA ASN C 1219 -32.07 -219.26 0.02
CA ASN C 1220 -28.76 -218.22 -1.60
CA VAL C 1221 -30.33 -216.71 -4.75
CA SER C 1222 -32.52 -215.16 -2.05
CA ASN C 1223 -35.87 -215.50 -3.85
CA PHE C 1224 -37.76 -215.25 -0.57
CA GLY C 1225 -40.91 -215.44 -2.70
CA ARG C 1226 -40.40 -219.19 -2.96
CA LEU C 1227 -38.02 -219.58 0.01
CA ALA C 1228 -40.96 -218.79 2.26
CA SER C 1229 -43.35 -220.71 0.04
CA THR C 1230 -41.32 -223.93 0.29
CA LEU C 1231 -40.55 -223.43 4.02
CA VAL C 1232 -44.32 -223.64 4.59
CA HIS C 1233 -44.68 -226.57 2.21
CA LEU C 1234 -42.06 -228.03 4.61
CA GLY C 1235 -43.94 -227.35 7.84
CA GLU C 1236 -41.21 -224.96 8.97
CA TYR C 1237 -43.81 -222.27 9.67
CA GLN C 1238 -42.14 -219.81 12.03
CA ALA C 1239 -39.22 -219.44 9.58
CA ALA C 1240 -41.55 -219.24 6.57
CA VAL C 1241 -42.96 -216.10 8.19
CA ASP C 1242 -39.44 -214.72 8.09
CA GLY C 1243 -39.08 -215.39 4.40
CA ALA C 1244 -42.41 -213.68 3.81
CA ARG C 1245 -41.07 -210.69 5.75
CA LYS C 1246 -37.92 -210.42 3.65
CA ALA C 1247 -40.03 -211.18 0.55
CA ASN C 1248 -42.19 -208.18 1.54
CA SER C 1249 -45.03 -209.16 -0.80
CA THR C 1250 -48.78 -209.18 -0.21
CA ARG C 1251 -49.80 -212.14 -2.40
CA THR C 1252 -46.97 -213.82 -0.50
CA TRP C 1253 -48.19 -213.16 3.04
CA LYS C 1254 -51.51 -214.59 1.87
CA GLU C 1255 -49.90 -217.93 0.96
CA VAL C 1256 -48.04 -218.07 4.28
CA CYS C 1257 -50.85 -216.73 6.46
CA PHE C 1258 -53.47 -219.03 4.95
CA ALA C 1259 -51.26 -222.10 5.22
CA CYS C 1260 -50.08 -220.99 8.68
CA VAL C 1261 -53.83 -221.18 9.48
CA ASP C 1262 -54.36 -224.58 7.91
CA GLY C 1263 -51.56 -225.77 10.18
CA LYS C 1264 -53.47 -224.18 13.04
CA GLU C 1265 -50.49 -221.95 13.93
CA PHE C 1266 -52.23 -218.84 15.14
CA ARG C 1267 -49.95 -216.46 17.04
CA LEU C 1268 -47.98 -216.73 13.81
CA ALA C 1269 -50.91 -216.56 11.37
CA GLN C 1270 -51.85 -213.43 13.31
CA MET C 1271 -48.67 -211.32 13.08
CA CYS C 1272 -48.52 -212.86 9.60
CA GLY C 1273 -52.05 -211.58 9.03
CA LEU C 1274 -51.61 -208.01 10.26
CA HIS C 1275 -49.69 -207.36 7.05
CA ILE C 1276 -52.84 -208.13 5.04
CA VAL C 1277 -55.82 -206.51 6.83
CA VAL C 1278 -54.40 -203.04 6.14
CA HIS C 1279 -54.98 -203.79 2.47
CA ALA C 1280 -57.60 -203.03 3.62
CA ASP C 1281 -57.51 -204.80 0.26
CA GLU C 1282 -56.48 -207.87 2.23
CA LEU C 1283 -58.43 -207.67 5.53
CA GLU C 1284 -61.44 -209.55 4.13
CA GLU C 1285 -59.79 -212.69 2.74
CA LEU C 1286 -57.84 -212.95 6.01
CA ILE C 1287 -61.09 -212.91 7.98
CA ASN C 1288 -63.13 -215.07 5.59
CA TYR C 1289 -60.33 -217.62 5.93
CA TYR C 1290 -60.19 -217.66 9.76
CA GLN C 1291 -64.01 -217.93 9.59
CA ASP C 1292 -64.59 -221.09 7.53
CA ARG C 1293 -61.79 -222.81 9.47
CA GLY C 1294 -64.12 -221.93 12.32
CA TYR C 1295 -61.38 -220.21 14.30
CA PHE C 1296 -63.53 -217.25 15.27
CA GLU C 1297 -62.04 -217.23 18.77
CA GLU C 1298 -58.49 -216.55 17.62
CA LEU C 1299 -59.49 -214.23 14.77
CA ILE C 1300 -60.99 -211.87 17.35
CA THR C 1301 -57.95 -212.31 19.62
CA MET C 1302 -55.67 -211.02 16.88
CA LEU C 1303 -57.82 -208.04 15.97
CA GLU C 1304 -57.71 -207.36 19.74
CA ALA C 1305 -54.01 -206.50 19.27
CA ALA C 1306 -54.17 -205.03 15.76
CA LEU C 1307 -56.18 -202.14 17.16
CA GLY C 1308 -52.91 -200.99 18.71
CA LEU C 1309 -51.05 -201.01 15.40
CA GLU C 1310 -50.04 -197.57 14.09
CA ARG C 1311 -51.55 -198.53 10.71
CA ALA C 1312 -54.90 -199.64 12.23
CA HIS C 1313 -57.84 -198.74 9.97
CA MET C 1314 -61.62 -198.40 9.76
CA GLY C 1315 -62.13 -201.85 8.23
CA MET C 1316 -60.56 -203.38 11.34
CA PHE C 1317 -62.69 -201.62 13.98
CA THR C 1318 -65.81 -202.20 11.85
CA GLU C 1319 -65.04 -205.93 11.65
CA LEU C 1320 -64.19 -206.39 15.29
CA ALA C 1321 -67.49 -204.86 16.34
CA ILE C 1322 -69.43 -207.12 13.96
CA LEU C 1323 -67.61 -210.22 15.25
CA TYR C 1324 -68.05 -209.10 18.86
CA SER C 1325 -71.80 -208.82 18.29
CA LYS C 1326 -72.28 -212.42 17.21
CA PHE C 1327 -69.48 -213.90 19.41
CA LYS C 1328 -68.88 -211.64 22.43
CA PRO C 1329 -71.84 -209.28 22.91
CA GLN C 1330 -70.65 -208.14 26.33
CA LYS C 1331 -67.59 -206.58 24.65
CA MET C 1332 -69.64 -205.10 21.76
CA ARG C 1333 -70.52 -202.15 24.01
CA GLU C 1334 -67.24 -200.87 25.51
CA HIS C 1335 -65.92 -201.23 21.95
CA LEU C 1336 -68.38 -198.79 20.40
CA GLU C 1337 -67.86 -196.76 23.56
CA LEU C 1338 -64.28 -196.06 22.37
CA PHE C 1339 -64.17 -196.63 18.61
CA TRP C 1340 -67.63 -195.64 17.35
CA SER C 1341 -66.00 -192.84 15.38
CA ARG C 1342 -63.50 -195.09 13.62
CA VAL C 1343 -66.10 -197.50 12.17
CA ASN C 1344 -68.62 -197.82 9.32
CA ILE C 1345 -71.77 -197.17 11.37
CA PRO C 1346 -74.44 -198.40 8.97
CA LYS C 1347 -72.78 -201.82 8.80
CA VAL C 1348 -72.30 -202.08 12.58
CA LEU C 1349 -75.97 -201.19 13.08
CA ARG C 1350 -77.36 -203.85 10.71
CA ALA C 1351 -75.09 -206.07 12.85
CA ALA C 1352 -76.64 -205.24 16.26
CA GLU C 1353 -80.09 -205.18 14.67
CA GLN C 1354 -79.44 -208.77 13.67
CA ALA C 1355 -77.94 -209.44 17.14
CA HIS C 1356 -80.74 -207.80 19.18
CA LEU C 1357 -78.26 -205.63 21.17
CA TRP C 1358 -80.86 -202.90 21.68
CA ALA C 1359 -78.88 -201.00 24.33
CA GLU C 1360 -75.99 -200.51 21.88
CA LEU C 1361 -78.26 -199.96 18.88
CA VAL C 1362 -79.60 -196.85 20.65
CA PHE C 1363 -76.06 -195.71 21.33
CA LEU C 1364 -75.13 -195.71 17.65
CA TYR C 1365 -78.55 -194.58 16.36
CA ASP C 1366 -77.83 -191.73 18.73
CA LYS C 1367 -74.32 -190.94 17.44
CA TYR C 1368 -75.31 -191.51 13.79
CA GLU C 1369 -77.88 -188.83 14.61
CA GLU C 1370 -80.74 -191.16 13.59
CA TYR C 1371 -82.79 -189.98 16.61
CA ASP C 1372 -86.21 -191.16 15.41
CA ASN C 1373 -84.73 -194.66 15.45
CA ALA C 1374 -83.09 -194.38 18.86
CA ILE C 1375 -86.49 -193.46 20.29
CA ILE C 1376 -88.51 -196.07 18.42
CA THR C 1377 -85.95 -198.58 19.74
CA MET C 1378 -85.94 -197.45 23.37
CA MET C 1379 -89.73 -197.77 23.11
CA ASN C 1380 -90.00 -201.37 21.88
CA HIS C 1381 -87.16 -202.70 24.02
CA PRO C 1382 -87.43 -200.61 27.20
CA THR C 1383 -85.88 -203.06 29.64
CA ASP C 1384 -82.60 -203.01 27.62
CA ALA C 1385 -82.43 -199.67 25.79
CA TRP C 1386 -84.72 -197.23 27.60
CA LYS C 1387 -83.10 -194.78 30.02
CA GLU C 1388 -85.15 -191.94 31.58
CA GLY C 1389 -82.57 -189.22 31.10
CA GLN C 1390 -81.47 -189.81 27.55
CA PHE C 1391 -85.05 -190.33 26.40
CA LYS C 1392 -85.72 -186.74 27.49
CA ASP C 1393 -82.71 -185.61 25.43
CA ILE C 1394 -83.21 -187.55 22.20
CA ILE C 1395 -87.01 -187.22 21.96
CA THR C 1396 -86.44 -183.53 21.24
CA LYS C 1397 -84.13 -184.09 18.24
CA VAL C 1398 -86.84 -186.37 16.78
CA ALA C 1399 -87.99 -185.31 13.29
CA ASN C 1400 -91.35 -187.02 12.98
CA VAL C 1401 -93.29 -185.14 15.70
CA GLU C 1402 -95.91 -187.88 15.78
CA LEU C 1403 -93.46 -189.80 17.94
CA TYR C 1404 -94.31 -187.34 20.71
CA TYR C 1405 -97.92 -188.48 20.87
CA ARG C 1406 -96.68 -192.04 20.51
CA ALA C 1407 -94.27 -191.47 23.40
CA ILE C 1408 -96.87 -189.71 25.57
CA GLN C 1409 -98.95 -192.86 25.25
CA PHE C 1410 -96.01 -195.12 26.09
CA TYR C 1411 -94.97 -193.21 29.21
CA LEU C 1412 -98.61 -192.86 30.23
CA GLU C 1413 -99.34 -196.58 30.10
CA PHE C 1414 -96.09 -197.90 31.63
CA LYS C 1415 -94.38 -194.88 33.33
CA PRO C 1416 -96.94 -192.49 34.92
CA LEU C 1417 -94.65 -190.54 37.26
CA LEU C 1418 -92.33 -189.61 34.41
CA LEU C 1419 -95.12 -188.45 32.09
CA ASN C 1420 -95.20 -184.90 33.41
CA ASP C 1421 -91.45 -184.19 33.26
CA LEU C 1422 -91.57 -185.71 29.76
CA LEU C 1423 -94.47 -183.54 28.79
CA MET C 1424 -92.51 -180.48 29.89
CA VAL C 1425 -89.83 -181.20 27.27
CA LEU C 1426 -92.38 -181.97 24.55
CA SER C 1427 -94.25 -178.67 25.15
CA PRO C 1428 -92.65 -176.47 22.42
CA ARG C 1429 -93.77 -178.75 19.57
CA LEU C 1430 -96.74 -180.40 21.24
CA ASP C 1431 -100.28 -179.73 19.97
CA HIS C 1432 -101.74 -179.09 23.47
CA THR C 1433 -105.34 -179.26 22.31
CA ARG C 1434 -104.57 -182.63 20.78
CA ALA C 1435 -102.71 -183.60 23.95
CA VAL C 1436 -105.40 -182.55 26.37
CA ASN C 1437 -108.10 -184.25 24.31
CA TYR C 1438 -106.25 -187.58 24.54
CA PHE C 1439 -105.68 -187.37 28.31
CA SER C 1440 -109.34 -186.47 28.69
CA LYS C 1441 -110.73 -189.32 26.60
CA VAL C 1442 -108.27 -191.48 28.54
CA LYS C 1443 -109.63 -189.89 31.75
CA GLN C 1444 -106.16 -189.09 33.04
CA LEU C 1445 -106.31 -185.28 33.37
CA PRO C 1446 -105.65 -185.28 37.12
CA LEU C 1447 -102.19 -186.77 36.46
CA VAL C 1448 -101.10 -184.21 33.92
CA LYS C 1449 -102.16 -181.32 36.08
CA PRO C 1450 -98.56 -179.96 36.50
CA TYR C 1451 -98.31 -179.83 32.72
CA LEU C 1452 -101.69 -178.21 32.33
CA ARG C 1453 -100.75 -175.32 34.59
CA SER C 1454 -97.41 -175.07 32.74
CA VAL C 1455 -99.36 -174.55 29.50
CA GLN C 1456 -102.60 -172.84 30.51
CA ASN C 1457 -100.89 -169.50 29.86
CA HIS C 1458 -101.65 -170.16 26.16
CA ASN C 1459 -105.30 -169.38 26.98
CA ASN C 1460 -106.07 -172.63 25.24
CA LYS C 1461 -109.73 -173.70 25.53
CA SER C 1462 -109.56 -177.45 26.10
CA VAL C 1463 -106.82 -176.56 28.58
CA ASN C 1464 -108.82 -174.12 30.69
CA GLU C 1465 -112.00 -176.19 30.56
CA SER C 1466 -109.94 -179.24 31.43
CA LEU C 1467 -107.95 -177.43 34.07
CA ASN C 1468 -111.04 -175.85 35.65
CA ASN C 1469 -112.82 -179.20 36.03
CA LEU C 1470 -109.89 -180.15 38.24
CA PHE C 1471 -110.03 -177.13 40.51
CA ILE C 1472 -113.70 -177.95 40.82
CA THR C 1473 -113.48 -181.66 41.69
CA GLU C 1474 -110.79 -180.72 44.15
CA GLU C 1475 -112.92 -177.95 45.60
CA ASP C 1476 -110.13 -175.44 44.88
CA TYR C 1477 -112.22 -172.28 44.32
CA GLN C 1478 -109.46 -169.73 44.77
CA ALA C 1479 -107.59 -171.43 41.95
CA LEU C 1480 -110.75 -171.52 39.84
CA ARG C 1481 -111.35 -167.82 40.41
CA THR C 1482 -107.88 -166.88 39.16
CA SER C 1483 -108.17 -169.22 36.19
CA ILE C 1484 -111.41 -167.71 34.97
CA ASP C 1485 -109.83 -164.33 35.66
CA ALA C 1486 -106.46 -164.68 33.95
CA TYR C 1487 -107.61 -166.90 31.03
CA ASP C 1488 -110.96 -166.32 29.31
CA ASN C 1489 -111.24 -169.02 26.63
CA PHE C 1490 -114.05 -171.16 28.08
CA ASP C 1491 -117.84 -171.52 28.20
CA ASN C 1492 -118.82 -169.38 31.22
CA ILE C 1493 -122.53 -170.11 30.95
CA SER C 1494 -121.90 -173.84 30.98
CA LEU C 1495 -119.62 -173.37 33.98
CA ALA C 1496 -122.05 -170.88 35.48
CA GLN C 1497 -124.88 -173.37 35.13
CA ARG C 1498 -122.79 -176.24 36.40
CA LEU C 1499 -121.71 -174.20 39.44
CA GLU C 1500 -124.88 -172.15 40.53
CA LYS C 1501 -126.66 -174.88 42.34
CA HIS C 1502 -123.52 -175.64 44.35
CA GLU C 1503 -123.92 -176.18 48.07
CA LEU C 1504 -120.78 -174.23 49.00
CA ILE C 1505 -121.24 -170.50 49.55
CA GLU C 1506 -117.92 -169.60 47.98
CA PHE C 1507 -119.16 -171.13 44.75
CA ARG C 1508 -122.71 -169.83 44.81
CA ARG C 1509 -121.10 -166.40 45.20
CA ILE C 1510 -118.98 -167.08 42.12
CA ALA C 1511 -122.04 -168.06 40.11
CA ALA C 1512 -123.57 -164.71 40.99
CA TYR C 1513 -120.33 -163.02 39.94
CA LEU C 1514 -120.39 -164.94 36.61
CA PHE C 1515 -123.98 -163.94 35.80
CA LYS C 1516 -122.73 -160.30 36.48
CA GLY C 1517 -118.81 -160.16 36.04
CA ASN C 1518 -119.78 -161.42 32.69
CA ASN C 1519 -121.99 -158.39 33.01
CA ARG C 1520 -125.09 -160.45 33.48
CA TRP C 1521 -126.30 -158.08 36.16
CA LYS C 1522 -129.91 -159.24 35.95
CA GLN C 1523 -128.84 -162.72 36.98
CA SER C 1524 -126.50 -161.51 39.65
CA VAL C 1525 -129.34 -159.59 41.25
CA GLU C 1526 -131.79 -162.46 41.02
CA LEU C 1527 -129.12 -164.74 42.49
CA CYS C 1528 -128.48 -162.19 45.20
CA LYS C 1529 -132.19 -162.20 45.95
CA LYS C 1530 -131.75 -165.74 47.45
CA ASP C 1531 -128.83 -164.54 49.13
CA SER C 1532 -129.29 -161.22 47.74
CA LEU C 1533 -127.41 -159.54 50.59
CA TYR C 1534 -127.25 -156.00 51.80
CA LYS C 1535 -123.60 -155.67 50.92
CA ASP C 1536 -122.47 -155.99 47.28
CA ALA C 1537 -126.01 -155.26 46.28
CA MET C 1538 -125.33 -151.67 47.13
CA GLN C 1539 -122.04 -151.76 45.28
CA TYR C 1540 -123.07 -153.33 42.01
CA ALA C 1541 -126.55 -151.88 41.77
CA SER C 1542 -124.85 -148.63 40.87
CA GLU C 1543 -123.03 -150.39 38.06
CA SER C 1544 -126.42 -151.78 36.99
CA LYS C 1545 -126.46 -150.68 33.77
CA ASP C 1546 -130.25 -150.62 34.17
CA THR C 1547 -131.12 -147.82 36.46
CA GLU C 1548 -134.77 -148.77 36.50
CA LEU C 1549 -133.77 -151.54 38.17
CA ALA C 1550 -133.26 -148.76 40.70
CA GLU C 1551 -136.96 -148.12 40.92
CA GLU C 1552 -137.63 -151.83 40.92
CA LEU C 1553 -135.10 -152.39 43.66
CA LEU C 1554 -136.34 -149.54 45.77
CA GLN C 1555 -139.79 -151.01 45.80
CA TRP C 1556 -138.46 -154.48 46.37
CA PHE C 1557 -136.34 -153.54 49.37
CA LEU C 1558 -139.11 -151.57 50.95
CA GLN C 1559 -141.70 -154.24 50.35
CA GLU C 1560 -139.53 -157.24 51.05
CA GLU C 1561 -138.72 -156.05 54.54
CA LYS C 1562 -136.00 -153.43 53.78
CA ARG C 1563 -135.07 -152.57 56.00
CA GLU C 1564 -135.71 -149.42 54.32
CA CYS C 1565 -135.59 -146.53 56.77
CA PHE C 1566 -131.97 -147.11 57.69
CA GLY C 1567 -130.92 -148.06 54.18
CA ALA C 1568 -132.73 -144.98 52.92
CA CYS C 1569 -130.56 -142.79 55.07
CA LEU C 1570 -127.43 -144.40 53.74
CA PHE C 1571 -128.94 -144.50 50.29
CA THR C 1572 -129.52 -140.76 50.38
CA CYS C 1573 -125.85 -140.37 51.13
CA TYR C 1574 -124.81 -142.37 48.09
CA ASP C 1575 -127.06 -140.45 45.95
CA LEU C 1576 -124.94 -139.57 43.34
CA LEU C 1577 -128.66 -140.00 40.58
CA ARG C 1578 -132.59 -139.32 39.88
CA PRO C 1579 -135.58 -138.85 41.69
CA ASP C 1580 -137.41 -137.25 43.71
CA VAL C 1581 -140.25 -139.11 42.58
CA VAL C 1582 -139.23 -141.70 45.12
CA LEU C 1583 -139.36 -139.12 47.84
CA GLU C 1584 -142.76 -137.95 46.75
CA THR C 1585 -144.02 -141.45 46.17
CA ALA C 1586 -142.70 -142.58 49.52
CA TRP C 1587 -145.06 -140.11 51.15
CA ARG C 1588 -147.92 -142.08 49.63
CA HIS C 1589 -146.72 -144.91 51.80
CA ASN C 1590 -145.92 -144.26 55.40
CA ILE C 1591 -143.12 -141.67 55.46
CA MET C 1592 -142.03 -142.86 58.83
CA ASP C 1593 -139.83 -144.91 56.60
CA PHE C 1594 -139.03 -141.87 54.60
CA ALA C 1595 -136.85 -140.46 57.03
CA MET C 1596 -133.69 -140.90 56.63
CA PRO C 1597 -132.41 -137.61 56.40
CA TYR C 1598 -129.55 -137.10 57.90
CA PHE C 1599 -127.52 -137.78 54.96
CA ILE C 1600 -130.00 -136.61 52.57
CA GLN C 1601 -128.65 -133.61 54.57
CA VAL C 1602 -125.22 -134.14 53.04
CA MET C 1603 -126.72 -133.93 49.56
CA LYS C 1604 -128.57 -130.82 50.47
CA GLU C 1605 -125.25 -129.28 51.74
CA TYR C 1606 -123.93 -130.12 48.30
CA LEU C 1607 -126.69 -128.19 46.47
CA THR C 1608 -126.27 -125.19 48.64
CA LYS C 1609 -122.55 -125.12 48.06
CA VAL C 1610 -123.23 -125.15 44.30
CA ASP C 1611 -125.59 -122.16 44.55
CA LYS C 1612 -123.38 -120.22 46.86
CA LEU C 1613 -120.66 -120.95 44.35
CA ASP C 1614 -122.50 -119.96 41.18
CA ALA C 1615 -123.54 -116.85 43.01
CA SER C 1616 -119.98 -115.76 43.63
CA GLU C 1617 -119.34 -116.54 39.98
CA SER C 1618 -122.15 -114.36 38.58
CA LEU C 1619 -121.20 -111.59 40.99
CA ARG C 1620 -117.57 -111.81 39.81
CA LYS C 1621 -118.96 -111.30 36.25
CA GLU C 1622 -121.29 -108.44 37.08
CA GLU C 1623 -118.31 -106.77 38.69
CA GLU C 1624 -116.53 -107.23 35.34
CA GLN C 1625 -119.14 -105.95 32.88
CA ALA C 1626 -119.72 -103.17 35.35
CA THR C 1627 -116.11 -102.07 35.45
CA GLU C 1628 -115.77 -102.23 31.67
CA THR C 1629 -118.88 -100.15 30.87
CA GLN C 1630 -117.48 -97.62 33.18
CA VAL D 1 -66.93 -232.80 9.14
CA ASP D 2 -65.93 -229.15 9.29
CA ARG D 3 -69.09 -228.10 7.51
CA LEU D 4 -71.23 -230.07 9.92
CA GLN D 5 -69.55 -228.45 12.91
CA SER D 6 -70.14 -224.99 11.50
CA GLU D 7 -73.82 -225.72 10.96
CA PRO D 8 -74.18 -226.93 14.53
CA GLU D 9 -72.36 -223.95 16.12
CA SER D 10 -74.53 -221.49 14.23
CA ILE D 11 -77.68 -223.28 15.33
CA ARG D 12 -76.60 -223.18 18.96
CA LYS D 13 -75.93 -219.46 18.77
CA TRP D 14 -79.36 -218.82 17.30
CA ARG D 15 -81.03 -220.78 20.07
CA GLU D 16 -79.18 -218.82 22.73
CA GLU D 17 -80.25 -215.53 21.18
CA GLN D 18 -83.87 -216.61 21.13
CA THR D 19 -83.75 -217.58 24.79
CA GLU D 20 -82.30 -214.22 25.74
CA ARG D 21 -85.03 -212.39 23.86
CA LEU D 22 -87.72 -214.38 25.63
CA GLU D 23 -86.23 -213.60 29.02
CA ALA D 24 -86.16 -209.89 28.24
CA LEU D 25 -89.80 -209.93 27.20
CA ASP D 26 -90.81 -211.66 30.42
CA ALA D 27 -88.96 -209.09 32.50
CA ASN D 28 -90.69 -206.23 30.70
CA SER D 29 -94.09 -207.78 31.31
CA ARG D 30 -93.38 -208.15 35.00
CA LYS D 31 -92.34 -204.52 35.28
CA GLN D 32 -95.53 -203.37 33.59
CA GLU D 33 -97.65 -205.42 35.97
CA ALA D 34 -95.90 -203.93 38.98
CA GLU D 35 -96.48 -200.41 37.71
CA TRP D 36 -100.17 -201.09 37.21
CA LYS D 37 -101.40 -203.39 40.77
CA GLU D 38 -99.48 -200.28 41.75
CA LYS D 39 -101.45 -198.17 39.30
CA ALA D 40 -104.74 -199.46 40.66
CA ILE D 41 -103.70 -198.63 44.22
CA LYS D 42 -102.77 -195.10 43.23
CA GLU D 43 -106.13 -194.57 41.55
CA LEU D 44 -107.97 -195.76 44.63
CA ASP D 45 -106.03 -193.38 46.84
CA GLU D 46 -106.84 -190.46 44.59
CA TRP D 47 -110.54 -191.28 44.67
CA TYR D 48 -110.53 -191.42 48.45
CA ALA D 49 -108.86 -188.03 48.67
CA ARG D 50 -111.42 -186.49 46.36
CA GLN D 51 -114.27 -187.86 48.44
CA ASP D 52 -112.78 -186.44 51.62
CA GLU D 53 -112.44 -183.01 50.05
CA GLN D 54 -116.06 -183.05 48.94
CA LEU D 55 -117.23 -183.94 52.42
CA GLN D 56 -115.24 -181.10 53.94
CA LYS D 57 -116.74 -178.61 51.50
CA THR D 58 -120.25 -179.76 52.33
CA LYS D 59 -119.62 -179.35 56.04
CA ALA D 60 -118.33 -175.82 55.55
CA ASN D 61 -121.39 -174.87 53.54
CA ASN D 62 -123.70 -176.19 56.24
CA ARG D 63 -121.89 -174.19 58.90
CA VAL D 64 -122.20 -171.01 56.88
CA ALA D 65 -125.93 -171.54 56.43
CA ASP D 66 -126.41 -172.03 60.16
CA GLU D 67 -124.54 -168.82 60.92
CA ALA D 68 -126.68 -166.88 58.50
CA PHE D 69 -129.86 -168.19 60.07
CA TYR D 70 -128.69 -167.20 63.53
CA MET E 1 -113.53 186.24 -67.48
CA ALA E 2 -114.68 182.58 -67.61
CA GLN E 3 -118.17 182.40 -66.26
CA ILE E 4 -119.30 178.88 -65.47
CA LEU E 5 -117.18 176.26 -63.83
CA PRO E 6 -116.72 173.42 -66.41
CA ILE E 7 -114.99 170.95 -64.03
CA ARG E 8 -115.35 169.80 -60.39
CA PHE E 9 -112.25 169.83 -58.22
CA GLN E 10 -112.84 167.49 -55.24
CA GLU E 11 -110.63 166.43 -52.31
CA HIS E 12 -111.55 162.86 -51.40
CA LEU E 13 -109.40 162.51 -48.35
CA GLN E 14 -106.49 164.15 -46.59
CA LEU E 15 -103.87 161.56 -45.78
CA GLN E 16 -102.33 163.14 -42.74
CA ASN E 17 -105.81 162.98 -41.17
CA LEU E 18 -105.16 159.25 -41.23
CA GLY E 19 -102.06 160.10 -39.34
CA ILE E 20 -99.69 159.17 -42.16
CA ASN E 21 -96.11 160.39 -41.92
CA PRO E 22 -95.80 162.98 -44.71
CA ALA E 23 -92.29 161.71 -45.26
CA ASN E 24 -94.02 158.70 -46.73
CA ILE E 25 -96.29 160.48 -49.19
CA GLY E 26 -94.07 160.16 -52.20
CA PHE E 27 -93.36 158.34 -55.46
CA SER E 28 -91.39 155.62 -53.80
CA THR E 29 -93.48 155.04 -50.76
CA LEU E 30 -96.96 155.79 -52.05
CA THR E 31 -98.66 154.04 -54.93
CA MET E 32 -102.03 154.41 -56.60
CA GLU E 33 -102.62 151.69 -59.28
CA SER E 34 -106.31 152.46 -59.49
CA ASP E 35 -108.86 154.68 -57.71
CA LYS E 36 -109.63 151.66 -55.50
CA PHE E 37 -106.71 151.62 -53.05
CA ILE E 38 -103.79 153.71 -51.98
CA CYS E 39 -100.85 151.91 -50.48
CA ILE E 40 -98.16 153.49 -48.28
CA ARG E 41 -95.02 151.79 -46.97
CA GLU E 42 -94.18 153.24 -43.47
CA LYS E 43 -91.53 152.40 -40.85
CA VAL E 44 -93.53 152.85 -37.69
CA GLY E 45 -90.86 153.13 -35.08
CA GLU E 46 -88.19 150.67 -36.08
CA GLN E 47 -90.86 148.51 -37.75
CA ALA E 48 -91.89 148.42 -41.39
CA GLN E 49 -95.46 148.18 -42.48
CA VAL E 50 -97.86 148.71 -45.35
CA VAL E 51 -100.90 150.84 -44.95
CA ILE E 52 -103.62 150.02 -47.44
CA ILE E 53 -106.33 152.58 -47.89
CA ASP E 54 -109.44 151.27 -49.58
CA MET E 55 -111.01 154.24 -51.17
CA ASN E 56 -114.36 152.80 -50.40
CA ASP E 57 -114.05 153.48 -46.67
CA PRO E 58 -110.88 155.50 -46.50
CA SER E 59 -111.60 156.26 -42.90
CA ASN E 60 -110.22 152.87 -42.05
CA PRO E 61 -106.78 151.89 -43.41
CA ILE E 62 -105.47 148.24 -43.21
CA ARG E 63 -101.96 148.04 -41.75
CA ARG E 64 -99.57 145.05 -41.95
CA PRO E 65 -95.93 144.68 -40.98
CA ILE E 66 -94.36 143.96 -44.26
CA SER E 67 -90.82 144.71 -45.23
CA ALA E 68 -90.80 145.27 -48.96
CA ASP E 69 -88.73 147.36 -51.32
CA SER E 70 -92.10 148.06 -52.89
CA ALA E 71 -95.79 147.24 -52.78
CA ILE E 72 -98.53 147.81 -55.32
CA MET E 73 -102.14 146.71 -54.93
CA ASN E 74 -104.36 145.06 -57.50
CA PRO E 75 -106.44 147.49 -59.48
CA ALA E 76 -109.49 145.77 -58.15
CA SER E 77 -109.02 143.03 -55.66
CA LYS E 78 -107.41 142.75 -52.26
CA VAL E 79 -104.31 141.19 -53.81
CA ILE E 80 -100.96 142.92 -53.30
CA ALA E 81 -97.65 142.51 -55.07
CA LEU E 82 -94.66 142.86 -52.75
CA LYS E 83 -91.12 143.03 -53.94
CA ALA E 84 -88.19 142.08 -51.75
CA GLY E 85 -85.19 143.11 -53.79
CA LYS E 86 -85.50 140.44 -56.48
CA THR E 87 -88.08 138.16 -55.01
CA LEU E 88 -91.49 139.20 -56.26
CA GLN E 89 -94.49 137.95 -54.30
CA ILE E 90 -98.25 138.27 -55.00
CA PHE E 91 -100.14 137.88 -51.71
CA ASN E 92 -103.83 137.85 -50.96
CA ILE E 93 -104.34 140.56 -48.31
CA GLU E 94 -107.99 139.50 -48.11
CA MET E 95 -107.38 135.98 -46.84
CA LYS E 96 -103.72 136.38 -45.93
CA SER E 97 -102.67 133.57 -48.28
CA LYS E 98 -99.58 133.72 -50.50
CA MET E 99 -100.70 133.52 -54.09
CA LYS E 100 -97.44 133.29 -56.00
CA ALA E 101 -93.79 134.40 -56.08
CA HIS E 102 -90.74 134.56 -58.30
CA THR E 103 -87.14 135.59 -57.91
CA MET E 104 -86.26 137.66 -60.88
CA THR E 105 -82.76 137.22 -62.34
CA ASP E 106 -82.19 140.95 -62.45
CA ASP E 107 -83.86 143.55 -60.21
CA VAL E 108 -87.24 144.87 -61.20
CA THR E 109 -86.62 148.52 -61.67
CA PHE E 110 -90.24 149.67 -61.89
CA TRP E 111 -93.40 147.57 -61.95
CA LYS E 112 -97.16 148.12 -62.07
CA TRP E 113 -100.45 146.37 -62.52
CA ILE E 114 -101.54 146.82 -66.13
CA SER E 115 -104.77 145.03 -65.52
CA LEU E 116 -106.97 143.14 -63.18
CA ASN E 117 -104.44 140.34 -63.12
CA THR E 118 -101.14 141.08 -64.73
CA VAL E 119 -98.14 142.93 -63.30
CA ALA E 120 -95.52 144.58 -65.55
CA LEU E 121 -91.90 144.19 -64.43
CA VAL E 122 -89.44 146.58 -65.85
CA THR E 123 -85.90 145.43 -65.71
CA ASP E 124 -82.87 147.35 -66.62
CA ASN E 125 -83.08 145.63 -70.00
CA ALA E 126 -86.55 144.29 -70.46
CA VAL E 127 -90.24 144.56 -69.69
CA TYR E 128 -92.09 141.33 -68.72
CA HIS E 129 -95.73 140.70 -67.86
CA TRP E 130 -96.59 138.39 -64.95
CA SER E 131 -100.10 137.03 -64.60
CA MET E 132 -101.25 136.60 -61.02
CA GLU E 133 -102.97 133.50 -62.39
CA GLY E 134 -101.63 129.96 -62.13
CA GLU E 135 -98.15 128.56 -61.92
CA SER E 136 -97.12 130.77 -64.85
CA GLN E 137 -93.95 132.78 -64.64
CA PRO E 138 -92.96 136.30 -65.94
CA VAL E 139 -93.02 136.55 -69.76
CA LYS E 140 -90.68 138.95 -71.57
CA MET E 141 -92.63 141.23 -73.96
CA PHE E 142 -89.76 143.19 -75.28
CA ASP E 143 -86.31 144.60 -74.67
CA ARG E 144 -85.73 148.11 -73.55
CA HIS E 145 -84.90 150.42 -76.41
CA SER E 146 -81.64 152.30 -76.05
CA SER E 147 -82.98 155.81 -76.00
CA LEU E 148 -84.13 154.94 -72.51
CA ALA E 149 -80.73 153.90 -71.19
CA GLY E 150 -79.99 155.34 -67.78
CA CYS E 151 -83.50 156.86 -67.61
CA GLN E 152 -85.49 157.15 -64.43
CA ILE E 153 -88.46 154.94 -65.42
CA ILE E 154 -91.65 156.74 -64.43
CA ASN E 155 -94.44 154.83 -66.14
CA TYR E 156 -95.57 151.93 -68.27
CA ARG E 157 -98.88 151.74 -70.13
CA THR E 158 -100.71 149.44 -72.49
CA ASP E 159 -103.63 149.78 -74.87
CA ALA E 160 -106.82 147.92 -73.90
CA LYS E 161 -105.80 144.98 -75.99
CA GLN E 162 -102.23 144.96 -74.70
CA LYS E 163 -101.08 144.92 -78.26
CA TRP E 164 -99.18 148.27 -77.94
CA LEU E 165 -97.00 148.90 -74.89
CA LEU E 166 -95.39 152.17 -73.88
CA LEU E 167 -92.44 152.71 -71.54
CA THR E 168 -91.45 156.17 -70.23
CA GLY E 169 -88.44 157.45 -68.44
CA ILE E 170 -87.04 160.93 -67.86
CA SER E 171 -83.55 162.38 -67.80
CA ALA E 172 -82.02 165.62 -66.60
CA GLN E 173 -80.30 166.27 -69.79
CA GLN E 174 -78.43 169.44 -70.02
CA ASN E 175 -80.58 171.27 -67.44
CA ARG E 176 -84.11 170.02 -68.56
CA VAL E 177 -86.12 166.99 -67.52
CA VAL E 178 -86.28 165.28 -70.83
CA GLY E 179 -88.76 162.37 -71.24
CA ALA E 180 -88.12 159.24 -73.28
CA MET E 181 -90.85 156.91 -74.43
CA GLN E 182 -90.57 153.54 -76.12
CA LEU E 183 -93.70 152.51 -78.02
CA TYR E 184 -93.50 148.74 -78.71
CA SER E 185 -95.80 146.93 -81.15
CA VAL E 186 -96.63 143.43 -79.99
CA ASP E 187 -98.25 142.10 -83.13
CA ARG E 188 -95.76 143.76 -85.51
CA LYS E 189 -92.85 143.03 -83.16
CA VAL E 190 -91.38 146.50 -83.85
CA SER E 191 -90.58 149.28 -81.41
CA GLN E 192 -90.01 153.02 -81.75
CA PRO E 193 -88.70 155.89 -79.65
CA ILE E 194 -90.75 159.09 -79.02
CA GLU E 195 -89.85 162.09 -76.90
CA GLY E 196 -92.72 162.32 -74.52
CA HIS E 197 -93.54 163.31 -71.02
CA ALA E 198 -96.94 161.81 -70.42
CA ALA E 199 -99.37 159.68 -72.46
CA SER E 200 -102.29 157.32 -72.43
CA PHE E 201 -104.19 155.18 -74.97
CA ALA E 202 -107.92 155.39 -75.66
CA GLN E 203 -110.60 153.49 -77.55
CA PHE E 204 -112.60 155.91 -79.66
CA LYS E 205 -115.28 155.05 -82.16
CA MET E 206 -115.14 157.79 -84.79
CA GLU E 207 -118.22 159.40 -86.27
CA GLY E 208 -119.34 157.04 -88.98
CA ASN E 209 -117.19 153.99 -88.20
CA ALA E 210 -118.39 150.80 -86.60
CA GLU E 211 -115.27 150.00 -84.76
CA GLU E 212 -113.37 151.85 -82.10
CA SER E 213 -110.05 153.18 -83.08
CA THR E 214 -107.22 152.72 -80.62
CA LEU E 215 -105.61 156.04 -80.02
CA PHE E 216 -102.34 156.87 -78.35
CA CYS E 217 -102.14 160.34 -76.91
CA PHE E 218 -98.99 161.83 -75.55
CA ALA E 219 -97.67 165.17 -74.46
CA VAL E 220 -94.27 166.70 -74.16
CA ARG E 221 -92.49 169.94 -73.69
CA GLY E 222 -89.54 170.11 -76.08
CA GLN E 223 -87.41 172.89 -77.59
CA ALA E 224 -90.41 173.85 -79.69
CA GLY E 225 -92.53 174.04 -76.63
CA GLY E 226 -95.10 171.63 -75.37
CA LYS E 227 -97.35 169.78 -77.70
CA LEU E 228 -99.97 167.12 -77.41
CA HIS E 229 -100.34 164.43 -80.07
CA ILE E 230 -103.31 162.14 -80.61
CA ILE E 231 -102.68 159.41 -83.19
CA GLU E 232 -104.37 156.13 -84.14
CA VAL E 233 -102.18 153.17 -83.47
CA GLY E 234 -102.04 150.17 -85.82
CA THR E 235 -104.43 149.24 -88.68
CA PRO E 236 -107.98 150.51 -88.63
CA PRO E 237 -110.60 147.84 -88.23
CA THR E 238 -111.49 146.80 -91.74
CA GLY E 239 -114.11 149.19 -93.01
CA ASN E 240 -113.10 152.04 -90.72
CA GLN E 241 -112.06 155.42 -92.01
CA PRO E 242 -108.76 156.20 -90.41
CA PHE E 243 -108.48 158.72 -87.58
CA PRO E 244 -106.58 161.81 -88.68
CA LYS E 245 -103.52 162.17 -86.45
CA LYS E 246 -103.71 165.40 -84.35
CA ALA E 247 -101.20 167.79 -82.75
CA VAL E 248 -101.97 170.71 -80.49
CA ASP E 249 -99.63 172.75 -78.38
CA VAL E 250 -99.96 172.73 -74.61
CA PHE E 251 -99.42 176.15 -73.12
CA PHE E 252 -97.15 177.01 -70.23
CA PRO E 253 -97.32 180.43 -68.68
CA PRO E 254 -94.13 182.37 -67.98
CA GLU E 255 -94.67 181.82 -64.28
CA ALA E 256 -94.70 178.13 -65.21
CA GLN E 257 -90.97 178.44 -65.72
CA ASN E 258 -89.79 174.93 -66.18
CA ASP E 259 -93.03 173.03 -65.87
CA PHE E 260 -93.63 169.94 -68.04
CA PRO E 261 -96.29 167.19 -68.42
CA VAL E 262 -96.38 164.63 -65.73
CA ALA E 263 -99.64 162.67 -65.94
CA MET E 264 -102.49 162.01 -68.34
CA GLN E 265 -105.78 160.15 -68.16
CA ILE E 266 -108.54 160.21 -70.68
CA SER E 267 -112.24 160.03 -69.98
CA GLU E 268 -113.78 157.44 -72.21
CA LYS E 269 -117.13 158.61 -70.97
CA HIS E 270 -116.57 162.20 -72.30
CA ASP E 271 -113.62 161.80 -74.72
CA VAL E 272 -111.63 164.41 -72.90
CA VAL E 273 -107.93 164.26 -72.22
CA PHE E 274 -106.81 165.28 -68.74
CA LEU E 275 -103.22 166.49 -68.50
CA ILE E 276 -101.44 167.38 -65.22
CA THR E 277 -98.12 169.26 -65.19
CA LYS E 278 -95.22 169.10 -62.74
CA TYR E 279 -96.29 172.36 -61.01
CA GLY E 280 -99.89 171.36 -60.35
CA TYR E 281 -101.64 172.64 -63.51
CA ILE E 282 -104.50 170.83 -65.23
CA HIS E 283 -105.70 170.97 -68.84
CA LEU E 284 -108.65 169.34 -70.53
CA TYR E 285 -108.43 168.67 -74.27
CA ASP E 286 -111.02 167.25 -76.61
CA LEU E 287 -109.81 163.74 -77.54
CA GLU E 288 -111.13 163.75 -81.09
CA THR E 289 -109.82 167.17 -82.15
CA GLY E 290 -107.24 168.06 -79.57
CA THR E 291 -108.99 171.32 -78.91
CA CYS E 292 -108.04 172.80 -75.54
CA ILE E 293 -111.18 173.14 -73.45
CA TYR E 294 -109.88 174.28 -70.07
CA MET E 295 -106.72 175.04 -68.08
CA ASN E 296 -106.13 176.08 -64.50
CA ARG E 297 -104.01 175.37 -61.53
CA ILE E 298 -105.33 173.11 -58.85
CA SER E 299 -102.25 172.28 -56.80
CA GLY E 300 -99.05 174.07 -55.93
CA GLU E 301 -97.47 170.87 -54.75
CA THR E 302 -96.89 168.13 -57.36
CA ILE E 303 -99.51 165.44 -57.99
CA PHE E 304 -97.01 162.57 -58.09
CA VAL E 305 -99.42 159.78 -58.91
CA THR E 306 -102.77 159.49 -60.63
CA ALA E 307 -105.34 157.17 -62.09
CA PRO E 308 -108.51 157.36 -63.88
CA HIS E 309 -111.47 158.10 -61.57
CA GLU E 310 -114.12 155.66 -62.59
CA ALA E 311 -116.99 157.20 -60.71
CA THR E 312 -116.70 160.46 -62.49
CA ALA E 313 -114.74 159.49 -65.56
CA GLY E 314 -112.11 161.98 -64.47
CA ILE E 315 -108.71 161.92 -62.93
CA ILE E 316 -107.69 161.34 -59.26
CA GLY E 317 -104.21 161.77 -57.82
CA VAL E 318 -102.28 162.48 -54.64
CA ASN E 319 -99.89 165.35 -54.05
CA ARG E 320 -97.11 166.02 -51.59
CA LYS E 321 -99.39 167.42 -48.85
CA GLY E 322 -101.34 164.19 -48.78
CA GLN E 323 -104.31 165.53 -50.63
CA VAL E 324 -106.13 162.92 -52.65
CA LEU E 325 -107.56 165.26 -55.36
CA SER E 326 -109.75 164.64 -58.31
CA VAL E 327 -110.96 166.61 -61.38
CA CYS E 328 -113.70 165.80 -63.84
CA VAL E 329 -116.10 167.35 -66.39
CA GLU E 330 -119.19 168.86 -64.80
CA GLU E 331 -121.66 167.25 -67.21
CA GLU E 332 -124.13 169.98 -66.70
CA ASN E 333 -121.76 172.95 -67.24
CA ILE E 334 -119.42 171.90 -70.05
CA ILE E 335 -121.62 172.27 -73.13
CA PRO E 336 -122.71 175.78 -71.85
CA TYR E 337 -119.07 176.59 -71.05
CA ILE E 338 -117.86 175.65 -74.58
CA THR E 339 -120.70 177.71 -76.08
CA ASN E 340 -120.44 180.82 -73.90
CA VAL E 341 -116.92 181.01 -72.50
CA LEU E 342 -115.14 179.18 -75.40
CA GLN E 343 -117.62 180.69 -77.78
CA ASN E 344 -117.33 177.56 -79.81
CA PRO E 345 -120.90 176.33 -80.44
CA ASP E 346 -119.77 173.93 -83.04
CA LEU E 347 -117.47 172.04 -80.65
CA ALA E 348 -120.31 172.38 -78.15
CA LEU E 349 -122.98 170.74 -80.31
CA ARG E 350 -120.62 168.00 -81.40
CA MET E 351 -119.43 167.21 -77.95
CA ALA E 352 -123.11 167.43 -76.80
CA VAL E 353 -124.53 164.96 -79.30
CA ARG E 354 -121.41 162.81 -79.28
CA ASN E 355 -121.66 162.46 -75.53
CA ASN E 356 -125.31 163.00 -74.88
CA LEU E 357 -124.56 165.92 -72.64
CA ALA E 358 -126.95 168.82 -72.03
CA GLY E 359 -126.86 172.55 -72.46
CA ALA E 360 -127.20 172.97 -76.18
CA GLU E 361 -130.99 172.73 -76.37
CA GLU E 362 -131.47 176.17 -77.96
CA LEU E 363 -128.83 175.52 -80.58
CA PHE E 364 -130.52 172.25 -81.48
CA ALA E 365 -134.02 173.66 -81.83
CA ARG E 366 -132.46 176.47 -83.88
CA LYS E 367 -130.63 173.95 -86.07
CA PHE E 368 -133.77 171.84 -86.52
CA ASN E 369 -135.94 174.83 -87.27
CA ALA E 370 -133.33 176.03 -89.74
CA LEU E 371 -133.19 172.81 -91.69
CA PHE E 372 -137.02 172.71 -91.69
CA ALA E 373 -137.23 175.84 -93.85
CA GLN E 374 -134.70 174.66 -96.34
CA GLY E 375 -137.18 171.81 -96.15
CA ASN E 376 -134.43 169.25 -95.63
CA TYR E 377 -136.82 167.26 -93.53
CA SER E 378 -134.28 164.50 -93.64
CA GLU E 379 -131.46 166.50 -92.12
CA ALA E 380 -133.95 168.10 -89.76
CA ALA E 381 -135.02 164.64 -88.49
CA LYS E 382 -131.46 163.47 -88.05
CA VAL E 383 -131.02 166.40 -85.67
CA ALA E 384 -134.17 165.64 -83.67
CA ALA E 385 -133.31 161.97 -83.54
CA ASN E 386 -129.79 162.57 -82.23
CA ALA E 387 -129.97 165.76 -80.17
CA PRO E 388 -129.32 164.76 -76.47
CA LYS E 389 -131.64 163.99 -73.62
CA GLY E 390 -134.53 163.59 -76.04
CA ILE E 391 -134.95 167.28 -76.38
CA LEU E 392 -136.62 167.08 -79.88
CA ARG E 393 -138.11 163.56 -79.76
CA THR E 394 -141.37 165.20 -78.98
CA PRO E 395 -145.06 164.85 -79.97
CA ASP E 396 -144.81 168.33 -81.20
CA THR E 397 -141.87 167.26 -83.31
CA ILE E 398 -144.07 164.51 -84.78
CA ARG E 399 -146.90 167.10 -85.29
CA ARG E 400 -144.41 169.22 -87.17
CA PHE E 401 -143.46 166.50 -89.65
CA GLN E 402 -147.05 165.34 -89.78
CA SER E 403 -148.04 168.78 -91.07
CA VAL E 404 -146.04 168.95 -94.27
CA PRO E 405 -147.71 167.35 -97.26
CA ALA E 406 -146.33 164.42 -99.18
CA GLN E 407 -145.79 165.90 -102.67
CA PRO E 408 -146.11 163.09 -105.25
CA GLY E 409 -143.03 160.88 -105.44
CA GLN E 410 -140.62 160.63 -102.45
CA THR E 411 -141.43 159.56 -98.89
CA SER E 412 -143.26 161.72 -96.28
CA PRO E 413 -141.14 163.80 -93.93
CA LEU E 414 -142.83 161.95 -91.09
CA LEU E 415 -142.31 158.51 -92.45
CA GLN E 416 -138.80 159.75 -93.17
CA TYR E 417 -138.28 160.79 -89.51
CA PHE E 418 -139.80 157.52 -88.24
CA GLY E 419 -137.38 155.84 -90.58
CA ILE E 420 -134.44 157.46 -88.85
CA LEU E 421 -135.79 156.58 -85.47
CA LEU E 422 -136.47 152.94 -86.39
CA ASP E 423 -132.87 152.77 -87.52
CA GLN E 424 -131.58 154.62 -84.54
CA GLY E 425 -133.43 152.17 -82.35
CA GLN E 426 -136.66 151.56 -80.48
CA LEU E 427 -139.64 154.00 -80.55
CA ASN E 428 -141.61 155.12 -77.43
CA LYS E 429 -145.25 154.75 -76.66
CA TYR E 430 -146.40 157.88 -78.48
CA GLU E 431 -144.18 157.29 -81.49
CA SER E 432 -145.20 153.69 -81.83
CA LEU E 433 -148.84 154.75 -81.71
CA GLU E 434 -148.35 157.48 -84.33
CA LEU E 435 -146.37 155.10 -86.51
CA CYS E 436 -148.87 152.27 -86.23
CA ARG E 437 -152.21 154.06 -86.41
CA PRO E 438 -152.13 154.68 -90.22
CA VAL E 439 -150.42 151.35 -91.16
CA LEU E 440 -153.09 149.51 -89.21
CA GLN E 441 -155.73 151.23 -91.29
CA GLN E 442 -153.84 150.39 -94.48
CA GLY E 443 -154.36 146.69 -93.70
CA ARG E 444 -150.64 146.35 -93.28
CA LYS E 445 -150.42 143.56 -90.67
CA GLN E 446 -147.23 142.01 -91.81
CA LEU E 447 -145.39 145.34 -91.37
CA LEU E 448 -146.37 145.91 -87.78
CA GLU E 449 -145.63 142.21 -87.25
CA LYS E 450 -142.02 142.74 -88.26
CA TRP E 451 -141.68 145.96 -86.33
CA LEU E 452 -142.94 143.97 -83.33
CA LYS E 453 -140.67 140.95 -83.77
CA GLU E 454 -137.60 142.99 -84.49
CA ASP E 455 -138.68 144.47 -81.18
CA LYS E 456 -138.90 148.07 -82.46
CA LEU E 457 -142.23 149.18 -80.83
CA GLU E 458 -142.81 149.89 -77.17
CA CYS E 459 -146.08 147.95 -76.92
CA SER E 460 -148.83 149.48 -74.78
CA GLU E 461 -152.44 148.65 -73.82
CA GLU E 462 -153.49 151.48 -76.13
CA LEU E 463 -151.49 150.44 -79.21
CA GLY E 464 -153.16 147.15 -78.53
CA ASP E 465 -156.67 148.59 -78.31
CA LEU E 466 -155.95 150.24 -81.67
CA VAL E 467 -154.94 146.93 -83.19
CA LYS E 468 -157.93 145.17 -81.59
CA SER E 469 -159.98 147.48 -83.84
CA VAL E 470 -158.45 145.65 -86.78
CA ASP E 471 -157.05 142.40 -85.48
CA PRO E 472 -158.34 141.40 -82.07
CA THR E 473 -155.94 138.45 -82.53
CA LEU E 474 -152.93 140.69 -83.28
CA ALA E 475 -153.87 142.58 -80.08
CA LEU E 476 -153.15 139.76 -77.59
CA SER E 477 -149.69 139.83 -79.04
CA VAL E 478 -149.06 143.50 -78.06
CA TYR E 479 -150.96 143.17 -74.81
CA LEU E 480 -149.03 140.07 -73.86
CA ARG E 481 -146.03 142.40 -74.39
CA ALA E 482 -147.70 145.40 -72.96
CA ASN E 483 -149.88 145.99 -69.69
CA VAL E 484 -150.24 142.23 -69.48
CA PRO E 485 -154.12 146.78 -71.45
CA ASN E 486 -155.64 143.35 -71.26
CA LYS E 487 -159.17 144.52 -70.82
CA VAL E 488 -158.92 146.78 -73.80
CA ILE E 489 -157.50 144.11 -76.06
CA GLN E 490 -160.22 141.64 -75.27
CA CYS E 491 -162.79 144.27 -75.72
CA PHE E 492 -162.76 145.33 -79.32
CA ALA E 493 -161.24 142.00 -80.06
CA GLU E 494 -164.50 140.30 -80.35
CA THR E 495 -162.71 139.31 -83.47
CA GLY E 496 -159.18 138.12 -83.05
CA GLN E 497 -157.13 135.00 -82.69
CA VAL E 498 -158.46 132.44 -80.29
CA GLN E 499 -155.10 131.56 -78.86
CA LYS E 500 -154.31 135.11 -77.85
CA ILE E 501 -157.74 135.55 -76.40
CA VAL E 502 -157.45 132.54 -74.18
CA LEU E 503 -154.25 133.86 -72.64
CA TYR E 504 -155.23 137.50 -72.24
CA ALA E 505 -158.81 137.02 -71.09
CA LYS E 506 -157.56 135.65 -67.79
CA LYS E 507 -155.48 138.76 -67.23
CA VAL E 508 -158.49 141.02 -67.74
CA GLY E 509 -157.40 144.36 -65.74
CA TYR E 510 -161.27 145.80 -66.94
CA THR E 511 -163.83 143.08 -66.84
CA PRO E 512 -166.34 144.68 -69.18
CA ASP E 513 -163.81 144.32 -71.93
CA TRP E 514 -164.44 140.62 -71.67
CA ILE E 515 -168.12 141.09 -72.35
CA PHE E 516 -167.21 143.29 -75.25
CA LEU E 517 -164.79 140.66 -76.46
CA LEU E 518 -167.42 137.99 -76.37
CA ARG E 519 -169.66 140.09 -78.51
CA ASN E 520 -166.93 140.42 -81.07
CA VAL E 521 -166.25 136.75 -81.07
CA MET E 522 -169.94 136.13 -81.31
CA ARG E 523 -169.70 136.58 -86.57
CA ILE E 524 -166.07 137.47 -86.42
CA SER E 525 -162.78 136.00 -87.47
CA PRO E 526 -163.46 133.38 -84.91
CA ASP E 527 -166.23 131.01 -85.83
CA GLN E 528 -167.75 127.81 -84.63
CA GLY E 529 -165.58 124.77 -84.41
CA GLN E 530 -162.30 125.02 -82.67
CA GLN E 531 -161.45 128.67 -82.84
CA PHE E 532 -161.09 131.63 -80.58
CA ALA E 533 -164.83 131.69 -80.23
CA GLN E 534 -165.27 129.00 -77.60
CA MET E 535 -161.69 128.84 -76.49
CA LEU E 536 -161.88 132.51 -75.67
CA VAL E 537 -164.70 131.80 -73.29
CA GLN E 538 -162.49 129.33 -71.49
CA ASP E 539 -159.78 131.75 -70.52
CA GLU E 540 -162.49 134.24 -69.69
CA GLU E 541 -163.91 131.72 -67.29
CA PRO E 542 -166.05 135.18 -66.03
CA LEU E 543 -168.46 138.38 -67.09
CA ALA E 544 -169.92 140.96 -69.39
CA ASP E 545 -172.54 140.65 -71.16
CA ILE E 546 -173.56 137.01 -71.01
CA THR E 547 -176.39 137.72 -73.40
CA GLN E 548 -173.92 139.48 -75.65
CA ILE E 549 -171.65 136.50 -75.88
CA VAL E 550 -174.49 134.16 -76.71
CA ASP E 551 -176.04 136.63 -79.11
CA VAL E 552 -172.85 136.64 -81.09
CA PHE E 553 -172.71 132.87 -81.17
CA MET E 554 -176.31 132.52 -82.24
CA GLU E 555 -176.13 134.81 -85.24
CA TYR E 556 -173.08 132.94 -86.39
CA ASN E 557 -175.10 129.75 -85.94
CA LEU E 558 -170.95 129.19 -84.17
CA ILE E 559 -173.60 127.84 -81.80
CA GLN E 560 -172.09 124.40 -81.67
CA GLN E 561 -168.82 125.90 -80.47
CA CYS E 562 -170.56 128.32 -78.17
CA THR E 563 -172.24 125.49 -76.36
CA ALA E 564 -168.94 123.65 -76.17
CA PHE E 565 -167.13 126.50 -74.47
CA LEU E 566 -169.96 127.11 -72.06
CA LEU E 567 -169.37 123.62 -70.81
CA ASP E 568 -165.86 124.74 -69.90
CA ALA E 569 -167.20 127.86 -68.25
CA LEU E 570 -169.20 125.97 -65.67
CA LYS E 571 -166.04 124.36 -64.44
CA ASN E 572 -164.48 127.66 -63.56
CA ASN E 573 -166.09 128.00 -60.20
CA ARG E 574 -165.43 131.67 -59.78
CA PRO E 575 -166.01 132.49 -63.36
CA SER E 576 -169.34 130.73 -63.25
CA GLU E 577 -172.38 132.93 -63.37
CA GLY E 578 -177.19 131.37 -62.77
CA PRO E 579 -177.90 133.99 -65.33
CA LEU E 580 -174.92 132.77 -67.28
CA GLN E 581 -176.45 129.36 -67.80
CA THR E 582 -179.80 130.86 -68.55
CA ARG E 583 -178.42 133.20 -71.17
CA LEU E 584 -176.25 130.54 -72.74
CA LEU E 585 -179.07 128.15 -73.38
CA GLU E 586 -181.24 130.92 -74.71
CA MET E 587 -178.53 131.97 -77.10
CA ASN E 588 -177.94 128.38 -78.04
CA LEU E 589 -181.54 127.90 -78.96
CA MET E 590 -181.54 130.57 -81.62
CA HIS E 591 -177.82 130.28 -82.33
CA ALA E 592 -177.34 126.54 -82.50
CA PRO E 593 -180.00 124.19 -81.37
CA GLN E 594 -177.73 121.18 -81.50
CA VAL E 595 -175.86 122.50 -78.52
CA ALA E 596 -179.07 123.43 -76.76
CA ASP E 597 -179.97 119.92 -75.71
CA ALA E 598 -176.52 118.95 -74.50
CA ILE E 599 -176.35 122.02 -72.33
CA LEU E 600 -179.65 120.98 -70.86
CA GLY E 601 -178.09 117.77 -69.84
CA ASN E 602 -174.90 119.33 -68.60
CA GLN E 603 -176.19 122.07 -66.40
CA MET E 604 -179.16 123.63 -67.97
CA PHE E 605 -181.33 121.62 -65.72
CA THR E 606 -179.97 122.47 -62.30
CA HIS E 607 -178.79 126.01 -62.63
CA TYR E 608 -180.97 127.70 -65.15
CA ASP E 609 -184.02 129.90 -65.09
CA ARG E 610 -186.21 127.07 -66.31
CA ALA E 611 -189.24 129.16 -67.06
CA HIS E 612 -187.27 131.48 -69.28
CA ILE E 613 -185.60 128.72 -71.20
CA ALA E 614 -188.84 127.00 -71.92
CA GLN E 615 -190.41 130.02 -73.51
CA LEU E 616 -187.34 130.34 -75.64
CA CYS E 617 -187.49 126.70 -76.68
CA GLU E 618 -191.15 127.03 -77.54
CA LYS E 619 -190.35 129.75 -80.00
CA ALA E 620 -187.41 127.61 -80.98
CA GLY E 621 -189.46 124.60 -82.01
CA LEU E 622 -187.10 122.66 -79.75
CA LEU E 623 -189.99 120.50 -78.56
CA GLN E 624 -187.87 117.39 -78.12
CA ARG E 625 -185.86 119.37 -75.55
CA ALA E 626 -188.96 121.19 -74.31
CA LEU E 627 -190.30 117.88 -73.12
CA GLU E 628 -187.05 117.34 -71.28
CA HIS E 629 -187.39 120.63 -69.44
CA PHE E 630 -191.02 120.07 -68.73
CA THR E 631 -190.28 116.67 -67.39
CA ASP E 632 -187.57 117.94 -65.05
CA LEU E 633 -189.71 120.96 -64.30
CA TYR E 634 -192.16 118.32 -63.17
CA ASP E 635 -194.69 119.96 -65.33
CA ILE E 636 -195.70 116.59 -66.70
CA LYS E 637 -199.03 117.67 -68.07
CA ARG E 638 -197.19 120.08 -70.32
CA ALA E 639 -194.68 117.50 -71.41
CA VAL E 640 -197.45 115.20 -72.51
CA VAL E 641 -199.42 117.91 -74.25
CA HIS E 642 -196.32 118.88 -76.16
CA THR E 643 -195.57 115.29 -76.98
CA HIS E 644 -199.04 115.10 -78.40
CA LEU E 645 -198.39 117.73 -81.00
CA LEU E 646 -195.07 116.27 -82.00
CA ASN E 647 -194.53 112.62 -81.26
CA PRO E 648 -192.71 111.87 -78.12
CA GLU E 649 -190.53 108.91 -77.40
CA TRP E 650 -192.33 105.68 -76.64
CA LEU E 651 -190.73 104.91 -73.31
CA VAL E 652 -191.13 108.42 -71.94
CA ASN E 653 -194.79 108.49 -72.81
CA TYR E 654 -195.53 105.60 -70.53
CA PHE E 655 -193.70 107.06 -67.57
CA GLY E 656 -194.79 110.66 -67.89
CA SER E 657 -198.46 110.06 -68.56
CA LEU E 658 -198.95 108.45 -65.19
CA SER E 659 -197.05 111.28 -63.61
CA VAL E 660 -199.74 113.53 -64.96
CA GLU E 661 -201.73 113.40 -61.77
CA ASP E 662 -203.20 116.72 -62.60
CA SER E 663 -205.24 115.86 -65.62
CA LEU E 664 -207.13 112.61 -65.88
CA GLU E 665 -208.57 113.82 -69.16
CA CYS E 666 -205.15 113.71 -70.70
CA LEU E 667 -205.39 109.97 -70.42
CA ARG E 668 -208.53 109.88 -72.50
CA ALA E 669 -207.02 112.35 -74.89
CA MET E 670 -203.95 110.19 -75.16
CA LEU E 671 -205.88 107.06 -75.92
CA SER E 672 -207.54 108.76 -78.82
CA ALA E 673 -204.20 109.90 -80.16
CA ASN E 674 -202.72 106.50 -79.55
CA ILE E 675 -205.50 104.78 -81.36
CA ARG E 676 -204.46 106.55 -84.48
CA GLN E 677 -200.71 106.67 -84.55
CA ASN E 678 -200.24 103.15 -83.31
CA LEU E 679 -202.53 100.30 -82.33
CA GLN E 680 -199.79 98.40 -80.59
CA ILE E 681 -198.80 101.30 -78.43
CA CYS E 682 -202.36 101.75 -77.31
CA VAL E 683 -202.69 98.31 -75.82
CA GLN E 684 -199.54 98.69 -73.76
CA VAL E 685 -200.39 102.26 -72.84
CA ALA E 686 -203.89 101.25 -71.87
CA SER E 687 -202.58 99.04 -69.13
CA LYS E 688 -200.86 101.85 -67.18
CA TYR E 689 -203.53 102.62 -66.92
CA HIS E 690 -206.92 103.96 -66.73
CA GLU E 691 -208.18 106.79 -64.36
CA GLN E 692 -211.32 106.08 -65.94
CA LEU E 693 -215.01 105.89 -66.89
CA SER E 694 -214.64 107.65 -70.14
CA THR E 695 -216.58 104.96 -70.26
CA GLN E 696 -218.57 105.44 -73.47
CA SER E 697 -216.22 108.07 -74.78
CA LEU E 698 -213.34 105.79 -74.03
CA ILE E 699 -214.81 102.98 -76.08
CA GLU E 700 -215.97 105.28 -78.82
CA LEU E 701 -212.39 106.42 -79.18
CA PHE E 702 -211.19 102.83 -79.40
CA GLU E 703 -213.59 102.05 -82.19
CA SER E 704 -212.60 104.97 -84.41
CA PHE E 705 -208.98 103.91 -84.07
CA LYS E 706 -210.31 100.55 -85.16
CA SER E 707 -208.53 98.99 -82.27
CA PHE E 708 -211.41 96.67 -81.58
CA GLU E 709 -209.04 93.96 -80.49
CA GLY E 710 -207.24 96.13 -77.98
CA LEU E 711 -210.38 97.63 -76.52
CA PHE E 712 -211.63 94.14 -75.86
CA TYR E 713 -208.32 93.11 -74.35
CA PHE E 714 -208.22 96.14 -72.04
CA LEU E 715 -211.68 95.52 -70.68
CA GLY E 716 -210.57 91.98 -70.09
CA SER E 717 -207.97 93.21 -67.63
CA ILE E 718 -210.25 95.70 -65.94
CA VAL E 719 -212.85 93.08 -65.17
CA ASN E 720 -210.34 91.29 -62.98
CA PHE E 721 -210.38 94.19 -60.60
CA SER E 722 -213.59 95.62 -59.25
CA GLN E 723 -215.57 97.16 -62.04
CA ASP E 724 -217.46 96.57 -63.10
CA PRO E 725 -219.94 94.89 -65.28
CA ASP E 726 -219.27 97.46 -67.95
CA VAL E 727 -215.89 95.93 -68.53
CA HIS E 728 -217.14 92.36 -68.85
CA PHE E 729 -219.86 93.69 -71.07
CA LYS E 730 -217.42 95.44 -73.37
CA TYR E 731 -215.01 92.53 -73.43
CA ILE E 732 -217.54 90.06 -74.69
CA GLN E 733 -218.78 92.45 -77.32
CA ALA E 734 -215.28 93.03 -78.60
CA ALA E 735 -214.54 89.36 -78.40
CA CYS E 736 -217.43 88.58 -80.66
CA LYS E 737 -216.16 90.63 -83.55
CA THR E 738 -212.49 90.40 -82.59
CA GLY E 739 -212.11 86.79 -81.57
CA GLN E 740 -215.10 84.48 -81.64
CA ILE E 741 -213.26 81.61 -80.03
CA LYS E 742 -212.71 83.66 -76.89
CA GLU E 743 -216.36 84.68 -76.85
CA VAL E 744 -217.48 81.29 -75.55
CA GLU E 745 -215.13 80.81 -72.65
CA ARG E 746 -215.74 84.28 -71.41
CA ILE E 747 -219.50 83.92 -71.31
CA CYS E 748 -219.04 80.68 -69.51
CA ARG E 749 -217.43 82.36 -66.53
CA GLU E 750 -218.56 85.98 -67.06
CA SER E 751 -222.19 85.57 -68.07
CA ASN E 752 -223.32 86.56 -64.59
CA CYS E 753 -221.72 89.97 -64.57
CA TYR E 754 -222.61 91.26 -68.01
CA ASP E 755 -225.69 93.06 -69.34
CA PRO E 756 -227.08 90.08 -71.18
CA GLU E 757 -229.36 91.92 -73.56
CA ARG E 758 -226.47 93.72 -75.10
CA VAL E 759 -224.35 90.58 -75.24
CA LYS E 760 -227.08 88.99 -77.24
CA ASN E 761 -227.43 91.76 -79.78
CA PHE E 762 -223.72 91.45 -80.32
CA LEU E 763 -223.96 87.68 -80.73
CA LYS E 764 -226.83 88.02 -83.16
CA GLU E 765 -224.76 90.16 -85.45
CA ALA E 766 -221.89 87.83 -84.72
CA LYS E 767 -223.67 84.70 -85.91
CA LEU E 768 -222.40 83.31 -82.61
CA THR E 769 -225.37 80.95 -82.56
CA ASP E 770 -223.77 78.30 -80.42
CA GLN E 771 -223.20 80.92 -77.71
CA LEU E 772 -226.48 82.76 -78.22
CA PRO E 773 -228.52 79.89 -76.97
CA LEU E 774 -226.18 79.54 -74.07
CA ILE E 775 -227.09 83.03 -72.97
CA ILE E 776 -230.69 82.74 -74.03
CA VAL E 777 -231.02 79.51 -72.12
CA CYS E 778 -229.07 80.79 -69.17
CA ASP E 779 -229.22 84.37 -68.10
CA ARG E 780 -231.90 85.08 -70.60
CA PHE E 781 -232.98 83.41 -69.09
CA ASP E 782 -234.61 83.87 -72.43
CA PHE E 783 -235.02 80.23 -73.27
CA VAL E 784 -237.24 81.01 -76.20
CA HIS E 785 -234.47 83.05 -77.76
CA ASP E 786 -231.86 80.41 -77.26
CA LEU E 787 -233.95 77.79 -78.98
CA VAL E 788 -234.63 79.90 -82.00
CA LEU E 789 -230.92 80.50 -82.18
CA TYR E 790 -230.30 76.79 -81.77
CA LEU E 791 -232.49 76.23 -84.75
CA TYR E 792 -229.97 78.27 -86.60
CA ARG E 793 -227.32 75.93 -85.23
CA ASN E 794 -226.51 74.32 -81.87
CA ASN E 795 -225.99 71.02 -80.08
CA LEU E 796 -228.65 68.40 -79.51
CA GLN E 797 -228.11 67.80 -75.82
CA LYS E 798 -228.57 71.36 -74.64
CA TYR E 799 -231.35 71.54 -77.15
CA ILE E 800 -233.27 68.77 -75.48
CA GLU E 801 -233.09 70.49 -72.10
CA ILE E 802 -233.81 74.11 -73.10
CA TYR E 803 -236.63 73.20 -75.43
CA VAL E 804 -238.80 72.13 -72.53
CA GLN E 805 -238.23 75.31 -70.55
CA LYS E 806 -239.35 77.40 -73.47
CA VAL E 807 -242.95 77.71 -79.01
CA ASN E 808 -247.11 77.90 -81.67
CA PRO E 809 -246.44 74.33 -80.81
CA SER E 810 -245.62 73.64 -84.44
CA ARG E 811 -242.16 74.67 -83.34
CA LEU E 812 -242.08 71.44 -81.45
CA PRO E 813 -242.33 69.50 -84.67
CA VAL E 814 -239.79 71.72 -86.34
CA VAL E 815 -237.51 71.13 -83.40
CA ILE E 816 -237.92 67.39 -83.40
CA GLY E 817 -236.89 67.30 -87.00
CA GLY E 818 -234.01 69.58 -86.26
CA LEU E 819 -232.65 67.39 -83.55
CA LEU E 820 -233.13 64.30 -85.62
CA ASP E 821 -231.84 65.75 -88.86
CA VAL E 822 -228.97 67.56 -87.31
CA ASP E 823 -226.55 65.32 -85.61
CA CYS E 824 -228.22 65.86 -82.31
CA SER E 825 -227.79 62.79 -80.25
CA GLU E 826 -230.66 60.40 -80.30
CA ASP E 827 -230.43 60.57 -76.57
CA VAL E 828 -230.53 64.31 -76.92
CA ILE E 829 -233.53 63.92 -79.14
CA LYS E 830 -235.11 61.60 -76.63
CA ASN E 831 -234.29 63.99 -73.85
CA LEU E 832 -235.89 66.74 -75.84
CA ILE E 833 -238.83 64.63 -76.86
CA LEU E 834 -242.93 64.22 -76.65
CA VAL E 835 -243.67 67.92 -76.59
CA VAL E 836 -242.62 68.09 -80.21
CA ARG E 837 -244.93 65.31 -81.21
CA GLY E 838 -247.80 67.00 -79.48
CA GLN E 839 -254.36 64.24 -81.49
CA PHE E 840 -254.17 62.10 -84.54
CA SER E 841 -251.44 61.35 -86.98
CA THR E 842 -248.36 60.32 -87.07
CA ASP E 843 -245.93 58.18 -88.99
CA GLU E 844 -243.81 61.20 -89.68
CA LEU E 845 -243.50 61.94 -86.02
CA VAL E 846 -242.55 58.36 -85.33
CA ALA E 847 -240.06 58.18 -88.13
CA GLU E 848 -238.33 61.28 -86.92
CA VAL E 849 -238.23 60.03 -83.38
CA GLU E 850 -236.89 56.63 -84.32
CA LYS E 851 -233.83 57.63 -86.32
CA ARG E 852 -233.07 60.18 -83.67
CA ASN E 853 -232.96 57.26 -81.23
CA ARG E 854 -235.59 59.46 -79.61
CA LEU E 855 -235.96 55.61 -77.66
CA LYS E 856 -236.44 56.25 -73.98
CA LEU E 857 -238.85 59.09 -74.78
CA LEU E 858 -240.27 57.52 -77.90
CA LEU E 859 -241.77 54.73 -75.87
CA PRO E 860 -243.73 57.17 -73.79
CA TRP E 861 -245.13 59.11 -76.70
CA LEU E 862 -246.47 55.94 -78.24
CA GLU E 863 -248.00 55.28 -74.90
CA ALA E 864 -250.23 58.31 -75.41
CA ARG E 865 -250.86 57.71 -79.10
CA ILE E 866 -252.60 54.43 -78.39
CA HIS E 867 -255.45 56.41 -76.91
CA GLU E 868 -255.97 58.21 -80.20
CA GLY E 869 -258.95 56.91 -82.14
CA CYS E 870 -256.76 57.23 -85.22
CA GLU E 871 -254.47 54.63 -83.63
CA GLU E 872 -251.80 51.76 -86.29
CA PRO E 873 -249.99 48.55 -85.68
CA ALA E 874 -246.87 50.12 -87.08
CA THR E 875 -246.71 52.28 -84.02
CA HIS E 876 -247.34 49.48 -81.60
CA ASN E 877 -244.71 47.31 -83.11
CA ALA E 878 -242.21 50.13 -83.08
CA LEU E 879 -242.88 51.00 -79.49
CA ALA E 880 -242.37 47.54 -78.15
CA LYS E 881 -239.11 47.07 -79.96
CA ILE E 882 -237.82 50.38 -78.71
CA TYR E 883 -239.20 49.40 -75.34
CA ILE E 884 -237.17 46.24 -75.59
CA ASP E 885 -234.31 48.58 -74.82
CA SER E 886 -236.12 49.67 -71.64
CA ASN E 887 -237.19 46.22 -70.53
CA ASN E 888 -239.66 46.94 -67.75
CA ASN E 889 -242.19 48.59 -70.03
CA PRO E 890 -242.36 45.89 -72.64
CA GLU E 891 -244.18 43.36 -70.53
CA ARG E 892 -247.15 45.60 -69.92
CA PHE E 893 -247.03 46.75 -73.49
CA LEU E 894 -247.50 43.35 -74.99
CA ARG E 895 -250.23 42.76 -72.50
CA GLU E 896 -251.84 46.02 -73.49
CA ASN E 897 -251.91 45.80 -77.24
CA PRO E 898 -252.49 42.78 -79.31
CA TYR E 899 -252.05 44.69 -82.52
CA TYR E 900 -248.37 44.26 -83.12
CA ASP E 901 -246.43 42.56 -85.89
CA SER E 902 -246.16 40.62 -82.89
CA ARG E 903 -243.25 39.33 -84.91
CA VAL E 904 -241.37 42.56 -84.56
CA VAL E 905 -242.03 42.87 -80.86
CA GLY E 906 -240.89 39.34 -80.25
CA LYS E 907 -237.49 39.85 -81.78
CA TYR E 908 -237.12 42.89 -79.62
CA CYS E 909 -238.26 40.93 -76.59
CA GLU E 910 -235.87 38.19 -77.55
CA LYS E 911 -233.02 40.51 -76.76
CA ARG E 912 -234.84 41.24 -73.52
CA ASP E 913 -236.28 38.87 -70.95
CA PRO E 914 -238.29 35.91 -71.98
CA HIS E 915 -241.13 36.36 -69.50
CA LEU E 916 -242.92 38.74 -71.79
CA ALA E 917 -242.02 36.57 -74.74
CA CYS E 918 -244.04 33.72 -73.36
CA VAL E 919 -247.03 36.00 -73.09
CA ALA E 920 -246.71 37.13 -76.68
CA TYR E 921 -246.02 33.67 -77.98
CA GLU E 922 -249.10 32.61 -76.12
CA ARG E 923 -251.29 35.28 -77.68
CA GLY E 924 -249.51 34.84 -80.98
CA GLN E 925 -250.77 31.34 -80.68
CA CYS E 926 -247.26 30.22 -81.35
CA ASP E 927 -247.62 27.63 -78.63
CA LEU E 928 -244.55 25.64 -79.56
CA GLU E 929 -242.45 28.71 -78.94
CA LEU E 930 -244.15 29.39 -75.65
CA ILE E 931 -243.33 25.94 -74.39
CA ASN E 932 -239.73 25.76 -75.44
CA VAL E 933 -239.06 29.18 -74.02
CA CYS E 934 -240.92 28.15 -70.89
CA ASN E 935 -238.63 25.17 -70.65
CA GLU E 936 -235.94 27.49 -69.49
CA ASN E 937 -238.38 29.08 -67.08
CA SER E 938 -242.14 29.09 -66.80
CA LEU E 939 -245.21 28.56 -64.68
CA PHE E 940 -246.58 25.09 -64.23
CA LYS E 941 -250.21 26.00 -64.65
CA SER E 942 -249.79 27.74 -67.96
CA LEU E 943 -247.62 24.87 -69.09
CA SER E 944 -250.40 22.40 -68.63
CA ARG E 945 -252.75 24.42 -70.81
CA TYR E 946 -250.37 25.36 -73.61
CA LEU E 947 -248.51 22.09 -73.97
CA VAL E 948 -251.61 20.49 -75.37
CA ARG E 949 -251.90 23.11 -78.08
CA ARG E 950 -248.36 22.41 -79.24
CA LYS E 951 -248.17 21.15 -82.80
CA ASP E 952 -244.98 19.16 -82.47
CA PRO E 953 -245.83 16.24 -80.33
CA GLU E 954 -242.13 15.66 -79.83
CA LEU E 955 -242.19 18.45 -77.31
CA TRP E 956 -244.28 16.23 -75.12
CA GLY E 957 -241.48 13.73 -74.86
CA SER E 958 -239.16 16.62 -74.26
CA VAL E 959 -241.33 18.01 -71.52
CA LEU E 960 -241.76 14.70 -69.78
CA LEU E 961 -238.01 14.45 -69.56
CA GLU E 962 -237.91 17.99 -68.34
CA SER E 963 -240.33 17.21 -65.57
CA ASN E 964 -238.79 13.98 -64.36
CA PRO E 965 -235.25 15.12 -63.81
CA TYR E 966 -236.54 18.27 -62.34
CA ARG E 967 -236.75 17.63 -58.69
CA ARG E 968 -240.28 18.36 -58.38
CA PRO E 969 -243.10 17.36 -56.73
CA LEU E 970 -246.64 15.84 -57.07
CA ILE E 971 -249.79 16.83 -55.50
CA ASP E 972 -252.37 19.02 -57.12
CA GLN E 973 -252.61 19.03 -60.86
CA VAL E 974 -249.09 18.19 -61.92
CA VAL E 975 -247.64 14.99 -63.27
CA GLN E 976 -250.87 13.06 -62.96
CA THR E 977 -253.06 15.77 -64.35
CA ALA E 978 -250.47 16.61 -66.97
CA LEU E 979 -250.12 13.02 -68.00
CA SER E 980 -253.82 12.86 -68.66
CA GLU E 981 -253.65 15.71 -71.12
CA THR E 982 -250.56 14.42 -72.82
CA GLN E 983 -251.78 11.12 -72.65
CA ASP E 984 -250.01 10.57 -76.03
CA PRO E 985 -247.73 10.40 -76.30
CA GLU E 986 -243.89 9.19 -75.39
CA GLU E 987 -240.35 9.48 -74.32
CA VAL E 988 -242.29 7.60 -71.87
CA SER E 989 -239.25 6.12 -70.23
CA VAL E 990 -237.99 9.58 -69.40
CA THR E 991 -240.98 10.28 -67.25
CA VAL E 992 -240.73 6.83 -65.71
CA LYS E 993 -237.05 7.13 -64.96
CA ALA E 994 -237.71 10.34 -63.12
CA PHE E 995 -240.46 8.78 -61.07
CA MET E 996 -238.39 5.79 -60.08
CA THR E 997 -235.41 7.72 -58.77
CA ALA E 998 -237.83 9.84 -56.81
CA ASP E 999 -239.02 6.56 -55.32
CA LEU E 1000 -242.33 7.85 -56.57
CA PRO E 1001 -243.55 4.57 -58.18
CA ASN E 1002 -246.43 3.45 -54.73
CA GLU E 1003 -247.50 5.76 -57.53
CA LEU E 1004 -245.62 3.90 -60.22
CA ILE E 1005 -247.81 0.90 -59.69
CA GLU E 1006 -250.88 3.06 -59.68
CA LEU E 1007 -250.19 4.58 -63.08
CA LEU E 1008 -249.34 1.25 -64.65
CA GLU E 1009 -252.62 -0.18 -63.57
CA LYS E 1010 -254.29 2.59 -65.56
CA ILE E 1011 -251.98 2.09 -68.51
CA VAL E 1012 -253.11 -1.43 -69.27
CA LEU E 1013 -256.65 -0.38 -70.05
CA ASP E 1014 -255.73 2.95 -71.56
CA ASN E 1015 -255.53 2.74 -75.30
CA SER E 1016 -255.05 6.48 -75.14
CA VAL E 1017 -251.91 5.77 -73.21
CA PHE E 1018 -249.50 3.14 -74.53
CA SER E 1019 -251.53 0.16 -75.56
CA GLU E 1020 -251.32 -2.86 -73.37
CA HIS E 1021 -248.14 -4.73 -73.99
CA ARG E 1022 -246.25 -7.61 -72.50
CA ASN E 1023 -243.68 -5.38 -70.93
CA LEU E 1024 -246.18 -3.53 -68.81
CA GLN E 1025 -247.90 -6.65 -67.63
CA ASN E 1026 -244.55 -8.13 -66.88
CA LEU E 1027 -243.45 -5.24 -64.73
CA LEU E 1028 -246.72 -4.80 -62.89
CA ILE E 1029 -246.81 -8.31 -61.59
CA LEU E 1030 -243.22 -8.09 -60.46
CA THR E 1031 -243.85 -4.91 -58.60
CA ALA E 1032 -247.06 -6.34 -57.30
CA ILE E 1033 -245.34 -9.24 -55.63
CA LYS E 1034 -243.03 -7.10 -53.55
CA ALA E 1035 -245.34 -4.10 -53.41
CA ASP E 1036 -248.77 -5.65 -52.97
CA ARG E 1037 -248.96 -9.42 -52.68
CA THR E 1038 -252.73 -9.46 -52.50
CA ARG E 1039 -253.00 -7.95 -55.97
CA VAL E 1040 -250.41 -10.33 -57.35
CA MET E 1041 -252.93 -13.17 -57.45
CA GLU E 1042 -255.73 -11.33 -59.21
CA TYR E 1043 -253.35 -9.92 -61.73
CA ILE E 1044 -251.93 -13.28 -62.75
CA ASN E 1045 -255.26 -14.71 -63.72
CA ARG E 1046 -255.93 -11.62 -65.81
CA LEU E 1047 -252.26 -11.62 -66.79
CA ASP E 1048 -252.35 -13.94 -69.79
CA ASN E 1049 -249.52 -12.61 -71.88
CA TYR E 1050 -246.71 -12.25 -69.44
CA ASP E 1051 -243.10 -13.32 -69.55
CA ALA E 1052 -243.74 -16.13 -67.12
CA PRO E 1053 -240.22 -16.95 -66.17
CA ASP E 1054 -239.91 -13.42 -64.91
CA ILE E 1055 -242.93 -13.77 -62.69
CA ALA E 1056 -241.83 -17.05 -61.30
CA ASN E 1057 -238.50 -15.95 -59.95
CA ILE E 1058 -240.34 -12.97 -58.57
CA ALA E 1059 -242.92 -15.10 -56.76
CA ILE E 1060 -240.28 -17.49 -55.53
CA SER E 1061 -238.54 -14.57 -53.95
CA ASN E 1062 -241.65 -13.48 -52.20
CA GLU E 1063 -243.09 -16.77 -50.96
CA LEU E 1064 -246.01 -16.61 -53.37
CA PHE E 1065 -246.52 -20.40 -53.14
CA GLU E 1066 -250.16 -20.64 -54.13
CA GLU E 1067 -249.62 -18.23 -57.00
CA ALA E 1068 -246.43 -19.98 -57.96
CA PHE E 1069 -248.35 -23.19 -58.38
CA ALA E 1070 -250.80 -21.42 -60.64
CA ILE E 1071 -248.09 -20.13 -62.95
CA PHE E 1072 -246.17 -23.36 -62.92
CA ARG E 1073 -249.43 -24.96 -63.87
CA LYS E 1074 -250.04 -22.66 -66.82
CA PHE E 1075 -246.38 -22.64 -67.76
CA ASP E 1076 -246.91 -26.34 -67.94
CA VAL E 1077 -243.99 -27.13 -65.52
CA ASN E 1078 -245.21 -30.41 -63.51
CA THR E 1079 -241.90 -31.13 -61.83
CA SER E 1080 -241.99 -27.63 -60.40
CA ALA E 1081 -245.54 -28.01 -59.21
CA VAL E 1082 -244.69 -31.09 -57.22
CA GLN E 1083 -241.49 -29.69 -55.82
CA VAL E 1084 -243.28 -26.58 -54.67
CA LEU E 1085 -246.04 -28.80 -53.36
CA ILE E 1086 -243.58 -30.61 -51.20
CA GLU E 1087 -242.55 -27.48 -49.35
CA HIS E 1088 -246.04 -26.19 -48.81
CA ILE E 1089 -248.59 -28.89 -48.43
CA GLY E 1090 -250.86 -28.29 -51.34
CA ASN E 1091 -253.62 -30.83 -51.76
CA LEU E 1092 -253.48 -34.59 -51.75
CA ASP E 1093 -255.77 -35.06 -54.71
CA ARG E 1094 -253.87 -32.82 -57.07
CA ALA E 1095 -250.67 -34.43 -55.95
CA TYR E 1096 -251.85 -37.77 -57.20
CA GLU E 1097 -252.63 -36.40 -60.63
CA PHE E 1098 -249.56 -34.23 -61.17
CA ALA E 1099 -246.94 -36.59 -59.83
CA GLU E 1100 -247.46 -38.98 -62.70
CA ARG E 1101 -246.89 -36.24 -65.24
CA CYS E 1102 -243.52 -35.51 -63.65
CA ASN E 1103 -240.69 -36.17 -66.06
CA GLU E 1104 -238.05 -37.00 -63.47
CA PRO E 1105 -238.76 -40.32 -61.93
CA ALA E 1106 -236.49 -39.36 -59.05
CA VAL E 1107 -239.31 -37.23 -57.80
CA TRP E 1108 -241.25 -40.35 -57.01
CA SER E 1109 -238.64 -41.64 -54.62
CA GLN E 1110 -238.30 -38.21 -53.11
CA LEU E 1111 -242.08 -38.03 -53.00
CA ALA E 1112 -242.36 -41.36 -51.28
CA LYS E 1113 -240.05 -40.14 -48.57
CA ALA E 1114 -242.06 -36.97 -48.15
CA GLN E 1115 -245.26 -38.90 -47.66
CA LEU E 1116 -243.40 -41.31 -45.51
CA GLN E 1117 -242.34 -38.59 -43.12
CA LYS E 1118 -245.55 -36.59 -43.29
CA GLY E 1119 -247.84 -39.56 -43.15
CA MET E 1120 -247.15 -43.12 -44.17
CA VAL E 1121 -250.73 -44.18 -43.86
CA LYS E 1122 -253.75 -42.84 -45.65
CA GLU E 1123 -251.42 -41.03 -47.97
CA ALA E 1124 -248.38 -43.01 -48.95
CA ILE E 1125 -250.45 -46.08 -49.61
CA ASP E 1126 -252.77 -44.29 -51.98
CA SER E 1127 -249.83 -42.47 -53.48
CA TYR E 1128 -247.91 -45.66 -54.03
CA ILE E 1129 -250.64 -47.13 -56.16
CA LYS E 1130 -250.42 -44.23 -58.55
CA ALA E 1131 -246.66 -44.44 -58.50
CA ASP E 1132 -243.81 -45.38 -58.23
CA ASP E 1133 -241.32 -47.91 -59.44
CA PRO E 1134 -239.23 -48.68 -59.08
CA SER E 1135 -237.79 -49.82 -58.83
CA SER E 1136 -236.33 -48.64 -55.55
CA TYR E 1137 -234.31 -50.61 -50.50
CA MET E 1138 -233.61 -50.75 -46.80
CA GLU E 1139 -235.36 -47.53 -46.00
CA VAL E 1140 -238.31 -48.24 -48.22
CA VAL E 1141 -238.98 -51.50 -46.46
CA GLN E 1142 -238.26 -49.87 -43.15
CA ALA E 1143 -240.90 -47.29 -43.83
CA ALA E 1144 -243.41 -49.92 -44.82
CA ASN E 1145 -242.96 -51.90 -41.66
CA THR E 1146 -243.21 -48.94 -39.32
CA SER E 1147 -246.45 -47.94 -40.96
CA GLY E 1148 -247.37 -51.47 -40.09
CA ASN E 1149 -248.58 -52.09 -43.57
CA TRP E 1150 -246.75 -55.34 -44.10
CA GLU E 1151 -249.57 -56.57 -46.25
CA GLU E 1152 -249.06 -53.76 -48.69
CA LEU E 1153 -245.33 -54.04 -48.81
CA VAL E 1154 -245.39 -57.73 -49.54
CA LYS E 1155 -247.96 -56.99 -52.21
CA TYR E 1156 -245.81 -54.45 -54.05
CA LEU E 1157 -242.72 -56.60 -53.92
CA GLN E 1158 -244.70 -59.24 -55.65
CA MET E 1159 -245.24 -56.87 -58.56
CA ALA E 1160 -241.72 -55.45 -58.32
CA ARG E 1161 -240.05 -58.75 -59.01
CA LYS E 1162 -241.36 -58.78 -62.51
CA LYS E 1163 -240.35 -55.22 -63.33
CA ALA E 1164 -236.83 -55.42 -62.05
CA ARG E 1165 -235.25 -58.32 -60.40
CA GLU E 1166 -232.40 -57.81 -58.25
CA SER E 1167 -231.61 -58.31 -55.04
CA TYR E 1168 -232.41 -55.48 -52.75
CA VAL E 1169 -236.09 -55.67 -53.57
CA GLU E 1170 -236.34 -59.43 -53.42
CA THR E 1171 -234.33 -59.51 -50.23
CA GLU E 1172 -236.79 -57.01 -48.83
CA LEU E 1173 -239.88 -58.95 -49.76
CA ILE E 1174 -238.64 -62.08 -48.12
CA PHE E 1175 -237.81 -60.27 -44.92
CA ALA E 1176 -241.22 -58.73 -44.83
CA LEU E 1177 -242.85 -62.02 -45.60
CA ALA E 1178 -241.29 -63.65 -42.62
CA LYS E 1179 -241.89 -60.74 -40.29
CA THR E 1180 -245.36 -59.77 -41.27
CA ASN E 1181 -246.45 -63.17 -40.11
CA ARG E 1182 -246.91 -64.14 -43.68
CA LEU E 1183 -244.46 -66.98 -43.36
CA ALA E 1184 -246.35 -69.09 -45.82
CA GLU E 1185 -245.45 -66.67 -48.56
CA LEU E 1186 -241.84 -66.75 -47.41
CA GLU E 1187 -241.35 -70.36 -48.44
CA GLU E 1188 -242.47 -70.19 -52.04
CA PHE E 1189 -240.71 -66.92 -52.57
CA ILE E 1190 -237.38 -68.25 -51.46
CA ASN E 1191 -237.62 -71.11 -53.85
CA GLY E 1192 -237.98 -69.10 -57.00
CA PRO E 1193 -235.72 -66.20 -56.39
CA ASN E 1194 -232.06 -67.08 -56.10
CA ASN E 1195 -231.26 -63.41 -56.36
CA ALA E 1196 -231.32 -62.23 -52.81
CA HIS E 1197 -228.81 -61.70 -50.10
CA ILE E 1198 -228.81 -65.04 -48.38
CA GLN E 1199 -227.15 -63.95 -45.19
CA GLN E 1200 -229.67 -61.26 -44.50
CA VAL E 1201 -232.53 -63.53 -45.41
CA GLY E 1202 -231.25 -66.18 -43.05
CA ASP E 1203 -230.95 -63.78 -40.15
CA ARG E 1204 -234.55 -62.98 -40.90
CA CYS E 1205 -235.69 -66.61 -40.76
CA TYR E 1206 -233.54 -67.21 -37.73
CA ASP E 1207 -235.58 -64.79 -35.69
CA GLU E 1208 -238.69 -66.03 -37.46
CA LYS E 1209 -238.20 -69.67 -36.49
CA MET E 1210 -238.32 -70.84 -40.08
CA TYR E 1211 -236.74 -74.18 -39.08
CA ASP E 1212 -238.47 -76.08 -41.88
CA ALA E 1213 -237.65 -73.51 -44.56
CA ALA E 1214 -233.95 -72.95 -43.68
CA LYS E 1215 -233.69 -76.75 -43.53
CA LEU E 1216 -234.06 -76.65 -47.32
CA LEU E 1217 -232.11 -73.41 -47.78
CA TYR E 1218 -229.09 -74.65 -45.84
CA ASN E 1219 -229.56 -77.93 -47.73
CA ASN E 1220 -228.95 -76.60 -51.27
CA VAL E 1221 -226.21 -74.14 -50.29
CA SER E 1222 -225.05 -77.24 -48.42
CA ASN E 1223 -223.96 -75.53 -45.19
CA PHE E 1224 -224.25 -78.78 -43.26
CA GLY E 1225 -222.97 -76.80 -40.28
CA ARG E 1226 -226.47 -75.38 -39.84
CA LEU E 1227 -228.34 -78.01 -41.90
CA ALA E 1228 -227.54 -80.49 -39.14
CA SER E 1229 -228.02 -77.85 -36.46
CA THR E 1230 -231.58 -77.04 -37.60
CA LEU E 1231 -232.44 -80.72 -38.28
CA VAL E 1232 -231.85 -81.32 -34.55
CA HIS E 1233 -233.72 -78.16 -33.59
CA LEU E 1234 -236.46 -79.91 -35.63
CA GLY E 1235 -236.34 -83.25 -33.83
CA GLU E 1236 -235.19 -84.99 -37.02
CA TYR E 1237 -232.27 -86.55 -35.14
CA GLN E 1238 -231.16 -89.50 -37.26
CA ALA E 1239 -230.81 -87.18 -40.29
CA ALA E 1240 -229.12 -84.46 -38.24
CA VAL E 1241 -226.37 -87.01 -37.58
CA ASP E 1242 -225.98 -87.24 -41.34
CA GLY E 1243 -225.55 -83.51 -41.70
CA ALA E 1244 -222.96 -83.57 -38.95
CA ARG E 1245 -221.14 -86.29 -40.90
CA LYS E 1246 -221.06 -84.27 -44.11
CA ALA E 1247 -220.27 -81.17 -42.04
CA ASN E 1248 -217.27 -83.10 -40.66
CA SER E 1249 -216.75 -80.65 -37.78
CA THR E 1250 -215.98 -81.32 -34.11
CA ARG E 1251 -217.77 -78.37 -32.50
CA THR E 1252 -220.61 -79.56 -34.72
CA TRP E 1253 -220.77 -83.19 -33.53
CA LYS E 1254 -220.88 -81.73 -30.02
CA GLU E 1255 -224.09 -79.79 -30.77
CA VAL E 1256 -225.70 -82.84 -32.38
CA CYS E 1257 -224.41 -85.42 -29.88
CA PHE E 1258 -225.40 -83.35 -26.86
CA ALA E 1259 -228.87 -82.59 -28.21
CA CYS E 1260 -229.21 -86.19 -29.45
CA VAL E 1261 -228.66 -87.00 -25.75
CA ASP E 1262 -231.17 -84.48 -24.46
CA GLY E 1263 -233.67 -86.20 -26.76
CA LYS E 1264 -232.59 -89.46 -25.16
CA GLU E 1265 -231.59 -90.91 -28.55
CA PHE E 1266 -228.65 -93.06 -27.59
CA ARG E 1267 -227.62 -95.54 -30.29
CA LEU E 1268 -227.39 -92.31 -32.29
CA ALA E 1269 -225.75 -90.14 -29.63
CA GLN E 1270 -223.23 -92.98 -29.41
CA MET E 1271 -222.03 -93.31 -33.02
CA CYS E 1272 -222.41 -89.52 -32.96
CA GLY E 1273 -220.17 -89.48 -29.89
CA LEU E 1274 -217.38 -91.72 -31.16
CA HIS E 1275 -216.29 -88.82 -33.33
CA ILE E 1276 -215.59 -86.77 -30.19
CA VAL E 1277 -213.89 -89.06 -27.64
CA VAL E 1278 -210.86 -89.42 -29.91
CA HIS E 1279 -210.27 -85.72 -29.35
CA ALA E 1280 -213.71 -85.42 -25.44
CA ASP E 1281 -214.99 -81.88 -26.00
CA GLU E 1282 -218.42 -83.48 -26.26
CA LEU E 1283 -218.42 -86.35 -23.71
CA GLU E 1284 -219.63 -84.13 -20.86
CA GLU E 1285 -222.75 -82.56 -22.40
CA LEU E 1286 -223.75 -86.04 -23.61
CA ILE E 1287 -223.52 -87.37 -20.05
CA ASN E 1288 -225.01 -84.33 -18.30
CA TYR E 1289 -227.95 -84.75 -20.68
CA TYR E 1290 -228.57 -88.48 -20.04
CA GLN E 1291 -228.24 -87.57 -16.33
CA ASP E 1292 -230.97 -84.94 -15.83
CA ARG E 1293 -233.34 -87.04 -17.97
CA GLY E 1294 -232.54 -89.53 -15.22
CA TYR E 1295 -231.53 -92.23 -17.68
CA PHE E 1296 -228.45 -93.27 -15.73
CA GLU E 1297 -229.14 -96.94 -16.46
CA GLU E 1298 -228.82 -96.59 -20.23
CA LEU E 1299 -225.99 -94.02 -20.09
CA ILE E 1300 -223.84 -96.64 -18.38
CA THR E 1301 -225.02 -99.33 -20.82
CA MET E 1302 -223.69 -97.30 -23.74
CA LEU E 1303 -220.34 -96.52 -22.18
CA GLU E 1304 -220.21 -100.31 -21.58
CA ALA E 1305 -219.83 -100.66 -25.38
CA ALA E 1306 -217.87 -97.47 -26.09
CA LEU E 1307 -214.95 -98.94 -24.18
CA GLY E 1308 -214.51 -101.24 -27.17
CA LEU E 1309 -214.33 -98.36 -29.66
CA GLU E 1310 -210.92 -97.85 -31.29
CA ARG E 1311 -211.16 -94.14 -30.38
CA ALA E 1312 -211.99 -94.81 -26.69
CA HIS E 1313 -210.37 -92.24 -24.40
CA MET E 1314 -209.47 -91.41 -20.80
CA GLY E 1315 -212.57 -89.26 -20.23
CA MET E 1316 -214.73 -92.30 -20.95
CA PHE E 1317 -213.08 -94.76 -18.55
CA THR E 1318 -212.90 -92.04 -15.87
CA GLU E 1319 -216.63 -91.37 -16.24
CA LEU E 1320 -217.73 -94.98 -16.29
CA ALA E 1321 -215.90 -95.64 -13.03
CA ILE E 1322 -217.51 -92.61 -11.37
CA LEU E 1323 -220.98 -93.66 -12.54
CA TYR E 1324 -220.33 -97.27 -11.50
CA SER E 1325 -219.45 -96.09 -8.01
CA LYS E 1326 -222.77 -94.36 -7.36
CA PHE E 1327 -224.92 -96.75 -9.46
CA LYS E 1328 -223.21 -100.17 -9.69
CA PRO E 1329 -220.54 -100.48 -6.97
CA GLN E 1330 -220.08 -104.19 -7.57
CA LYS E 1331 -218.74 -103.39 -11.07
CA MET E 1332 -216.60 -100.46 -9.81
CA ARG E 1333 -213.90 -102.97 -8.84
CA GLU E 1334 -213.32 -105.23 -11.86
CA HIS E 1335 -213.36 -101.96 -13.84
CA LEU E 1336 -210.40 -100.41 -12.02
CA GLU E 1337 -208.93 -103.90 -12.11
CA LEU E 1338 -208.58 -103.53 -15.91
CA PHE E 1339 -208.63 -99.81 -16.72
CA TRP E 1340 -207.00 -98.12 -13.72
CA SER E 1341 -204.20 -96.97 -16.01
CA ARG E 1342 -206.51 -95.35 -18.56
CA VAL E 1343 -208.30 -93.08 -16.05
CA ASN E 1344 -207.86 -89.79 -14.13
CA ILE E 1345 -207.06 -91.32 -10.73
CA PRO E 1346 -207.56 -88.30 -8.48
CA LYS E 1347 -211.11 -87.87 -9.74
CA VAL E 1348 -211.97 -91.58 -9.43
CA LEU E 1349 -210.65 -91.53 -5.85
CA ARG E 1350 -212.73 -88.55 -4.68
CA ALA E 1351 -215.53 -90.67 -6.21
CA ALA E 1352 -214.96 -93.82 -4.10
CA GLU E 1353 -214.20 -91.67 -1.08
CA GLN E 1354 -217.67 -90.22 -1.50
CA ALA E 1355 -219.02 -93.74 -2.19
CA HIS E 1356 -217.31 -95.49 0.76
CA LEU E 1357 -215.81 -98.22 -1.49
CA TRP E 1358 -212.85 -98.70 0.83
CA ALA E 1359 -211.64 -101.95 -0.77
CA GLU E 1360 -211.22 -100.17 -4.13
CA LEU E 1361 -209.93 -96.95 -2.59
CA VAL E 1362 -206.94 -98.93 -1.27
CA PHE E 1363 -206.42 -100.44 -4.71
CA LEU E 1364 -206.04 -97.03 -6.36
CA TYR E 1365 -204.27 -95.35 -3.42
CA ASP E 1366 -201.91 -98.25 -3.96
CA LYS E 1367 -201.45 -97.77 -7.71
CA TYR E 1368 -201.35 -93.96 -7.43
CA GLU E 1369 -198.49 -94.72 -5.05
CA GLU E 1370 -200.21 -92.83 -2.22
CA TYR E 1371 -199.20 -95.58 0.25
CA ASP E 1372 -199.69 -93.60 3.47
CA ASN E 1373 -203.36 -93.32 2.42
CA ALA E 1374 -203.78 -96.97 1.48
CA ILE E 1375 -202.59 -97.89 4.98
CA ILE E 1376 -204.61 -95.28 6.86
CA THR E 1377 -207.62 -96.60 4.91
CA MET E 1378 -207.02 -100.31 5.52
CA MET E 1379 -206.75 -99.32 9.19
CA ASN E 1380 -210.08 -97.48 9.61
CA HIS E 1381 -212.09 -99.86 7.42
CA PRO E 1382 -210.45 -103.23 8.10
CA THR E 1383 -213.42 -105.47 7.34
CA ASP E 1384 -213.55 -104.11 3.74
CA ALA E 1385 -210.04 -102.93 2.84
CA TRP E 1386 -207.58 -104.68 5.16
CA LYS E 1387 -205.74 -107.72 3.81
CA GLU E 1388 -202.89 -109.32 5.80
CA GLY E 1389 -200.53 -109.79 2.88
CA GLN E 1390 -200.76 -106.44 1.16
CA PHE E 1391 -200.60 -104.60 4.47
CA LYS E 1392 -197.14 -106.12 4.93
CA ASP E 1393 -196.17 -104.87 1.46
CA ILE E 1394 -197.53 -101.33 1.52
CA ILE E 1395 -196.65 -100.45 5.12
CA THR E 1396 -193.02 -100.46 4.01
CA LYS E 1397 -193.46 -97.88 1.23
CA VAL E 1398 -195.12 -95.59 3.83
CA ALA E 1399 -193.42 -92.19 4.12
CA ASN E 1400 -194.56 -90.99 7.51
CA VAL E 1401 -192.85 -93.58 9.75
CA GLU E 1402 -195.17 -92.72 12.61
CA LEU E 1403 -197.70 -94.95 10.88
CA TYR E 1404 -195.56 -97.89 12.00
CA TYR E 1405 -196.19 -97.20 15.66
CA ARG E 1406 -199.80 -96.47 14.78
CA ALA E 1407 -200.00 -99.82 12.96
CA ILE E 1408 -198.20 -101.73 15.73
CA GLN E 1409 -200.95 -100.52 18.03
CA PHE E 1410 -203.70 -101.50 15.61
CA TYR E 1411 -202.41 -105.03 15.02
CA LEU E 1412 -201.70 -105.41 18.72
CA GLU E 1413 -205.22 -104.54 19.82
CA PHE E 1414 -207.19 -106.40 17.12
CA LYS E 1415 -204.72 -108.85 15.46
CA PRO E 1416 -202.23 -110.33 17.99
CA LEU E 1417 -200.97 -113.33 16.03
CA LEU E 1418 -199.99 -111.16 13.08
CA LEU E 1419 -198.14 -108.59 15.21
CA ASN E 1420 -194.83 -110.44 15.14
CA ASP E 1421 -194.65 -111.09 11.41
CA LEU E 1422 -195.62 -107.43 10.97
CA LEU E 1423 -192.95 -106.31 13.37
CA MET E 1424 -190.38 -108.25 11.34
CA VAL E 1425 -191.10 -106.08 8.28
CA LEU E 1426 -191.11 -102.85 10.28
CA SER E 1427 -187.70 -103.64 11.88
CA PRO E 1428 -185.39 -101.64 9.51
CA ARG E 1429 -187.05 -98.30 10.28
CA LEU E 1430 -188.49 -99.11 13.69
CA ASP E 1431 -187.16 -97.34 16.81
CA HIS E 1432 -186.82 -100.56 18.87
CA THR E 1433 -186.31 -98.76 22.15
CA ARG E 1434 -189.50 -96.86 21.46
CA ALA E 1435 -191.16 -100.12 20.41
CA VAL E 1436 -190.10 -102.15 23.39
CA ASN E 1437 -191.09 -99.37 25.79
CA TYR E 1438 -194.64 -99.39 24.42
CA PHE E 1439 -195.05 -103.17 24.59
CA SER E 1440 -193.71 -103.03 28.14
CA LYS E 1441 -196.01 -100.27 29.38
CA VAL E 1442 -198.75 -102.24 27.62
CA LYS E 1443 -197.43 -105.37 29.42
CA GLN E 1444 -197.33 -107.38 26.21
CA LEU E 1445 -193.63 -108.31 26.01
CA PRO E 1446 -194.25 -112.07 26.12
CA LEU E 1447 -196.10 -111.81 22.80
CA VAL E 1448 -193.39 -109.96 20.93
CA LYS E 1449 -190.72 -112.36 22.07
CA PRO E 1450 -189.94 -113.64 18.50
CA TYR E 1451 -189.32 -110.04 17.48
CA LEU E 1452 -187.21 -109.30 20.51
CA ARG E 1453 -184.83 -112.15 19.74
CA SER E 1454 -184.80 -111.01 16.07
CA VAL E 1455 -183.55 -107.59 17.26
CA GLN E 1456 -181.56 -108.27 20.43
CA ASN E 1457 -178.44 -108.51 18.26
CA HIS E 1458 -178.44 -104.68 18.32
CA ASN E 1459 -177.29 -104.93 21.96
CA ASN E 1460 -180.12 -102.56 22.71
CA LYS E 1461 -180.69 -102.01 26.44
CA SER E 1462 -184.47 -101.96 26.82
CA VAL E 1463 -184.33 -105.02 24.55
CA ASN E 1464 -181.95 -107.11 26.66
CA GLU E 1465 -183.53 -106.05 29.95
CA SER E 1466 -186.92 -106.76 28.47
CA LEU E 1467 -185.81 -110.00 26.86
CA ASN E 1468 -184.03 -111.23 30.01
CA ASN E 1469 -187.12 -110.72 32.20
CA LEU E 1470 -188.78 -113.22 29.89
CA PHE E 1471 -186.11 -115.89 30.16
CA ILE E 1472 -186.44 -115.40 33.88
CA THR E 1473 -190.23 -115.66 34.25
CA GLU E 1474 -190.05 -118.70 32.03
CA GLU E 1475 -187.23 -120.18 34.09
CA ASP E 1476 -185.06 -120.40 30.95
CA TYR E 1477 -181.60 -119.99 32.53
CA GLN E 1478 -179.55 -121.36 29.63
CA ALA E 1479 -181.08 -118.68 27.44
CA LEU E 1480 -180.42 -116.05 30.09
CA ARG E 1481 -176.81 -117.10 30.38
CA THR E 1482 -176.18 -116.68 26.66
CA SER E 1483 -178.03 -113.37 26.59
CA ILE E 1484 -175.91 -111.84 29.33
CA ASP E 1485 -172.92 -113.36 27.56
CA ALA E 1486 -173.50 -112.25 23.97
CA TYR E 1487 -175.10 -108.84 24.74
CA ASP E 1488 -173.82 -106.67 27.59
CA ASN E 1489 -176.04 -103.58 27.62
CA PHE E 1490 -177.95 -104.11 30.90
CA ASP E 1491 -177.78 -103.48 34.65
CA ASN E 1492 -175.97 -106.57 35.97
CA ILE E 1493 -176.12 -105.51 39.60
CA SER E 1494 -179.87 -105.05 39.41
CA LEU E 1495 -180.16 -108.46 37.75
CA ALA E 1496 -177.59 -109.86 40.14
CA GLN E 1497 -179.57 -108.59 43.10
CA ARG E 1498 -182.87 -109.73 41.64
CA LEU E 1499 -181.44 -113.22 40.98
CA GLU E 1500 -179.14 -114.04 44.06
CA LYS E 1501 -181.82 -115.01 46.46
CA HIS E 1502 -183.29 -117.40 43.88
CA GLU E 1503 -184.28 -120.85 45.10
CA LEU E 1504 -182.95 -122.65 42.01
CA ILE E 1505 -179.31 -123.72 42.15
CA GLU E 1506 -178.68 -122.95 38.51
CA PHE E 1507 -179.54 -119.34 39.22
CA ARG E 1508 -177.78 -118.96 42.55
CA ARG E 1509 -174.71 -120.21 40.68
CA ILE E 1510 -175.24 -117.49 38.08
CA ALA E 1511 -175.47 -114.82 40.74
CA ALA E 1512 -172.10 -115.94 42.04
CA TYR E 1513 -170.75 -115.80 38.50
CA LEU E 1514 -172.15 -112.25 38.09
CA PHE E 1515 -170.54 -110.97 41.31
CA LYS E 1516 -167.27 -112.47 39.83
CA GLY E 1517 -167.62 -112.77 35.90
CA ASN E 1518 -168.24 -109.15 36.31
CA ASN E 1519 -165.00 -109.56 38.18
CA ARG E 1520 -166.65 -109.10 41.53
CA TRP E 1521 -164.54 -111.88 42.98
CA LYS E 1522 -165.14 -110.82 46.58
CA GLN E 1523 -168.84 -111.43 46.13
CA SER E 1524 -168.37 -114.65 44.27
CA VAL E 1525 -166.31 -115.99 47.13
CA GLU E 1526 -168.74 -114.86 49.79
CA LEU E 1527 -171.55 -116.39 47.75
CA CYS E 1528 -169.53 -119.55 47.38
CA LYS E 1529 -169.13 -119.61 51.15
CA LYS E 1530 -172.86 -120.55 51.42
CA ASP E 1531 -172.34 -122.91 48.79
CA SER E 1532 -168.82 -122.02 48.58
CA LEU E 1533 -167.85 -125.41 47.15
CA TYR E 1534 -164.56 -127.20 46.84
CA LYS E 1535 -164.63 -127.08 43.06
CA ASP E 1536 -164.60 -123.70 41.26
CA ALA E 1537 -163.24 -122.20 44.43
CA MET E 1538 -159.94 -123.74 43.54
CA GLN E 1539 -160.23 -122.54 39.98
CA TYR E 1540 -161.17 -118.93 40.48
CA ALA E 1541 -159.22 -118.29 43.67
CA SER E 1542 -156.15 -118.26 41.48
CA GLU E 1543 -157.74 -115.57 39.33
CA SER E 1544 -158.46 -113.70 42.57
CA LYS E 1545 -156.93 -110.75 41.83
CA ASP E 1546 -156.39 -110.46 45.59
CA THR E 1547 -153.85 -112.99 46.61
CA GLU E 1548 -154.26 -112.20 50.26
CA LEU E 1549 -157.36 -113.55 49.93
CA ALA E 1550 -155.06 -116.55 49.63
CA GLU E 1551 -153.95 -116.20 53.22
CA GLU E 1552 -157.48 -115.45 54.28
CA LEU E 1553 -158.77 -118.48 52.42
CA LEU E 1554 -156.10 -120.77 53.75
CA GLN E 1555 -157.05 -119.92 57.27
CA TRP E 1556 -160.74 -120.15 56.48
CA PHE E 1557 -160.53 -123.60 54.92
CA LEU E 1558 -158.43 -124.95 57.71
CA GLN E 1559 -160.60 -123.45 60.41
CA GLU E 1560 -163.94 -124.02 58.77
CA GLU E 1561 -163.38 -127.75 58.55
CA LYS E 1562 -161.09 -127.94 55.46
CA ARG E 1563 -160.69 -130.41 54.91
CA GLU E 1564 -157.28 -129.20 54.84
CA CYS E 1565 -154.82 -132.07 54.90
CA PHE E 1566 -156.01 -133.52 51.63
CA GLY E 1567 -156.60 -130.16 50.00
CA ALA E 1568 -153.16 -129.11 51.17
CA CYS E 1569 -151.61 -131.95 49.24
CA LEU E 1570 -153.44 -130.98 46.12
CA PHE E 1571 -152.85 -127.33 46.90
CA THR E 1572 -149.12 -127.93 47.06
CA CYS E 1573 -149.35 -129.39 43.61
CA TYR E 1574 -151.04 -126.31 42.20
CA ASP E 1575 -148.54 -124.13 43.73
CA LEU E 1576 -147.60 -122.15 41.05
CA LEU E 1577 -147.11 -118.72 44.16
CA ARG E 1578 -145.79 -117.44 47.77
CA PRO E 1579 -145.15 -118.73 50.99
CA ASP E 1580 -143.62 -120.60 53.00
CA VAL E 1581 -144.88 -118.69 55.75
CA VAL E 1582 -147.93 -120.91 55.56
CA LEU E 1583 -145.75 -123.96 55.93
CA GLU E 1584 -143.98 -122.47 58.90
CA THR E 1585 -147.15 -121.09 60.40
CA ALA E 1586 -148.91 -124.39 59.92
CA TRP E 1587 -146.40 -125.95 62.27
CA ARG E 1588 -147.69 -123.63 64.96
CA HIS E 1589 -150.95 -125.49 64.54
CA ASN E 1590 -150.93 -129.23 64.42
CA ILE E 1591 -148.80 -130.23 61.43
CA MET E 1592 -150.58 -133.49 61.18
CA ASP E 1593 -152.60 -131.39 58.81
CA PHE E 1594 -149.46 -130.12 57.29
CA ALA E 1595 -148.72 -133.10 55.50
CA MET E 1596 -149.54 -133.21 52.39
CA PRO E 1597 -146.47 -133.76 50.73
CA TYR E 1598 -146.59 -135.83 48.21
CA PHE E 1599 -147.13 -133.23 45.70
CA ILE E 1600 -145.28 -130.66 47.51
CA GLN E 1601 -142.82 -133.34 46.27
CA VAL E 1602 -143.61 -132.39 42.68
CA MET E 1603 -142.70 -128.78 43.40
CA LYS E 1604 -139.52 -129.84 45.04
CA GLU E 1605 -138.67 -131.94 41.91
CA TYR E 1606 -139.18 -128.71 40.01
CA LEU E 1607 -136.66 -126.75 42.11
CA THR E 1608 -134.07 -129.42 41.81
CA LYS E 1609 -134.45 -129.56 38.08
CA VAL E 1610 -133.86 -125.78 37.97
CA ASP E 1611 -130.62 -126.08 39.99
CA LYS E 1612 -129.36 -129.05 38.09
CA LEU E 1613 -130.11 -127.00 35.02
CA ASP E 1614 -128.43 -123.75 36.05
CA ALA E 1615 -125.50 -125.84 37.10
CA SER E 1616 -125.02 -127.28 33.63
CA GLU E 1617 -125.36 -123.72 32.35
CA SER E 1618 -122.63 -122.21 34.57
CA LEU E 1619 -120.38 -125.18 33.83
CA ARG E 1620 -120.94 -124.67 30.08
CA LYS E 1621 -119.75 -121.04 30.65
CA GLU E 1622 -116.73 -121.91 32.77
CA GLU E 1623 -115.75 -124.29 30.01
CA GLU E 1624 -115.98 -121.28 27.64
CA GLN E 1625 -114.02 -118.64 29.54
CA ALA E 1626 -111.54 -121.39 30.30
CA THR E 1627 -111.01 -122.32 26.69
CA GLU E 1628 -110.67 -118.69 25.61
CA THR E 1629 -108.08 -117.70 28.24
CA GLN E 1630 -106.12 -120.61 27.07
CA VAL F 1 -242.34 -84.13 -11.92
CA ASP F 2 -238.93 -85.06 -13.28
CA ARG F 3 -237.20 -82.94 -10.67
CA LEU F 4 -239.17 -84.56 -7.87
CA GLN F 5 -238.25 -88.02 -9.10
CA SER F 6 -234.57 -87.13 -9.19
CA GLU F 7 -234.69 -85.82 -5.64
CA PRO F 8 -236.33 -89.01 -4.42
CA GLU F 9 -233.88 -91.38 -6.22
CA SER F 10 -230.91 -89.55 -4.76
CA ILE F 11 -232.36 -89.75 -1.27
CA ARG F 12 -232.94 -93.48 -1.60
CA LYS F 13 -229.36 -94.03 -2.70
CA TRP F 14 -228.03 -92.09 0.26
CA ARG F 15 -230.12 -94.15 2.67
CA GLU F 16 -228.83 -97.38 1.19
CA GLU F 17 -225.23 -96.24 1.55
CA GLN F 18 -225.77 -95.34 5.19
CA THR F 19 -227.25 -98.76 5.91
CA GLU F 20 -224.30 -100.50 4.31
CA ARG F 21 -221.86 -98.49 6.39
CA LEU F 22 -223.68 -99.37 9.59
CA GLU F 23 -223.60 -103.06 8.74
CA ALA F 24 -219.87 -102.94 8.10
CA LEU F 25 -219.25 -101.26 11.44
CA ASP F 26 -221.25 -103.90 13.26
CA ALA F 27 -219.28 -106.69 11.60
CA ASN F 28 -215.99 -105.09 12.60
CA SER F 29 -217.11 -104.80 16.20
CA ARG F 30 -218.10 -108.46 16.30
CA LYS F 31 -214.73 -109.52 14.94
CA GLN F 32 -212.91 -107.49 17.56
CA GLU F 33 -214.95 -109.06 20.34
CA ALA F 34 -214.17 -112.55 19.08
CA GLU F 35 -210.46 -111.80 18.99
CA TRP F 36 -210.53 -110.53 22.56
CA LYS F 37 -213.11 -113.36 24.74
CA GLU F 38 -210.47 -115.18 22.72
CA LYS F 39 -207.78 -112.80 23.91
CA ALA F 40 -208.78 -113.32 27.53
CA ILE F 41 -208.60 -117.08 27.14
CA LYS F 42 -205.13 -116.88 25.65
CA GLU F 43 -203.90 -114.73 28.51
CA LEU F 44 -205.24 -117.19 31.06
CA ASP F 45 -203.51 -120.08 29.35
CA GLU F 46 -200.20 -118.22 29.36
CA TRP F 47 -200.50 -117.49 33.07
CA TYR F 48 -201.16 -121.13 33.84
CA ALA F 49 -198.12 -122.22 31.87
CA ARG F 50 -195.92 -119.77 33.73
CA GLN F 51 -197.15 -121.03 37.08
CA ASP F 52 -196.41 -124.62 36.11
CA GLU F 53 -192.89 -123.73 35.09
CA GLN F 54 -192.25 -121.99 38.38
CA LEU F 55 -193.46 -125.00 40.32
CA GLN F 56 -191.16 -127.30 38.38
CA LYS F 57 -188.18 -125.08 39.07
CA THR F 58 -188.91 -125.06 42.78
CA LYS F 59 -189.12 -128.84 42.87
CA ALA F 60 -185.79 -129.17 41.13
CA ASN F 61 -184.14 -126.83 43.61
CA ASN F 62 -185.48 -128.82 46.53
CA ARG F 63 -184.16 -132.05 45.09
CA VAL F 64 -180.71 -130.56 44.62
CA ALA F 65 -180.64 -129.36 48.21
CA ASP F 66 -181.57 -132.79 49.49
CA GLU F 67 -178.80 -134.42 47.47
CA ALA F 68 -176.24 -132.00 48.85
CA PHE F 69 -177.32 -132.73 52.41
CA TYR F 70 -176.99 -136.45 51.86
CA MET G 1 -204.09 60.59 -168.03
CA ALA G 2 -202.62 58.49 -165.18
CA GLN G 3 -205.39 56.50 -163.63
CA ILE G 4 -204.47 54.98 -160.29
CA LEU G 5 -202.52 56.70 -157.60
CA PRO G 6 -199.23 54.73 -157.18
CA ILE G 7 -197.99 56.62 -154.07
CA ARG G 8 -199.48 58.01 -150.83
CA PHE G 9 -198.74 61.61 -149.95
CA GLN G 10 -199.32 62.10 -146.18
CA GLU G 11 -198.89 65.09 -143.86
CA HIS G 12 -197.89 63.77 -140.45
CA LEU G 13 -197.98 67.02 -138.58
CA GLN G 14 -198.05 70.76 -139.15
CA LEU G 15 -195.36 72.41 -137.08
CA GLN G 16 -196.94 75.78 -136.57
CA ASN G 17 -199.83 73.94 -134.90
CA LEU G 18 -197.24 73.24 -132.24
CA GLY G 19 -196.80 76.94 -132.15
CA ILE G 20 -193.30 76.89 -133.63
CA ASN G 21 -191.93 80.15 -134.95
CA PRO G 22 -191.74 79.65 -138.73
CA ALA G 23 -188.55 81.66 -138.68
CA ASN G 24 -187.09 78.56 -137.06
CA ILE G 25 -188.23 76.01 -139.62
CA GLY G 26 -185.07 75.93 -141.66
CA PHE G 27 -181.84 74.09 -142.48
CA SER G 28 -179.94 75.67 -139.67
CA THR G 29 -182.51 75.58 -136.97
CA LEU G 30 -184.41 72.43 -137.80
CA THR G 31 -182.93 68.97 -138.07
CA MET G 32 -184.35 65.56 -138.88
CA GLU G 33 -181.71 62.76 -138.45
CA SER G 34 -184.33 60.04 -138.59
CA ASP G 35 -188.14 59.78 -138.72
CA LYS G 36 -188.05 59.46 -134.92
CA PHE G 37 -187.52 63.07 -133.78
CA ILE G 38 -187.48 66.56 -135.14
CA CYS G 39 -185.42 69.09 -133.28
CA ILE G 40 -185.83 72.88 -133.49
CA ARG G 41 -183.60 75.50 -131.86
CA GLU G 42 -185.78 78.54 -130.84
CA LYS G 43 -185.04 81.78 -128.96
CA VAL G 44 -188.21 82.16 -126.97
CA GLY G 45 -188.10 85.75 -125.93
CA GLU G 46 -184.50 86.46 -125.13
CA GLN G 47 -184.02 82.82 -124.16
CA ALA G 48 -182.67 79.97 -126.24
CA GLN G 49 -184.17 76.53 -126.19
CA VAL G 50 -184.43 73.26 -128.05
CA VAL G 51 -187.76 71.81 -128.94
CA ILE G 52 -187.66 68.07 -129.48
CA ILE G 53 -190.58 66.54 -131.28
CA ASP G 54 -190.85 62.80 -130.88
CA MET G 55 -192.69 61.63 -133.88
CA ASN G 56 -194.35 59.03 -131.78
CA ASP G 57 -196.53 61.56 -129.97
CA PRO G 58 -195.81 64.73 -131.88
CA SER G 59 -198.63 66.42 -130.04
CA ASN G 60 -196.26 66.89 -127.17
CA PRO G 61 -192.84 68.46 -127.81
CA ILE G 62 -190.03 68.45 -125.16
CA ARG G 63 -188.50 71.91 -124.62
CA ARG G 64 -185.20 72.69 -122.87
CA PRO G 65 -183.23 75.92 -122.54
CA ILE G 66 -180.10 75.07 -124.33
CA SER G 67 -177.83 77.49 -126.07
CA ALA G 68 -176.16 75.59 -128.88
CA ASP G 69 -174.83 76.52 -132.28
CA SER G 70 -176.48 73.27 -133.28
CA ALA G 71 -178.36 70.25 -132.01
CA ILE G 72 -179.04 66.89 -133.63
CA MET G 73 -180.85 63.99 -131.99
CA ASN G 74 -179.90 60.33 -132.04
CA PRO G 75 -181.56 58.40 -134.81
CA ALA G 76 -183.15 56.26 -132.20
CA SER G 77 -182.60 57.15 -128.61
CA LYS G 78 -183.24 60.20 -126.48
CA VAL G 79 -179.60 61.23 -126.78
CA ILE G 80 -178.80 64.63 -128.28
CA ALA G 81 -175.56 66.06 -129.62
CA LEU G 82 -175.14 69.75 -128.87
CA LYS G 83 -172.42 71.88 -130.32
CA ALA G 84 -171.22 75.05 -128.65
CA GLY G 85 -168.87 76.54 -131.20
CA LYS G 86 -166.09 73.96 -130.85
CA THR G 87 -167.15 72.09 -127.81
CA LEU G 88 -169.20 69.09 -128.85
CA GLN G 89 -171.38 67.49 -126.19
CA ILE G 90 -173.53 64.31 -126.27
CA PHE G 91 -176.22 64.57 -123.59
CA ASN G 92 -178.89 62.14 -122.51
CA ILE G 93 -182.18 64.07 -122.79
CA GLU G 94 -183.94 61.04 -121.30
CA MET G 95 -182.19 61.13 -117.93
CA LYS G 96 -180.64 64.57 -118.21
CA SER G 97 -177.11 63.18 -117.76
CA LYS G 98 -174.11 64.37 -119.78
CA MET G 99 -172.78 61.44 -121.74
CA LYS G 100 -169.60 62.82 -123.30
CA ALA G 101 -167.96 65.92 -124.76
CA HIS G 102 -164.97 67.09 -126.76
CA THR G 103 -163.55 70.39 -127.86
CA MET G 104 -162.61 70.05 -131.45
CA THR G 105 -159.43 71.80 -132.60
CA ASP G 106 -161.16 73.35 -135.56
CA ASP G 107 -164.88 74.12 -135.84
CA VAL G 108 -167.22 71.38 -136.94
CA THR G 109 -168.69 72.73 -140.08
CA PHE G 110 -171.49 70.19 -140.53
CA TRP G 111 -172.20 67.06 -138.49
CA LYS G 112 -174.79 64.29 -138.39
CA TRP G 113 -175.58 60.96 -136.84
CA ILE G 114 -174.60 58.24 -139.31
CA SER G 115 -175.90 55.54 -137.07
CA LEU G 116 -177.40 54.57 -133.81
CA ASN G 117 -174.25 55.67 -132.06
CA THR G 118 -171.77 57.54 -134.17
CA VAL G 119 -171.74 61.22 -135.11
CA ALA G 120 -169.88 62.49 -138.20
CA LEU G 121 -167.99 65.78 -137.75
CA VAL G 122 -167.10 67.63 -140.86
CA THR G 123 -164.32 70.07 -140.44
CA ASP G 124 -163.08 72.50 -142.95
CA ASN G 125 -160.41 69.92 -143.77
CA ALA G 126 -161.54 66.56 -142.51
CA VAL G 127 -164.40 64.24 -141.65
CA TYR G 128 -164.19 62.35 -138.32
CA HIS G 129 -166.54 59.83 -136.72
CA TRP G 130 -167.29 60.08 -132.98
CA SER G 131 -168.86 57.15 -131.18
CA MET G 132 -171.22 58.11 -128.39
CA GLU G 133 -169.77 55.07 -126.66
CA GLY G 134 -167.03 55.14 -124.05
CA GLU G 135 -164.17 57.49 -123.39
CA SER G 136 -163.26 57.33 -127.09
CA GLN G 137 -162.57 60.52 -128.98
CA PRO G 138 -163.30 61.66 -132.61
CA VAL G 139 -161.45 59.57 -135.23
CA LYS G 140 -160.43 61.11 -138.56
CA MET G 141 -161.69 58.98 -141.48
CA PHE G 142 -160.33 61.07 -144.27
CA ASP G 143 -159.34 64.51 -145.47
CA ARG G 144 -161.60 66.67 -147.50
CA HIS G 145 -160.90 66.43 -151.19
CA SER G 146 -160.15 69.73 -152.88
CA SER G 147 -163.04 69.82 -155.29
CA LEU G 148 -165.11 70.62 -152.23
CA ALA G 149 -163.09 73.64 -151.14
CA GLY G 150 -165.28 76.55 -150.16
CA CYS G 151 -168.42 74.44 -150.66
CA GLN G 152 -171.52 74.77 -148.53
CA ILE G 153 -171.56 71.24 -147.02
CA ILE G 154 -175.10 69.91 -147.25
CA ASN G 155 -174.81 66.21 -146.47
CA TYR G 156 -172.71 63.23 -145.47
CA ARG G 157 -173.67 59.60 -146.01
CA THR G 158 -172.22 56.15 -145.49
CA ASP G 159 -172.96 52.69 -146.81
CA ALA G 160 -174.38 50.20 -144.28
CA LYS G 161 -170.94 48.89 -143.56
CA GLN G 162 -169.40 52.35 -143.27
CA LYS G 163 -166.76 51.24 -145.70
CA TRP G 164 -167.70 53.92 -148.31
CA LEU G 165 -168.33 57.50 -147.19
CA LEU G 166 -169.76 60.33 -149.26
CA LEU G 167 -169.49 64.07 -148.62
CA THR G 168 -171.57 66.64 -150.57
CA GLY G 169 -171.39 70.35 -150.86
CA ILE G 170 -172.83 72.84 -153.33
CA SER G 171 -171.54 76.01 -154.93
CA ALA G 172 -173.12 78.87 -156.84
CA GLN G 173 -170.72 78.62 -159.64
CA GLN G 174 -171.28 80.92 -162.47
CA ASN G 175 -175.03 81.26 -161.87
CA ARG G 176 -175.90 77.54 -161.08
CA VAL G 177 -175.95 75.63 -157.82
CA VAL G 178 -173.31 73.12 -158.62
CA GLY G 179 -172.93 70.09 -156.30
CA ALA G 180 -169.65 68.47 -155.34
CA MET G 181 -169.39 64.99 -153.89
CA GLN G 182 -166.37 63.21 -152.47
CA LEU G 183 -166.70 59.41 -152.41
CA TYR G 184 -164.04 58.00 -150.05
CA SER G 185 -163.12 54.32 -149.88
CA VAL G 186 -162.23 53.23 -146.37
CA ASP G 187 -160.80 49.83 -147.13
CA ARG G 188 -158.95 50.92 -150.28
CA LYS G 189 -157.98 54.25 -148.69
CA VAL G 190 -158.71 56.07 -151.97
CA SER G 191 -161.11 58.92 -152.64
CA GLN G 192 -162.74 60.34 -155.77
CA PRO G 193 -164.69 63.41 -156.80
CA ILE G 194 -168.14 63.19 -158.49
CA GLU G 195 -170.45 66.00 -159.54
CA GLY G 196 -173.62 65.20 -157.73
CA HIS G 197 -176.56 66.82 -156.12
CA ALA G 198 -178.12 64.07 -154.07
CA ALA G 199 -177.33 60.41 -153.40
CA SER G 200 -177.79 57.44 -151.14
CA PHE G 201 -176.37 53.90 -150.85
CA ALA G 202 -178.44 50.71 -150.87
CA GLN G 203 -178.00 46.99 -150.22
CA PHE G 204 -179.52 45.04 -153.07
CA LYS G 205 -179.36 41.31 -153.61
CA MET G 206 -179.45 40.81 -157.38
CA GLU G 207 -181.51 38.13 -159.04
CA GLY G 208 -179.40 35.00 -158.83
CA ASN G 209 -176.73 36.14 -156.35
CA ALA G 210 -176.47 35.12 -152.74
CA GLU G 211 -175.07 38.29 -151.46
CA GLU G 212 -176.36 41.81 -151.44
CA SER G 213 -174.56 44.23 -153.60
CA THR G 214 -173.84 47.64 -152.12
CA LEU G 215 -175.07 50.25 -154.49
CA PHE G 216 -174.41 53.96 -154.57
CA CYS G 217 -177.05 56.00 -156.30
CA PHE G 218 -176.69 59.64 -157.04
CA ALA G 219 -178.38 62.31 -159.06
CA VAL G 220 -177.31 65.58 -160.57
CA ARG G 221 -178.34 68.21 -162.99
CA GLY G 222 -175.33 69.21 -165.09
CA GLN G 223 -174.81 70.87 -168.49
CA ALA G 224 -176.11 67.69 -170.09
CA GLY G 225 -179.16 67.83 -167.95
CA GLY G 226 -180.03 65.80 -164.93
CA LYS G 227 -179.12 62.19 -164.66
CA LEU G 228 -179.36 59.51 -162.07
CA HIS G 229 -176.62 56.90 -161.69
CA ILE G 230 -176.86 53.60 -159.82
CA ILE G 231 -173.52 51.79 -159.52
CA GLU G 232 -172.17 48.93 -157.40
CA VAL G 233 -169.47 50.06 -155.07
CA GLY G 234 -166.38 47.92 -154.33
CA THR G 235 -165.81 44.20 -155.08
CA PRO G 236 -168.79 41.91 -155.45
CA PRO G 237 -169.07 39.28 -152.78
CA THR G 238 -167.16 36.32 -154.09
CA GLY G 239 -169.49 34.33 -156.30
CA ASN G 240 -171.72 37.28 -157.15
CA GLN G 241 -172.35 38.42 -160.67
CA PRO G 242 -171.60 42.09 -160.75
CA PHE G 243 -174.39 44.66 -160.90
CA PRO G 244 -174.41 46.48 -164.22
CA LYS G 245 -173.90 50.19 -163.55
CA LYS G 246 -176.99 52.23 -164.61
CA ALA G 247 -177.67 55.79 -165.78
CA VAL G 248 -181.04 57.38 -166.43
CA ASP G 249 -181.89 60.99 -166.99
CA VAL G 250 -184.09 62.84 -164.51
CA PHE G 251 -186.51 65.16 -166.22
CA PHE G 252 -187.13 68.77 -165.38
CA PRO G 253 -190.04 70.58 -166.94
CA PRO G 254 -189.55 74.03 -168.47
CA GLU G 255 -191.54 75.50 -165.60
CA ALA G 256 -188.94 73.80 -163.41
CA GLN G 257 -186.53 76.49 -164.55
CA ASN G 258 -183.52 76.04 -162.39
CA ASP G 259 -184.61 73.13 -160.25
CA PHE G 260 -182.04 70.49 -159.21
CA PRO G 261 -181.89 67.38 -156.97
CA VAL G 262 -181.89 68.01 -153.29
CA ALA G 263 -182.68 64.77 -151.45
CA MET G 264 -182.78 61.03 -152.03
CA GLN G 265 -183.85 58.02 -150.00
CA ILE G 266 -184.26 54.51 -151.22
CA SER G 267 -186.81 52.00 -150.06
CA GLU G 268 -185.09 48.77 -149.30
CA LYS G 269 -188.51 47.25 -148.86
CA HIS G 270 -189.52 48.06 -152.50
CA ASP G 271 -186.17 48.86 -154.21
CA VAL G 272 -187.43 52.20 -155.33
CA VAL G 273 -185.40 55.39 -155.35
CA PHE G 274 -187.15 58.51 -154.08
CA LEU G 275 -185.74 61.78 -155.40
CA ILE G 276 -186.89 65.25 -154.25
CA THR G 277 -185.94 68.41 -156.17
CA LYS G 278 -185.35 71.96 -154.93
CA TYR G 279 -188.81 73.12 -156.12
CA GLY G 280 -190.82 70.41 -154.39
CA TYR G 281 -190.97 67.69 -157.10
CA ILE G 282 -190.78 63.98 -156.39
CA HIS G 283 -189.69 61.09 -158.61
CA LEU G 284 -189.67 57.37 -158.00
CA TYR G 285 -187.18 55.24 -159.91
CA ASP G 286 -186.71 51.49 -159.93
CA LEU G 287 -183.45 50.81 -158.07
CA GLU G 288 -182.38 47.83 -160.13
CA THR G 289 -182.98 49.31 -163.59
CA GLY G 290 -183.26 53.01 -163.02
CA THR G 291 -186.58 53.05 -164.79
CA CYS G 292 -188.65 56.13 -163.89
CA ILE G 293 -191.88 54.99 -162.32
CA TYR G 294 -193.54 58.22 -161.22
CA MET G 295 -193.08 61.99 -161.03
CA ASN G 296 -195.21 64.77 -159.62
CA ARG G 297 -195.07 67.83 -157.52
CA ILE G 298 -196.00 67.62 -153.90
CA SER G 299 -194.69 70.87 -152.46
CA GLY G 300 -194.22 74.37 -153.75
CA GLU G 301 -192.01 75.24 -150.83
CA THR G 302 -188.69 73.38 -150.51
CA ILE G 303 -188.41 70.17 -148.47
CA PHE G 304 -185.14 71.13 -146.78
CA VAL G 305 -184.61 67.95 -144.82
CA THR G 306 -185.60 64.32 -145.16
CA ALA G 307 -185.09 60.81 -143.94
CA PRO G 308 -186.20 57.44 -144.74
CA HIS G 309 -189.68 56.68 -143.37
CA GLU G 310 -189.37 53.32 -141.76
CA ALA G 311 -193.05 52.63 -141.26
CA THR G 312 -193.81 52.88 -144.91
CA ALA G 313 -190.40 52.37 -146.44
CA GLY G 314 -190.79 55.78 -148.03
CA ILE G 315 -189.46 59.25 -147.55
CA ILE G 316 -190.45 61.90 -144.92
CA GLY G 317 -189.29 65.49 -144.86
CA VAL G 318 -190.20 68.98 -143.69
CA ASN G 319 -190.69 72.04 -145.85
CA ARG G 320 -190.66 75.77 -145.21
CA LYS G 321 -194.34 75.98 -144.16
CA GLY G 322 -193.71 73.51 -141.38
CA GLN G 323 -195.35 70.61 -143.10
CA VAL G 324 -193.90 67.27 -142.14
CA LEU G 325 -194.70 65.39 -145.41
CA SER G 326 -194.12 61.87 -146.49
CA VAL G 327 -194.39 59.84 -149.74
CA CYS G 328 -194.32 56.10 -150.27
CA VAL G 329 -195.35 53.32 -152.69
CA GLU G 330 -198.98 52.30 -152.33
CA GLU G 331 -198.30 48.56 -152.27
CA GLU G 332 -201.68 47.80 -153.62
CA ASN G 333 -201.63 50.24 -156.57
CA ILE G 334 -198.09 50.16 -157.94
CA ILE G 335 -198.03 46.86 -159.84
CA PRO G 336 -201.42 47.83 -161.49
CA TYR G 337 -200.05 51.32 -162.16
CA ILE G 338 -196.89 50.00 -163.90
CA THR G 339 -199.03 47.61 -165.96
CA ASN G 340 -201.84 50.01 -166.97
CA VAL G 341 -200.50 53.56 -166.76
CA LEU G 342 -196.80 52.72 -167.51
CA GLN G 343 -197.95 49.96 -169.79
CA ASN G 344 -194.87 48.09 -168.75
CA PRO G 345 -196.04 44.60 -167.68
CA ASP G 346 -192.57 43.27 -167.70
CA LEU G 347 -191.33 45.79 -165.10
CA ALA G 348 -194.62 45.09 -163.32
CA LEU G 349 -194.18 41.33 -163.05
CA ARG G 350 -190.56 41.69 -162.04
CA MET G 351 -191.19 44.27 -159.44
CA ALA G 352 -194.21 42.16 -158.30
CA VAL G 353 -192.34 38.89 -157.81
CA ARG G 354 -189.17 40.63 -156.65
CA ASN G 355 -191.11 42.41 -153.96
CA ASN G 356 -194.04 40.15 -153.38
CA LEU G 357 -196.45 42.89 -154.28
CA ALA G 358 -199.93 42.29 -155.69
CA GLY G 359 -201.80 43.29 -158.80
CA ALA G 360 -200.28 41.08 -161.44
CA GLU G 361 -202.38 37.99 -160.79
CA GLU G 362 -203.82 37.82 -164.32
CA LEU G 363 -200.43 38.17 -165.91
CA PHE G 364 -199.11 35.35 -163.76
CA ALA G 365 -201.90 32.90 -164.50
CA ARG G 366 -201.48 33.85 -168.16
CA LYS G 367 -197.71 33.23 -167.95
CA PHE G 368 -198.21 29.92 -166.16
CA ASN G 369 -200.88 28.77 -168.55
CA ALA G 370 -198.64 29.77 -171.44
CA LEU G 371 -195.66 27.77 -170.29
CA PHE G 372 -197.98 24.81 -169.61
CA ALA G 373 -198.77 24.41 -173.31
CA GLN G 374 -195.19 24.61 -174.40
CA GLY G 375 -195.18 21.92 -171.74
CA ASN G 376 -192.28 23.52 -169.91
CA TYR G 377 -193.73 22.23 -166.70
CA SER G 378 -190.51 23.26 -165.09
CA GLU G 379 -190.72 26.89 -166.06
CA ALA G 380 -194.45 26.80 -165.37
CA ALA G 381 -193.78 25.61 -161.79
CA LYS G 382 -191.13 28.21 -161.18
CA VAL G 383 -193.81 30.79 -161.95
CA ALA G 384 -196.38 29.25 -159.61
CA ALA G 385 -193.80 28.84 -156.89
CA ASN G 386 -192.67 32.47 -157.06
CA ALA G 387 -195.70 34.47 -158.12
CA PRO G 388 -196.69 36.73 -155.11
CA LYS G 389 -199.20 36.29 -152.34
CA GLY G 390 -199.47 32.59 -153.14
CA ILE G 391 -201.69 33.24 -156.07
CA LEU G 392 -200.75 29.93 -157.89
CA ARG G 393 -199.70 27.76 -154.92
CA THR G 394 -203.08 26.20 -155.15
CA PRO G 395 -204.64 22.71 -154.94
CA ASP G 396 -205.84 23.30 -158.39
CA THR G 397 -202.28 24.05 -159.39
CA ILE G 398 -201.27 20.68 -157.92
CA ARG G 399 -204.25 19.02 -159.75
CA ARG G 400 -202.94 20.55 -162.94
CA PHE G 401 -199.46 19.05 -162.61
CA GLN G 402 -200.96 15.85 -161.26
CA SER G 403 -202.87 15.44 -164.53
CA VAL G 404 -200.03 15.26 -167.01
CA PRO G 405 -198.55 11.80 -167.45
CA ALA G 406 -194.98 10.87 -166.68
CA GLN G 407 -193.65 9.81 -170.11
CA PRO G 408 -190.86 7.24 -169.58
CA GLY G 409 -187.57 8.82 -168.52
CA GLN G 410 -187.52 12.26 -166.80
CA THR G 411 -189.29 13.28 -163.60
CA SER G 412 -193.06 14.01 -163.27
CA PRO G 413 -194.20 17.60 -163.67
CA LEU G 414 -195.69 17.30 -160.19
CA LEU G 415 -192.65 15.88 -158.55
CA GLN G 416 -190.82 18.56 -160.50
CA TYR G 417 -193.02 21.32 -159.03
CA PHE G 418 -192.76 19.83 -155.53
CA GLY G 419 -189.04 19.87 -156.12
CA ILE G 420 -189.08 23.61 -156.70
CA LEU G 421 -191.21 24.17 -153.66
CA LEU G 422 -189.04 21.99 -151.41
CA ASP G 423 -186.09 24.08 -152.56
CA GLN G 424 -187.95 27.32 -152.26
CA GLY G 425 -188.85 26.35 -148.71
CA GLN G 426 -191.49 24.71 -146.56
CA LEU G 427 -194.71 23.15 -147.98
CA ASN G 428 -198.23 23.73 -146.53
CA LYS G 429 -200.68 21.25 -145.19
CA TYR G 430 -202.24 20.32 -148.52
CA GLU G 431 -198.93 20.16 -150.35
CA SER G 432 -197.30 18.07 -147.69
CA LEU G 433 -200.23 15.67 -147.85
CA GLU G 434 -200.10 15.43 -151.66
CA LEU G 435 -196.34 15.00 -151.56
CA CYS G 436 -196.41 12.34 -148.86
CA ARG G 437 -199.41 10.24 -149.81
CA PRO G 438 -197.71 8.37 -152.71
CA VAL G 439 -194.22 8.13 -151.07
CA LEU G 440 -195.86 6.58 -148.02
CA GLN G 441 -197.38 3.92 -150.23
CA GLN G 442 -194.03 3.34 -151.94
CA GLY G 443 -192.63 2.22 -148.56
CA ARG G 444 -190.36 5.20 -148.62
CA LYS G 445 -189.99 5.96 -144.89
CA GLN G 446 -186.51 7.29 -144.94
CA LEU G 447 -187.53 9.99 -147.46
CA LEU G 448 -190.37 11.41 -145.45
CA GLU G 449 -188.05 11.11 -142.44
CA LYS G 450 -185.58 13.50 -144.05
CA TRP G 451 -188.25 15.85 -145.30
CA LEU G 452 -189.48 15.93 -141.68
CA LYS G 453 -186.09 16.49 -140.04
CA GLU G 454 -184.99 19.09 -142.52
CA ASP G 455 -188.27 20.56 -141.35
CA LYS G 456 -189.81 20.80 -144.85
CA LEU G 457 -193.37 19.49 -144.13
CA GLU G 458 -196.09 21.31 -142.24
CA CYS G 459 -197.14 18.33 -140.09
CA SER G 460 -200.85 17.89 -139.45
CA GLU G 461 -203.13 15.40 -137.66
CA GLU G 462 -204.19 14.18 -141.09
CA LEU G 463 -200.71 13.68 -142.59
CA GLY G 464 -200.20 11.73 -139.41
CA ASP G 465 -203.32 9.62 -139.82
CA LEU G 466 -202.04 8.82 -143.32
CA VAL G 467 -198.72 7.70 -141.94
CA LYS G 468 -200.39 5.74 -139.13
CA SER G 469 -201.81 3.64 -141.98
CA VAL G 470 -198.24 2.61 -142.73
CA ASP G 471 -196.18 3.39 -139.66
CA PRO G 472 -198.21 3.99 -136.53
CA THR G 473 -194.78 4.66 -134.96
CA LEU G 474 -193.81 7.25 -137.61
CA ALA G 475 -197.18 8.91 -136.85
CA LEU G 476 -196.42 9.96 -133.24
CA SER G 477 -193.56 11.83 -134.77
CA VAL G 478 -195.80 14.01 -137.00
CA TYR G 479 -198.52 14.26 -134.39
CA LEU G 480 -196.04 15.30 -131.75
CA ARG G 481 -195.24 18.05 -134.31
CA ALA G 482 -198.76 18.49 -135.40
CA ASN G 483 -202.18 18.82 -133.41
CA VAL G 484 -200.37 17.49 -130.39
CA PRO G 485 -204.35 14.82 -134.47
CA ASN G 486 -203.41 12.71 -131.52
CA LYS G 487 -206.50 10.59 -131.57
CA VAL G 488 -206.08 9.83 -135.22
CA ILE G 489 -202.45 8.83 -134.88
CA GLN G 490 -203.12 6.41 -132.08
CA CYS G 491 -206.00 5.00 -133.95
CA PHE G 492 -204.69 3.36 -137.04
CA ALA G 493 -201.43 3.06 -135.25
CA GLU G 494 -202.31 -0.14 -133.65
CA THR G 495 -198.97 -0.81 -135.15
CA GLY G 496 -196.31 1.77 -134.55
CA GLN G 497 -193.44 2.58 -132.29
CA VAL G 498 -194.06 2.09 -128.63
CA GLN G 499 -192.22 5.20 -127.57
CA LYS G 500 -194.32 7.48 -129.73
CA ILE G 501 -197.47 5.78 -128.59
CA VAL G 502 -196.73 6.30 -124.95
CA LEU G 503 -196.33 10.04 -125.47
CA TYR G 504 -199.26 10.64 -127.80
CA ALA G 505 -201.80 8.38 -126.15
CA LYS G 506 -201.99 10.75 -123.21
CA LYS G 507 -202.80 13.64 -125.52
CA VAL G 508 -205.91 11.84 -126.98
CA GLY G 509 -208.06 11.49 -126.37
CA TYR G 510 -210.20 8.65 -127.59
CA THR G 511 -209.89 6.39 -124.62
CA PRO G 512 -211.13 3.22 -126.28
CA ASP G 513 -208.08 3.34 -128.47
CA TRP G 514 -206.13 2.50 -125.35
CA ILE G 515 -208.12 -0.64 -124.80
CA PHE G 516 -207.58 -1.50 -128.42
CA LEU G 517 -203.89 -0.81 -128.00
CA LEU G 518 -203.65 -3.11 -125.05
CA ARG G 519 -205.17 -5.89 -127.06
CA ASN G 520 -202.56 -5.41 -129.73
CA VAL G 521 -199.77 -5.41 -127.24
CA MET G 522 -201.30 -8.44 -125.63
CA ARG G 523 -198.75 -11.57 -129.06
CA ILE G 524 -197.42 -8.60 -130.89
CA SER G 525 -194.09 -6.99 -131.56
CA PRO G 526 -194.06 -6.23 -127.92
CA ASP G 527 -193.57 -9.23 -125.72
CA GLN G 528 -192.92 -10.07 -122.13
CA GLY G 529 -189.83 -8.70 -120.50
CA GLN G 530 -189.08 -5.07 -120.84
CA GLN G 531 -190.91 -4.03 -123.93
CA PHE G 532 -193.80 -1.91 -124.95
CA ALA G 533 -196.10 -4.51 -123.49
CA GLN G 534 -195.93 -3.54 -119.85
CA MET G 535 -194.42 -0.13 -120.35
CA LEU G 536 -197.35 0.76 -122.52
CA VAL G 537 -199.66 0.06 -119.65
CA GLN G 538 -197.73 2.53 -117.56
CA ASP G 539 -198.32 5.53 -119.75
CA GLU G 540 -201.88 4.37 -120.16
CA GLU G 541 -202.23 4.48 -116.42
CA PRO G 542 -206.47 7.10 -117.33
CA LEU G 543 -212.13 5.49 -120.04
CA ALA G 544 -214.05 3.87 -122.84
CA ASP G 545 -215.07 0.85 -122.95
CA ILE G 546 -213.43 -0.96 -120.05
CA THR G 547 -215.04 -4.17 -121.19
CA GLN G 548 -213.75 -3.49 -124.66
CA ILE G 549 -210.19 -3.17 -123.54
CA VAL G 550 -210.33 -6.39 -121.58
CA ASP G 551 -212.19 -8.18 -124.33
CA VAL G 552 -209.37 -7.41 -126.68
CA PHE G 553 -206.79 -8.68 -124.24
CA MET G 554 -208.68 -11.87 -123.52
CA GLU G 555 -209.05 -12.99 -127.12
CA TYR G 556 -205.36 -12.41 -127.60
CA ASN G 557 -204.82 -14.52 -124.48
CA LEU G 558 -202.85 -11.53 -123.25
CA ILE G 559 -204.54 -12.13 -119.91
CA GLN G 560 -201.29 -12.23 -118.00
CA GLN G 561 -200.47 -8.76 -119.31
CA CYS G 562 -203.98 -7.52 -118.85
CA THR G 563 -203.87 -8.36 -115.19
CA ALA G 564 -200.47 -6.70 -114.91
CA PHE G 565 -201.68 -3.40 -116.31
CA LEU G 566 -204.79 -3.42 -114.20
CA LEU G 567 -202.53 -3.37 -111.21
CA ASP G 568 -201.17 -0.08 -112.52
CA ALA G 569 -204.67 1.21 -113.09
CA LEU G 570 -205.64 1.00 -109.45
CA LYS G 571 -202.83 3.36 -108.61
CA ASN G 572 -204.22 6.09 -110.77
CA ASN G 573 -206.64 7.43 -108.24
CA ARG G 574 -208.74 9.39 -110.66
CA PRO G 575 -208.50 6.87 -113.39
CA SER G 576 -209.64 4.17 -111.03
CA GLU G 577 -213.11 2.85 -111.58
CA GLY G 578 -215.85 -0.91 -107.91
CA PRO G 579 -217.21 -2.20 -111.13
CA LEU G 580 -213.74 -1.99 -112.58
CA GLN G 581 -212.39 -4.50 -110.12
CA THR G 582 -215.40 -6.68 -110.52
CA ARG G 583 -215.12 -6.77 -114.29
CA LEU G 584 -211.38 -7.31 -114.24
CA LEU G 585 -211.53 -10.40 -112.13
CA GLU G 586 -214.38 -11.77 -114.15
CA MET G 587 -212.44 -11.26 -117.33
CA ASN G 588 -209.38 -12.73 -115.72
CA LEU G 589 -211.21 -15.87 -114.82
CA MET G 590 -212.09 -16.75 -118.38
CA HIS G 591 -209.14 -14.89 -119.87
CA ALA G 592 -206.31 -15.96 -117.62
CA PRO G 593 -206.93 -17.75 -114.42
CA GLN G 594 -203.37 -17.38 -113.23
CA VAL G 595 -203.96 -13.68 -112.77
CA ALA G 596 -207.32 -14.28 -111.17
CA ASP G 597 -205.98 -15.35 -107.81
CA ALA G 598 -203.40 -12.61 -107.50
CA ILE G 599 -206.00 -9.99 -108.19
CA LEU G 600 -208.06 -11.50 -105.44
CA GLY G 601 -205.23 -10.89 -103.11
CA ASN G 602 -204.49 -7.43 -104.40
CA GLN G 603 -207.89 -5.85 -104.37
CA MET G 604 -210.40 -8.33 -105.47
CA PHE G 605 -211.30 -8.91 -101.91
CA THR G 606 -212.07 -5.44 -100.69
CA HIS G 607 -213.48 -3.68 -103.67
CA TYR G 608 -215.24 -6.23 -105.77
CA ASP G 609 -218.77 -7.44 -106.19
CA ARG G 610 -218.01 -10.65 -104.37
CA ALA G 611 -221.18 -12.44 -105.27
CA HIS G 612 -220.64 -11.85 -108.95
CA ILE G 613 -217.06 -13.01 -108.90
CA ALA G 614 -217.89 -16.19 -107.15
CA GLN G 615 -220.43 -17.26 -109.71
CA LEU G 616 -217.84 -16.58 -112.36
CA CYS G 617 -215.22 -18.64 -110.53
CA GLU G 618 -217.64 -21.49 -110.12
CA LYS G 619 -218.07 -21.70 -113.84
CA ALA G 620 -214.34 -21.16 -114.02
CA GLY G 621 -213.43 -24.23 -111.98
CA LEU G 622 -211.30 -21.82 -109.97
CA LEU G 623 -212.24 -23.64 -106.76
CA GLN G 624 -208.90 -23.01 -105.09
CA ARG G 625 -209.68 -19.29 -105.39
CA ALA G 626 -213.38 -19.85 -104.77
CA LEU G 627 -212.52 -21.05 -101.31
CA GLU G 628 -210.57 -17.88 -100.80
CA HIS G 629 -213.55 -15.73 -101.70
CA PHE G 630 -215.89 -17.82 -99.65
CA THR G 631 -213.61 -17.59 -96.71
CA ASP G 632 -213.35 -13.80 -96.92
CA LEU G 633 -217.04 -13.67 -97.76
CA TYR G 634 -217.35 -15.40 -94.42
CA ASP G 635 -219.43 -17.96 -96.12
CA ILE G 636 -217.45 -20.69 -94.42
CA LYS G 637 -219.97 -23.43 -94.95
CA ARG G 638 -219.56 -22.93 -98.66
CA ALA G 639 -215.82 -22.90 -98.48
CA VAL G 640 -215.83 -26.24 -96.74
CA VAL G 641 -218.37 -27.78 -99.05
CA HIS G 642 -216.27 -26.71 -102.00
CA THR G 643 -213.14 -27.99 -100.36
CA HIS G 644 -214.89 -31.29 -100.02
CA LEU G 645 -215.33 -31.72 -103.73
CA LEU G 646 -211.78 -30.72 -104.50
CA ASN G 647 -209.28 -31.11 -101.74
CA PRO G 648 -208.58 -28.06 -99.76
CA GLU G 649 -205.39 -27.15 -98.01
CA TRP G 650 -204.74 -28.91 -94.73
CA LEU G 651 -204.25 -25.87 -92.54
CA VAL G 652 -207.27 -24.03 -93.88
CA ASN G 653 -209.52 -26.97 -93.29
CA TYR G 654 -208.89 -26.90 -89.58
CA PHE G 655 -209.56 -23.20 -89.22
CA GLY G 656 -212.56 -22.92 -91.50
CA SER G 657 -214.45 -25.98 -90.33
CA LEU G 658 -214.83 -24.57 -86.86
CA SER G 659 -215.92 -21.30 -88.34
CA VAL G 660 -218.76 -23.21 -89.87
CA GLU G 661 -221.08 -22.39 -87.02
CA ASP G 662 -223.99 -22.79 -89.32
CA SER G 663 -223.82 -26.46 -90.05
CA LEU G 664 -222.89 -28.97 -87.41
CA GLU G 665 -223.58 -31.72 -89.91
CA CYS G 666 -220.68 -30.56 -91.98
CA LEU G 667 -218.49 -31.79 -89.21
CA ARG G 668 -219.87 -35.29 -89.47
CA ALA G 669 -219.68 -35.07 -93.22
CA MET G 670 -216.10 -33.98 -92.95
CA LEU G 671 -215.10 -36.83 -90.70
CA SER G 672 -216.39 -39.29 -93.22
CA ALA G 673 -214.42 -37.62 -95.97
CA ASN G 674 -211.38 -37.39 -93.77
CA ILE G 675 -211.56 -41.02 -92.88
CA ARG G 676 -210.97 -41.85 -96.48
CA GLN G 677 -208.48 -39.40 -97.85
CA ASN G 678 -206.27 -39.45 -94.82
CA LEU G 679 -206.29 -41.26 -91.49
CA GLN G 680 -203.75 -38.93 -89.96
CA ILE G 681 -205.69 -35.84 -90.82
CA CYS G 682 -208.77 -37.26 -89.20
CA VAL G 683 -207.23 -37.64 -85.79
CA GLN G 684 -206.02 -34.06 -85.72
CA VAL G 685 -209.23 -32.78 -87.25
CA ALA G 686 -211.27 -34.75 -84.78
CA SER G 687 -209.84 -32.80 -81.91
CA LYS G 688 -211.14 -29.39 -83.08
CA TYR G 689 -213.56 -30.72 -82.55
CA HIS G 690 -216.80 -32.35 -82.20
CA GLU G 691 -220.29 -30.61 -82.13
CA GLN G 692 -221.43 -33.99 -81.66
CA LEU G 693 -223.51 -37.09 -80.93
CA SER G 694 -223.34 -38.45 -84.39
CA THR G 695 -222.87 -40.71 -82.01
CA GLN G 696 -223.47 -44.02 -83.79
CA SER G 697 -223.16 -42.48 -87.22
CA LEU G 698 -219.95 -40.86 -86.13
CA ILE G 699 -218.45 -44.16 -85.10
CA GLU G 700 -219.84 -46.00 -88.08
CA LEU G 701 -218.03 -43.50 -90.26
CA PHE G 702 -214.79 -44.09 -88.39
CA GLU G 703 -214.99 -47.81 -88.91
CA SER G 704 -215.50 -47.66 -92.68
CA PHE G 705 -212.46 -45.43 -92.93
CA LYS G 706 -210.81 -48.17 -90.95
CA SER G 707 -209.52 -45.59 -88.58
CA PHE G 708 -210.18 -47.79 -85.61
CA GLU G 709 -207.16 -46.43 -83.84
CA GLY G 710 -208.18 -42.82 -84.25
CA LEU G 711 -211.77 -43.37 -83.25
CA PHE G 712 -210.57 -44.94 -80.05
CA TYR G 713 -208.14 -42.10 -79.46
CA PHE G 714 -210.81 -39.45 -80.01
CA LEU G 715 -213.19 -41.00 -77.54
CA GLY G 716 -210.33 -41.07 -75.14
CA SER G 717 -210.17 -37.29 -75.21
CA ILE G 718 -213.91 -36.80 -75.01
CA VAL G 719 -214.21 -38.88 -71.87
CA ASN G 720 -212.06 -36.37 -70.05
CA PHE G 721 -214.77 -33.80 -70.43
CA SER G 722 -218.33 -34.50 -69.44
CA GLN G 723 -219.77 -37.15 -71.66
CA ASP G 724 -220.31 -39.30 -71.33
CA PRO G 725 -220.17 -42.98 -70.82
CA ASP G 726 -220.53 -43.47 -74.54
CA VAL G 727 -217.04 -42.17 -75.00
CA HIS G 728 -215.45 -44.41 -72.40
CA PHE G 729 -217.45 -47.24 -73.86
CA LYS G 730 -216.18 -46.61 -77.37
CA TYR G 731 -212.60 -46.05 -76.24
CA ILE G 732 -212.29 -49.40 -74.57
CA GLN G 733 -213.83 -51.17 -77.51
CA ALA G 734 -211.42 -49.55 -79.90
CA ALA G 735 -208.57 -50.19 -77.53
CA CYS G 736 -209.28 -53.86 -77.54
CA LYS G 737 -208.80 -54.29 -81.26
CA THR G 738 -206.48 -51.31 -81.69
CA GLY G 739 -204.18 -51.61 -78.69
CA GLN G 740 -204.68 -54.39 -76.21
CA ILE G 741 -202.08 -53.09 -73.81
CA LYS G 742 -204.08 -49.91 -73.30
CA GLU G 743 -207.24 -51.91 -72.75
CA VAL G 744 -206.23 -52.92 -69.25
CA GLU G 745 -205.25 -49.59 -67.77
CA ARG G 746 -208.36 -47.98 -69.11
CA ILE G 747 -210.71 -50.49 -67.54
CA CYS G 748 -208.86 -50.08 -64.32
CA ARG G 749 -209.85 -46.43 -64.02
CA GLU G 750 -212.82 -46.30 -66.44
CA SER G 751 -214.69 -49.50 -65.64
CA ASN G 752 -217.25 -47.56 -63.63
CA CYS G 753 -218.41 -45.34 -66.45
CA TYR G 754 -218.72 -47.80 -69.29
CA ASP G 755 -221.56 -50.09 -70.37
CA PRO G 756 -219.94 -53.27 -69.12
CA GLU G 757 -221.92 -55.75 -71.16
CA ARG G 758 -220.62 -54.28 -74.35
CA VAL G 759 -217.08 -54.06 -73.05
CA LYS G 760 -217.23 -57.74 -72.37
CA ASN G 761 -218.45 -58.74 -75.79
CA PHE G 762 -215.55 -56.78 -77.18
CA LEU G 763 -213.10 -58.49 -74.83
CA LYS G 764 -214.47 -61.89 -75.71
CA GLU G 765 -213.73 -61.36 -79.35
CA ALA G 766 -210.49 -59.78 -78.24
CA LYS G 767 -209.25 -62.81 -76.33
CA LEU G 768 -208.56 -60.22 -73.64
CA THR G 769 -209.04 -62.95 -71.03
CA ASP G 770 -206.94 -61.34 -68.36
CA GLN G 771 -209.15 -58.25 -68.53
CA LEU G 772 -212.43 -60.11 -69.01
CA PRO G 773 -212.34 -61.58 -65.59
CA LEU G 774 -211.48 -58.21 -64.21
CA ILE G 775 -214.74 -56.88 -65.53
CA ILE G 776 -216.65 -60.05 -64.84
CA VAL G 777 -215.38 -60.08 -61.30
CA CYS G 778 -215.86 -56.36 -60.86
CA ASP G 779 -218.67 -54.53 -62.52
CA ARG G 780 -220.13 -57.73 -63.76
CA PHE G 781 -220.27 -57.98 -61.28
CA ASP G 782 -220.57 -61.16 -63.25
CA PHE G 783 -218.19 -63.23 -61.21
CA VAL G 784 -219.25 -66.39 -62.94
CA HIS G 785 -218.19 -64.94 -66.27
CA ASP G 786 -214.85 -63.79 -65.01
CA LEU G 787 -213.99 -67.21 -63.69
CA VAL G 788 -214.83 -68.98 -66.89
CA LEU G 789 -212.65 -66.47 -68.64
CA TYR G 790 -209.93 -67.04 -66.07
CA LEU G 791 -210.07 -70.69 -66.93
CA TYR G 792 -209.10 -69.59 -70.37
CA ARG G 793 -206.21 -67.72 -68.76
CA ASN G 794 -205.71 -65.47 -65.73
CA ASN G 795 -203.78 -65.04 -62.49
CA LEU G 796 -204.05 -67.29 -59.47
CA GLN G 797 -204.51 -64.64 -56.80
CA LYS G 798 -207.54 -62.95 -58.28
CA TYR G 799 -208.73 -66.39 -59.13
CA ILE G 800 -208.77 -67.47 -55.53
CA GLU G 801 -210.89 -64.48 -54.52
CA ILE G 802 -213.42 -64.40 -57.38
CA TYR G 803 -213.97 -68.13 -57.37
CA VAL G 804 -215.69 -67.96 -54.02
CA GLN G 805 -218.04 -65.16 -55.05
CA LYS G 806 -219.21 -67.16 -58.01
CA VAL G 807 -220.04 -73.15 -60.68
CA ASN G 808 -222.13 -77.61 -61.19
CA PRO G 809 -219.62 -77.80 -58.43
CA SER G 810 -217.41 -79.94 -60.64
CA ARG G 811 -216.08 -76.59 -61.75
CA LEU G 812 -214.54 -76.36 -58.35
CA PRO G 813 -212.38 -79.34 -59.09
CA VAL G 814 -211.56 -78.06 -62.52
CA VAL G 815 -210.59 -74.79 -60.93
CA ILE G 816 -208.42 -76.32 -58.29
CA GLY G 817 -206.48 -78.11 -60.94
CA GLY G 818 -206.26 -74.95 -62.95
CA LEU G 819 -204.79 -72.97 -60.12
CA LEU G 820 -202.41 -75.75 -59.25
CA ASP G 821 -201.42 -76.60 -62.79
CA VAL G 822 -201.16 -73.05 -63.94
CA ASP G 823 -198.59 -71.08 -62.11
CA CYS G 824 -201.18 -69.76 -59.75
CA SER G 825 -199.56 -69.14 -56.46
CA GLU G 826 -199.90 -71.86 -53.93
CA ASP G 827 -201.09 -69.13 -51.66
CA VAL G 828 -203.51 -68.16 -54.38
CA ILE G 829 -204.56 -71.76 -54.58
CA LYS G 830 -204.94 -71.88 -50.85
CA ASN G 831 -206.86 -68.66 -50.89
CA LEU G 832 -209.10 -70.11 -53.53
CA ILE G 833 -209.38 -73.44 -51.80
CA LEU G 834 -211.97 -76.12 -50.04
CA VAL G 835 -214.91 -75.31 -52.24
CA VAL G 836 -213.12 -77.00 -55.09
CA ARG G 837 -212.54 -80.15 -53.12
CA GLY G 838 -216.16 -80.28 -52.17
CA GLN G 839 -220.18 -88.58 -50.07
CA PHE G 840 -217.37 -90.99 -50.50
CA SER G 841 -214.11 -90.82 -52.32
CA THR G 842 -211.46 -88.97 -52.57
CA ASP G 843 -207.72 -89.05 -52.98
CA GLU G 844 -208.03 -87.17 -56.22
CA LEU G 845 -209.88 -84.39 -54.55
CA VAL G 846 -207.27 -84.21 -51.83
CA ALA G 847 -204.37 -84.32 -54.22
CA GLU G 848 -205.80 -81.46 -56.21
CA VAL G 849 -206.46 -79.43 -53.12
CA GLU G 850 -203.01 -79.99 -51.68
CA LYS G 851 -200.86 -78.84 -54.58
CA ARG G 852 -203.16 -75.89 -54.96
CA ASN G 853 -202.27 -75.02 -51.39
CA ARG G 854 -206.04 -75.25 -51.14
CA LEU G 855 -204.64 -75.27 -47.06
CA LYS G 856 -206.93 -73.06 -45.05
CA LEU G 857 -209.95 -74.54 -46.87
CA LEU G 858 -208.48 -77.99 -47.26
CA LEU G 859 -208.51 -78.48 -43.54
CA PRO G 860 -212.22 -77.89 -43.37
CA TRP G 861 -213.09 -80.26 -46.18
CA LEU G 862 -211.25 -83.05 -44.47
CA GLU G 863 -213.23 -82.16 -41.42
CA ALA G 864 -216.37 -83.27 -43.25
CA ARG G 865 -214.80 -86.28 -44.94
CA ILE G 866 -214.09 -87.93 -41.62
CA HIS G 867 -217.79 -88.47 -41.25
CA GLU G 868 -217.87 -90.49 -44.44
CA GLY G 869 -218.08 -94.21 -43.82
CA CYS G 870 -215.58 -94.59 -46.64
CA GLU G 871 -213.13 -92.62 -44.48
CA GLU G 872 -208.45 -93.19 -44.91
CA PRO G 873 -205.50 -92.36 -42.77
CA ALA G 874 -203.94 -90.63 -45.72
CA THR G 875 -206.55 -87.95 -45.40
CA HIS G 876 -206.19 -87.58 -41.67
CA ASN G 877 -202.47 -87.26 -41.86
CA ALA G 878 -202.73 -84.71 -44.63
CA LEU G 879 -205.27 -82.61 -42.80
CA ALA G 880 -203.28 -82.32 -39.63
CA LYS G 881 -200.14 -81.28 -41.42
CA ILE G 882 -201.99 -78.68 -43.40
CA TYR G 883 -203.68 -77.74 -40.16
CA ILE G 884 -200.25 -77.29 -38.68
CA ASP G 885 -200.29 -74.13 -40.72
CA SER G 886 -203.50 -73.07 -38.96
CA ASN G 887 -202.43 -74.04 -35.46
CA ASN G 888 -205.65 -73.79 -33.50
CA ASN G 889 -207.33 -76.64 -35.33
CA PRO G 890 -204.58 -79.17 -34.99
CA GLU G 891 -205.01 -79.78 -31.30
CA ARG G 892 -208.60 -80.90 -31.62
CA PHE G 893 -207.73 -82.82 -34.72
CA LEU G 894 -205.18 -85.05 -33.08
CA ARG G 895 -207.60 -85.52 -30.26
CA GLU G 896 -210.29 -86.45 -32.75
CA ASN G 897 -208.57 -88.99 -34.91
CA PRO G 898 -206.12 -91.55 -33.88
CA TYR G 899 -205.68 -92.81 -37.39
CA TYR G 900 -202.82 -90.68 -38.57
CA ASP G 901 -199.30 -91.56 -39.69
CA SER G 902 -199.17 -89.93 -36.50
CA ARG G 903 -195.64 -89.52 -37.72
CA VAL G 904 -196.68 -87.08 -40.38
CA VAL G 905 -198.89 -85.08 -38.08
CA GLY G 906 -196.16 -84.81 -35.52
CA LYS G 907 -193.67 -83.24 -37.87
CA TYR G 908 -196.34 -80.76 -38.81
CA CYS G 909 -197.10 -80.13 -35.16
CA GLU G 910 -193.41 -79.77 -34.52
CA LYS G 911 -193.44 -76.63 -36.55
CA ARG G 912 -196.45 -75.62 -34.49
CA ASP G 913 -196.94 -75.61 -30.74
CA PRO G 914 -195.87 -78.50 -28.65
CA HIS G 915 -199.01 -78.79 -26.57
CA LEU G 916 -200.70 -80.93 -29.16
CA ALA G 917 -197.47 -82.77 -29.73
CA CYS G 918 -197.50 -84.08 -26.21
CA VAL G 919 -200.97 -85.43 -26.77
CA ALA G 920 -199.95 -87.23 -29.92
CA TYR G 921 -196.72 -88.50 -28.48
CA GLU G 922 -198.78 -89.77 -25.62
CA ARG G 923 -201.22 -91.63 -27.84
CA GLY G 924 -198.40 -92.63 -30.15
CA GLN G 925 -197.06 -94.26 -27.06
CA CYS G 926 -193.83 -92.50 -27.74
CA ASP G 927 -193.56 -91.67 -24.06
CA LEU G 928 -189.94 -90.62 -24.15
CA GLU G 929 -190.86 -87.90 -26.60
CA LEU G 930 -193.78 -86.80 -24.51
CA ILE G 931 -191.59 -86.32 -21.48
CA ASN G 932 -188.75 -84.48 -23.12
CA VAL G 933 -191.14 -82.17 -24.88
CA CYS G 934 -193.00 -81.74 -21.60
CA ASN G 935 -189.74 -80.74 -20.02
CA GLU G 936 -190.03 -77.45 -21.76
CA ASN G 937 -193.64 -77.21 -20.65
CA SER G 938 -196.14 -79.70 -19.34
CA LEU G 939 -198.64 -80.66 -16.70
CA PHE G 940 -197.47 -82.27 -13.52
CA LYS G 941 -200.18 -84.89 -13.33
CA SER G 942 -199.59 -86.27 -16.78
CA LEU G 943 -195.90 -86.22 -16.10
CA SER G 944 -196.27 -88.56 -13.20
CA ARG G 945 -198.10 -91.11 -15.30
CA TYR G 946 -196.00 -90.98 -18.45
CA LEU G 947 -192.56 -90.76 -16.90
CA VAL G 948 -192.89 -94.31 -15.68
CA ARG G 949 -193.60 -95.58 -19.18
CA ARG G 950 -190.41 -93.99 -20.48
CA LYS G 951 -187.95 -96.49 -21.87
CA ASP G 952 -184.78 -94.54 -21.21
CA PRO G 953 -184.36 -94.54 -17.51
CA GLU G 954 -181.86 -91.72 -17.90
CA LEU G 955 -184.78 -89.39 -18.31
CA TRP G 956 -185.61 -90.05 -14.70
CA GLY G 957 -182.35 -88.55 -13.60
CA SER G 958 -183.00 -85.74 -16.00
CA VAL G 959 -186.45 -85.14 -14.61
CA LEU G 960 -185.33 -85.20 -11.01
CA LEU G 961 -182.90 -82.46 -11.84
CA GLU G 962 -185.64 -80.63 -13.63
CA SER G 963 -187.86 -80.78 -10.60
CA ASN G 964 -185.33 -79.75 -8.00
CA PRO G 965 -184.06 -76.57 -9.54
CA TYR G 966 -187.55 -75.69 -10.49
CA ARG G 967 -188.84 -73.66 -7.67
CA ARG G 968 -191.66 -75.77 -6.93
CA PRO G 969 -193.52 -76.98 -4.33
CA LEU G 970 -194.62 -80.13 -2.37
CA ILE G 971 -197.94 -81.10 -1.15
CA ASP G 972 -200.28 -83.41 -2.95
CA GLN G 973 -198.83 -86.00 -5.23
CA VAL G 974 -195.61 -84.40 -6.35
CA VAL G 975 -192.04 -85.11 -5.35
CA GLN G 976 -192.98 -87.71 -2.80
CA THR G 977 -195.51 -89.44 -4.96
CA ALA G 978 -193.29 -89.07 -7.98
CA LEU G 979 -190.30 -90.45 -6.16
CA SER G 980 -192.26 -93.56 -5.34
CA GLU G 981 -192.93 -94.28 -8.97
CA THR G 982 -189.40 -93.52 -10.06
CA GLN G 983 -188.13 -95.16 -7.21
CA ASP G 984 -185.20 -96.23 -9.48
CA PRO G 985 -183.54 -94.83 -10.22
CA GLU G 986 -180.72 -91.84 -9.95
CA GLU G 987 -179.13 -88.53 -10.55
CA VAL G 988 -180.20 -88.83 -7.08
CA SER G 989 -178.03 -86.00 -5.91
CA VAL G 990 -179.82 -83.63 -8.25
CA THR G 991 -183.09 -84.18 -6.50
CA VAL G 992 -181.37 -83.92 -3.13
CA LYS G 993 -179.56 -80.73 -3.99
CA ALA G 994 -182.84 -79.14 -4.94
CA PHE G 995 -184.45 -80.20 -1.70
CA MET G 996 -181.65 -78.89 0.44
CA THR G 997 -181.57 -75.39 -1.03
CA ALA G 998 -185.31 -75.28 -0.58
CA ASP G 999 -184.60 -76.03 3.07
CA LEU G 1000 -186.97 -78.86 2.35
CA PRO G 1001 -184.93 -81.64 4.07
CA ASN G 1002 -187.52 -81.76 7.91
CA GLU G 1003 -188.48 -83.73 4.81
CA LEU G 1004 -184.94 -84.64 3.90
CA ILE G 1005 -184.62 -86.63 7.05
CA GLU G 1006 -187.95 -88.26 6.43
CA LEU G 1007 -187.02 -89.56 3.00
CA LEU G 1008 -183.67 -90.85 4.14
CA GLU G 1009 -185.31 -92.88 6.84
CA LYS G 1010 -187.27 -94.62 4.12
CA ILE G 1011 -184.22 -95.03 1.92
CA VAL G 1012 -182.34 -97.26 4.30
CA LEU G 1013 -184.92 -100.01 4.14
CA ASP G 1014 -185.83 -99.44 0.52
CA ASN G 1015 -183.96 -101.79 -1.73
CA SER G 1016 -186.13 -100.35 -4.46
CA VAL G 1017 -184.53 -97.04 -3.70
CA PHE G 1018 -180.74 -96.88 -3.36
CA SER G 1019 -179.65 -99.79 -1.26
CA GLU G 1020 -178.53 -99.02 2.23
CA HIS G 1021 -175.05 -97.65 2.20
CA ARG G 1022 -172.63 -96.11 4.63
CA ASN G 1023 -173.12 -92.66 3.24
CA LEU G 1024 -176.80 -92.58 4.01
CA GLN G 1025 -176.40 -93.88 7.51
CA ASN G 1026 -173.64 -91.39 8.02
CA LEU G 1027 -175.73 -88.45 6.97
CA LEU G 1028 -178.87 -89.46 8.79
CA ILE G 1029 -177.23 -89.62 12.15
CA LEU G 1030 -175.59 -86.26 11.62
CA THR G 1031 -178.83 -84.66 10.69
CA ALA G 1032 -180.50 -86.48 13.51
CA ILE G 1033 -178.28 -84.96 16.12
CA LYS G 1034 -179.08 -81.40 15.19
CA ALA G 1035 -182.53 -82.15 13.82
CA ASP G 1036 -183.90 -84.72 16.25
CA ARG G 1037 -181.72 -85.67 19.19
CA THR G 1038 -184.14 -88.26 20.47
CA ARG G 1039 -183.79 -90.29 17.30
CA VAL G 1040 -180.03 -89.97 17.36
CA MET G 1041 -179.75 -92.58 20.10
CA GLU G 1042 -181.94 -95.23 18.52
CA TYR G 1043 -180.26 -94.80 15.20
CA ILE G 1044 -176.77 -95.35 16.55
CA ASN G 1045 -177.54 -98.73 17.97
CA ARG G 1046 -179.04 -99.74 14.65
CA LEU G 1047 -176.30 -97.76 12.91
CA ASP G 1048 -173.58 -100.38 12.72
CA ASN G 1049 -171.74 -99.37 9.59
CA TYR G 1050 -171.26 -95.68 10.03
CA ASP G 1051 -168.22 -93.47 9.62
CA ALA G 1052 -167.87 -93.10 13.36
CA PRO G 1053 -165.53 -90.20 13.48
CA ASP G 1054 -168.15 -88.20 11.65
CA ILE G 1055 -170.78 -89.02 14.21
CA ALA G 1056 -168.58 -88.21 17.09
CA ASN G 1057 -167.77 -84.67 16.14
CA ILE G 1058 -171.44 -84.30 15.43
CA ALA G 1059 -172.48 -85.52 18.87
CA ILE G 1060 -169.80 -83.49 20.56
CA SER G 1061 -171.25 -80.44 18.93
CA ASN G 1062 -174.67 -81.23 20.19
CA GLU G 1063 -174.01 -82.33 23.77
CA LEU G 1064 -174.91 -85.93 23.01
CA PHE G 1065 -172.90 -87.15 26.05
CA GLU G 1066 -174.61 -90.46 26.68
CA GLU G 1067 -174.60 -91.29 23.00
CA ALA G 1068 -171.03 -90.11 22.69
CA PHE G 1069 -170.00 -92.60 25.30
CA ALA G 1070 -171.72 -95.34 23.36
CA ILE G 1071 -169.84 -94.56 20.16
CA PHE G 1072 -166.55 -94.04 21.92
CA ARG G 1073 -167.19 -97.41 23.45
CA LYS G 1074 -167.78 -99.14 20.14
CA PHE G 1075 -165.07 -97.13 18.41
CA ASP G 1076 -162.94 -98.62 21.13
CA VAL G 1077 -161.63 -95.17 22.33
CA ASN G 1078 -161.16 -95.62 26.30
CA THR G 1079 -159.32 -92.35 26.87
CA SER G 1080 -162.24 -90.57 25.29
CA ALA G 1081 -164.76 -92.43 27.38
CA VAL G 1082 -163.10 -91.34 30.58
CA GLN G 1083 -162.58 -87.78 29.49
CA VAL G 1084 -166.21 -87.48 28.53
CA LEU G 1085 -167.09 -89.19 31.78
CA ILE G 1086 -165.29 -86.52 33.69
CA GLU G 1087 -167.45 -83.75 32.30
CA HIS G 1088 -170.73 -85.55 32.76
CA ILE G 1089 -170.77 -87.83 35.71
CA GLY G 1090 -171.33 -91.18 34.14
CA ASN G 1091 -171.26 -94.09 36.53
CA LEU G 1092 -168.75 -95.00 39.19
CA ASP G 1093 -168.62 -98.68 38.36
CA ARG G 1094 -167.85 -98.26 34.70
CA ALA G 1095 -165.27 -95.67 35.59
CA TYR G 1096 -163.33 -98.21 37.56
CA GLU G 1097 -163.22 -100.63 34.66
CA PHE G 1098 -162.45 -98.22 31.83
CA ALA G 1099 -159.86 -96.11 33.58
CA GLU G 1100 -157.40 -98.97 33.64
CA ARG G 1101 -157.73 -99.48 29.90
CA CYS G 1102 -156.74 -95.87 29.37
CA ASN G 1103 -153.48 -95.58 27.46
CA GLU G 1104 -152.40 -92.24 28.89
CA PRO G 1105 -151.36 -92.62 32.45
CA ALA G 1106 -151.79 -88.89 32.88
CA VAL G 1107 -155.49 -89.52 32.99
CA TRP G 1108 -155.04 -91.23 36.31
CA SER G 1109 -153.59 -88.16 37.95
CA GLN G 1110 -156.23 -86.01 36.34
CA LEU G 1111 -158.79 -88.59 37.42
CA ALA G 1112 -157.56 -88.56 40.98
CA LYS G 1113 -158.06 -84.83 41.09
CA ALA G 1114 -161.54 -85.16 39.70
CA GLN G 1115 -162.54 -87.63 42.36
CA LEU G 1116 -160.73 -85.54 44.87
CA GLN G 1117 -162.84 -82.53 44.10
CA LYS G 1118 -166.09 -84.39 43.54
CA GLY G 1119 -165.68 -86.73 46.44
CA MET G 1120 -162.52 -87.83 48.15
CA VAL G 1121 -164.24 -90.47 50.19
CA LYS G 1122 -166.24 -93.43 49.01
CA GLU G 1123 -164.94 -92.78 45.56
CA ALA G 1124 -161.32 -91.79 45.44
CA ILE G 1125 -160.36 -94.52 47.85
CA ASP G 1126 -161.95 -97.22 45.78
CA SER G 1127 -160.62 -95.61 42.64
CA TYR G 1128 -157.11 -95.46 44.01
CA ILE G 1129 -156.98 -99.17 44.55
CA LYS G 1130 -157.69 -99.79 40.90
CA ALA G 1131 -155.19 -97.13 39.94
CA ASP G 1132 -152.90 -95.17 39.92
CA ASP G 1133 -149.17 -94.87 40.23
CA PRO G 1134 -149.39 -92.75 38.66
CA SER G 1135 -147.43 -91.21 41.64
CA SER G 1136 -148.60 -87.72 42.50
CA TYR G 1137 -148.01 -83.56 46.47
CA MET G 1138 -148.94 -80.70 48.75
CA GLU G 1139 -152.52 -80.53 47.62
CA VAL G 1140 -153.01 -84.25 47.63
CA VAL G 1141 -151.93 -84.49 51.23
CA GLN G 1142 -153.89 -81.38 52.03
CA ALA G 1143 -157.01 -82.98 50.68
CA ALA G 1144 -156.41 -86.13 52.66
CA ASN G 1145 -156.05 -84.30 55.93
CA THR G 1146 -159.12 -82.14 55.50
CA SER G 1147 -161.18 -85.22 54.79
CA GLY G 1148 -159.72 -86.29 58.08
CA ASN G 1149 -158.69 -89.58 56.64
CA TRP G 1150 -155.15 -89.53 57.94
CA GLU G 1151 -155.23 -93.27 58.30
CA GLU G 1152 -155.84 -93.71 54.62
CA LEU G 1153 -153.26 -91.21 53.52
CA VAL G 1154 -150.53 -92.76 55.60
CA LYS G 1155 -151.58 -96.11 54.19
CA TYR G 1156 -151.21 -95.07 50.55
CA LEU G 1157 -147.89 -93.40 51.10
CA GLN G 1158 -146.66 -96.65 52.43
CA MET G 1159 -147.45 -98.26 49.09
CA ALA G 1160 -146.30 -95.22 47.14
CA ARG G 1161 -142.77 -95.40 48.41
CA LYS G 1162 -142.18 -98.61 46.57
CA LYS G 1163 -143.62 -97.43 43.27
CA ALA G 1164 -141.78 -94.18 43.09
CA ARG G 1165 -139.50 -92.78 45.63
CA GLU G 1166 -138.90 -89.23 45.76
CA SER G 1167 -139.35 -86.72 47.92
CA TYR G 1168 -142.65 -85.03 47.73
CA VAL G 1169 -144.51 -88.21 48.53
CA GLU G 1170 -142.19 -89.34 51.29
CA THR G 1171 -142.15 -85.86 52.76
CA GLU G 1172 -145.92 -86.00 52.75
CA LEU G 1173 -146.17 -89.34 54.50
CA ILE G 1174 -143.95 -88.26 57.30
CA PHE G 1175 -145.91 -85.10 57.88
CA ALA G 1176 -149.13 -87.03 57.97
CA LEU G 1177 -147.63 -89.59 60.27
CA ALA G 1178 -146.72 -87.01 62.81
CA LYS G 1179 -149.98 -85.12 62.54
CA THR G 1180 -152.42 -87.95 62.37
CA ASN G 1181 -151.27 -88.90 65.80
CA ARG G 1182 -149.49 -91.81 64.31
CA LEU G 1183 -146.18 -90.66 65.66
CA ALA G 1184 -144.98 -94.18 66.14
CA GLU G 1185 -144.95 -94.64 62.40
CA LEU G 1186 -143.09 -91.37 62.02
CA GLU G 1187 -139.95 -92.69 63.66
CA GLU G 1188 -139.34 -95.77 61.56
CA PHE G 1189 -140.23 -93.96 58.40
CA ILE G 1190 -137.69 -91.25 58.95
CA ASN G 1191 -134.98 -93.76 59.44
CA GLY G 1192 -135.31 -95.50 56.13
CA PRO G 1193 -136.08 -92.70 53.80
CA ASN G 1194 -133.32 -90.17 53.41
CA ASN G 1195 -135.17 -88.75 50.45
CA ALA G 1196 -137.41 -86.15 51.97
CA HIS G 1197 -137.27 -82.48 52.55
CA ILE G 1198 -135.71 -82.28 55.96
CA GLN G 1199 -136.66 -78.73 56.74
CA GLN G 1200 -140.32 -79.33 56.16
CA VAL G 1201 -140.22 -82.59 58.06
CA GLY G 1202 -138.58 -80.88 61.00
CA ASP G 1203 -141.15 -78.11 61.13
CA ARG G 1204 -143.65 -80.93 61.28
CA CYS G 1205 -141.98 -82.66 64.23
CA TYR G 1206 -141.42 -79.33 65.91
CA ASP G 1207 -145.13 -78.78 66.24
CA GLU G 1208 -145.54 -82.48 66.96
CA LYS G 1209 -143.17 -82.51 69.92
CA MET G 1210 -141.04 -85.25 68.43
CA TYR G 1211 -138.21 -84.42 70.86
CA ASP G 1212 -136.89 -87.99 70.91
CA ALA G 1213 -137.06 -88.42 67.14
CA ALA G 1214 -135.47 -85.08 66.13
CA LYS G 1215 -132.80 -85.85 68.74
CA LEU G 1216 -131.61 -88.53 66.34
CA LEU G 1217 -132.37 -86.56 63.17
CA TYR G 1218 -130.43 -83.50 64.30
CA ASN G 1219 -127.77 -85.97 65.47
CA ASN G 1220 -126.88 -87.47 62.06
CA VAL G 1221 -127.21 -84.21 60.11
CA SER G 1222 -125.14 -83.03 63.08
CA ASN G 1223 -126.88 -79.68 63.65
CA PHE G 1224 -125.64 -79.54 67.23
CA GLY G 1225 -127.35 -76.16 67.38
CA ARG G 1226 -130.67 -77.95 67.84
CA LEU G 1227 -129.26 -81.34 68.91
CA ALA G 1228 -128.18 -79.67 72.15
CA SER G 1229 -131.31 -77.55 72.24
CA THR G 1230 -133.63 -80.57 72.10
CA LEU G 1231 -131.44 -82.66 74.46
CA VAL G 1232 -132.13 -79.98 77.11
CA HIS G 1233 -135.81 -79.81 76.17
CA LEU G 1234 -135.54 -83.56 76.94
CA GLY G 1235 -133.93 -83.23 80.37
CA GLU G 1236 -130.79 -84.96 79.11
CA TYR G 1237 -128.65 -82.11 80.46
CA GLN G 1238 -125.14 -83.52 80.74
CA ALA G 1239 -125.28 -84.60 77.07
CA ALA G 1240 -126.85 -81.32 75.97
CA VAL G 1241 -123.68 -79.64 77.25
CA ASP G 1242 -121.79 -81.87 74.85
CA GLY G 1243 -123.90 -80.77 71.91
CA ALA G 1244 -123.33 -77.16 72.90
CA ARG G 1245 -119.59 -77.90 72.91
CA LYS G 1246 -119.61 -79.36 69.41
CA ALA G 1247 -122.03 -76.59 68.36
CA ASN G 1248 -119.41 -74.11 69.60
CA SER G 1249 -121.85 -71.20 69.63
CA THR G 1250 -122.37 -68.45 72.21
CA ARG G 1251 -126.12 -67.86 71.83
CA THR G 1252 -126.22 -71.64 72.13
CA TRP G 1253 -124.35 -71.99 75.44
CA LYS G 1254 -126.80 -69.39 76.75
CA GLU G 1255 -129.81 -71.61 75.98
CA VAL G 1256 -128.12 -74.63 77.56
CA CYS G 1257 -126.58 -72.82 80.53
CA PHE G 1258 -129.79 -70.99 81.40
CA ALA G 1259 -131.93 -74.11 81.13
CA CYS G 1260 -129.23 -76.15 82.90
CA VAL G 1261 -129.80 -73.59 85.69
CA ASP G 1262 -133.58 -73.83 85.62
CA GLY G 1263 -133.09 -77.57 86.12
CA LYS G 1264 -130.84 -76.67 89.05
CA GLU G 1265 -127.90 -78.57 87.50
CA PHE G 1266 -125.00 -76.46 88.65
CA ARG G 1267 -121.62 -78.16 88.25
CA LEU G 1268 -122.85 -78.41 84.66
CA ALA G 1269 -124.34 -74.92 84.37
CA GLN G 1270 -120.94 -73.77 85.63
CA MET G 1271 -118.54 -75.37 83.13
CA CYS G 1272 -121.34 -74.54 80.70
CA GLY G 1273 -121.19 -70.95 81.93
CA LEU G 1274 -117.43 -70.41 81.73
CA HIS G 1275 -117.85 -70.25 77.97
CA ILE G 1276 -120.02 -67.15 78.38
CA VAL G 1277 -118.44 -64.93 81.06
CA VAL G 1278 -115.39 -64.35 78.83
CA HIS G 1279 -117.74 -62.53 76.46
CA ALA G 1280 -119.34 -59.08 76.50
CA ASP G 1281 -122.24 -58.95 74.05
CA GLU G 1282 -123.70 -61.82 76.08
CA LEU G 1283 -122.75 -61.08 79.73
CA GLU G 1284 -125.87 -58.99 80.35
CA GLU G 1285 -128.63 -61.39 79.24
CA LEU G 1286 -126.85 -64.13 81.24
CA ILE G 1287 -127.00 -61.97 84.37
CA ASN G 1288 -130.48 -60.54 83.80
CA TYR G 1289 -131.63 -64.15 83.50
CA TYR G 1290 -130.01 -65.44 86.73
CA GLN G 1291 -131.50 -62.29 88.35
CA ASP G 1292 -135.24 -62.64 87.67
CA ARG G 1293 -135.01 -66.36 88.53
CA GLY G 1294 -133.78 -64.85 91.79
CA TYR G 1295 -130.63 -66.96 91.80
CA PHE G 1296 -128.38 -64.09 92.82
CA GLU G 1297 -126.41 -66.37 95.15
CA GLU G 1298 -125.22 -68.70 92.40
CA LEU G 1299 -124.76 -65.94 89.81
CA ILE G 1300 -122.13 -64.39 92.07
CA THR G 1301 -120.60 -67.81 92.77
CA MET G 1302 -119.94 -68.31 89.07
CA LEU G 1303 -118.46 -64.88 88.47
CA GLU G 1304 -116.25 -65.78 91.48
CA ALA G 1305 -114.56 -68.35 89.19
CA ALA G 1306 -114.85 -66.50 85.88
CA LEU G 1307 -112.42 -63.92 87.23
CA GLY G 1308 -109.77 -66.59 86.80
CA LEU G 1309 -110.59 -67.18 83.13
CA GLU G 1310 -107.91 -66.06 80.66
CA ARG G 1311 -110.63 -64.21 78.70
CA ALA G 1312 -111.98 -62.36 81.79
CA HIS G 1313 -113.08 -58.82 80.93
CA MET G 1314 -114.06 -55.43 82.36
CA GLY G 1315 -117.81 -56.13 82.18
CA MET G 1316 -117.30 -59.06 84.54
CA PHE G 1317 -115.37 -57.27 87.28
CA THR G 1318 -117.73 -54.29 87.01
CA GLU G 1319 -120.75 -56.56 87.47
CA LEU G 1320 -119.35 -58.58 90.32
CA ALA G 1321 -118.62 -55.42 92.29
CA ILE G 1322 -122.16 -54.12 91.72
CA LEU G 1323 -123.69 -57.45 92.80
CA TYR G 1324 -121.35 -57.64 95.79
CA SER G 1325 -122.52 -54.21 96.92
CA LYS G 1326 -126.19 -55.14 97.15
CA PHE G 1327 -125.65 -58.81 98.17
CA LYS G 1328 -122.26 -59.18 99.90
CA PRO G 1329 -120.97 -55.77 101.01
CA GLN G 1330 -118.20 -57.26 103.10
CA LYS G 1331 -116.62 -58.62 99.90
CA MET G 1332 -117.22 -55.36 97.97
CA ARG G 1333 -114.04 -53.95 99.51
CA GLU G 1334 -111.30 -56.56 98.99
CA HIS G 1335 -112.68 -56.77 95.45
CA LEU G 1336 -112.03 -53.12 94.58
CA GLU G 1337 -108.81 -53.57 96.53
CA LEU G 1338 -107.60 -55.90 93.73
CA PHE G 1339 -109.62 -55.13 90.61
CA TRP G 1340 -110.40 -51.40 90.83
CA SER G 1341 -108.35 -50.90 87.68
CA ARG G 1342 -110.22 -53.50 85.64
CA VAL G 1343 -113.68 -51.99 86.20
CA ASN G 1344 -115.96 -49.17 84.96
CA ILE G 1345 -115.52 -46.85 87.95
CA PRO G 1346 -118.42 -44.45 87.41
CA LYS G 1347 -120.89 -47.35 87.42
CA VAL G 1348 -119.36 -49.01 90.50
CA LEU G 1349 -119.54 -45.67 92.34
CA ARG G 1350 -123.24 -45.02 91.62
CA ALA G 1351 -123.52 -48.58 93.02
CA ALA G 1352 -121.85 -47.91 96.41
CA GLU G 1353 -123.55 -44.52 96.58
CA GLN G 1354 -126.84 -46.41 96.36
CA ALA G 1355 -125.47 -49.00 98.84
CA HIS G 1356 -124.08 -46.52 101.41
CA LEU G 1357 -120.63 -48.20 101.44
CA TRP G 1358 -118.90 -44.94 102.33
CA ALA G 1359 -115.54 -46.52 103.22
CA GLU G 1360 -115.24 -47.98 99.70
CA LEU G 1361 -116.76 -44.92 98.01
CA VAL G 1362 -113.80 -42.91 99.31
CA PHE G 1363 -111.42 -45.57 98.02
CA LEU G 1364 -112.68 -45.24 94.45
CA TYR G 1365 -113.34 -41.49 94.58
CA ASP G 1366 -109.69 -41.49 95.54
CA LYS G 1367 -108.47 -43.68 92.66
CA TYR G 1368 -110.79 -42.02 90.14
CA GLU G 1369 -108.99 -38.88 91.29
CA GLU G 1370 -112.28 -37.25 92.30
CA TYR G 1371 -110.66 -35.89 95.49
CA ASP G 1372 -113.23 -33.20 96.31
CA ASN G 1373 -115.74 -36.06 96.58
CA ALA G 1374 -113.53 -38.33 98.70
CA ILE G 1375 -113.21 -35.48 101.20
CA ILE G 1376 -116.86 -34.42 101.18
CA THR G 1377 -117.64 -38.11 101.81
CA MET G 1378 -115.14 -38.67 104.63
CA MET G 1379 -116.70 -35.57 106.19
CA ASN G 1380 -120.38 -36.63 106.18
CA HIS G 1381 -119.72 -40.26 107.10
CA PRO G 1382 -116.68 -40.03 109.40
CA THR G 1383 -117.25 -43.18 111.42
CA ASP G 1384 -117.04 -45.30 108.22
CA ALA G 1385 -114.91 -43.37 105.72
CA TRP G 1386 -112.79 -40.87 107.65
CA LYS G 1387 -109.18 -41.82 108.36
CA GLU G 1388 -106.74 -39.28 109.88
CA GLY G 1389 -103.83 -40.07 107.61
CA GLN G 1390 -105.49 -40.19 104.22
CA PHE G 1391 -107.53 -37.09 104.99
CA LYS G 1392 -104.22 -35.22 105.27
CA ASP G 1393 -103.19 -36.60 101.87
CA ILE G 1394 -106.36 -36.11 99.84
CA ILE G 1395 -107.37 -32.70 101.24
CA THR G 1396 -104.36 -31.28 99.41
CA LYS G 1397 -105.38 -32.56 95.96
CA VAL G 1398 -108.79 -30.90 96.51
CA ALA G 1399 -109.70 -28.41 93.76
CA ASN G 1400 -112.34 -26.28 95.44
CA VAL G 1401 -110.22 -24.62 98.15
CA GLU G 1402 -113.33 -23.69 100.10
CA LEU G 1403 -113.29 -27.27 101.35
CA TYR G 1404 -110.29 -26.27 103.47
CA TYR G 1405 -112.33 -23.81 105.52
CA ARG G 1406 -115.11 -26.37 105.56
CA ALA G 1407 -112.65 -29.00 106.83
CA ILE G 1408 -111.05 -26.66 109.38
CA GLN G 1409 -114.52 -26.25 110.86
CA PHE G 1410 -115.18 -29.99 110.85
CA TYR G 1411 -111.90 -30.93 112.56
CA LEU G 1412 -112.31 -28.03 114.97
CA GLU G 1413 -115.76 -29.08 116.15
CA PHE G 1414 -115.22 -32.86 116.36
CA LYS G 1415 -111.41 -33.42 116.26
CA PRO G 1416 -109.49 -30.66 118.14
CA LEU G 1417 -106.13 -32.37 118.61
CA LEU G 1418 -105.81 -33.06 114.90
CA LEU G 1419 -106.69 -29.49 113.87
CA ASN G 1420 -103.13 -28.21 114.09
CA ASP G 1421 -101.42 -30.96 112.12
CA LEU G 1422 -104.22 -30.52 109.56
CA LEU G 1423 -103.70 -26.80 109.46
CA MET G 1424 -100.01 -27.38 108.74
CA VAL G 1425 -100.89 -29.16 105.49
CA LEU G 1426 -103.49 -26.58 104.50
CA SER G 1427 -101.02 -23.67 104.99
CA PRO G 1428 -99.80 -23.19 101.36
CA ARG G 1429 -103.29 -22.45 100.02
CA LEU G 1430 -104.92 -21.22 103.21
CA ASP G 1431 -106.00 -17.56 103.53
CA HIS G 1432 -104.44 -17.09 107.00
CA THR G 1433 -106.19 -13.81 107.66
CA ARG G 1434 -109.47 -15.54 106.88
CA ALA G 1435 -108.37 -18.48 109.03
CA VAL G 1436 -107.30 -16.48 112.03
CA ASN G 1437 -110.46 -14.38 111.91
CA TYR G 1438 -112.62 -17.51 112.15
CA PHE G 1439 -110.67 -19.02 115.05
CA SER G 1440 -110.89 -15.65 116.79
CA LYS G 1441 -114.64 -15.17 116.36
CA VAL G 1442 -114.88 -18.80 117.49
CA LYS G 1443 -112.59 -17.89 120.43
CA GLN G 1444 -110.29 -20.82 119.77
CA LEU G 1445 -106.96 -19.05 119.14
CA PRO G 1446 -105.17 -20.72 122.05
CA LEU G 1447 -105.63 -24.10 120.33
CA VAL G 1448 -104.18 -23.09 116.99
CA LYS G 1449 -101.14 -21.53 118.57
CA PRO G 1450 -98.67 -24.05 116.97
CA TYR G 1451 -100.08 -23.07 113.59
CA LEU G 1452 -99.94 -19.38 114.34
CA ARG G 1453 -96.23 -19.52 115.11
CA SER G 1454 -95.75 -21.65 111.95
CA VAL G 1455 -97.28 -18.81 109.92
CA GLN G 1456 -96.42 -15.62 111.79
CA ASN G 1457 -93.32 -15.32 109.60
CA HIS G 1458 -95.67 -13.89 106.95
CA ASN G 1459 -95.81 -10.72 109.08
CA ASN G 1460 -99.55 -11.04 108.78
CA LYS G 1461 -101.48 -8.56 110.94
CA SER G 1462 -104.38 -10.58 112.32
CA VAL G 1463 -101.71 -13.21 112.99
CA ASN G 1464 -99.37 -11.05 115.06
CA GLU G 1465 -102.20 -9.30 116.91
CA SER G 1466 -103.77 -12.66 117.52
CA LEU G 1467 -100.49 -14.30 118.43
CA ASN G 1468 -99.45 -11.45 120.75
CA ASN G 1469 -102.69 -11.62 122.74
CA LEU G 1470 -101.66 -15.17 123.57
CA PHE G 1471 -98.17 -14.33 124.78
CA ILE G 1472 -99.88 -11.73 126.91
CA THR G 1473 -102.60 -13.87 128.52
CA GLU G 1474 -99.93 -16.44 129.17
CA GLU G 1475 -97.62 -13.82 130.65
CA ASP G 1476 -94.92 -14.79 128.13
CA TYR G 1477 -93.13 -11.42 127.77
CA GLN G 1478 -89.90 -12.71 126.25
CA ALA G 1479 -91.96 -14.21 123.44
CA LEU G 1480 -93.91 -10.97 123.07
CA ARG G 1481 -90.72 -8.96 122.87
CA THR G 1482 -89.35 -11.04 120.01
CA SER G 1483 -92.69 -11.00 118.21
CA ILE G 1484 -92.93 -7.22 118.21
CA ASP G 1485 -89.27 -7.21 117.22
CA ALA G 1486 -89.23 -9.68 114.33
CA TYR G 1487 -92.71 -8.87 112.93
CA ASP G 1488 -94.00 -5.28 112.81
CA ASN G 1489 -97.50 -5.48 111.35
CA PHE G 1490 -99.61 -4.53 114.39
CA ASP G 1491 -101.04 -1.55 116.29
CA ASN G 1492 -98.26 -0.66 118.76
CA ILE G 1493 -100.16 2.19 120.36
CA SER G 1494 -103.12 -0.05 121.07
CA LEU G 1495 -100.74 -2.64 122.51
CA ALA G 1496 -98.75 0.09 124.23
CA GLN G 1497 -101.90 1.43 125.84
CA ARG G 1498 -103.15 -2.02 126.74
CA LEU G 1499 -99.79 -2.91 128.33
CA GLU G 1500 -98.58 0.37 130.15
CA LYS G 1501 -100.69 0.08 133.21
CA HIS G 1502 -99.51 -3.51 133.71
CA GLU G 1503 -98.52 -4.53 137.22
CA LEU G 1504 -95.49 -6.55 136.10
CA ILE G 1505 -92.23 -4.62 135.81
CA GLU G 1506 -91.10 -6.52 132.76
CA PHE G 1507 -94.14 -5.22 130.93
CA ARG G 1508 -94.12 -1.67 132.24
CA ARG G 1509 -90.54 -1.57 130.96
CA ILE G 1510 -91.75 -2.72 127.55
CA ALA G 1511 -94.39 -0.02 127.46
CA ALA G 1512 -91.65 2.53 128.02
CA TYR G 1513 -89.64 0.91 125.24
CA LEU G 1514 -92.69 1.08 122.90
CA PHE G 1515 -93.30 4.79 123.56
CA LYS G 1516 -89.54 5.20 122.65
CA GLY G 1517 -88.37 2.10 120.47
CA ASN G 1518 -91.16 3.34 118.37
CA ASN G 1519 -89.14 6.48 118.83
CA ARG G 1520 -91.67 7.99 121.17
CA TRP G 1521 -88.89 9.29 123.38
CA LYS G 1522 -91.12 11.85 125.12
CA GLN G 1523 -93.30 9.06 126.43
CA SER G 1524 -90.42 6.85 127.35
CA VAL G 1525 -89.00 9.63 129.49
CA GLU G 1526 -92.30 10.44 131.14
CA LEU G 1527 -92.78 6.73 131.79
CA CYS G 1528 -89.27 6.53 133.16
CA LYS G 1529 -90.12 9.42 135.47
CA LYS G 1530 -92.37 7.00 137.47
CA ASP G 1531 -89.72 4.59 137.30
CA SER G 1532 -87.63 6.91 135.44
CA LEU G 1533 -84.41 5.25 136.61
CA TYR G 1534 -80.83 6.37 136.65
CA LYS G 1535 -79.77 3.72 134.18
CA ASP G 1536 -81.22 3.72 130.64
CA ALA G 1537 -82.14 7.31 131.18
CA MET G 1538 -78.52 8.13 130.68
CA GLN G 1539 -78.34 5.89 127.66
CA TYR G 1540 -81.37 7.01 125.71
CA ALA G 1541 -81.34 10.66 126.68
CA SER G 1542 -78.43 11.00 124.32
CA GLU G 1543 -80.53 9.50 121.55
CA SER G 1544 -83.23 12.03 122.50
CA LYS G 1545 -83.67 13.53 119.48
CA ASP G 1546 -84.63 16.60 121.50
CA THR G 1547 -81.56 17.93 123.14
CA GLU G 1548 -83.49 20.54 125.04
CA LEU G 1549 -84.83 17.94 126.75
CA ALA G 1550 -81.24 18.02 127.96
CA GLU G 1551 -81.77 21.35 129.64
CA GLU G 1552 -85.13 20.23 130.90
CA LEU G 1553 -83.64 17.03 132.25
CA LEU G 1554 -80.73 18.74 133.88
CA GLN G 1555 -83.05 20.95 135.82
CA TRP G 1556 -85.34 18.07 136.63
CA PHE G 1557 -82.61 15.84 138.00
CA LEU G 1558 -81.13 18.58 140.08
CA GLN G 1559 -84.48 19.71 141.42
CA GLU G 1560 -86.05 16.31 141.82
CA GLU G 1561 -83.31 15.14 144.15
CA LYS G 1562 -80.55 14.28 141.59
CA ARG G 1563 -78.59 13.23 142.86
CA GLU G 1564 -76.81 15.71 140.89
CA CYS G 1565 -73.30 16.19 142.17
CA PHE G 1566 -72.27 12.63 141.49
CA GLY G 1567 -74.21 12.36 138.27
CA ALA G 1568 -72.70 15.67 137.20
CA CYS G 1569 -69.25 14.20 137.49
CA LEU G 1570 -70.19 11.24 135.39
CA PHE G 1571 -72.22 13.49 133.13
CA THR G 1572 -69.19 15.66 132.49
CA CYS G 1573 -67.38 12.54 131.39
CA TYR G 1574 -70.03 11.66 128.85
CA ASP G 1575 -70.02 15.06 127.52
CA LEU G 1576 -69.69 14.47 124.11
CA LEU G 1577 -72.40 18.22 123.52
CA ARG G 1578 -73.34 22.03 124.50
CA PRO G 1579 -73.11 24.21 127.27
CA ASP G 1580 -71.48 25.87 129.39
CA VAL G 1581 -74.43 27.73 130.18
CA VAL G 1582 -75.24 24.94 132.57
CA LEU G 1583 -71.93 25.41 134.28
CA GLU G 1584 -72.46 29.12 134.57
CA THR G 1585 -76.09 28.75 135.55
CA ALA G 1586 -75.22 26.13 138.12
CA TRP G 1587 -73.18 28.74 139.93
CA ARG G 1588 -76.38 30.69 140.41
CA HIS G 1589 -77.49 27.74 142.47
CA ASN G 1590 -75.17 26.29 145.02
CA ILE G 1591 -72.07 25.12 143.16
CA MET G 1592 -71.31 22.66 145.86
CA ASP G 1593 -73.31 20.54 143.50
CA PHE G 1594 -71.33 21.85 140.64
CA ALA G 1595 -68.41 19.95 141.38
CA MET G 1596 -67.96 17.22 139.74
CA PRO G 1597 -64.86 17.72 138.11
CA TYR G 1598 -62.90 15.11 138.00
CA PHE G 1599 -64.08 13.97 134.74
CA ILE G 1600 -64.87 17.30 133.50
CA GLN G 1601 -61.06 16.95 133.84
CA VAL G 1602 -61.07 14.29 131.12
CA MET G 1603 -62.84 16.67 128.76
CA LYS G 1604 -60.37 19.38 129.55
CA GLU G 1605 -57.49 16.92 128.77
CA TYR G 1606 -59.24 16.46 125.45
CA LEU G 1607 -59.25 20.18 124.62
CA THR G 1608 -55.64 20.57 125.50
CA LYS G 1609 -54.66 17.66 123.33
CA VAL G 1610 -56.50 19.33 120.42
CA ASP G 1611 -54.58 22.61 120.91
CA LYS G 1612 -51.26 20.95 121.40
CA LEU G 1613 -52.09 19.09 118.23
CA ASP G 1614 -53.17 22.03 116.07
CA ALA G 1615 -50.07 23.78 117.31
CA SER G 1616 -47.77 21.11 115.95
CA GLU G 1617 -49.77 21.30 112.74
CA SER G 1618 -49.39 25.07 112.24
CA LEU G 1619 -45.71 24.83 113.15
CA ARG G 1620 -45.26 22.04 110.58
CA LYS G 1621 -46.78 24.49 108.02
CA GLU G 1622 -44.71 27.50 109.03
CA GLU G 1623 -41.69 25.29 108.64
CA GLU G 1624 -42.93 24.58 105.10
CA GLN G 1625 -43.70 28.08 103.83
CA ALA G 1626 -40.47 29.11 105.48
CA THR G 1627 -38.36 26.56 103.67
CA GLU G 1628 -39.99 27.33 100.32
CA THR G 1629 -39.53 31.13 100.48
CA GLN G 1630 -35.96 30.42 101.18
CA VAL H 1 -145.26 -66.51 93.14
CA ASP H 2 -141.78 -65.74 91.87
CA ARG H 3 -142.63 -62.07 91.49
CA LEU H 4 -143.96 -61.89 95.03
CA GLN H 5 -140.80 -63.46 96.40
CA SER H 6 -138.63 -60.96 94.56
CA GLU H 7 -140.62 -58.06 95.94
CA PRO H 8 -140.27 -59.37 99.48
CA GLU H 9 -136.48 -60.02 99.24
CA SER H 10 -135.87 -56.51 97.95
CA ILE H 11 -137.92 -55.01 100.77
CA ARG H 12 -135.97 -56.96 103.37
CA LYS H 13 -132.67 -55.76 101.94
CA TRP H 14 -133.82 -52.15 102.05
CA ARG H 15 -134.84 -52.48 105.67
CA GLU H 16 -131.47 -53.92 106.61
CA GLU H 17 -129.66 -51.06 104.91
CA GLN H 18 -131.74 -48.50 106.76
CA THR H 19 -130.99 -50.14 110.10
CA GLU H 20 -127.26 -50.11 109.38
CA ARG H 21 -127.35 -46.43 108.53
CA LEU H 22 -129.16 -45.61 111.76
CA GLU H 23 -126.58 -47.51 113.79
CA ALA H 24 -123.73 -45.64 112.13
CA LEU H 25 -125.35 -42.30 112.88
CA ASP H 26 -125.77 -43.21 116.53
CA ALA H 27 -122.13 -44.20 116.82
CA ASN H 28 -121.01 -40.91 115.31
CA SER H 29 -123.14 -38.95 117.75
CA ARG H 30 -121.67 -40.83 120.69
CA LYS H 31 -118.14 -40.12 119.52
CA GLN H 32 -118.87 -36.42 119.20
CA GLU H 33 -120.28 -36.28 122.71
CA ALA H 34 -117.20 -37.97 124.12
CA GLU H 35 -114.92 -35.50 122.38
CA TRP H 36 -116.86 -32.56 123.78
CA LYS H 37 -117.70 -33.65 127.97
CA GLU H 38 -114.04 -34.13 127.14
CA LYS H 39 -113.89 -30.78 125.38
CA ALA H 40 -115.44 -29.03 128.36
CA ILE H 41 -112.92 -30.57 130.72
CA LYS H 42 -110.04 -29.43 128.54
CA GLU H 43 -111.34 -25.89 128.47
CA LEU H 44 -111.63 -25.80 132.25
CA ASP H 45 -108.06 -27.01 132.65
CA GLU H 46 -106.78 -24.32 130.31
CA TRP H 47 -108.61 -21.63 132.24
CA TYR H 48 -107.14 -22.83 135.51
CA ALA H 49 -103.63 -22.75 134.08
CA ARG H 50 -104.09 -19.20 132.85
CA GLN H 51 -105.29 -18.06 136.27
CA ASP H 52 -102.27 -19.61 137.94
CA GLU H 53 -99.91 -17.86 135.56
CA GLN H 54 -101.53 -14.51 136.23
CA LEU H 55 -101.20 -14.98 139.97
CA GLN H 56 -97.52 -15.80 139.64
CA LYS H 57 -96.90 -12.69 137.58
CA THR H 58 -98.62 -10.51 140.15
CA LYS H 59 -96.51 -11.96 142.94
CA ALA H 60 -93.32 -11.28 141.02
CA ASN H 61 -94.32 -7.68 140.44
CA ASN H 62 -95.01 -7.16 144.12
CA ARG H 63 -91.63 -8.56 145.07
CA VAL H 64 -89.87 -6.24 142.65
CA ALA H 65 -91.67 -3.23 144.06
CA ASP H 66 -90.68 -4.16 147.60
CA GLU H 67 -87.03 -4.49 146.59
CA ALA H 68 -87.07 -1.07 144.96
CA PHE H 69 -88.53 0.51 148.07
CA TYR H 70 -85.86 -1.05 150.25
CA MET I 1 107.48 306.48 -58.21
CA ALA I 2 104.97 304.16 -56.47
CA GLN I 3 102.66 306.27 -54.39
CA ILE I 4 100.62 304.27 -51.90
CA LEU I 5 101.92 301.44 -49.83
CA PRO I 6 100.01 298.28 -50.95
CA ILE I 7 101.37 295.96 -48.22
CA ARG I 8 102.14 296.14 -44.48
CA PHE I 9 105.57 295.01 -43.32
CA GLN I 10 105.40 294.21 -39.58
CA GLU I 11 107.96 292.88 -37.09
CA HIS I 12 106.11 290.77 -34.53
CA LEU I 13 108.99 290.07 -32.23
CA GLN I 14 112.77 290.22 -32.11
CA LEU I 15 114.12 286.92 -30.88
CA GLN I 16 117.31 288.10 -29.29
CA ASN I 17 115.13 290.26 -27.04
CA LEU I 18 114.07 286.91 -25.62
CA GLY I 19 117.71 286.36 -25.09
CA ILE I 20 118.01 283.61 -27.69
CA ASN I 21 121.49 282.70 -28.84
CA PRO I 22 121.65 283.88 -32.47
CA ALA I 23 123.70 280.81 -33.23
CA ASN I 24 120.43 278.99 -32.78
CA ILE I 25 118.30 281.03 -35.15
CA GLY I 26 118.67 278.81 -38.16
CA PHE I 27 117.08 276.16 -40.37
CA SER I 28 118.22 273.33 -38.21
CA THR I 29 117.60 274.76 -34.82
CA LEU I 30 114.58 276.95 -35.45
CA THR I 31 111.25 275.77 -36.80
CA MET I 32 107.99 277.51 -37.61
CA GLU I 33 105.23 274.98 -38.63
CA SER I 34 102.52 277.58 -38.27
CA ASP I 35 102.16 281.18 -37.08
CA LYS I 36 101.21 279.76 -33.68
CA PHE I 37 104.59 278.74 -32.22
CA ILE I 38 108.27 279.07 -32.89
CA CYS I 39 110.50 276.39 -31.48
CA ILE I 40 114.25 276.72 -30.90
CA ARG I 41 116.63 273.97 -29.76
CA GLU I 42 119.39 275.54 -27.53
CA LYS I 43 122.29 274.06 -25.53
CA VAL I 44 122.22 276.32 -22.50
CA GLY I 45 125.59 275.72 -20.98
CA GLU I 46 126.26 272.05 -21.41
CA GLN I 47 122.52 271.37 -21.29
CA ALA I 48 120.11 270.95 -24.17
CA GLN I 49 116.66 272.45 -24.17
CA VAL I 50 113.75 273.47 -26.33
CA VAL I 51 112.37 276.94 -26.21
CA ILE I 52 108.78 277.17 -27.37
CA ILE I 53 107.50 280.58 -28.24
CA ASP I 54 103.73 280.83 -28.41
CA MET I 55 103.04 283.66 -30.71
CA ASN I 56 100.08 284.54 -28.62
CA ASP I 57 102.19 285.85 -25.75
CA PRO I 58 105.67 285.76 -27.23
CA SER I 59 106.95 287.66 -24.26
CA ASN I 60 106.98 284.42 -22.38
CA PRO I 61 108.75 281.40 -23.94
CA ILE I 62 108.36 277.83 -22.49
CA ARG I 63 111.71 276.09 -21.96
CA ARG I 64 112.29 272.36 -21.39
CA PRO I 65 115.48 270.29 -21.25
CA ILE I 66 115.03 268.04 -24.15
CA SER I 67 117.77 266.46 -26.15
CA ALA I 68 116.42 265.96 -29.65
CA ASP I 69 117.95 265.89 -33.09
CA SER I 70 114.88 267.90 -33.97
CA ALA I 71 111.62 269.31 -32.65
CA ILE I 72 108.58 270.63 -34.45
CA MET I 73 105.40 271.84 -32.79
CA ASN I 74 101.82 271.10 -33.79
CA PRO I 75 100.33 273.69 -36.07
CA ALA I 76 97.74 274.32 -33.46
CA SER I 77 98.03 272.50 -30.21
CA LYS I 78 100.65 272.25 -27.51
CA VAL I 79 101.81 268.91 -28.90
CA ILE I 80 105.45 268.58 -30.00
CA ALA I 81 107.18 265.99 -32.14
CA LEU I 82 110.70 265.21 -30.98
CA LYS I 83 113.12 263.11 -32.93
CA ALA I 84 115.99 261.27 -31.29
CA GLY I 85 117.95 259.94 -34.22
CA LYS I 86 115.45 257.31 -35.33
CA THR I 87 113.05 257.28 -32.46
CA LEU I 88 110.22 259.67 -33.19
CA GLN I 89 108.12 260.80 -30.24
CA ILE I 90 104.95 262.96 -30.09
CA PHE I 91 104.67 264.50 -26.63
CA ASN I 92 102.01 266.70 -25.09
CA ILE I 93 103.87 269.81 -23.86
CA GLU I 94 100.58 271.01 -22.35
CA MET I 95 100.15 268.19 -19.86
CA LYS I 96 103.63 266.72 -20.11
CA SER I 97 102.29 263.31 -21.18
CA LYS I 98 103.89 261.19 -23.90
CA MET I 99 101.37 260.74 -26.67
CA LYS I 100 103.08 258.29 -29.01
CA ALA I 101 106.43 257.15 -30.40
CA HIS I 102 108.00 255.04 -33.13
CA THR I 103 111.49 253.99 -34.08
CA MET I 104 111.79 254.42 -37.77
CA THR I 105 113.80 251.78 -39.67
CA ASP I 106 115.77 254.41 -41.52
CA ASP I 107 116.47 257.96 -40.31
CA VAL I 108 113.90 260.62 -40.95
CA THR I 109 115.72 263.07 -43.09
CA PHE I 110 113.20 265.93 -42.93
CA TRP I 111 109.76 265.97 -41.33
CA LYS I 112 106.93 268.44 -40.78
CA TRP I 113 103.37 268.74 -39.64
CA ILE I 114 101.14 268.80 -42.72
CA SER I 115 98.07 269.31 -40.65
CA LEU I 116 96.50 269.58 -37.27
CA ASN I 117 97.39 265.98 -36.60
CA THR I 118 99.67 264.35 -39.11
CA VAL I 119 103.44 264.53 -39.37
CA ALA I 120 105.28 263.85 -42.66
CA LEU I 121 108.49 261.82 -42.37
CA VAL I 122 110.86 262.03 -45.22
CA THR I 123 113.29 259.20 -45.42
CA ASP I 124 116.13 258.85 -47.77
CA ASN I 125 113.81 256.74 -49.90
CA ALA I 126 110.25 257.46 -48.91
CA VAL I 127 107.74 259.90 -47.49
CA TYR I 128 105.32 258.58 -44.81
CA HIS I 129 102.51 260.29 -42.94
CA TRP I 130 102.09 259.65 -39.20
CA SER I 131 98.85 260.58 -37.48
CA MET I 132 99.27 261.77 -33.90
CA GLU I 133 96.02 259.90 -33.34
CA GLY I 134 95.72 256.41 -31.90
CA GLU I 135 98.00 253.42 -31.92
CA SER I 136 98.50 253.89 -35.67
CA GLN I 137 101.99 253.81 -37.12
CA PRO I 138 103.69 255.74 -40.01
CA VAL I 139 102.13 255.01 -43.42
CA LYS I 140 104.25 255.20 -46.59
CA MET I 141 102.60 257.49 -49.19
CA PHE I 142 105.17 257.15 -51.88
CA ASP I 143 108.79 256.53 -52.76
CA ARG I 144 111.20 259.29 -53.45
CA HIS I 145 111.61 259.95 -57.14
CA SER I 146 115.17 259.75 -58.40
CA SER I 147 115.58 263.30 -59.57
CA LEU I 148 115.79 264.12 -55.88
CA ALA I 149 118.64 261.74 -55.09
CA GLY I 150 121.29 263.34 -52.92
CA CYS I 151 119.19 266.53 -52.61
CA GLN I 152 119.07 268.64 -49.50
CA ILE I 153 115.34 268.26 -48.69
CA ILE I 154 113.95 271.70 -47.87
CA ASN I 155 110.20 271.29 -47.88
CA TYR I 156 107.15 269.06 -48.20
CA ARG I 157 103.64 270.26 -48.97
CA THR I 158 100.20 268.85 -49.59
CA ASP I 159 96.99 270.13 -51.12
CA ALA I 160 94.07 270.63 -48.70
CA LYS I 161 92.75 267.21 -49.49
CA GLN I 162 96.16 265.56 -49.20
CA LYS I 163 95.55 264.00 -52.56
CA TRP I 164 98.62 265.71 -54.17
CA LEU I 165 101.92 265.78 -52.31
CA LEU I 166 105.02 267.75 -53.23
CA LEU I 167 108.60 267.15 -52.11
CA THR I 168 111.41 269.69 -52.72
CA GLY I 169 115.12 269.49 -52.43
CA ILE I 170 117.95 271.64 -53.76
CA SER I 171 121.38 270.90 -55.16
CA ALA I 172 124.47 272.95 -55.89
CA GLN I 173 124.77 271.72 -59.35
CA GLN I 174 127.50 273.17 -61.37
CA ASN I 175 127.63 276.45 -59.42
CA ARG I 176 123.80 277.10 -59.01
CA VAL I 177 121.36 276.06 -56.32
CA VAL I 178 119.10 273.96 -58.41
CA GLY I 179 115.73 272.88 -56.93
CA ALA I 180 114.07 269.53 -57.48
CA MET I 181 110.41 268.89 -56.83
CA GLN I 182 108.50 265.63 -56.90
CA LEU I 183 104.74 266.05 -57.37
CA TYR I 184 103.03 262.76 -56.39
CA SER I 185 99.40 261.97 -57.18
CA VAL I 186 97.76 259.93 -54.45
CA ASP I 187 94.57 258.98 -56.22
CA ARG I 188 96.24 258.34 -59.60
CA LYS I 189 99.27 256.74 -57.92
CA VAL I 190 101.60 258.53 -60.38
CA SER I 191 104.46 260.92 -59.65
CA GLN I 192 106.33 263.51 -61.71
CA PRO I 193 109.47 265.60 -61.45
CA ILE I 194 109.44 269.43 -61.80
CA GLU I 195 112.33 271.86 -61.47
CA GLY I 196 111.14 274.21 -58.82
CA HIS I 197 112.38 276.32 -56.03
CA ALA I 198 109.28 277.15 -54.04
CA ALA I 199 105.58 276.28 -54.32
CA SER I 200 102.27 276.01 -52.58
CA PHE I 201 98.76 274.71 -53.42
CA ALA I 202 95.56 276.76 -53.23
CA GLN I 203 91.81 276.24 -53.42
CA PHE I 204 90.33 278.74 -55.83
CA LYS I 205 86.74 278.90 -57.00
CA MET I 206 86.89 280.36 -60.52
CA GLU I 207 84.46 282.96 -61.77
CA GLY I 208 81.41 281.02 -62.85
CA ASN I 209 82.19 277.60 -61.34
CA ALA I 210 80.58 276.11 -58.28
CA GLU I 211 83.53 274.23 -57.07
CA GLU I 212 86.96 275.31 -56.00
CA SER I 213 89.76 274.32 -58.22
CA THR I 214 92.88 273.01 -56.55
CA LEU I 215 95.82 274.91 -57.84
CA PHE I 216 99.51 274.20 -57.54
CA CYS I 217 101.72 277.21 -57.82
CA PHE I 218 105.46 277.02 -58.03
CA ALA I 219 108.39 279.22 -58.84
CA VAL I 220 111.89 278.65 -60.05
CA ARG I 221 114.86 280.38 -61.46
CA GLY I 222 116.29 278.28 -64.31
CA GLN I 223 118.52 278.95 -67.34
CA ALA I 224 115.61 280.84 -68.88
CA GLY I 225 115.30 282.92 -65.79
CA GLY I 226 112.76 282.73 -63.05
CA LYS I 227 109.20 281.91 -63.74
CA LEU I 228 106.10 281.30 -61.72
CA HIS I 229 103.55 278.70 -62.78
CA ILE I 230 99.98 278.36 -61.55
CA ILE I 231 98.24 275.20 -62.76
CA GLU I 232 95.10 273.28 -61.77
CA VAL I 233 95.90 269.88 -60.40
CA GLY I 234 93.75 266.83 -61.18
CA THR I 235 90.23 266.68 -62.69
CA PRO I 236 87.94 269.66 -62.37
CA PRO I 237 84.89 269.07 -60.25
CA THR I 238 82.25 267.85 -62.63
CA GLY I 239 80.60 270.88 -64.17
CA ASN I 240 83.58 273.17 -63.65
CA GLN I 241 85.29 274.97 -66.49
CA PRO I 242 88.94 274.18 -66.21
CA PHE I 243 91.42 276.74 -64.91
CA PRO I 244 93.78 277.89 -67.65
CA LYS I 245 97.33 277.05 -66.60
CA LYS I 246 99.43 280.25 -66.12
CA ALA I 247 103.11 281.17 -66.37
CA VAL I 248 104.69 284.49 -65.49
CA ASP I 249 108.33 285.37 -65.09
CA VAL I 250 109.65 286.47 -61.72
CA PHE I 251 112.16 289.26 -62.04
CA PHE I 252 115.56 289.42 -60.43
CA PRO I 253 117.52 292.64 -60.54
CA PRO I 254 121.20 292.61 -61.53
CA GLU I 255 122.11 293.39 -57.94
CA ALA I 256 120.13 290.24 -57.13
CA GLN I 257 123.04 288.30 -58.59
CA ASN I 258 122.32 284.73 -57.74
CA ASP I 259 119.06 285.09 -55.88
CA PHE I 260 116.36 282.41 -56.30
CA PRO I 261 112.92 281.58 -54.81
CA VAL I 262 112.91 280.26 -51.32
CA ALA I 263 109.40 280.44 -49.88
CA MET I 264 105.80 280.88 -51.02
CA GLN I 265 102.47 281.25 -49.29
CA ILE I 266 99.20 282.18 -50.85
CA SER I 267 96.47 284.25 -49.29
CA GLU I 268 93.20 282.47 -49.75
CA LYS I 269 91.52 285.56 -48.39
CA HIS I 270 92.91 287.77 -51.24
CA ASP I 271 94.08 285.23 -53.87
CA VAL I 272 97.54 286.68 -53.88
CA VAL I 273 100.74 284.70 -54.09
CA PHE I 274 103.55 285.76 -51.78
CA LEU I 275 107.03 284.82 -52.93
CA ILE I 276 110.22 285.36 -50.89
CA THR I 277 113.69 285.04 -52.46
CA LYS I 278 116.99 283.94 -50.94
CA TYR I 279 118.23 287.55 -50.60
CA GLY I 280 115.22 288.90 -48.75
CA TYR I 281 112.99 290.09 -51.65
CA ILE I 282 109.22 289.79 -51.68
CA HIS I 283 106.77 289.67 -54.59
CA LEU I 284 103.01 289.56 -54.66
CA TYR I 285 101.31 287.98 -57.67
CA ASP I 286 97.63 287.67 -58.48
CA LEU I 287 96.74 283.99 -58.04
CA GLU I 288 94.18 283.83 -60.82
CA THR I 289 96.21 285.58 -63.54
CA GLY I 290 99.74 285.50 -62.30
CA THR I 291 99.99 289.23 -62.72
CA CYS I 292 102.81 290.73 -60.65
CA ILE I 293 101.33 293.25 -58.26
CA TYR I 294 104.29 294.29 -56.11
CA MET I 295 107.98 293.65 -55.46
CA ASN I 296 110.42 295.05 -52.93
CA ARG I 297 113.09 294.08 -50.55
CA ILE I 298 112.23 293.66 -46.92
CA SER I 299 115.22 291.81 -45.51
CA GLY I 300 118.92 291.71 -46.28
CA GLU I 301 119.33 288.58 -44.24
CA THR I 302 117.54 285.43 -45.45
CA ILE I 303 114.05 284.56 -44.20
CA PHE I 304 114.81 280.87 -43.65
CA VAL I 305 111.35 279.77 -42.58
CA THR I 306 107.81 280.95 -43.15
CA ALA I 307 104.16 280.15 -42.80
CA PRO I 308 100.94 281.59 -43.70
CA HIS I 309 99.86 284.38 -41.33
CA GLU I 310 96.28 283.64 -40.52
CA ALA I 311 95.41 286.92 -38.88
CA THR I 312 96.26 288.92 -41.92
CA ALA I 313 96.12 286.30 -44.63
CA GLY I 314 99.73 287.10 -45.38
CA ILE I 315 103.10 285.57 -44.82
CA ILE I 316 105.23 285.47 -41.60
CA GLY I 317 108.81 284.25 -41.36
CA VAL I 318 112.01 284.56 -39.37
CA ASN I 319 115.38 285.69 -40.66
CA ARG I 320 118.95 285.31 -39.46
CA LYS I 321 118.87 288.36 -37.15
CA GLY I 322 115.98 286.87 -35.24
CA GLN I 323 113.37 289.11 -36.72
CA VAL I 324 109.97 287.52 -36.92
CA LEU I 325 108.63 289.50 -39.96
CA SER I 326 105.37 289.47 -41.74
CA VAL I 327 103.91 290.93 -44.98
CA CYS I 328 100.32 291.19 -46.12
CA VAL I 329 97.96 293.10 -48.44
CA GLU I 330 96.79 296.41 -46.99
CA GLU I 331 93.11 295.88 -47.81
CA GLU I 332 92.50 299.54 -47.97
CA ASN I 333 95.40 300.46 -50.30
CA ILE I 334 95.65 297.64 -52.84
CA ILE I 335 92.73 298.37 -55.16
CA PRO I 336 93.87 302.09 -55.29
CA TYR I 337 97.46 300.93 -55.81
CA ILE I 338 96.54 298.65 -58.75
CA THR I 339 94.48 301.46 -60.28
CA ASN I 340 96.93 304.35 -59.82
CA VAL I 341 100.43 302.92 -59.50
CA LEU I 342 99.85 299.76 -61.64
CA GLN I 343 97.48 301.73 -63.80
CA ASN I 344 95.54 298.56 -64.25
CA PRO I 345 91.89 299.39 -63.44
CA ASP I 346 90.68 296.20 -64.93
CA LEU I 347 92.75 294.03 -62.56
CA ALA I 348 91.68 296.48 -59.86
CA LEU I 349 87.94 296.12 -60.41
CA ARG I 350 88.22 292.35 -60.71
CA MET I 351 90.31 291.93 -57.65
CA ALA I 352 87.94 294.41 -55.88
CA VAL I 353 84.70 292.61 -56.65
CA ARG I 354 86.31 289.18 -56.43
CA ASN I 355 87.55 289.97 -52.96
CA ASN I 356 85.14 292.57 -51.77
CA LEU I 357 87.91 295.06 -51.27
CA ALA I 358 87.48 298.83 -51.42
CA GLY I 359 88.93 301.64 -53.44
CA ALA I 360 87.24 301.24 -56.79
CA GLU I 361 84.02 303.07 -55.96
CA GLU I 362 84.41 305.68 -58.73
CA LEU I 363 85.13 303.06 -61.34
CA PHE I 364 82.02 301.16 -60.30
CA ALA I 365 79.66 304.12 -60.40
CA ARG I 366 81.22 304.99 -63.76
CA LYS I 367 80.69 301.44 -65.01
CA PHE I 368 77.10 301.36 -63.75
CA ASN I 369 76.29 304.75 -65.19
CA ALA I 370 77.84 303.65 -68.47
CA LEU I 371 75.77 300.52 -68.80
CA PHE I 372 72.66 302.55 -67.86
CA ALA I 373 72.88 304.63 -71.04
CA GLN I 374 73.36 301.65 -73.29
CA GLY I 375 70.25 300.80 -71.30
CA ASN I 376 71.61 297.38 -70.38
CA TYR I 377 69.75 297.63 -67.13
CA SER I 378 70.58 294.01 -66.62
CA GLU I 379 74.32 294.44 -66.83
CA ALA I 380 74.00 297.67 -64.88
CA ALA I 381 72.24 295.82 -62.03
CA LYS I 382 74.78 293.03 -61.99
CA VAL I 383 77.38 295.73 -61.29
CA ALA I 384 75.40 297.35 -58.48
CA ALA I 385 74.61 293.98 -56.98
CA ASN I 386 78.24 292.86 -56.92
CA ALA I 387 80.30 296.01 -56.48
CA PRO I 388 81.99 295.78 -52.99
CA LYS I 389 81.02 297.15 -49.62
CA GLY I 390 77.49 297.82 -50.88
CA ILE I 391 78.57 300.91 -52.66
CA LEU I 392 75.64 300.79 -55.24
CA ARG I 393 73.03 298.82 -53.25
CA THR I 394 71.44 302.13 -52.51
CA PRO I 395 67.92 303.62 -52.36
CA ASP I 396 69.04 305.95 -54.99
CA THR I 397 70.05 302.96 -57.06
CA ILE I 398 66.52 301.60 -56.63
CA ARG I 399 65.11 305.10 -57.53
CA ARG I 400 67.20 304.95 -60.67
CA PHE I 401 65.76 301.64 -61.86
CA GLN I 402 62.34 302.66 -60.63
CA SER I 403 62.44 305.63 -63.02
CA VAL I 404 62.75 303.86 -66.34
CA PRO I 405 59.47 302.75 -67.85
CA ALA I 406 58.53 299.17 -68.57
CA GLN I 407 58.09 299.19 -72.38
CA PRO I 408 55.55 296.48 -73.32
CA GLY I 409 57.02 292.98 -73.25
CA GLN I 410 60.12 292.21 -71.11
CA THR I 411 60.54 292.70 -67.37
CA SER I 412 61.09 296.07 -65.61
CA PRO I 413 64.65 297.15 -64.96
CA LEU I 414 63.74 297.31 -61.29
CA LEU I 415 62.15 293.95 -61.10
CA GLN I 416 65.17 292.83 -63.09
CA TYR I 417 67.58 294.28 -60.49
CA PHE I 418 65.52 292.83 -57.61
CA GLY I 419 65.77 289.57 -59.47
CA ILE I 420 69.55 289.68 -59.36
CA LEU I 421 69.53 290.57 -55.72
CA LEU I 422 67.07 287.81 -54.79
CA ASP I 423 69.39 285.41 -56.54
CA GLN I 424 72.48 286.92 -55.06
CA GLY I 425 70.90 286.53 -51.65
CA GLN I 426 68.85 288.29 -49.01
CA LEU I 427 67.46 291.85 -49.42
CA ASN I 428 67.68 294.60 -46.73
CA LYS I 429 64.94 296.51 -45.05
CA TYR I 430 64.55 299.18 -47.71
CA GLU I 431 64.80 296.74 -50.60
CA SER I 432 62.33 294.35 -49.09
CA LEU I 433 59.91 297.22 -48.59
CA GLU I 434 60.33 298.47 -52.17
CA LEU I 435 59.98 294.94 -53.50
CA CYS I 436 56.91 294.13 -51.44
CA ARG I 437 54.92 297.33 -51.60
CA PRO I 438 53.62 296.84 -55.19
CA VAL I 439 53.18 293.01 -54.96
CA LEU I 440 51.11 293.50 -51.83
CA GLN I 441 48.82 295.80 -53.78
CA GLN I 442 48.63 293.30 -56.63
CA GLY I 443 47.00 290.82 -54.21
CA ARG I 444 50.01 288.62 -54.58
CA LYS I 445 50.13 286.93 -51.15
CA GLN I 446 51.55 283.65 -52.21
CA LEU I 447 54.61 285.41 -53.71
CA LEU I 448 55.59 287.31 -50.62
CA GLU I 449 54.86 284.08 -48.72
CA LYS I 450 57.55 282.25 -50.68
CA TRP I 451 60.00 285.12 -50.48
CA LEU I 452 59.44 284.98 -46.70
CA LYS I 453 59.80 281.21 -46.31
CA GLU I 454 62.81 280.97 -48.55
CA ASP I 455 63.98 283.58 -46.05
CA LYS I 456 64.76 286.25 -48.68
CA LEU I 457 63.25 289.36 -46.97
CA GLU I 458 64.64 291.16 -43.96
CA CYS I 459 61.31 291.47 -42.11
CA SER I 460 60.65 294.74 -40.28
CA GLU I 461 57.83 296.30 -38.24
CA GLU I 462 57.19 298.56 -41.23
CA LEU I 463 57.04 295.87 -43.93
CA GLY I 464 54.60 294.32 -41.51
CA ASP I 465 52.50 297.45 -41.13
CA LEU I 466 52.34 297.53 -44.93
CA VAL I 467 51.11 293.97 -45.04
CA LYS I 468 48.65 294.61 -42.19
CA SER I 469 47.02 297.02 -44.66
CA VAL I 470 46.23 293.99 -46.79
CA ASP I 471 46.54 290.94 -44.57
CA PRO I 472 46.54 291.70 -40.87
CA THR I 473 47.03 287.93 -40.55
CA LEU I 474 50.07 287.87 -42.89
CA ALA I 475 51.47 290.69 -40.70
CA LEU I 476 51.92 288.66 -37.48
CA SER I 477 54.11 286.45 -39.59
CA VAL I 478 56.57 289.28 -40.48
CA TYR I 479 56.30 290.88 -37.07
CA LEU I 480 56.95 287.59 -35.35
CA ARG I 481 60.10 287.66 -37.53
CA ALA I 482 60.62 291.33 -37.20
CA ASN I 483 60.52 293.80 -34.10
CA VAL I 484 58.75 291.07 -32.18
CA PRO I 485 56.70 296.33 -34.97
CA ASN I 486 54.13 294.48 -32.95
CA LYS I 487 51.98 297.45 -32.25
CA VAL I 488 51.85 298.38 -35.89
CA ILE I 489 50.91 294.90 -37.03
CA GLN I 490 48.03 294.63 -34.62
CA CYS I 491 46.88 298.02 -35.56
CA PHE I 492 45.82 297.96 -39.14
CA ALA I 493 45.33 294.28 -38.70
CA GLU I 494 41.86 294.64 -37.45
CA THR I 495 41.56 292.09 -40.14
CA GLY I 496 44.08 289.30 -40.10
CA GLN I 497 44.58 285.78 -38.92
CA VAL I 498 43.45 285.07 -35.41
CA GLN I 499 46.40 282.88 -34.56
CA LYS I 500 48.94 285.54 -35.42
CA ILE I 501 46.99 288.13 -33.54
CA VAL I 502 46.91 286.12 -30.36
CA LEU I 503 50.68 285.79 -30.36
CA TYR I 504 51.59 289.34 -31.35
CA ALA I 505 49.01 291.21 -29.32
CA LYS I 506 50.84 290.26 -26.14
CA LYS I 507 54.05 291.74 -27.50
CA VAL I 508 52.36 295.06 -28.21
CA GLY I 509 53.44 296.30 -28.16
CA TYR I 510 51.14 298.84 -27.81
CA THR I 511 48.53 297.19 -25.69
CA PRO I 512 45.62 299.41 -26.65
CA ASP I 513 45.89 298.02 -30.14
CA TRP I 514 44.64 294.79 -28.67
CA ILE I 515 41.51 296.46 -27.38
CA PHE I 516 41.08 298.02 -30.76
CA LEU I 517 41.59 294.65 -32.38
CA LEU I 518 38.94 293.07 -30.23
CA ARG I 519 36.48 295.68 -31.30
CA ASN I 520 37.18 294.88 -34.91
CA VAL I 521 36.80 291.20 -34.35
CA MET I 522 33.66 291.90 -32.42
CA ARG I 523 30.87 291.89 -36.94
CA ILE I 524 33.99 291.48 -38.95
CA SER I 525 35.56 288.90 -41.18
CA PRO I 526 35.89 286.85 -38.09
CA ASP I 527 32.62 285.53 -36.78
CA GLN I 528 31.34 283.14 -34.19
CA GLY I 529 32.40 279.55 -34.40
CA GLN I 530 36.01 278.76 -34.80
CA GLN I 531 37.48 281.87 -36.30
CA PHE I 532 39.80 284.65 -35.39
CA ALA I 533 37.13 286.02 -33.15
CA GLN I 534 37.65 283.83 -30.11
CA MET I 535 41.04 282.52 -31.07
CA LEU I 536 42.28 286.06 -31.23
CA VAL I 537 41.31 286.52 -27.63
CA GLN I 538 43.45 283.56 -26.73
CA ASP I 539 46.72 284.95 -27.99
CA GLU I 540 45.73 288.26 -26.49
CA GLU I 541 45.40 286.55 -23.16
CA PRO I 542 44.15 291.90 -23.32
CA LEU I 543 44.65 296.95 -22.10
CA ALA I 544 43.70 300.16 -23.84
CA ASP I 545 40.78 301.41 -24.04
CA ILE I 546 38.36 298.79 -22.77
CA THR I 547 35.48 301.08 -23.59
CA GLN I 548 36.97 301.58 -27.03
CA ILE I 549 37.03 297.91 -27.79
CA VAL I 550 33.45 297.43 -26.71
CA ASP I 551 32.34 300.58 -28.47
CA VAL I 552 33.63 299.18 -31.69
CA PHE I 553 31.86 295.90 -31.18
CA MET I 554 28.58 297.54 -30.29
CA GLU I 555 28.31 299.74 -33.37
CA TYR I 556 29.01 296.69 -35.49
CA ASN I 557 26.24 294.95 -33.56
CA LEU I 558 28.88 292.31 -32.89
CA ILE I 559 27.52 292.23 -29.35
CA GLN I 560 27.01 288.50 -29.37
CA GLN I 561 30.68 288.03 -30.19
CA CYS I 562 31.77 290.72 -27.80
CA THR I 563 30.10 288.94 -24.94
CA ALA I 564 31.68 285.68 -26.05
CA PHE I 565 35.21 287.04 -25.96
CA LEU I 566 34.68 288.72 -22.64
CA LEU I 567 34.05 285.30 -21.23
CA ASP I 568 37.56 284.40 -22.35
CA ALA I 569 38.93 287.56 -20.82
CA LEU I 570 37.88 286.66 -17.32
CA LYS I 571 39.99 283.56 -17.52
CA ASN I 572 43.14 285.52 -18.10
CA ASN I 573 43.83 286.26 -14.49
CA ARG I 574 46.30 289.03 -15.08
CA PRO I 575 44.47 290.42 -18.01
CA SER I 576 41.30 290.56 -16.02
CA GLU I 577 40.83 293.88 -15.84
CA GLY I 578 36.31 294.90 -12.14
CA PRO I 579 35.78 297.77 -14.44
CA LEU I 580 36.35 295.45 -17.34
CA GLN I 581 33.35 293.35 -16.47
CA THR I 582 31.30 296.39 -15.75
CA ARG I 583 32.08 297.99 -19.08
CA LEU I 584 31.58 294.79 -21.02
CA LEU I 585 28.08 294.23 -19.78
CA GLU I 586 27.19 297.83 -20.35
CA MET I 587 28.43 297.63 -23.90
CA ASN I 588 26.66 294.37 -24.35
CA LEU I 589 23.38 295.86 -23.32
CA MET I 590 23.34 298.44 -26.06
CA HIS I 591 25.51 296.40 -28.42
CA ALA I 592 23.97 292.96 -28.15
CA PRO I 593 21.49 292.15 -25.49
CA GLN I 594 21.60 288.44 -26.19
CA VAL I 595 25.09 288.32 -24.75
CA ALA I 596 24.10 290.53 -21.86
CA ASP I 597 22.30 287.86 -19.91
CA ALA I 598 24.92 285.17 -20.38
CA ILE I 599 27.60 287.48 -19.13
CA LEU I 600 25.48 288.08 -16.09
CA GLY I 601 25.56 284.44 -15.41
CA ASN I 602 29.23 284.05 -16.17
CA GLN I 603 30.73 286.81 -14.13
CA MET I 604 28.56 289.79 -14.30
CA PHE I 605 27.17 288.91 -10.98
CA THR I 606 30.26 288.60 -8.86
CA HIS I 607 32.66 291.08 -10.31
CA TYR I 608 30.65 293.90 -11.73
CA ASP I 609 29.54 297.31 -10.57
CA ARG I 610 25.99 296.11 -10.07
CA ALA I 611 24.44 299.49 -9.61
CA HIS I 612 25.87 300.74 -12.87
CA ILE I 613 24.76 297.73 -14.84
CA ALA I 614 21.24 297.96 -13.59
CA GLN I 615 20.79 301.51 -14.72
CA LEU I 616 22.07 300.49 -18.09
CA CYS I 617 19.67 297.54 -18.28
CA GLU I 618 16.78 299.76 -17.31
CA LYS I 619 17.43 301.97 -20.26
CA ALA I 620 18.03 298.76 -22.17
CA GLY I 621 14.57 297.31 -21.52
CA LEU I 622 16.47 294.23 -20.39
CA LEU I 623 13.95 293.68 -17.60
CA GLN I 624 14.21 289.90 -17.72
CA ARG I 625 17.88 290.32 -16.82
CA ALA I 626 17.17 293.29 -14.58
CA LEU I 627 15.21 291.00 -12.34
CA GLU I 628 18.20 288.71 -12.24
CA HIS I 629 20.47 291.50 -11.07
CA PHE I 630 17.95 292.76 -8.60
CA THR I 631 17.52 289.32 -7.22
CA ASP I 632 21.25 288.79 -6.75
CA LEU I 633 21.54 292.38 -5.59
CA TYR I 634 19.08 291.21 -2.97
CA ASP I 635 16.97 294.14 -3.90
CA ILE I 636 13.94 291.89 -3.99
CA LYS I 637 11.38 294.63 -3.75
CA ARG I 638 12.73 296.03 -6.99
CA ALA I 639 12.73 292.68 -8.67
CA VAL I 640 9.08 292.22 -7.88
CA VAL I 641 8.10 295.70 -8.89
CA HIS I 642 9.83 295.20 -12.20
CA THR I 643 8.24 291.82 -12.64
CA HIS I 644 4.94 293.55 -12.15
CA LEU I 645 5.37 295.77 -15.14
CA LEU I 646 6.55 292.96 -17.36
CA ASN I 647 5.55 289.48 -16.36
CA PRO I 648 8.06 287.58 -14.41
CA GLU I 649 8.57 283.86 -14.34
CA TRP I 650 6.10 281.91 -12.26
CA LEU I 651 8.56 280.09 -10.04
CA VAL I 652 10.63 283.16 -9.28
CA ASN I 653 7.62 285.15 -8.26
CA TYR I 654 6.85 282.78 -5.45
CA PHE I 655 10.35 282.80 -4.05
CA GLY I 656 11.13 286.48 -4.42
CA SER I 657 7.88 287.87 -3.12
CA LEU I 658 8.44 286.37 0.28
CA SER I 659 11.95 287.68 0.24
CA VAL I 660 10.43 291.09 -0.02
CA GLU I 661 10.55 291.62 3.71
CA ASP I 662 10.67 295.32 3.13
CA SER I 663 7.28 295.93 1.68
CA LEU I 664 4.23 294.10 2.94
CA GLU I 665 2.12 296.22 0.61
CA CYS I 666 3.75 294.59 -2.34
CA LEU I 667 1.93 291.46 -1.34
CA ARG I 668 -1.42 293.17 -1.60
CA ALA I 669 -0.35 294.81 -4.80
CA MET I 670 0.68 291.45 -6.14
CA LEU I 671 -2.61 289.81 -5.32
CA SER I 672 -4.43 292.41 -7.30
CA ALA I 673 -2.16 291.86 -10.25
CA ASN I 674 -2.43 288.13 -9.87
CA ILE I 675 -6.16 288.24 -9.77
CA ARG I 676 -6.13 289.59 -13.26
CA GLN I 677 -3.41 287.81 -15.16
CA ASN I 678 -4.15 284.42 -13.71
CA LEU I 679 -6.67 283.02 -11.27
CA GLN I 680 -4.75 279.84 -10.77
CA ILE I 681 -1.55 281.58 -9.89
CA CYS I 682 -3.33 283.63 -7.29
CA VAL I 683 -4.47 280.69 -5.25
CA GLN I 684 -1.01 279.21 -5.07
CA VAL I 685 0.58 282.59 -4.50
CA ALA I 686 -1.94 283.37 -1.80
CA SER I 687 -0.68 280.53 0.30
CA LYS I 688 2.89 281.86 0.66
CA TYR I 689 1.47 283.84 2.03
CA HIS I 690 -0.22 286.66 3.61
CA GLU I 691 1.43 289.47 5.76
CA GLN I 692 -1.98 290.60 6.04
CA LEU I 693 -5.18 292.38 7.05
CA SER I 694 -5.69 294.07 3.78
CA THR I 695 -8.44 292.74 5.09
CA GLN I 696 -11.25 294.49 3.21
CA SER I 697 -8.97 295.72 0.49
CA LEU I 698 -7.63 292.24 0.13
CA ILE I 699 -11.06 290.79 -0.42
CA GLU I 700 -12.16 293.64 -2.61
CA LEU I 701 -9.22 292.86 -4.84
CA PHE I 702 -10.20 289.21 -5.00
CA GLU I 703 -13.70 290.04 -6.10
CA SER I 704 -12.69 292.29 -8.98
CA PHE I 705 -10.44 289.54 -10.26
CA LYS I 706 -13.55 287.43 -9.97
CA SER I 707 -11.58 284.90 -8.08
CA PHE I 708 -14.42 284.26 -5.69
CA GLU I 709 -13.48 280.63 -5.43
CA GLY I 710 -9.88 281.33 -4.54
CA LEU I 711 -10.68 284.02 -2.01
CA PHE I 712 -12.92 281.58 -0.23
CA TYR I 713 -10.28 278.88 -0.37
CA PHE I 714 -7.60 281.18 1.03
CA LEU I 715 -9.69 282.22 3.98
CA GLY I 716 -10.31 278.57 4.57
CA SER I 717 -6.61 278.05 5.21
CA ILE I 718 -6.19 281.15 7.33
CA VAL I 719 -8.94 280.11 9.70
CA ASN I 720 -6.90 277.09 10.67
CA PHE I 721 -4.33 279.34 12.23
CA SER I 722 -5.27 282.03 14.69
CA GLN I 723 -7.35 284.64 12.99
CA ASP I 724 -9.53 285.20 13.11
CA PRO I 725 -13.22 285.23 12.72
CA ASP I 726 -12.83 287.38 9.67
CA VAL I 727 -11.45 284.45 7.80
CA HIS I 728 -14.22 282.04 8.75
CA PHE I 729 -16.63 284.80 7.93
CA LYS I 730 -15.20 285.33 4.48
CA TYR I 731 -14.90 281.62 3.76
CA ILE I 732 -18.54 280.90 4.33
CA GLN I 733 -19.60 283.87 2.27
CA ALA I 734 -17.46 282.75 -0.63
CA ALA I 735 -18.59 279.20 -0.18
CA CYS I 736 -22.18 280.23 -0.59
CA LYS I 737 -21.73 281.66 -4.04
CA THR I 738 -18.72 279.54 -4.95
CA GLY I 739 -19.68 276.12 -3.63
CA GLN I 740 -22.98 275.65 -1.85
CA ILE I 741 -22.23 272.09 -0.86
CA LYS I 742 -19.27 273.23 1.21
CA GLU I 743 -21.37 275.92 2.85
CA VAL I 744 -23.16 273.44 5.09
CA GLU I 745 -20.25 271.52 6.53
CA ARG I 746 -18.39 274.69 7.28
CA ILE I 747 -21.21 276.25 9.25
CA CYS I 748 -21.54 273.03 11.13
CA ARG I 749 -18.07 273.35 12.62
CA GLU I 750 -17.41 277.08 12.08
CA SER I 751 -20.72 278.66 13.04
CA ASN I 752 -19.30 279.69 16.40
CA CYS I 753 -16.50 281.82 15.05
CA TYR I 754 -18.25 283.75 12.31
CA ASP I 755 -20.26 286.98 12.35
CA PRO I 756 -23.62 285.32 11.95
CA GLU I 757 -25.57 288.30 10.70
CA ARG I 758 -23.39 288.56 7.66
CA VAL I 759 -23.46 284.83 7.06
CA LYS I 760 -27.20 285.04 6.95
CA ASN I 761 -27.39 287.87 4.46
CA PHE I 762 -25.14 285.80 2.25
CA LEU I 763 -27.34 282.73 2.66
CA LYS I 764 -30.46 284.72 1.91
CA GLU I 765 -29.09 285.78 -1.42
CA ALA I 766 -27.79 282.25 -1.77
CA LYS I 767 -31.16 280.58 -1.39
CA LEU I 768 -29.26 278.40 1.06
CA THR I 769 -32.51 277.85 2.95
CA ASP I 770 -31.56 274.55 4.48
CA GLN I 771 -28.53 276.22 6.06
CA LEU I 772 -30.25 279.50 6.90
CA PRO I 773 -32.47 277.91 9.44
CA LEU I 774 -29.50 276.14 10.87
CA ILE I 775 -27.93 279.46 11.66
CA ILE I 776 -31.18 281.13 12.53
CA VAL I 777 -32.02 278.31 14.89
CA CYS I 778 -28.50 278.11 16.25
CA ASP I 779 -26.35 281.14 16.62
CA ARG I 780 -29.20 283.37 15.66
CA PHE I 781 -30.02 282.31 17.76
CA ASP I 782 -32.65 283.88 15.60
CA PHE I 783 -35.12 281.05 15.72
CA VAL I 784 -37.80 283.16 14.15
CA HIS I 785 -35.61 283.69 11.11
CA ASP I 786 -34.76 280.05 10.74
CA LEU I 787 -38.38 279.04 10.73
CA VAL I 788 -39.39 281.53 8.09
CA LEU I 789 -36.51 280.20 6.04
CA TYR I 790 -37.65 276.66 6.74
CA LEU I 791 -41.00 277.59 5.34
CA TYR I 792 -39.13 278.30 2.18
CA ARG I 793 -37.66 274.81 2.48
CA ASN I 794 -36.18 272.66 5.25
CA ASN I 795 -36.48 269.36 7.10
CA LEU I 796 -39.38 268.38 9.33
CA GLN I 797 -37.42 267.19 12.34
CA LYS I 798 -35.45 270.36 12.95
CA TYR I 799 -38.62 272.18 12.12
CA ILE I 800 -40.49 270.58 14.96
CA GLU I 801 -37.83 271.60 17.47
CA ILE I 802 -37.11 275.17 16.34
CA TYR I 803 -40.75 276.06 15.85
CA VAL I 804 -41.36 275.92 19.59
CA GLN I 805 -38.43 278.14 20.45
CA LYS I 806 -39.69 280.81 18.13
CA VAL I 807 -44.91 283.48 15.06
CA ASN I 808 -49.15 286.02 14.77
CA PRO I 809 -49.94 282.53 15.80
CA SER I 810 -51.51 281.92 12.42
CA ARG I 811 -47.98 280.94 11.50
CA LEU I 812 -48.53 277.92 13.64
CA PRO I 813 -51.25 276.74 11.33
CA VAL I 814 -49.20 277.55 8.30
CA VAL I 815 -46.37 275.58 9.81
CA ILE I 816 -48.48 272.58 10.66
CA GLY I 817 -49.59 272.39 7.10
CA GLY I 818 -46.04 272.82 5.93
CA LEU I 819 -44.77 269.96 7.98
CA LEU I 820 -47.65 267.76 6.97
CA ASP I 821 -47.64 268.72 3.32
CA VAL I 822 -43.94 268.67 2.95
CA ASP I 823 -42.42 265.34 3.61
CA CYS I 824 -41.70 266.29 7.15
CA SER I 825 -41.83 263.22 9.25
CA GLU I 826 -45.07 262.60 11.01
CA ASP I 827 -42.95 262.22 14.07
CA VAL I 828 -41.39 265.53 13.17
CA ILE I 829 -44.86 266.93 12.79
CA LYS I 830 -45.85 265.46 16.11
CA ASN I 831 -42.71 266.80 17.68
CA LEU I 832 -43.53 270.19 16.28
CA ILE I 833 -47.17 269.96 17.18
CA LEU I 834 -50.20 271.64 19.42
CA VAL I 835 -48.93 275.17 19.20
CA VAL I 836 -49.91 275.18 15.56
CA ARG I 837 -53.41 274.06 16.29
CA GLY I 838 -53.78 276.76 18.86
CA GLN I 839 -61.17 279.35 18.33
CA PHE I 840 -63.76 277.83 16.10
CA SER I 841 -63.56 275.73 13.02
CA THR I 842 -62.19 273.00 11.92
CA ASP I 843 -62.77 269.97 9.75
CA GLU I 844 -59.92 271.02 7.54
CA LEU I 845 -57.55 271.08 10.44
CA VAL I 846 -58.72 267.66 11.53
CA ALA I 847 -58.52 266.18 8.08
CA GLU I 848 -54.97 267.39 7.68
CA VAL I 849 -53.99 266.06 11.06
CA GLU I 850 -55.55 262.67 10.50
CA LYS I 851 -53.89 261.68 7.24
CA ARG I 852 -50.65 262.93 8.64
CA ASN I 853 -51.15 260.42 11.44
CA ARG I 854 -50.80 263.63 13.41
CA LEU I 855 -52.40 260.75 16.21
CA LYS I 856 -50.60 261.23 19.47
CA LEU I 857 -50.88 265.02 19.08
CA LEU I 858 -54.21 264.95 17.31
CA LEU I 859 -55.88 263.58 20.38
CA PRO I 860 -54.75 266.53 22.44
CA TRP I 861 -55.90 269.15 19.98
CA LEU I 862 -59.37 267.69 19.95
CA GLU I 863 -59.20 267.87 23.69
CA ALA I 864 -59.11 271.65 23.41
CA ARG I 865 -61.61 271.91 20.59
CA ILE I 866 -64.35 270.42 22.72
CA HIS I 867 -64.36 273.62 24.71
CA GLU I 868 -65.19 275.62 21.60
CA GLY I 869 -68.82 276.66 21.44
CA CYS I 870 -68.65 275.78 17.77
CA GLU I 871 -67.93 272.19 18.84
CA GLU I 872 -69.12 268.51 16.11
CA PRO I 873 -69.55 264.85 16.67
CA ALA I 874 -67.24 264.20 13.77
CA THR I 875 -64.41 265.51 15.87
CA HIS I 876 -65.33 263.55 18.94
CA ASN I 877 -65.61 260.34 17.06
CA ALA I 878 -62.29 260.94 15.36
CA LEU I 879 -60.51 261.73 18.58
CA ALA I 880 -61.60 258.62 20.38
CA LYS I 881 -60.59 256.36 17.57
CA ILE I 882 -57.20 257.98 17.32
CA TYR I 883 -57.10 257.82 21.08
CA ILE I 884 -57.74 254.11 20.80
CA ASP I 885 -54.12 254.04 19.74
CA SER I 886 -53.17 255.76 23.00
CA ASN I 887 -55.39 253.69 25.26
CA ASN I 888 -55.26 255.57 28.53
CA ASN I 889 -57.02 258.63 27.19
CA PRO I 890 -59.96 256.89 25.62
CA GLU I 891 -61.66 255.91 28.84
CA ARG I 892 -61.99 259.47 30.06
CA PHE I 893 -62.92 260.57 26.59
CA LEU I 894 -65.95 258.37 26.29
CA ARG I 895 -66.90 259.44 29.75
CA GLU I 896 -66.50 263.04 28.75
CA ASN I 897 -68.45 263.23 25.54
CA PRO I 898 -71.59 261.45 24.71
CA TYR I 899 -71.68 262.91 21.23
CA TYR I 900 -69.80 260.30 19.30
CA ASP I 901 -70.85 258.00 16.46
CA SER I 902 -70.40 256.08 19.48
CA ARG I 903 -70.20 253.42 16.81
CA VAL I 904 -66.89 254.69 15.56
CA VAL I 905 -65.41 255.04 19.00
CA GLY I 906 -66.45 251.55 19.92
CA LYS I 907 -64.65 249.92 17.05
CA TYR I 908 -61.58 251.84 18.06
CA CYS I 909 -62.06 250.80 21.66
CA GLU I 910 -62.56 247.26 20.50
CA LYS I 911 -58.95 247.18 19.46
CA ARG I 912 -58.19 248.62 22.87
CA ASP I 913 -59.32 247.49 26.30
CA PRO I 914 -62.86 246.56 26.95
CA HIS I 915 -63.29 248.50 30.18
CA LEU I 916 -64.15 251.67 28.34
CA ALA I 917 -66.23 249.68 25.90
CA CYS I 918 -68.58 248.64 28.64
CA VAL I 919 -69.08 252.25 29.56
CA ALA I 920 -69.90 253.22 26.00
CA TYR I 921 -72.08 250.23 25.41
CA GLU I 922 -73.85 251.20 28.57
CA ARG I 923 -74.45 254.78 27.46
CA GLY I 924 -75.09 253.60 23.92
CA GLN I 925 -77.84 251.67 25.57
CA CYS I 926 -76.53 248.63 23.80
CA ASP I 927 -77.01 246.64 26.97
CA LEU I 928 -76.60 243.25 25.37
CA GLU I 929 -73.12 244.24 24.30
CA LEU I 930 -72.28 245.56 27.73
CA ILE I 931 -73.19 242.28 29.34
CA ASN I 932 -71.42 239.96 26.97
CA VAL I 933 -68.30 242.04 27.11
CA CYS I 934 -68.66 242.17 30.88
CA ASN I 935 -68.80 238.40 30.87
CA GLU I 936 -65.11 238.39 30.22
CA ASN I 937 -64.64 240.96 32.95
CA SER I 938 -66.97 243.31 34.75
CA LEU I 939 -68.30 244.67 38.00
CA PHE I 940 -71.04 242.83 39.81
CA LYS I 941 -73.07 245.86 40.72
CA SER I 942 -73.34 247.21 37.21
CA LEU I 943 -74.13 243.73 36.02
CA SER I 944 -77.20 243.54 38.17
CA ARG I 945 -78.57 246.76 36.74
CA TYR I 946 -77.77 246.22 33.06
CA LEU I 947 -78.66 242.56 32.77
CA VAL I 948 -82.30 243.40 33.22
CA ARG I 949 -82.22 245.83 30.32
CA ARG I 950 -80.85 243.14 28.01
CA LYS I 951 -83.15 242.36 25.12
CA ASP I 952 -82.07 238.77 24.57
CA PRO I 953 -83.36 236.89 27.51
CA GLU I 954 -81.03 234.05 26.57
CA LEU I 955 -78.24 236.03 28.12
CA TRP I 956 -79.88 235.45 31.44
CA GLY I 957 -79.39 231.74 31.13
CA SER I 958 -75.89 232.45 29.99
CA VAL I 959 -75.21 234.67 32.96
CA LEU I 960 -76.61 232.23 35.47
CA LEU I 961 -74.20 229.66 34.17
CA GLU I 962 -71.46 232.21 34.35
CA SER I 963 -72.22 232.92 37.96
CA ASN I 964 -72.54 229.36 39.18
CA PRO I 965 -69.28 227.95 37.92
CA TYR I 966 -67.57 231.06 38.98
CA ARG I 967 -66.37 230.41 42.43
CA ARG I 968 -68.11 233.17 43.97
CA PRO I 969 -69.78 234.04 46.82
CA LEU I 970 -73.15 235.13 48.36
CA ILE I 971 -73.90 237.77 50.81
CA ASP I 972 -75.06 241.23 49.90
CA GLN I 973 -76.98 241.70 46.72
CA VAL I 974 -75.66 238.91 44.55
CA VAL I 975 -77.24 235.65 43.54
CA GLN I 976 -80.34 236.17 45.61
CA THR I 977 -80.83 239.75 44.63
CA ALA I 978 -79.87 238.98 41.07
CA LEU I 979 -82.24 236.08 40.89
CA SER I 980 -85.07 238.36 41.87
CA GLU I 981 -84.45 240.65 38.95
CA THR I 982 -83.99 237.84 36.49
CA GLN I 983 -86.64 236.06 37.95
CA ASP I 984 -87.41 234.80 34.39
CA PRO I 985 -86.13 233.26 33.25
CA GLU I 986 -83.91 229.82 32.75
CA GLU I 987 -80.91 227.71 32.16
CA VAL I 988 -82.14 227.29 35.58
CA SER I 989 -80.24 224.08 36.13
CA VAL I 990 -76.99 225.88 35.49
CA THR I 991 -77.51 228.13 38.44
CA VAL I 992 -78.66 225.18 40.53
CA LYS I 993 -75.71 223.03 39.60
CA ALA I 994 -73.38 225.76 40.70
CA PHE I 995 -75.15 226.14 44.02
CA MET I 996 -75.09 222.44 44.77
CA THR I 997 -71.37 221.93 44.22
CA ALA I 998 -70.79 224.93 46.41
CA ASP I 999 -72.80 223.04 49.01
CA LEU I 1000 -74.79 226.23 48.96
CA PRO I 1001 -78.29 224.60 48.85
CA ASN I 1002 -79.21 225.27 53.34
CA GLU I 1003 -79.87 227.96 50.76
CA LEU I 1004 -81.01 225.56 48.07
CA ILE I 1005 -83.95 224.59 50.18
CA GLU I 1006 -84.70 228.20 50.92
CA LEU I 1007 -84.95 229.21 47.28
CA LEU I 1008 -87.09 226.25 46.36
CA GLU I 1009 -89.59 227.14 49.02
CA LYS I 1010 -89.98 230.48 47.28
CA ILE I 1011 -90.16 228.88 43.86
CA VAL I 1012 -93.32 226.96 44.51
CA LEU I 1013 -95.40 230.07 45.03
CA ASP I 1014 -93.54 232.18 42.52
CA ASN I 1015 -95.30 232.20 39.21
CA SER I 1016 -92.70 234.76 38.24
CA VAL I 1017 -90.16 232.07 38.81
CA PHE I 1018 -90.75 228.64 37.30
CA SER I 1019 -94.33 227.70 37.96
CA GLU I 1020 -94.93 225.06 40.54
CA HIS I 1021 -94.24 221.67 39.12
CA ARG I 1022 -94.00 218.13 40.35
CA ASN I 1023 -90.26 218.08 40.13
CA LEU I 1024 -89.81 220.90 42.58
CA GLN I 1025 -92.22 219.51 45.08
CA ASN I 1026 -90.53 216.18 44.71
CA LEU I 1027 -87.10 217.53 45.45
CA LEU I 1028 -88.11 219.78 48.30
CA ILE I 1029 -89.63 217.03 50.34
CA LEU I 1030 -86.62 214.83 49.79
CA THR I 1031 -84.28 217.52 50.90
CA ALA I 1032 -86.62 218.34 53.73
CA ILE I 1033 -86.41 214.89 55.19
CA LYS I 1034 -82.66 214.90 55.54
CA ALA I 1035 -82.33 218.66 55.89
CA ASP I 1036 -85.28 219.60 58.07
CA ARG I 1037 -87.49 216.79 59.32
CA THR I 1038 -89.91 219.12 61.03
CA ARG I 1039 -90.83 220.74 57.73
CA VAL I 1040 -91.19 217.39 56.04
CA MET I 1041 -94.56 216.81 57.69
CA GLU I 1042 -96.14 220.14 56.84
CA TYR I 1043 -94.93 219.93 53.30
CA ILE I 1044 -96.47 216.54 52.64
CA ASN I 1045 -99.96 217.62 53.51
CA ARG I 1046 -99.56 220.60 51.20
CA LEU I 1047 -97.61 218.36 48.82
CA ASP I 1048 -100.45 216.88 46.79
CA ASN I 1049 -98.79 216.29 43.47
CA TYR I 1050 -95.59 214.60 44.37
CA ASP I 1051 -93.90 211.49 43.03
CA ALA I 1052 -94.84 209.53 46.12
CA PRO I 1053 -92.57 206.59 45.71
CA ASP I 1054 -89.68 209.00 45.82
CA ILE I 1055 -90.83 210.46 49.10
CA ALA I 1056 -91.38 207.12 50.67
CA ASN I 1057 -87.92 205.76 50.21
CA ILE I 1058 -86.72 209.09 51.45
CA ALA I 1059 -88.81 208.93 54.62
CA ILE I 1060 -87.91 205.32 55.20
CA SER I 1061 -84.31 206.33 55.16
CA ASN I 1062 -84.88 208.99 57.70
CA GLU I 1063 -87.17 207.28 60.19
CA LEU I 1064 -90.13 209.45 59.23
CA PHE I 1065 -92.59 206.82 60.58
CA GLU I 1066 -95.59 209.03 61.26
CA GLU I 1067 -95.16 210.78 57.94
CA ALA I 1068 -94.56 207.50 56.20
CA PHE I 1069 -97.91 206.27 57.40
CA ALA I 1070 -99.53 209.37 56.00
CA ILE I 1071 -98.08 208.84 52.54
CA PHE I 1072 -98.72 205.14 52.57
CA ARG I 1073 -102.25 206.06 53.46
CA LYS I 1074 -102.68 208.45 50.57
CA PHE I 1075 -100.71 206.24 48.23
CA ASP I 1076 -103.33 203.73 49.19
CA VAL I 1077 -100.73 201.07 50.30
CA ASN I 1078 -102.53 199.16 53.36
CA THR I 1079 -99.98 196.38 53.65
CA SER I 1080 -97.31 198.99 54.09
CA ALA I 1081 -99.31 200.85 56.68
CA VAL I 1082 -99.61 197.77 58.83
CA GLN I 1083 -96.03 196.72 58.41
CA VAL I 1084 -94.83 200.15 59.40
CA LEU I 1085 -97.34 200.07 62.23
CA ILE I 1086 -95.77 196.94 63.55
CA GLU I 1087 -92.37 198.54 63.99
CA HIS I 1088 -93.65 201.70 65.59
CA ILE I 1089 -96.73 201.21 67.63
CA GLY I 1090 -99.24 203.34 65.86
CA ASN I 1091 -102.74 203.17 67.26
CA LEU I 1092 -104.87 200.19 68.11
CA ASP I 1093 -108.05 201.52 66.57
CA ARG I 1094 -106.58 202.24 63.16
CA ALA I 1095 -104.91 198.88 63.23
CA TYR I 1096 -108.24 197.16 63.43
CA GLU I 1097 -109.56 198.99 60.40
CA PHE I 1098 -106.52 198.76 58.14
CA ALA I 1099 -105.57 195.18 58.82
CA GLU I 1100 -108.67 193.92 57.09
CA ARG I 1101 -107.87 195.89 53.96
CA CYS I 1102 -104.50 194.17 53.78
CA ASN I 1103 -104.15 192.07 50.66
CA GLU I 1104 -101.69 189.55 52.04
CA PRO I 1105 -103.38 187.31 54.50
CA ALA I 1106 -99.98 186.38 55.85
CA VAL I 1107 -99.98 189.70 57.60
CA TRP I 1108 -102.73 188.46 59.85
CA SER I 1109 -100.65 185.61 61.18
CA GLN I 1110 -97.68 187.90 61.54
CA LEU I 1111 -100.01 190.43 63.16
CA ALA I 1112 -101.34 187.89 65.59
CA LYS I 1113 -97.83 187.16 66.72
CA ALA I 1114 -97.09 190.82 67.15
CA GLN I 1115 -100.08 191.32 69.37
CA LEU I 1116 -99.27 188.10 71.07
CA GLN I 1117 -95.86 189.34 72.07
CA LYS I 1118 -96.85 192.92 72.77
CA GLY I 1119 -100.05 192.07 74.54
CA MET I 1120 -102.17 188.98 74.23
CA VAL I 1121 -104.99 190.40 76.25
CA LYS I 1122 -107.03 193.49 75.58
CA GLU I 1123 -105.52 193.60 72.15
CA ALA I 1124 -105.17 190.24 70.52
CA ILE I 1125 -108.65 189.24 71.54
CA ASP I 1126 -110.23 192.28 69.97
CA SER I 1127 -107.94 191.95 67.01
CA TYR I 1128 -108.83 188.32 66.51
CA ILE I 1129 -112.47 189.10 66.12
CA LYS I 1130 -111.75 191.40 63.22
CA ALA I 1131 -109.38 188.85 61.77
CA ASP I 1132 -107.94 186.30 61.06
CA ASP I 1133 -108.38 182.89 59.58
CA PRO I 1134 -107.28 180.93 59.22
CA SER I 1135 -107.29 177.53 61.12
CA SER I 1136 -104.15 177.02 63.18
CA TYR I 1137 -101.83 173.52 67.16
CA MET I 1138 -99.83 172.43 70.16
CA GLU I 1139 -98.58 175.88 70.99
CA VAL I 1140 -101.90 177.54 70.42
CA VAL I 1141 -103.59 175.25 72.89
CA GLN I 1142 -100.62 175.55 75.20
CA ALA I 1143 -101.01 179.29 75.22
CA ALA I 1144 -104.71 179.04 75.93
CA ASN I 1145 -104.24 176.80 78.91
CA THR I 1146 -101.52 178.86 80.52
CA SER I 1147 -103.69 181.92 80.25
CA GLY I 1148 -106.09 179.72 82.09
CA ASN I 1149 -108.82 180.52 79.66
CA TRP I 1150 -109.91 176.97 79.04
CA GLU I 1151 -113.45 178.14 78.58
CA GLU I 1152 -112.45 180.29 75.66
CA LEU I 1153 -110.28 177.71 74.01
CA VAL I 1154 -112.96 175.06 74.11
CA LYS I 1155 -115.34 177.64 72.70
CA TYR I 1156 -113.18 178.45 69.67
CA LEU I 1157 -112.48 174.84 68.88
CA GLN I 1158 -116.18 174.34 68.70
CA MET I 1159 -116.34 176.90 65.90
CA ALA I 1160 -113.10 175.70 64.36
CA ARG I 1161 -114.39 172.24 63.67
CA LYS I 1162 -116.81 173.56 61.14
CA LYS I 1163 -114.30 175.72 59.30
CA ALA I 1164 -111.61 173.14 58.96
CA ARG I 1165 -111.67 169.71 60.30
CA GLU I 1166 -108.56 167.95 60.89
CA SER I 1167 -106.94 166.62 63.48
CA TYR I 1168 -104.67 168.95 65.29
CA VAL I 1169 -107.50 171.26 66.19
CA GLU I 1170 -109.95 168.56 67.16
CA THR I 1171 -107.28 166.76 69.12
CA GLU I 1172 -106.67 170.02 70.92
CA LEU I 1173 -110.29 170.65 71.80
CA ILE I 1174 -110.71 167.26 73.33
CA PHE I 1175 -107.62 167.64 75.45
CA ALA I 1176 -108.81 170.98 76.68
CA LEU I 1177 -112.25 169.64 77.33
CA ALA I 1178 -110.94 166.97 79.61
CA LYS I 1179 -108.46 169.23 81.37
CA THR I 1180 -110.53 172.32 81.80
CA ASN I 1181 -112.82 170.29 83.94
CA ARG I 1182 -115.32 170.34 81.17
CA LEU I 1183 -115.38 166.60 80.96
CA ALA I 1184 -119.01 166.55 80.01
CA GLU I 1185 -118.13 168.19 76.73
CA LEU I 1186 -115.37 165.67 76.22
CA GLU I 1187 -117.76 162.78 75.80
CA GLU I 1188 -119.98 164.14 73.05
CA PHE I 1189 -117.05 165.55 71.21
CA ILE I 1190 -115.25 162.27 71.03
CA ASN I 1191 -118.25 160.60 69.56
CA GLY I 1192 -118.63 162.79 66.55
CA PRO I 1193 -115.10 163.47 65.56
CA ASN I 1194 -113.18 160.42 64.43
CA ASN I 1195 -110.49 162.73 63.15
CA ALA I 1196 -108.20 163.14 66.08
CA HIS I 1197 -105.06 161.56 67.32
CA ILE I 1198 -106.37 158.79 69.47
CA GLN I 1199 -103.21 158.10 71.37
CA GLN I 1200 -102.82 161.65 72.53
CA VAL I 1201 -106.49 161.88 73.39
CA GLY I 1202 -106.27 158.72 75.44
CA ASP I 1203 -103.29 159.94 77.41
CA ARG I 1204 -105.43 162.95 78.14
CA CYS I 1205 -108.37 160.91 79.44
CA TYR I 1206 -106.01 158.65 81.32
CA ASP I 1207 -104.90 161.48 83.53
CA GLU I 1208 -108.46 162.79 83.53
CA LYS I 1209 -109.99 159.58 84.87
CA MET I 1210 -112.39 159.29 81.98
CA TYR I 1211 -113.02 155.61 82.83
CA ASP I 1212 -116.57 155.67 81.47
CA ALA I 1213 -115.62 157.48 78.26
CA ALA I 1214 -112.52 155.42 77.35
CA LYS I 1215 -114.66 152.35 78.10
CA LEU I 1216 -116.51 153.19 74.89
CA LEU I 1217 -113.45 154.47 73.03
CA TYR I 1218 -111.42 151.33 73.70
CA ASN I 1219 -114.61 149.42 72.85
CA ASN I 1220 -114.98 150.54 69.21
CA VAL I 1221 -111.23 150.52 68.44
CA SER I 1222 -111.60 147.15 70.19
CA ASN I 1223 -108.39 147.30 72.25
CA PHE I 1224 -109.74 144.74 74.70
CA GLY I 1225 -106.36 145.00 76.41
CA ARG I 1226 -107.52 148.25 78.02
CA LEU I 1227 -111.27 147.75 77.50
CA ALA I 1228 -111.09 144.97 80.08
CA SER I 1229 -108.55 146.89 82.15
CA THR I 1230 -110.83 149.94 82.49
CA LEU I 1231 -113.98 147.80 82.98
CA VAL I 1232 -112.32 146.44 86.13
CA HIS I 1233 -111.11 149.89 87.16
CA LEU I 1234 -114.87 150.60 86.87
CA GLY I 1235 -116.09 147.74 89.06
CA GLU I 1236 -117.85 146.15 86.08
CA TYR I 1237 -116.11 142.83 86.80
CA GLN I 1238 -118.20 140.20 85.02
CA ALA I 1239 -117.88 142.16 81.76
CA ALA I 1240 -114.17 142.84 82.31
CA VAL I 1241 -113.71 139.07 82.21
CA ASP I 1242 -115.28 139.18 78.77
CA GLY I 1243 -112.84 141.78 77.55
CA ALA I 1244 -109.99 139.68 78.89
CA ARG I 1245 -111.39 136.75 76.92
CA LYS I 1246 -111.51 138.68 73.66
CA ALA I 1247 -108.14 140.23 74.54
CA ASN I 1248 -106.81 136.67 74.86
CA SER I 1249 -103.67 137.77 76.70
CA THR I 1250 -101.95 136.25 79.75
CA ARG I 1251 -100.55 139.39 81.37
CA THR I 1252 -104.09 140.62 80.86
CA TRP I 1253 -105.93 137.81 82.67
CA LYS I 1254 -103.52 138.49 85.54
CA GLU I 1255 -104.70 142.10 85.86
CA VAL I 1256 -108.35 141.05 85.73
CA CYS I 1257 -108.03 137.93 87.88
CA PHE I 1258 -106.02 139.69 90.57
CA ALA I 1259 -108.38 142.67 90.71
CA CYS I 1260 -111.40 140.34 90.45
CA VAL I 1261 -109.90 138.85 93.65
CA ASP I 1262 -109.36 142.17 95.38
CA GLY I 1263 -113.06 142.80 94.74
CA LYS I 1264 -113.69 139.40 96.32
CA GLU I 1265 -115.46 138.16 93.17
CA PHE I 1266 -114.50 134.52 93.19
CA ARG I 1267 -116.58 132.38 90.84
CA LEU I 1268 -115.32 134.95 88.34
CA ALA I 1269 -111.72 135.18 89.58
CA GLN I 1270 -111.77 131.38 89.24
CA MET I 1271 -112.83 130.88 85.61
CA CYS I 1272 -110.68 133.98 85.10
CA GLY I 1273 -107.85 132.15 86.84
CA LEU I 1274 -108.03 128.85 84.97
CA HIS I 1275 -106.49 130.67 82.03
CA ILE I 1276 -103.36 131.32 84.10
CA VAL I 1277 -102.56 128.14 86.07
CA VAL I 1278 -101.85 126.25 82.85
CA HIS I 1279 -98.91 128.60 82.37
CA ALA I 1280 -93.89 129.02 85.54
CA ASP I 1281 -91.90 132.16 84.72
CA GLU I 1282 -94.79 134.05 86.33
CA LEU I 1283 -95.95 131.84 89.25
CA GLU I 1284 -93.51 133.41 91.72
CA GLU I 1285 -94.30 137.12 91.31
CA LEU I 1286 -98.01 136.22 91.52
CA ILE I 1287 -97.42 134.48 94.85
CA ASN I 1288 -94.92 136.99 96.27
CA TYR I 1289 -97.57 139.62 95.53
CA TYR I 1290 -100.49 137.84 97.27
CA GLN I 1291 -98.03 137.28 100.14
CA ASP I 1292 -96.95 140.81 101.09
CA ARG I 1293 -100.57 141.98 100.74
CA GLY I 1294 -101.00 139.32 103.40
CA TYR I 1295 -103.74 137.54 101.49
CA PHE I 1296 -102.37 134.07 102.15
CA GLU I 1297 -105.88 132.71 102.69
CA GLU I 1298 -107.08 133.51 99.17
CA LEU I 1299 -103.76 132.68 97.49
CA ILE I 1300 -104.14 129.11 98.71
CA THR I 1301 -107.82 129.08 97.72
CA MET I 1302 -106.91 129.83 94.12
CA LEU I 1303 -104.13 127.26 93.88
CA GLU I 1304 -106.80 124.89 95.27
CA ALA I 1305 -108.57 125.24 91.88
CA ALA I 1306 -105.50 125.65 89.65
CA LEU I 1307 -104.55 122.07 90.44
CA GLY I 1308 -107.45 121.09 88.22
CA LEU I 1309 -106.18 123.13 85.26
CA GLU I 1310 -104.98 121.10 82.28
CA ARG I 1311 -101.78 123.18 82.26
CA ALA I 1312 -101.08 122.62 86.00
CA HIS I 1313 -97.35 122.28 86.70
CA MET I 1314 -94.75 121.23 89.26
CA GLY I 1315 -94.17 124.76 90.54
CA MET I 1316 -97.82 124.92 91.56
CA PHE I 1317 -98.00 121.68 93.56
CA THR I 1318 -94.63 122.47 95.17
CA GLU I 1319 -95.89 125.90 96.25
CA LEU I 1320 -99.23 124.73 97.55
CA ALA I 1321 -97.55 122.17 99.78
CA ILE I 1322 -95.15 124.79 101.17
CA LEU I 1323 -98.02 127.20 101.87
CA TYR I 1324 -100.12 124.42 103.38
CA SER I 1325 -97.30 123.60 105.78
CA LYS I 1326 -97.11 127.06 107.32
CA PHE I 1327 -100.85 127.89 106.97
CA LYS I 1328 -102.89 124.66 106.89
CA PRO I 1329 -100.79 121.74 108.21
CA GLN I 1330 -103.77 119.42 108.39
CA LYS I 1331 -104.06 119.60 104.58
CA MET I 1332 -100.27 119.28 104.06
CA ARG I 1333 -100.64 115.50 104.39
CA GLU I 1334 -103.47 114.44 102.05
CA HIS I 1335 -101.77 116.75 99.55
CA LEU I 1336 -98.46 114.88 99.50
CA GLU I 1337 -100.61 111.76 99.65
CA LEU I 1338 -101.79 112.56 96.09
CA PHE I 1339 -99.23 114.87 94.50
CA TRP I 1340 -95.89 113.86 96.03
CA SER I 1341 -94.75 112.82 92.56
CA ARG I 1342 -95.58 116.14 90.93
CA VAL I 1343 -93.50 118.28 93.32
CA ASN I 1344 -89.88 119.35 94.00
CA ILE I 1345 -89.27 117.09 97.00
CA PRO I 1346 -86.14 118.68 98.45
CA LYS I 1347 -87.91 122.03 98.75
CA VAL I 1348 -91.07 120.54 100.29
CA LEU I 1349 -88.91 118.71 102.84
CA ARG I 1350 -86.97 121.78 104.01
CA ALA I 1351 -90.53 123.15 104.37
CA ALA I 1352 -91.86 120.44 106.74
CA GLU I 1353 -88.52 120.37 108.53
CA GLN I 1354 -89.09 124.04 109.28
CA ALA I 1355 -92.75 123.27 110.11
CA HIS I 1356 -92.10 120.26 112.38
CA LEU I 1357 -94.56 118.05 110.45
CA TRP I 1358 -92.64 114.89 111.35
CA ALA I 1359 -95.36 112.46 110.23
CA GLU I 1360 -95.22 113.88 106.68
CA LEU I 1361 -91.45 114.35 106.70
CA VAL I 1362 -91.13 110.56 107.07
CA PHE I 1363 -93.57 110.07 104.22
CA LEU I 1364 -91.44 112.05 101.80
CA TYR I 1365 -88.07 110.95 103.20
CA ASP I 1366 -89.55 107.55 102.43
CA LYS I 1367 -90.58 108.32 98.84
CA TYR I 1368 -87.42 110.32 98.13
CA GLU I 1369 -85.73 107.08 99.18
CA GLU I 1370 -83.78 108.88 101.91
CA TYR I 1371 -84.43 105.96 104.32
CA ASP I 1372 -81.70 106.75 106.86
CA ASN I 1373 -83.54 110.05 107.42
CA ALA I 1374 -87.02 108.53 107.67
CA ILE I 1375 -85.70 106.28 110.45
CA ILE I 1376 -83.72 108.93 112.30
CA THR I 1377 -86.92 111.01 112.20
CA MET I 1378 -89.32 108.30 113.37
CA MET I 1379 -86.84 107.83 116.22
CA ASN I 1380 -86.67 111.41 117.54
CA HIS I 1381 -90.37 112.15 117.06
CA PRO I 1382 -92.02 108.79 117.78
CA THR I 1383 -95.41 110.05 118.92
CA ASP I 1384 -95.96 111.73 115.50
CA ALA I 1385 -93.88 109.82 112.95
CA TRP I 1386 -93.16 106.36 114.35
CA LYS I 1387 -95.34 103.49 113.13
CA GLU I 1388 -94.50 99.87 114.06
CA GLY I 1389 -95.08 98.39 110.64
CA GLN I 1390 -93.29 100.85 108.41
CA PHE I 1391 -90.34 101.02 110.79
CA LYS I 1392 -89.81 97.31 110.11
CA ASP I 1393 -89.89 98.04 106.36
CA ILE I 1394 -87.68 101.12 106.12
CA ILE I 1395 -85.05 100.10 108.68
CA THR I 1396 -83.94 97.45 106.18
CA LYS I 1397 -83.30 99.89 103.32
CA VAL I 1398 -81.11 101.92 105.73
CA ALA I 1399 -77.55 102.42 104.44
CA ASN I 1400 -75.65 103.25 107.59
CA VAL I 1401 -75.97 99.92 109.44
CA GLU I 1402 -75.08 101.60 112.72
CA LEU I 1403 -78.68 102.74 112.82
CA TYR I 1404 -79.59 99.12 113.61
CA TYR I 1405 -77.73 99.19 116.90
CA ARG I 1406 -79.14 102.66 117.48
CA ALA I 1407 -82.64 101.33 116.78
CA ILE I 1408 -82.17 98.20 118.92
CA GLN I 1409 -81.42 100.54 121.79
CA PHE I 1410 -84.45 102.73 121.07
CA TYR I 1411 -86.91 99.84 120.87
CA LEU I 1412 -85.32 98.22 123.90
CA GLU I 1413 -85.69 101.26 126.13
CA PHE I 1414 -89.19 102.38 125.05
CA LYS I 1415 -90.75 99.41 123.15
CA PRO I 1416 -89.73 96.03 124.68
CA LEU I 1417 -92.39 93.77 123.16
CA LEU I 1418 -91.51 94.88 119.65
CA LEU I 1419 -87.76 94.39 120.10
CA ASN I 1420 -87.79 90.74 119.10
CA ASP I 1421 -89.83 91.06 115.91
CA LEU I 1422 -87.56 94.01 115.05
CA LEU I 1423 -84.48 91.98 115.74
CA MET I 1424 -85.76 89.31 113.37
CA VAL I 1425 -85.69 91.79 110.47
CA LEU I 1426 -82.28 93.17 111.44
CA SER I 1427 -80.71 89.66 111.58
CA PRO I 1428 -79.15 89.49 108.05
CA ARG I 1429 -76.91 92.53 108.62
CA LEU I 1430 -76.72 92.44 112.40
CA ASP I 1431 -73.38 91.68 114.12
CA HIS I 1432 -74.89 89.12 116.56
CA THR I 1433 -71.82 89.00 118.78
CA ARG I 1434 -72.03 92.76 119.06
CA ALA I 1435 -75.78 92.47 119.64
CA VAL I 1436 -75.62 89.81 122.29
CA ASN I 1437 -72.83 91.62 124.12
CA TYR I 1438 -75.00 94.75 124.43
CA PHE I 1439 -78.08 92.89 125.67
CA SER I 1440 -75.85 91.10 128.17
CA LYS I 1441 -74.15 94.22 129.56
CA VAL I 1442 -77.67 95.66 129.65
CA LYS I 1443 -78.79 92.44 131.43
CA GLN I 1444 -81.70 91.95 129.08
CA LEU I 1445 -80.90 88.54 127.56
CA PRO I 1446 -84.09 86.87 128.84
CA LEU I 1447 -86.13 89.24 126.65
CA VAL I 1448 -84.29 88.55 123.43
CA LYS I 1449 -84.51 84.82 123.88
CA PRO I 1450 -86.72 84.29 120.74
CA TYR I 1451 -84.06 86.07 118.72
CA LEU I 1452 -81.23 84.12 120.29
CA ARG I 1453 -82.77 80.79 119.31
CA SER I 1454 -83.43 82.25 115.82
CA VAL I 1455 -79.69 82.92 115.50
CA GLN I 1456 -77.97 80.25 117.58
CA ASN I 1457 -77.72 78.12 114.43
CA HIS I 1458 -74.68 80.29 113.56
CA ASN I 1459 -72.81 78.40 116.31
CA ASN I 1460 -71.86 81.81 117.59
CA LYS I 1461 -70.06 81.74 120.96
CA SER I 1462 -71.53 84.67 122.86
CA VAL I 1463 -74.85 83.36 121.56
CA ASN I 1464 -74.54 79.81 122.91
CA GLU I 1465 -72.98 80.91 126.19
CA SER I 1466 -75.67 83.53 126.50
CA LEU I 1467 -78.42 81.18 125.42
CA ASN I 1468 -77.25 78.38 127.72
CA ASN I 1469 -77.26 80.61 130.80
CA LEU I 1470 -80.96 81.03 130.11
CA PHE I 1471 -81.78 77.34 129.87
CA ILE I 1472 -79.93 77.05 133.13
CA THR I 1473 -81.65 79.81 135.11
CA GLU I 1474 -84.91 78.46 133.83
CA GLU I 1475 -83.94 74.93 134.80
CA ASP I 1476 -84.53 73.79 131.21
CA TYR I 1477 -82.00 70.91 131.01
CA GLN I 1478 -83.43 69.17 127.96
CA ALA I 1479 -82.94 72.39 126.04
CA LEU I 1480 -79.43 72.76 127.44
CA ARG I 1481 -78.55 69.23 126.42
CA THR I 1482 -79.55 69.82 122.80
CA SER I 1483 -77.78 73.17 122.71
CA ILE I 1484 -74.45 71.73 123.85
CA ASP I 1485 -75.12 68.90 121.40
CA ALA I 1486 -76.04 70.80 118.24
CA TYR I 1487 -73.73 73.82 118.77
CA ASP I 1488 -70.22 73.40 120.19
CA ASN I 1489 -68.75 76.90 120.40
CA PHE I 1490 -68.59 77.37 124.19
CA ASP I 1491 -66.40 76.75 127.24
CA ASN I 1492 -67.48 73.27 128.39
CA ILE I 1493 -65.14 73.17 131.37
CA SER I 1494 -66.50 76.45 132.66
CA LEU I 1495 -70.02 75.12 132.16
CA ALA I 1496 -68.98 71.74 133.50
CA GLN I 1497 -67.57 73.37 136.63
CA ARG I 1498 -70.54 75.67 137.01
CA LEU I 1499 -72.96 72.71 136.68
CA GLU I 1500 -71.26 69.73 138.61
CA LYS I 1501 -72.16 70.76 142.07
CA HIS I 1502 -75.81 71.16 141.03
CA GLU I 1503 -78.44 69.72 143.34
CA LEU I 1504 -80.60 68.34 140.52
CA ILE I 1505 -79.77 64.82 139.37
CA GLU I 1506 -80.48 65.58 135.74
CA PHE I 1507 -77.70 68.14 135.83
CA ARG I 1508 -75.19 66.20 137.91
CA ARG I 1509 -75.62 63.49 135.28
CA ILE I 1510 -74.85 66.03 132.57
CA ALA I 1511 -71.70 67.12 134.35
CA ALA I 1512 -70.53 63.52 134.34
CA TYR I 1513 -71.36 63.33 130.64
CA LEU I 1514 -69.35 66.55 130.01
CA PHE I 1515 -66.25 65.27 131.83
CA LYS I 1516 -66.63 62.16 129.51
CA GLY I 1517 -68.72 63.15 126.32
CA ASN I 1518 -65.96 65.60 126.04
CA ASN I 1519 -64.05 62.38 126.42
CA ARG I 1520 -62.97 63.20 129.93
CA TRP I 1521 -63.61 59.62 130.97
CA LYS I 1522 -61.48 59.89 134.12
CA GLN I 1523 -63.78 62.56 135.44
CA SER I 1524 -66.91 60.79 134.39
CA VAL I 1525 -65.83 57.74 136.35
CA GLU I 1526 -64.86 59.72 139.42
CA LEU I 1527 -68.19 61.55 139.20
CA CYS I 1528 -69.95 58.24 138.79
CA LYS I 1529 -68.19 57.04 141.93
CA LYS I 1530 -70.44 59.40 143.97
CA ASP I 1531 -73.21 58.25 142.02
CA SER I 1532 -71.06 56.00 140.14
CA LEU I 1533 -73.92 53.64 139.31
CA TYR I 1534 -74.02 50.09 138.09
CA LYS I 1535 -75.58 51.07 134.79
CA ASP I 1536 -73.68 53.36 132.38
CA ALA I 1537 -70.54 52.42 134.21
CA MET I 1538 -70.70 49.13 132.41
CA GLN I 1539 -71.41 50.84 129.14
CA TYR I 1540 -68.75 53.52 129.09
CA ALA I 1541 -66.02 51.61 130.89
CA SER I 1542 -65.60 49.68 127.68
CA GLU I 1543 -65.10 52.95 125.81
CA SER I 1544 -62.55 53.86 128.49
CA LYS I 1545 -59.86 54.48 126.48
CA ASP I 1546 -57.79 53.37 129.47
CA THR I 1547 -58.22 49.69 129.90
CA GLU I 1548 -56.21 49.64 133.07
CA LEU I 1549 -58.77 51.41 134.42
CA ALA I 1550 -60.25 47.95 133.92
CA GLU I 1551 -57.94 46.47 136.50
CA GLU I 1552 -58.45 49.44 138.73
CA LEU I 1553 -62.20 49.17 138.39
CA LEU I 1554 -62.26 45.47 138.99
CA GLN I 1555 -60.49 45.91 142.26
CA TRP I 1556 -62.63 48.87 143.17
CA PHE I 1557 -65.92 47.11 142.56
CA LEU I 1558 -64.86 44.05 144.44
CA GLN I 1559 -63.47 46.01 147.35
CA GLU I 1560 -66.10 48.71 147.47
CA GLU I 1561 -68.88 46.20 147.96
CA LYS I 1562 -69.36 44.97 144.33
CA ARG I 1563 -71.38 43.38 144.28
CA GLU I 1564 -68.94 41.38 142.49
CA CYS I 1565 -70.09 37.79 142.18
CA PHE I 1566 -73.18 38.66 140.20
CA GLY I 1567 -71.49 41.39 138.21
CA ALA I 1568 -68.64 38.98 137.52
CA CYS I 1569 -71.04 36.59 135.87
CA LEU I 1570 -72.42 39.31 133.69
CA PHE I 1571 -68.95 40.71 133.23
CA THR I 1572 -67.72 37.38 131.94
CA CYS I 1573 -70.46 37.53 129.37
CA TYR I 1574 -69.39 40.91 128.11
CA ASP I 1575 -65.91 39.82 127.87
CA LEU I 1576 -65.09 40.81 124.64
CA LEU I 1577 -60.83 41.66 126.32
CA ARG I 1578 -57.68 40.51 128.60
CA PRO I 1579 -57.03 38.56 131.46
CA ASP I 1580 -56.97 35.82 133.02
CA VAL I 1581 -54.83 37.29 135.48
CA VAL I 1582 -57.99 38.49 137.14
CA LEU I 1583 -59.28 34.96 137.30
CA GLU I 1584 -56.04 33.72 138.78
CA THR I 1585 -55.71 36.68 141.10
CA ALA I 1586 -59.29 36.32 142.22
CA TRP I 1587 -58.39 32.91 143.59
CA ARG I 1588 -55.98 34.65 145.92
CA HIS I 1589 -59.06 36.27 147.38
CA ASN I 1590 -62.04 34.17 148.18
CA ILE I 1591 -63.19 32.59 144.91
CA MET I 1592 -66.65 32.22 146.24
CA ASP I 1593 -66.90 35.53 144.51
CA PHE I 1594 -65.18 34.11 141.54
CA ALA I 1595 -67.97 32.23 140.39
CA MET I 1596 -69.77 33.52 138.06
CA PRO I 1597 -69.56 31.15 135.44
CA TYR I 1598 -72.33 30.65 133.79
CA PHE I 1599 -71.61 33.10 131.19
CA ILE I 1600 -67.99 32.70 131.38
CA GLN I 1601 -69.56 29.51 129.91
CA VAL I 1602 -70.70 31.48 126.87
CA MET I 1603 -67.15 32.64 126.24
CA LYS I 1604 -65.88 29.14 126.59
CA GLU I 1605 -68.51 27.99 123.99
CA TYR I 1606 -67.00 30.65 121.78
CA LEU I 1607 -63.45 29.29 122.06
CA THR I 1608 -64.55 25.78 121.37
CA LYS I 1609 -66.43 26.86 118.30
CA VAL I 1610 -63.24 28.55 117.04
CA ASP I 1611 -61.20 25.36 117.51
CA LYS I 1612 -63.79 23.10 116.04
CA LEU I 1613 -63.82 25.55 113.18
CA ASP I 1614 -60.09 25.83 112.58
CA ALA I 1615 -60.00 22.08 112.76
CA SER I 1616 -62.41 21.67 109.88
CA GLU I 1617 -60.32 24.24 108.04
CA SER I 1618 -56.97 22.42 108.45
CA LEU I 1619 -58.65 19.13 107.58
CA ARG I 1620 -60.10 20.72 104.42
CA LYS I 1621 -56.48 21.69 103.54
CA GLU I 1622 -54.92 18.33 104.32
CA GLU I 1623 -57.55 16.83 102.08
CA GLU I 1624 -56.31 19.24 99.37
CA GLN I 1625 -52.54 18.76 99.57
CA ALA I 1626 -53.29 15.07 99.85
CA THR I 1627 -55.35 14.92 96.70
CA GLU I 1628 -52.81 16.96 94.73
CA THR I 1629 -49.75 14.88 95.69
CA GLN I 1630 -51.69 11.93 94.55
CA VAL J 1 -99.63 149.41 109.11
CA ASP J 2 -99.45 146.48 106.72
CA ARG J 3 -95.88 145.72 107.74
CA LEU J 4 -96.82 145.74 111.41
CA GLN J 5 -99.67 143.32 110.79
CA SER J 6 -97.39 140.94 108.94
CA GLU J 7 -94.88 140.97 111.78
CA PRO J 8 -97.58 140.19 114.31
CA GLU J 9 -99.16 137.31 112.29
CA SER J 10 -95.77 135.65 111.86
CA ILE J 11 -95.08 135.91 115.57
CA ARG J 12 -98.40 134.33 116.43
CA LYS J 13 -97.74 131.42 114.10
CA TRP J 14 -94.35 130.80 115.65
CA ARG J 15 -95.84 130.75 119.13
CA GLU J 16 -98.46 128.23 118.08
CA GLU J 17 -95.82 125.95 116.60
CA GLN J 18 -93.79 126.06 119.79
CA THR J 19 -96.82 125.14 121.87
CA GLU J 20 -97.58 122.18 119.66
CA ARG J 21 -94.03 120.91 119.95
CA LEU J 22 -94.15 121.13 123.73
CA GLU J 23 -97.38 119.17 123.85
CA ALA J 24 -95.92 116.43 121.68
CA LEU J 25 -92.89 116.13 123.92
CA ASP J 26 -95.07 115.81 127.01
CA ALA J 27 -97.10 113.05 125.40
CA ASN J 28 -93.98 111.12 124.51
CA SER J 29 -92.69 111.35 128.05
CA ARG J 30 -95.96 110.05 129.44
CA LYS J 31 -95.90 107.08 127.09
CA GLN J 32 -92.36 106.20 128.13
CA GLU J 33 -93.31 106.30 131.79
CA ALA J 34 -96.25 103.99 131.20
CA GLU J 35 -94.06 101.49 129.38
CA TRP J 36 -91.56 101.45 132.22
CA LYS J 37 -93.99 101.41 135.90
CA GLU J 38 -95.13 98.74 133.47
CA LYS J 39 -91.56 97.69 132.80
CA ALA J 40 -90.85 97.37 136.49
CA ILE J 41 -93.90 95.19 137.01
CA LYS J 42 -92.86 92.89 134.18
CA GLU J 43 -89.39 92.48 135.65
CA LEU J 44 -90.82 91.58 139.04
CA ASP J 45 -93.06 88.95 137.51
CA GLU J 46 -90.15 87.38 135.68
CA TRP J 47 -88.10 87.20 138.85
CA TYR J 48 -90.93 85.49 140.69
CA ALA J 49 -91.30 82.90 137.96
CA ARG J 50 -87.60 82.12 138.06
CA GLN J 51 -87.69 81.63 141.82
CA ASP J 52 -90.61 79.23 141.53
CA GLU J 53 -88.80 77.18 138.92
CA GLN J 54 -85.72 76.91 141.11
CA LEU J 55 -87.79 75.72 144.05
CA GLN J 56 -89.44 73.04 141.95
CA LYS J 57 -86.08 71.77 140.75
CA THR J 58 -84.79 71.53 144.30
CA LYS J 59 -87.81 69.55 145.38
CA ALA J 60 -87.36 67.09 142.53
CA ASN J 61 -83.73 66.55 143.42
CA ASN J 62 -84.62 65.84 147.04
CA ARG J 63 -87.21 63.28 146.00
CA VAL J 64 -84.72 61.50 143.78
CA ALA J 65 -82.19 61.30 146.59
CA ASP J 66 -84.76 59.82 148.94
CA GLU J 67 -85.69 57.16 146.41
CA ALA J 68 -82.06 56.19 145.93
CA PHE J 69 -81.56 55.83 149.67
CA TYR J 70 -84.60 53.59 149.97
CA MET K 1 73.61 -184.96 -82.85
CA ALA K 2 73.87 -182.08 -80.33
CA GLN K 3 75.63 -183.36 -77.27
CA ILE K 4 75.30 -181.06 -74.28
CA LEU K 5 72.18 -179.27 -73.26
CA PRO K 6 72.90 -175.49 -73.61
CA ILE K 7 69.63 -174.28 -71.99
CA ARG K 8 67.41 -175.25 -69.03
CA PHE K 9 63.72 -175.73 -69.67
CA GLN K 10 61.84 -175.42 -66.34
CA GLU K 11 58.15 -175.55 -65.43
CA HIS K 12 57.59 -173.24 -62.47
CA LEU K 13 53.98 -174.05 -61.82
CA GLN K 14 50.99 -175.70 -63.45
CA LEU K 15 48.02 -173.40 -63.24
CA GLN K 16 45.25 -175.94 -63.21
CA ASN K 17 46.86 -177.34 -60.06
CA LEU K 18 45.69 -174.07 -58.57
CA GLY K 19 42.33 -175.07 -59.82
CA ILE K 20 42.13 -172.35 -62.46
CA ASN K 21 39.51 -172.76 -65.16
CA PRO K 22 41.51 -173.42 -68.35
CA ALA K 23 38.96 -171.34 -70.19
CA ASN K 24 40.61 -168.44 -68.42
CA ILE K 25 44.20 -169.16 -69.39
CA GLY K 26 44.35 -166.89 -72.38
CA PHE K 27 45.51 -163.56 -73.79
CA SER K 28 42.46 -161.72 -72.63
CA THR K 29 42.03 -163.23 -69.24
CA LEU K 30 45.61 -163.93 -68.24
CA THR K 31 48.37 -161.36 -67.98
CA MET K 32 52.03 -161.53 -67.07
CA GLU K 33 53.63 -158.02 -66.87
CA SER K 34 56.71 -159.33 -65.11
CA ASP K 35 57.93 -162.63 -63.63
CA LYS K 36 56.56 -161.40 -60.29
CA PHE K 37 52.81 -162.01 -60.63
CA ILE K 38 50.33 -163.68 -62.89
CA CYS K 39 46.84 -162.32 -62.89
CA ILE K 40 43.72 -164.18 -64.08
CA ARG K 41 40.21 -162.77 -64.38
CA GLU K 42 37.66 -165.58 -63.57
CA LYS K 43 33.85 -165.65 -63.24
CA VAL K 44 33.46 -168.07 -60.37
CA GLY K 45 29.87 -169.07 -60.62
CA GLU K 46 28.01 -165.94 -61.59
CA GLN K 47 30.65 -163.85 -59.81
CA ALA K 48 33.69 -162.15 -61.27
CA GLN K 49 37.04 -162.14 -59.58
CA VAL K 50 40.74 -161.63 -60.06
CA VAL K 51 43.20 -164.24 -59.05
CA ILE K 52 46.67 -162.88 -58.41
CA ILE K 53 49.47 -165.35 -58.32
CA ASP K 54 52.63 -164.06 -56.72
CA MET K 55 55.38 -166.06 -58.21
CA ASN K 56 57.17 -165.96 -54.94
CA ASP K 57 54.72 -168.36 -53.28
CA PRO K 58 52.60 -169.46 -56.20
CA SER K 59 51.03 -172.09 -54.01
CA ASN K 60 48.83 -169.40 -52.62
CA PRO K 61 46.89 -167.16 -55.03
CA ILE K 62 45.07 -163.95 -53.85
CA ARG K 63 41.46 -163.78 -55.05
CA ARG K 64 39.22 -160.68 -55.11
CA PRO K 65 35.78 -160.09 -56.60
CA ILE K 66 36.51 -157.48 -59.13
CA SER K 67 34.59 -156.87 -62.28
CA ALA K 68 37.02 -155.43 -64.78
CA ASP K 69 37.32 -155.53 -68.54
CA SER K 70 40.99 -156.02 -67.74
CA ALA K 71 43.55 -156.18 -64.97
CA ILE K 72 47.33 -155.93 -65.06
CA MET K 73 49.60 -155.98 -62.02
CA ASN K 74 52.58 -153.76 -61.32
CA PRO K 75 55.84 -155.22 -62.45
CA ALA K 76 56.99 -155.11 -58.89
CA SER K 77 54.55 -154.00 -56.30
CA LYS K 78 51.15 -155.16 -55.15
CA VAL K 79 49.48 -152.41 -57.16
CA ILE K 80 46.96 -153.41 -59.83
CA ALA K 81 45.48 -151.46 -62.71
CA LEU K 82 41.85 -152.30 -63.38
CA LYS K 83 39.94 -151.10 -66.38
CA ALA K 84 36.18 -150.79 -66.40
CA GLY K 85 35.39 -149.97 -69.99
CA LYS K 86 36.78 -146.44 -70.00
CA THR K 87 37.39 -145.84 -66.37
CA LEU K 88 40.95 -146.79 -65.52
CA GLN K 89 41.75 -147.38 -61.86
CA ILE K 90 45.09 -148.09 -60.10
CA PHE K 91 44.38 -149.83 -56.80
CA ASN K 92 46.70 -150.97 -54.04
CA ILE K 93 45.95 -154.69 -53.57
CA GLU K 94 48.39 -154.68 -50.64
CA MET K 95 46.44 -152.27 -48.45
CA LYS K 96 43.19 -152.29 -50.39
CA SER K 97 43.33 -148.52 -50.97
CA LYS K 98 42.41 -146.87 -54.28
CA MET K 99 45.47 -145.10 -55.59
CA LYS K 100 44.16 -143.25 -58.63
CA ALA K 101 41.67 -143.36 -61.50
CA HIS K 102 40.77 -141.71 -64.79
CA THR K 103 38.00 -142.02 -67.32
CA MET K 104 39.59 -142.04 -70.68
CA THR K 105 37.77 -140.21 -73.50
CA ASP K 106 38.11 -143.13 -75.84
CA ASP K 107 38.48 -146.79 -74.83
CA VAL K 108 41.91 -148.10 -74.00
CA THR K 109 42.42 -150.77 -76.55
CA PHE K 110 45.53 -152.39 -75.04
CA TRP K 111 47.56 -151.28 -72.03
CA LYS K 112 50.57 -152.46 -70.06
CA TRP K 113 53.01 -151.47 -67.38
CA ILE K 114 56.17 -150.24 -69.06
CA SER K 115 57.90 -149.75 -65.78
CA LEU K 116 57.73 -149.82 -62.05
CA ASN K 117 55.24 -146.99 -62.13
CA THR K 118 53.90 -146.08 -65.52
CA VAL K 119 51.09 -147.72 -67.49
CA ALA K 120 50.83 -147.40 -71.29
CA LEU K 121 47.32 -146.87 -72.67
CA VAL K 122 46.81 -147.62 -76.27
CA THR K 123 43.82 -145.98 -77.79
CA ASP K 124 42.46 -146.49 -81.19
CA ASN K 125 44.41 -143.38 -82.17
CA ALA K 126 47.08 -142.75 -79.59
CA VAL K 127 49.43 -144.15 -76.99
CA TYR K 128 49.61 -142.35 -73.61
CA HIS K 129 51.70 -143.03 -70.52
CA TRP K 130 50.09 -142.77 -67.07
CA SER K 131 52.26 -142.56 -63.99
CA MET K 132 50.81 -144.25 -60.94
CA GLU K 133 52.37 -141.34 -59.07
CA GLY K 134 50.53 -138.24 -57.93
CA GLU K 135 47.49 -136.43 -59.23
CA SER K 136 48.97 -136.57 -62.74
CA GLN K 137 46.82 -137.69 -65.63
CA PRO K 138 47.56 -139.75 -68.83
CA VAL K 139 50.05 -138.02 -71.18
CA LYS K 140 49.87 -138.61 -74.94
CA MET K 141 53.28 -139.70 -76.30
CA PHE K 142 52.31 -140.05 -79.90
CA ASP K 143 49.58 -140.82 -82.39
CA ARG K 144 49.12 -144.19 -83.91
CA HIS K 145 50.72 -144.48 -87.31
CA SER K 146 48.39 -145.55 -90.09
CA SER K 147 50.05 -148.78 -91.04
CA LEU K 148 48.56 -150.08 -87.82
CA ALA K 149 44.96 -149.16 -88.61
CA GLY K 150 42.54 -151.95 -87.79
CA CYS K 151 45.38 -154.04 -86.32
CA GLN K 152 44.95 -156.33 -83.35
CA ILE K 153 47.38 -154.61 -80.95
CA ILE K 154 49.53 -157.30 -79.32
CA ASN K 155 52.34 -155.41 -77.62
CA TYR K 156 53.99 -152.14 -76.67
CA ARG K 157 57.61 -151.74 -75.63
CA THR K 158 60.04 -149.01 -74.70
CA ASP K 159 63.79 -148.70 -74.47
CA ALA K 160 65.24 -148.32 -70.95
CA LYS K 161 65.22 -144.58 -71.29
CA GLN K 162 61.71 -144.47 -72.73
CA LYS K 163 63.05 -142.37 -75.53
CA TRP K 164 62.07 -144.93 -78.25
CA LEU K 165 58.63 -146.55 -78.12
CA LEU K 166 57.40 -149.45 -80.23
CA LEU K 167 53.81 -150.48 -80.94
CA THR K 168 52.90 -153.82 -82.58
CA GLY K 169 49.75 -155.16 -84.04
CA ILE K 170 48.99 -158.05 -86.38
CA SER K 171 46.59 -158.56 -89.26
CA ALA K 172 45.30 -161.55 -91.17
CA GLN K 173 46.12 -160.10 -94.46
CA GLN K 174 45.46 -162.24 -97.39
CA ASN K 175 45.82 -165.52 -95.49
CA ARG K 176 48.95 -164.65 -93.31
CA VAL K 177 49.23 -163.09 -89.88
CA VAL K 178 51.11 -160.01 -90.85
CA GLY K 179 52.67 -157.89 -88.06
CA ALA K 180 52.87 -154.11 -88.03
CA MET K 181 55.21 -152.16 -85.82
CA GLN K 182 55.42 -148.43 -85.23
CA LEU K 183 58.79 -147.26 -83.89
CA TYR K 184 58.34 -143.73 -82.47
CA SER K 185 61.26 -141.46 -81.55
CA VAL K 186 60.49 -139.31 -78.53
CA ASP K 187 63.42 -136.95 -78.70
CA ARG K 188 63.35 -136.59 -82.50
CA LYS K 189 59.54 -136.56 -82.54
CA VAL K 190 59.53 -138.80 -85.65
CA SER K 191 57.92 -142.19 -86.15
CA GLN K 192 58.42 -145.02 -88.65
CA PRO K 193 56.68 -148.20 -89.70
CA ILE K 194 58.43 -151.61 -89.72
CA GLU K 195 57.01 -155.02 -90.58
CA GLY K 196 57.71 -157.03 -87.50
CA HIS K 197 56.33 -159.80 -85.45
CA ALA K 198 58.25 -159.58 -82.21
CA ALA K 199 60.95 -157.28 -80.81
CA SER K 200 62.69 -155.95 -77.76
CA PHE K 201 65.31 -153.26 -76.98
CA ALA K 202 68.60 -153.89 -75.18
CA GLN K 203 71.45 -151.90 -73.65
CA PHE K 204 74.74 -153.26 -74.91
CA LYS K 205 78.18 -151.84 -74.27
CA MET K 206 80.24 -152.76 -77.35
CA GLU K 207 83.79 -153.99 -77.13
CA GLY K 208 85.90 -150.88 -76.83
CA ASN K 209 83.19 -148.28 -76.11
CA ALA K 210 82.49 -146.69 -72.76
CA GLU K 211 78.83 -146.31 -73.20
CA GLU K 212 76.07 -148.80 -73.77
CA SER K 213 74.44 -148.71 -77.09
CA THR K 214 70.67 -148.98 -77.16
CA LEU K 215 69.71 -151.71 -79.52
CA PHE K 216 66.35 -152.56 -81.00
CA CYS K 217 65.96 -156.15 -82.05
CA PHE K 218 63.02 -157.42 -83.97
CA ALA K 219 61.96 -160.48 -85.88
CA VAL K 220 59.50 -161.19 -88.61
CA ARG K 221 58.49 -163.76 -91.10
CA GLY K 222 57.77 -162.05 -94.43
CA GLN K 223 57.64 -163.15 -98.09
CA ALA K 224 61.41 -163.52 -97.96
CA GLY K 225 61.13 -165.68 -94.94
CA GLY K 226 61.82 -164.86 -91.36
CA LYS K 227 64.63 -162.61 -90.38
CA LEU K 228 65.92 -161.09 -87.21
CA HIS K 229 67.35 -157.57 -87.17
CA ILE K 230 69.50 -156.01 -84.44
CA ILE K 231 70.12 -152.28 -84.95
CA GLU K 232 71.38 -149.42 -82.77
CA VAL K 233 68.73 -146.84 -82.19
CA GLY K 234 69.52 -143.10 -82.11
CA THR K 235 72.94 -141.38 -81.84
CA PRO K 236 75.83 -143.22 -80.27
CA PRO K 237 77.06 -141.74 -77.03
CA THR K 238 79.72 -139.28 -78.01
CA GLY K 239 82.97 -141.19 -78.38
CA ASN K 240 81.31 -144.51 -79.13
CA GLN K 241 81.97 -146.45 -82.28
CA PRO K 242 78.62 -147.21 -83.78
CA PHE K 243 77.13 -150.71 -83.60
CA PRO K 244 76.95 -152.32 -87.02
CA LYS K 245 73.33 -153.11 -87.79
CA LYS K 246 72.77 -156.90 -88.09
CA ALA K 247 70.33 -159.18 -89.95
CA VAL K 248 70.05 -162.94 -89.65
CA ASP K 249 67.35 -165.23 -90.90
CA VAL K 250 65.23 -167.19 -88.47
CA PHE K 251 64.54 -170.68 -89.70
CA PHE K 252 61.19 -172.39 -89.83
CA PRO K 253 61.00 -176.08 -90.59
CA PRO K 254 58.51 -177.37 -93.17
CA GLU K 255 56.50 -178.92 -90.36
CA ALA K 256 56.41 -175.38 -88.96
CA GLN K 257 53.96 -174.58 -91.74
CA ASN K 258 52.69 -171.16 -90.93
CA ASP K 259 54.58 -170.44 -87.76
CA PHE K 260 55.80 -166.88 -87.07
CA PRO K 261 57.52 -164.95 -84.23
CA VAL K 262 55.42 -164.20 -81.24
CA ALA K 263 57.64 -163.16 -78.34
CA MET K 264 61.18 -161.98 -77.64
CA GLN K 265 63.20 -161.22 -74.54
CA ILE K 266 66.87 -160.57 -74.35
CA SER K 267 69.19 -161.56 -71.56
CA GLU K 268 71.26 -158.60 -70.58
CA LYS K 269 73.24 -160.91 -68.38
CA HIS K 270 74.33 -163.10 -71.36
CA ASP K 271 73.54 -160.91 -74.41
CA VAL K 272 71.41 -163.60 -75.92
CA VAL K 273 68.14 -163.04 -77.73
CA PHE K 274 65.32 -165.42 -76.91
CA LEU K 275 62.69 -165.80 -79.61
CA ILE K 276 59.45 -167.83 -79.23
CA THR K 277 57.29 -168.71 -82.25
CA LYS K 278 53.53 -169.22 -82.51
CA TYR K 279 53.87 -173.03 -82.52
CA GLY K 280 55.99 -173.31 -79.39
CA TYR K 281 59.54 -173.12 -80.83
CA ILE K 282 62.43 -171.35 -79.14
CA HIS K 283 65.63 -169.88 -80.60
CA LEU K 284 68.61 -168.28 -78.93
CA TYR K 285 70.65 -165.77 -80.92
CA ASP K 286 73.81 -163.94 -79.95
CA LEU K 287 72.81 -160.29 -79.43
CA GLU K 288 76.02 -158.76 -80.72
CA THR K 289 76.34 -160.80 -83.93
CA GLY K 290 72.96 -162.30 -84.47
CA THR K 291 74.49 -165.74 -84.69
CA CYS K 292 71.93 -168.49 -84.04
CA ILE K 293 73.06 -170.49 -81.05
CA TYR K 294 70.19 -172.90 -80.45
CA MET K 295 66.70 -173.88 -81.63
CA ASN K 296 64.21 -176.44 -80.41
CA ARG K 297 60.62 -176.92 -79.61
CA ILE K 298 59.50 -176.68 -76.04
CA SER K 299 55.73 -176.38 -76.32
CA GLY K 300 53.10 -177.64 -78.70
CA GLU K 301 50.57 -175.23 -77.32
CA THR K 302 51.24 -171.50 -77.80
CA ILE K 303 53.10 -169.49 -75.16
CA PHE K 304 50.73 -166.51 -75.29
CA VAL K 305 52.53 -164.28 -72.83
CA THR K 306 56.08 -163.86 -71.61
CA ALA K 307 58.50 -161.74 -69.68
CA PRO K 308 62.05 -161.66 -68.88
CA HIS K 309 62.99 -164.06 -66.08
CA GLU K 310 65.15 -162.08 -63.77
CA ALA K 311 66.46 -164.93 -61.67
CA THR K 312 67.97 -166.68 -64.60
CA ALA K 313 68.22 -163.89 -67.12
CA GLY K 314 66.02 -165.96 -69.39
CA ILE K 315 62.47 -165.98 -70.56
CA ILE K 316 59.29 -167.16 -68.72
CA GLY K 317 55.85 -167.50 -70.24
CA VAL K 318 52.53 -169.31 -69.95
CA ASN K 319 50.90 -171.51 -72.56
CA ARG K 320 47.38 -172.73 -73.17
CA LYS K 321 47.66 -175.78 -70.87
CA GLY K 322 48.48 -173.52 -67.96
CA GLN K 323 52.13 -174.33 -67.89
CA VAL K 324 54.28 -171.51 -66.61
CA LEU K 325 57.51 -172.38 -68.53
CA SER K 326 60.89 -170.82 -68.61
CA VAL K 327 64.10 -171.16 -70.68
CA CYS K 328 67.56 -169.81 -70.01
CA VAL K 329 71.27 -170.31 -70.83
CA GLU K 330 72.90 -173.03 -68.75
CA GLU K 331 75.97 -170.99 -67.82
CA GLU K 332 78.04 -174.05 -67.41
CA ASN K 333 77.15 -175.74 -70.73
CA ILE K 334 76.94 -172.95 -73.30
CA ILE K 335 80.60 -172.14 -73.95
CA PRO K 336 81.28 -175.96 -74.32
CA TYR K 337 78.19 -176.27 -76.53
CA ILE K 338 79.31 -173.44 -78.87
CA THR K 339 82.79 -174.98 -79.06
CA ASN K 340 81.82 -178.64 -79.56
CA VAL K 341 78.32 -178.76 -81.01
CA LEU K 342 78.44 -175.38 -82.87
CA GLN K 343 82.09 -175.96 -83.53
CA ASN K 344 82.53 -172.24 -83.28
CA PRO K 345 85.41 -171.65 -80.81
CA ASP K 346 85.72 -168.07 -81.80
CA LEU K 347 82.11 -167.24 -80.84
CA ALA K 348 82.77 -169.39 -77.77
CA LEU K 349 85.82 -167.51 -76.55
CA ARG K 350 84.20 -164.16 -77.23
CA MET K 351 80.99 -165.01 -75.53
CA ALA K 352 83.10 -166.56 -72.68
CA VAL K 353 85.27 -163.52 -72.00
CA ARG K 354 82.49 -161.08 -72.80
CA ASN K 355 80.27 -162.75 -70.25
CA ASN K 356 82.72 -164.30 -67.89
CA LEU K 357 81.31 -167.73 -68.54
CA ALA K 358 83.27 -170.96 -68.20
CA GLY K 359 84.19 -173.83 -70.44
CA ALA K 360 86.86 -172.36 -72.64
CA GLU K 361 89.79 -172.86 -70.29
CA GLU K 362 91.80 -175.01 -72.72
CA LEU K 363 91.33 -172.59 -75.55
CA PHE K 364 92.55 -169.75 -73.35
CA ALA K 365 95.68 -171.48 -72.12
CA ARG K 366 96.32 -172.47 -75.74
CA LYS K 367 95.83 -168.86 -76.87
CA PHE K 368 98.08 -167.53 -74.09
CA ASN K 369 100.76 -170.10 -74.74
CA ALA K 370 100.57 -169.29 -78.44
CA LEU K 371 101.07 -165.58 -78.01
CA PHE K 372 103.94 -166.32 -75.58
CA ALA K 373 106.06 -167.87 -78.35
CA GLN K 374 105.47 -165.07 -80.78
CA GLY K 375 106.67 -163.32 -77.65
CA ASN K 376 103.79 -160.87 -77.72
CA TYR K 377 103.91 -160.79 -73.97
CA SER K 378 101.53 -157.90 -74.18
CA GLU K 379 98.83 -159.74 -76.07
CA ALA K 380 99.54 -162.80 -73.95
CA ALA K 381 98.89 -160.80 -70.76
CA LYS K 382 95.71 -159.27 -72.09
CA VAL K 383 94.45 -162.85 -72.48
CA ALA K 384 95.42 -163.90 -68.96
CA ALA K 385 93.99 -160.72 -67.52
CA ASN K 386 90.62 -161.15 -69.24
CA ALA K 387 90.08 -164.89 -69.56
CA PRO K 388 87.08 -165.82 -67.26
CA LYS K 389 86.90 -167.11 -63.74
CA GLY K 390 90.53 -166.15 -63.18
CA ILE K 391 91.75 -169.15 -65.02
CA LEU K 392 95.18 -167.54 -65.95
CA ARG K 393 95.55 -164.99 -63.14
CA THR K 394 97.85 -167.45 -61.50
CA PRO K 395 101.18 -167.43 -59.63
CA ASP K 396 102.42 -169.65 -62.30
CA THR K 397 101.32 -167.07 -64.82
CA ILE K 398 103.38 -164.48 -62.91
CA ARG K 399 106.34 -166.98 -62.78
CA ARG K 400 106.04 -167.27 -66.54
CA PHE K 401 106.34 -163.53 -67.17
CA GLN K 402 108.92 -163.26 -64.43
CA SER K 403 111.14 -165.68 -66.37
CA VAL K 404 111.66 -163.76 -69.58
CA PRO K 405 114.49 -161.26 -69.48
CA ALA K 406 114.09 -157.54 -69.95
CA GLN K 407 116.15 -156.89 -73.11
CA PRO K 408 117.48 -153.30 -72.97
CA GLY K 409 114.84 -150.72 -73.85
CA GLN K 410 111.10 -151.51 -73.45
CA THR K 411 109.29 -152.61 -70.30
CA SER K 412 109.44 -156.13 -68.74
CA PRO K 413 106.76 -158.62 -69.74
CA LEU K 414 105.91 -158.86 -66.06
CA LEU K 415 105.71 -155.20 -65.40
CA GLN K 416 103.74 -155.14 -68.65
CA TYR K 417 101.26 -157.75 -67.35
CA PHE K 418 100.99 -155.98 -63.97
CA GLY K 419 100.31 -152.89 -65.97
CA ILE K 420 97.30 -154.50 -67.62
CA LEU K 421 96.05 -155.77 -64.33
CA LEU K 422 96.45 -152.41 -62.56
CA ASP K 423 94.39 -150.92 -65.37
CA GLN K 424 91.91 -153.72 -65.37
CA GLY K 425 91.46 -153.18 -61.66
CA GLN K 426 92.63 -154.30 -58.24
CA LEU K 427 95.39 -156.94 -57.70
CA ASN K 428 95.13 -159.88 -55.22
CA LYS K 429 97.33 -160.73 -52.32
CA TYR K 430 99.94 -162.66 -54.30
CA GLU K 431 100.03 -160.17 -57.15
CA SER K 432 100.33 -157.20 -54.85
CA LEU K 433 103.20 -158.93 -53.07
CA GLU K 434 104.99 -159.76 -56.34
CA LEU K 435 104.41 -156.23 -57.62
CA CYS K 436 105.59 -154.55 -54.44
CA ARG K 437 108.55 -156.66 -53.41
CA PRO K 438 111.01 -155.22 -56.02
CA VAL K 439 109.67 -151.60 -55.91
CA LEU K 440 110.11 -151.62 -52.15
CA GLN K 441 113.75 -152.56 -52.64
CA GLN K 442 114.16 -149.84 -55.27
CA GLY K 443 113.34 -147.26 -52.55
CA ARG K 444 110.21 -146.39 -54.44
CA LYS K 445 107.88 -145.35 -51.60
CA GLN K 446 105.88 -142.80 -53.43
CA LEU K 447 104.85 -145.42 -56.04
CA LEU K 448 103.46 -147.94 -53.61
CA GLU K 449 101.86 -144.96 -51.85
CA LYS K 450 99.86 -144.11 -54.95
CA TRP K 451 99.01 -147.71 -55.69
CA LEU K 452 97.70 -147.85 -52.10
CA LYS K 453 95.68 -144.63 -52.22
CA GLU K 454 94.20 -145.31 -55.59
CA ASP K 455 93.24 -148.47 -53.73
CA LYS K 456 94.89 -150.86 -56.21
CA LEU K 457 96.60 -153.32 -53.77
CA GLU K 458 94.89 -155.90 -51.62
CA CYS K 459 96.82 -155.10 -48.43
CA SER K 460 97.86 -158.05 -46.26
CA GLU K 461 99.82 -158.62 -43.04
CA GLU K 462 102.60 -160.02 -45.20
CA LEU K 463 102.82 -157.16 -47.72
CA GLY K 464 103.04 -155.10 -44.59
CA ASP K 465 105.83 -157.17 -43.04
CA LEU K 466 107.69 -156.67 -46.32
CA VAL K 467 107.26 -152.94 -46.11
CA LYS K 468 108.18 -152.91 -42.42
CA SER K 469 111.58 -154.13 -43.66
CA VAL K 470 111.91 -150.78 -45.41
CA ASP K 471 109.42 -148.44 -43.82
CA PRO K 472 108.07 -149.60 -40.49
CA THR K 473 105.97 -146.41 -40.72
CA LEU K 474 104.60 -147.26 -44.19
CA ALA K 475 103.66 -150.67 -42.70
CA LEU K 476 101.02 -149.43 -40.21
CA SER K 477 99.33 -148.02 -43.25
CA VAL K 478 98.93 -151.45 -44.96
CA TYR K 479 98.28 -153.23 -41.70
CA LEU K 480 95.64 -150.72 -40.72
CA ARG K 481 94.14 -151.76 -44.10
CA ALA K 482 95.09 -155.34 -43.79
CA ASN K 483 94.80 -157.95 -40.80
CA VAL K 484 94.23 -155.01 -38.50
CA PRO K 485 99.26 -158.62 -39.62
CA ASN K 486 99.63 -156.17 -36.80
CA LYS K 487 102.25 -158.11 -34.96
CA VAL K 488 104.36 -158.44 -38.04
CA ILE K 489 104.20 -154.76 -38.87
CA GLN K 490 105.28 -153.67 -35.44
CA CYS K 491 108.00 -156.19 -35.48
CA PHE K 492 110.44 -155.23 -38.16
CA ALA K 493 109.12 -151.75 -37.82
CA GLU K 494 111.45 -150.87 -35.09
CA THR K 495 111.85 -148.08 -37.52
CA GLY K 496 108.69 -146.55 -38.85
CA GLN K 497 106.32 -143.70 -38.30
CA VAL K 498 105.33 -143.07 -34.73
CA GLN K 499 101.73 -142.36 -35.51
CA LYS K 500 101.18 -145.66 -37.25
CA ILE K 501 102.95 -147.50 -34.48
CA VAL K 502 100.75 -146.06 -31.80
CA LEU K 503 97.63 -147.26 -33.56
CA TYR K 504 98.82 -150.72 -34.59
CA ALA K 505 100.72 -151.65 -31.45
CA LYS K 506 97.45 -151.93 -29.57
CA LYS K 507 96.12 -154.37 -32.14
CA VAL K 508 99.14 -156.63 -31.75
CA GLY K 509 98.78 -158.19 -32.10
CA TYR K 510 101.86 -161.22 -30.46
CA THR K 511 102.50 -159.28 -27.32
CA PRO K 512 106.27 -159.63 -27.26
CA ASP K 513 106.37 -157.57 -30.41
CA TRP K 514 105.29 -154.68 -28.24
CA ILE K 515 108.29 -155.11 -25.99
CA PHE K 516 110.44 -155.30 -29.07
CA LEU K 517 108.79 -152.18 -30.40
CA LEU K 518 109.48 -150.29 -27.23
CA ARG K 519 113.12 -151.13 -27.49
CA ASN K 520 113.20 -149.73 -30.98
CA VAL K 521 111.47 -146.59 -29.95
CA MET K 522 113.80 -146.36 -27.01
CA ARG K 523 117.38 -143.87 -30.02
CA ILE K 524 115.24 -144.30 -33.05
CA SER K 525 113.32 -142.14 -35.46
CA PRO K 526 111.10 -141.41 -32.56
CA ASP K 527 112.66 -139.23 -29.93
CA GLN K 528 111.72 -137.37 -26.83
CA GLY K 529 109.09 -134.70 -27.07
CA GLN K 530 105.88 -135.49 -28.80
CA GLN K 531 106.74 -138.37 -31.06
CA PHE K 532 106.01 -142.00 -31.44
CA ALA K 533 108.21 -142.65 -28.47
CA GLN K 534 105.77 -141.87 -25.69
CA MET K 535 102.65 -141.96 -27.77
CA LEU K 536 103.51 -145.48 -28.76
CA VAL K 537 103.45 -146.48 -25.13
CA GLN K 538 99.95 -145.12 -24.87
CA ASP K 539 98.39 -147.38 -27.45
CA GLU K 540 100.44 -150.21 -26.03
CA GLU K 541 98.85 -149.55 -22.70
CA PRO K 542 101.02 -155.45 -23.69
CA LEU K 543 103.13 -157.69 -21.28
CA ALA K 544 106.21 -159.38 -22.63
CA ASP K 545 109.19 -158.99 -21.59
CA ILE K 546 109.16 -156.07 -19.18
CA THR K 547 112.89 -156.39 -18.78
CA GLN K 548 113.20 -156.45 -22.54
CA ILE K 549 111.38 -153.20 -22.98
CA VAL K 550 113.48 -151.45 -20.39
CA ASP K 551 116.66 -153.01 -21.67
CA VAL K 552 115.99 -151.48 -25.03
CA PHE K 553 115.36 -148.09 -23.54
CA MET K 554 118.46 -148.18 -21.39
CA GLU K 555 120.92 -148.94 -24.17
CA TYR K 556 119.43 -146.11 -26.15
CA ASN K 557 119.92 -143.94 -23.06
CA LEU K 558 116.23 -143.19 -23.47
CA ILE K 559 115.71 -143.64 -20.74
CA GLN K 560 114.05 -140.29 -20.26
CA GLN K 561 111.27 -141.38 -22.60
CA CYS K 562 111.12 -144.85 -21.16
CA THR K 563 110.43 -143.45 -17.73
CA ALA K 564 107.81 -141.15 -19.20
CA PHE K 565 105.83 -143.96 -20.80
CA LEU K 566 106.04 -146.11 -17.73
CA LEU K 567 104.16 -143.39 -15.95
CA ASP K 568 101.37 -143.96 -18.45
CA ALA K 569 101.55 -147.69 -17.94
CA LEU K 570 100.67 -147.51 -14.28
CA LYS K 571 97.41 -145.86 -15.18
CA ASN K 572 96.29 -148.79 -17.25
CA ASN K 573 94.95 -150.82 -14.40
CA ARG K 574 94.81 -154.09 -16.24
CA PRO K 575 97.96 -153.50 -18.14
CA SER K 576 99.77 -152.74 -14.93
CA GLU K 577 102.23 -155.33 -13.77
CA GLY K 578 104.97 -155.18 -8.52
CA PRO K 579 107.75 -156.63 -10.53
CA LEU K 580 107.02 -154.08 -13.21
CA GLN K 581 107.83 -151.20 -10.92
CA THR K 582 110.84 -152.98 -9.58
CA ARG K 583 112.25 -153.68 -13.02
CA LEU K 584 111.53 -150.19 -14.28
CA LEU K 585 113.46 -148.46 -11.57
CA GLU K 586 116.32 -150.86 -11.94
CA MET K 587 116.47 -150.21 -15.64
CA ASN K 588 116.17 -146.53 -15.01
CA LEU K 589 119.14 -146.54 -12.73
CA MET K 590 121.53 -147.84 -15.35
CA HIS K 591 119.55 -146.44 -18.26
CA ALA K 592 118.73 -142.96 -17.08
CA PRO K 593 119.27 -141.92 -13.55
CA GLN K 594 117.37 -138.69 -13.94
CA VAL K 595 114.17 -140.65 -14.23
CA ALA K 596 115.15 -142.90 -11.36
CA ASP K 597 114.39 -140.43 -8.62
CA ALA K 598 111.07 -139.27 -10.02
CA ILE K 599 109.88 -142.83 -10.29
CA LEU K 600 110.79 -143.27 -6.67
CA GLY K 601 108.49 -140.48 -5.84
CA ASN K 602 105.74 -141.64 -8.13
CA GLN K 603 105.42 -145.26 -7.18
CA MET K 604 108.79 -146.66 -6.58
CA PHE K 605 108.23 -146.28 -2.93
CA THR K 606 104.99 -148.12 -2.41
CA HIS K 607 105.03 -150.86 -4.97
CA TYR K 608 108.59 -151.83 -5.53
CA ASP K 609 110.93 -154.50 -4.25
CA ARG K 610 112.79 -151.99 -2.12
CA ALA K 611 115.69 -154.22 -1.26
CA HIS K 612 116.40 -154.94 -4.90
CA ILE K 613 116.26 -151.32 -5.93
CA ALA K 614 118.63 -150.24 -3.27
CA GLN K 615 121.33 -152.64 -4.32
CA LEU K 616 120.93 -151.36 -7.82
CA CYS K 617 121.20 -147.75 -6.70
CA GLU K 618 124.28 -148.53 -4.69
CA LYS K 619 126.02 -149.76 -7.78
CA ALA K 620 124.43 -146.80 -9.51
CA GLY K 621 126.04 -144.18 -7.28
CA LEU K 622 122.51 -142.84 -6.91
CA LEU K 623 123.18 -142.06 -3.24
CA GLN K 624 120.94 -139.01 -3.19
CA ARG K 625 118.07 -141.36 -4.08
CA ALA K 626 119.49 -144.16 -1.98
CA LEU K 627 118.96 -142.03 1.07
CA GLU K 628 115.39 -141.55 -0.01
CA HIS K 629 114.80 -145.29 -0.20
CA PHE K 630 116.57 -145.90 3.04
CA THR K 631 114.54 -143.26 4.72
CA ASP K 632 111.24 -144.72 3.50
CA LEU K 633 112.61 -148.19 4.15
CA TYR K 634 112.95 -146.86 7.66
CA ASP K 635 116.49 -148.01 7.58
CA ILE K 636 117.59 -144.70 9.01
CA LYS K 637 120.97 -145.85 10.19
CA ARG K 638 121.81 -146.67 6.59
CA ALA K 639 120.54 -143.38 5.32
CA VAL K 640 122.78 -141.52 7.70
CA VAL K 641 125.80 -143.65 7.00
CA HIS K 642 125.32 -143.04 3.30
CA THR K 643 124.83 -139.35 3.87
CA HIS K 644 128.12 -139.39 5.67
CA LEU K 645 130.04 -140.54 2.65
CA LEU K 646 128.34 -138.08 0.35
CA ASN K 647 126.83 -135.02 1.95
CA PRO K 648 123.22 -135.21 2.69
CA GLU K 649 120.76 -132.40 2.80
CA TRP K 650 120.85 -130.25 5.90
CA LEU K 651 117.22 -130.56 6.90
CA VAL K 652 117.08 -134.30 6.43
CA ASN K 653 120.13 -134.86 8.54
CA TYR K 654 118.45 -133.38 11.56
CA PHE K 655 115.32 -135.45 11.23
CA GLY K 656 116.88 -138.77 10.28
CA SER K 657 119.68 -138.80 12.80
CA LEU K 658 117.27 -138.84 15.69
CA SER K 659 115.34 -141.56 13.98
CA VAL K 660 118.47 -143.61 14.18
CA GLU K 661 117.41 -145.25 17.41
CA ASP K 662 119.56 -148.19 16.58
CA SER K 663 122.96 -146.67 16.76
CA LEU K 664 123.86 -144.11 19.39
CA GLU K 665 127.42 -144.18 18.10
CA CYS K 666 126.27 -142.68 14.87
CA LEU K 667 125.61 -139.54 16.80
CA ARG K 668 129.18 -139.32 17.96
CA ALA K 669 130.35 -140.21 14.50
CA MET K 670 128.16 -137.49 13.09
CA LEU K 671 129.48 -134.85 15.42
CA SER K 672 132.98 -135.55 14.28
CA ALA K 673 131.95 -135.26 10.67
CA ASN K 674 129.96 -132.15 11.41
CA ILE K 675 132.83 -130.53 13.16
CA ARG K 676 134.73 -130.60 9.94
CA GLN K 677 132.33 -129.83 7.16
CA ASN K 678 130.53 -127.10 9.02
CA LEU K 679 130.84 -125.50 12.44
CA GLN K 680 127.46 -123.91 12.25
CA ILE K 681 125.69 -127.12 11.46
CA CYS K 682 127.29 -128.78 14.44
CA VAL K 683 125.85 -126.41 16.97
CA GLN K 684 122.33 -126.87 15.68
CA VAL K 685 122.79 -130.58 15.24
CA ALA K 686 124.23 -130.88 18.71
CA SER K 687 120.99 -129.75 20.22
CA LYS K 688 118.89 -132.63 18.84
CA TYR K 689 120.59 -134.03 20.57
CA HIS K 690 122.91 -136.05 22.51
CA GLU K 691 122.46 -139.80 23.49
CA GLN K 692 125.59 -139.24 25.18
CA LEU K 693 128.68 -139.53 27.40
CA SER K 694 131.10 -139.70 24.59
CA THR K 695 132.02 -137.71 27.09
CA GLN K 696 135.77 -137.28 26.55
CA SER K 697 135.63 -138.54 23.01
CA LEU K 698 132.80 -136.18 22.34
CA ILE K 699 134.80 -133.20 23.50
CA GLU K 700 137.96 -134.38 21.83
CA LEU K 701 136.05 -134.43 18.59
CA PHE K 702 134.83 -130.90 19.15
CA GLU K 703 138.32 -129.62 19.69
CA SER K 704 139.78 -131.08 16.50
CA PHE K 705 136.97 -129.46 14.56
CA LYS K 706 138.09 -126.35 16.37
CA SER K 707 134.54 -125.74 17.35
CA PHE K 708 135.55 -124.60 20.80
CA GLU K 709 132.73 -122.11 20.86
CA GLY K 710 130.07 -124.64 19.99
CA LEU K 711 131.31 -127.26 22.40
CA PHE K 712 131.07 -124.73 25.17
CA TYR K 713 127.62 -123.68 24.07
CA PHE K 714 126.36 -127.27 23.94
CA LEU K 715 127.54 -128.06 27.42
CA GLY K 716 125.78 -124.92 28.50
CA SER K 717 122.47 -126.41 27.44
CA ILE K 718 123.14 -129.82 28.91
CA VAL K 719 123.86 -128.39 32.34
CA ASN K 720 120.31 -127.13 32.51
CA PHE K 721 119.07 -130.67 32.58
CA SER K 722 120.42 -133.21 34.99
CA GLN K 723 124.04 -133.90 34.23
CA ASP K 724 125.95 -133.37 35.26
CA PRO K 725 128.92 -131.56 36.58
CA ASP K 726 130.85 -132.61 33.53
CA VAL K 727 128.81 -130.25 31.45
CA HIS K 728 129.27 -127.24 33.72
CA PHE K 729 132.91 -128.15 33.88
CA LYS K 730 133.28 -128.21 30.12
CA TYR K 731 131.24 -125.05 29.61
CA ILE K 732 133.43 -122.93 31.81
CA GLN K 733 136.58 -124.27 30.23
CA ALA K 734 135.30 -123.47 26.77
CA ALA K 735 134.06 -120.13 27.94
CA CYS K 736 137.49 -119.18 29.12
CA LYS K 737 139.12 -119.53 25.74
CA THR K 738 135.95 -118.90 23.73
CA GLY K 739 134.36 -116.01 25.59
CA GLN K 740 135.99 -114.62 28.69
CA ILE K 741 133.13 -112.31 29.50
CA LYS K 742 130.80 -115.27 29.92
CA GLU K 743 133.33 -117.02 32.12
CA VAL K 744 132.56 -114.81 35.10
CA GLU K 745 128.80 -115.01 35.22
CA ARG K 746 128.89 -118.73 34.81
CA ILE K 747 131.22 -119.31 37.73
CA CYS K 748 129.06 -117.06 39.79
CA ARG K 749 126.09 -119.40 39.53
CA GLU K 750 127.82 -122.64 38.48
CA SER K 751 130.89 -122.69 40.71
CA ASN K 752 129.25 -125.23 42.99
CA CYS K 753 128.75 -127.90 40.37
CA TYR K 754 132.07 -127.85 38.58
CA ASP K 755 135.37 -129.62 39.27
CA PRO K 756 137.15 -126.54 40.56
CA GLU K 757 140.69 -127.72 40.10
CA ARG K 758 140.23 -128.03 36.41
CA VAL K 759 138.41 -124.72 36.16
CA LYS K 760 141.42 -123.12 37.73
CA ASN K 761 143.96 -124.62 35.40
CA PHE K 762 141.87 -123.28 32.57
CA LEU K 763 141.70 -119.84 34.15
CA LYS K 764 145.43 -119.80 34.73
CA GLU K 765 146.10 -120.31 31.07
CA ALA K 766 143.28 -117.88 30.44
CA LYS K 767 144.80 -115.03 32.42
CA LEU K 768 141.32 -114.85 33.90
CA THR K 769 142.85 -113.45 37.08
CA ASP K 770 139.78 -111.62 38.25
CA GLN K 771 137.85 -114.90 38.18
CA LEU K 772 140.69 -117.07 39.47
CA PRO K 773 140.64 -115.50 42.84
CA LEU K 774 136.92 -115.83 42.91
CA ILE K 775 137.29 -119.57 42.66
CA ILE K 776 140.39 -119.70 44.78
CA VAL K 777 138.68 -117.68 47.45
CA CYS K 778 135.43 -119.57 47.11
CA ASP K 779 135.35 -123.21 46.25
CA ARG K 780 139.07 -123.44 46.50
CA PHE K 781 138.39 -122.82 48.83
CA ASP K 782 141.99 -122.23 47.97
CA PHE K 783 142.27 -118.76 49.38
CA VAL K 784 146.02 -118.78 49.03
CA HIS K 785 145.67 -119.32 45.32
CA ASP K 786 143.15 -116.60 44.87
CA LEU K 787 145.35 -114.06 46.56
CA VAL K 788 148.37 -114.85 44.48
CA LEU K 789 146.14 -114.47 41.46
CA TYR K 790 144.82 -111.20 42.84
CA LEU K 791 148.36 -110.00 43.04
CA TYR K 792 148.41 -110.50 39.34
CA ARG K 793 145.25 -108.38 39.19
CA ASN K 794 141.98 -108.12 41.15
CA ASN K 795 139.78 -105.80 43.18
CA LEU K 796 140.68 -104.32 46.53
CA GLN K 797 137.52 -105.16 48.42
CA LYS K 798 137.55 -108.89 47.86
CA TYR K 799 141.25 -108.67 48.40
CA ILE K 800 140.83 -107.33 51.89
CA GLU K 801 138.52 -110.19 52.85
CA ILE K 802 140.34 -113.14 51.26
CA TYR K 803 143.75 -112.03 52.41
CA VAL K 804 142.87 -112.75 56.01
CA GLN K 805 141.57 -116.23 55.30
CA LYS K 806 144.80 -117.16 53.60
CA VAL K 807 151.29 -116.01 53.03
CA ASN K 808 156.02 -116.05 54.49
CA PRO K 809 154.35 -113.09 56.01
CA SER K 810 156.35 -110.83 53.75
CA ARG K 811 153.44 -111.38 51.42
CA LEU K 812 151.46 -109.27 53.79
CA PRO K 813 153.66 -106.31 53.05
CA VAL K 814 153.58 -107.03 49.37
CA VAL K 815 149.82 -107.17 49.59
CA ILE K 816 149.48 -103.95 51.50
CA GLY K 817 151.43 -102.19 48.84
CA GLY K 818 149.36 -103.85 46.18
CA LEU K 819 146.11 -102.70 47.64
CA LEU K 820 147.43 -99.22 48.19
CA ASP K 821 149.21 -98.91 44.87
CA VAL K 822 146.48 -100.49 42.88
CA ASP K 823 143.26 -98.64 43.02
CA CYS K 824 142.03 -100.84 45.79
CA SER K 825 139.73 -98.85 47.95
CA GLU K 826 141.25 -97.36 51.01
CA ASP K 827 138.39 -98.97 52.81
CA VAL K 828 139.34 -102.18 51.07
CA ILE K 829 142.88 -101.60 52.18
CA LYS K 830 141.69 -100.92 55.68
CA ASN K 831 139.52 -103.98 55.58
CA LEU K 832 142.49 -105.97 54.45
CA ILE K 833 144.82 -104.36 56.92
CA LEU K 834 147.30 -105.02 60.14
CA VAL K 835 148.36 -108.49 59.11
CA VAL K 836 150.34 -106.93 56.31
CA ARG K 837 152.15 -104.58 58.62
CA GLY K 838 153.05 -107.43 60.88
CA GLN K 839 159.75 -104.41 65.64
CA PHE K 840 161.39 -101.09 65.17
CA SER K 841 161.37 -98.59 62.39
CA THR K 842 159.30 -96.91 60.54
CA ASP K 843 158.72 -93.57 58.89
CA GLU K 844 158.71 -95.25 55.51
CA LEU K 845 155.95 -97.55 56.57
CA VAL K 846 153.95 -94.65 57.90
CA ALA K 847 154.51 -92.51 54.85
CA GLU K 848 153.32 -95.28 52.58
CA VAL K 849 150.27 -95.91 54.71
CA GLU K 850 149.32 -92.27 54.92
CA LYS K 851 149.20 -91.38 51.25
CA ARG K 852 147.38 -94.60 50.63
CA ASN K 853 144.76 -93.30 53.04
CA ARG K 854 145.69 -96.59 54.69
CA LEU K 855 143.49 -94.41 57.70
CA LYS K 856 141.18 -96.84 59.40
CA LEU K 857 143.96 -99.44 59.48
CA LEU K 858 146.77 -96.96 59.92
CA LEU K 859 145.46 -95.98 63.29
CA PRO K 860 145.70 -99.53 64.53
CA TRP K 861 149.23 -100.10 63.33
CA LEU K 862 150.41 -97.03 65.18
CA GLU K 863 148.67 -98.48 68.16
CA ALA K 864 151.17 -101.32 68.14
CA ARG K 865 154.18 -99.20 67.24
CA ILE K 866 153.88 -97.24 70.46
CA HIS K 867 155.01 -100.31 72.31
CA GLU K 868 158.25 -100.38 70.36
CA GLY K 869 161.19 -99.09 72.35
CA CYS K 870 162.26 -97.32 69.19
CA GLU K 871 159.01 -95.33 69.42
CA GLU K 872 158.65 -90.97 67.61
CA PRO K 873 156.29 -88.12 68.07
CA ALA K 874 155.84 -87.97 64.33
CA THR K 875 153.98 -91.23 64.54
CA HIS K 876 151.84 -90.22 67.46
CA ASN K 877 150.83 -86.99 65.85
CA ALA K 878 150.00 -88.76 62.62
CA LEU K 879 147.91 -91.39 64.32
CA ALA K 880 145.74 -89.00 66.20
CA LYS K 881 144.99 -86.92 63.17
CA ILE K 882 144.09 -89.97 61.16
CA TYR K 883 142.16 -91.12 64.18
CA ILE K 884 140.31 -87.84 64.06
CA ASP K 885 138.57 -89.47 61.14
CA SER K 886 137.56 -92.37 63.39
CA ASN K 887 136.51 -90.28 66.37
CA ASN K 888 136.11 -92.84 69.10
CA ASN K 889 139.78 -93.76 69.19
CA PRO K 890 141.17 -90.28 69.46
CA GLU K 891 140.05 -89.63 73.00
CA ARG K 892 141.97 -92.55 74.43
CA PHE K 893 144.86 -91.77 72.17
CA LEU K 894 145.44 -88.30 73.51
CA ARG K 895 145.07 -89.70 76.96
CA GLU K 896 147.62 -92.36 76.15
CA ASN K 897 150.43 -90.37 74.62
CA PRO K 898 151.58 -86.99 75.60
CA TYR K 899 154.20 -86.92 72.90
CA TYR K 900 152.30 -85.34 70.07
CA ASP K 901 152.78 -82.09 68.19
CA SER K 902 149.86 -81.85 70.27
CA ARG K 903 149.29 -79.07 67.80
CA VAL K 904 148.69 -81.48 64.99
CA VAL K 905 146.39 -83.69 66.99
CA GLY K 906 144.36 -80.74 68.11
CA LYS K 907 143.56 -79.57 64.62
CA TYR K 908 142.46 -83.08 63.84
CA CYS K 909 140.40 -83.19 67.01
CA GLU K 910 138.97 -79.82 66.09
CA LYS K 911 137.23 -81.44 63.20
CA ARG K 912 136.08 -84.06 65.65
CA ASP K 913 134.43 -83.68 69.03
CA PRO K 914 135.68 -81.21 71.52
CA HIS K 915 135.66 -83.50 74.54
CA LEU K 916 139.08 -84.83 73.72
CA ALA K 917 140.21 -81.37 72.77
CA CYS K 918 139.68 -80.15 76.28
CA VAL K 919 141.88 -82.93 77.55
CA ALA K 920 144.66 -82.06 75.16
CA TYR K 921 144.34 -78.36 75.72
CA GLU K 922 144.56 -79.14 79.38
CA ARG K 923 147.74 -81.18 79.05
CA GLY K 924 149.03 -78.77 76.43
CA GLN K 925 148.69 -76.30 79.21
CA CYS K 926 146.77 -74.15 76.82
CA ASP K 927 144.29 -73.38 79.55
CA LEU K 928 142.62 -70.50 77.79
CA GLU K 929 141.65 -72.84 75.00
CA LEU K 930 140.38 -75.43 77.42
CA ILE K 931 138.06 -72.94 79.05
CA ASN K 932 136.62 -71.39 75.96
CA VAL K 933 135.99 -74.78 74.44
CA CYS K 934 134.52 -75.89 77.74
CA ASN K 935 132.19 -72.94 77.57
CA GLU K 936 130.26 -74.77 74.94
CA ASN K 937 130.34 -77.88 77.09
CA SER K 938 132.42 -78.95 80.03
CA LEU K 939 132.57 -80.31 83.55
CA PHE K 940 132.20 -77.96 86.46
CA LYS K 941 134.96 -79.43 88.56
CA SER K 942 137.62 -79.18 85.92
CA LEU K 943 136.43 -75.69 85.16
CA SER K 944 137.15 -74.54 88.65
CA ARG K 945 140.73 -75.76 88.46
CA TYR K 946 141.61 -74.60 84.97
CA LEU K 947 139.94 -71.21 84.98
CA VAL K 948 142.49 -69.97 87.46
CA ARG K 949 145.36 -70.94 85.21
CA ARG K 950 143.89 -68.90 82.36
CA LYS K 951 146.14 -66.08 81.23
CA ASP K 952 143.44 -63.77 79.94
CA PRO K 953 141.62 -62.56 82.95
CA GLU K 954 138.84 -61.38 80.67
CA LEU K 955 137.68 -64.96 80.49
CA TRP K 956 136.75 -64.68 84.12
CA GLY K 957 134.22 -62.01 83.34
CA SER K 958 133.09 -64.14 80.47
CA VAL K 959 132.69 -67.18 82.67
CA LEU K 960 130.81 -65.34 85.36
CA LEU K 961 128.31 -64.31 82.76
CA GLU K 962 128.21 -67.84 81.53
CA SER K 963 127.41 -69.13 84.97
CA ASN K 964 124.75 -66.63 85.91
CA PRO K 965 122.47 -66.96 82.93
CA TYR K 966 122.93 -70.63 83.05
CA ARG K 967 120.17 -71.92 85.15
CA ARG K 968 122.26 -73.57 87.59
CA PRO K 969 122.49 -74.23 90.94
CA LEU K 970 124.52 -73.67 94.18
CA ILE K 971 125.52 -76.06 96.78
CA ASP K 972 128.86 -77.75 96.93
CA GLN K 973 131.82 -76.02 95.43
CA VAL K 974 130.26 -73.92 92.72
CA VAL K 975 129.59 -70.22 92.57
CA GLN K 976 130.83 -69.55 96.06
CA THR K 977 133.89 -71.70 95.77
CA ALA K 978 134.49 -70.50 92.26
CA LEU K 979 134.15 -66.90 93.26
CA SER K 980 136.86 -67.38 95.82
CA GLU K 981 139.33 -68.52 93.21
CA THR K 982 138.40 -65.84 90.75
CA GLN K 983 138.18 -63.47 93.34
CA ASP K 984 139.51 -60.93 90.76
CA PRO K 985 138.28 -60.09 89.00
CA GLU K 986 134.95 -58.55 87.11
CA GLU K 987 132.06 -58.42 84.78
CA VAL K 988 130.94 -58.52 88.25
CA SER K 989 127.47 -57.31 87.41
CA VAL K 990 126.95 -60.29 85.17
CA THR K 991 127.33 -62.67 88.04
CA VAL K 992 125.15 -60.46 90.21
CA LYS K 993 122.41 -60.16 87.64
CA ALA K 994 122.24 -63.90 87.40
CA PHE K 995 121.99 -64.27 91.15
CA MET K 996 119.24 -61.73 91.49
CA THR K 997 116.92 -63.23 88.90
CA ALA K 998 117.45 -66.56 90.57
CA ASP K 999 116.23 -64.84 93.72
CA LEU K 1000 119.52 -66.14 95.02
CA PRO K 1001 120.64 -62.92 96.80
CA ASN K 1002 119.53 -64.36 101.06
CA GLU K 1003 122.86 -65.22 99.48
CA LEU K 1004 123.27 -61.88 97.77
CA ILE K 1005 123.44 -60.17 101.10
CA GLU K 1006 125.87 -62.76 102.37
CA LEU K 1007 128.37 -62.21 99.59
CA LEU K 1008 128.20 -58.45 99.85
CA GLU K 1009 129.04 -58.60 103.51
CA LYS K 1010 132.25 -60.37 102.53
CA ILE K 1011 132.93 -57.94 99.71
CA VAL K 1012 133.31 -54.91 101.91
CA LEU K 1013 136.31 -56.30 103.72
CA ASP K 1014 137.71 -58.14 100.74
CA ASN K 1015 140.36 -56.10 99.02
CA SER K 1016 140.89 -59.20 96.92
CA VAL K 1017 137.34 -58.75 95.77
CA PHE K 1018 136.20 -55.30 94.64
CA SER K 1019 137.47 -52.80 97.15
CA GLU K 1020 134.93 -51.28 99.43
CA HIS K 1021 133.00 -48.62 97.65
CA ARG K 1022 129.99 -46.45 98.29
CA ASN K 1023 127.81 -48.43 95.99
CA LEU K 1024 128.20 -51.64 97.93
CA GLN K 1025 127.59 -50.03 101.26
CA ASN K 1026 124.60 -48.31 99.79
CA LEU K 1027 123.04 -51.50 98.53
CA LEU K 1028 123.76 -53.57 101.60
CA ILE K 1029 121.96 -51.28 103.95
CA LEU K 1030 118.97 -51.11 101.65
CA THR K 1031 118.76 -54.83 101.42
CA ALA K 1032 119.37 -55.06 105.11
CA ILE K 1033 116.36 -53.01 105.97
CA LYS K 1034 113.92 -55.22 104.13
CA ALA K 1035 115.97 -58.40 104.48
CA ASP K 1036 117.34 -58.17 108.00
CA ARG K 1037 116.29 -55.20 110.10
CA THR K 1038 118.45 -56.20 113.02
CA ARG K 1039 121.59 -55.85 110.95
CA VAL K 1040 120.46 -52.53 109.54
CA MET K 1041 121.35 -50.73 112.76
CA GLU K 1042 124.84 -52.13 113.19
CA TYR K 1043 125.64 -51.50 109.58
CA ILE K 1044 124.70 -47.84 109.69
CA ASN K 1045 127.11 -46.99 112.45
CA ARG K 1046 129.86 -48.74 110.51
CA LEU K 1047 128.36 -47.36 107.31
CA ASP K 1048 130.08 -43.99 107.16
CA ASN K 1049 130.27 -43.37 103.45
CA TYR K 1050 126.81 -44.16 102.26
CA ASP K 1051 124.42 -42.30 100.00
CA ALA K 1052 122.27 -41.28 102.93
CA PRO K 1053 119.21 -40.16 101.12
CA ASP K 1054 118.96 -43.66 99.74
CA ILE K 1055 119.04 -45.19 103.18
CA ALA K 1056 116.50 -42.84 104.57
CA ASN K 1057 113.75 -43.57 102.13
CA ILE K 1058 114.58 -47.20 102.70
CA ALA K 1059 114.25 -46.94 106.48
CA ILE K 1060 111.12 -44.88 106.19
CA SER K 1061 109.60 -47.64 104.18
CA ASN K 1062 110.46 -50.18 106.77
CA GLU K 1063 109.58 -48.39 110.00
CA LEU K 1064 113.21 -48.09 111.04
CA PHE K 1065 112.40 -45.15 113.36
CA GLU K 1066 115.30 -45.38 115.76
CA GLU K 1067 117.73 -45.88 112.91
CA ALA K 1068 116.08 -43.15 110.93
CA PHE K 1069 116.75 -40.73 113.73
CA ALA K 1070 120.38 -41.74 113.70
CA ILE K 1071 120.79 -41.02 110.01
CA PHE K 1072 118.78 -37.85 110.15
CA ARG K 1073 121.09 -36.87 112.94
CA LYS K 1074 124.25 -37.52 110.96
CA PHE K 1075 122.73 -36.17 107.78
CA ASP K 1076 122.27 -33.11 109.89
CA VAL K 1077 118.46 -32.89 109.16
CA ASN K 1078 116.88 -31.41 112.56
CA THR K 1079 113.41 -30.80 111.17
CA SER K 1080 113.27 -34.44 110.19
CA ALA K 1081 114.45 -35.58 113.58
CA VAL K 1082 111.66 -33.75 115.32
CA GLN K 1083 109.01 -34.80 112.87
CA VAL K 1084 110.01 -38.42 113.23
CA LEU K 1085 110.15 -37.88 116.96
CA ILE K 1086 106.58 -36.79 116.95
CA GLU K 1087 105.33 -40.04 115.50
CA HIS K 1088 107.39 -42.26 117.74
CA ILE K 1089 107.98 -40.83 121.13
CA GLY K 1090 111.70 -40.49 121.24
CA ASN K 1091 113.06 -38.84 124.36
CA LEU K 1092 112.03 -35.66 126.07
CA ASP K 1093 115.54 -34.41 126.69
CA ARG K 1094 116.71 -34.67 123.12
CA ALA K 1095 113.51 -33.07 122.00
CA TYR K 1096 114.33 -29.95 123.94
CA GLU K 1097 117.73 -29.64 122.32
CA PHE K 1098 116.81 -30.43 118.73
CA ALA K 1099 113.61 -28.44 118.51
CA GLU K 1100 115.48 -25.18 118.76
CA ARG K 1101 117.74 -26.12 115.86
CA CYS K 1102 114.67 -26.63 113.69
CA ASN K 1103 114.59 -24.22 110.80
CA GLU K 1104 110.83 -24.11 110.38
CA PRO K 1105 109.25 -22.25 113.21
CA ALA K 1106 105.97 -23.87 112.33
CA VAL K 1107 107.27 -26.98 113.98
CA TRP K 1108 107.08 -25.23 117.30
CA SER K 1109 103.36 -24.64 117.03
CA GLN K 1110 102.88 -28.17 115.79
CA LEU K 1111 105.15 -29.32 118.60
CA ALA K 1112 103.19 -27.43 121.19
CA LYS K 1113 100.06 -29.19 120.08
CA ALA K 1114 101.75 -32.55 120.25
CA GLN K 1115 102.85 -31.97 123.81
CA LEU K 1116 99.49 -30.52 124.54
CA GLN K 1117 97.75 -33.69 123.50
CA LYS K 1118 100.32 -36.10 124.88
CA GLY K 1119 100.89 -34.24 128.09
CA MET K 1120 100.32 -30.59 128.84
CA VAL K 1121 102.01 -30.75 132.18
CA LYS K 1122 105.54 -31.76 133.00
CA GLU K 1123 106.30 -31.58 129.32
CA ALA K 1124 104.69 -28.68 127.57
CA ILE K 1125 105.68 -26.30 130.31
CA ASP K 1126 109.33 -27.23 130.11
CA SER K 1127 109.12 -27.30 126.36
CA TYR K 1128 107.57 -23.87 126.21
CA ILE K 1129 110.47 -22.30 128.02
CA LYS K 1130 112.86 -23.54 125.39
CA ALA K 1131 110.47 -22.43 122.67
CA ASP K 1132 108.30 -21.06 121.10
CA ASP K 1133 107.06 -17.73 119.92
CA PRO K 1134 106.72 -17.25 118.75
CA SER K 1135 103.52 -15.41 120.04
CA SER K 1136 100.44 -17.59 119.86
CA TYR K 1137 94.89 -17.77 121.48
CA MET K 1138 91.61 -19.18 122.69
CA GLU K 1139 92.85 -22.73 122.92
CA VAL K 1140 96.12 -21.79 124.50
CA VAL K 1141 94.38 -19.98 127.29
CA GLN K 1142 91.81 -22.73 127.50
CA ALA K 1143 94.56 -25.25 128.03
CA ALA K 1144 96.16 -23.14 130.71
CA ASN K 1145 92.98 -22.80 132.69
CA THR K 1146 92.08 -26.47 132.59
CA SER K 1147 95.51 -27.33 133.87
CA GLY K 1148 94.53 -24.95 136.58
CA ASN K 1149 97.76 -23.09 136.23
CA TRP K 1150 96.26 -19.64 136.08
CA GLU K 1151 99.27 -18.25 137.82
CA GLU K 1152 101.53 -19.41 135.05
CA LEU K 1153 99.33 -18.23 132.25
CA VAL K 1154 99.01 -14.76 133.67
CA LYS K 1155 102.76 -14.75 134.10
CA TYR K 1156 103.50 -15.57 130.45
CA LEU K 1157 101.04 -13.07 129.12
CA GLN K 1158 102.88 -10.47 131.07
CA MET K 1159 106.01 -11.28 129.08
CA ALA K 1160 104.08 -11.77 125.85
CA ARG K 1161 102.79 -8.24 125.77
CA LYS K 1162 106.24 -6.91 125.21
CA LYS K 1163 107.15 -9.33 122.44
CA ALA K 1164 104.02 -8.91 120.40
CA ARG K 1165 101.10 -6.83 121.26
CA GLU K 1166 97.87 -7.58 119.82
CA SER K 1167 94.84 -8.44 120.89
CA TYR K 1168 94.27 -12.10 121.24
CA VAL K 1169 97.03 -12.45 123.78
CA GLU K 1170 96.14 -9.35 125.76
CA THR K 1171 92.49 -10.30 125.69
CA GLU K 1172 93.51 -13.67 127.06
CA LEU K 1173 95.58 -12.29 129.90
CA ILE K 1174 92.81 -10.10 131.12
CA PHE K 1175 90.33 -12.92 131.11
CA ALA K 1176 92.68 -15.10 133.04
CA LEU K 1177 93.42 -12.32 135.45
CA ALA K 1178 89.82 -11.92 136.35
CA LYS K 1179 89.11 -15.63 136.54
CA THR K 1180 92.18 -16.82 138.31
CA ASN K 1181 91.10 -14.73 141.22
CA ARG K 1182 93.85 -12.34 140.41
CA LEU K 1183 91.45 -9.49 139.97
CA ALA K 1184 93.93 -6.99 141.28
CA GLU K 1185 96.07 -7.59 138.24
CA LEU K 1186 93.04 -7.19 136.03
CA GLU K 1187 92.63 -3.51 136.83
CA GLU K 1188 96.09 -2.27 135.99
CA PHE K 1189 96.26 -4.39 132.91
CA ILE K 1190 93.09 -2.98 131.47
CA ASN K 1191 94.35 0.51 131.87
CA GLY K 1192 97.46 0.17 129.81
CA PRO K 1193 96.37 -2.06 127.03
CA ASN K 1194 93.74 -0.57 124.76
CA ASN K 1195 94.37 -3.40 122.36
CA ALA K 1196 91.99 -6.06 123.46
CA HIS K 1197 88.55 -7.17 122.52
CA ILE K 1198 86.41 -5.11 124.82
CA GLN K 1199 83.26 -7.13 124.49
CA GLN K 1200 84.91 -10.35 125.50
CA VAL K 1201 86.75 -8.66 128.32
CA GLY K 1202 83.52 -7.19 129.62
CA ASP K 1203 81.73 -10.50 129.60
CA ARG K 1204 84.65 -11.70 131.65
CA CYS K 1205 84.32 -8.92 134.25
CA TYR K 1206 80.57 -9.31 134.23
CA ASP K 1207 80.83 -12.80 135.62
CA GLU K 1208 83.73 -11.66 137.77
CA LYS K 1209 81.80 -8.88 139.48
CA MET K 1210 84.33 -6.25 138.50
CA TYR K 1211 81.79 -3.49 139.27
CA ASP K 1212 84.49 -0.97 140.20
CA ALA K 1213 86.68 -1.75 137.18
CA ALA K 1214 83.94 -1.75 134.51
CA LYS K 1215 82.73 1.49 136.10
CA LEU K 1216 85.86 3.07 134.63
CA LEU K 1217 85.85 0.98 131.45
CA TYR K 1218 82.25 1.86 130.57
CA ASN K 1219 83.17 5.42 131.57
CA ASN K 1220 85.85 6.08 128.91
CA VAL K 1221 84.07 4.15 126.12
CA SER K 1222 81.18 6.23 127.49
CA ASN K 1223 78.49 3.52 127.33
CA PHE K 1224 76.38 5.35 129.91
CA GLY K 1225 73.84 2.57 129.37
CA ARG K 1226 75.94 0.32 131.60
CA LEU K 1227 77.98 3.08 133.31
CA ALA K 1228 74.78 4.11 135.06
CA SER K 1229 73.67 0.51 135.44
CA THR K 1230 76.87 -0.50 137.29
CA LEU K 1231 77.00 2.74 139.32
CA VAL K 1232 73.65 1.69 140.82
CA HIS K 1233 74.81 -1.91 141.24
CA LEU K 1234 77.57 -0.12 143.22
CA GLY K 1235 75.29 1.92 145.48
CA GLU K 1236 76.62 5.16 143.95
CA TYR K 1237 73.05 6.32 143.27
CA GLN K 1238 73.28 10.08 142.81
CA ALA K 1239 75.96 9.59 140.13
CA ALA K 1240 74.05 6.72 138.50
CA VAL K 1241 71.28 9.24 137.86
CA ASP K 1242 73.86 11.28 135.97
CA GLY K 1243 74.80 8.35 133.77
CA ALA K 1244 71.14 7.75 133.06
CA ARG K 1245 70.86 11.40 132.03
CA LYS K 1246 73.77 11.18 129.59
CA ALA K 1247 72.49 7.76 128.50
CA ASN K 1248 69.16 9.48 127.70
CA SER K 1249 67.26 6.19 127.50
CA THR K 1250 63.85 5.24 128.86
CA ARG K 1251 64.41 1.55 129.61
CA THR K 1252 67.50 2.92 131.33
CA TRP K 1253 65.79 5.43 133.65
CA LYS K 1254 63.54 2.53 134.65
CA GLU K 1255 66.51 0.46 135.87
CA VAL K 1256 67.93 3.43 137.79
CA CYS K 1257 64.63 4.78 139.10
CA PHE K 1258 63.42 1.38 140.28
CA ALA K 1259 66.72 0.54 141.98
CA CYS K 1260 66.97 4.10 143.33
CA VAL K 1261 63.62 3.22 144.95
CA ASP K 1262 64.75 -0.13 146.31
CA GLY K 1263 67.57 1.80 147.97
CA LYS K 1264 64.90 4.12 149.35
CA GLU K 1265 66.53 7.15 147.70
CA PHE K 1266 63.51 9.25 146.89
CA ARG K 1267 64.35 12.85 146.01
CA LEU K 1268 66.54 11.09 143.45
CA ALA K 1269 64.07 8.38 142.40
CA GLN K 1270 61.69 11.30 141.85
CA MET K 1271 63.65 13.55 139.47
CA CYS K 1272 64.77 10.19 138.06
CA GLY K 1273 61.10 9.26 137.71
CA LEU K 1274 59.84 12.42 136.01
CA HIS K 1275 61.57 11.20 132.88
CA ILE K 1276 59.27 8.17 132.81
CA VAL K 1277 55.73 9.35 133.72
CA VAL K 1278 55.57 11.43 130.54
CA HIS K 1279 55.71 8.14 128.64
CA ALA K 1280 55.14 5.39 130.89
CA ASP K 1281 57.09 2.28 129.89
CA GLU K 1282 59.14 2.90 133.03
CA LEU K 1283 56.64 4.24 135.62
CA GLU K 1284 55.71 0.76 136.88
CA GLU K 1285 59.16 -0.69 137.68
CA LEU K 1286 59.98 2.60 139.44
CA ILE K 1287 56.90 2.20 141.64
CA ASN K 1288 57.16 -1.57 142.17
CA TYR K 1289 60.71 -0.89 143.36
CA TYR K 1290 59.84 1.88 145.88
CA GLN K 1291 57.05 -0.48 147.04
CA ASP K 1292 58.94 -3.63 148.05
CA ARG K 1293 61.59 -1.48 149.73
CA GLY K 1294 58.53 -0.36 151.66
CA TYR K 1295 59.18 3.32 150.97
CA PHE K 1296 55.57 4.10 150.17
CA GLU K 1297 55.80 7.41 152.03
CA GLU K 1298 58.49 8.87 149.77
CA LEU K 1299 57.13 7.31 146.57
CA ILE K 1300 53.95 9.34 147.05
CA THR K 1301 55.98 12.44 147.98
CA MET K 1302 57.73 12.34 144.62
CA LEU K 1303 54.61 11.81 142.56
CA GLU K 1304 53.31 14.82 144.54
CA ALA K 1305 55.85 16.92 142.57
CA ALA K 1306 55.80 14.99 139.28
CA LEU K 1307 52.22 16.14 138.76
CA GLY K 1308 53.72 19.55 138.05
CA LEU K 1309 56.05 18.24 135.34
CA GLU K 1310 55.23 19.37 131.80
CA ARG K 1311 55.47 15.72 130.68
CA ALA K 1312 53.09 14.45 133.42
CA HIS K 1313 50.87 11.62 132.16
CA MET K 1314 47.78 9.53 132.87
CA GLY K 1315 49.74 6.65 134.40
CA MET K 1316 51.01 9.05 137.06
CA PHE K 1317 47.68 10.50 138.18
CA THR K 1318 46.13 7.01 138.09
CA GLU K 1319 48.89 5.66 140.34
CA LEU K 1320 48.87 8.50 142.81
CA ALA K 1321 45.14 8.09 143.37
CA ILE K 1322 45.54 4.34 143.94
CA LEU K 1323 48.39 4.90 146.43
CA TYR K 1324 46.46 7.69 148.13
CA SER K 1325 43.53 5.34 148.66
CA LYS K 1326 45.49 2.74 150.60
CA PHE K 1327 47.94 5.19 152.26
CA LYS K 1328 46.33 8.65 152.51
CA PRO K 1329 42.55 8.38 152.03
CA GLN K 1330 41.95 11.95 153.14
CA LYS K 1331 43.88 13.16 150.06
CA MET K 1332 42.20 10.62 147.73
CA ARG K 1333 39.25 13.01 147.41
CA GLU K 1334 40.69 16.45 146.57
CA HIS K 1335 42.86 14.52 144.09
CA LEU K 1336 39.95 13.11 142.07
CA GLU K 1337 38.38 16.52 142.59
CA LEU K 1338 41.08 17.98 140.29
CA PHE K 1339 42.47 15.14 138.18
CA TRP K 1340 39.54 12.76 137.66
CA SER K 1341 39.73 13.50 133.94
CA ARG K 1342 43.43 12.66 133.64
CA VAL K 1343 43.15 9.14 135.11
CA ASN K 1344 42.10 5.58 134.18
CA ILE K 1345 38.75 5.57 135.98
CA PRO K 1346 37.98 1.85 136.04
CA LYS K 1347 41.25 1.14 137.82
CA VAL K 1348 40.79 3.97 140.35
CA LEU K 1349 37.30 2.68 141.11
CA ARG K 1350 38.34 -0.93 141.81
CA ALA K 1351 40.82 0.87 144.12
CA ALA K 1352 38.25 2.78 146.22
CA GLU K 1353 35.94 -0.22 146.12
CA GLN K 1354 38.74 -2.15 147.78
CA ALA K 1355 39.39 0.84 150.10
CA HIS K 1356 35.74 1.46 151.10
CA LEU K 1357 35.93 5.18 150.18
CA TRP K 1358 32.22 5.30 149.37
CA ALA K 1359 31.99 9.11 149.22
CA GLU K 1360 34.60 9.19 146.43
CA LEU K 1361 33.30 6.05 144.73
CA VAL K 1362 30.03 7.92 144.12
CA PHE K 1363 31.96 10.87 142.75
CA LEU K 1364 33.65 8.78 140.07
CA TYR K 1365 30.68 6.46 139.41
CA ASP K 1366 29.00 9.79 138.78
CA LYS K 1367 31.62 11.16 136.37
CA TYR K 1368 32.12 7.79 134.65
CA GLU K 1369 28.38 8.10 134.07
CA GLU K 1370 27.74 4.80 135.83
CA TYR K 1371 24.69 6.30 137.59
CA ASP K 1372 23.00 3.03 138.61
CA ASN K 1373 26.14 2.35 140.65
CA ALA K 1374 26.36 5.80 142.21
CA ILE K 1375 22.81 5.33 143.49
CA ILE K 1376 23.21 1.74 144.66
CA THR K 1377 26.29 2.98 146.54
CA MET K 1378 24.70 6.05 148.14
CA MET K 1379 22.00 3.63 149.28
CA ASN K 1380 24.15 1.03 151.05
CA HIS K 1381 26.58 3.54 152.58
CA PRO K 1382 24.35 6.55 153.29
CA THR K 1383 26.31 8.07 156.15
CA ASP K 1384 29.38 8.47 153.85
CA ALA K 1385 28.09 8.75 150.27
CA TRP K 1386 24.43 9.82 150.42
CA LYS K 1387 23.67 13.50 149.84
CA GLU K 1388 20.05 14.70 149.48
CA GLY K 1389 20.66 17.00 146.53
CA GLN K 1390 22.77 14.84 144.29
CA PHE K 1391 20.57 11.82 144.93
CA LYS K 1392 17.72 13.79 143.32
CA ASP K 1393 19.96 14.50 140.32
CA ILE K 1394 21.52 11.09 139.69
CA ILE K 1395 18.43 8.95 140.40
CA THR K 1396 16.97 10.37 137.19
CA LYS K 1397 19.86 9.28 134.95
CA VAL K 1398 19.44 5.75 136.35
CA ALA K 1399 18.84 3.12 133.66
CA ASN K 1400 17.27 0.28 135.60
CA VAL K 1401 13.98 1.95 136.65
CA GLU K 1402 13.47 -0.65 139.36
CA LEU K 1403 15.91 1.39 141.41
CA TYR K 1404 13.13 3.97 141.77
CA TYR K 1405 10.92 1.56 143.71
CA ARG K 1406 14.01 0.45 145.59
CA ALA K 1407 14.81 4.08 146.40
CA ILE K 1408 11.21 4.94 147.34
CA GLN K 1409 11.46 2.17 149.91
CA PHE K 1410 14.82 3.40 151.21
CA TYR K 1411 13.73 7.02 151.63
CA LEU K 1412 10.42 5.89 153.10
CA GLU K 1413 12.00 3.76 155.82
CA PHE K 1414 14.90 6.07 156.81
CA LYS K 1415 14.07 9.53 155.33
CA PRO K 1416 10.30 10.29 155.44
CA LEU K 1417 10.36 14.06 154.96
CA LEU K 1418 12.39 13.76 151.78
CA LEU K 1419 10.16 11.07 150.26
CA ASN K 1420 7.75 13.51 148.66
CA ASP K 1421 10.29 15.79 147.00
CA LEU K 1422 11.98 12.59 145.78
CA LEU K 1423 8.73 11.25 144.47
CA MET K 1424 8.23 14.45 142.50
CA VAL K 1425 11.42 13.78 140.51
CA LEU K 1426 10.58 10.11 139.99
CA SER K 1427 7.09 10.93 138.62
CA PRO K 1428 7.80 10.85 134.84
CA ARG K 1429 8.96 7.21 134.88
CA LEU K 1430 7.15 6.03 137.99
CA ASP K 1431 4.33 3.45 137.69
CA HIS K 1432 1.92 5.39 139.97
CA THR K 1433 -0.49 2.50 140.35
CA ARG K 1434 2.42 0.38 141.48
CA ALA K 1435 3.60 3.23 143.70
CA VAL K 1436 0.27 3.90 145.34
CA ASN K 1437 -0.33 0.21 145.94
CA TYR K 1438 2.94 -0.07 147.88
CA PHE K 1439 2.30 3.01 150.04
CA SER K 1440 -1.18 1.64 150.72
CA LYS K 1441 -0.09 -1.87 151.74
CA VAL K 1442 2.55 -0.08 153.81
CA LYS K 1443 -0.26 2.15 155.19
CA GLN K 1444 1.66 5.33 154.49
CA LEU K 1445 -0.71 7.15 152.11
CA PRO K 1446 -1.18 10.17 154.39
CA LEU K 1447 2.54 10.96 153.99
CA VAL K 1448 2.61 10.90 150.22
CA LYS K 1449 -0.43 13.11 149.94
CA PRO K 1450 1.49 16.00 148.22
CA TYR K 1451 2.60 13.53 145.58
CA LEU K 1452 -0.85 12.07 145.16
CA ARG K 1453 -2.36 15.45 144.37
CA SER K 1454 0.60 16.11 142.02
CA VAL K 1455 -0.37 12.97 140.09
CA GLN K 1456 -4.14 12.63 140.49
CA ASN K 1457 -4.53 14.58 137.25
CA HIS K 1458 -3.79 11.26 135.49
CA ASN K 1459 -7.30 10.15 136.53
CA ASN K 1460 -5.59 7.07 137.87
CA LYS K 1461 -7.91 4.78 139.87
CA SER K 1462 -5.80 3.63 142.80
CA VAL K 1463 -4.82 7.30 143.02
CA ASN K 1464 -8.32 8.76 143.29
CA GLU K 1465 -9.58 5.99 145.56
CA SER K 1466 -6.47 6.40 147.66
CA LEU K 1467 -6.63 10.17 147.57
CA ASN K 1468 -10.35 10.27 148.40
CA ASN K 1469 -9.95 8.09 151.49
CA LEU K 1470 -7.69 10.85 152.76
CA PHE K 1471 -10.12 13.70 152.18
CA ILE K 1472 -12.59 11.53 154.02
CA THR K 1473 -10.54 10.64 157.11
CA GLU K 1474 -9.60 14.28 157.31
CA GLU K 1475 -13.22 15.34 156.94
CA ASP K 1476 -12.29 17.47 153.91
CA TYR K 1477 -15.57 17.30 151.95
CA GLN K 1478 -14.97 20.28 149.67
CA ALA K 1479 -11.81 18.57 148.47
CA LEU K 1480 -13.69 15.29 148.04
CA ARG K 1481 -16.39 16.97 146.02
CA THR K 1482 -13.91 18.43 143.54
CA SER K 1483 -12.02 15.14 143.30
CA ILE K 1484 -15.10 13.14 142.38
CA ASP K 1485 -15.96 15.99 140.03
CA ALA K 1486 -12.68 16.49 138.17
CA TYR K 1487 -11.56 12.82 138.14
CA ASP K 1488 -14.06 10.00 137.57
CA ASN K 1489 -12.05 6.78 137.77
CA PHE K 1490 -13.40 5.29 141.02
CA ASP K 1491 -16.19 3.13 142.44
CA ASN K 1492 -18.95 5.65 143.21
CA ILE K 1493 -21.36 3.08 144.61
CA SER K 1494 -18.75 1.81 147.05
CA LEU K 1495 -18.03 5.41 148.04
CA ALA K 1496 -21.73 6.20 147.98
CA GLN K 1497 -22.44 3.30 150.30
CA ARG K 1498 -19.50 4.10 152.54
CA LEU K 1499 -20.61 7.75 152.80
CA GLU K 1500 -24.54 7.65 153.01
CA LYS K 1501 -24.85 6.74 156.61
CA HIS K 1502 -22.48 9.59 157.55
CA GLU K 1503 -23.47 11.75 160.49
CA LEU K 1504 -22.35 15.01 158.84
CA ILE K 1505 -24.98 16.77 156.73
CA GLU K 1506 -22.49 17.90 154.14
CA PHE K 1507 -21.75 14.26 153.42
CA ARG K 1508 -25.27 12.90 153.57
CA ARG K 1509 -26.06 15.57 150.99
CA ILE K 1510 -23.23 14.27 148.82
CA ALA K 1511 -24.53 10.73 149.05
CA ALA K 1512 -27.85 11.96 147.73
CA TYR K 1513 -26.02 13.76 144.95
CA LEU K 1514 -24.10 10.53 144.10
CA PHE K 1515 -27.27 8.40 143.92
CA LYS K 1516 -28.54 11.17 141.47
CA GLY K 1517 -25.43 13.09 139.95
CA ASN K 1518 -24.61 9.65 138.90
CA ASN K 1519 -28.14 9.98 137.64
CA ARG K 1520 -29.50 7.67 140.29
CA TRP K 1521 -32.50 9.94 140.74
CA LYS K 1522 -34.59 7.28 142.45
CA GLN K 1523 -32.05 7.08 145.24
CA SER K 1524 -31.60 10.79 145.48
CA VAL K 1525 -35.34 11.18 146.00
CA GLU K 1526 -35.56 8.41 148.56
CA LEU K 1527 -32.57 9.92 150.35
CA CYS K 1528 -34.21 13.32 150.17
CA LYS K 1529 -37.30 11.78 151.74
CA LYS K 1530 -35.35 11.53 155.06
CA ASP K 1531 -34.18 14.87 154.49
CA SER K 1532 -36.07 15.08 151.39
CA LEU K 1533 -36.29 18.88 151.56
CA TYR K 1534 -38.50 21.37 149.84
CA LYS K 1535 -35.61 22.94 147.99
CA ASP K 1536 -33.59 20.84 145.48
CA ALA K 1537 -36.51 18.49 145.35
CA MET K 1538 -38.24 21.04 143.21
CA GLN K 1539 -35.14 21.51 141.12
CA TYR K 1540 -34.20 17.96 140.35
CA ALA K 1541 -37.68 16.48 140.18
CA SER K 1542 -37.96 18.21 136.84
CA GLU K 1543 -34.81 16.46 135.69
CA SER K 1544 -36.39 13.22 136.93
CA LYS K 1545 -36.20 11.40 134.06
CA ASP K 1546 -39.29 9.61 135.38
CA THR K 1547 -42.18 11.97 135.19
CA GLU K 1548 -44.49 9.56 136.91
CA LEU K 1549 -42.57 10.08 139.66
CA ALA K 1550 -44.40 13.37 139.24
CA GLU K 1551 -47.72 11.74 140.01
CA GLU K 1552 -46.14 9.75 142.77
CA LEU K 1553 -44.55 12.85 144.22
CA LEU K 1554 -47.69 14.90 144.00
CA GLN K 1555 -49.56 12.35 146.03
CA TRP K 1556 -46.70 11.99 148.44
CA PHE K 1557 -46.36 15.70 149.15
CA LEU K 1558 -50.05 16.14 149.60
CA GLN K 1559 -50.39 13.10 151.82
CA GLU K 1560 -47.17 13.48 153.74
CA GLU K 1561 -48.13 16.93 154.98
CA LYS K 1562 -47.30 19.05 151.87
CA ARG K 1563 -47.65 21.51 152.47
CA GLU K 1564 -49.50 21.36 149.35
CA CYS K 1565 -51.68 24.41 148.91
CA PHE K 1566 -48.77 26.81 148.88
CA GLY K 1567 -46.49 24.50 146.93
CA ALA K 1568 -49.33 23.95 144.48
CA CYS K 1569 -49.44 27.64 143.74
CA LEU K 1570 -45.75 27.74 143.10
CA PHE K 1571 -45.96 24.41 141.33
CA THR K 1572 -48.55 25.79 138.95
CA CYS K 1573 -46.12 28.52 138.12
CA TYR K 1574 -43.37 26.08 137.22
CA ASP K 1575 -45.66 24.15 135.11
CA LEU K 1576 -43.83 23.88 132.18
CA LEU K 1577 -45.77 19.67 131.74
CA ARG K 1578 -49.04 17.29 131.93
CA PRO K 1579 -52.12 17.12 133.65
CA ASP K 1580 -54.97 18.23 134.39
CA VAL K 1581 -55.84 15.03 135.76
CA VAL K 1582 -54.24 16.26 138.94
CA LEU K 1583 -56.51 19.25 138.97
CA GLU K 1584 -59.55 17.10 138.42
CA THR K 1585 -58.38 14.45 140.83
CA ALA K 1586 -57.59 17.06 143.45
CA TRP K 1587 -61.25 17.98 143.48
CA ARG K 1588 -61.97 14.48 144.66
CA HIS K 1589 -59.99 15.43 147.71
CA ASN K 1590 -60.67 18.70 149.40
CA ILE K 1591 -59.98 21.43 146.84
CA MET K 1592 -59.34 23.90 149.56
CA ASP K 1593 -55.87 22.64 148.89
CA PHE K 1594 -56.44 23.00 145.23
CA ALA K 1595 -56.18 26.55 145.22
CA MET K 1596 -53.37 27.84 144.35
CA PRO K 1597 -54.17 29.82 141.54
CA TYR K 1598 -52.62 32.69 141.35
CA PHE K 1599 -49.88 31.45 139.30
CA ILE K 1600 -51.87 28.89 137.64
CA GLN K 1601 -53.04 32.37 136.48
CA VAL K 1602 -49.67 32.95 134.85
CA MET K 1603 -50.03 29.76 132.85
CA LYS K 1604 -53.49 30.74 131.81
CA GLU K 1605 -52.11 34.15 130.62
CA TYR K 1606 -49.71 32.09 128.56
CA LEU K 1607 -52.47 30.10 126.81
CA THR K 1608 -54.42 33.19 126.02
CA LYS K 1609 -51.41 34.87 124.53
CA VAL K 1610 -50.93 31.82 122.28
CA ASP K 1611 -54.54 32.00 121.04
CA LYS K 1612 -54.53 35.71 120.57
CA LEU K 1613 -51.34 35.12 118.65
CA ASP K 1614 -52.50 32.29 116.40
CA ALA K 1615 -55.57 34.37 115.73
CA SER K 1616 -53.56 37.27 114.35
CA GLU K 1617 -51.66 34.69 112.31
CA SER K 1618 -54.74 33.10 110.68
CA LEU K 1619 -56.20 36.54 110.06
CA ARG K 1620 -52.94 37.63 108.40
CA LYS K 1621 -53.38 34.56 106.11
CA GLU K 1622 -57.04 35.12 105.34
CA GLU K 1623 -56.09 38.63 104.38
CA GLU K 1624 -53.56 37.05 101.97
CA GLN K 1625 -55.67 34.43 100.22
CA ALA K 1626 -58.36 37.07 100.07
CA THR K 1627 -56.19 39.62 98.33
CA GLU K 1628 -54.85 37.07 95.87
CA THR K 1629 -58.25 35.69 94.78
CA GLN K 1630 -59.20 39.21 94.13
CA VAL L 1 63.35 -8.94 157.94
CA ASP L 2 62.02 -6.67 155.21
CA ARG L 3 59.41 -9.23 154.21
CA LEU L 4 58.23 -9.57 157.80
CA GLN L 5 57.85 -5.82 158.14
CA SER L 6 55.79 -5.63 154.98
CA GLU L 7 53.47 -8.36 156.19
CA PRO L 8 52.94 -6.57 159.49
CA GLU L 9 52.26 -3.13 157.93
CA SER L 10 49.67 -4.60 155.60
CA ILE L 11 47.93 -6.36 158.48
CA ARG L 12 47.78 -3.14 160.48
CA LYS L 13 46.23 -1.28 157.57
CA TRP L 14 43.57 -3.93 157.15
CA ARG L 15 42.67 -3.77 160.81
CA GLU L 16 42.30 0.00 160.66
CA GLU L 17 40.00 -0.25 157.66
CA GLN L 18 37.79 -2.77 159.42
CA THR L 19 37.49 -0.54 162.46
CA GLU L 20 36.48 2.41 160.33
CA ARG L 21 33.78 0.37 158.61
CA LEU L 22 32.36 -0.75 161.93
CA GLU L 23 32.18 2.82 163.19
CA ALA L 24 30.34 3.93 160.07
CA LEU L 25 27.79 1.16 160.46
CA ASP L 26 27.16 2.11 164.07
CA ALA L 27 26.59 5.74 163.12
CA ASN L 28 24.09 4.75 160.45
CA SER L 29 22.15 2.61 162.90
CA ARG L 30 21.95 5.46 165.38
CA LYS L 31 20.64 7.83 162.74
CA GLN L 32 17.93 5.37 161.75
CA GLU L 33 16.82 4.97 165.34
CA ALA L 34 16.55 8.72 165.78
CA GLU L 35 14.43 9.05 162.66
CA TRP L 36 12.07 6.35 163.86
CA LYS L 37 11.50 7.17 168.17
CA GLU L 38 10.97 10.29 166.09
CA LYS L 39 8.87 8.39 163.58
CA ALA L 40 6.67 6.97 166.32
CA ILE L 41 6.08 10.42 167.78
CA LYS L 42 5.05 11.78 164.40
CA GLU L 43 2.58 8.96 163.90
CA LEU L 44 1.01 9.60 167.28
CA ASP L 45 0.60 13.29 166.52
CA GLU L 46 -1.11 12.53 163.23
CA TRP L 47 -3.54 10.17 164.92
CA TYR L 48 -4.45 12.78 167.50
CA ALA L 49 -5.13 15.35 164.81
CA ARG L 50 -7.40 12.97 162.95
CA GLN L 51 -9.38 12.25 166.10
CA ASP L 52 -9.86 15.95 166.76
CA GLU L 53 -11.13 16.54 163.25
CA GLN L 54 -13.65 13.72 163.58
CA LEU L 55 -14.96 15.15 166.83
CA GLN L 56 -15.42 18.56 165.27
CA LYS L 57 -17.37 17.10 162.38
CA THR L 58 -19.67 15.24 164.73
CA LYS L 59 -20.37 18.39 166.70
CA ALA L 60 -21.25 20.29 163.54
CA ASN L 61 -23.66 17.59 162.46
CA ASN L 62 -25.41 17.65 165.81
CA ARG L 63 -25.82 21.41 165.65
CA VAL L 64 -27.35 21.20 162.19
CA ALA L 65 -29.83 18.59 163.33
CA ASP L 66 -30.91 20.74 166.26
CA GLU L 67 -31.47 23.72 164.00
CA ALA L 68 -33.62 21.67 161.65
CA PHE L 69 -35.76 20.44 164.53
CA TYR L 70 -36.32 23.97 165.77
CA MET M 1 -102.96 -130.80 -71.84
CA ALA M 2 -99.37 -130.64 -70.48
CA GLN M 3 -98.80 -133.67 -68.33
CA ILE M 4 -95.71 -133.42 -66.17
CA LEU M 5 -94.62 -130.35 -64.31
CA PRO M 6 -91.24 -129.27 -65.83
CA ILE M 7 -90.47 -126.53 -63.26
CA ARG M 8 -90.78 -126.02 -59.48
CA PHE M 9 -92.50 -122.88 -58.26
CA GLN M 10 -91.45 -122.25 -54.62
CA GLU M 11 -92.25 -119.47 -52.14
CA HIS M 12 -89.22 -119.00 -49.90
CA LEU M 13 -90.69 -116.50 -47.51
CA GLN M 14 -93.61 -114.12 -47.18
CA LEU M 15 -92.35 -110.70 -46.20
CA GLN M 16 -95.35 -109.43 -44.34
CA ASN M 17 -94.89 -112.42 -42.00
CA LEU M 18 -91.76 -110.55 -40.98
CA GLY M 19 -94.08 -107.71 -40.30
CA ILE M 20 -92.78 -105.54 -43.13
CA ASN M 21 -94.92 -102.60 -44.18
CA PRO M 22 -96.19 -103.53 -47.67
CA ALA M 23 -95.81 -99.90 -48.60
CA ASN M 24 -92.11 -100.66 -48.51
CA ILE M 25 -92.10 -103.69 -50.79
CA GLY M 26 -91.24 -101.88 -53.97
CA PHE M 27 -88.55 -101.01 -56.51
CA SER M 28 -87.33 -98.05 -54.57
CA THR M 29 -87.46 -99.42 -51.10
CA LEU M 30 -86.67 -103.07 -51.68
CA THR M 31 -83.55 -104.42 -53.31
CA MET M 32 -82.32 -107.90 -54.14
CA GLU M 33 -78.70 -107.86 -55.54
CA SER M 34 -78.31 -111.59 -55.09
CA ASP M 35 -80.27 -114.48 -53.58
CA LYS M 36 -78.28 -113.91 -50.38
CA PHE M 37 -80.00 -110.87 -48.84
CA ILE M 38 -83.05 -108.72 -49.27
CA CYS M 39 -82.83 -105.19 -48.02
CA ILE M 40 -85.80 -102.95 -47.20
CA ARG M 41 -85.67 -99.28 -46.20
CA GLU M 42 -88.54 -98.56 -43.69
CA LYS M 43 -89.55 -95.48 -41.67
CA VAL M 44 -90.65 -97.09 -38.45
CA GLY M 45 -92.64 -94.37 -36.82
CA GLU M 46 -90.79 -91.18 -37.56
CA GLN M 47 -87.52 -93.14 -37.71
CA ALA M 48 -85.75 -94.51 -40.75
CA GLN M 49 -84.13 -97.90 -40.79
CA VAL M 50 -82.84 -100.67 -43.00
CA VAL M 51 -84.05 -104.18 -42.62
CA ILE M 52 -81.62 -106.76 -43.95
CA ILE M 53 -82.97 -110.20 -44.56
CA ASP M 54 -80.32 -112.86 -44.90
CA MET M 55 -81.89 -115.54 -46.96
CA ASN M 56 -80.01 -118.07 -44.96
CA ASP M 57 -82.16 -117.55 -41.86
CA PRO M 58 -84.85 -115.26 -43.15
CA SER M 59 -86.75 -115.74 -39.95
CA ASN M 60 -84.48 -113.21 -38.39
CA PRO M 61 -83.99 -109.83 -40.12
CA ILE M 62 -81.22 -107.34 -39.06
CA ARG M 63 -82.56 -103.82 -38.51
CA ARG M 64 -80.49 -100.61 -38.28
CA PRO M 65 -81.52 -96.96 -38.16
CA ILE M 66 -80.03 -95.66 -41.28
CA SER M 67 -81.26 -92.74 -43.27
CA ALA M 68 -80.29 -93.38 -46.87
CA ASP M 69 -81.76 -92.45 -50.22
CA SER M 70 -80.85 -96.02 -51.06
CA ALA M 71 -79.18 -99.17 -49.80
CA ILE M 72 -77.94 -102.23 -51.63
CA MET M 73 -76.16 -105.18 -50.03
CA ASN M 74 -73.11 -107.00 -51.28
CA PRO M 75 -73.91 -110.01 -53.39
CA ALA M 76 -72.10 -112.10 -50.87
CA SER M 77 -70.80 -110.42 -47.81
CA LYS M 78 -72.32 -108.41 -45.00
CA VAL M 79 -71.16 -105.18 -46.65
CA ILE M 80 -73.79 -102.58 -47.57
CA ALA M 81 -73.62 -99.58 -49.85
CA LEU M 82 -75.64 -96.62 -48.59
CA LYS M 83 -76.28 -93.53 -50.59
CA ALA M 84 -77.09 -90.20 -48.98
CA GLY M 85 -77.99 -88.02 -51.91
CA LYS M 86 -74.52 -87.72 -53.40
CA THR M 87 -72.40 -89.18 -50.69
CA LEU M 88 -71.90 -92.86 -51.33
CA GLN M 89 -70.76 -94.98 -48.40
CA ILE M 90 -69.75 -98.69 -48.23
CA PHE M 91 -70.20 -99.90 -44.65
CA ASN M 92 -69.46 -103.25 -43.05
CA ILE M 93 -72.77 -104.32 -41.43
CA GLU M 94 -70.92 -107.34 -40.00
CA MET M 95 -68.50 -105.40 -37.82
CA LYS M 96 -70.18 -102.02 -38.02
CA SER M 97 -67.06 -100.38 -39.48
CA LYS M 98 -67.16 -97.83 -42.30
CA MET M 99 -65.27 -99.24 -45.24
CA LYS M 100 -65.20 -96.36 -47.69
CA ALA M 101 -67.13 -93.36 -49.02
CA HIS M 102 -67.21 -90.83 -51.84
CA THR M 103 -69.24 -87.79 -52.69
CA MET M 104 -70.13 -88.04 -56.30
CA THR M 105 -70.13 -84.81 -58.34
CA ASP M 106 -73.50 -85.56 -59.81
CA ASP M 107 -76.22 -87.72 -58.24
CA VAL M 108 -76.09 -91.44 -58.75
CA THR M 109 -79.28 -92.16 -60.54
CA PHE M 110 -79.24 -95.96 -60.25
CA TRP M 111 -76.51 -98.20 -58.84
CA LYS M 112 -75.94 -101.90 -58.22
CA TRP M 113 -73.34 -104.42 -57.25
CA ILE M 114 -72.02 -106.04 -60.42
CA SER M 115 -69.83 -108.38 -58.48
CA LEU M 116 -68.49 -109.48 -55.19
CA ASN M 117 -66.73 -106.17 -54.81
CA THR M 118 -67.64 -103.54 -57.34
CA VAL M 119 -70.63 -101.20 -57.38
CA ALA M 120 -71.90 -99.61 -60.60
CA LEU M 121 -72.96 -95.95 -60.34
CA VAL M 122 -75.17 -94.65 -63.03
CA THR M 123 -75.18 -90.93 -63.38
CA ASP M 124 -77.33 -88.89 -65.58
CA ASN M 125 -74.43 -88.91 -68.03
CA ALA M 126 -72.13 -91.75 -67.17
CA VAL M 127 -71.68 -95.18 -65.66
CA TYR M 128 -68.72 -95.70 -63.26
CA HIS M 129 -67.53 -98.76 -61.38
CA TRP M 130 -66.40 -98.42 -57.75
CA SER M 131 -64.41 -101.18 -56.12
CA MET M 132 -65.11 -101.67 -52.44
CA GLU M 133 -61.40 -102.38 -52.23
CA GLY M 134 -58.75 -99.90 -51.15
CA GLU M 135 -58.53 -96.15 -51.34
CA SER M 136 -59.58 -96.31 -54.99
CA GLN M 137 -62.30 -94.01 -56.25
CA PRO M 138 -65.15 -94.45 -58.84
CA VAL M 139 -63.86 -95.05 -62.40
CA LYS M 140 -65.91 -93.92 -65.41
CA MET M 141 -66.43 -96.82 -67.86
CA PHE M 142 -68.42 -94.97 -70.43
CA ASP M 143 -70.82 -92.15 -71.16
CA ARG M 144 -74.51 -92.67 -71.46
CA HIS M 145 -75.62 -93.04 -75.03
CA SER M 146 -78.30 -90.59 -76.11
CA SER M 147 -81.04 -93.03 -76.91
CA LEU M 148 -81.35 -93.37 -73.17
CA ALA M 149 -81.86 -89.68 -72.44
CA GLY M 150 -84.67 -89.06 -69.98
CA CYS M 151 -85.14 -92.83 -69.49
CA GLN M 152 -86.10 -94.39 -66.20
CA ILE M 153 -82.97 -96.52 -65.64
CA ILE M 154 -84.09 -99.99 -64.57
CA ASN M 155 -80.99 -102.15 -64.81
CA TYR M 156 -77.28 -102.49 -65.52
CA ARG M 157 -75.51 -105.74 -66.35
CA THR M 158 -72.06 -106.96 -67.30
CA ASP M 159 -70.64 -110.08 -68.87
CA ALA M 160 -68.53 -112.30 -66.58
CA LYS M 161 -65.39 -110.62 -67.76
CA GLN M 162 -66.84 -107.12 -67.44
CA LYS M 163 -65.72 -106.48 -70.96
CA TRP M 164 -69.30 -105.80 -72.24
CA LEU M 165 -71.64 -103.62 -70.20
CA LEU M 166 -75.36 -103.10 -70.77
CA LEU M 167 -77.53 -100.24 -69.52
CA THR M 168 -81.36 -100.33 -69.72
CA GLY M 169 -84.00 -97.74 -69.24
CA ILE M 170 -87.66 -97.54 -70.21
CA SER M 171 -89.90 -94.78 -71.48
CA ALA M 172 -93.63 -94.30 -71.83
CA GLN M 173 -93.41 -93.32 -75.38
CA GLN M 174 -96.62 -92.69 -77.10
CA ASN M 175 -98.65 -94.99 -74.84
CA ARG M 176 -96.16 -97.98 -74.58
CA VAL M 177 -93.37 -98.71 -72.13
CA VAL M 178 -90.52 -98.69 -74.55
CA GLY M 179 -87.13 -100.05 -73.35
CA ALA M 180 -83.76 -98.65 -74.32
CA MET M 181 -80.52 -100.54 -73.94
CA GLN M 182 -76.96 -99.35 -74.43
CA LEU M 183 -74.46 -102.15 -75.05
CA TYR M 184 -70.94 -100.77 -74.49
CA SER M 185 -67.77 -102.59 -75.55
CA VAL M 186 -64.93 -102.04 -73.12
CA ASP M 187 -62.10 -103.48 -75.14
CA ARG M 188 -63.28 -102.02 -78.47
CA LYS M 189 -64.34 -98.77 -76.79
CA VAL M 190 -67.53 -98.67 -78.93
CA SER M 191 -71.14 -98.57 -77.83
CA GLN M 192 -74.46 -99.35 -79.52
CA PRO M 193 -78.15 -98.84 -78.88
CA ILE M 194 -80.66 -101.76 -78.87
CA GLU M 195 -84.38 -101.68 -78.16
CA GLY M 196 -84.75 -104.13 -75.36
CA HIS M 197 -86.76 -104.80 -72.31
CA ALA M 198 -84.76 -107.39 -70.42
CA ALA M 199 -81.45 -109.18 -71.00
CA SER M 200 -78.60 -111.10 -69.47
CA PHE M 201 -75.20 -112.45 -70.62
CA ALA M 202 -74.12 -116.09 -70.41
CA GLN M 203 -70.98 -118.18 -70.85
CA PHE M 204 -71.74 -121.13 -73.08
CA LYS M 205 -69.28 -123.66 -74.44
CA MET M 206 -70.72 -124.77 -77.78
CA GLU M 207 -70.71 -128.37 -78.90
CA GLY M 208 -67.27 -128.95 -80.33
CA ASN M 209 -65.47 -125.82 -79.11
CA ALA M 210 -62.97 -125.65 -76.30
CA GLU M 211 -63.83 -122.25 -75.13
CA GLU M 212 -67.00 -120.76 -73.78
CA SER M 213 -68.68 -118.26 -75.92
CA THR M 214 -70.01 -115.15 -74.21
CA LEU M 215 -73.60 -114.70 -75.15
CA PHE M 216 -75.86 -111.72 -74.71
CA CYS M 217 -79.52 -112.55 -74.59
CA PHE M 218 -82.22 -109.94 -74.61
CA ALA M 219 -85.94 -109.71 -75.05
CA VAL M 220 -88.33 -107.03 -76.11
CA ARG M 221 -91.83 -106.43 -77.19
CA GLY M 222 -91.83 -104.02 -80.14
CA GLN M 223 -94.26 -103.16 -82.96
CA ALA M 224 -93.47 -106.55 -84.47
CA GLY M 225 -94.28 -108.21 -81.22
CA GLY M 226 -91.96 -109.63 -78.65
CA LYS M 227 -88.81 -111.38 -79.61
CA LEU M 228 -85.88 -112.89 -77.83
CA HIS M 229 -82.38 -112.65 -79.27
CA ILE M 230 -79.35 -114.71 -78.28
CA ILE M 231 -76.11 -113.51 -79.87
CA GLU M 232 -72.40 -114.09 -79.26
CA VAL M 233 -70.64 -110.96 -78.18
CA GLY M 234 -67.11 -110.10 -79.36
CA THR M 235 -64.53 -112.36 -81.08
CA PRO M 236 -64.72 -116.10 -80.59
CA PRO M 237 -61.82 -117.58 -78.71
CA THR M 238 -59.29 -118.49 -81.33
CA GLY M 239 -60.20 -121.91 -82.66
CA ASN M 240 -63.87 -121.65 -81.77
CA GLN M 241 -66.61 -122.00 -84.31
CA PRO M 242 -68.81 -118.98 -83.91
CA PHE M 243 -72.22 -119.23 -82.24
CA PRO M 244 -75.02 -118.64 -84.74
CA LYS M 245 -77.03 -115.63 -83.56
CA LYS M 246 -80.64 -116.65 -82.68
CA ALA M 247 -84.03 -114.93 -82.63
CA VAL M 248 -87.30 -116.36 -81.35
CA ASP M 249 -90.55 -114.61 -80.66
CA VAL M 250 -91.92 -114.44 -77.14
CA PHE M 251 -95.66 -114.91 -77.06
CA PHE M 252 -98.16 -112.73 -75.26
CA PRO M 253 -101.72 -113.86 -74.94
CA PRO M 254 -104.57 -111.46 -75.73
CA GLU M 255 -105.39 -111.31 -72.04
CA ALA M 256 -101.77 -110.22 -71.64
CA GLN M 257 -102.85 -106.90 -73.12
CA ASN M 258 -99.89 -104.66 -72.66
CA ASP M 259 -97.48 -107.00 -70.96
CA PHE M 260 -93.74 -106.78 -71.77
CA PRO M 261 -90.47 -108.36 -70.56
CA VAL M 262 -89.23 -107.23 -67.22
CA ALA M 263 -86.57 -109.64 -65.98
CA MET M 264 -84.27 -112.38 -67.25
CA GLN M 265 -81.82 -114.78 -65.67
CA ILE M 266 -80.14 -117.69 -67.32
CA SER M 267 -79.27 -120.99 -65.73
CA GLU M 268 -75.71 -121.82 -66.53
CA LYS M 269 -76.31 -125.19 -64.97
CA HIS M 270 -79.09 -126.05 -67.51
CA ASP M 271 -78.59 -123.47 -70.30
CA VAL M 272 -82.13 -122.28 -69.99
CA VAL M 273 -83.26 -118.69 -70.21
CA PHE M 274 -85.83 -117.56 -67.65
CA LEU M 275 -87.95 -114.59 -68.71
CA ILE M 276 -90.50 -112.83 -66.45
CA THR M 277 -93.05 -110.38 -67.85
CA LYS M 278 -94.66 -107.31 -66.27
CA TYR M 279 -97.91 -109.20 -65.51
CA GLY M 280 -96.33 -112.13 -63.71
CA TYR M 281 -95.74 -114.60 -66.60
CA ILE M 282 -92.71 -116.86 -66.87
CA HIS M 283 -91.10 -118.48 -69.90
CA LEU M 284 -88.20 -120.87 -70.20
CA TYR M 285 -86.21 -120.91 -73.44
CA ASP M 286 -83.34 -123.14 -74.46
CA LEU M 287 -80.21 -120.93 -74.43
CA GLU M 288 -78.48 -122.59 -77.35
CA THR M 289 -81.43 -122.67 -79.77
CA GLY M 290 -83.90 -120.25 -78.35
CA THR M 291 -86.57 -122.91 -78.40
CA CYS M 292 -89.45 -122.11 -76.05
CA ILE M 293 -89.72 -124.88 -73.50
CA TYR M 294 -92.39 -123.64 -71.11
CA MET M 295 -94.70 -120.72 -70.32
CA ASN M 296 -97.18 -120.08 -67.55
CA ARG M 297 -98.29 -117.49 -65.12
CA ILE M 298 -97.00 -117.62 -61.60
CA SER M 299 -97.90 -114.20 -60.22
CA GLY M 300 -100.68 -111.73 -60.78
CA GLU M 301 -98.74 -109.02 -59.03
CA THR M 302 -95.46 -107.87 -60.64
CA ILE M 303 -92.15 -109.47 -59.68
CA PHE M 304 -90.25 -106.18 -59.44
CA VAL M 305 -86.83 -107.59 -58.67
CA THR M 306 -85.00 -110.81 -59.32
CA ALA M 307 -81.70 -112.61 -59.25
CA PRO M 308 -80.31 -115.85 -60.18
CA HIS M 309 -81.07 -118.57 -57.61
CA GLU M 310 -77.82 -120.33 -57.08
CA ALA M 311 -79.12 -123.31 -55.18
CA THR M 312 -81.39 -124.36 -57.96
CA ALA M 313 -79.86 -122.59 -60.91
CA GLY M 314 -83.17 -120.84 -61.38
CA ILE M 315 -84.64 -117.46 -60.79
CA ILE M 316 -85.85 -115.86 -57.49
CA GLY M 317 -87.71 -112.59 -57.16
CA VAL M 318 -90.11 -110.63 -54.98
CA ASN M 319 -93.52 -109.31 -55.97
CA ARG M 320 -95.82 -106.63 -54.62
CA LYS M 321 -97.51 -108.90 -52.04
CA GLY M 322 -94.17 -109.61 -50.44
CA GLN M 323 -93.83 -113.06 -51.84
CA VAL M 324 -90.25 -114.13 -52.37
CA LEU M 325 -90.86 -116.59 -55.27
CA SER M 326 -88.57 -118.78 -57.24
CA VAL M 327 -88.77 -120.97 -60.39
CA CYS M 328 -86.36 -123.55 -61.69
CA VAL M 329 -86.07 -126.64 -63.95
CA GLU M 330 -87.19 -129.83 -62.24
CA GLU M 331 -84.18 -131.89 -63.31
CA GLU M 332 -86.12 -135.05 -63.15
CA ASN M 333 -89.14 -133.92 -65.22
CA ILE M 334 -87.76 -131.73 -68.00
CA ILE M 335 -86.28 -134.28 -70.39
CA PRO M 336 -89.57 -136.34 -70.11
CA TYR M 337 -91.57 -133.13 -70.54
CA ILE M 338 -89.69 -132.12 -73.74
CA THR M 339 -90.14 -135.65 -75.10
CA ASN M 340 -93.82 -136.20 -74.22
CA VAL M 341 -95.47 -132.80 -73.86
CA LEU M 342 -93.20 -130.88 -76.32
CA GLN M 343 -92.93 -134.01 -78.40
CA ASN M 344 -89.46 -132.90 -79.27
CA PRO M 345 -87.17 -135.91 -78.58
CA ASP M 346 -84.34 -134.36 -80.43
CA LEU M 347 -84.24 -131.27 -78.17
CA ALA M 348 -84.75 -133.73 -75.30
CA LEU M 349 -81.75 -135.93 -76.09
CA ARG M 350 -79.54 -132.93 -76.74
CA MET M 351 -80.52 -131.12 -73.63
CA ALA M 352 -80.18 -134.48 -71.77
CA VAL M 353 -76.65 -135.28 -72.88
CA ARG M 354 -75.59 -131.64 -72.89
CA ASN M 355 -76.68 -131.30 -69.31
CA ASN M 356 -76.45 -134.79 -68.01
CA LEU M 357 -80.09 -134.81 -67.12
CA ALA M 358 -82.23 -137.94 -66.94
CA GLY M 359 -85.37 -139.18 -68.59
CA ALA M 360 -84.19 -140.12 -72.04
CA GLU M 361 -82.89 -143.57 -71.22
CA GLU M 362 -85.16 -145.39 -73.70
CA LEU M 363 -84.27 -143.04 -76.51
CA PHE M 364 -80.59 -143.61 -75.83
CA ALA M 365 -80.74 -147.39 -75.77
CA ARG M 366 -82.84 -147.16 -78.94
CA LYS M 367 -80.25 -144.87 -80.55
CA PHE M 368 -77.38 -147.13 -79.50
CA ASN M 369 -79.13 -150.26 -80.65
CA ALA M 370 -79.92 -148.55 -83.94
CA LEU M 371 -76.36 -147.57 -84.68
CA PHE M 372 -75.25 -151.10 -83.70
CA ALA M 373 -77.09 -152.64 -86.67
CA GLN M 374 -75.75 -150.17 -89.16
CA GLY M 375 -72.65 -151.48 -87.44
CA ASN M 376 -71.35 -148.00 -86.77
CA TYR M 377 -69.78 -149.29 -83.62
CA SER M 378 -68.00 -146.00 -83.42
CA GLU M 379 -71.10 -143.87 -83.39
CA ALA M 380 -72.77 -146.43 -81.16
CA ALA M 381 -69.94 -146.10 -78.59
CA LYS M 382 -70.02 -142.32 -78.67
CA VAL M 383 -73.66 -142.62 -77.59
CA ALA M 384 -72.94 -145.04 -74.75
CA ALA M 385 -69.99 -142.97 -73.61
CA ASN M 386 -71.98 -139.74 -73.47
CA ALA M 387 -75.54 -140.73 -72.62
CA PRO M 388 -76.30 -139.33 -69.08
CA LYS M 389 -76.11 -140.88 -65.66
CA GLY M 390 -74.02 -143.74 -67.02
CA ILE M 391 -77.02 -145.41 -68.45
CA LEU M 392 -75.03 -147.35 -71.17
CA ARG M 393 -71.58 -147.52 -69.53
CA THR M 394 -72.46 -151.02 -68.57
CA PRO M 395 -70.76 -154.46 -68.46
CA ASP M 396 -73.41 -155.57 -70.80
CA THR M 397 -72.43 -152.73 -73.08
CA ILE M 398 -68.85 -154.01 -72.98
CA ARG M 399 -70.16 -157.60 -73.61
CA ARG M 400 -71.96 -156.23 -76.63
CA PHE M 401 -68.84 -154.73 -78.22
CA GLN M 402 -66.81 -157.70 -77.09
CA SER M 403 -69.07 -159.96 -79.16
CA VAL M 404 -68.50 -158.54 -82.62
CA PRO M 405 -65.46 -159.93 -84.41
CA ALA M 406 -62.51 -157.89 -85.52
CA GLN M 407 -62.59 -158.32 -89.32
CA PRO M 408 -59.01 -157.99 -90.66
CA GLY M 409 -57.83 -154.39 -90.85
CA GLN M 410 -59.42 -151.68 -88.63
CA THR M 411 -59.67 -151.64 -84.83
CA SER M 412 -62.10 -153.75 -82.73
CA PRO M 413 -65.41 -152.19 -81.78
CA LEU M 414 -64.44 -152.79 -78.17
CA LEU M 415 -61.03 -151.29 -78.40
CA GLN M 416 -62.78 -148.54 -80.32
CA TYR M 417 -65.27 -147.95 -77.46
CA PHE M 418 -62.48 -148.10 -74.85
CA GLY M 419 -60.74 -145.56 -77.01
CA ILE M 420 -63.64 -143.15 -76.68
CA LEU M 421 -63.82 -143.69 -72.98
CA LEU M 422 -60.07 -143.21 -72.44
CA ASP M 423 -60.45 -139.93 -74.30
CA GLN M 424 -63.59 -138.99 -72.50
CA GLY M 425 -61.80 -139.60 -69.24
CA GLN M 426 -61.12 -142.18 -66.56
CA LEU M 427 -62.43 -145.79 -66.70
CA ASN M 428 -64.13 -147.62 -63.75
CA LYS M 429 -63.12 -150.79 -62.04
CA TYR M 430 -64.85 -153.16 -64.47
CA GLU M 431 -63.75 -151.27 -67.55
CA SER M 432 -60.18 -151.03 -66.42
CA LEU M 433 -60.18 -154.77 -65.77
CA GLU M 434 -61.68 -155.56 -69.19
CA LEU M 435 -59.26 -153.17 -70.87
CA CYS M 436 -56.21 -154.51 -69.07
CA ARG M 437 -56.83 -158.24 -69.02
CA PRO M 438 -55.90 -158.86 -72.71
CA VAL M 439 -53.06 -156.25 -72.88
CA LEU M 440 -51.48 -157.88 -69.83
CA GLN M 441 -51.47 -161.19 -71.66
CA GLN M 442 -50.00 -159.54 -74.76
CA GLY M 443 -46.91 -158.66 -72.68
CA ARG M 444 -47.76 -155.03 -73.10
CA LYS M 445 -46.40 -153.54 -69.84
CA GLN M 446 -45.44 -150.19 -71.14
CA LEU M 447 -49.04 -149.56 -72.29
CA LEU M 448 -50.69 -150.22 -68.97
CA GLU M 449 -47.84 -148.20 -67.44
CA LYS M 450 -48.87 -145.14 -69.42
CA TRP M 451 -52.56 -145.67 -68.81
CA LEU M 452 -51.65 -145.80 -65.09
CA LYS M 453 -49.43 -142.70 -65.06
CA GLU M 454 -51.77 -140.63 -67.14
CA ASP M 455 -54.08 -141.73 -64.35
CA LYS M 456 -56.68 -143.32 -66.65
CA LEU M 457 -57.40 -146.60 -64.74
CA GLU M 458 -59.30 -146.93 -61.50
CA CYS M 459 -56.82 -149.29 -59.81
CA SER M 460 -58.26 -152.10 -57.71
CA GLU M 461 -56.95 -155.07 -55.69
CA GLU M 462 -58.24 -157.30 -58.46
CA LEU M 463 -56.66 -155.47 -61.42
CA GLY M 464 -53.57 -155.81 -59.30
CA ASP M 465 -53.99 -159.55 -58.74
CA LEU M 466 -54.31 -159.84 -62.52
CA VAL M 467 -51.08 -157.98 -63.04
CA LYS M 468 -49.35 -159.96 -60.28
CA SER M 469 -49.96 -162.95 -62.59
CA VAL M 470 -47.61 -161.26 -65.04
CA ASP M 471 -45.64 -158.69 -63.11
CA PRO M 472 -45.74 -159.12 -59.36
CA THR M 473 -43.62 -155.94 -59.37
CA LEU M 474 -46.10 -153.99 -61.54
CA ALA M 475 -48.77 -155.11 -59.02
CA LEU M 476 -47.45 -153.17 -55.99
CA SER M 477 -47.87 -150.15 -58.18
CA VAL M 478 -51.66 -150.69 -58.66
CA TYR M 479 -52.14 -151.95 -55.12
CA LEU M 480 -50.29 -148.99 -53.69
CA ARG M 481 -52.94 -147.04 -55.68
CA ALA M 482 -55.70 -149.44 -54.98
CA ASN M 483 -56.90 -151.26 -51.66
CA VAL M 484 -53.59 -150.30 -50.12
CA PRO M 485 -55.78 -155.71 -52.50
CA ASN M 486 -52.43 -155.93 -50.81
CA LYS M 487 -52.67 -159.56 -49.94
CA VAL M 488 -53.56 -160.47 -53.47
CA ILE M 489 -50.71 -158.52 -54.99
CA GLN M 490 -48.11 -160.11 -52.79
CA CYS M 491 -49.57 -163.46 -53.45
CA PHE M 492 -49.09 -164.24 -57.08
CA ALA M 493 -46.28 -161.78 -57.03
CA GLU M 494 -43.79 -164.29 -55.93
CA THR M 495 -42.17 -162.66 -58.87
CA GLY M 496 -42.25 -158.91 -58.96
CA GLN M 497 -40.20 -155.89 -58.09
CA VAL M 498 -38.53 -155.97 -54.73
CA GLN M 499 -39.22 -152.35 -53.95
CA LYS M 500 -42.95 -152.70 -54.41
CA ILE M 501 -42.98 -155.87 -52.39
CA VAL M 502 -41.29 -154.30 -49.43
CA LEU M 503 -43.91 -151.57 -49.26
CA TYR M 504 -47.00 -153.68 -49.86
CA ALA M 505 -46.07 -156.70 -47.78
CA LYS M 506 -46.50 -154.67 -44.63
CA LYS M 507 -50.01 -153.72 -45.66
CA VAL M 508 -50.98 -157.36 -46.14
CA GLY M 509 -51.12 -159.07 -43.95
CA TYR M 510 -52.23 -161.62 -42.07
CA THR M 511 -50.75 -164.04 -38.91
CA PRO M 512 -49.69 -167.49 -40.06
CA ASP M 513 -49.26 -166.05 -43.52
CA TRP M 514 -46.32 -164.18 -42.09
CA ILE M 515 -44.66 -167.38 -41.01
CA PHE M 516 -45.35 -168.78 -44.42
CA LEU M 517 -43.91 -165.66 -45.97
CA LEU M 518 -40.74 -165.97 -43.97
CA ARG M 519 -40.27 -169.47 -45.21
CA ASN M 520 -40.55 -168.26 -48.77
CA VAL M 521 -38.10 -165.49 -48.20
CA MET M 522 -35.84 -167.94 -46.47
CA ARG M 523 -33.77 -169.35 -51.13
CA ILE M 524 -36.17 -167.14 -52.96
CA SER M 525 -36.07 -164.03 -55.07
CA PRO M 526 -35.02 -162.29 -51.95
CA ASP M 527 -31.54 -163.14 -50.82
CA GLN M 528 -29.01 -162.02 -48.29
CA GLY M 529 -27.82 -158.46 -48.42
CA GLN M 530 -30.34 -155.73 -48.59
CA GLN M 531 -33.40 -157.37 -50.03
CA PHE M 532 -36.85 -158.36 -49.01
CA ALA M 533 -35.35 -161.12 -46.93
CA GLN M 534 -34.38 -159.14 -43.86
CA MET M 535 -36.45 -156.09 -44.60
CA LEU M 536 -39.50 -158.29 -44.71
CA VAL M 537 -38.82 -159.35 -41.18
CA GLN M 538 -38.83 -155.74 -40.13
CA ASP M 539 -42.35 -154.96 -41.20
CA GLU M 540 -43.37 -158.30 -39.80
CA GLU M 541 -41.97 -157.22 -36.49
CA PRO M 542 -43.57 -158.84 -33.15
CA LEU M 543 -43.07 -162.95 -32.27
CA ALA M 544 -43.84 -165.87 -34.52
CA ASP M 545 -42.06 -168.48 -34.92
CA ILE M 546 -38.73 -167.81 -33.23
CA THR M 547 -37.49 -171.17 -34.43
CA GLN M 548 -38.68 -170.28 -37.90
CA ILE M 549 -36.69 -167.11 -38.02
CA VAL M 550 -33.52 -168.82 -36.90
CA ASP M 551 -34.13 -171.78 -39.15
CA VAL M 552 -34.17 -169.47 -42.10
CA PHE M 553 -30.97 -167.80 -41.04
CA MET M 554 -29.17 -171.07 -40.44
CA GLU M 555 -29.86 -172.60 -43.84
CA TYR M 556 -28.61 -169.41 -45.42
CA ASN M 557 -25.53 -169.75 -43.23
CA LEU M 558 -26.37 -166.23 -42.13
CA ILE M 559 -25.52 -167.40 -38.62
CA GLN M 560 -23.07 -164.59 -38.03
CA GLN M 561 -25.83 -162.09 -38.74
CA CYS M 562 -28.40 -164.05 -36.83
CA THR M 563 -26.31 -163.89 -33.72
CA ALA M 564 -25.76 -160.19 -34.27
CA PHE M 565 -29.46 -159.38 -34.40
CA LEU M 566 -30.23 -161.53 -31.42
CA LEU M 567 -27.99 -159.25 -29.46
CA ASP M 568 -30.34 -156.43 -30.41
CA ALA M 569 -33.34 -158.51 -29.43
CA LEU M 570 -32.30 -158.84 -25.83
CA LYS M 571 -32.36 -155.10 -25.50
CA ASN M 572 -36.01 -154.91 -26.40
CA ASN M 573 -37.33 -155.64 -22.96
CA ARG M 574 -40.82 -156.50 -24.02
CA PRO M 575 -39.77 -158.23 -27.15
CA SER M 576 -37.37 -160.36 -25.18
CA GLU M 577 -38.31 -163.98 -24.78
CA GLY M 578 -35.41 -167.80 -21.31
CA PRO M 579 -36.32 -170.15 -24.06
CA LEU M 580 -35.27 -167.50 -26.53
CA GLN M 581 -31.72 -167.53 -25.31
CA THR M 582 -31.69 -171.27 -25.12
CA ARG M 583 -32.91 -171.69 -28.66
CA LEU M 584 -30.58 -169.06 -30.04
CA LEU M 585 -27.47 -170.67 -28.73
CA GLU M 586 -28.61 -174.06 -29.90
CA MET M 587 -29.22 -172.72 -33.36
CA ASN M 588 -25.93 -170.92 -33.26
CA LEU M 589 -24.08 -174.09 -32.50
CA MET M 590 -25.19 -175.86 -35.63
CA HIS M 591 -25.70 -172.66 -37.61
CA ALA M 592 -22.57 -170.70 -36.76
CA PRO M 593 -20.30 -171.76 -34.01
CA GLN M 594 -18.33 -168.54 -34.08
CA VAL M 595 -21.33 -166.74 -32.64
CA ALA M 596 -21.95 -169.51 -30.15
CA ASP M 597 -19.18 -168.55 -27.79
CA ALA M 598 -19.88 -164.84 -27.80
CA ILE M 599 -23.49 -165.45 -26.95
CA LEU M 600 -22.32 -167.54 -24.06
CA GLY M 601 -20.48 -164.58 -22.78
CA ASN M 602 -23.28 -162.15 -23.46
CA GLN M 603 -26.20 -163.89 -21.91
CA MET M 604 -25.98 -167.52 -22.58
CA PHE M 605 -24.64 -168.02 -19.16
CA THR M 606 -27.26 -166.36 -17.02
CA HIS M 607 -30.46 -166.91 -18.87
CA TYR M 608 -30.16 -170.13 -20.73
CA ASP M 609 -31.19 -173.72 -20.17
CA ARG M 610 -27.62 -174.73 -19.47
CA ALA M 611 -28.19 -178.44 -19.58
CA HIS M 612 -29.76 -178.23 -23.01
CA ILE M 613 -27.03 -176.08 -24.45
CA ALA M 614 -24.32 -178.36 -23.26
CA GLN M 615 -25.75 -181.39 -24.96
CA LEU M 616 -25.96 -179.37 -28.11
CA CYS M 617 -22.36 -178.22 -27.81
CA GLU M 618 -21.21 -181.78 -27.22
CA LYS M 619 -22.67 -182.82 -30.51
CA ALA M 620 -21.27 -179.57 -31.84
CA GLY M 621 -17.66 -180.36 -30.97
CA LEU M 622 -17.68 -176.93 -29.34
CA LEU M 623 -15.54 -178.26 -26.49
CA GLN M 624 -13.71 -174.98 -25.98
CA ARG M 625 -17.09 -173.44 -25.16
CA ALA M 626 -18.29 -176.60 -23.45
CA LEU M 627 -15.62 -176.09 -20.85
CA GLU M 628 -16.90 -172.58 -20.37
CA HIS M 629 -20.42 -173.80 -19.68
CA PHE M 630 -19.21 -176.57 -17.47
CA THR M 631 -17.12 -174.17 -15.53
CA ASP M 632 -20.01 -171.76 -14.97
CA LEU M 633 -22.29 -174.72 -14.43
CA TYR M 634 -19.84 -175.47 -11.67
CA ASP M 635 -19.57 -178.90 -13.05
CA ILE M 636 -15.81 -178.69 -12.77
CA LYS M 637 -15.16 -182.40 -12.99
CA ARG M 638 -16.75 -182.35 -16.42
CA ALA M 639 -14.79 -179.36 -17.53
CA VAL M 640 -11.56 -181.07 -16.67
CA VAL M 641 -12.53 -184.34 -18.24
CA HIS M 642 -13.40 -182.52 -21.42
CA THR M 643 -10.20 -180.55 -21.29
CA HIS M 644 -8.42 -183.83 -21.09
CA LEU M 645 -9.70 -185.02 -24.43
CA LEU M 646 -8.97 -181.75 -26.14
CA ASN M 647 -6.35 -179.55 -24.56
CA PRO M 648 -7.61 -176.89 -22.32
CA GLU M 649 -6.04 -173.56 -21.62
CA TRP M 650 -3.11 -173.59 -19.25
CA LEU M 651 -4.38 -171.05 -16.76
CA VAL M 652 -7.85 -172.56 -16.53
CA ASN M 653 -6.49 -175.99 -15.86
CA TYR M 654 -4.82 -174.85 -12.69
CA PHE M 655 -7.89 -173.15 -11.31
CA GLY M 656 -10.50 -175.70 -12.28
CA SER M 657 -8.64 -178.82 -11.24
CA LEU M 658 -8.62 -177.75 -7.64
CA SER M 659 -12.27 -176.90 -7.89
CA VAL M 660 -12.80 -180.52 -8.72
CA GLU M 661 -13.53 -181.41 -5.15
CA ASP M 662 -15.57 -184.31 -6.33
CA SER M 663 -12.93 -186.47 -7.86
CA LEU M 664 -9.50 -186.81 -6.32
CA GLU M 665 -8.67 -189.38 -8.97
CA CYS M 666 -8.88 -186.72 -11.61
CA LEU M 667 -5.76 -185.29 -10.10
CA ARG M 668 -3.85 -188.50 -10.63
CA ALA M 669 -5.35 -188.80 -14.07
CA MET M 670 -4.27 -185.28 -14.83
CA LEU M 671 -0.71 -185.83 -13.74
CA SER M 672 -0.41 -188.70 -16.13
CA ALA M 673 -1.75 -186.60 -18.95
CA ASN M 674 0.45 -183.72 -17.93
CA ILE M 675 3.51 -185.86 -17.86
CA ARG M 676 3.08 -186.46 -21.53
CA GLN M 677 1.94 -183.24 -23.10
CA ASN M 678 4.25 -181.05 -21.11
CA LEU M 679 6.89 -181.62 -18.47
CA GLN M 680 6.96 -178.01 -17.43
CA ILE M 681 3.25 -177.83 -16.87
CA CYS M 682 3.41 -180.87 -14.64
CA VAL M 683 5.76 -179.34 -12.14
CA GLN M 684 3.64 -176.25 -11.72
CA VAL M 685 0.44 -178.26 -11.72
CA ALA M 686 1.87 -180.66 -9.19
CA SER M 687 2.16 -177.91 -6.64
CA LYS M 688 -1.58 -177.11 -6.51
CA TYR M 689 -1.58 -179.72 -5.49
CA HIS M 690 -1.83 -183.20 -4.42
CA GLU M 691 -4.92 -184.91 -2.76
CA GLN M 692 -2.71 -187.73 -2.67
CA LEU M 693 -1.07 -191.11 -1.98
CA SER M 694 -1.25 -192.31 -5.48
CA THR M 695 1.64 -192.91 -3.98
CA GLN M 696 3.22 -195.64 -6.12
CA SER M 697 0.89 -195.01 -9.01
CA LEU M 698 1.68 -191.35 -8.77
CA ILE M 699 5.38 -191.95 -9.08
CA GLU M 700 4.98 -194.60 -11.72
CA LEU M 701 3.14 -192.03 -13.79
CA PHE M 702 5.94 -189.54 -13.32
CA GLU M 703 8.53 -191.99 -14.54
CA SER M 704 6.73 -192.88 -17.77
CA PHE M 705 6.46 -189.20 -18.56
CA LYS M 706 10.16 -189.21 -17.93
CA SER M 707 9.71 -186.30 -15.64
CA PHE M 708 12.21 -187.66 -13.17
CA GLU M 709 13.35 -184.19 -12.32
CA GLY M 710 9.88 -182.92 -11.55
CA LEU M 711 8.86 -185.93 -9.51
CA PHE M 712 11.90 -185.40 -7.35
CA TYR M 713 11.16 -181.70 -7.03
CA PHE M 714 7.54 -182.34 -6.03
CA LEU M 715 8.45 -184.75 -3.30
CA GLY M 716 10.88 -182.16 -2.11
CA SER M 717 8.01 -179.80 -1.40
CA ILE M 718 5.80 -182.42 0.18
CA VAL M 719 8.44 -183.40 2.70
CA ASN M 720 8.28 -179.93 4.17
CA PHE M 721 4.77 -180.61 5.32
CA SER M 722 3.88 -183.68 7.30
CA GLN M 723 4.37 -186.75 5.18
CA ASP M 724 5.88 -188.40 5.20
CA PRO M 725 8.99 -190.39 4.81
CA ASP M 726 7.79 -191.54 1.44
CA VAL M 727 8.38 -188.09 0.09
CA HIS M 728 11.91 -187.76 1.43
CA PHE M 729 12.53 -191.24 0.16
CA LYS M 730 11.36 -190.40 -3.34
CA TYR M 731 13.16 -187.08 -3.43
CA ILE M 732 16.55 -188.56 -2.73
CA GLN M 733 16.03 -191.29 -5.28
CA ALA M 734 15.10 -188.78 -7.94
CA ALA M 735 17.92 -186.54 -6.90
CA CYS M 736 20.41 -189.30 -7.47
CA LYS M 737 19.58 -189.75 -11.12
CA THR M 738 18.29 -186.22 -11.66
CA GLY M 739 20.81 -184.12 -9.77
CA GLN M 740 23.66 -185.77 -7.94
CA ILE M 741 24.87 -182.57 -6.37
CA LYS M 742 21.59 -182.18 -4.52
CA GLU M 743 21.73 -185.78 -3.37
CA VAL M 744 24.37 -185.02 -0.74
CA GLU M 745 22.83 -182.05 1.00
CA ARG M 746 19.51 -183.75 1.21
CA ILE M 747 20.84 -186.86 2.89
CA CYS M 748 22.68 -184.65 5.29
CA ARG M 749 19.46 -183.23 6.71
CA GLU M 750 16.95 -185.87 5.54
CA SER M 751 18.79 -189.12 6.22
CA ASN M 752 16.74 -189.68 9.36
CA CYS M 753 13.36 -189.71 7.67
CA TYR M 754 14.04 -191.86 4.65
CA ASP M 755 13.97 -195.63 4.14
CA PRO M 756 17.73 -196.06 4.04
CA GLU M 757 17.86 -199.39 2.30
CA ARG M 758 16.18 -198.00 -0.74
CA VAL M 759 18.30 -194.86 -0.71
CA LYS M 760 21.33 -197.07 -0.85
CA ASN M 761 20.19 -199.16 -3.77
CA PHE M 762 19.63 -195.92 -5.61
CA LEU M 763 23.08 -194.63 -4.68
CA LYS M 764 24.68 -197.88 -5.76
CA GLU M 765 23.27 -197.53 -9.23
CA ALA M 766 24.12 -193.86 -8.98
CA LYS M 767 27.82 -194.39 -8.32
CA LEU M 768 27.17 -191.89 -5.55
CA THR M 769 30.02 -193.49 -3.58
CA ASP M 770 30.85 -190.45 -1.53
CA GLN M 771 27.28 -190.39 -0.25
CA LEU M 772 26.88 -194.16 0.03
CA PRO M 773 29.35 -194.42 2.81
CA LEU M 774 27.70 -191.53 4.51
CA ILE M 775 24.51 -193.52 4.72
CA ILE M 776 26.25 -196.80 5.32
CA VAL M 777 28.26 -195.26 8.10
CA CYS M 778 25.30 -193.37 9.48
CA ASP M 779 21.84 -194.76 9.33
CA ARG M 780 23.11 -198.01 8.01
CA PHE M 781 24.17 -197.88 10.27
CA ASP M 782 25.73 -200.31 7.88
CA PHE M 783 29.31 -199.34 8.46
CA VAL M 784 30.56 -202.33 6.55
CA HIS M 785 28.73 -201.14 3.47
CA ASP M 786 30.00 -197.63 3.72
CA LEU M 787 33.58 -198.77 3.87
CA VAL M 788 33.33 -201.00 0.86
CA LEU M 789 31.82 -198.04 -0.94
CA TYR M 790 34.62 -195.83 0.34
CA LEU M 791 37.04 -198.25 -1.19
CA TYR M 792 35.39 -197.36 -4.43
CA ARG M 793 36.02 -193.72 -3.55
CA ASN M 794 35.68 -191.51 -0.45
CA ASN M 795 37.54 -189.23 1.93
CA LEU M 796 40.28 -190.31 4.28
CA GLN M 797 39.02 -188.69 7.46
CA LYS M 798 35.61 -190.30 7.53
CA TYR M 799 37.35 -193.42 6.40
CA ILE M 800 39.52 -193.53 9.47
CA GLU M 801 36.51 -193.28 11.76
CA ILE M 802 34.09 -195.67 10.05
CA TYR M 803 36.70 -198.32 9.43
CA VAL M 804 36.96 -199.06 13.13
CA GLN M 805 33.21 -199.41 13.61
CA LYS M 806 33.04 -201.99 10.88
CA VAL M 807 36.25 -206.61 7.40
CA ASN M 808 38.45 -210.98 6.70
CA PRO M 809 40.92 -208.67 8.30
CA SER M 810 42.87 -208.55 5.05
CA ARG M 811 40.52 -205.69 4.31
CA LEU M 812 42.42 -203.80 6.94
CA PRO M 813 45.54 -203.99 4.85
CA VAL M 814 43.67 -203.11 1.73
CA VAL M 815 42.22 -200.16 3.55
CA ILE M 816 45.51 -198.94 4.89
CA GLY M 817 46.88 -198.88 1.41
CA GLY M 818 43.79 -197.14 0.19
CA LEU M 819 44.07 -194.37 2.69
CA LEU M 820 47.76 -194.00 2.07
CA ASP M 821 47.58 -194.27 -1.70
CA VAL M 822 44.53 -192.15 -2.05
CA ASP M 823 44.99 -188.66 -0.84
CA CYS M 824 43.56 -189.56 2.50
CA SER M 825 45.13 -187.38 5.07
CA GLU M 826 48.02 -188.88 6.91
CA ASP M 827 46.16 -187.85 9.99
CA VAL M 828 43.16 -189.61 8.55
CA ILE M 829 45.33 -192.61 7.94
CA LYS M 830 46.66 -192.39 11.45
CA ASN M 831 43.16 -192.01 12.78
CA LEU M 832 42.16 -195.05 10.83
CA ILE M 833 45.24 -196.98 11.77
CA LEU M 834 46.68 -200.34 13.68
CA VAL M 835 43.72 -202.53 12.88
CA VAL M 836 44.86 -202.56 9.28
CA ARG M 837 48.34 -203.65 10.19
CA GLY M 838 46.97 -206.45 12.28
CA GLN M 839 50.43 -209.61 13.58
CA PHE M 840 53.40 -209.31 11.33
CA SER M 841 54.11 -207.24 8.30
CA THR M 842 54.08 -204.15 7.30
CA ASP M 843 55.91 -201.63 5.19
CA GLU M 844 52.86 -201.24 3.01
CA LEU M 845 50.73 -200.35 5.97
CA VAL M 846 53.28 -197.83 7.11
CA ALA M 847 53.72 -196.31 3.69
CA GLU M 848 50.01 -195.82 3.34
CA VAL M 849 49.74 -194.29 6.77
CA GLU M 850 52.62 -191.93 6.26
CA LYS M 851 51.55 -190.20 3.06
CA ARG M 852 48.08 -189.95 4.51
CA ASN M 853 49.66 -187.99 7.34
CA ARG M 854 47.97 -190.80 9.26
CA LEU M 855 50.69 -188.99 12.08
CA LYS M 856 48.90 -188.73 15.38
CA LEU M 857 47.49 -192.24 14.89
CA LEU M 858 50.49 -193.60 13.05
CA LEU M 859 52.62 -193.19 16.12
CA PRO M 860 50.32 -195.40 18.13
CA TRP M 861 50.19 -198.19 15.58
CA LEU M 862 53.93 -198.39 15.51
CA GLU M 863 53.74 -198.60 19.24
CA ALA M 864 52.00 -201.95 18.88
CA ARG M 865 54.11 -203.18 16.00
CA ILE M 866 57.24 -203.11 18.10
CA HIS M 867 55.87 -206.06 20.02
CA GLU M 868 55.71 -208.11 16.85
CA GLY M 869 58.52 -210.63 16.58
CA CYS M 870 58.71 -209.67 12.93
CA GLU M 871 59.65 -206.16 14.10
CA GLU M 872 62.30 -203.29 11.43
CA PRO M 873 64.30 -200.20 12.07
CA ALA M 874 62.48 -198.52 9.24
CA THR M 875 59.39 -198.52 11.36
CA HIS M 876 61.10 -197.26 14.47
CA ASN M 877 62.74 -194.43 12.65
CA ALA M 878 59.49 -193.47 11.01
CA LEU M 879 57.58 -193.49 14.26
CA ALA M 880 59.93 -191.24 16.11
CA LYS M 881 59.99 -188.67 13.37
CA ILE M 882 56.23 -188.64 13.15
CA TYR M 883 56.24 -188.57 16.92
CA ILE M 884 58.45 -185.51 16.71
CA ASP M 885 55.21 -183.84 15.74
CA SER M 886 53.64 -185.06 18.98
CA ASN M 887 56.56 -184.24 21.23
CA ASN M 888 55.66 -185.97 24.47
CA ASN M 889 55.88 -189.46 23.00
CA PRO M 890 59.27 -189.12 21.42
CA GLU M 891 61.25 -189.09 24.63
CA ARG M 892 60.01 -192.47 25.75
CA PHE M 893 60.32 -193.76 22.24
CA LEU M 894 64.01 -193.10 21.92
CA ARG M 895 64.42 -194.59 25.34
CA GLU M 896 62.47 -197.62 24.26
CA ASN M 897 64.11 -198.54 21.00
CA PRO M 898 67.70 -198.30 20.14
CA TYR M 899 67.11 -199.54 16.63
CA TYR M 900 66.56 -196.32 14.80
CA ASP M 901 68.47 -194.61 12.00
CA SER M 902 68.94 -192.79 15.06
CA ARG M 903 69.90 -190.22 12.46
CA VAL M 904 66.36 -189.89 11.26
CA VAL M 905 64.91 -189.64 14.73
CA GLY M 906 67.39 -187.01 15.70
CA LYS M 907 66.46 -184.65 12.91
CA TYR M 908 62.87 -185.08 13.94
CA CYS M 909 63.79 -184.46 17.56
CA GLU M 910 65.78 -181.45 16.47
CA LYS M 911 62.57 -179.78 15.51
CA ARG M 912 61.28 -180.84 18.90
CA ASP M 913 62.83 -180.43 22.33
CA PRO M 914 66.42 -181.17 22.92
CA HIS M 915 65.99 -183.19 26.10
CA LEU M 916 65.35 -186.35 24.16
CA ALA M 917 68.07 -185.40 21.73
CA CYS M 918 70.67 -185.59 24.43
CA VAL M 919 69.52 -189.08 25.25
CA ALA M 920 69.80 -190.20 21.66
CA TYR M 921 73.07 -188.46 21.09
CA GLU M 922 74.28 -190.20 24.19
CA ARG M 923 73.22 -193.64 22.98
CA GLY M 924 74.30 -192.76 19.47
CA GLN M 925 77.63 -192.27 21.09
CA CYS M 926 77.76 -188.92 19.43
CA ASP M 927 79.09 -187.44 22.63
CA LEU M 928 80.21 -184.17 21.13
CA GLU M 929 76.64 -183.49 20.11
CA LEU M 930 75.33 -184.42 23.51
CA ILE M 931 77.61 -181.91 25.18
CA ASN M 932 77.01 -178.99 22.91
CA VAL M 933 73.29 -179.49 23.07
CA CYS M 934 73.59 -179.87 26.83
CA ASN M 935 75.37 -176.55 26.89
CA GLU M 936 72.06 -174.91 26.33
CA ASN M 937 70.54 -177.09 29.01
CA SER M 938 71.61 -180.29 30.70
CA LEU M 939 72.24 -182.19 33.89
CA PHE M 940 75.53 -181.79 35.68
CA LYS M 941 76.03 -185.43 36.47
CA SER M 942 75.64 -186.64 32.93
CA LEU M 943 77.88 -183.83 31.79
CA SER M 944 80.73 -185.08 33.89
CA ARG M 945 80.54 -188.53 32.35
CA TYR M 946 80.03 -187.58 28.71
CA LEU M 947 82.43 -184.66 28.48
CA VAL M 948 85.33 -187.03 28.83
CA ARG M 949 84.17 -189.09 25.88
CA ARG M 950 84.09 -186.01 23.67
CA LYS M 951 86.47 -186.22 20.74
CA ASP M 952 87.08 -182.52 20.30
CA PRO M 953 89.09 -181.47 23.26
CA GLU M 954 88.23 -177.88 22.43
CA LEU M 955 84.87 -178.47 23.99
CA TRP M 956 86.63 -178.78 27.30
CA GLY M 957 87.82 -175.23 27.08
CA SER M 958 84.35 -174.29 26.00
CA VAL M 959 82.79 -176.08 28.93
CA LEU M 960 85.15 -174.58 31.47
CA LEU M 961 84.10 -171.18 30.28
CA GLU M 962 80.52 -172.27 30.46
CA SER M 963 80.91 -173.34 34.04
CA ASN M 964 82.78 -170.32 35.33
CA PRO M 965 80.46 -167.60 34.18
CA TYR M 966 77.57 -169.68 35.21
CA ARG M 967 76.81 -168.67 38.70
CA ARG M 968 77.17 -171.96 40.13
CA PRO M 969 78.32 -173.56 42.93
CA LEU M 970 80.89 -176.06 44.36
CA ILE M 971 80.42 -178.84 46.73
CA ASP M 972 79.94 -182.42 45.72
CA GLN M 973 81.42 -183.58 42.48
CA VAL M 974 81.45 -180.44 40.41
CA VAL M 975 84.29 -178.16 39.44
CA GLN M 976 86.86 -180.06 41.43
CA THR M 977 85.71 -183.46 40.36
CA ALA M 978 85.16 -182.24 36.84
CA LEU M 979 88.57 -180.68 36.67
CA SER M 980 90.12 -183.98 37.54
CA GLU M 981 88.52 -185.68 34.58
CA THR M 982 89.32 -182.88 32.20
CA GLN M 983 92.51 -182.50 33.64
CA ASP M 984 93.71 -181.59 30.09
CA PRO M 985 93.23 -179.61 29.02
CA GLU M 986 92.73 -175.53 28.65
CA GLU M 987 90.96 -172.29 28.17
CA VAL M 988 92.28 -172.56 31.56
CA SER M 989 91.99 -168.87 32.23
CA VAL M 990 88.27 -169.05 31.62
CA THR M 991 87.78 -171.38 34.51
CA VAL M 992 90.13 -169.30 36.64
CA LYS M 993 88.42 -166.05 35.83
CA ALA M 994 85.13 -167.51 36.92
CA PHE M 995 86.58 -168.72 40.19
CA MET M 996 88.17 -165.40 41.02
CA THR M 997 85.04 -163.30 40.57
CA ALA M 998 83.22 -165.80 42.71
CA ASP M 999 85.88 -165.06 45.31
CA LEU M 1000 86.28 -168.80 45.13
CA PRO M 1001 90.12 -168.87 44.99
CA ASN M 1002 90.71 -170.01 49.43
CA GLU M 1003 90.10 -172.65 46.77
CA LEU M 1004 92.15 -170.91 44.13
CA ILE M 1005 95.24 -171.39 46.19
CA GLU M 1006 94.32 -174.98 46.83
CA LEU M 1007 94.08 -175.89 43.16
CA LEU M 1008 97.29 -174.13 42.27
CA GLU M 1009 99.17 -176.11 44.85
CA LYS M 1010 98.04 -179.23 43.02
CA ILE M 1011 98.87 -177.77 39.64
CA VAL M 1012 102.56 -177.45 40.26
CA LEU M 1013 103.07 -181.17 40.67
CA ASP M 1014 100.44 -182.17 38.15
CA ASN M 1015 101.98 -182.86 34.79
CA SER M 1016 98.52 -184.00 33.82
CA VAL M 1017 97.42 -180.48 34.52
CA PHE M 1018 99.44 -177.61 33.08
CA SER M 1019 103.07 -178.35 33.67
CA GLU M 1020 104.79 -176.32 36.29
CA HIS M 1021 105.66 -172.93 34.98
CA ARG M 1022 107.00 -169.68 36.30
CA ASN M 1023 103.65 -168.00 36.16
CA LEU M 1024 102.04 -170.42 38.55
CA GLN M 1025 104.84 -170.28 41.03
CA ASN M 1026 104.79 -166.55 40.77
CA LEU M 1027 101.12 -166.28 41.56
CA LEU M 1028 101.07 -168.83 44.33
CA ILE M 1029 103.65 -167.09 46.39
CA LEU M 1030 101.91 -163.77 45.97
CA THR M 1031 98.63 -165.20 47.07
CA ALA M 1032 100.40 -167.04 49.82
CA ILE M 1033 101.75 -163.90 51.38
CA LYS M 1034 98.38 -162.28 51.81
CA ALA M 1035 96.43 -165.52 52.07
CA ASP M 1036 98.70 -167.72 54.15
CA ARG M 1037 101.92 -166.22 55.42
CA THR M 1038 103.08 -169.43 57.03
CA ARG M 1039 103.17 -171.18 53.67
CA VAL M 1040 104.95 -168.27 52.05
CA MET M 1041 108.25 -169.27 53.64
CA GLU M 1042 108.20 -172.94 52.68
CA TYR M 1043 107.18 -172.11 49.18
CA ILE M 1044 110.04 -169.71 48.56
CA ASN M 1045 112.71 -172.25 49.33
CA ARG M 1046 111.02 -174.67 46.95
CA LEU M 1047 110.23 -171.74 44.67
CA ASP M 1048 113.41 -171.59 42.63
CA ASN M 1049 112.15 -170.23 39.34
CA TYR M 1050 110.02 -167.33 40.35
CA ASP M 1051 109.85 -163.76 39.13
CA ALA M 1052 111.58 -162.50 42.24
CA PRO M 1053 110.84 -158.85 41.94
CA ASP M 1054 107.18 -159.77 42.07
CA ILE M 1055 107.61 -161.67 45.29
CA ALA M 1056 109.58 -158.96 46.92
CA ASN M 1057 107.07 -156.21 46.56
CA ILE M 1058 104.54 -158.72 47.76
CA ALA M 1059 106.51 -159.59 50.89
CA ILE M 1060 107.28 -155.97 51.56
CA SER M 1061 103.61 -155.29 51.57
CA ASN M 1062 102.98 -158.01 54.05
CA GLU M 1063 105.82 -157.55 56.53
CA LEU M 1064 107.52 -160.77 55.45
CA PHE M 1065 110.89 -159.54 56.80
CA GLU M 1066 112.62 -162.85 57.37
CA GLU M 1067 111.44 -164.14 54.02
CA ALA M 1068 112.32 -160.86 52.37
CA PHE M 1069 115.88 -161.27 53.53
CA ALA M 1070 115.96 -164.72 52.01
CA ILE M 1071 114.86 -163.51 48.61
CA PHE M 1072 117.06 -160.46 48.71
CA ARG M 1073 119.84 -162.86 49.50
CA LYS M 1074 119.15 -165.12 46.54
CA PHE M 1075 118.33 -162.19 44.30
CA ASP M 1076 121.79 -161.12 45.26
CA VAL M 1077 120.63 -157.62 46.49
CA ASN M 1078 123.11 -156.78 49.55
CA THR M 1079 122.05 -153.17 49.97
CA SER M 1080 118.50 -154.38 50.40
CA ALA M 1081 119.51 -156.99 52.91
CA VAL M 1082 121.16 -154.44 55.12
CA GLN M 1083 118.40 -151.90 54.80
CA VAL M 1084 115.82 -154.49 55.74
CA LEU M 1085 118.13 -155.59 58.51
CA ILE M 1086 118.12 -152.14 59.94
CA GLU M 1087 114.36 -152.10 60.41
CA HIS M 1088 114.14 -155.55 61.91
CA ILE M 1089 117.15 -156.52 63.90
CA GLY M 1090 118.44 -159.49 62.02
CA ASN M 1091 121.68 -160.91 63.34
CA LEU M 1092 124.91 -159.19 64.23
CA ASP M 1093 127.16 -161.73 62.58
CA ARG M 1094 125.51 -161.63 59.20
CA ALA M 1095 125.47 -157.88 59.37
CA TYR M 1096 129.22 -157.80 59.54
CA GLU M 1097 129.57 -159.92 56.44
CA PHE M 1098 126.92 -158.33 54.25
CA ALA M 1099 127.65 -154.72 55.02
CA GLU M 1100 130.97 -154.88 53.26
CA ARG M 1101 129.36 -156.20 50.11
CA CYS M 1102 127.08 -153.18 50.04
CA ASN M 1103 127.66 -151.05 46.98
CA GLU M 1104 126.58 -147.75 48.48
CA PRO M 1105 129.10 -146.54 50.95
CA ALA M 1106 126.47 -144.27 52.40
CA VAL M 1107 125.02 -147.30 54.07
CA TRP M 1108 128.05 -147.45 56.28
CA SER M 1109 127.45 -144.03 57.73
CA GLN M 1110 123.78 -144.80 58.10
CA LEU M 1111 124.78 -148.13 59.60
CA ALA M 1112 127.11 -146.51 62.06
CA LYS M 1113 124.29 -144.35 63.28
CA ALA M 1114 122.02 -147.34 63.65
CA GLN M 1115 124.51 -149.16 65.79
CA LEU M 1116 125.21 -145.97 67.58
CA GLN M 1117 121.62 -145.60 68.63
CA LYS M 1118 120.94 -149.28 69.22
CA GLY M 1119 124.21 -149.98 70.94
CA MET M 1120 127.46 -148.12 70.66
CA VAL M 1121 129.39 -150.70 72.58
CA LYS M 1122 129.86 -154.35 71.79
CA GLU M 1123 128.42 -153.68 68.39
CA ALA M 1124 129.57 -150.46 66.85
CA ILE M 1125 133.14 -151.11 67.82
CA ASP M 1126 133.21 -154.49 66.14
CA SER M 1127 131.27 -153.09 63.23
CA TYR M 1128 133.66 -150.21 62.81
CA ILE M 1129 136.59 -152.50 62.32
CA LYS M 1130 134.90 -154.16 59.39
CA ALA M 1131 133.88 -150.78 58.05
CA ASP M 1132 133.69 -147.84 57.42
CA ASP M 1133 135.57 -144.92 56.03
CA PRO M 1134 135.45 -142.67 55.74
CA SER M 1135 136.49 -139.46 54.73
CA SER M 1136 133.80 -137.89 56.85
CA TYR M 1137 132.99 -134.12 61.17
CA MET M 1138 131.53 -132.57 64.28
CA GLU M 1139 128.93 -135.25 64.78
CA VAL M 1140 131.28 -138.08 64.03
CA VAL M 1141 133.69 -136.94 66.70
CA GLN M 1142 130.80 -136.18 68.99
CA ALA M 1143 129.61 -139.73 68.65
CA ALA M 1144 133.05 -141.11 69.34
CA ASN M 1145 133.45 -139.16 72.53
CA THR M 1146 130.07 -140.04 73.95
CA SER M 1147 130.79 -143.69 73.37
CA GLY M 1148 133.83 -142.86 75.40
CA ASN M 1149 136.06 -144.49 72.87
CA TRP M 1150 138.54 -141.68 72.59
CA GLU M 1151 141.28 -144.15 71.99
CA GLU M 1152 139.57 -145.42 68.89
CA LEU M 1153 138.73 -142.04 67.51
CA VAL M 1154 142.26 -140.76 67.84
CA LYS M 1155 143.40 -143.96 66.17
CA TYR M 1156 141.19 -143.52 63.09
CA LEU M 1157 142.08 -139.89 62.66
CA GLN M 1158 145.66 -140.96 62.50
CA MET M 1159 144.83 -143.09 59.48
CA ALA M 1160 142.43 -140.52 58.07
CA ARG M 1161 145.07 -137.85 57.72
CA LYS M 1162 146.81 -139.82 55.04
CA LYS M 1163 143.68 -140.56 53.02
CA ALA M 1164 142.31 -137.08 52.95
CA ARG M 1165 143.74 -134.11 54.62
CA GLU M 1166 141.63 -131.30 55.41
CA SER M 1167 140.62 -129.66 58.13
CA TYR M 1168 137.53 -130.97 59.73
CA VAL M 1169 139.12 -134.34 60.38
CA GLU M 1170 142.44 -132.99 61.57
CA THR M 1171 140.69 -130.44 63.72
CA GLU M 1172 138.73 -133.30 65.21
CA LEU M 1173 141.73 -135.46 65.99
CA ILE M 1174 143.47 -132.71 67.84
CA PHE M 1175 140.44 -131.96 69.94
CA ALA M 1176 140.08 -135.59 70.83
CA LEU M 1177 143.75 -135.85 71.59
CA ALA M 1178 143.60 -133.11 74.12
CA LYS M 1179 140.35 -134.28 75.67
CA THR M 1180 140.94 -137.98 75.77
CA ASN M 1181 143.80 -137.28 78.09
CA ARG M 1182 146.14 -138.12 75.31
CA LEU M 1183 147.75 -134.73 75.45
CA ALA M 1184 151.09 -136.12 74.48
CA GLU M 1185 149.73 -136.93 71.07
CA LEU M 1186 148.28 -133.46 70.82
CA GLU M 1187 151.66 -131.79 70.66
CA GLU M 1188 153.21 -133.70 67.79
CA PHE M 1189 150.01 -133.60 65.84
CA ILE M 1190 149.74 -129.85 65.98
CA ASN M 1191 153.21 -129.46 64.66
CA GLY M 1192 152.74 -131.33 61.45
CA PRO M 1193 149.28 -130.39 60.43
CA ASN M 1194 148.84 -126.72 59.61
CA ASN M 1195 145.47 -127.58 58.14
CA ALA M 1196 143.12 -127.27 61.04
CA HIS M 1197 140.88 -124.65 62.44
CA ILE M 1198 143.16 -122.88 64.85
CA GLN M 1199 140.50 -121.11 66.83
CA GLN M 1200 138.65 -124.27 67.65
CA VAL M 1201 141.85 -126.09 68.45
CA GLY M 1202 142.90 -123.33 70.80
CA ASP M 1203 139.62 -123.37 72.67
CA ARG M 1204 140.30 -127.04 73.08
CA CYS M 1205 143.77 -126.54 74.55
CA TYR M 1206 142.51 -123.68 76.66
CA ASP M 1207 140.24 -125.98 78.59
CA GLU M 1208 142.95 -128.64 78.44
CA LYS M 1209 145.62 -126.50 80.07
CA MET M 1210 148.02 -126.97 77.19
CA TYR M 1211 150.10 -123.98 78.40
CA ASP M 1212 153.34 -125.38 76.99
CA ALA M 1213 151.84 -126.33 73.64
CA ALA M 1214 149.89 -123.10 72.97
CA LYS M 1215 153.08 -121.27 73.99
CA LEU M 1216 154.52 -122.53 70.69
CA LEU M 1217 151.27 -122.23 68.74
CA TYR M 1218 150.71 -118.61 69.73
CA ASN M 1219 154.42 -118.13 69.05
CA ASN M 1220 154.42 -118.96 65.31
CA VAL M 1221 151.04 -117.32 64.57
CA SER M 1222 152.71 -114.59 66.63
CA ASN M 1223 149.67 -113.57 68.69
CA PHE M 1224 151.87 -112.04 71.38
CA GLY M 1225 148.63 -111.03 73.08
CA ARG M 1226 148.29 -114.60 74.36
CA LEU M 1227 151.93 -115.66 73.86
CA ALA M 1228 152.82 -113.30 76.70
CA SER M 1229 149.66 -114.16 78.58
CA THR M 1230 150.46 -117.90 78.63
CA LEU M 1231 154.20 -117.33 79.28
CA VAL M 1232 153.15 -115.69 82.56
CA HIS M 1233 150.59 -118.40 83.28
CA LEU M 1234 153.73 -120.59 82.88
CA GLY M 1235 155.94 -118.70 85.32
CA GLU M 1236 158.31 -117.72 82.50
CA TYR M 1237 158.07 -114.06 83.55
CA GLN M 1238 161.11 -112.38 82.02
CA ALA M 1239 160.12 -113.73 78.57
CA ALA M 1240 156.45 -112.86 79.10
CA VAL M 1241 157.59 -109.24 79.36
CA ASP M 1242 159.09 -109.68 75.91
CA GLY M 1243 155.82 -110.91 74.47
CA ALA M 1244 154.05 -107.95 76.04
CA ARG M 1245 156.61 -105.69 74.34
CA LYS M 1246 156.03 -107.19 70.90
CA ALA M 1247 152.29 -107.28 71.67
CA ASN M 1248 152.54 -103.52 72.33
CA SER M 1249 149.17 -103.38 74.10
CA THR M 1250 148.14 -101.58 77.28
CA ARG M 1251 145.51 -103.98 78.61
CA THR M 1252 148.25 -106.53 77.94
CA TRP M 1253 151.02 -104.91 80.01
CA LYS M 1254 148.46 -104.79 82.81
CA GLU M 1255 148.02 -108.58 82.78
CA VAL M 1256 151.80 -109.13 82.72
CA CYS M 1257 152.71 -106.36 85.16
CA PHE M 1258 150.07 -107.37 87.69
CA ALA M 1259 150.98 -111.06 87.53
CA CYS M 1260 154.69 -110.18 87.46
CA VAL M 1261 153.86 -108.49 90.80
CA ASP M 1262 151.93 -111.44 92.21
CA GLY M 1263 155.04 -113.49 91.48
CA LYS M 1264 156.99 -110.82 93.38
CA GLU M 1265 159.21 -110.14 90.34
CA PHE M 1266 159.85 -106.45 90.72
CA ARG M 1267 162.71 -105.16 88.57
CA LEU M 1268 160.57 -106.74 85.85
CA ALA M 1269 157.16 -105.56 87.09
CA GLN M 1270 158.80 -102.12 87.12
CA MET M 1271 160.08 -101.77 83.54
CA CYS M 1272 156.85 -103.64 82.74
CA GLY M 1273 154.99 -100.96 84.69
CA LEU M 1274 156.57 -97.89 83.14
CA HIS M 1275 154.51 -98.61 80.04
CA ILE M 1276 151.33 -98.10 82.07
CA VAL M 1277 151.85 -95.07 84.36
CA VAL M 1278 152.09 -92.78 81.33
CA HIS M 1279 148.46 -93.63 80.66
CA ALA M 1280 144.09 -94.20 83.25
CA ASP M 1281 141.61 -96.75 81.88
CA GLU M 1282 143.87 -99.35 83.49
CA LEU M 1283 145.14 -97.75 86.74
CA GLU M 1284 142.18 -99.02 88.79
CA GLU M 1285 142.25 -102.75 88.00
CA LEU M 1286 146.02 -102.67 88.62
CA ILE M 1287 145.44 -101.20 92.08
CA ASN M 1288 142.35 -103.25 92.97
CA TYR M 1289 144.48 -106.31 92.13
CA TYR M 1290 147.50 -105.38 94.31
CA GLN M 1291 144.92 -104.60 97.02
CA ASP M 1292 143.05 -107.90 97.45
CA ARG M 1293 146.38 -109.76 97.25
CA GLY M 1294 147.05 -107.54 100.25
CA TYR M 1295 150.28 -106.19 98.78
CA PHE M 1296 149.58 -102.60 99.75
CA GLU M 1297 153.20 -102.07 100.74
CA GLU M 1298 154.59 -102.74 97.25
CA LEU M 1299 151.70 -101.07 95.42
CA ILE M 1300 152.66 -97.80 97.10
CA THR M 1301 156.36 -98.45 96.43
CA MET M 1302 155.70 -98.62 92.69
CA LEU M 1303 153.54 -95.51 92.55
CA GLU M 1304 156.47 -93.92 94.43
CA ALA M 1305 158.47 -94.28 91.18
CA ALA M 1306 155.64 -93.80 88.67
CA LEU M 1307 155.35 -90.21 89.81
CA GLY M 1308 158.61 -89.64 87.95
CA LEU M 1309 157.28 -91.05 84.68
CA GLU M 1310 156.83 -88.52 81.89
CA ARG M 1311 153.30 -89.86 81.35
CA ALA M 1312 152.33 -89.56 85.06
CA HIS M 1313 148.69 -88.50 85.49
CA MET M 1314 146.10 -87.18 87.93
CA GLY M 1315 144.68 -90.63 88.73
CA MET M 1316 148.11 -91.67 90.02
CA PHE M 1317 148.71 -88.76 92.40
CA THR M 1318 145.11 -88.97 93.61
CA GLU M 1319 145.53 -92.69 94.38
CA LEU M 1320 148.88 -92.38 96.08
CA ALA M 1321 147.53 -89.76 98.47
CA ILE M 1322 144.52 -91.95 99.32
CA LEU M 1323 146.75 -94.98 99.96
CA TYR M 1324 149.19 -92.86 101.96
CA SER M 1325 146.36 -91.71 104.19
CA LYS M 1326 145.32 -95.19 105.29
CA PHE M 1327 148.84 -96.76 105.15
CA LYS M 1328 151.47 -94.04 105.62
CA PRO M 1329 149.88 -90.91 107.11
CA GLN M 1330 153.23 -89.28 107.82
CA LYS M 1331 153.88 -89.14 104.05
CA MET M 1332 150.30 -87.96 103.26
CA ARG M 1333 151.39 -84.40 104.08
CA GLU M 1334 154.62 -83.74 102.13
CA HIS M 1335 152.75 -85.38 99.23
CA LEU M 1336 149.91 -82.85 99.14
CA GLU M 1337 152.61 -80.29 99.84
CA LEU M 1338 153.99 -80.95 96.33
CA PHE M 1339 151.19 -82.50 94.26
CA TRP M 1340 147.98 -80.96 95.62
CA SER M 1341 147.44 -79.34 92.22
CA ARG M 1342 147.76 -82.59 90.27
CA VAL M 1343 145.05 -84.47 92.20
CA ASN M 1344 141.24 -84.82 92.45
CA ILE M 1345 140.78 -82.80 95.65
CA PRO M 1346 137.25 -83.82 96.62
CA LYS M 1347 138.26 -87.49 96.66
CA VAL M 1348 141.49 -86.86 98.63
CA LEU M 1349 139.49 -84.89 101.19
CA ARG M 1350 136.85 -87.58 101.82
CA ALA M 1351 140.00 -89.70 102.31
CA ALA M 1352 141.59 -87.60 105.09
CA GLU M 1353 138.17 -87.00 106.60
CA GLN M 1354 137.91 -90.76 106.93
CA ALA M 1355 141.54 -90.88 108.15
CA HIS M 1356 141.27 -88.05 110.70
CA LEU M 1357 144.32 -86.21 109.27
CA TRP M 1358 142.98 -82.84 110.38
CA ALA M 1359 146.25 -80.93 109.79
CA GLU M 1360 146.20 -81.92 106.09
CA LEU M 1361 142.43 -81.57 105.76
CA VAL M 1362 142.84 -77.86 106.55
CA PHE M 1363 145.62 -77.62 104.00
CA LEU M 1364 143.40 -78.85 101.17
CA TYR M 1365 140.19 -77.20 102.42
CA ASP M 1366 142.39 -74.13 102.20
CA LYS M 1367 143.63 -74.74 98.64
CA TYR M 1368 140.21 -75.94 97.44
CA GLU M 1369 139.11 -72.54 98.72
CA GLU M 1370 136.56 -74.15 101.05
CA TYR M 1371 137.52 -71.71 103.84
CA ASP M 1372 134.44 -72.15 106.03
CA ASN M 1373 135.51 -75.80 106.34
CA ALA M 1374 139.18 -75.08 107.05
CA ILE M 1375 138.06 -72.90 109.97
CA ILE M 1376 135.40 -75.25 111.31
CA THR M 1377 138.11 -77.94 111.22
CA MET M 1378 140.86 -75.93 112.91
CA MET M 1379 138.25 -75.24 115.59
CA ASN M 1380 137.22 -78.81 116.44
CA HIS M 1381 140.73 -80.27 116.18
CA PRO M 1382 142.93 -77.42 117.43
CA THR M 1383 145.86 -79.47 118.68
CA ASP M 1384 146.42 -80.88 115.15
CA ALA M 1385 145.04 -78.33 112.68
CA TRP M 1386 144.89 -74.95 114.43
CA LYS M 1387 147.72 -72.50 113.76
CA GLU M 1388 147.53 -68.90 115.05
CA GLY M 1389 148.75 -67.23 111.88
CA GLN M 1390 146.75 -69.03 109.24
CA PHE M 1391 143.59 -68.81 111.33
CA LYS M 1392 143.90 -65.01 111.05
CA ASP M 1393 144.23 -65.36 107.27
CA ILE M 1394 141.49 -67.85 106.47
CA ILE M 1395 138.85 -66.57 108.91
CA THR M 1396 138.57 -63.51 106.67
CA LYS M 1397 137.76 -65.46 103.49
CA VAL M 1398 134.96 -67.20 105.44
CA ALA M 1399 131.53 -66.81 103.82
CA ASN M 1400 129.17 -67.54 106.68
CA VAL M 1401 129.97 -64.56 108.95
CA GLU M 1402 128.41 -66.33 111.91
CA LEU M 1403 131.69 -68.21 112.16
CA TYR M 1404 133.21 -64.97 113.46
CA TYR M 1405 131.04 -64.98 116.56
CA ARG M 1406 131.65 -68.70 116.82
CA ALA M 1407 135.40 -68.09 116.58
CA ILE M 1408 135.35 -65.16 119.04
CA GLN M 1409 133.84 -67.57 121.54
CA PHE M 1410 136.43 -70.26 120.80
CA TYR M 1411 139.44 -67.96 121.15
CA LEU M 1412 137.88 -66.35 124.21
CA GLU M 1413 137.40 -69.62 126.08
CA PHE M 1414 140.69 -71.33 125.17
CA LYS M 1415 143.01 -68.58 123.79
CA PRO M 1416 142.54 -65.23 125.62
CA LEU M 1417 145.74 -63.45 124.61
CA LEU M 1418 145.04 -63.99 120.93
CA LEU M 1419 141.43 -62.77 121.13
CA ASN M 1420 142.30 -59.11 120.58
CA ASP M 1421 144.56 -59.54 117.56
CA LEU M 1422 141.86 -61.83 116.17
CA LEU M 1423 139.19 -59.29 116.85
CA MET M 1424 141.21 -56.71 114.92
CA VAL M 1425 140.95 -58.82 111.75
CA LEU M 1426 137.25 -59.54 112.26
CA SER M 1427 136.43 -55.80 112.69
CA PRO M 1428 135.30 -54.95 109.09
CA ARG M 1429 132.46 -57.49 109.11
CA LEU M 1430 131.88 -57.75 112.85
CA ASP M 1431 128.61 -56.48 114.37
CA HIS M 1432 130.33 -54.56 117.21
CA THR M 1433 127.13 -54.01 119.17
CA ARG M 1434 126.55 -57.74 119.01
CA ALA M 1435 130.20 -58.32 119.92
CA VAL M 1436 130.30 -55.96 122.85
CA ASN M 1437 127.03 -57.32 124.22
CA TYR M 1438 128.48 -60.85 124.32
CA PHE M 1439 131.72 -59.82 126.03
CA SER M 1440 129.65 -57.86 128.52
CA LYS M 1441 127.22 -60.67 129.38
CA VAL M 1442 130.34 -62.83 129.59
CA LYS M 1443 131.89 -60.13 131.84
CA GLN M 1444 135.08 -60.02 129.80
CA LEU M 1445 135.14 -56.38 128.65
CA PRO M 1446 138.45 -55.57 130.38
CA LEU M 1447 140.19 -58.08 128.10
CA VAL M 1448 138.87 -56.69 124.84
CA LYS M 1449 139.79 -53.16 125.77
CA PRO M 1450 142.39 -52.79 122.91
CA TYR M 1451 139.64 -53.74 120.47
CA LEU M 1452 137.12 -51.42 122.03
CA ARG M 1453 139.39 -48.41 121.58
CA SER M 1454 140.11 -49.60 118.00
CA VAL M 1455 136.37 -49.43 117.31
CA GLN M 1456 135.02 -46.69 119.55
CA ASN M 1457 135.53 -44.25 116.67
CA HIS M 1458 132.22 -45.62 115.30
CA ASN M 1459 130.49 -43.67 118.09
CA ASN M 1460 128.74 -46.91 118.87
CA LYS M 1461 126.65 -46.81 122.06
CA SER M 1462 127.28 -50.17 123.70
CA VAL M 1463 130.93 -49.45 122.85
CA ASN M 1464 131.20 -46.07 124.60
CA GLU M 1465 129.11 -47.15 127.58
CA SER M 1466 131.17 -50.30 127.79
CA LEU M 1467 134.43 -48.49 127.22
CA ASN M 1468 133.62 -45.74 129.75
CA ASN M 1469 132.85 -48.23 132.51
CA LEU M 1470 136.45 -49.36 132.09
CA PHE M 1471 138.01 -45.92 132.36
CA ILE M 1472 135.92 -45.57 135.47
CA THR M 1473 136.82 -48.83 137.25
CA GLU M 1474 140.41 -48.07 136.41
CA GLU M 1475 140.08 -44.53 137.72
CA ASP M 1476 141.25 -43.18 134.35
CA TYR M 1477 139.40 -39.84 134.30
CA GLN M 1478 141.46 -38.13 131.61
CA ALA M 1479 140.54 -40.97 129.29
CA LEU M 1480 136.89 -40.72 130.33
CA ARG M 1481 136.85 -36.99 129.68
CA THR M 1482 138.10 -37.42 126.11
CA SER M 1483 135.70 -40.29 125.47
CA ILE M 1484 132.64 -38.31 126.49
CA ASP M 1485 134.10 -35.44 124.47
CA ALA M 1486 134.96 -37.16 121.20
CA TYR M 1487 132.05 -39.66 121.16
CA ASP M 1488 128.56 -38.66 122.32
CA ASN M 1489 126.41 -41.77 121.98
CA PHE M 1490 125.76 -42.58 125.66
CA ASP M 1491 123.43 -41.82 128.58
CA ASN M 1492 125.05 -38.78 130.23
CA ILE M 1493 122.48 -38.49 133.00
CA SER M 1494 123.00 -42.10 133.99
CA LEU M 1495 126.76 -41.51 133.95
CA ALA M 1496 126.27 -38.14 135.60
CA GLN M 1497 124.25 -39.73 138.37
CA ARG M 1498 126.65 -42.63 138.72
CA LEU M 1499 129.62 -40.24 138.95
CA GLU M 1500 128.37 -37.19 141.08
CA LYS M 1501 128.67 -38.73 144.45
CA HIS M 1502 132.25 -39.78 143.67
CA GLU M 1503 134.86 -39.17 146.35
CA LEU M 1504 137.54 -38.01 143.91
CA ILE M 1505 137.56 -34.29 143.12
CA GLU M 1506 138.47 -34.81 139.49
CA PHE M 1507 135.25 -36.72 139.05
CA ARG M 1508 132.98 -34.51 141.14
CA ARG M 1509 134.22 -31.70 138.90
CA ILE M 1510 133.24 -33.73 135.85
CA ALA M 1511 129.77 -34.30 137.22
CA ALA M 1512 129.36 -30.56 137.54
CA TYR M 1513 130.59 -30.18 133.98
CA LEU M 1514 128.06 -32.81 132.79
CA PHE M 1515 125.10 -31.10 134.51
CA LYS M 1516 126.34 -27.91 132.62
CA GLY M 1517 128.52 -29.00 129.51
CA ASN M 1518 125.36 -30.77 128.71
CA ASN M 1519 124.11 -27.27 129.32
CA ARG M 1520 122.53 -28.19 132.60
CA TRP M 1521 123.75 -24.96 134.12
CA LYS M 1522 121.30 -25.08 137.03
CA GLN M 1523 122.87 -28.32 138.20
CA SER M 1524 126.38 -27.15 137.63
CA VAL M 1525 125.73 -24.16 139.85
CA GLU M 1526 124.06 -26.18 142.58
CA LEU M 1527 126.94 -28.65 142.40
CA CYS M 1528 129.38 -25.76 142.55
CA LYS M 1529 127.57 -24.53 145.65
CA LYS M 1530 129.08 -27.52 147.58
CA ASP M 1531 132.22 -26.79 146.01
CA SER M 1532 130.77 -23.95 144.24
CA LEU M 1533 134.12 -22.19 143.94
CA TYR M 1534 135.06 -18.63 143.17
CA LYS M 1535 136.74 -19.57 139.92
CA ASP M 1536 134.67 -21.15 137.10
CA ALA M 1537 131.61 -19.76 138.77
CA MET M 1538 132.61 -16.40 137.41
CA GLN M 1539 133.31 -17.89 134.02
CA TYR M 1540 130.19 -19.93 133.43
CA ALA M 1541 127.72 -17.68 135.21
CA SER M 1542 128.04 -15.39 132.24
CA GLU M 1543 127.11 -18.27 129.96
CA SER M 1544 124.15 -18.89 132.28
CA LYS M 1545 121.63 -18.71 130.00
CA ASP M 1546 119.50 -17.50 132.92
CA THR M 1547 120.62 -14.05 133.83
CA GLU M 1548 118.33 -13.91 136.80
CA LEU M 1549 120.33 -16.30 138.13
CA ALA M 1550 122.52 -13.21 138.18
CA GLU M 1551 120.29 -11.54 140.72
CA GLU M 1552 119.95 -14.76 142.61
CA LEU M 1553 123.70 -15.27 142.61
CA LEU M 1554 124.44 -11.73 143.65
CA GLN M 1555 122.28 -12.13 146.70
CA TRP M 1556 123.67 -15.54 147.42
CA PHE M 1557 127.31 -14.47 147.30
CA LEU M 1558 126.68 -11.46 149.44
CA GLN M 1559 124.63 -13.37 151.97
CA GLU M 1560 126.63 -16.56 151.97
CA GLU M 1561 129.80 -14.75 152.99
CA LYS M 1562 130.89 -13.30 149.59
CA ARG M 1563 133.17 -12.18 149.89
CA GLU M 1564 131.40 -9.53 148.17
CA CYS M 1565 133.27 -6.26 148.40
CA PHE M 1566 136.31 -7.55 146.58
CA GLY M 1567 134.34 -9.65 144.14
CA ALA M 1568 132.12 -6.63 143.52
CA CYS M 1569 135.11 -4.65 142.38
CA LEU M 1570 136.14 -7.35 140.00
CA PHE M 1571 132.52 -7.93 139.09
CA THR M 1572 132.13 -4.31 138.12
CA CYS M 1573 135.04 -4.77 135.79
CA TYR M 1574 133.45 -7.71 134.04
CA ASP M 1575 130.31 -5.88 133.65
CA LEU M 1576 129.65 -6.34 130.27
CA LEU M 1577 125.15 -6.44 131.48
CA ARG M 1578 122.08 -4.89 133.61
CA PRO M 1579 121.54 -3.14 136.62
CA ASP M 1580 121.86 -0.63 138.49
CA VAL M 1581 119.22 -1.86 140.58
CA VAL M 1582 121.89 -3.86 142.33
CA LEU M 1583 123.82 -0.72 143.02
CA GLU M 1584 120.77 1.02 144.37
CA THR M 1585 119.61 -2.02 146.27
CA ALA M 1586 123.05 -2.54 147.73
CA TRP M 1587 122.71 0.83 149.42
CA ARG M 1588 119.77 -0.59 151.32
CA HIS M 1589 122.28 -2.96 152.81
CA ASN M 1590 125.54 -1.65 154.11
CA ILE M 1591 127.31 -0.02 151.16
CA MET M 1592 130.62 -0.52 152.80
CA ASP M 1593 130.38 -3.62 150.71
CA PHE M 1594 129.29 -1.57 147.81
CA ALA M 1595 132.51 -0.22 147.13
CA MET M 1596 134.25 -1.61 144.81
CA PRO M 1597 134.81 1.00 142.50
CA TYR M 1598 137.78 1.07 141.14
CA PHE M 1599 136.86 -0.90 138.22
CA ILE M 1600 133.40 0.24 138.15
CA GLN M 1601 135.72 3.17 137.22
CA VAL M 1602 136.75 1.31 134.07
CA MET M 1603 133.13 1.00 133.02
CA LYS M 1604 132.56 4.64 133.68
CA GLU M 1605 135.62 5.47 131.46
CA TYR M 1606 133.86 3.41 128.82
CA LEU M 1607 130.64 5.47 128.99
CA THR M 1608 132.49 8.70 128.81
CA LYS M 1609 134.44 7.58 125.80
CA VAL M 1610 131.12 6.74 124.09
CA ASP M 1611 129.72 10.23 124.77
CA LYS M 1612 132.87 12.02 123.80
CA LEU M 1613 132.70 9.92 120.68
CA ASP M 1614 129.06 10.50 119.74
CA ALA M 1615 129.72 14.15 120.38
CA SER M 1616 132.46 14.34 117.77
CA GLU M 1617 130.08 12.46 115.47
CA SER M 1618 127.15 14.90 115.82
CA LEU M 1619 129.54 17.83 115.49
CA ARG M 1620 130.97 16.30 112.30
CA LYS M 1621 127.35 16.21 111.01
CA GLU M 1622 126.41 19.73 112.07
CA GLU M 1623 129.51 20.86 110.25
CA GLU M 1624 128.10 19.05 107.17
CA GLN M 1625 124.51 20.30 107.12
CA ALA M 1626 125.96 23.70 107.90
CA THR M 1627 128.32 23.73 104.97
CA GLU M 1628 125.64 22.49 102.57
CA THR M 1629 122.99 25.06 103.52
CA GLN M 1630 125.59 27.62 102.91
CA VAL N 1 143.09 -117.63 104.55
CA ASP N 2 143.75 -114.50 102.52
CA ARG N 3 140.32 -113.12 103.33
CA LEU N 4 140.85 -113.70 107.03
CA GLN N 5 144.17 -111.89 106.96
CA SER N 6 142.63 -108.91 105.23
CA GLU N 7 139.88 -108.69 107.83
CA PRO N 8 142.40 -108.76 110.64
CA GLU N 9 144.72 -106.09 109.11
CA SER N 10 141.82 -103.73 108.62
CA ILE N 11 140.68 -104.21 112.20
CA ARG N 12 144.15 -103.46 113.52
CA LYS N 13 144.34 -100.26 111.50
CA TRP N 14 141.00 -99.10 112.85
CA ARG N 15 142.09 -99.72 116.41
CA GLU N 16 145.26 -97.72 115.89
CA GLU N 17 143.31 -94.79 114.50
CA GLN N 18 140.98 -94.79 117.47
CA THR N 19 143.88 -94.75 119.89
CA GLU N 20 145.46 -91.80 118.12
CA ARG N 21 142.22 -89.84 118.27
CA LEU N 22 141.89 -90.48 121.99
CA GLU N 23 145.43 -89.27 122.61
CA ALA N 24 144.78 -86.07 120.69
CA LEU N 25 141.65 -85.36 122.70
CA ASP N 26 143.51 -85.84 125.96
CA ALA N 27 146.22 -83.42 124.88
CA ASN N 28 143.67 -80.79 123.96
CA SER N 29 141.98 -81.10 127.34
CA ARG N 30 145.28 -80.67 129.14
CA LYS N 31 146.07 -77.53 127.16
CA GLN N 32 142.69 -76.04 128.00
CA GLU N 33 143.20 -76.70 131.70
CA ALA N 34 146.60 -75.02 131.64
CA GLU N 35 145.16 -71.94 129.97
CA TRP N 36 142.42 -71.67 132.57
CA LYS N 37 144.42 -72.52 136.41
CA GLU N 38 146.33 -69.92 134.43
CA LYS N 39 143.13 -68.06 133.59
CA ALA N 40 142.11 -67.98 137.24
CA ILE N 41 145.46 -66.56 138.25
CA LYS N 42 145.21 -63.82 135.66
CA GLU N 43 141.77 -62.84 136.88
CA LEU N 44 142.98 -62.60 140.46
CA ASP N 45 145.85 -60.37 139.45
CA GLU N 46 143.53 -58.04 137.58
CA TRP N 47 141.24 -57.75 140.58
CA TYR N 48 144.14 -56.88 142.84
CA ALA N 49 145.30 -54.16 140.49
CA ARG N 50 141.85 -52.63 140.38
CA GLN N 51 141.64 -52.56 144.15
CA ASP N 52 144.99 -50.81 144.40
CA GLU N 53 143.92 -48.16 141.92
CA GLN N 54 140.74 -47.48 143.87
CA LEU N 55 142.69 -47.06 147.10
CA GLN N 56 145.06 -44.60 145.47
CA LYS N 57 142.17 -42.52 144.16
CA THR N 58 140.58 -42.38 147.59
CA LYS N 59 143.82 -41.19 149.16
CA ALA N 60 144.17 -38.43 146.60
CA ASN N 61 140.64 -37.23 147.25
CA ASN N 62 141.27 -37.09 150.97
CA ARG N 63 144.41 -35.05 150.49
CA VAL N 64 142.58 -32.55 148.29
CA ALA N 65 139.86 -32.13 150.89
CA ASP N 66 142.42 -31.46 153.61
CA GLU N 67 144.12 -28.82 151.50
CA ALA N 68 140.84 -27.05 150.86
CA PHE N 69 140.03 -26.98 154.56
CA TYR N 70 143.41 -25.47 155.36
CA MET O 1 -75.17 248.27 -82.37
CA ALA O 2 -74.06 245.62 -79.84
CA GLN O 3 -76.08 246.07 -76.70
CA ILE O 4 -74.68 244.20 -73.72
CA LEU O 5 -71.05 243.95 -72.85
CA PRO O 6 -70.09 240.22 -73.16
CA ILE O 7 -66.55 240.56 -71.70
CA ARG O 8 -64.85 242.45 -68.83
CA PHE O 9 -61.75 244.46 -69.65
CA GLN O 10 -59.78 245.05 -66.41
CA GLU O 11 -56.47 246.79 -65.65
CA HIS O 12 -54.85 244.99 -62.73
CA LEU O 13 -51.93 247.28 -62.24
CA GLN O 14 -50.00 250.03 -64.00
CA LEU O 15 -46.33 249.23 -63.92
CA GLN O 16 -44.92 252.72 -64.03
CA ASN O 17 -46.85 253.35 -60.80
CA LEU O 18 -44.32 250.93 -59.36
CA GLY O 19 -41.78 253.26 -60.76
CA ILE O 20 -40.54 250.84 -63.41
CA ASN O 21 -38.45 252.27 -66.23
CA PRO O 22 -40.67 251.95 -69.32
CA ALA O 23 -37.55 251.13 -71.28
CA ASN O 24 -37.71 247.85 -69.43
CA ILE O 25 -41.30 246.92 -70.23
CA GLY O 26 -40.58 244.74 -73.22
CA PHE O 27 -40.25 241.22 -74.57
CA SER O 28 -36.67 240.89 -73.54
CA THR O 29 -36.79 242.50 -70.18
CA LEU O 30 -40.27 241.62 -69.02
CA THR O 31 -41.65 238.13 -68.63
CA MET O 32 -44.99 236.72 -67.55
CA GLU O 33 -44.92 232.86 -67.29
CA SER O 34 -48.18 232.77 -65.39
CA ASP O 35 -50.65 235.24 -63.85
CA LYS O 36 -48.75 234.79 -60.58
CA PHE O 37 -45.64 236.94 -61.09
CA ILE O 38 -44.21 239.47 -63.47
CA CYS O 39 -40.47 239.75 -63.62
CA ILE O 40 -38.52 242.75 -64.95
CA ARG O 41 -34.75 242.98 -65.40
CA GLU O 42 -33.63 246.64 -64.71
CA LYS O 43 -30.22 248.34 -64.56
CA VAL O 44 -30.79 250.74 -61.71
CA GLY O 45 -27.98 253.18 -62.13
CA GLU O 46 -25.00 251.14 -63.17
CA GLN O 47 -26.42 248.16 -61.27
CA ALA O 48 -28.48 245.28 -62.59
CA GLN O 49 -31.43 243.87 -60.74
CA VAL O 50 -34.57 241.81 -61.07
CA VAL O 51 -37.88 243.13 -59.95
CA ILE O 52 -40.38 240.42 -59.15
CA ILE O 53 -43.98 241.44 -58.93
CA ASP O 54 -46.21 238.96 -57.19
CA MET O 55 -49.60 239.54 -58.56
CA ASN O 56 -51.03 238.75 -55.21
CA ASP O 57 -49.80 242.00 -53.67
CA PRO O 58 -48.47 243.85 -56.68
CA SER O 59 -48.11 246.94 -54.58
CA ASN O 60 -44.91 245.49 -53.27
CA PRO O 61 -42.29 244.25 -55.77
CA ILE O 62 -39.22 242.15 -54.66
CA ARG O 63 -35.93 243.53 -56.03
CA ARG O 64 -32.58 241.70 -56.18
CA PRO O 65 -29.30 242.61 -57.82
CA ILE O 66 -28.94 239.90 -60.32
CA SER O 67 -27.06 240.11 -63.55
CA ALA O 68 -28.73 237.70 -65.95
CA ASP O 69 -29.20 237.59 -69.68
CA SER O 70 -32.69 236.48 -68.73
CA ALA O 71 -34.96 235.58 -65.84
CA ILE O 72 -38.26 233.73 -65.76
CA MET O 73 -40.21 232.86 -62.62
CA ASN O 74 -41.91 229.59 -61.79
CA PRO O 75 -45.52 229.48 -62.77
CA ALA O 76 -46.37 228.95 -59.16
CA SER O 77 -43.58 229.06 -56.68
CA LYS O 78 -40.98 231.58 -55.68
CA VAL O 79 -38.36 229.78 -57.77
CA ILE O 80 -36.63 231.71 -60.56
CA ALA O 81 -34.58 230.53 -63.50
CA LEU O 82 -31.69 232.83 -64.32
CA LYS O 83 -29.57 232.51 -67.40
CA ALA O 84 -26.04 233.86 -67.59
CA GLY O 85 -25.13 233.39 -71.21
CA LYS O 86 -24.87 229.59 -71.17
CA THR O 87 -25.00 228.87 -67.51
CA LEU O 88 -28.59 228.21 -66.50
CA GLN O 89 -29.42 228.48 -62.81
CA ILE O 90 -32.66 227.71 -60.91
CA PHE O 91 -32.64 229.65 -57.63
CA ASN O 92 -35.12 229.74 -54.78
CA ILE O 93 -36.02 233.44 -54.35
CA GLU O 94 -38.09 232.44 -51.31
CA MET O 95 -35.22 231.14 -49.20
CA LYS O 96 -32.37 232.51 -51.29
CA SER O 97 -30.90 229.04 -51.86
CA LYS O 98 -29.49 227.88 -55.20
CA MET O 99 -31.54 224.94 -56.38
CA LYS O 100 -29.68 223.77 -59.47
CA ALA O 101 -27.60 224.89 -62.45
CA HIS O 102 -26.22 223.71 -65.77
CA THR O 103 -23.95 225.13 -68.42
CA MET O 104 -25.53 224.40 -71.72
CA THR O 105 -23.22 223.46 -74.60
CA ASP O 106 -24.88 225.91 -76.93
CA ASP O 107 -26.74 229.08 -75.91
CA VAL O 108 -30.36 228.81 -74.94
CA THR O 109 -32.08 230.95 -77.46
CA PHE O 110 -35.52 231.10 -75.81
CA TRP O 111 -36.74 229.29 -72.70
CA LYS O 112 -39.89 229.11 -70.60
CA TRP O 113 -41.55 227.22 -67.81
CA ILE O 114 -43.95 224.71 -69.35
CA SER O 115 -45.16 223.59 -65.99
CA LEU O 116 -44.88 223.79 -62.28
CA ASN O 117 -41.43 222.32 -62.48
CA THR O 118 -39.96 222.01 -65.91
CA VAL O 119 -38.22 224.64 -68.01
CA ALA O 120 -38.00 224.39 -71.82
CA LEU O 121 -34.66 225.39 -73.35
CA VAL O 122 -34.67 226.23 -76.98
CA THR O 123 -31.33 226.00 -78.63
CA ASP O 124 -30.46 226.97 -82.09
CA ASN O 125 -30.91 223.30 -82.97
CA ALA O 126 -32.94 221.65 -80.28
CA VAL O 127 -35.57 221.95 -77.58
CA TYR O 128 -34.82 220.31 -74.19
CA HIS O 129 -36.87 220.09 -71.01
CA TRP O 130 -35.16 220.61 -67.63
CA SER O 131 -36.91 219.55 -64.46
CA MET O 132 -36.21 221.77 -61.48
CA GLU O 133 -36.28 218.51 -59.54
CA GLY O 134 -33.24 216.52 -58.47
CA GLU O 135 -29.78 216.17 -59.91
CA SER O 136 -31.31 215.58 -63.35
CA GLN O 137 -29.97 217.47 -66.33
CA PRO O 138 -31.66 218.94 -69.50
CA VAL O 139 -33.25 216.26 -71.73
CA LYS O 140 -33.49 216.80 -75.50
CA MET O 141 -37.09 216.29 -76.71
CA PHE O 142 -36.52 216.96 -80.35
CA ASP O 143 -34.49 218.77 -82.95
CA ARG O 144 -35.58 221.98 -84.51
CA HIS O 145 -37.28 221.48 -87.82
CA SER O 146 -35.75 223.40 -90.71
CA SER O 147 -38.67 225.58 -91.58
CA LEU O 148 -37.77 227.46 -88.43
CA ALA O 149 -34.16 228.16 -89.39
CA GLY O 150 -33.15 231.73 -88.68
CA CYS O 151 -36.55 232.44 -87.08
CA GLN O 152 -37.02 234.75 -84.14
CA ILE O 153 -38.37 232.19 -81.62
CA ILE O 154 -41.40 233.73 -79.91
CA ASN O 155 -43.06 230.86 -78.08
CA TYR O 156 -43.10 227.22 -77.05
CA ARG O 157 -46.16 225.32 -75.86
CA THR O 158 -47.13 221.83 -74.81
CA ASP O 159 -50.37 219.93 -74.41
CA ALA O 160 -51.37 219.04 -70.83
CA LYS O 161 -49.77 215.67 -71.17
CA GLN O 162 -46.60 217.04 -72.77
CA LYS O 163 -47.03 214.51 -75.50
CA TRP O 164 -47.35 217.20 -78.26
CA LEU O 165 -44.94 220.14 -78.30
CA LEU O 166 -45.16 223.25 -80.46
CA LEU O 167 -42.40 225.70 -81.33
CA THR O 168 -43.08 229.07 -83.02
CA GLY O 169 -40.88 231.60 -84.62
CA ILE O 170 -41.53 234.50 -86.99
CA SER O 171 -39.69 235.93 -89.96
CA ALA O 172 -39.90 239.15 -91.93
CA GLN O 173 -40.15 237.42 -95.19
CA GLN O 174 -40.59 239.57 -98.15
CA ASN O 175 -42.26 242.43 -96.24
CA ARG O 176 -44.61 240.34 -93.91
CA VAL O 177 -44.06 238.87 -90.47
CA VAL O 178 -44.47 235.26 -91.36
CA GLY O 179 -44.85 232.74 -88.49
CA ALA O 180 -43.40 229.24 -88.46
CA MET O 181 -44.59 226.52 -86.13
CA GLN O 182 -43.14 223.07 -85.55
CA LEU O 183 -45.61 220.59 -84.04
CA TYR O 184 -43.64 217.63 -82.64
CA SER O 185 -45.26 214.34 -81.59
CA VAL O 186 -43.53 212.80 -78.61
CA ASP O 187 -45.15 209.39 -78.64
CA ARG O 188 -45.09 209.03 -82.45
CA LYS O 189 -41.64 210.65 -82.66
CA VAL O 190 -42.71 212.60 -85.77
CA SER O 191 -42.75 216.34 -86.34
CA GLN O 192 -44.52 218.63 -88.81
CA PRO O 193 -44.35 222.23 -89.95
CA ILE O 194 -47.41 224.56 -89.88
CA GLU O 195 -47.61 228.23 -90.81
CA GLY O 196 -49.00 229.80 -87.71
CA HIS O 197 -48.87 232.93 -85.73
CA ALA O 198 -50.37 231.98 -82.40
CA ALA O 199 -51.76 228.77 -80.88
CA SER O 200 -52.64 226.89 -77.76
CA PHE O 201 -53.81 223.35 -76.85
CA ALA O 202 -56.97 222.54 -74.91
CA GLN O 203 -58.62 219.54 -73.26
CA PHE O 204 -62.22 219.34 -74.36
CA LYS O 205 -64.68 216.59 -73.57
CA MET O 206 -67.06 216.48 -76.55
CA GLU O 207 -70.79 216.06 -76.18
CA GLY O 208 -71.33 212.34 -75.77
CA ASN O 209 -67.76 211.18 -75.17
CA ALA O 210 -66.30 210.11 -71.87
CA GLU O 211 -62.85 211.34 -72.48
CA GLU O 212 -61.46 214.76 -73.16
CA SER O 213 -60.09 215.31 -76.55
CA THR O 214 -56.80 217.17 -76.79
CA LEU O 215 -57.21 220.00 -79.18
CA PHE O 216 -54.60 222.19 -80.82
CA CYS O 217 -55.83 225.57 -81.89
CA PHE O 218 -53.80 227.94 -83.94
CA ALA O 219 -54.25 231.12 -85.90
CA VAL O 220 -52.44 232.77 -88.74
CA ARG O 221 -52.74 235.48 -91.28
CA GLY O 222 -51.49 234.17 -94.63
CA GLN O 223 -52.00 235.15 -98.29
CA ALA O 224 -55.55 233.86 -98.00
CA GLY O 225 -56.10 235.99 -94.99
CA GLY O 226 -56.23 235.03 -91.38
CA LYS O 227 -57.76 231.80 -90.28
CA LEU O 228 -58.14 229.94 -87.06
CA HIS O 229 -57.91 226.15 -86.94
CA ILE O 230 -59.07 223.88 -84.13
CA ILE O 231 -58.04 220.24 -84.60
CA GLU O 232 -57.85 217.16 -82.37
CA VAL O 233 -54.34 215.97 -81.90
CA GLY O 234 -53.44 212.27 -81.79
CA THR O 235 -55.76 209.24 -81.36
CA PRO O 236 -59.11 209.69 -79.66
CA PRO O 237 -59.45 207.90 -76.37
CA THR O 238 -60.83 204.51 -77.22
CA GLY O 239 -64.58 204.83 -77.45
CA ASN O 240 -64.56 208.53 -78.27
CA GLN O 241 -66.12 209.92 -81.39
CA PRO O 242 -63.48 212.02 -83.04
CA PHE O 243 -63.64 215.83 -82.92
CA PRO O 244 -64.31 217.29 -86.36
CA LYS O 245 -61.40 219.55 -87.29
CA LYS O 246 -62.55 223.21 -87.63
CA ALA O 247 -61.40 226.26 -89.59
CA VAL O 248 -62.75 229.79 -89.31
CA ASP O 249 -61.36 232.99 -90.69
CA VAL O 250 -60.20 235.73 -88.34
CA PHE O 251 -61.12 239.15 -89.60
CA PHE O 252 -58.83 242.13 -89.90
CA PRO O 253 -60.29 245.53 -90.66
CA PRO O 254 -58.72 247.71 -93.35
CA GLU O 255 -57.44 250.02 -90.63
CA ALA O 256 -55.78 246.90 -89.25
CA GLN O 257 -53.34 247.17 -92.13
CA ASN O 258 -50.70 244.65 -91.38
CA ASP O 259 -51.96 243.24 -88.12
CA PHE O 260 -51.50 239.52 -87.37
CA PRO O 261 -52.11 237.10 -84.46
CA VAL O 262 -49.77 237.38 -81.57
CA ALA O 263 -51.21 235.55 -78.56
CA MET O 264 -53.86 232.98 -77.71
CA GLN O 265 -55.22 231.49 -74.53
CA ILE O 266 -58.25 229.32 -74.16
CA SER O 267 -60.66 229.27 -71.27
CA GLU O 268 -61.21 225.73 -70.19
CA LYS O 269 -63.90 227.01 -67.91
CA HIS O 270 -65.95 228.46 -70.85
CA ASP O 271 -64.42 226.76 -73.93
CA VAL O 272 -63.71 230.07 -75.53
CA VAL O 273 -60.60 230.93 -77.49
CA PHE O 274 -59.05 234.32 -76.80
CA LEU O 275 -56.93 235.73 -79.61
CA ILE O 276 -54.88 238.97 -79.38
CA THR O 277 -53.43 240.63 -82.49
CA LYS O 278 -50.28 242.70 -82.93
CA TYR O 279 -52.22 246.00 -82.92
CA GLY O 280 -54.12 245.39 -79.69
CA TYR O 281 -57.31 243.68 -80.97
CA ILE O 282 -59.08 240.87 -79.15
CA HIS O 283 -61.39 238.14 -80.47
CA LEU O 284 -63.32 235.45 -78.66
CA TYR O 285 -64.17 232.27 -80.56
CA ASP O 286 -66.19 229.27 -79.46
CA LEU O 287 -63.68 226.42 -78.97
CA GLU O 288 -65.98 223.64 -80.11
CA THR O 289 -67.28 225.27 -83.31
CA GLY O 290 -64.89 228.07 -84.00
CA THR O 291 -67.76 230.52 -84.15
CA CYS O 292 -66.62 234.10 -83.62
CA ILE O 293 -68.37 235.49 -80.59
CA TYR O 294 -66.79 238.91 -80.12
CA MET O 295 -64.12 241.26 -81.44
CA ASN O 296 -62.93 244.68 -80.35
CA ARG O 297 -59.86 246.67 -79.71
CA ILE O 298 -58.60 247.00 -76.19
CA SER O 299 -55.09 248.34 -76.64
CA GLY O 300 -53.36 250.57 -79.14
CA GLU O 301 -49.99 249.52 -77.88
CA THR O 302 -48.99 245.85 -78.33
CA ILE O 303 -49.71 243.28 -75.60
CA PHE O 304 -46.29 241.61 -75.83
CA VAL O 305 -46.86 238.87 -73.29
CA THR O 306 -49.82 236.99 -71.92
CA ALA O 307 -51.02 234.08 -69.88
CA PRO O 308 -54.15 232.49 -68.92
CA HIS O 309 -55.92 234.31 -66.07
CA GLU O 310 -56.92 231.64 -63.67
CA ALA O 311 -59.24 233.69 -61.51
CA THR O 312 -61.47 234.57 -64.37
CA ALA O 313 -60.61 231.89 -66.88
CA GLY O 314 -59.60 234.66 -69.25
CA ILE O 315 -56.46 236.17 -70.58
CA ILE O 316 -54.02 238.64 -68.88
CA GLY O 317 -51.13 240.41 -70.56
CA VAL O 318 -48.91 243.47 -70.41
CA ASN O 319 -48.48 246.10 -73.10
CA ARG O 320 -45.87 248.71 -73.87
CA LYS O 321 -47.33 251.38 -71.56
CA GLY O 322 -46.98 249.06 -68.62
CA GLN O 323 -50.62 248.21 -68.38
CA VAL O 324 -51.29 244.77 -67.01
CA LEU O 325 -54.65 244.13 -68.78
CA SER O 326 -57.04 241.27 -68.70
CA VAL O 327 -60.16 240.15 -70.64
CA CYS O 328 -62.68 237.46 -69.80
CA VAL O 329 -66.27 236.29 -70.46
CA GLU O 330 -68.83 238.10 -68.31
CA GLU O 331 -70.68 234.95 -67.24
CA GLU O 332 -73.83 236.83 -66.74
CA ASN O 333 -73.91 238.67 -70.09
CA ILE O 334 -72.61 236.19 -72.67
CA ILE O 335 -75.60 233.88 -73.16
CA PRO O 336 -77.86 237.02 -73.49
CA TYR O 337 -75.31 238.58 -75.84
CA ILE O 338 -75.19 235.50 -78.13
CA THR O 339 -79.00 235.39 -78.16
CA ASN O 340 -79.72 239.11 -78.71
CA VAL O 341 -76.67 240.68 -80.31
CA LEU O 342 -75.40 237.55 -82.17
CA GLN O 343 -78.97 236.48 -82.65
CA ASN O 344 -77.76 232.95 -82.39
CA PRO O 345 -80.00 231.23 -79.78
CA ASP O 346 -78.78 227.85 -80.76
CA LEU O 347 -75.14 228.67 -79.96
CA ALA O 348 -76.52 230.39 -76.87
CA LEU O 349 -78.41 227.39 -75.51
CA ARG O 350 -75.54 225.06 -76.26
CA MET O 351 -72.94 227.23 -74.70
CA ALA O 352 -75.39 227.78 -71.77
CA VAL O 353 -76.03 224.13 -70.99
CA ARG O 354 -72.48 223.10 -71.91
CA ASN O 355 -71.10 225.61 -69.47
CA ASN O 356 -73.88 226.02 -66.99
CA LEU O 357 -74.12 229.70 -67.71
CA ALA O 358 -77.27 231.77 -67.29
CA GLY O 359 -79.41 233.93 -69.49
CA ALA O 360 -81.29 231.40 -71.57
CA GLU O 361 -84.04 230.64 -69.08
CA GLU O 362 -86.89 231.68 -71.41
CA LEU O 363 -85.53 229.63 -74.27
CA PHE O 364 -85.32 226.60 -72.02
CA ALA O 365 -88.84 226.84 -70.64
CA ARG O 366 -89.98 227.38 -74.23
CA LYS O 367 -88.03 224.30 -75.38
CA PHE O 368 -89.38 222.20 -72.51
CA ASN O 369 -92.93 223.35 -73.04
CA ALA O 370 -92.56 222.63 -76.73
CA LEU O 371 -91.40 219.08 -76.28
CA PHE O 372 -94.21 218.55 -73.73
CA ALA O 373 -96.89 218.98 -76.40
CA GLN O 374 -95.25 216.67 -78.84
CA GLY O 375 -95.46 214.62 -75.68
CA ASN O 376 -91.81 213.65 -75.87
CA TYR O 377 -91.73 213.61 -72.12
CA SER O 378 -88.35 212.02 -72.43
CA GLU O 379 -86.78 214.80 -74.44
CA ALA O 380 -88.65 217.31 -72.29
CA ALA O 381 -87.08 215.83 -69.13
CA LYS O 382 -83.60 215.81 -70.61
CA VAL O 383 -84.02 219.57 -71.06
CA ALA O 384 -85.21 220.16 -67.50
CA ALA O 385 -82.49 217.94 -66.11
CA ASN O 386 -79.71 219.75 -67.98
CA ALA O 387 -80.84 223.34 -68.33
CA PRO O 388 -78.45 225.51 -66.18
CA LYS O 389 -78.70 226.84 -62.67
CA GLY O 390 -81.54 224.42 -61.94
CA ILE O 391 -84.00 226.56 -63.73
CA LEU O 392 -86.45 223.63 -64.50
CA ARG O 393 -85.57 221.21 -61.67
CA THR O 394 -88.63 222.47 -59.93
CA PRO O 395 -91.55 221.06 -57.91
CA ASP O 396 -93.74 222.48 -60.53
CA THR O 397 -91.73 220.57 -63.09
CA ILE O 398 -92.39 217.39 -61.09
CA ARG O 399 -96.13 218.37 -60.84
CA ARG O 400 -96.13 218.69 -64.60
CA PHE O 401 -94.83 215.17 -65.21
CA GLN O 402 -96.93 213.87 -62.36
CA SER O 403 -100.05 215.07 -64.19
CA VAL O 404 -99.82 213.06 -67.38
CA PRO O 405 -101.29 209.57 -67.15
CA ALA O 406 -99.35 206.39 -67.63
CA GLN O 407 -101.06 204.85 -70.69
CA PRO O 408 -100.70 201.04 -70.49
CA GLY O 409 -97.24 199.82 -71.50
CA GLN O 410 -94.20 202.15 -71.26
CA THR O 411 -92.91 203.99 -68.19
CA SER O 412 -94.50 207.13 -66.64
CA PRO O 413 -93.19 210.50 -67.75
CA LEU O 414 -92.39 211.17 -64.12
CA LEU O 415 -90.61 207.97 -63.48
CA GLN O 416 -88.94 208.68 -66.80
CA TYR O 417 -87.77 212.13 -65.62
CA PHE O 418 -86.64 210.72 -62.25
CA GLY O 419 -84.75 208.18 -64.28
CA ILE O 420 -82.81 210.90 -66.06
CA LEU O 421 -82.08 212.66 -62.83
CA LEU O 422 -80.93 209.48 -61.05
CA ASP O 423 -78.56 208.96 -63.95
CA GLN O 424 -77.52 212.56 -64.05
CA GLY O 425 -76.73 212.34 -60.37
CA GLN O 426 -78.14 212.92 -56.90
CA LEU O 427 -81.73 214.12 -56.24
CA ASN O 428 -82.67 216.94 -53.77
CA LYS O 429 -84.89 216.82 -50.78
CA TYR O 430 -88.16 217.40 -52.65
CA GLU O 431 -87.29 215.05 -55.48
CA SER O 432 -86.19 212.30 -53.17
CA LEU O 433 -89.45 212.65 -51.27
CA GLU O 434 -91.55 212.56 -54.45
CA LEU O 435 -89.56 209.61 -55.75
CA CYS O 436 -89.77 207.65 -52.52
CA ARG O 437 -93.32 208.29 -51.37
CA PRO O 438 -95.01 205.88 -53.86
CA VAL O 439 -92.23 203.20 -53.81
CA LEU O 440 -92.50 203.10 -50.03
CA GLN O 441 -96.20 202.38 -50.35
CA GLN O 442 -95.50 199.69 -52.96
CA GLY O 443 -93.55 197.77 -50.29
CA ARG O 444 -90.43 198.30 -52.31
CA LYS O 445 -87.77 198.42 -49.57
CA GLN O 446 -84.95 196.94 -51.50
CA LEU O 447 -85.24 199.69 -54.15
CA LEU O 448 -84.97 202.61 -51.79
CA GLU O 449 -82.18 200.64 -50.08
CA LYS O 450 -80.13 200.68 -53.29
CA TRP O 451 -80.95 204.28 -54.07
CA LEU O 452 -79.67 205.04 -50.54
CA LYS O 453 -76.48 203.00 -50.74
CA GLU O 454 -75.57 204.19 -54.18
CA ASP O 455 -75.99 207.48 -52.37
CA LYS O 456 -78.61 208.89 -54.78
CA LEU O 457 -81.11 210.41 -52.26
CA GLU O 458 -80.59 213.53 -50.19
CA CYS O 459 -81.86 212.04 -46.92
CA SER O 460 -83.97 214.30 -44.70
CA GLU O 461 -85.86 214.02 -41.39
CA GLU O 462 -89.06 214.05 -43.43
CA LEU O 463 -88.14 211.33 -45.94
CA GLY O 464 -87.32 209.44 -42.79
CA ASP O 465 -90.65 210.13 -41.13
CA LEU O 466 -92.26 208.82 -44.31
CA VAL O 467 -90.24 205.64 -44.13
CA LYS O 468 -90.92 205.29 -40.39
CA SER O 469 -94.56 204.91 -41.49
CA VAL O 470 -93.48 201.71 -43.21
CA ASP O 471 -90.16 200.69 -41.74
CA PRO O 472 -89.32 202.40 -38.47
CA THR O 473 -86.06 200.41 -38.79
CA LEU O 474 -85.33 201.70 -42.32
CA ALA O 475 -85.89 205.20 -40.88
CA LEU O 476 -82.87 205.27 -38.51
CA SER O 477 -80.87 204.66 -41.62
CA VAL O 478 -82.05 207.89 -43.35
CA TYR O 479 -82.10 209.86 -40.12
CA LEU O 480 -78.60 208.74 -39.26
CA ARG O 481 -77.83 210.25 -42.71
CA ALA O 482 -80.21 213.09 -42.35
CA ASN O 483 -80.95 215.63 -39.39
CA VAL O 484 -79.08 213.27 -37.11
CA PRO O 485 -85.22 214.34 -38.01
CA ASN O 486 -84.38 212.03 -35.17
CA LYS O 487 -87.51 212.70 -33.22
CA VAL O 488 -89.67 212.01 -36.20
CA ILE O 489 -87.97 208.75 -37.03
CA GLN O 490 -88.34 207.37 -33.56
CA CYS O 491 -91.89 208.46 -33.47
CA PHE O 492 -93.78 206.50 -36.04
CA ALA O 493 -91.07 203.94 -35.76
CA GLU O 494 -92.69 202.19 -32.93
CA THR O 495 -91.95 199.45 -35.33
CA GLY O 496 -88.50 199.41 -36.81
CA GLN O 497 -85.11 197.87 -36.36
CA VAL O 498 -83.82 197.79 -32.83
CA GLN O 499 -80.28 198.68 -33.78
CA LYS O 500 -81.28 201.87 -35.54
CA ILE O 501 -83.55 202.81 -32.71
CA VAL O 502 -80.84 202.51 -30.11
CA LEU O 503 -78.62 204.90 -32.01
CA TYR O 504 -81.22 207.49 -33.00
CA ALA O 505 -83.20 207.58 -29.78
CA LYS O 506 -80.30 209.28 -28.04
CA LYS O 507 -80.26 212.00 -30.67
CA VAL O 508 -83.94 212.75 -30.15
CA GLY O 509 -84.30 214.31 -30.52
CA TYR O 510 -87.46 213.55 -28.63
CA THR O 511 -86.80 211.56 -25.53
CA PRO O 512 -90.33 210.23 -25.03
CA ASP O 513 -89.90 208.31 -28.24
CA TRP O 514 -87.43 206.19 -26.33
CA ILE O 515 -90.03 205.30 -23.75
CA PHE O 516 -92.40 204.50 -26.55
CA LEU O 517 -89.73 202.41 -28.19
CA LEU O 518 -89.15 200.43 -25.05
CA ARG O 519 -92.80 199.61 -24.87
CA ASN O 520 -92.70 198.28 -28.38
CA VAL O 521 -89.66 196.20 -27.70
CA MET O 522 -91.29 195.02 -24.52
CA ARG O 523 -93.78 191.19 -27.23
CA ILE O 524 -92.42 192.48 -30.45
CA SER O 525 -90.06 191.36 -33.15
CA PRO O 526 -87.41 191.68 -30.56
CA ASP O 527 -87.56 189.06 -27.87
CA GLN O 528 -85.53 187.83 -24.98
CA GLY O 529 -82.06 186.56 -25.64
CA GLN O 530 -79.74 188.65 -27.67
CA GLN O 531 -82.01 190.85 -29.69
CA PHE O 532 -82.99 194.44 -29.99
CA ALA O 533 -84.87 194.09 -26.76
CA GLN O 534 -82.02 194.47 -24.31
CA MET O 535 -79.52 195.88 -26.73
CA LEU O 536 -81.93 198.67 -27.46
CA VAL O 537 -81.87 199.63 -23.83
CA GLN O 538 -78.12 199.93 -24.01
CA ASP O 539 -78.02 202.62 -26.65
CA GLU O 540 -80.90 204.28 -24.89
CA GLU O 541 -78.78 204.41 -21.78
CA PRO O 542 -81.64 207.01 -19.43
CA LEU O 543 -86.31 210.63 -18.65
CA ALA O 544 -89.85 210.82 -19.92
CA ASP O 545 -92.34 209.15 -18.85
CA ILE O 546 -90.96 206.48 -16.54
CA THR O 547 -94.45 205.12 -16.10
CA GLN O 548 -94.84 205.12 -19.85
CA ILE O 549 -91.79 203.02 -20.40
CA VAL O 550 -92.86 200.46 -17.85
CA ASP O 551 -96.43 200.50 -19.05
CA VAL O 552 -95.23 199.50 -22.46
CA PHE O 553 -93.14 196.69 -21.08
CA MET O 554 -95.92 195.36 -18.90
CA GLU O 555 -98.53 195.03 -21.63
CA TYR O 556 -95.98 193.19 -23.72
CA ASN O 557 -95.41 190.95 -20.69
CA LEU O 558 -91.77 191.91 -21.15
CA ILE O 559 -91.66 192.25 -17.37
CA GLN O 560 -88.68 189.96 -17.01
CA GLN O 561 -86.72 192.21 -19.34
CA CYS O 562 -88.07 195.35 -17.79
CA THR O 563 -86.76 194.33 -14.42
CA ALA O 564 -83.43 193.44 -15.98
CA PHE O 565 -82.92 196.86 -17.51
CA LEU O 566 -83.99 198.63 -14.37
CA LEU O 567 -81.07 196.99 -12.69
CA ASP O 568 -78.86 198.77 -15.21
CA ALA O 569 -80.66 202.03 -14.58
CA LEU O 570 -79.71 202.17 -10.93
CA LYS O 571 -76.07 202.14 -11.91
CA ASN O 572 -76.39 205.31 -13.91
CA ASN O 573 -76.01 207.66 -11.02
CA ARG O 574 -77.36 210.70 -12.75
CA PRO O 575 -79.97 208.83 -14.63
CA SER O 576 -81.20 207.28 -11.43
CA GLU O 577 -84.51 208.50 -10.17
CA GLY O 578 -86.80 207.03 -4.90
CA PRO O 579 -89.98 207.16 -6.85
CA LEU O 580 -88.26 205.27 -9.60
CA GLN O 581 -87.68 202.27 -7.40
CA THR O 582 -91.13 202.51 -5.98
CA ARG O 583 -92.78 202.59 -9.37
CA LEU O 584 -90.63 199.81 -10.75
CA LEU O 585 -91.55 197.35 -8.07
CA GLU O 586 -95.18 198.26 -8.34
CA MET O 587 -95.11 197.69 -12.06
CA ASN O 588 -93.21 194.50 -11.55
CA LEU O 589 -95.84 193.16 -9.25
CA MET O 590 -98.61 193.33 -11.79
CA HIS O 591 -96.29 193.02 -14.78
CA ALA O 592 -93.99 190.22 -13.70
CA PRO O 593 -93.95 188.97 -10.20
CA GLN O 594 -90.84 186.91 -10.71
CA VAL O 595 -88.82 190.08 -10.96
CA ALA O 596 -90.62 191.61 -8.03
CA ASP O 597 -88.80 189.66 -5.37
CA ALA O 598 -85.34 190.11 -6.83
CA ILE O 599 -85.84 193.83 -7.00
CA LEU O 600 -86.77 193.74 -3.36
CA GLY O 601 -83.45 192.23 -2.64
CA ASN O 602 -81.54 194.54 -4.92
CA GLN O 603 -82.82 197.89 -3.87
CA MET O 604 -86.46 197.67 -3.19
CA PHE O 605 -85.71 197.49 0.44
CA THR O 606 -83.59 200.55 0.98
CA HIS O 607 -84.88 203.05 -1.48
CA TYR O 608 -88.52 202.37 -1.97
CA ASP O 609 -91.76 203.71 -0.59
CA ARG O 610 -92.29 200.59 1.46
CA ALA O 611 -95.85 201.30 2.43
CA HIS O 612 -96.88 201.72 -1.18
CA ILE O 613 -95.18 198.56 -2.33
CA ALA O 614 -96.80 196.49 0.33
CA GLN O 615 -100.29 197.48 -0.63
CA LEU O 616 -99.45 196.59 -4.17
CA CYS O 617 -98.08 193.20 -3.15
CA GLU O 618 -101.15 192.50 -1.10
CA LYS O 619 -103.32 192.93 -4.13
CA ALA O 620 -100.63 190.99 -5.96
CA GLY O 621 -100.88 187.88 -3.81
CA LEU O 622 -97.11 188.23 -3.50
CA LEU O 623 -97.30 187.15 0.15
CA GLN O 624 -93.94 185.38 0.08
CA ARG O 625 -92.40 188.77 -0.76
CA ALA O 626 -94.87 190.61 1.44
CA LEU O 627 -93.39 188.86 4.42
CA GLU O 628 -89.99 190.02 3.29
CA HIS O 629 -91.11 193.64 3.21
CA PHE O 630 -92.90 193.35 6.48
CA THR O 631 -89.88 191.82 8.06
CA ASP O 632 -87.58 194.61 6.85
CA LEU O 633 -90.32 197.11 7.61
CA TYR O 634 -89.97 195.68 11.08
CA ASP O 635 -93.65 195.18 11.08
CA ILE O 636 -93.15 191.68 12.42
CA LYS O 637 -96.68 191.21 13.66
CA ARG O 638 -97.86 191.65 10.10
CA ALA O 639 -95.30 189.28 8.72
CA VAL O 640 -96.46 186.58 11.06
CA VAL O 641 -100.12 187.19 10.46
CA HIS O 642 -99.50 186.93 6.74
CA THR O 643 -97.43 183.82 7.19
CA HIS O 644 -100.36 182.37 9.02
CA LEU O 645 -102.66 182.62 6.05
CA LEU O 646 -100.11 181.22 3.66
CA ASN O 647 -97.38 179.10 5.15
CA PRO O 648 -94.19 180.84 5.86
CA GLU O 649 -90.74 179.38 5.86
CA TRP O 650 -89.81 177.34 8.90
CA LEU O 651 -86.66 179.19 9.88
CA VAL O 652 -88.19 182.62 9.51
CA ASN O 653 -91.13 181.74 11.67
CA TYR O 654 -88.92 181.08 14.63
CA PHE O 655 -87.01 184.32 14.34
CA GLY O 656 -89.89 186.63 13.50
CA SER O 657 -92.38 185.37 16.06
CA LEU O 658 -90.16 186.40 18.92
CA SER O 659 -89.64 189.73 17.27
CA VAL O 660 -93.36 190.18 17.56
CA GLU O 661 -93.05 192.04 20.83
CA ASP O 662 -96.28 193.77 20.11
CA SER O 663 -98.67 190.91 20.28
CA LEU O 664 -98.30 188.15 22.82
CA GLU O 665 -101.56 186.67 21.58
CA CYS O 666 -99.95 185.92 18.29
CA LEU O 667 -97.92 183.34 20.11
CA ARG O 668 -101.01 181.55 21.30
CA ALA O 669 -102.53 181.91 17.89
CA MET O 670 -99.41 180.46 16.38
CA LEU O 671 -99.37 177.45 18.63
CA SER O 672 -102.86 176.58 17.55
CA ALA O 673 -101.88 176.86 13.92
CA ASN O 674 -98.72 174.92 14.54
CA ILE O 675 -100.55 172.16 16.27
CA ARG O 676 -102.35 171.47 13.08
CA GLN O 677 -99.92 171.89 10.25
CA ASN O 678 -97.07 170.19 12.02
CA LEU O 679 -96.58 168.53 15.38
CA GLN O 680 -92.83 168.60 15.11
CA ILE O 681 -92.68 172.27 14.41
CA CYS O 682 -94.77 172.99 17.44
CA VAL O 683 -92.38 171.44 19.89
CA GLN O 684 -89.45 173.43 18.59
CA VAL O 685 -91.51 176.57 18.26
CA ALA O 686 -92.85 176.13 21.75
CA SER O 687 -89.41 176.49 23.20
CA LYS O 688 -88.81 180.03 21.88
CA TYR O 689 -90.92 180.51 23.67
CA HIS O 690 -93.84 181.26 25.70
CA GLU O 691 -95.07 184.80 26.79
CA GLN O 692 -97.60 182.88 28.49
CA LEU O 693 -100.44 181.74 30.74
CA SER O 694 -102.75 180.89 27.97
CA THR O 695 -102.66 178.65 30.40
CA GLN O 696 -105.85 176.63 29.90
CA SER O 697 -106.36 177.90 26.39
CA LEU O 698 -102.79 177.03 25.63
CA ILE O 699 -103.25 173.45 26.71
CA GLU O 700 -106.66 173.17 25.11
CA LEU O 701 -105.03 174.13 21.85
CA PHE O 702 -102.37 171.47 22.30
CA GLU O 703 -104.93 168.78 22.82
CA SER O 704 -106.95 169.53 19.70
CA PHE O 705 -103.77 169.35 17.67
CA LYS O 706 -103.37 166.03 19.40
CA SER O 707 -99.88 167.01 20.33
CA PHE O 708 -100.21 165.47 23.75
CA GLU O 709 -96.59 164.47 23.72
CA GLY O 710 -95.33 167.93 22.91
CA LEU O 711 -97.54 169.69 25.39
CA PHE O 712 -96.16 167.45 28.09
CA TYR O 713 -92.62 168.05 26.92
CA PHE O 714 -93.07 171.82 26.89
CA LEU O 715 -94.39 171.93 30.41
CA GLY O 716 -91.42 169.85 31.37
CA SER O 717 -89.11 172.68 30.32
CA ILE O 718 -91.18 175.40 31.91
CA VAL O 719 -91.12 173.74 35.29
CA ASN O 720 -87.38 174.15 35.39
CA PHE O 721 -87.81 177.88 35.56
CA SER O 722 -90.10 179.50 38.06
CA GLN O 723 -93.65 178.56 37.36
CA ASP O 724 -95.13 177.22 38.39
CA PRO O 725 -96.97 174.26 39.67
CA ASP O 726 -99.23 174.42 36.68
CA VAL O 727 -96.41 173.25 34.51
CA HIS O 728 -95.45 170.30 36.69
CA PHE O 729 -99.12 169.51 36.92
CA LYS O 730 -99.56 169.48 33.17
CA TYR O 731 -96.36 167.56 32.54
CA ILE O 732 -97.35 164.64 34.69
CA GLN O 733 -100.79 164.50 33.18
CA ALA O 734 -99.37 164.41 29.69
CA ALA O 735 -96.76 161.93 30.74
CA CYS O 736 -99.41 159.54 31.92
CA LYS O 737 -101.10 159.23 28.57
CA THR O 738 -98.02 160.10 26.51
CA GLY O 739 -95.27 158.16 28.27
CA GLN O 740 -96.07 156.12 31.33
CA ILE O 741 -92.46 155.29 32.04
CA LYS O 742 -91.66 158.95 32.54
CA GLU O 743 -94.66 159.37 34.82
CA VAL O 744 -92.93 157.64 37.73
CA GLU O 745 -89.64 159.47 37.80
CA ARG O 746 -91.35 162.79 37.52
CA ILE O 747 -93.64 162.22 40.48
CA CYS O 748 -90.66 161.10 42.45
CA ARG O 749 -89.02 164.51 42.23
CA GLU O 750 -92.03 166.68 41.29
CA SER O 751 -94.77 165.32 43.55
CA ASN O 752 -94.35 168.28 45.90
CA CYS O 753 -95.13 170.96 43.36
CA TYR O 754 -98.13 169.50 41.59
CA ASP O 755 -101.85 169.62 42.38
CA PRO O 756 -102.08 166.04 43.58
CA GLU O 757 -105.79 165.55 43.20
CA ARG O 758 -105.59 166.13 39.50
CA VAL O 759 -102.51 163.95 39.14
CA LYS O 760 -104.46 161.16 40.68
CA ASN O 761 -107.46 161.46 38.43
CA PHE O 762 -105.06 161.23 35.55
CA LEU O 763 -103.36 158.17 37.01
CA LYS O 764 -106.69 156.49 37.63
CA GLU O 765 -107.59 156.74 34.00
CA ALA O 766 -104.01 155.81 33.25
CA LYS O 767 -104.08 152.53 35.16
CA LEU O 768 -100.84 153.87 36.61
CA THR O 769 -101.54 151.86 39.76
CA ASP O 770 -97.95 151.54 40.84
CA GLN O 771 -97.66 155.33 40.85
CA LEU O 772 -101.13 156.01 42.23
CA PRO O 773 -100.32 154.54 45.55
CA LEU O 774 -97.12 156.47 45.59
CA ILE O 775 -99.10 159.67 45.46
CA ILE O 776 -101.90 158.39 47.61
CA VAL O 777 -99.41 157.26 50.21
CA CYS O 778 -97.33 160.39 49.89
CA ASP O 779 -98.87 163.71 49.15
CA ARG O 780 -102.30 162.27 49.45
CA PHE O 781 -101.38 161.97 51.73
CA ASP O 782 -104.37 159.88 50.90
CA PHE O 783 -103.07 156.61 52.21
CA VAL O 784 -106.45 154.99 51.90
CA HIS O 785 -106.46 155.71 48.19
CA ASP O 786 -103.00 154.38 47.64
CA LEU O 787 -103.84 151.10 49.27
CA VAL O 788 -106.94 150.52 47.24
CA LEU O 789 -104.85 151.23 44.19
CA TYR O 790 -102.19 148.85 45.47
CA LEU O 791 -104.84 146.21 45.67
CA TYR O 792 -105.18 146.73 41.97
CA ARG O 793 -101.42 146.20 41.74
CA ASN O 794 -98.33 147.35 43.65
CA ASN O 795 -95.29 146.20 45.59
CA LEU O 796 -95.37 144.39 48.90
CA GLN O 797 -92.86 146.49 50.79
CA LYS O 798 -94.53 149.84 50.34
CA TYR O 799 -97.76 148.01 50.91
CA ILE O 800 -96.72 146.91 54.35
CA GLU O 801 -95.87 150.46 55.38
CA ILE O 802 -98.82 152.36 53.90
CA TYR O 803 -101.38 149.84 55.04
CA VAL O 804 -100.84 150.78 58.65
CA GLN O 805 -101.21 154.50 58.04
CA LYS O 806 -104.56 153.96 56.41
CA VAL O 807 -109.88 150.09 55.85
CA ASN O 808 -114.12 148.01 57.36
CA PRO O 809 -111.29 146.05 58.78
CA SER O 810 -112.15 143.19 56.46
CA ARG O 811 -109.83 145.03 54.12
CA LEU O 812 -107.06 143.94 56.41
CA PRO O 813 -107.77 140.34 55.59
CA VAL O 814 -108.09 141.10 51.94
CA VAL O 815 -104.78 142.87 52.13
CA ILE O 816 -103.00 140.09 53.94
CA GLY O 817 -104.04 137.71 51.24
CA GLY O 818 -102.98 140.18 48.61
CA LEU O 819 -99.52 140.53 50.01
CA LEU O 820 -99.17 136.82 50.47
CA ASP O 821 -100.70 135.83 47.16
CA VAL O 822 -98.98 138.49 45.20
CA ASP O 823 -95.28 138.25 45.25
CA CYS O 824 -95.08 140.69 48.07
CA SER O 825 -92.09 139.87 50.14
CA GLU O 826 -92.74 137.79 53.17
CA ASP O 827 -90.84 140.46 54.99
CA VAL O 828 -93.12 142.95 53.36
CA ILE O 829 -96.03 140.86 54.48
CA LYS O 830 -94.60 140.69 57.96
CA ASN O 831 -93.98 144.39 57.92
CA LEU O 832 -97.55 144.90 56.89
CA ILE O 833 -98.88 142.37 59.32
CA LEU O 834 -101.33 141.81 62.59
CA VAL O 835 -103.82 144.47 61.68
CA VAL O 836 -104.99 142.27 58.85
CA ARG O 837 -105.52 139.32 61.11
CA GLY O 838 -107.54 141.43 63.46
CA GLN O 839 -109.85 137.93 67.52
CA PHE O 840 -110.71 134.42 66.54
CA SER O 841 -109.94 132.34 63.54
CA THR O 842 -107.41 131.34 61.75
CA ASP O 843 -106.01 128.43 59.84
CA GLU O 844 -106.07 130.47 56.67
CA LEU O 845 -103.95 133.14 58.24
CA VAL O 846 -101.51 130.55 59.48
CA ALA O 847 -101.34 128.74 56.19
CA GLU O 848 -100.58 131.93 54.35
CA VAL O 849 -97.93 132.90 56.85
CA GLU O 850 -96.24 129.52 56.78
CA LYS O 851 -95.63 129.13 53.06
CA ARG O 852 -94.50 132.70 52.98
CA ASN O 853 -91.87 131.68 55.51
CA ARG O 854 -93.61 134.49 57.38
CA LEU O 855 -91.25 132.44 60.36
CA LYS O 856 -89.65 135.06 62.54
CA LEU O 857 -92.92 137.02 62.59
CA LEU O 858 -95.17 134.00 62.47
CA LEU O 859 -93.96 132.90 65.85
CA PRO O 860 -95.04 136.15 67.40
CA TRP O 861 -98.51 136.14 65.91
CA LEU O 862 -99.16 132.69 67.30
CA GLU O 863 -98.02 134.08 70.58
CA ALA O 864 -101.05 136.35 70.58
CA ARG O 865 -103.46 133.80 69.17
CA ILE O 866 -103.02 131.55 72.16
CA HIS O 867 -104.92 134.10 74.20
CA GLU O 868 -107.92 133.73 71.93
CA GLY O 869 -110.68 131.65 73.47
CA CYS O 870 -111.08 130.10 70.03
CA GLU O 871 -107.52 128.78 70.41
CA GLU O 872 -106.10 124.85 68.21
CA PRO O 873 -103.24 122.49 68.62
CA ALA O 874 -102.45 122.90 64.96
CA THR O 875 -101.36 126.41 65.70
CA HIS O 876 -99.30 125.50 68.71
CA ASN O 877 -97.50 122.78 66.89
CA ALA O 878 -96.80 125.04 63.97
CA LEU O 879 -95.47 127.82 66.13
CA ALA O 880 -92.99 125.70 67.99
CA LYS O 881 -91.57 124.20 64.85
CA ILE O 882 -91.19 127.59 63.26
CA TYR O 883 -89.80 128.72 66.57
CA ILE O 884 -87.29 125.93 66.32
CA ASP O 885 -85.70 128.21 63.78
CA SER O 886 -85.51 130.96 66.41
CA ASN O 887 -84.30 128.77 69.24
CA ASN O 888 -84.67 131.03 72.27
CA ASN O 889 -88.44 131.16 72.07
CA PRO O 890 -89.08 127.47 71.82
CA GLU O 891 -88.15 126.63 75.38
CA ARG O 892 -90.76 128.92 76.89
CA PHE O 893 -93.22 127.84 74.27
CA LEU O 894 -93.15 124.18 75.17
CA ARG O 895 -93.37 125.21 78.77
CA GLU O 896 -96.36 127.37 77.96
CA ASN O 897 -98.54 125.07 75.97
CA PRO O 898 -99.03 121.43 76.46
CA TYR O 899 -101.35 121.17 73.50
CA TYR O 900 -98.93 120.37 70.75
CA ASP O 901 -98.55 117.34 68.50
CA SER O 902 -95.83 117.43 70.84
CA ARG O 903 -94.48 115.15 68.17
CA VAL O 904 -94.17 117.95 65.71
CA VAL O 905 -92.57 120.32 68.16
CA GLY O 906 -90.06 117.72 69.17
CA LYS O 907 -88.74 117.17 65.69
CA TYR O 908 -88.36 120.89 65.38
CA CYS O 909 -86.62 121.03 68.75
CA GLU O 910 -84.45 118.15 67.66
CA LYS O 911 -82.86 120.43 65.15
CA ARG O 912 -82.50 122.91 67.96
CA ASP O 913 -81.09 122.47 71.44
CA PRO O 914 -81.99 119.51 73.52
CA HIS O 915 -82.70 121.36 76.73
CA LEU O 916 -86.25 122.08 75.70
CA ALA O 917 -86.53 118.60 74.29
CA CYS O 918 -86.04 117.09 77.69
CA VAL O 919 -88.88 119.20 79.00
CA ALA O 920 -91.21 118.09 76.25
CA TYR O 921 -90.16 114.49 76.46
CA GLU O 922 -90.84 114.76 80.14
CA ARG O 923 -94.35 116.14 79.68
CA GLY O 924 -94.88 113.86 76.71
CA GLN O 925 -94.24 111.17 79.25
CA CYS O 926 -91.73 109.78 76.86
CA ASP O 927 -89.38 109.19 79.75
CA LEU O 928 -86.99 106.94 77.90
CA GLU O 929 -86.31 109.75 75.48
CA LEU O 930 -85.83 112.23 78.27
CA ILE O 931 -83.17 110.08 79.86
CA ASN O 932 -81.19 109.24 76.80
CA VAL O 933 -81.17 112.83 75.71
CA CYS O 934 -80.25 113.81 79.25
CA ASN O 935 -77.34 111.43 79.02
CA GLU O 936 -75.63 113.91 76.81
CA ASN O 937 -76.54 116.66 79.25
CA SER O 938 -79.04 116.94 82.05
CA LEU O 939 -79.76 117.80 85.65
CA PHE O 940 -79.13 115.23 88.33
CA LYS O 941 -82.30 115.86 90.28
CA SER O 942 -84.63 115.38 87.35
CA LEU O 943 -82.67 112.33 86.37
CA SER O 944 -83.42 110.65 89.63
CA ARG O 945 -87.14 111.14 89.19
CA TYR O 946 -87.48 110.25 85.52
CA LEU O 947 -85.12 107.30 85.36
CA VAL O 948 -87.54 105.27 87.43
CA ARG O 949 -90.36 105.91 84.99
CA ARG O 950 -88.26 104.57 82.12
CA LYS O 951 -89.75 101.51 80.48
CA ASP O 952 -86.54 99.97 79.24
CA PRO O 953 -84.76 98.79 82.30
CA GLU O 954 -81.62 98.49 80.21
CA LEU O 955 -81.24 102.23 80.52
CA TRP O 956 -80.57 101.69 84.18
CA GLY O 957 -77.46 99.70 83.41
CA SER O 958 -76.58 102.35 80.90
CA VAL O 959 -77.02 105.11 83.43
CA LEU O 960 -75.02 103.38 86.11
CA LEU O 961 -72.15 103.20 83.69
CA GLU O 962 -72.70 106.80 82.84
CA SER O 963 -72.48 107.80 86.46
CA ASN O 964 -69.44 105.78 87.42
CA PRO O 965 -67.04 106.93 84.76
CA TYR O 966 -68.28 110.39 85.18
CA ARG O 967 -66.03 111.94 87.70
CA ARG O 968 -68.62 112.82 90.05
CA PRO O 969 -69.27 113.01 93.40
CA LEU O 970 -71.38 111.67 96.34
CA ILE O 971 -73.08 113.48 99.05
CA ASP O 972 -76.71 114.43 99.02
CA GLN O 973 -79.09 112.33 97.05
CA VAL O 974 -76.90 110.93 94.32
CA VAL O 975 -75.46 107.49 93.86
CA GLN O 976 -76.81 106.17 97.11
CA THR O 977 -80.22 107.69 96.73
CA ALA O 978 -80.26 106.82 93.06
CA LEU O 979 -79.26 103.27 93.72
CA SER O 980 -82.21 102.86 96.01
CA GLU O 981 -84.64 103.80 93.30
CA THR O 982 -82.96 101.69 90.69
CA GLN O 983 -82.46 99.11 93.02
CA ASP O 984 -83.00 96.69 90.08
CA PRO O 985 -81.48 96.34 88.39
CA GLU O 986 -77.76 95.73 86.70
CA GLU O 987 -74.72 96.48 84.70
CA VAL O 988 -73.93 96.38 88.26
CA SER O 989 -70.24 95.99 87.67
CA VAL O 990 -70.18 99.27 85.81
CA THR O 991 -71.29 101.16 88.86
CA VAL O 992 -68.87 99.18 91.01
CA LYS O 993 -65.94 99.75 88.71
CA ALA O 994 -66.54 103.45 88.88
CA PHE O 995 -66.68 103.42 92.65
CA MET O 996 -63.49 101.44 93.02
CA THR O 997 -61.33 103.70 90.86
CA ALA O 998 -62.70 106.62 92.79
CA ASP O 999 -61.40 104.81 95.86
CA LEU O 1000 -64.98 105.25 96.93
CA PRO O 1001 -65.54 101.68 98.25
CA ASN O 1002 -65.11 102.79 102.72
CA GLU O 1003 -68.42 103.14 100.90
CA LEU O 1004 -67.97 100.02 98.82
CA ILE O 1005 -68.05 97.93 101.92
CA GLU O 1006 -71.06 99.80 103.20
CA LEU O 1007 -73.16 99.10 100.12
CA LEU O 1008 -72.21 95.45 100.02
CA GLU O 1009 -73.36 94.99 103.56
CA LYS O 1010 -76.78 96.17 102.43
CA ILE O 1011 -76.69 94.02 99.32
CA VAL O 1012 -76.61 90.73 101.15
CA LEU O 1013 -79.98 91.25 102.77
CA ASP O 1014 -81.49 93.12 99.86
CA ASN O 1015 -83.49 90.81 97.67
CA SER O 1016 -84.47 93.97 95.85
CA VAL O 1017 -80.84 94.39 95.05
CA PHE O 1018 -78.91 91.41 93.69
CA SER O 1019 -79.82 88.42 95.78
CA GLU O 1020 -77.21 87.18 98.15
CA HIS O 1021 -74.62 85.19 96.33
CA ARG O 1022 -71.29 83.60 97.06
CA ASN O 1023 -69.39 86.26 95.22
CA LEU O 1024 -70.61 89.05 97.42
CA GLN O 1025 -69.94 87.21 100.61
CA ASN O 1026 -66.55 86.32 99.29
CA LEU O 1027 -65.61 89.88 98.54
CA LEU O 1028 -67.00 91.38 101.71
CA ILE O 1029 -64.96 89.23 103.99
CA LEU O 1030 -61.81 89.94 102.02
CA THR O 1031 -62.39 93.63 102.19
CA ALA O 1032 -63.33 93.29 105.81
CA ILE O 1033 -60.03 91.80 106.77
CA LYS O 1034 -57.97 94.67 105.43
CA ALA O 1035 -60.67 97.29 105.88
CA ASP O 1036 -62.25 96.36 109.19
CA ARG O 1037 -60.77 93.44 111.07
CA THR O 1038 -63.32 93.61 113.85
CA ARG O 1039 -66.13 92.89 111.42
CA VAL O 1040 -64.21 90.07 109.81
CA MET O 1041 -64.97 87.76 112.72
CA GLU O 1042 -68.70 88.36 112.91
CA TYR O 1043 -69.05 88.02 109.19
CA ILE O 1044 -67.36 84.63 109.03
CA ASN O 1045 -69.76 83.00 111.42
CA ARG O 1046 -72.65 84.38 109.39
CA LEU O 1047 -70.63 83.72 106.25
CA ASP O 1048 -71.58 80.12 105.57
CA ASN O 1049 -71.32 79.94 101.81
CA TYR O 1050 -68.03 81.54 101.08
CA ASP O 1051 -65.12 80.48 98.92
CA ALA O 1052 -63.06 79.57 101.95
CA PRO O 1053 -59.69 79.32 100.36
CA ASP O 1054 -60.07 82.94 99.38
CA ILE O 1055 -60.76 84.00 102.92
CA ALA O 1056 -57.90 82.06 104.31
CA ASN O 1057 -55.18 83.62 102.28
CA ILE O 1058 -56.80 86.91 103.11
CA ALA O 1059 -56.73 86.26 106.86
CA ILE O 1060 -53.22 84.92 106.71
CA SER O 1061 -52.17 88.15 105.15
CA ASN O 1062 -53.75 90.14 107.89
CA GLU O 1063 -52.77 88.18 111.00
CA LEU O 1064 -56.34 87.03 111.61
CA PHE O 1065 -55.11 84.06 113.70
CA GLU O 1066 -58.19 83.40 115.79
CA GLU O 1067 -60.42 83.76 112.76
CA ALA O 1068 -58.07 81.67 110.69
CA PHE O 1069 -58.45 78.83 113.14
CA ALA O 1070 -62.20 79.10 112.84
CA ILE O 1071 -62.14 78.76 109.07
CA PHE O 1072 -59.52 76.06 109.10
CA ARG O 1073 -61.79 74.31 111.51
CA LYS O 1074 -64.85 74.55 109.29
CA PHE O 1075 -62.82 73.93 106.17
CA ASP O 1076 -61.89 70.79 107.99
CA VAL O 1077 -58.08 71.42 107.65
CA ASN O 1078 -56.50 69.89 111.02
CA THR O 1079 -52.89 70.16 109.95
CA SER O 1080 -53.45 73.84 109.38
CA ALA O 1081 -55.10 74.31 112.72
CA VAL O 1082 -52.14 72.88 114.55
CA GLN O 1083 -49.59 74.74 112.51
CA VAL O 1084 -51.36 78.01 113.12
CA LEU O 1085 -51.68 77.00 116.75
CA ILE O 1086 -47.98 76.66 117.01
CA GLU O 1087 -47.33 80.26 116.03
CA HIS O 1088 -49.99 81.73 118.26
CA ILE O 1089 -50.54 79.80 121.40
CA GLY O 1090 -54.10 78.71 121.09
CA ASN O 1091 -55.33 76.46 123.86
CA LEU O 1092 -53.79 73.37 125.34
CA ASP O 1093 -56.99 71.37 125.46
CA ARG O 1094 -57.91 71.81 121.82
CA ALA O 1095 -54.35 71.04 120.89
CA TYR O 1096 -54.65 67.61 122.40
CA GLU O 1097 -57.76 66.82 120.40
CA PHE O 1098 -56.73 68.21 117.04
CA ALA O 1099 -53.18 66.94 116.95
CA GLU O 1100 -54.34 63.36 116.67
CA ARG O 1101 -56.49 64.17 113.67
CA CYS O 1102 -53.44 65.56 111.90
CA ASN O 1103 -52.60 63.58 108.80
CA GLU O 1104 -48.89 64.28 108.76
CA PRO O 1105 -47.19 62.45 111.53
CA ALA O 1106 -44.26 64.79 111.19
CA VAL O 1107 -46.33 67.34 112.99
CA TRP O 1108 -46.04 65.27 116.12
CA SER O 1109 -42.28 65.50 116.19
CA GLN O 1110 -42.45 69.16 115.38
CA LEU O 1111 -45.13 69.49 118.03
CA ALA O 1112 -43.03 67.72 120.61
CA LYS O 1113 -40.27 70.20 120.01
CA ALA O 1114 -42.65 73.11 120.35
CA GLN O 1115 -43.89 71.90 123.70
CA LEU O 1116 -40.36 71.07 124.62
CA GLN O 1117 -39.25 74.62 124.10
CA LYS O 1118 -42.38 76.28 125.44
CA GLY O 1119 -42.80 73.98 128.37
CA MET O 1120 -41.54 70.45 128.79
CA VAL O 1121 -43.49 69.87 131.94
CA LYS O 1122 -47.21 70.03 132.48
CA GLU O 1123 -47.62 70.15 128.75
CA ALA O 1124 -45.30 67.87 126.88
CA ILE O 1125 -45.99 65.03 129.25
CA ASP O 1126 -49.71 65.23 128.76
CA SER O 1127 -49.22 65.78 125.07
CA TYR O 1128 -46.97 62.78 124.75
CA ILE O 1129 -49.60 60.46 126.07
CA LYS O 1130 -51.97 61.49 123.34
CA ALA O 1131 -49.20 61.22 120.79
CA ASP O 1132 -46.65 60.52 119.33
CA ASP O 1133 -44.64 57.67 117.95
CA PRO O 1134 -42.64 57.18 117.00
CA SER O 1135 -39.34 55.71 118.45
CA SER O 1136 -36.66 58.33 118.87
CA TYR O 1137 -31.40 59.15 121.15
CA MET O 1138 -28.54 60.90 122.87
CA GLU O 1139 -30.35 64.16 123.33
CA VAL O 1140 -33.58 62.55 124.40
CA VAL O 1141 -31.84 60.69 127.18
CA GLN O 1142 -29.79 63.76 127.97
CA ALA O 1143 -32.95 65.75 128.43
CA ALA O 1144 -34.45 63.09 130.68
CA ASN O 1145 -31.48 63.01 132.97
CA THR O 1146 -31.17 66.75 133.36
CA SER O 1147 -34.81 66.93 134.31
CA GLY O 1148 -33.73 64.40 136.85
CA ASN O 1149 -36.56 62.13 135.93
CA TRP O 1150 -34.50 58.99 135.59
CA GLU O 1151 -37.41 56.96 136.82
CA GLU O 1152 -39.53 58.10 133.93
CA LEU O 1153 -36.90 57.62 131.31
CA VAL O 1154 -36.16 54.08 132.38
CA LYS O 1155 -39.89 53.46 132.35
CA TYR O 1156 -40.39 54.59 128.75
CA LEU O 1157 -37.41 52.68 127.48
CA GLN O 1158 -39.00 49.61 128.90
CA MET O 1159 -42.00 50.17 126.66
CA ALA O 1160 -39.87 51.35 123.75
CA ARG O 1161 -38.01 48.08 123.45
CA LYS O 1162 -41.13 46.33 122.34
CA LYS O 1163 -42.14 48.91 119.76
CA ALA O 1164 -38.80 49.21 118.08
CA ARG O 1165 -35.68 47.50 119.04
CA GLU O 1166 -32.49 48.91 118.08
CA SER O 1167 -29.76 50.10 119.58
CA TYR O 1168 -29.84 53.73 120.38
CA VAL O 1169 -32.86 53.33 122.61
CA GLU O 1170 -31.68 50.19 124.34
CA THR O 1171 -28.24 51.67 124.79
CA GLU O 1172 -29.92 54.65 126.38
CA LEU O 1173 -32.01 52.65 128.80
CA ILE O 1174 -29.06 50.76 130.11
CA PHE O 1175 -27.08 53.91 130.67
CA ALA O 1176 -29.94 55.45 132.55
CA LEU O 1177 -30.46 52.32 134.54
CA ALA O 1178 -26.93 52.37 135.81
CA LYS O 1179 -26.87 56.09 136.47
CA THR O 1180 -30.26 56.58 137.98
CA ASN O 1181 -29.15 54.32 140.75
CA ARG O 1182 -31.37 51.67 139.38
CA LEU O 1183 -28.51 49.30 138.94
CA ALA O 1184 -30.66 46.31 139.68
CA GLU O 1185 -32.55 46.93 136.49
CA LEU O 1186 -29.29 47.27 134.62
CA GLU O 1187 -28.37 43.64 135.07
CA GLU O 1188 -31.47 41.99 133.70
CA PHE O 1189 -31.68 44.43 130.86
CA ILE O 1190 -28.19 43.70 129.66
CA ASN O 1191 -28.90 40.04 129.54
CA GLY O 1192 -31.81 40.16 127.18
CA PRO O 1193 -30.83 42.84 124.80
CA ASN O 1194 -27.77 42.05 122.71
CA ASN O 1195 -28.62 45.03 120.56
CA ALA O 1196 -26.82 47.86 122.21
CA HIS O 1197 -23.54 49.59 121.80
CA ILE O 1198 -21.33 47.62 124.10
CA GLN O 1199 -18.54 50.12 124.36
CA GLN O 1200 -20.78 52.90 125.50
CA VAL O 1201 -22.60 50.62 127.90
CA GLY O 1202 -19.31 49.50 129.41
CA ASP O 1203 -18.10 53.03 129.94
CA ARG O 1204 -21.36 53.50 131.76
CA CYS O 1205 -20.85 50.53 134.06
CA TYR O 1206 -17.23 51.46 134.54
CA ASP O 1207 -18.18 54.68 136.24
CA GLU O 1208 -21.07 52.86 137.91
CA LYS O 1209 -18.89 50.21 139.53
CA MET O 1210 -20.84 47.38 137.98
CA TYR O 1211 -17.98 44.95 138.75
CA ASP O 1212 -20.30 41.96 139.09
CA ALA O 1213 -22.27 42.77 135.94
CA ALA O 1214 -19.32 43.51 133.61
CA LYS O 1215 -17.76 40.32 134.99
CA LEU O 1216 -20.43 38.48 133.00
CA LEU O 1217 -20.44 40.92 130.08
CA TYR O 1218 -16.68 40.71 129.55
CA ASN O 1219 -17.10 36.96 130.05
CA ASN O 1220 -19.35 36.23 127.04
CA VAL O 1221 -17.64 38.72 124.69
CA SER O 1222 -14.60 36.97 126.17
CA ASN O 1223 -12.39 40.04 126.62
CA PHE O 1224 -10.28 38.26 129.21
CA GLY O 1225 -8.18 41.43 129.27
CA ARG O 1226 -10.84 43.04 131.46
CA LEU O 1227 -12.55 39.83 132.62
CA ALA O 1228 -9.42 39.08 134.64
CA SER O 1229 -8.97 42.73 135.51
CA THR O 1230 -12.44 43.02 137.06
CA LEU O 1231 -12.24 39.56 138.71
CA VAL O 1232 -9.29 40.93 140.70
CA HIS O 1233 -11.06 44.22 141.36
CA LEU O 1234 -13.67 41.81 142.81
CA GLY O 1235 -11.33 39.87 145.08
CA GLU O 1236 -11.94 36.69 143.07
CA TYR O 1237 -8.18 36.17 142.70
CA GLN O 1238 -7.74 32.51 141.83
CA ALA O 1239 -10.18 32.91 138.91
CA ALA O 1240 -8.62 36.22 137.83
CA VAL O 1241 -5.42 34.24 137.25
CA ASP O 1242 -7.43 32.08 134.87
CA GLY O 1243 -8.62 35.08 132.90
CA ALA O 1244 -5.05 36.32 132.70
CA ARG O 1245 -4.09 32.90 131.32
CA LYS O 1246 -6.73 32.97 128.60
CA ALA O 1247 -5.91 36.66 128.03
CA ASN O 1248 -2.30 35.57 127.45
CA SER O 1249 -0.95 39.11 127.82
CA THR O 1250 2.12 40.39 129.66
CA ARG O 1251 0.87 43.83 130.73
CA THR O 1252 -2.11 41.81 131.93
CA TRP O 1253 -0.24 39.33 134.15
CA LYS O 1254 1.39 42.39 135.70
CA GLU O 1255 -1.99 43.83 136.79
CA VAL O 1256 -3.09 40.45 138.20
CA CYS O 1257 0.25 39.47 139.74
CA PHE O 1258 0.75 42.85 141.39
CA ALA O 1259 -2.78 42.97 142.79
CA CYS O 1260 -2.59 39.26 143.70
CA VAL O 1261 0.40 40.44 145.79
CA ASP O 1262 -1.40 43.39 147.36
CA GLY O 1263 -4.02 40.86 148.45
CA LYS O 1264 -1.15 38.82 149.89
CA GLU O 1265 -2.09 35.80 147.77
CA PHE O 1266 1.30 34.31 147.08
CA ARG O 1267 1.17 30.75 145.74
CA LEU O 1268 -1.02 32.47 143.14
CA ALA O 1269 1.06 35.63 142.68
CA GLN O 1270 3.93 33.19 142.11
CA MET O 1271 2.62 30.98 139.29
CA CYS O 1272 1.11 34.28 138.13
CA GLY O 1273 4.58 35.78 138.30
CA LEU O 1274 6.51 33.07 136.45
CA HIS O 1275 4.92 34.39 133.28
CA ILE O 1276 6.69 37.73 133.81
CA VAL O 1277 10.26 36.99 134.99
CA VAL O 1278 11.09 35.38 131.64
CA HIS O 1279 10.59 38.81 130.11
CA ALA O 1280 13.91 40.60 130.63
CA ASP O 1281 12.28 43.95 129.84
CA GLU O 1282 9.92 43.15 132.73
CA LEU O 1283 12.08 41.34 135.33
CA GLU O 1284 13.13 44.58 137.05
CA GLU O 1285 9.74 46.20 137.74
CA LEU O 1286 8.54 42.82 139.03
CA ILE O 1287 11.43 42.72 141.51
CA ASN O 1288 11.40 46.41 142.45
CA TYR O 1289 7.71 45.89 143.25
CA TYR O 1290 8.15 42.81 145.49
CA GLN O 1291 10.98 44.79 147.15
CA ASP O 1292 9.25 47.95 148.37
CA ARG O 1293 6.30 45.84 149.56
CA GLY O 1294 9.10 44.28 151.59
CA TYR O 1295 8.25 40.77 150.43
CA PHE O 1296 11.86 39.78 149.83
CA GLU O 1297 11.23 36.32 151.26
CA GLU O 1298 8.66 35.34 148.64
CA LEU O 1299 10.41 37.13 145.77
CA ILE O 1300 13.37 34.81 146.26
CA THR O 1301 11.06 31.80 146.66
CA MET O 1302 9.62 32.42 143.21
CA LEU O 1303 12.94 32.92 141.49
CA GLU O 1304 13.84 29.61 143.19
CA ALA O 1305 11.36 27.95 140.79
CA ALA O 1306 11.84 30.22 137.76
CA LEU O 1307 15.35 28.85 137.41
CA GLY O 1308 13.70 25.68 136.18
CA LEU O 1309 11.71 27.45 133.47
CA GLU O 1310 12.77 26.66 129.90
CA ARG O 1311 12.89 30.41 129.19
CA ALA O 1312 15.09 31.19 132.24
CA HIS O 1313 17.60 33.95 131.50
CA MET O 1314 20.76 35.71 132.69
CA GLY O 1315 18.88 38.54 134.40
CA MET O 1316 17.20 35.97 136.65
CA PHE O 1317 20.32 34.15 137.86
CA THR O 1318 22.11 37.49 138.30
CA GLU O 1319 19.26 38.79 140.45
CA LEU O 1320 18.86 35.70 142.57
CA ALA O 1321 22.54 35.75 143.48
CA ILE O 1322 22.37 39.44 144.45
CA LEU O 1323 19.27 38.84 146.61
CA TYR O 1324 20.84 35.72 148.14
CA SER O 1325 23.87 37.77 149.16
CA LYS O 1326 21.93 40.29 151.23
CA PHE O 1327 19.18 37.87 152.40
CA LYS O 1328 20.51 34.28 152.36
CA PRO O 1329 24.33 34.31 152.22
CA GLN O 1330 24.57 30.59 152.94
CA LYS O 1331 22.84 29.89 149.61
CA MET O 1332 24.91 32.53 147.73
CA ARG O 1333 27.69 29.96 147.37
CA GLU O 1334 26.10 26.76 146.01
CA HIS O 1335 24.30 29.12 143.62
CA LEU O 1336 27.47 30.50 142.02
CA GLU O 1337 28.74 26.94 142.26
CA LEU O 1338 26.16 25.97 139.59
CA PHE O 1339 25.16 29.12 137.73
CA TRP O 1340 28.29 31.30 137.73
CA SER O 1341 28.38 31.00 133.94
CA ARG O 1342 24.79 32.16 133.44
CA VAL O 1343 25.19 35.46 135.34
CA ASN O 1344 26.57 39.02 134.92
CA ILE O 1345 29.74 38.55 136.97
CA PRO O 1346 30.75 42.18 137.51
CA LYS O 1347 27.39 42.94 139.11
CA VAL O 1348 27.42 39.81 141.32
CA LEU O 1349 30.92 40.74 142.50
CA ARG O 1350 30.07 44.32 143.53
CA ALA O 1351 27.27 42.48 145.41
CA ALA O 1352 29.51 40.15 147.47
CA GLU O 1353 32.02 42.95 147.91
CA GLN O 1354 29.23 44.91 149.55
CA ALA O 1355 28.17 41.74 151.44
CA HIS O 1356 31.66 40.73 152.66
CA LEU O 1357 31.30 37.15 151.30
CA TRP O 1358 35.05 36.82 150.78
CA ALA O 1359 35.02 33.05 150.21
CA GLU O 1360 32.67 33.48 147.22
CA LEU O 1361 34.34 36.68 146.01
CA VAL O 1362 37.51 34.64 145.44
CA PHE O 1363 35.50 32.02 143.60
CA LEU O 1364 34.21 34.51 141.04
CA TYR O 1365 37.38 36.64 140.91
CA ASP O 1366 38.87 33.28 140.03
CA LYS O 1367 36.38 32.40 137.27
CA TYR O 1368 36.28 35.97 135.93
CA GLU O 1369 40.03 35.42 135.62
CA GLU O 1370 40.74 38.45 137.80
CA TYR O 1371 43.51 36.52 139.61
CA ASP O 1372 45.33 39.51 141.13
CA ASN O 1373 42.07 40.22 142.99
CA ALA O 1374 41.47 36.65 144.11
CA ILE O 1375 44.92 36.69 145.72
CA ILE O 1376 44.66 40.14 147.26
CA THR O 1377 41.35 38.95 148.73
CA MET O 1378 42.57 35.61 150.08
CA MET O 1379 45.33 37.67 151.71
CA ASN O 1380 43.21 40.22 153.61
CA HIS O 1381 40.49 37.76 154.62
CA PRO O 1382 42.43 34.52 155.16
CA THR O 1383 40.11 32.86 157.65
CA ASP O 1384 37.25 32.95 155.07
CA ALA O 1385 38.83 32.98 151.61
CA TRP O 1386 42.37 31.61 151.92
CA LYS O 1387 42.92 27.96 150.98
CA GLU O 1388 46.46 26.52 150.77
CA GLY O 1389 45.97 24.62 147.53
CA GLN O 1390 44.21 27.18 145.40
CA PHE O 1391 46.56 29.92 146.56
CA LYS O 1392 49.39 27.92 144.97
CA ASP O 1393 47.38 27.72 141.74
CA ILE O 1394 46.13 31.30 141.39
CA ILE O 1395 49.28 33.10 142.58
CA THR O 1396 50.92 31.92 139.36
CA LYS O 1397 48.33 33.48 137.03
CA VAL O 1398 48.88 36.79 138.88
CA ALA O 1399 49.90 39.65 136.56
CA ASN O 1400 51.48 42.11 138.94
CA VAL O 1401 54.53 40.09 140.05
CA GLU O 1402 54.98 42.33 143.07
CA LEU O 1403 52.23 40.26 144.66
CA TYR O 1404 54.78 37.46 144.95
CA TYR O 1405 56.98 39.44 147.32
CA ARG O 1406 53.81 40.59 149.06
CA ALA O 1407 52.69 36.97 149.38
CA ILE O 1408 56.13 35.72 150.51
CA GLN O 1409 55.84 38.20 153.36
CA PHE O 1410 52.30 37.11 154.22
CA TYR O 1411 53.10 33.38 154.29
CA LEU O 1412 56.33 34.08 156.16
CA GLU O 1413 54.66 36.02 158.97
CA PHE O 1414 51.55 33.85 159.45
CA LYS O 1415 52.24 30.51 157.64
CA PRO O 1416 55.93 29.45 157.97
CA LEU O 1417 55.65 25.77 157.05
CA LEU O 1418 53.94 26.59 153.78
CA LEU O 1419 56.48 29.24 152.76
CA ASN O 1420 58.85 26.81 151.09
CA ASP O 1421 56.31 24.93 148.98
CA LEU O 1422 54.95 28.37 148.01
CA LEU O 1423 58.40 29.60 147.13
CA MET O 1424 58.84 26.59 144.85
CA VAL O 1425 55.90 27.74 142.71
CA LEU O 1426 57.05 31.37 142.67
CA SER O 1427 60.57 30.42 141.52
CA PRO O 1428 60.21 30.98 137.72
CA ARG O 1429 59.32 34.67 138.07
CA LEU O 1430 60.92 35.34 141.44
CA ASP O 1431 63.92 37.71 141.68
CA HIS O 1432 65.98 35.34 143.90
CA THR O 1433 68.54 37.97 144.82
CA ARG O 1434 65.69 40.19 145.94
CA ALA O 1435 64.14 37.21 147.72
CA VAL O 1436 67.24 36.09 149.53
CA ASN O 1437 68.05 39.65 150.60
CA TYR O 1438 64.64 39.96 152.29
CA PHE O 1439 64.88 36.63 154.11
CA SER O 1440 68.37 37.63 155.23
CA LYS O 1441 67.44 41.08 156.56
CA VAL O 1442 64.51 39.28 158.19
CA LYS O 1443 67.02 36.70 159.53
CA GLN O 1444 64.95 33.78 158.31
CA LEU O 1445 67.38 32.05 155.93
CA PRO O 1446 67.43 28.78 157.86
CA LEU O 1447 63.72 28.32 157.08
CA VAL O 1448 64.00 28.82 153.34
CA LYS O 1449 66.88 26.41 153.06
CA PRO O 1450 64.92 23.89 150.87
CA TYR O 1451 64.23 26.72 148.45
CA LEU O 1452 67.80 27.94 148.49
CA ARG O 1453 69.12 24.55 147.43
CA SER O 1454 66.36 24.39 144.79
CA VAL O 1455 67.71 27.65 143.31
CA GLN O 1456 71.44 27.63 144.06
CA ASN O 1457 71.99 26.02 140.65
CA HIS O 1458 71.64 29.57 139.24
CA ASN O 1459 75.10 30.27 140.69
CA ASN O 1460 73.51 33.31 142.24
CA LYS O 1461 75.79 35.17 144.66
CA SER O 1462 73.53 36.16 147.53
CA VAL O 1463 72.26 32.57 147.24
CA ASN O 1464 75.62 30.83 147.62
CA GLU O 1465 76.86 33.22 150.29
CA SER O 1466 73.56 32.82 152.07
CA LEU O 1467 73.46 29.08 151.55
CA ASN O 1468 77.09 28.60 152.66
CA ASN O 1469 76.54 30.45 155.94
CA LEU O 1470 74.00 27.75 156.70
CA PHE O 1471 76.26 24.81 155.99
CA ILE O 1472 78.71 26.56 158.26
CA THR O 1473 76.46 27.25 161.25
CA GLU O 1474 75.25 23.70 160.94
CA GLU O 1475 78.81 22.41 160.75
CA ASP O 1476 78.00 20.70 157.44
CA TYR O 1477 81.46 20.83 155.78
CA GLN O 1478 80.85 18.18 153.12
CA ALA O 1479 77.95 20.25 151.88
CA LEU O 1480 80.07 23.41 151.99
CA ARG O 1481 82.82 21.74 150.02
CA THR O 1482 80.47 20.77 147.20
CA SER O 1483 78.85 24.20 147.19
CA ILE O 1484 82.13 26.04 146.75
CA ASP O 1485 83.00 23.41 144.16
CA ALA O 1486 79.87 23.38 142.00
CA TYR O 1487 79.01 27.11 142.30
CA ASP O 1488 81.74 29.77 142.27
CA ASN O 1489 79.95 33.10 142.68
CA PHE O 1490 81.11 34.10 146.18
CA ASP O 1491 83.91 35.87 148.07
CA ASN O 1492 86.41 33.06 148.77
CA ILE O 1493 88.86 35.26 150.64
CA SER O 1494 86.14 36.46 152.99
CA LEU O 1495 85.08 32.84 153.50
CA ALA O 1496 88.70 31.76 153.64
CA GLN O 1497 89.40 34.34 156.33
CA ARG O 1498 86.23 33.53 158.21
CA LEU O 1499 87.05 29.79 158.15
CA GLU O 1500 90.94 29.54 158.67
CA LYS O 1501 91.00 30.03 162.37
CA HIS O 1502 88.36 27.30 162.78
CA GLU O 1503 88.92 24.75 165.51
CA LEU O 1504 87.74 21.79 163.41
CA ILE O 1505 90.42 20.07 161.34
CA GLU O 1506 88.09 19.44 158.43
CA PHE O 1507 87.67 23.17 158.08
CA ARG O 1508 91.26 24.23 158.69
CA ARG O 1509 92.09 21.81 155.87
CA ILE O 1510 89.56 23.56 153.65
CA ALA O 1511 91.07 26.93 154.40
CA ALA O 1512 94.41 25.60 153.22
CA TYR O 1513 92.71 24.28 150.10
CA LEU O 1514 91.11 27.71 149.49
CA PHE O 1515 94.41 29.59 149.81
CA LYS O 1516 95.70 27.02 147.17
CA GLY O 1517 92.61 25.53 145.19
CA ASN O 1518 92.13 29.12 144.49
CA ASN O 1519 95.73 28.66 143.48
CA ARG O 1520 97.01 30.54 146.47
CA TRP O 1521 99.78 28.00 146.90
CA LYS O 1522 101.90 30.28 149.08
CA GLN O 1523 99.14 30.38 151.66
CA SER O 1524 98.42 26.72 151.43
CA VAL O 1525 102.05 25.96 152.20
CA GLU O 1526 102.24 28.41 155.07
CA LEU O 1527 99.00 26.95 156.42
CA CYS O 1528 100.41 23.47 155.99
CA LYS O 1529 103.45 24.58 157.96
CA LYS O 1530 101.23 24.61 161.12
CA ASP O 1531 99.88 21.46 160.08
CA SER O 1532 102.02 21.44 157.13
CA LEU O 1533 101.96 17.65 156.88
CA TYR O 1534 104.13 15.19 155.06
CA LYS O 1535 101.32 14.08 152.81
CA ASP O 1536 99.68 16.59 150.41
CA ALA O 1537 102.76 18.70 150.78
CA MET O 1538 104.49 16.27 148.51
CA GLN O 1539 101.57 16.28 146.14
CA TYR O 1540 100.94 19.96 145.71
CA ALA O 1541 104.52 21.16 146.00
CA SER O 1542 104.98 19.80 142.52
CA GLU O 1543 102.07 21.92 141.33
CA SER O 1544 103.76 24.86 143.06
CA LYS O 1545 103.96 27.00 140.42
CA ASP O 1546 107.04 28.38 142.17
CA THR O 1547 109.75 25.83 141.94
CA GLU O 1548 112.07 27.83 144.13
CA LEU O 1549 109.87 27.17 146.62
CA ALA O 1550 111.52 23.82 145.97
CA GLU O 1551 114.85 25.07 147.19
CA GLU O 1552 113.17 26.87 150.04
CA LEU O 1553 111.24 23.76 150.98
CA LEU O 1554 114.25 21.51 150.77
CA GLN O 1555 116.09 23.66 153.23
CA TRP O 1556 113.06 23.99 155.43
CA PHE O 1557 112.41 20.26 155.67
CA LEU O 1558 116.00 19.48 156.36
CA GLN O 1559 116.36 22.22 158.95
CA GLU O 1560 112.96 21.88 160.54
CA GLU O 1561 113.56 18.26 161.45
CA LYS O 1562 112.86 16.57 158.05
CA ARG O 1563 112.98 14.03 158.38
CA GLU O 1564 115.11 14.39 155.46
CA CYS O 1565 117.09 11.23 154.85
CA PHE O 1566 114.04 9.08 154.31
CA GLY O 1567 112.12 11.77 152.46
CA ALA O 1568 115.20 12.36 150.33
CA CYS O 1569 115.11 8.79 149.17
CA LEU O 1570 111.49 9.06 148.22
CA PHE O 1571 112.10 12.53 146.88
CA THR O 1572 114.79 11.22 144.58
CA CYS O 1573 112.24 8.79 143.23
CA TYR O 1574 109.77 11.52 142.41
CA ASP O 1575 112.37 13.48 140.73
CA LEU O 1576 110.83 14.23 137.71
CA LEU O 1577 113.09 18.30 137.92
CA ARG O 1578 116.49 20.37 138.65
CA PRO O 1579 119.41 20.10 140.62
CA ASP O 1580 122.10 18.69 141.45
CA VAL O 1581 123.06 21.63 143.26
CA VAL O 1582 121.10 20.19 146.13
CA LEU O 1583 123.14 17.05 145.99
CA GLU O 1584 126.36 19.00 145.94
CA THR O 1585 125.18 21.44 148.56
CA ALA O 1586 123.97 18.64 150.77
CA TRP O 1587 127.55 17.44 150.99
CA ARG O 1588 128.40 20.72 152.63
CA HIS O 1589 126.10 19.58 155.38
CA ASN O 1590 126.39 16.11 156.72
CA ILE O 1591 125.74 13.74 153.81
CA MET O 1592 124.68 11.05 156.16
CA ASP O 1593 121.38 12.65 155.38
CA PHE O 1594 122.26 12.64 151.76
CA ALA O 1595 121.75 9.15 151.30
CA MET O 1596 118.94 8.20 150.07
CA PRO O 1597 119.85 6.48 147.12
CA TYR O 1598 118.14 3.78 146.47
CA PHE O 1599 115.68 5.46 144.37
CA ILE O 1600 117.97 8.02 143.18
CA GLN O 1601 119.01 4.61 141.72
CA VAL O 1602 115.75 4.47 139.77
CA MET O 1603 116.52 7.83 138.19
CA LYS O 1604 119.98 6.70 137.32
CA GLU O 1605 118.47 3.56 135.64
CA TYR O 1606 116.41 6.03 133.65
CA LEU O 1607 119.45 7.96 132.37
CA THR O 1608 121.25 4.84 131.39
CA LYS O 1609 118.27 3.57 129.48
CA VAL O 1610 118.21 6.89 127.56
CA ASP O 1611 121.90 6.56 126.59
CA LYS O 1612 121.66 2.92 125.70
CA LEU O 1613 118.70 3.98 123.62
CA ASP O 1614 120.26 6.94 121.81
CA ALA O 1615 123.22 4.72 121.16
CA SER O 1616 121.15 2.15 119.30
CA GLU O 1617 119.62 5.08 117.41
CA SER O 1618 122.93 6.59 116.23
CA LEU O 1619 124.21 3.13 115.34
CA ARG O 1620 121.03 2.50 113.30
CA LYS O 1621 121.89 5.76 111.42
CA GLU O 1622 125.56 5.00 110.88
CA GLU O 1623 124.45 1.70 109.45
CA GLU O 1624 122.25 3.73 107.06
CA GLN O 1625 124.70 6.36 105.80
CA ALA O 1626 127.20 3.55 105.56
CA THR O 1627 125.02 1.38 103.37
CA GLU O 1628 124.09 4.28 101.11
CA THR O 1629 127.65 5.50 100.48
CA GLN O 1630 128.42 2.01 99.50
CA VAL P 1 4.36 52.47 158.42
CA ASP P 2 5.76 50.42 155.56
CA ARG P 3 8.61 52.86 155.09
CA LEU P 4 9.50 52.71 158.77
CA GLN P 5 9.57 48.92 158.70
CA SER P 6 11.89 48.91 155.70
CA GLU P 7 14.28 51.30 157.41
CA PRO P 8 14.39 49.13 160.51
CA GLU P 9 14.96 45.83 158.63
CA SER P 10 17.85 47.33 156.70
CA ILE P 11 19.45 48.62 159.89
CA ARG P 12 19.19 45.21 161.51
CA LYS P 13 20.85 43.56 158.54
CA TRP P 14 23.72 46.03 158.64
CA ARG P 15 24.29 45.38 162.33
CA GLU P 16 24.41 41.64 161.76
CA GLU P 17 26.97 42.02 159.01
CA GLN P 18 29.18 44.15 161.22
CA THR P 19 29.05 41.59 164.00
CA GLU P 20 30.05 38.81 161.62
CA ARG P 21 33.01 40.81 160.38
CA LEU P 22 34.21 41.44 163.91
CA GLU P 23 34.02 37.76 164.75
CA ALA P 24 36.06 36.85 161.69
CA LEU P 25 38.75 39.35 162.60
CA ASP P 26 39.00 37.95 166.11
CA ALA P 27 39.39 34.42 164.79
CA ASN P 28 42.18 35.50 162.46
CA SER P 29 44.03 37.18 165.30
CA ARG P 30 43.80 34.07 167.44
CA LYS P 31 45.19 31.92 164.65
CA GLN P 32 48.13 34.25 164.18
CA GLU P 33 48.95 34.16 167.87
CA ALA P 34 48.91 30.37 167.89
CA GLU P 35 51.27 30.22 164.93
CA TRP P 36 53.70 32.57 166.63
CA LYS P 37 53.84 31.24 170.83
CA GLU P 38 54.33 28.33 168.46
CA LYS P 39 56.77 30.33 166.36
CA ALA P 40 58.80 31.25 169.43
CA ILE P 41 59.02 27.63 170.51
CA LYS P 42 60.24 26.57 167.09
CA GLU P 43 62.94 29.22 167.12
CA LEU P 44 64.15 28.09 170.53
CA ASP P 45 64.38 24.49 169.37
CA GLU P 46 66.42 25.47 166.33
CA TRP P 47 68.85 27.43 168.48
CA TYR P 48 69.34 24.48 170.81
CA ALA P 49 70.07 22.17 167.89
CA ARG P 50 72.66 24.55 166.52
CA GLN P 51 74.40 24.75 169.88
CA ASP P 52 74.56 20.99 170.14
CA GLU P 53 76.09 20.69 166.69
CA GLN P 54 78.76 23.24 167.55
CA LEU P 55 79.67 21.37 170.71
CA GLN P 56 80.03 18.12 168.81
CA LYS P 57 82.33 19.73 166.27
CA THR P 58 84.54 21.13 169.00
CA LYS P 59 84.84 17.73 170.64
CA ALA P 60 85.85 16.13 167.37
CA ASN P 61 88.53 18.73 166.79
CA ASN P 62 89.97 18.16 170.25
CA ARG P 63 90.13 14.42 169.69
CA VAL P 64 91.98 14.89 166.40
CA ALA P 65 94.52 17.15 168.04
CA ASP P 66 95.18 14.62 170.78
CA GLU P 67 95.73 11.86 168.24
CA ALA P 68 98.22 13.99 166.33
CA PHE P 69 100.17 14.72 169.49
CA TYR P 70 100.37 11.04 170.35
CA MET Q 1 335.37 79.52 -176.96
CA ALA Q 2 333.75 79.60 -173.48
CA GLN Q 3 336.42 80.31 -170.96
CA ILE Q 4 335.34 79.63 -167.39
CA LEU Q 5 333.32 76.69 -166.27
CA PRO Q 6 329.97 78.09 -164.94
CA ILE Q 7 328.65 74.76 -163.54
CA ARG Q 8 330.02 71.75 -161.62
CA PHE Q 9 329.30 68.30 -163.02
CA GLN Q 10 329.74 65.73 -160.21
CA GLU Q 11 329.27 61.96 -160.06
CA HIS Q 12 328.10 61.06 -156.56
CA LEU Q 13 328.17 57.33 -156.89
CA GLN Q 14 328.33 54.62 -159.52
CA LEU Q 15 325.59 52.10 -158.90
CA GLN Q 16 327.20 49.04 -160.35
CA ASN Q 17 330.00 49.55 -157.81
CA LEU Q 18 327.28 48.60 -155.34
CA GLY Q 19 326.91 45.54 -157.44
CA ILE Q 20 323.47 46.46 -158.75
CA ASN Q 21 322.22 44.56 -161.78
CA PRO Q 22 322.17 47.17 -164.58
CA ALA Q 23 319.01 45.53 -165.83
CA ASN Q 24 317.44 47.13 -162.80
CA ILE Q 25 318.63 50.70 -163.35
CA GLY Q 26 315.55 51.96 -165.11
CA PHE Q 27 312.34 53.96 -164.85
CA SER Q 28 310.35 51.07 -163.57
CA THR Q 29 312.80 49.56 -161.19
CA LEU Q 30 314.68 52.61 -159.98
CA THR Q 31 313.15 55.60 -158.25
CA MET Q 32 314.55 58.84 -156.89
CA GLU Q 33 311.85 60.90 -155.04
CA SER Q 34 314.43 63.17 -153.47
CA ASP Q 35 318.23 63.43 -153.26
CA LYS Q 36 317.97 61.50 -149.99
CA PHE Q 37 317.46 57.90 -151.17
CA ILE Q 38 317.54 55.82 -154.28
CA CYS Q 39 315.45 52.71 -154.31
CA ILE Q 40 315.93 49.72 -156.65
CA ARG Q 41 313.68 46.68 -156.93
CA GLU Q 42 315.87 43.58 -157.76
CA LYS Q 43 315.10 39.85 -158.13
CA VAL Q 44 318.20 38.37 -156.58
CA GLY Q 45 318.11 34.84 -157.81
CA GLU Q 46 314.49 33.83 -157.73
CA GLN Q 47 313.91 36.24 -154.85
CA ALA Q 48 312.60 39.79 -154.98
CA GLN Q 49 314.04 42.55 -152.88
CA VAL Q 50 314.32 46.30 -152.50
CA VAL Q 51 317.65 47.97 -152.24
CA ILE Q 52 317.51 51.33 -150.53
CA ILE Q 53 320.47 53.59 -150.99
CA ASP Q 54 320.67 56.42 -148.50
CA MET Q 55 322.61 59.08 -150.19
CA ASN Q 56 324.13 59.98 -146.91
CA ASP Q 57 326.28 56.84 -146.79
CA PRO Q 58 325.70 55.36 -150.21
CA SER Q 59 328.45 52.89 -149.57
CA ASN Q 60 325.99 50.87 -147.59
CA PRO Q 61 322.62 50.00 -149.18
CA ILE Q 62 319.70 48.50 -147.12
CA ARG Q 63 318.22 45.39 -148.74
CA ARG Q 64 314.85 43.76 -147.91
CA PRO Q 65 312.94 40.96 -149.58
CA ILE Q 66 309.87 42.71 -150.69
CA SER Q 67 307.71 41.76 -153.60
CA ALA Q 68 306.12 44.95 -154.87
CA ASP Q 69 304.95 46.16 -158.24
CA SER Q 70 306.59 49.38 -157.11
CA ALA Q 71 308.36 51.11 -154.26
CA ILE Q 72 309.04 54.78 -153.61
CA MET Q 73 310.75 56.17 -150.52
CA ASN Q 74 309.74 59.21 -148.50
CA PRO Q 75 311.46 62.37 -149.56
CA ALA Q 76 312.92 62.59 -146.13
CA SER Q 77 312.23 59.79 -143.75
CA LYS Q 78 312.85 56.07 -143.74
CA VAL Q 79 309.23 55.43 -144.72
CA ILE Q 80 308.55 53.53 -147.96
CA ALA Q 81 305.40 53.16 -150.01
CA LEU Q 82 305.01 49.72 -151.54
CA LYS Q 83 302.39 48.85 -154.07
CA ALA Q 84 301.16 45.31 -154.59
CA GLY Q 85 298.95 45.59 -157.63
CA LYS Q 86 296.12 47.51 -155.99
CA THR Q 87 297.03 47.28 -152.37
CA LEU Q 88 299.06 50.30 -151.41
CA GLN Q 89 301.10 50.06 -148.21
CA ILE Q 90 303.20 52.69 -146.37
CA PHE Q 91 305.77 50.90 -144.20
CA ASN Q 92 308.36 52.24 -141.81
CA ILE Q 93 311.69 50.80 -143.01
CA GLU Q 94 313.34 52.38 -139.96
CA MET Q 95 311.46 50.38 -137.33
CA LYS Q 96 309.98 47.76 -139.63
CA SER Q 97 306.42 48.66 -138.60
CA LYS Q 98 303.51 48.87 -141.06
CA MET Q 99 302.21 52.42 -141.04
CA LYS Q 100 299.14 52.23 -143.24
CA ALA Q 101 297.59 50.54 -146.29
CA HIS Q 102 294.71 50.78 -148.72
CA THR Q 103 293.39 48.73 -151.58
CA MET Q 104 292.61 51.08 -154.36
CA THR Q 105 289.49 50.35 -156.45
CA ASP Q 106 291.38 50.79 -159.68
CA ASP Q 107 295.12 50.27 -160.19
CA VAL Q 108 297.45 53.12 -159.42
CA THR Q 109 299.08 53.81 -162.69
CA PHE Q 110 301.85 56.13 -161.46
CA TRP Q 111 302.42 57.50 -157.96
CA LYS Q 112 304.95 59.69 -156.17
CA TRP Q 113 305.62 61.51 -152.96
CA ILE Q 114 304.69 65.16 -153.45
CA SER Q 115 305.86 66.06 -150.01
CA LEU Q 116 307.21 64.95 -146.71
CA ASN Q 117 304.01 63.07 -146.06
CA THR Q 118 301.65 62.78 -148.97
CA VAL Q 119 301.72 60.32 -151.86
CA ALA Q 120 300.01 61.08 -155.20
CA LEU Q 121 298.17 58.15 -156.81
CA VAL Q 122 297.43 58.44 -160.45
CA THR Q 123 294.67 56.24 -161.64
CA ASP Q 124 293.58 55.72 -165.14
CA ASN Q 125 290.90 58.33 -164.43
CA ALA Q 126 291.93 60.32 -161.42
CA VAL Q 127 294.70 61.70 -159.26
CA TYR Q 128 294.33 61.32 -155.45
CA HIS Q 129 296.57 62.44 -152.61
CA TRP Q 130 297.16 60.08 -149.65
CA SER Q 131 298.61 61.42 -146.44
CA MET Q 132 300.87 58.99 -144.61
CA GLU Q 133 299.30 60.50 -141.51
CA GLY Q 134 296.46 58.96 -139.53
CA GLU Q 135 293.62 56.68 -140.49
CA SER Q 136 292.85 58.95 -143.44
CA GLN Q 137 292.29 57.44 -146.85
CA PRO Q 138 293.19 58.60 -150.44
CA VAL Q 139 291.41 61.84 -151.45
CA LYS Q 140 290.56 62.51 -155.10
CA MET Q 141 291.90 65.93 -156.21
CA PHE Q 142 290.70 65.84 -159.74
CA ASP Q 143 289.81 63.74 -162.74
CA ARG Q 144 292.20 63.12 -165.56
CA HIS Q 145 291.64 65.45 -168.45
CA SER Q 146 291.02 63.74 -171.78
CA SER Q 147 294.00 65.02 -173.66
CA LEU Q 148 295.96 62.59 -171.53
CA ALA Q 149 293.94 59.51 -172.47
CA GLY Q 150 296.15 56.53 -173.26
CA CYS Q 151 299.27 58.53 -172.31
CA GLN Q 152 302.28 57.00 -170.63
CA ILE Q 153 302.19 59.01 -167.37
CA ILE Q 154 305.73 60.21 -166.63
CA ASN Q 155 305.34 62.77 -163.88
CA TYR Q 156 303.15 64.64 -161.43
CA ARG Q 157 304.06 67.91 -159.74
CA THR Q 158 302.54 70.45 -157.39
CA ASP Q 159 303.28 74.02 -156.43
CA ALA Q 160 304.54 74.58 -152.87
CA LYS Q 161 301.06 75.27 -151.68
CA GLN Q 162 299.56 72.30 -153.51
CA LYS Q 163 297.02 74.63 -154.96
CA TRP Q 164 298.10 73.94 -158.60
CA LEU Q 165 298.75 70.36 -159.71
CA LEU Q 166 300.30 69.23 -162.98
CA LEU Q 167 300.08 65.82 -164.64
CA THR Q 168 302.27 64.81 -167.61
CA GLY Q 169 302.17 61.95 -169.98
CA ILE Q 170 303.76 61.33 -173.38
CA SER Q 171 302.58 59.68 -176.57
CA ALA Q 172 304.28 58.43 -179.71
CA GLN Q 173 302.00 60.27 -181.95
CA GLN Q 174 302.71 60.02 -185.56
CA ASN Q 175 306.44 59.35 -185.12
CA ARG Q 176 307.22 61.94 -182.28
CA VAL Q 177 307.10 61.61 -178.52
CA VAL Q 178 304.44 64.15 -177.84
CA GLY Q 179 303.93 65.29 -174.21
CA ALA Q 180 300.59 66.10 -172.63
CA MET Q 181 300.20 68.10 -169.46
CA GLN Q 182 297.10 68.77 -167.40
CA LEU Q 183 297.37 71.83 -165.16
CA TYR Q 184 294.58 71.64 -162.53
CA SER Q 185 293.59 74.57 -160.30
CA VAL Q 186 292.55 73.44 -156.86
CA ASP Q 187 291.09 76.66 -155.57
CA ARG Q 188 289.39 77.61 -158.85
CA LYS Q 189 288.40 73.98 -159.51
CA VAL Q 190 289.30 74.38 -163.21
CA SER Q 191 291.77 72.41 -165.30
CA GLN Q 192 293.56 73.04 -168.60
CA PRO Q 193 295.61 71.11 -171.12
CA ILE Q 194 299.12 72.24 -172.22
CA GLU Q 195 301.51 70.52 -174.60
CA GLY Q 196 304.59 70.10 -172.53
CA HIS Q 197 307.48 67.82 -172.03
CA ALA Q 198 308.93 68.87 -168.70
CA ALA Q 199 308.03 71.49 -166.07
CA SER Q 200 308.35 72.60 -162.50
CA PHE Q 201 306.86 75.34 -160.28
CA ALA Q 202 308.89 77.94 -158.37
CA GLN Q 203 308.35 80.60 -155.71
CA PHE Q 204 309.95 83.82 -156.85
CA LYS Q 205 309.74 87.18 -155.14
CA MET Q 206 309.99 89.76 -157.94
CA GLU Q 207 312.07 92.90 -157.64
CA GLY Q 208 309.89 95.34 -155.76
CA ASN Q 209 307.14 93.02 -154.52
CA ALA Q 210 306.72 91.77 -150.99
CA GLU Q 211 305.31 88.45 -151.83
CA GLU Q 212 306.67 85.55 -153.80
CA SER Q 213 305.00 84.84 -157.03
CA THR Q 214 304.28 81.21 -157.82
CA LEU Q 215 305.65 80.43 -161.21
CA PHE Q 216 305.06 77.46 -163.44
CA CYS Q 217 307.81 76.75 -165.90
CA PHE Q 218 307.53 74.21 -168.63
CA ALA Q 219 309.35 73.18 -171.75
CA VAL Q 220 308.40 71.40 -174.91
CA ARG Q 221 309.57 70.63 -178.35
CA GLY Q 222 306.67 71.06 -180.78
CA GLN Q 223 306.32 71.67 -184.53
CA ALA Q 224 307.63 75.18 -183.95
CA GLY Q 225 310.59 73.79 -182.14
CA GLY Q 226 311.30 73.70 -178.47
CA LYS Q 227 310.32 76.51 -176.21
CA LEU Q 228 310.40 77.20 -172.54
CA HIS Q 229 307.61 79.13 -170.84
CA ILE Q 230 307.71 80.76 -167.41
CA ILE Q 231 304.34 82.09 -166.26
CA GLU Q 232 302.85 83.22 -162.94
CA VAL Q 233 300.07 80.97 -161.81
CA GLY Q 234 296.94 82.32 -160.11
CA THR Q 235 296.32 85.80 -158.59
CA PRO Q 236 299.26 87.86 -157.45
CA PRO Q 237 299.39 88.46 -153.73
CA THR Q 238 297.49 91.66 -153.18
CA GLY Q 239 299.88 94.53 -153.74
CA ASN Q 240 302.19 92.59 -156.03
CA GLN Q 241 302.98 93.70 -159.54
CA PRO Q 242 302.29 90.75 -161.75
CA PHE Q 243 305.14 88.69 -163.24
CA PRO Q 244 305.32 89.12 -167.00
CA LYS Q 245 304.85 85.72 -168.61
CA LYS Q 246 308.02 84.64 -170.52
CA ALA Q 247 308.80 82.40 -173.50
CA VAL Q 248 312.23 81.44 -174.80
CA ASP Q 249 313.16 78.79 -177.30
CA VAL Q 250 315.29 75.84 -176.24
CA PHE Q 251 317.81 74.91 -178.87
CA PHE Q 252 318.46 71.47 -180.25
CA PRO Q 253 321.47 70.87 -182.43
CA PRO Q 254 321.10 68.93 -185.69
CA GLU Q 255 322.99 66.05 -184.12
CA ALA Q 256 320.28 66.20 -181.46
CA GLN Q 257 317.96 64.69 -184.04
CA ASN Q 258 314.86 63.83 -182.15
CA ASP Q 259 315.80 64.97 -178.67
CA PHE Q 260 313.15 66.56 -176.42
CA PRO Q 261 312.86 67.80 -172.80
CA VAL Q 262 312.73 65.17 -170.17
CA ALA Q 263 313.37 66.74 -166.77
CA MET Q 264 313.44 70.14 -165.08
CA GLN Q 265 314.37 71.41 -161.65
CA ILE Q 266 314.76 74.98 -160.60
CA SER Q 267 317.24 76.33 -158.10
CA GLU Q 268 315.43 78.55 -155.68
CA LYS Q 269 318.79 79.51 -154.30
CA HIS Q 270 319.97 80.93 -157.69
CA ASP Q 271 316.71 81.31 -159.68
CA VAL Q 272 318.06 79.20 -162.48
CA VAL Q 273 316.10 76.63 -164.42
CA PHE Q 274 317.84 73.33 -165.11
CA LEU Q 275 316.55 71.43 -168.13
CA ILE Q 276 317.71 67.92 -169.15
CA THR Q 277 316.88 66.46 -172.58
CA LYS Q 278 316.32 62.85 -173.64
CA TYR Q 279 319.84 62.56 -175.12
CA GLY Q 280 321.73 63.76 -172.07
CA TYR Q 281 321.93 67.54 -172.70
CA ILE Q 282 321.66 70.16 -169.99
CA HIS Q 283 320.61 73.82 -170.18
CA LEU Q 284 320.50 76.50 -167.54
CA TYR Q 285 318.05 79.36 -167.98
CA ASP Q 286 317.53 82.45 -165.85
CA LEU Q 287 314.18 81.95 -164.08
CA GLU Q 288 313.14 85.59 -164.09
CA THR Q 289 313.91 86.38 -167.74
CA GLY Q 290 314.23 83.02 -169.40
CA THR Q 291 317.62 83.97 -170.71
CA CYS Q 292 319.69 80.92 -171.67
CA ILE Q 293 322.85 80.92 -169.60
CA TYR Q 294 324.51 77.63 -170.50
CA MET Q 295 324.10 74.44 -172.53
CA ASN Q 296 326.23 71.34 -172.89
CA ARG Q 297 326.05 67.63 -172.96
CA ILE Q 298 326.83 65.70 -169.82
CA SER Q 299 325.52 62.23 -170.58
CA GLY Q 300 325.16 60.11 -173.67
CA GLU Q 301 322.85 57.75 -171.89
CA THR Q 302 319.49 59.11 -170.70
CA ILE Q 303 319.08 60.57 -167.20
CA PHE Q 304 315.76 58.83 -166.52
CA VAL Q 305 315.08 60.30 -163.10
CA THR Q 306 316.03 63.45 -161.26
CA ALA Q 307 315.41 65.63 -158.26
CA PRO Q 308 316.50 68.83 -156.91
CA HIS Q 309 319.91 68.62 -155.20
CA GLU Q 310 319.48 70.44 -151.97
CA ALA Q 311 323.12 70.69 -151.00
CA THR Q 312 324.03 72.57 -154.10
CA ALA Q 313 320.68 73.91 -155.20
CA GLY Q 314 321.17 72.04 -158.44
CA ILE Q 315 319.89 68.94 -160.10
CA ILE Q 316 320.83 65.26 -159.44
CA GLY Q 317 319.73 62.29 -161.53
CA VAL Q 318 320.64 58.75 -162.53
CA ASN Q 319 321.28 57.49 -166.04
CA ARG Q 320 321.29 54.08 -167.67
CA LYS Q 321 324.92 53.27 -166.77
CA GLY Q 322 324.14 53.70 -163.11
CA GLN Q 323 325.80 57.03 -162.77
CA VAL Q 324 324.25 59.23 -160.14
CA LEU Q 325 325.15 62.64 -161.67
CA SER Q 326 324.56 66.14 -160.55
CA VAL Q 327 324.92 69.67 -162.02
CA CYS Q 328 324.81 73.03 -160.30
CA VAL Q 329 325.89 76.69 -160.62
CA GLU Q 330 329.49 77.28 -159.59
CA GLU Q 331 328.74 80.30 -157.41
CA GLU Q 332 332.16 81.67 -157.93
CA ASN Q 333 332.27 81.39 -161.75
CA ILE Q 334 328.79 82.28 -162.97
CA ILE Q 335 328.74 86.06 -162.62
CA PRO Q 336 332.22 86.18 -164.37
CA TYR Q 337 330.94 83.73 -167.00
CA ILE Q 338 327.83 85.86 -167.79
CA THR Q 339 330.01 88.96 -168.00
CA ASN Q 340 332.89 87.56 -170.09
CA VAL Q 341 331.61 84.56 -172.02
CA LEU Q 342 327.94 85.70 -172.30
CA GLN Q 343 329.13 89.26 -172.53
CA ASN Q 344 325.98 90.23 -170.73
CA PRO Q 345 327.05 92.45 -167.80
CA ASP Q 346 323.56 93.58 -167.19
CA LEU Q 347 322.25 90.04 -166.58
CA ALA Q 348 325.45 89.55 -164.59
CA LEU Q 349 324.94 92.47 -162.22
CA ARG Q 350 321.29 91.64 -161.76
CA MET Q 351 321.85 88.01 -161.09
CA ALA Q 352 324.79 89.05 -158.81
CA VAL Q 353 322.84 91.46 -156.62
CA ARG Q 354 319.66 89.40 -156.81
CA ASN Q 355 321.52 86.38 -155.56
CA ASN Q 356 324.38 87.86 -153.65
CA LEU Q 357 326.87 86.12 -155.86
CA ALA Q 358 330.39 87.38 -156.52
CA GLY Q 359 332.41 88.34 -159.55
CA ALA Q 360 330.96 91.69 -160.49
CA GLU Q 361 332.98 93.81 -158.09
CA GLU Q 362 334.56 95.98 -160.80
CA LEU Q 363 331.24 96.64 -162.46
CA PHE Q 364 329.78 97.71 -159.13
CA ALA Q 365 332.56 100.12 -158.21
CA ARG Q 366 332.31 101.47 -161.76
CA LYS Q 367 328.53 101.88 -161.39
CA PHE Q 368 328.89 103.54 -157.99
CA ASN Q 369 331.64 105.85 -159.17
CA ALA Q 370 329.54 106.71 -162.19
CA LEU Q 371 326.48 107.70 -160.23
CA PHE Q 372 328.73 109.72 -157.87
CA ALA Q 373 329.66 112.17 -160.63
CA GLN Q 374 326.13 112.66 -161.79
CA GLY Q 375 325.96 113.33 -158.07
CA ASN Q 376 323.02 111.00 -157.62
CA TYR Q 377 324.31 110.19 -154.20
CA SER Q 378 321.05 108.44 -153.61
CA GLU Q 379 321.35 106.03 -156.50
CA ALA Q 380 325.05 105.68 -155.72
CA ALA Q 381 324.21 104.59 -152.14
CA LYS Q 382 321.58 102.13 -153.26
CA VAL Q 383 324.34 100.45 -155.26
CA ALA Q 384 326.79 100.33 -152.36
CA ALA Q 385 324.09 99.12 -150.00
CA ASN Q 386 323.03 96.26 -152.28
CA ALA Q 387 326.14 95.22 -154.17
CA PRO Q 388 327.04 91.63 -152.98
CA LYS Q 389 329.42 90.36 -150.36
CA GLY Q 390 329.67 93.84 -148.85
CA ILE Q 391 332.01 94.97 -151.53
CA LEU Q 392 331.09 98.75 -151.15
CA ARG Q 393 329.88 98.81 -147.52
CA THR Q 394 333.26 100.19 -146.66
CA PRO Q 395 334.74 102.91 -144.40
CA ASP Q 396 336.09 104.40 -147.51
CA THR Q 397 332.59 104.40 -148.90
CA ILE Q 398 331.46 106.30 -145.82
CA ARG Q 399 334.48 108.69 -146.22
CA ARG Q 400 333.33 109.29 -149.76
CA PHE Q 401 329.82 110.37 -148.77
CA GLN Q 402 331.20 112.19 -145.77
CA SER Q 403 333.24 114.38 -148.12
CA VAL Q 404 330.49 116.00 -150.16
CA PRO Q 405 328.98 119.09 -148.58
CA ALA Q 406 325.36 119.43 -147.58
CA GLN Q 407 324.16 122.30 -149.82
CA PRO Q 408 321.31 124.12 -148.03
CA GLY Q 409 318.01 122.24 -148.22
CA GLN Q 410 317.93 118.45 -148.79
CA THR Q 411 319.60 115.74 -146.70
CA SER Q 412 323.36 114.93 -146.69
CA PRO Q 413 324.58 112.22 -149.03
CA LEU Q 414 325.91 110.44 -145.97
CA LEU Q 415 322.79 110.69 -143.94
CA GLN Q 416 321.08 109.63 -147.15
CA TYR Q 417 323.28 106.51 -147.45
CA PHE Q 418 322.84 105.70 -143.73
CA GLY Q 419 319.15 106.05 -144.40
CA ILE Q 420 319.28 103.33 -147.03
CA LEU Q 421 321.29 101.10 -144.80
CA LEU Q 422 318.98 101.60 -141.79
CA ASP Q 423 316.13 100.59 -144.06
CA GLN Q 424 318.03 97.75 -145.60
CA GLY Q 425 318.77 96.48 -142.12
CA GLN Q 426 321.29 96.56 -139.30
CA LEU Q 427 324.54 98.63 -139.40
CA ASN Q 428 328.01 97.28 -138.41
CA LYS Q 429 330.36 98.51 -135.77
CA TYR Q 430 332.04 101.18 -137.90
CA GLU Q 431 328.80 102.39 -139.44
CA SER Q 432 327.03 102.59 -136.14
CA LEU Q 433 329.92 104.60 -134.75
CA GLU Q 434 329.95 106.99 -137.73
CA LEU Q 435 326.18 107.33 -137.55
CA CYS Q 436 326.09 107.94 -133.82
CA ARG Q 437 329.09 110.17 -133.25
CA PRO Q 438 327.47 113.39 -134.62
CA VAL Q 439 323.92 112.68 -133.29
CA LEU Q 440 325.40 112.16 -129.84
CA GLN Q 441 326.97 115.61 -130.04
CA GLN Q 442 323.68 117.09 -131.24
CA GLY Q 443 322.12 116.07 -127.90
CA ARG Q 444 319.91 113.70 -129.77
CA LYS Q 445 319.40 110.93 -127.18
CA GLN Q 446 315.95 109.91 -128.14
CA LEU Q 447 317.12 109.14 -131.70
CA LEU Q 448 319.90 106.79 -130.76
CA GLU Q 449 317.45 105.31 -128.23
CA LYS Q 450 315.09 104.32 -131.03
CA TRP Q 451 317.86 103.09 -133.29
CA LEU Q 452 318.93 100.93 -130.33
CA LYS Q 453 315.49 99.57 -129.47
CA GLU Q 454 314.53 98.88 -133.03
CA ASP Q 455 317.79 96.98 -132.79
CA LYS Q 456 319.48 98.78 -135.71
CA LEU Q 457 322.99 99.40 -134.22
CA GLU Q 458 325.65 96.80 -133.61
CA CYS Q 459 326.11 98.38 -131.25
CA SER Q 460 329.78 98.49 -130.25
CA GLU Q 461 331.86 99.71 -127.29
CA GLU Q 462 333.01 102.55 -129.52
CA LEU Q 463 329.59 103.71 -130.75
CA GLY Q 464 328.86 103.71 -127.06
CA ASP Q 465 331.90 105.77 -126.12
CA LEU Q 466 330.74 108.25 -128.76
CA VAL Q 467 327.31 108.45 -127.22
CA LYS Q 468 328.77 108.68 -123.70
CA SER Q 469 330.23 111.98 -124.96
CA VAL Q 470 326.65 113.20 -125.27
CA ASP Q 471 324.49 110.90 -123.20
CA PRO Q 472 326.40 108.79 -120.70
CA THR Q 473 322.94 107.36 -119.93
CA LEU Q 474 322.20 106.51 -123.59
CA ALA Q 475 325.60 104.74 -123.59
CA LEU Q 476 324.73 101.95 -121.11
CA SER Q 477 322.01 101.11 -123.56
CA VAL Q 478 324.46 100.44 -126.46
CA TYR Q 479 327.06 98.90 -124.19
CA LEU Q 480 324.52 96.61 -122.63
CA ARG Q 481 323.94 95.59 -126.28
CA ALA Q 482 327.53 95.83 -127.24
CA ASN Q 483 330.88 94.55 -125.51
CA VAL Q 484 329.37 93.04 -121.55
CA PRO Q 485 333.47 97.53 -123.17
CA ASN Q 486 332.37 97.58 -119.59
CA LYS Q 487 335.43 99.30 -118.27
CA VAL Q 488 335.14 102.03 -120.84
CA ILE Q 489 331.49 102.68 -120.13
CA GLN Q 490 332.00 103.04 -116.42
CA CYS Q 491 334.93 105.25 -117.02
CA PHE Q 492 333.72 108.39 -118.63
CA ALA Q 493 330.38 107.62 -117.15
CA GLU Q 494 331.15 109.30 -113.95
CA THR Q 495 327.86 110.75 -114.95
CA GLY Q 496 325.23 108.32 -116.06
CA GLN Q 497 322.27 106.39 -114.80
CA VAL Q 498 322.74 104.67 -111.50
CA GLN Q 499 320.92 101.53 -112.52
CA LYS Q 500 323.14 100.90 -115.50
CA ILE Q 501 326.21 101.60 -113.46
CA VAL Q 502 325.33 99.07 -110.82
CA LEU Q 503 325.01 96.34 -113.41
CA TYR Q 504 328.04 97.16 -115.54
CA ALA Q 505 330.47 98.03 -112.78
CA LYS Q 506 330.58 94.40 -111.73
CA LYS Q 507 331.54 93.37 -115.25
CA VAL Q 508 334.46 95.78 -115.30
CA GLY Q 509 335.66 95.27 -116.31
CA TYR Q 510 336.90 97.24 -115.18
CA THR Q 511 336.72 97.65 -111.47
CA PRO Q 512 337.97 101.23 -111.31
CA ASP Q 513 334.85 102.25 -113.13
CA TRP Q 514 333.01 101.36 -109.97
CA ILE Q 515 335.08 103.78 -107.95
CA PHE Q 516 334.44 106.38 -110.59
CA LEU Q 517 330.75 105.58 -110.46
CA LEU Q 518 330.64 106.03 -106.73
CA ARG Q 519 332.14 109.44 -107.09
CA ASN Q 520 329.45 110.41 -109.53
CA VAL Q 521 326.73 109.12 -107.30
CA MET Q 522 328.37 110.89 -104.43
CA ARG Q 523 325.77 115.34 -105.68
CA ILE Q 524 324.32 113.73 -108.72
CA SER Q 525 320.95 112.69 -109.99
CA PRO Q 526 321.02 110.17 -107.26
CA ASP Q 527 320.65 111.62 -103.82
CA GLN Q 528 320.13 110.49 -100.28
CA GLY Q 529 317.07 108.48 -99.48
CA GLN Q 530 316.24 105.54 -101.60
CA GLN Q 531 317.96 106.24 -104.86
CA PHE Q 532 320.78 104.93 -106.92
CA ALA Q 533 323.17 106.42 -104.42
CA GLN Q 534 323.09 103.71 -101.78
CA MET Q 535 321.50 101.05 -103.90
CA LEU Q 536 324.35 101.41 -106.33
CA VAL Q 537 326.76 100.54 -103.59
CA GLN Q 538 324.87 97.35 -102.99
CA ASP Q 539 325.33 95.88 -106.43
CA GLU Q 540 328.89 97.10 -106.32
CA GLU Q 541 329.36 95.09 -103.18
CA PRO Q 542 333.19 94.09 -104.21
CA LEU Q 543 334.77 97.06 -104.79
CA ALA Q 544 336.90 99.93 -106.00
CA ASP Q 545 337.79 102.46 -104.29
CA ILE Q 546 335.78 102.40 -101.07
CA THR Q 547 337.36 105.66 -100.06
CA GLN Q 548 336.48 107.05 -103.45
CA ILE Q 549 332.84 106.25 -103.09
CA VAL Q 550 332.63 107.84 -99.68
CA ASP Q 551 334.70 110.80 -100.75
CA VAL Q 552 332.17 111.54 -103.42
CA PHE Q 553 329.29 111.30 -101.00
CA MET Q 554 330.96 113.51 -98.44
CA GLU Q 555 331.66 116.43 -100.74
CA TYR Q 556 328.06 116.29 -101.87
CA ASN Q 557 327.12 116.34 -98.19
CA LEU Q 558 325.15 113.21 -99.05
CA ILE Q 559 326.45 111.81 -95.77
CA GLN Q 560 323.03 110.91 -94.50
CA GLN Q 561 322.49 108.77 -97.59
CA CYS Q 562 325.98 107.40 -97.50
CA THR Q 563 325.46 106.07 -94.04
CA ALA Q 564 322.13 104.62 -95.10
CA PHE Q 565 323.61 102.61 -97.94
CA LEU Q 566 326.48 101.40 -95.85
CA LEU Q 567 323.92 99.75 -93.67
CA ASP Q 568 322.84 97.77 -96.72
CA ALA Q 569 326.44 96.93 -97.52
CA LEU Q 570 327.02 95.06 -94.29
CA LYS Q 571 324.23 92.70 -95.20
CA ASN Q 572 325.96 91.60 -98.36
CA ASN Q 573 328.17 89.03 -96.73
CA ARG Q 574 330.59 88.69 -99.58
CA PRO Q 575 330.52 92.30 -100.47
CA SER Q 576 331.29 93.21 -96.90
CA GLU Q 577 334.74 94.54 -96.24
CA GLY Q 578 336.92 95.57 -90.82
CA PRO Q 579 338.56 98.40 -92.60
CA LEU Q 580 335.27 99.11 -94.31
CA GLN Q 581 333.55 99.85 -91.05
CA THR Q 582 336.48 101.83 -89.83
CA ARG Q 583 336.61 103.99 -92.92
CA LEU Q 584 332.88 104.51 -93.00
CA LEU Q 585 332.65 105.89 -89.53
CA GLU Q 586 335.65 108.10 -90.12
CA MET Q 587 334.07 109.48 -93.25
CA ASN Q 588 330.80 109.87 -91.45
CA LEU Q 589 332.39 111.95 -88.76
CA MET Q 590 333.59 114.63 -91.11
CA HIS Q 591 330.89 113.99 -93.70
CA ALA Q 592 327.80 113.69 -91.57
CA PRO Q 593 328.02 113.38 -87.86
CA GLN Q 594 324.36 112.49 -87.48
CA VAL Q 595 325.06 109.15 -89.09
CA ALA Q 596 328.20 108.69 -87.06
CA ASP Q 597 326.48 107.75 -83.84
CA ALA Q 598 323.99 105.36 -85.39
CA ILE Q 599 326.77 103.51 -87.13
CA LEU Q 600 328.46 103.18 -83.78
CA GLY Q 601 325.43 101.44 -82.52
CA ASN Q 602 324.98 99.30 -85.59
CA GLN Q 603 328.42 97.89 -86.04
CA MET Q 604 330.92 100.51 -85.29
CA PHE Q 605 331.42 99.00 -81.95
CA THR Q 606 332.20 95.42 -82.77
CA HIS Q 607 333.99 95.57 -86.05
CA TYR Q 608 335.84 98.82 -86.17
CA ASP Q 609 339.36 99.98 -85.46
CA ARG Q 610 338.27 101.66 -82.26
CA ALA Q 611 341.44 103.57 -81.66
CA HIS Q 612 341.31 105.14 -85.09
CA ILE Q 613 337.69 106.15 -84.80
CA ALA Q 614 338.20 107.81 -81.50
CA GLN Q 615 340.93 110.06 -82.74
CA LEU Q 616 338.69 111.03 -85.58
CA CYS Q 617 335.80 111.78 -83.24
CA GLU Q 618 338.04 113.87 -81.05
CA LYS Q 619 338.86 116.10 -83.95
CA ALA Q 620 335.19 115.83 -84.82
CA GLY Q 621 333.93 117.27 -81.54
CA LEU Q 622 331.71 114.20 -81.45
CA LEU Q 623 332.23 113.92 -77.69
CA GLN Q 624 328.76 112.54 -77.02
CA ARG Q 625 329.72 109.59 -79.25
CA ALA Q 626 333.31 109.64 -78.01
CA LEU Q 627 332.04 108.74 -74.59
CA GLU Q 628 330.18 105.86 -76.15
CA HIS Q 629 333.33 104.50 -77.74
CA PHE Q 630 335.35 105.04 -74.64
CA THR Q 631 332.78 103.28 -72.59
CA ASP Q 632 332.72 100.25 -74.89
CA LEU Q 633 336.48 100.52 -75.24
CA TYR Q 634 336.36 100.10 -71.49
CA ASP Q 635 338.50 103.13 -71.25
CA ILE Q 636 336.23 104.50 -68.55
CA LYS Q 637 338.68 107.02 -67.19
CA ARG Q 638 338.68 108.67 -70.59
CA ALA Q 639 334.94 108.62 -70.86
CA VAL Q 640 334.62 110.44 -67.58
CA VAL Q 641 337.31 112.94 -68.35
CA HIS Q 642 335.60 113.75 -71.61
CA THR Q 643 332.25 113.97 -69.90
CA HIS Q 644 333.82 116.48 -67.61
CA LEU Q 645 334.62 118.89 -70.37
CA LEU Q 646 331.22 118.57 -71.96
CA ASN Q 647 328.43 117.40 -69.75
CA PRO Q 648 327.65 113.79 -69.87
CA GLU Q 649 324.35 112.13 -69.28
CA TRP Q 650 323.28 111.80 -65.67
CA LEU Q 651 322.70 108.06 -65.61
CA VAL Q 652 325.92 107.21 -67.39
CA ASN Q 653 327.97 109.28 -65.02
CA TYR Q 654 326.94 107.17 -62.09
CA PHE Q 655 327.74 103.89 -63.75
CA GLY Q 656 330.97 104.84 -65.46
CA SER Q 657 332.59 106.69 -62.59
CA LEU Q 658 332.66 103.59 -60.46
CA SER Q 659 334.05 101.66 -63.38
CA VAL Q 660 336.95 104.04 -63.26
CA GLU Q 661 338.98 101.73 -61.10
CA ASP Q 662 342.10 103.27 -62.45
CA SER Q 663 341.85 106.72 -61.05
CA LEU Q 664 340.54 107.38 -57.58
CA GLU Q 665 341.37 111.04 -58.05
CA CYS Q 666 338.76 111.28 -60.72
CA LEU Q 667 336.23 110.82 -57.99
CA ARG Q 668 337.48 113.85 -56.13
CA ALA Q 669 337.70 115.74 -59.35
CA MET Q 670 334.15 114.77 -60.14
CA LEU Q 671 332.81 115.91 -56.82
CA SER Q 672 334.24 119.32 -57.38
CA ALA Q 673 332.66 119.51 -60.81
CA ASN Q 674 329.41 118.17 -59.45
CA ILE Q 675 329.33 120.69 -56.69
CA ARG Q 676 329.10 123.38 -59.27
CA GLN Q 677 326.88 122.16 -62.03
CA ASN Q 678 324.35 120.57 -59.75
CA LEU Q 679 323.94 120.23 -56.00
CA GLN Q 680 321.37 117.52 -56.31
CA ILE Q 681 323.51 115.37 -58.51
CA CYS Q 682 326.35 115.58 -56.04
CA VAL Q 683 324.44 114.04 -53.19
CA GLN Q 684 323.38 111.06 -55.25
CA VAL Q 685 326.78 110.77 -56.86
CA ALA Q 686 328.47 110.99 -53.50
CA SER Q 687 326.82 107.81 -52.38
CA LYS Q 688 328.39 105.60 -55.08
CA TYR Q 689 330.68 106.34 -53.64
CA HIS Q 690 333.80 107.43 -52.10
CA GLU Q 691 337.33 105.87 -52.60
CA GLN Q 692 338.27 108.39 -50.22
CA LEU Q 693 340.12 110.52 -47.67
CA SER Q 694 340.26 113.57 -49.80
CA THR Q 695 339.44 114.15 -46.63
CA GLN Q 696 340.09 117.88 -46.20
CA SER Q 697 340.20 118.50 -49.92
CA LEU Q 698 336.97 116.62 -50.27
CA ILE Q 699 335.22 118.83 -47.76
CA GLU Q 700 336.84 121.98 -49.05
CA LEU Q 701 335.38 121.15 -52.43
CA PHE Q 702 331.95 120.68 -50.92
CA GLU Q 703 332.04 124.06 -49.28
CA SER Q 704 332.94 126.01 -52.41
CA PHE Q 705 330.04 124.36 -54.19
CA LYS Q 706 328.08 125.58 -51.22
CA SER Q 707 326.66 122.15 -50.84
CA PHE Q 708 326.90 122.32 -47.08
CA GLU Q 709 323.78 120.27 -46.72
CA GLY Q 710 325.00 117.47 -48.95
CA LEU Q 711 328.44 117.30 -47.42
CA PHE Q 712 326.83 116.85 -44.04
CA TYR Q 713 324.48 114.21 -45.39
CA PHE Q 714 327.31 112.26 -47.02
CA LEU Q 715 329.35 112.13 -43.86
CA GLY Q 716 326.24 110.92 -42.15
CA SER Q 717 326.26 107.82 -44.32
CA ILE Q 718 329.97 107.21 -44.02
CA VAL Q 719 329.85 107.19 -40.24
CA ASN Q 720 327.63 104.14 -40.37
CA PHE Q 721 330.47 102.15 -41.80
CA SER Q 722 333.87 102.11 -40.20
CA GLN Q 723 335.43 105.52 -40.39
CA ASP Q 724 335.84 107.11 -38.88
CA PRO Q 725 335.49 109.89 -36.44
CA ASP Q 726 336.21 112.35 -39.19
CA VAL Q 727 332.85 111.60 -40.69
CA HIS Q 728 330.90 112.06 -37.48
CA PHE Q 729 332.91 115.18 -36.89
CA LYS Q 730 332.05 116.63 -40.27
CA TYR Q 731 328.40 115.62 -40.06
CA ILE Q 732 327.77 117.49 -36.86
CA GLN Q 733 329.55 120.55 -38.13
CA ALA Q 734 327.46 120.59 -41.27
CA ALA Q 735 324.36 119.87 -39.28
CA CYS Q 736 324.90 122.91 -37.18
CA LYS Q 737 324.80 125.34 -40.06
CA THR Q 738 322.68 123.16 -42.32
CA GLY Q 739 320.06 121.80 -39.94
CA GLN Q 740 320.17 122.71 -36.29
CA ILE Q 741 317.40 120.36 -35.33
CA LYS Q 742 319.46 117.39 -36.45
CA GLU Q 743 322.46 118.68 -34.53
CA VAL Q 744 321.03 117.60 -31.19
CA GLU Q 745 320.06 114.03 -31.92
CA ARG Q 746 323.35 113.36 -33.57
CA ILE Q 747 325.42 114.52 -30.64
CA CYS Q 748 323.27 112.44 -28.40
CA ARG Q 749 324.38 109.22 -30.07
CA GLU Q 750 327.58 110.39 -31.80
CA SER Q 751 329.21 112.56 -29.16
CA ASN Q 752 331.62 109.77 -28.30
CA CYS Q 753 333.17 109.46 -31.72
CA TYR Q 754 333.67 113.08 -32.67
CA ASP Q 755 336.51 115.52 -31.97
CA PRO Q 756 334.64 117.51 -29.36
CA GLU Q 757 336.70 120.65 -29.46
CA ARG Q 758 335.82 121.23 -33.06
CA VAL Q 759 332.17 120.40 -32.49
CA LYS Q 760 332.09 123.09 -29.88
CA ASN Q 761 333.62 125.79 -32.01
CA PHE Q 762 330.96 124.99 -34.56
CA LEU Q 763 328.22 125.18 -31.95
CA LYS Q 764 329.52 128.46 -30.64
CA GLU Q 765 329.19 130.05 -34.02
CA ALA Q 766 325.92 128.20 -34.34
CA LYS Q 767 324.35 129.68 -31.22
CA LEU Q 768 323.51 126.05 -30.51
CA THR Q 769 323.60 126.86 -26.79
CA ASP Q 770 321.29 124.09 -25.72
CA GLN Q 771 323.64 121.57 -27.32
CA LEU Q 772 326.86 123.31 -26.32
CA PRO Q 773 326.34 122.63 -22.70
CA LEU Q 774 325.49 119.08 -23.52
CA ILE Q 775 328.92 118.63 -24.97
CA ILE Q 776 330.62 120.84 -22.45
CA VAL Q 777 328.99 118.93 -19.65
CA CYS Q 778 329.58 115.59 -21.30
CA ASP Q 779 332.63 114.92 -23.36
CA ARG Q 780 334.07 118.24 -22.45
CA PHE Q 781 333.93 117.06 -20.25
CA ASP Q 782 334.31 120.80 -20.09
CA PHE Q 783 331.64 121.44 -17.52
CA VAL Q 784 332.74 125.01 -17.08
CA HIS Q 785 332.09 125.67 -20.74
CA ASP Q 786 328.69 124.09 -20.72
CA LEU Q 787 327.56 126.22 -17.84
CA VAL Q 788 328.65 129.46 -19.40
CA LEU Q 789 326.77 128.37 -22.48
CA TYR Q 790 323.78 127.50 -20.34
CA LEU Q 791 323.85 130.99 -19.02
CA TYR Q 792 323.29 132.02 -22.57
CA ARG Q 793 320.32 129.63 -22.60
CA ASN Q 794 319.61 126.09 -21.40
CA ASN Q 795 317.37 123.98 -19.18
CA LEU Q 796 317.23 124.17 -15.42
CA GLN Q 797 317.51 120.48 -14.62
CA LYS Q 798 320.75 119.82 -16.44
CA TYR Q 799 321.88 123.14 -15.10
CA ILE Q 800 321.50 122.03 -11.54
CA GLU Q 801 323.62 118.94 -12.12
CA ILE Q 802 326.44 120.40 -14.24
CA TYR Q 803 326.83 123.48 -12.11
CA VAL Q 804 328.20 121.44 -9.24
CA GLN Q 805 330.75 119.63 -11.38
CA LYS Q 806 332.15 122.91 -12.59
CA VAL Q 807 332.99 129.36 -11.39
CA ASN Q 808 334.92 133.29 -9.10
CA PRO Q 809 332.13 131.99 -7.00
CA SER Q 810 330.08 135.04 -7.87
CA ARG Q 811 329.02 132.90 -10.80
CA LEU Q 812 327.13 130.85 -8.30
CA PRO Q 813 324.94 133.80 -7.50
CA VAL Q 814 324.55 134.65 -11.12
CA VAL Q 815 323.55 131.08 -11.74
CA ILE Q 816 321.05 130.93 -8.94
CA GLY Q 817 319.33 133.94 -10.36
CA GLY Q 818 319.45 132.43 -13.80
CA LEU Q 819 317.78 129.25 -12.72
CA LEU Q 820 315.20 131.13 -10.73
CA ASP Q 821 314.55 133.82 -13.30
CA VAL Q 822 314.58 131.51 -16.23
CA ASP Q 823 311.93 128.92 -16.10
CA CYS Q 824 314.29 126.45 -14.59
CA SER Q 825 312.36 124.14 -12.41
CA GLU Q 826 312.33 124.99 -8.77
CA ASP Q 827 313.39 121.44 -8.28
CA VAL Q 828 316.11 122.09 -10.78
CA ILE Q 829 317.03 125.17 -8.85
CA LYS Q 830 317.00 123.19 -5.64
CA ASN Q 831 319.06 120.49 -7.25
CA LEU Q 832 321.50 123.11 -8.37
CA ILE Q 833 321.45 124.92 -5.08
CA LEU Q 834 323.72 126.12 -1.85
CA VAL Q 835 326.91 126.59 -3.79
CA VAL Q 836 325.36 129.62 -5.40
CA ARG Q 837 324.43 131.15 -2.10
CA GLY Q 838 327.93 130.66 -0.85
CA GLN Q 839 328.71 134.08 3.24
CA PHE Q 840 326.44 137.05 3.30
CA SER Q 841 323.62 138.16 1.12
CA THR Q 842 320.82 137.07 -0.13
CA ASP Q 843 317.30 138.06 -0.98
CA GLU Q 844 317.95 137.29 -4.60
CA LEU Q 845 318.99 133.79 -3.77
CA VAL Q 846 315.89 133.33 -1.66
CA ALA Q 847 313.58 134.78 -4.24
CA GLU Q 848 314.92 132.46 -6.89
CA VAL Q 849 314.63 129.47 -4.62
CA GLU Q 850 311.09 130.27 -3.57
CA LYS Q 851 309.42 130.56 -6.94
CA ARG Q 852 311.26 127.47 -8.02
CA ASN Q 853 309.55 125.72 -5.13
CA ARG Q 854 313.19 125.07 -4.29
CA LEU Q 855 311.02 124.11 -0.69
CA LYS Q 856 312.52 120.94 0.71
CA LEU Q 857 316.02 122.24 -0.04
CA LEU Q 858 315.21 125.88 0.59
CA LEU Q 859 314.56 125.15 4.22
CA PRO Q 860 318.03 123.76 4.66
CA TRP Q 861 319.80 126.65 3.01
CA LEU Q 862 318.09 129.09 5.31
CA GLU Q 863 319.27 126.89 8.10
CA ALA Q 864 322.84 127.83 7.21
CA ARG Q 865 322.12 131.47 6.47
CA ILE Q 866 321.02 132.11 10.03
CA HIS Q 867 324.62 131.71 11.07
CA GLU Q 868 325.65 134.57 8.82
CA GLY Q 869 326.29 137.78 10.72
CA CYS Q 870 324.49 139.53 7.88
CA GLU Q 871 321.38 137.54 8.87
CA GLU Q 872 317.03 139.19 8.04
CA PRO Q 873 313.62 138.39 9.34
CA ALA Q 874 312.44 138.04 5.78
CA THR Q 875 314.49 134.91 5.51
CA HIS Q 876 313.34 133.46 8.79
CA ASN Q 877 309.73 134.01 7.99
CA ALA Q 878 310.14 132.48 4.58
CA LEU Q 879 311.91 129.42 5.90
CA ALA Q 880 309.31 128.57 8.46
CA LYS Q 881 306.47 128.84 6.03
CA ILE Q 882 308.25 126.66 3.52
CA TYR Q 883 309.10 124.42 6.44
CA ILE Q 884 305.42 124.26 7.20
CA ASP Q 885 305.37 121.96 4.20
CA SER Q 886 307.98 119.75 5.90
CA ASN Q 887 306.39 119.77 9.34
CA ASN Q 888 309.07 118.25 11.51
CA ASN Q 889 311.51 121.11 11.03
CA PRO Q 890 309.17 123.92 11.86
CA GLU Q 891 308.94 123.22 15.55
CA ARG Q 892 312.65 123.61 16.13
CA PHE Q 893 312.71 126.55 13.80
CA LEU Q 894 310.26 128.64 15.74
CA ARG Q 895 312.12 127.67 18.86
CA GLU Q 896 315.36 128.74 17.24
CA ASN Q 897 314.51 132.14 15.88
CA PRO Q 898 312.32 134.70 17.39
CA TYR Q 899 312.79 137.06 14.50
CA TYR Q 900 309.93 136.08 12.29
CA ASP Q 901 306.88 137.97 11.06
CA SER Q 902 305.87 135.50 13.46
CA ARG Q 903 302.63 136.23 11.69
CA VAL Q 904 303.80 134.61 8.52
CA VAL Q 905 305.17 131.56 10.26
CA GLY Q 906 301.98 131.07 12.17
CA LYS Q 907 299.81 130.90 9.11
CA TYR Q 908 302.18 128.33 7.73
CA CYS Q 909 302.10 126.44 11.01
CA GLU Q 910 298.34 126.69 10.97
CA LYS Q 911 298.30 124.41 8.01
CA ARG Q 912 300.65 122.20 9.98
CA ASP Q 913 300.38 120.90 13.52
CA PRO Q 914 299.36 123.14 16.32
CA HIS Q 915 302.04 122.09 18.79
CA LEU Q 916 304.51 124.53 17.35
CA ALA Q 917 301.78 127.10 17.01
CA CYS Q 918 301.30 127.19 20.74
CA VAL Q 919 304.98 127.88 21.17
CA ALA Q 920 304.91 130.76 18.72
CA TYR Q 921 301.69 132.16 20.07
CA GLU Q 922 303.30 132.00 23.44
CA ARG Q 923 306.40 133.91 22.36
CA GLY Q 924 304.27 136.15 20.17
CA GLN Q 925 302.61 136.97 23.42
CA CYS Q 926 299.34 136.23 21.75
CA ASP Q 927 298.23 134.37 24.83
CA LEU Q 928 294.59 134.19 23.90
CA GLU Q 929 295.54 132.26 20.81
CA LEU Q 930 297.80 129.95 22.76
CA ILE Q 931 294.98 129.02 25.09
CA ASN Q 932 292.28 128.43 22.56
CA VAL Q 933 294.60 126.34 20.45
CA CYS Q 934 295.68 124.53 23.58
CA ASN Q 935 292.05 123.78 24.27
CA GLU Q 936 292.18 121.23 21.55
CA ASN Q 937 295.41 119.89 22.98
CA SER Q 938 297.96 121.27 25.41
CA LEU Q 939 300.01 120.79 28.53
CA PHE Q 940 298.48 121.53 31.89
CA LYS Q 941 301.46 123.31 33.34
CA SER Q 942 301.80 125.81 30.54
CA LEU Q 943 298.08 126.33 30.65
CA SER Q 944 298.21 127.50 34.20
CA ARG Q 945 300.79 130.13 33.38
CA TYR Q 946 299.37 131.45 30.13
CA LEU Q 947 295.69 131.49 31.02
CA VAL Q 948 296.32 134.31 33.43
CA ARG Q 949 297.90 136.44 30.72
CA ARG Q 950 294.82 136.05 28.54
CA LYS Q 951 293.10 139.33 27.77
CA ASP Q 952 289.61 137.97 27.28
CA PRO Q 953 288.46 136.90 30.66
CA GLU Q 954 285.69 134.95 28.98
CA LEU Q 955 288.23 132.30 28.18
CA TRP Q 956 288.42 131.60 31.88
CA GLY Q 957 284.81 130.55 31.94
CA SER Q 958 285.50 128.58 28.82
CA VAL Q 959 288.47 126.85 30.38
CA LEU Q 960 286.67 126.01 33.58
CA LEU Q 961 284.07 124.24 31.52
CA GLU Q 962 286.80 122.54 29.60
CA SER Q 963 288.37 121.25 32.77
CA ASN Q 964 285.24 120.02 34.49
CA PRO Q 965 283.84 117.82 31.77
CA TYR Q 966 287.26 116.58 31.07
CA ARG Q 967 287.64 113.53 33.15
CA ARG Q 968 290.56 114.67 34.95
CA PRO Q 969 292.01 114.57 38.04
CA LEU Q 970 293.18 116.63 41.10
CA ILE Q 971 296.29 116.45 43.03
CA ASP Q 972 299.27 118.66 42.46
CA GLN Q 973 298.72 122.08 41.06
CA VAL Q 974 295.57 121.63 39.02
CA VAL Q 975 292.03 122.72 39.71
CA GLN Q 976 292.83 124.12 43.11
CA THR Q 977 295.97 125.88 42.05
CA ALA Q 978 294.37 126.96 38.83
CA LEU Q 979 291.33 128.29 40.58
CA SER Q 980 293.53 130.50 42.68
CA GLU Q 981 295.01 132.17 39.65
CA THR Q 982 291.70 132.55 37.91
CA GLN Q 983 290.16 133.44 40.94
CA ASP Q 984 287.93 135.76 38.81
CA PRO Q 985 286.26 135.05 37.41
CA GLU Q 986 283.01 132.78 36.23
CA GLU Q 987 281.09 130.25 34.31
CA VAL Q 988 281.48 129.21 37.79
CA SER Q 989 278.71 126.67 37.59
CA VAL Q 990 280.55 124.85 34.85
CA THR Q 991 283.44 124.12 37.11
CA VAL Q 992 281.07 123.18 39.90
CA LYS Q 993 279.01 120.87 37.75
CA ALA Q 994 282.13 119.02 36.77
CA PHE Q 995 283.21 118.63 40.36
CA MET Q 996 279.86 117.33 41.51
CA THR Q 997 279.55 114.58 38.93
CA ALA Q 998 283.06 113.54 39.81
CA ASP Q 999 281.76 113.24 43.35
CA LEU Q 1000 284.63 115.58 44.00
CA PRO Q 1001 282.75 118.05 46.29
CA ASN Q 1002 284.50 116.40 50.24
CA GLU Q 1003 286.35 119.00 48.18
CA LEU Q 1004 283.23 120.87 47.17
CA ILE Q 1005 282.60 121.80 50.74
CA GLU Q 1006 286.21 122.78 51.19
CA LEU Q 1007 286.20 125.27 48.32
CA LEU Q 1008 282.92 126.81 49.37
CA GLU Q 1009 284.27 127.50 52.81
CA LYS Q 1010 286.98 129.56 51.14
CA ILE Q 1011 284.52 131.26 48.83
CA VAL Q 1012 282.57 132.97 51.56
CA LEU Q 1013 285.53 135.03 52.71
CA ASP Q 1014 287.05 135.44 49.29
CA ASN Q 1015 286.04 138.72 47.76
CA SER Q 1016 288.46 137.79 45.02
CA VAL Q 1017 286.25 134.83 44.37
CA PHE Q 1018 282.49 135.37 44.10
CA SER Q 1019 281.47 137.63 46.92
CA GLU Q 1020 279.56 136.06 49.73
CA HIS Q 1021 275.99 135.54 48.76
CA ARG Q 1022 272.93 133.86 50.15
CA ASN Q 1023 273.16 131.00 47.72
CA LEU Q 1024 276.55 129.90 48.91
CA GLN Q 1025 275.67 130.09 52.55
CA ASN Q 1026 272.52 128.21 51.79
CA LEU Q 1027 274.31 125.37 50.08
CA LEU Q 1028 277.13 125.07 52.55
CA ILE Q 1029 274.90 124.51 55.51
CA LEU Q 1030 272.90 121.92 53.62
CA THR Q 1031 275.98 120.05 52.65
CA ALA Q 1032 277.31 120.49 56.13
CA ILE Q 1033 274.40 118.73 57.71
CA LYS Q 1034 274.82 115.55 55.72
CA ALA Q 1035 278.56 115.94 55.18
CA ASP Q 1036 279.78 117.28 58.51
CA ARG Q 1037 277.24 117.69 61.27
CA THR Q 1038 279.73 119.17 63.69
CA ARG Q 1039 280.32 122.12 61.40
CA VAL Q 1040 276.62 122.61 60.83
CA MET Q 1041 276.22 124.21 64.25
CA GLU Q 1042 279.05 126.70 64.00
CA TYR Q 1043 278.02 127.70 60.55
CA ILE Q 1044 274.45 128.52 61.51
CA ASN Q 1045 275.42 131.04 64.10
CA ARG Q 1046 277.71 132.71 61.58
CA LEU Q 1047 275.11 132.00 58.91
CA ASP Q 1048 272.90 135.07 59.27
CA ASN Q 1049 271.59 135.49 55.76
CA TYR Q 1050 270.47 132.05 54.82
CA ASP Q 1051 267.27 130.77 53.27
CA ALA Q 1052 266.13 129.32 56.55
CA PRO Q 1053 263.40 127.10 55.34
CA ASP Q 1054 265.99 125.28 53.30
CA ILE Q 1055 268.16 124.66 56.32
CA ALA Q 1056 265.32 123.47 58.42
CA ASN Q 1057 264.18 120.67 56.20
CA ILE Q 1058 267.82 119.77 55.90
CA ALA Q 1059 268.33 119.60 59.68
CA ILE Q 1060 265.09 117.75 60.16
CA SER Q 1061 266.36 115.15 57.79
CA ASN Q 1062 269.54 114.75 59.71
CA GLU Q 1063 268.36 114.78 63.31
CA LEU Q 1064 269.93 118.17 63.99
CA PHE Q 1065 267.56 118.77 66.94
CA GLU Q 1066 269.60 121.26 68.92
CA GLU Q 1067 270.44 123.19 65.79
CA ALA Q 1068 266.87 122.95 64.59
CA PHE Q 1069 265.73 124.66 67.75
CA ALA Q 1070 268.20 127.43 67.13
CA ILE Q 1071 266.90 128.12 63.64
CA PHE Q 1072 263.29 127.77 64.65
CA ARG Q 1073 264.12 130.27 67.32
CA LYS Q 1074 265.61 132.80 64.93
CA PHE Q 1075 263.03 132.05 62.27
CA ASP Q 1076 260.66 133.02 65.01
CA VAL Q 1077 258.62 129.73 64.74
CA ASN Q 1078 257.44 128.99 68.53
CA THR Q 1079 255.05 126.18 67.67
CA SER Q 1080 257.92 124.41 65.98
CA ALA Q 1081 260.22 124.94 68.92
CA VAL Q 1082 257.81 123.28 71.28
CA GLN Q 1083 256.99 120.43 68.96
CA VAL Q 1084 260.64 119.70 68.46
CA LEU Q 1085 261.10 120.07 72.19
CA ILE Q 1086 258.58 117.38 72.79
CA GLU Q 1087 260.52 114.80 70.82
CA HIS Q 1088 263.88 115.62 72.33
CA ILE Q 1089 263.68 116.80 75.87
CA GLY Q 1090 265.05 120.28 75.64
CA ASN Q 1091 264.94 122.23 78.87
CA LEU Q 1092 262.13 122.76 81.30
CA ASP Q 1093 262.72 126.45 81.80
CA ARG Q 1094 262.64 127.38 78.14
CA ALA Q 1095 259.59 125.25 77.72
CA TYR Q 1096 257.69 127.40 80.17
CA GLU Q 1097 258.54 130.56 78.29
CA PHE Q 1098 257.98 129.38 74.74
CA ALA Q 1099 254.80 127.44 75.27
CA GLU Q 1100 252.86 130.58 75.98
CA ARG Q 1101 254.00 132.16 72.74
CA CYS Q 1102 252.59 129.19 70.85
CA ASN Q 1103 249.78 130.21 68.54
CA GLU Q 1104 247.93 126.91 68.55
CA PRO Q 1105 246.28 126.35 71.86
CA ALA Q 1106 246.04 122.68 71.02
CA VAL Q 1107 249.69 122.43 71.85
CA TRP Q 1108 248.85 123.07 75.46
CA SER Q 1109 246.66 120.02 75.71
CA GLN Q 1110 249.21 117.99 73.83
CA LEU Q 1111 251.86 119.49 76.08
CA ALA Q 1112 249.96 118.60 79.20
CA LYS Q 1113 249.84 115.01 78.08
CA ALA Q 1114 253.54 115.01 77.38
CA GLN Q 1115 254.36 116.25 80.84
CA LEU Q 1116 251.79 113.92 82.21
CA GLN Q 1117 253.52 110.93 80.73
CA LYS Q 1118 257.07 112.13 81.29
CA GLY Q 1119 256.45 113.47 84.75
CA MET Q 1120 253.22 114.62 86.29
CA VAL Q 1121 254.88 116.06 89.32
CA LYS Q 1122 257.49 118.75 89.53
CA GLU Q 1123 256.82 119.51 85.92
CA ALA Q 1124 253.20 119.38 84.98
CA ILE Q 1125 252.20 121.35 88.03
CA ASP Q 1126 254.58 124.18 87.26
CA SER Q 1127 253.66 123.96 83.62
CA TYR Q 1128 249.98 124.12 84.36
CA ILE Q 1129 250.30 127.41 86.13
CA LYS Q 1130 251.81 128.99 83.06
CA ALA Q 1131 249.18 127.36 80.90
CA ASP Q 1132 246.66 126.04 79.89
CA ASP Q 1133 242.95 126.44 79.55
CA PRO Q 1134 241.19 125.94 77.73
CA SER Q 1135 238.54 124.00 79.82
CA SER Q 1136 238.97 120.25 79.58
CA TYR Q 1137 237.08 115.28 81.85
CA MET Q 1138 237.15 111.74 83.12
CA GLU Q 1139 240.79 111.17 82.36
CA VAL Q 1140 241.88 114.53 83.65
CA VAL Q 1141 240.30 113.87 87.00
CA GLN Q 1142 241.55 110.32 86.91
CA ALA Q 1143 245.07 111.57 86.47
CA ALA Q 1144 244.70 114.01 89.32
CA ASN Q 1145 243.53 111.39 91.74
CA THR Q 1146 246.24 108.87 90.91
CA SER Q 1147 248.84 111.51 91.47
CA GLY Q 1148 247.10 111.79 94.78
CA ASN Q 1149 246.86 115.51 94.43
CA TRP Q 1150 243.20 115.80 95.28
CA GLU Q 1151 243.84 119.13 96.88
CA GLU Q 1152 245.10 120.55 93.63
CA LEU Q 1153 242.34 119.11 91.51
CA VAL Q 1154 239.61 120.48 93.73
CA LYS Q 1155 241.41 123.80 93.63
CA TYR Q 1156 241.46 124.04 89.83
CA LEU Q 1157 237.87 123.00 89.46
CA GLN Q 1158 237.00 125.88 91.68
CA MET Q 1159 238.56 128.23 89.16
CA ALA Q 1160 237.25 126.26 86.20
CA ARG Q 1161 233.64 126.77 87.12
CA LYS Q 1162 233.89 130.44 86.41
CA LYS Q 1163 235.61 130.07 83.06
CA ALA Q 1164 233.31 127.48 81.63
CA ARG Q 1165 230.46 125.88 83.32
CA GLU Q 1166 229.27 122.66 82.20
CA SER Q 1167 228.94 119.58 83.44
CA TYR Q 1168 231.91 117.38 83.01
CA VAL Q 1169 234.11 119.69 85.00
CA GLU Q 1170 231.61 120.38 87.74
CA THR Q 1171 230.77 116.71 87.95
CA GLU Q 1172 234.46 116.05 88.36
CA LEU Q 1173 234.98 118.55 91.13
CA ILE Q 1174 232.19 117.14 93.19
CA PHE Q 1175 233.49 113.63 92.86
CA ALA Q 1176 236.92 114.72 93.91
CA LEU Q 1177 235.52 116.69 96.77
CA ALA Q 1178 233.80 113.71 98.21
CA LYS Q 1179 236.71 111.36 97.62
CA THR Q 1180 239.57 113.53 98.65
CA ASN Q 1181 238.08 113.59 102.07
CA ARG Q 1182 237.06 117.13 101.47
CA LEU Q 1183 233.44 116.33 102.04
CA ALA Q 1184 232.77 119.70 103.54
CA GLU Q 1185 233.41 121.29 100.18
CA LEU Q 1186 231.13 118.76 98.56
CA GLU Q 1187 228.03 120.12 100.24
CA GLU Q 1188 228.28 123.77 99.25
CA PHE Q 1189 229.34 122.87 95.76
CA ILE Q 1190 226.33 120.72 95.13
CA ASN Q 1191 224.03 123.47 96.16
CA GLY Q 1192 225.17 126.03 93.68
CA PRO Q 1193 225.82 124.00 90.63
CA ASN Q 1194 222.77 122.34 89.15
CA ASN Q 1195 224.83 121.55 86.09
CA ALA Q 1196 226.32 118.21 86.85
CA HIS Q 1197 225.48 114.64 86.17
CA ILE Q 1198 223.39 113.73 89.14
CA GLN Q 1199 223.60 110.01 88.78
CA GLN Q 1200 227.36 109.97 88.79
CA VAL Q 1201 227.50 112.42 91.65
CA GLY Q 1202 225.15 110.28 93.68
CA ASP Q 1203 227.17 107.14 93.13
CA ARG Q 1204 230.05 109.18 94.45
CA CYS Q 1205 228.24 110.22 97.62
CA TYR Q 1206 226.88 106.73 98.04
CA ASP Q 1207 230.35 105.34 98.52
CA GLU Q 1208 231.25 108.47 100.47
CA LYS Q 1209 228.48 108.08 103.03
CA MET Q 1210 227.10 111.54 102.34
CA TYR Q 1211 223.81 110.59 104.07
CA ASP Q 1212 223.12 114.16 105.18
CA ALA Q 1213 223.95 115.70 101.81
CA ALA Q 1214 222.01 113.24 99.59
CA LYS Q 1215 219.13 113.70 102.04
CA LEU Q 1216 218.79 117.19 100.56
CA LEU Q 1217 219.71 116.16 97.01
CA TYR Q 1218 217.12 113.39 96.86
CA ASN Q 1219 214.76 115.88 98.53
CA ASN Q 1220 214.68 118.51 95.75
CA VAL Q 1221 214.78 116.01 92.87
CA SER Q 1222 212.09 114.44 95.05
CA ASN Q 1223 213.14 110.80 94.64
CA PHE Q 1224 211.35 109.82 97.83
CA GLY Q 1225 212.43 106.26 97.02
CA ARG Q 1226 215.88 107.11 98.35
CA LEU Q 1227 214.90 110.21 100.36
CA ALA Q 1228 213.06 107.89 102.73
CA SER Q 1229 215.75 105.23 102.41
CA THR Q 1230 218.53 107.60 103.51
CA LEU Q 1231 216.37 109.26 106.21
CA VAL Q 1232 216.18 105.82 107.87
CA HIS Q 1233 219.87 105.18 107.29
CA LEU Q 1234 220.11 108.48 109.23
CA GLY Q 1235 217.96 107.45 112.18
CA GLU Q 1236 215.37 110.11 111.27
CA TYR Q 1237 212.61 107.49 111.38
CA GLN Q 1238 209.37 109.43 111.77
CA ALA Q 1239 210.28 111.55 108.71
CA ALA Q 1240 211.43 108.50 106.74
CA VAL Q 1241 207.87 107.22 107.09
CA ASP Q 1242 206.78 110.42 105.38
CA GLY Q 1243 209.11 109.87 102.46
CA ALA Q 1244 207.79 106.33 102.13
CA ARG Q 1245 204.28 107.79 102.03
CA LYS Q 1246 205.11 110.23 99.23
CA ALA Q 1247 207.17 107.48 97.56
CA ASN Q 1248 203.99 105.34 97.65
CA SER Q 1249 205.89 102.12 96.93
CA THR Q 1250 205.54 98.67 98.50
CA ARG Q 1251 209.15 97.46 98.30
CA THR Q 1252 209.83 100.85 99.84
CA TRP Q 1253 207.54 100.54 102.89
CA LYS Q 1254 209.28 97.21 103.49
CA GLU Q 1255 212.70 98.88 103.79
CA VAL Q 1256 211.31 101.55 106.13
CA CYS Q 1257 209.04 99.27 108.15
CA PHE Q 1258 211.72 96.64 108.67
CA ALA Q 1259 214.36 99.18 109.66
CA CYS Q 1260 211.79 101.08 111.74
CA VAL Q 1261 211.48 97.72 113.56
CA ASP Q 1262 215.21 97.18 113.94
CA GLY Q 1263 215.27 100.60 115.60
CA LYS Q 1264 212.47 99.33 117.83
CA GLU Q 1265 210.17 102.18 116.73
CA PHE Q 1266 206.81 100.48 116.83
CA ARG Q 1267 203.87 102.88 116.70
CA LEU Q 1268 205.68 103.96 113.54
CA ALA Q 1269 206.60 100.50 112.23
CA GLN Q 1270 202.90 99.75 112.71
CA MET Q 1271 201.22 102.50 110.66
CA CYS Q 1272 204.20 101.91 108.38
CA GLY Q 1273 203.26 98.23 108.32
CA LEU Q 1274 199.55 98.58 107.61
CA HIS Q 1275 200.52 99.50 104.06
CA ILE Q 1276 202.06 96.04 103.61
CA VAL Q 1277 199.72 93.49 105.23
CA VAL Q 1278 197.01 94.27 102.66
CA HIS Q 1279 199.37 92.83 100.07
CA ALA Q 1280 201.15 91.75 102.66
CA ASP Q 1281 204.25 91.66 100.45
CA GLU Q 1282 205.83 93.91 103.07
CA LEU Q 1283 204.44 92.70 106.43
CA GLU Q 1284 207.22 90.13 106.92
CA GLU Q 1285 210.33 92.29 106.47
CA LEU Q 1286 208.72 94.86 108.79
CA ILE Q 1287 208.29 92.20 111.47
CA ASN Q 1288 211.62 90.42 110.92
CA TYR Q 1289 213.21 93.86 111.37
CA TYR Q 1290 211.45 94.77 114.65
CA GLN Q 1291 212.39 91.24 115.78
CA ASP Q 1292 216.18 91.18 115.46
CA ARG Q 1293 216.33 94.70 116.97
CA GLY Q 1294 214.61 92.84 119.78
CA TYR Q 1295 211.75 95.31 119.95
CA PHE Q 1296 209.07 92.65 120.26
CA GLU Q 1297 207.17 94.74 122.80
CA GLU Q 1298 206.54 97.64 120.43
CA LEU Q 1299 206.01 95.45 117.36
CA ILE Q 1300 203.01 93.90 119.09
CA THR Q 1301 201.83 97.33 120.29
CA MET Q 1302 201.60 98.54 116.70
CA LEU Q 1303 199.80 95.49 115.38
CA GLU Q 1304 197.43 96.15 118.31
CA ALA Q 1305 196.29 99.29 116.42
CA ALA Q 1306 196.68 97.99 112.85
CA LEU Q 1307 193.84 95.57 113.51
CA GLY Q 1308 191.58 98.61 113.38
CA LEU Q 1309 192.83 99.70 109.96
CA GLU Q 1310 190.29 99.39 107.13
CA ARG Q 1311 192.94 97.56 105.08
CA ALA Q 1312 193.76 95.05 107.86
CA HIS Q 1313 194.51 91.58 106.48
CA MET Q 1314 194.94 87.90 107.33
CA GLY Q 1315 198.72 88.11 107.56
CA MET Q 1316 198.35 90.64 110.37
CA PHE Q 1317 195.95 88.68 112.59
CA THR Q 1318 197.96 85.49 111.97
CA GLU Q 1319 201.16 87.24 113.05
CA LEU Q 1320 199.74 88.91 116.11
CA ALA Q 1321 198.45 85.59 117.42
CA ILE Q 1322 201.85 83.94 116.88
CA LEU Q 1323 203.64 86.80 118.67
CA TYR Q 1324 201.06 86.79 121.46
CA SER Q 1325 201.71 83.10 122.03
CA LYS Q 1326 205.41 83.46 122.70
CA PHE Q 1327 205.22 86.95 124.32
CA LYS Q 1328 201.74 87.48 125.83
CA PRO Q 1329 199.96 84.12 126.21
CA GLN Q 1330 197.18 85.60 128.32
CA LYS Q 1331 196.09 87.68 125.30
CA MET Q 1332 196.50 84.75 122.85
CA ARG Q 1333 193.03 83.54 123.87
CA GLU Q 1334 190.68 86.54 123.64
CA HIS Q 1335 192.43 87.17 120.31
CA LEU Q 1336 191.44 83.85 118.74
CA GLU Q 1337 188.12 84.38 120.48
CA LEU Q 1338 187.47 87.29 118.07
CA PHE Q 1339 189.70 86.80 115.03
CA TRP Q 1340 190.00 83.03 114.62
CA SER Q 1341 188.22 83.34 111.29
CA ARG Q 1342 190.58 85.98 109.90
CA VAL Q 1343 193.77 83.95 110.43
CA ASN Q 1344 195.80 81.09 108.89
CA ILE Q 1345 194.79 78.37 111.37
CA PRO Q 1346 197.42 75.74 110.62
CA LYS Q 1347 200.21 78.23 111.35
CA VAL Q 1348 198.58 79.53 114.55
CA LEU Q 1349 198.19 75.95 115.76
CA ARG Q 1350 201.84 74.92 115.23
CA ALA Q 1351 202.40 78.12 117.27
CA ALA Q 1352 200.34 77.12 120.33
CA GLU Q 1353 201.60 73.55 120.01
CA GLN Q 1354 205.08 74.99 120.40
CA ALA Q 1355 203.80 77.28 123.19
CA HIS Q 1356 201.87 74.61 125.15
CA LEU Q 1357 198.66 76.71 125.22
CA TRP Q 1358 196.48 73.60 125.38
CA ALA Q 1359 193.26 75.45 126.28
CA GLU Q 1360 193.50 77.52 123.07
CA LEU Q 1361 194.79 74.62 120.97
CA VAL Q 1362 191.49 72.83 121.66
CA PHE Q 1363 189.59 75.96 120.69
CA LEU Q 1364 191.15 76.08 117.23
CA TYR Q 1365 191.34 72.31 116.73
CA ASP Q 1366 187.64 72.63 117.39
CA LYS Q 1367 186.99 75.43 114.87
CA TYR Q 1368 189.33 73.92 112.27
CA GLU Q 1369 187.05 70.91 112.69
CA GLU Q 1370 190.01 68.71 113.64
CA TYR Q 1371 187.94 67.05 116.40
CA ASP Q 1372 190.08 63.94 116.91
CA ASN Q 1373 192.87 66.35 117.89
CA ALA Q 1374 190.75 68.49 120.20
CA ILE Q 1375 189.84 65.33 122.12
CA ILE Q 1376 193.32 63.82 122.18
CA THR Q 1377 194.48 67.20 123.53
CA MET Q 1378 191.80 67.61 126.21
CA MET Q 1379 192.82 64.11 127.29
CA ASN Q 1380 196.57 64.64 127.77
CA HIS Q 1381 196.26 68.12 129.26
CA PRO Q 1382 193.01 67.91 131.24
CA THR Q 1383 193.75 70.56 133.85
CA ASP Q 1384 194.10 73.21 131.07
CA ALA Q 1385 192.02 72.04 128.10
CA TRP Q 1386 189.43 69.56 129.38
CA LYS Q 1387 185.90 70.85 129.98
CA GLU Q 1388 183.05 68.44 130.82
CA GLY Q 1389 180.49 69.99 128.51
CA GLN Q 1390 182.48 70.46 125.35
CA PHE Q 1391 184.04 67.03 125.68
CA LYS Q 1392 180.53 65.60 125.38
CA ASP Q 1393 180.01 67.67 122.22
CA ILE Q 1394 183.27 67.10 120.37
CA ILE Q 1395 183.74 63.41 121.20
CA THR Q 1396 180.77 62.73 118.92
CA LYS Q 1397 182.28 64.44 115.85
CA VAL Q 1398 185.39 62.27 116.35
CA ALA Q 1399 186.28 60.18 113.28
CA ASN Q 1400 188.46 57.46 114.74
CA VAL Q 1401 185.89 55.65 116.94
CA GLU Q 1402 188.67 54.00 118.90
CA LEU Q 1403 188.92 57.28 120.78
CA TYR Q 1404 185.63 56.35 122.44
CA TYR Q 1405 187.15 53.33 124.16
CA ARG Q 1406 190.21 55.44 124.89
CA ALA Q 1407 187.96 58.11 126.42
CA ILE Q 1408 185.85 55.61 128.38
CA GLN Q 1409 189.09 54.51 130.00
CA PHE Q 1410 190.17 58.07 130.74
CA TYR Q 1411 186.88 59.13 132.33
CA LEU Q 1412 186.70 55.84 134.20
CA GLU Q 1413 190.12 56.19 135.81
CA PHE Q 1414 190.02 59.92 136.66
CA LYS Q 1415 186.33 61.01 136.37
CA PRO Q 1416 183.91 58.25 137.57
CA LEU Q 1417 180.76 60.30 138.08
CA LEU Q 1418 180.88 61.64 134.54
CA LEU Q 1419 181.43 58.21 132.96
CA ASN Q 1420 177.74 57.40 132.67
CA ASP Q 1421 176.58 60.66 131.10
CA LEU Q 1422 179.54 60.28 128.72
CA LEU Q 1423 178.60 56.74 127.92
CA MET Q 1424 175.10 57.92 127.03
CA VAL Q 1425 176.49 60.11 124.24
CA LEU Q 1426 178.86 57.39 122.98
CA SER Q 1427 176.02 54.81 122.76
CA PRO Q 1428 175.12 55.13 119.02
CA ARG Q 1429 178.61 54.15 117.84
CA LEU Q 1430 179.75 52.19 120.87
CA ASP Q 1431 180.36 48.42 120.60
CA HIS Q 1432 178.41 47.57 123.80
CA THR Q 1433 179.69 44.02 123.99
CA ARG Q 1434 183.20 45.41 123.78
CA ALA Q 1435 182.26 48.07 126.34
CA VAL Q 1436 180.67 45.73 128.83
CA ASN Q 1437 183.55 43.28 128.57
CA TYR Q 1438 186.03 46.01 129.55
CA PHE Q 1439 184.00 47.25 132.52
CA SER Q 1440 183.64 43.65 133.63
CA LYS Q 1441 187.34 42.74 133.40
CA VAL Q 1442 187.89 46.05 135.18
CA LYS Q 1443 185.24 44.97 137.73
CA GLN Q 1444 183.37 48.26 137.44
CA LEU Q 1445 179.94 47.09 136.24
CA PRO Q 1446 178.07 48.46 139.27
CA LEU Q 1447 179.11 51.98 138.22
CA VAL Q 1448 177.88 51.76 134.66
CA LYS Q 1449 174.54 50.39 135.70
CA PRO Q 1450 172.55 53.45 134.39
CA TYR Q 1451 174.16 52.88 131.01
CA LEU Q 1452 173.51 49.17 131.06
CA ARG Q 1453 169.80 49.68 131.55
CA SER Q 1454 169.88 52.36 128.82
CA VAL Q 1455 171.26 49.73 126.42
CA GLN Q 1456 169.84 46.41 127.61
CA ASN Q 1457 166.95 46.92 125.18
CA HIS Q 1458 169.37 45.65 122.49
CA ASN Q 1459 168.92 42.17 124.01
CA ASN Q 1460 172.69 42.04 124.07
CA LYS Q 1461 174.09 38.97 125.88
CA SER Q 1462 177.05 40.32 127.83
CA VAL Q 1463 174.67 43.14 128.76
CA ASN Q 1464 171.89 40.99 130.22
CA GLU Q 1465 174.29 38.59 131.92
CA SER Q 1466 176.18 41.55 133.26
CA LEU Q 1467 173.06 43.45 134.19
CA ASN Q 1468 171.45 40.41 135.88
CA ASN Q 1469 174.47 39.79 138.09
CA LEU Q 1470 173.80 43.25 139.48
CA PHE Q 1471 170.14 42.70 140.25
CA ILE Q 1472 171.30 39.58 141.99
CA THR Q 1473 174.09 41.02 144.16
CA GLU Q 1474 171.70 43.78 145.07
CA GLU Q 1475 168.95 41.27 145.86
CA ASP Q 1476 166.64 43.02 143.37
CA TYR Q 1477 164.51 40.03 142.27
CA GLN Q 1478 161.62 42.00 140.76
CA ALA Q 1479 164.11 43.66 138.45
CA LEU Q 1480 165.69 40.29 137.64
CA ARG Q 1481 162.32 38.79 136.83
CA THR Q 1482 161.50 41.50 134.30
CA SER Q 1483 164.97 41.31 132.78
CA ILE Q 1484 164.76 37.59 132.12
CA ASP Q 1485 161.24 38.24 130.86
CA ALA Q 1486 161.78 41.15 128.48
CA TYR Q 1487 165.26 40.12 127.22
CA ASP Q 1488 166.12 36.47 126.55
CA ASN Q 1489 169.74 36.44 125.42
CA PHE Q 1490 171.40 34.71 128.40
CA ASP Q 1491 172.28 31.29 129.82
CA ASN Q 1492 169.18 30.37 131.87
CA ILE Q 1493 170.56 27.05 133.07
CA SER Q 1494 173.69 28.72 134.41
CA LEU Q 1495 171.49 31.33 136.10
CA ALA Q 1496 169.04 28.64 137.13
CA GLN Q 1497 171.83 26.64 138.71
CA ARG Q 1498 173.40 29.68 140.31
CA LEU Q 1499 170.02 30.72 141.78
CA GLU Q 1500 168.26 27.38 142.88
CA LYS Q 1501 170.08 26.86 146.08
CA HIS Q 1502 169.29 30.44 147.14
CA GLU Q 1503 168.08 30.97 150.70
CA LEU Q 1504 165.44 33.54 149.74
CA ILE Q 1505 162.02 32.15 148.86
CA GLU Q 1506 161.42 34.68 146.12
CA PHE Q 1507 164.45 33.31 144.32
CA ARG Q 1508 163.88 29.61 144.95
CA ARG Q 1509 160.46 30.22 143.41
CA ILE Q 1510 162.14 31.77 140.38
CA ALA Q 1511 164.42 28.79 139.98
CA ALA Q 1512 161.36 26.57 139.86
CA TYR Q 1513 159.85 28.90 137.28
CA LEU Q 1514 163.07 28.72 135.19
CA PHE Q 1515 163.17 24.90 135.21
CA LYS Q 1516 159.49 25.17 133.96
CA GLY Q 1517 158.93 28.72 132.30
CA ASN Q 1518 161.73 27.48 130.22
CA ASN Q 1519 159.32 24.62 129.96
CA ARG Q 1520 161.41 22.41 132.16
CA TRP Q 1521 158.29 21.14 133.88
CA LYS Q 1522 160.00 18.05 135.29
CA GLN Q 1523 162.37 20.25 137.24
CA SER Q 1524 159.70 22.63 138.34
CA VAL Q 1525 157.75 19.75 139.81
CA GLU Q 1526 160.74 18.24 141.54
CA LEU Q 1527 161.61 21.69 142.89
CA CYS Q 1528 158.02 22.11 144.00
CA LYS Q 1529 158.29 18.79 145.80
CA LYS Q 1530 160.61 20.51 148.38
CA ASP Q 1531 158.29 23.25 148.44
CA SER Q 1532 156.13 21.58 146.04
CA LEU Q 1533 153.03 23.44 147.25
CA TYR Q 1534 149.36 22.81 146.81
CA LYS Q 1535 148.87 25.96 144.79
CA ASP Q 1536 150.65 26.38 141.42
CA ALA Q 1537 151.09 22.65 141.37
CA MET Q 1538 147.45 22.43 140.45
CA GLN Q 1539 147.84 25.15 137.88
CA TYR Q 1540 150.91 23.99 136.01
CA ALA Q 1541 150.33 20.25 136.30
CA SER Q 1542 147.65 20.73 133.69
CA GLU Q 1543 150.19 22.37 131.41
CA SER Q 1544 152.45 19.38 132.10
CA LYS Q 1545 153.00 18.38 128.89
CA ASP Q 1546 153.40 14.89 130.39
CA THR Q 1547 150.04 13.72 131.51
CA GLU Q 1548 151.44 10.60 133.05
CA LEU Q 1549 152.92 12.67 135.31
CA ALA Q 1550 149.23 12.86 136.20
CA GLU Q 1551 149.19 9.25 137.29
CA GLU Q 1552 152.52 9.68 138.98
CA LEU Q 1553 151.30 12.78 140.77
CA LEU Q 1554 148.05 11.22 141.84
CA GLN Q 1555 149.90 8.42 143.51
CA TRP Q 1556 152.43 10.78 145.00
CA PHE Q 1557 149.85 13.11 146.55
CA LEU Q 1558 147.86 10.27 147.97
CA GLN Q 1559 150.90 8.49 149.34
CA GLU Q 1560 152.82 11.53 150.47
CA GLU Q 1561 150.03 12.64 152.75
CA LYS Q 1562 147.66 14.29 150.19
CA ARG Q 1563 145.71 15.36 151.46
CA GLU Q 1564 143.85 13.52 148.96
CA CYS Q 1565 140.19 13.30 149.86
CA PHE Q 1566 139.67 17.03 149.76
CA GLY Q 1567 141.95 17.58 146.81
CA ALA Q 1568 140.16 14.75 145.03
CA CYS Q 1569 136.91 16.59 145.33
CA LEU Q 1570 138.39 19.70 143.87
CA PHE Q 1571 140.35 17.62 141.40
CA THR Q 1572 137.15 16.03 140.16
CA CYS Q 1573 135.86 19.50 139.50
CA TYR Q 1574 138.83 20.43 137.38
CA ASP Q 1575 138.54 17.35 135.45
CA LEU Q 1576 138.63 18.54 132.20
CA LEU Q 1577 140.91 14.62 131.14
CA ARG Q 1578 141.29 10.60 131.48
CA PRO Q 1579 140.53 8.04 133.78
CA ASP Q 1580 138.51 6.28 135.44
CA VAL Q 1581 141.13 3.93 136.10
CA VAL Q 1582 142.03 6.14 139.02
CA LEU Q 1583 138.53 5.84 140.36
CA GLU Q 1584 138.59 2.08 140.00
CA THR Q 1585 142.11 1.80 141.30
CA ALA Q 1586 141.32 4.03 144.24
CA TRP Q 1587 138.81 1.44 145.37
CA ARG Q 1588 141.68 -0.97 145.74
CA HIS Q 1589 142.94 1.41 148.38
CA ASN Q 1590 140.57 2.70 150.97
CA ILE Q 1591 137.83 4.59 149.11
CA MET Q 1592 137.10 6.63 152.15
CA ASP Q 1593 139.57 8.83 150.38
CA PHE Q 1594 137.72 8.30 147.18
CA ALA Q 1595 135.00 10.43 148.03
CA MET Q 1596 135.04 13.44 146.89
CA PRO Q 1597 132.09 13.64 144.96
CA TYR Q 1598 130.47 16.47 145.17
CA PHE Q 1599 132.09 17.98 142.27
CA ILE Q 1600 132.60 14.83 140.52
CA GLN Q 1601 128.84 15.64 140.62
CA VAL Q 1602 129.45 18.69 138.44
CA MET Q 1603 131.13 16.53 135.82
CA LYS Q 1604 128.30 14.09 135.93
CA GLU Q 1605 125.83 17.00 135.38
CA TYR Q 1606 127.94 17.79 132.34
CA LEU Q 1607 127.58 14.29 130.85
CA THR Q 1608 123.89 14.25 131.38
CA LYS Q 1609 123.49 17.60 129.71
CA VAL Q 1610 125.38 16.21 126.69
CA ASP Q 1611 123.05 13.19 126.43
CA LYS Q 1612 119.91 15.16 126.96
CA LEU Q 1613 121.27 17.41 124.25
CA ASP Q 1614 122.19 14.77 121.68
CA ALA Q 1615 118.81 13.26 122.33
CA SER Q 1616 116.98 16.41 121.32
CA GLU Q 1617 119.26 16.50 118.28
CA SER Q 1618 118.48 12.95 117.07
CA LEU Q 1619 114.79 13.53 117.74
CA ARG Q 1620 114.94 16.76 115.69
CA LYS Q 1621 116.38 14.59 112.86
CA GLU Q 1622 113.89 11.76 113.14
CA GLU Q 1623 111.20 14.39 112.93
CA GLU Q 1624 112.87 15.53 109.67
CA GLN Q 1625 113.34 12.21 107.86
CA ALA Q 1626 109.85 11.37 109.04
CA THR Q 1627 108.26 14.45 107.56
CA GLU Q 1628 110.11 14.05 104.27
CA THR Q 1629 109.18 10.38 103.70
CA GLN Q 1630 105.67 11.43 104.24
CA VAL R 1 226.01 92.68 122.29
CA ASP R 2 222.60 92.61 120.65
CA ARG R 3 223.04 88.98 119.66
CA LEU R 4 223.98 88.03 123.21
CA GLN R 5 220.91 89.75 124.60
CA SER R 6 218.65 87.91 122.18
CA GLU R 7 220.13 84.57 123.15
CA PRO R 8 219.59 85.30 126.83
CA GLU R 9 215.95 86.47 126.42
CA SER R 10 215.06 83.35 124.47
CA ILE R 11 216.62 81.14 127.13
CA ARG R 12 214.67 82.86 129.88
CA LYS R 13 211.41 82.38 128.00
CA TRP R 14 212.10 78.68 127.54
CA ARG R 15 212.80 78.24 131.23
CA GLU R 16 209.55 79.95 132.16
CA GLU R 17 207.59 77.69 129.83
CA GLN R 18 209.15 74.60 131.36
CA THR R 19 208.27 75.74 134.86
CA GLU R 20 204.67 76.33 133.87
CA ARG R 21 204.39 72.87 132.37
CA LEU R 22 205.75 71.28 135.52
CA GLU R 23 203.25 73.13 137.67
CA ALA R 24 200.37 71.97 135.48
CA LEU R 25 201.50 68.37 135.73
CA ASP R 26 201.67 68.57 139.51
CA ALA R 27 198.15 69.98 139.69
CA ASN R 28 196.81 67.18 137.53
CA SER R 29 198.43 64.56 139.72
CA ARG R 30 196.91 66.09 142.85
CA LYS R 31 193.46 66.08 141.30
CA GLN R 32 193.77 62.42 140.37
CA GLU R 33 194.79 61.50 143.89
CA ALA R 34 191.81 63.33 145.34
CA GLU R 35 189.43 61.51 143.02
CA TRP R 36 190.87 58.16 144.00
CA LYS R 37 191.41 58.39 148.37
CA GLU R 38 187.93 59.49 147.38
CA LYS R 39 187.56 56.54 145.03
CA ALA R 40 188.60 54.11 147.74
CA ILE R 41 186.04 55.56 150.14
CA LYS R 42 183.28 55.21 147.58
CA GLU R 43 184.16 51.58 146.96
CA LEU R 44 184.07 50.82 150.67
CA ASP R 45 180.65 52.40 151.02
CA GLU R 46 179.29 50.35 148.15
CA TRP R 47 180.58 47.15 149.69
CA TYR R 48 178.94 47.96 153.00
CA ALA R 49 175.61 48.60 151.31
CA ARG R 50 175.76 45.28 149.50
CA GLN R 51 176.47 43.43 152.73
CA ASP R 52 173.50 45.06 154.43
CA GLU R 53 171.20 44.08 151.58
CA GLN R 54 172.34 40.48 151.76
CA LEU R 55 171.69 40.34 155.49
CA GLN R 56 168.19 41.70 155.03
CA LYS R 57 167.42 39.09 152.40
CA THR R 58 168.60 36.30 154.67
CA LYS R 59 166.41 37.53 157.50
CA ALA R 60 163.36 37.62 155.25
CA ASN R 61 163.98 34.07 154.10
CA ASN R 62 164.24 32.84 157.67
CA ARG R 63 160.97 34.50 158.60
CA VAL R 64 159.21 32.89 155.67
CA ALA R 65 160.48 29.46 156.65
CA ASP R 66 159.26 29.90 160.20
CA GLU R 67 155.81 30.89 159.00
CA ALA R 68 155.59 27.83 156.78
CA PHE R 69 156.54 25.55 159.66
CA TYR R 70 153.87 27.06 161.87
#